data_6TWR
#
_entry.id   6TWR
#
_entity_poly.entity_id   1
_entity_poly.type   'polypeptide(L)'
_entity_poly.pdbx_seq_one_letter_code
;MKIAKVINNNVISVVNEQGKELVVMGRGLAFQKKSGDDVDEARIEKVFTLDNKDVSEKFKTLLYDIPIECMEVSEEIISY
AKLQLGKKLNDSIYVSLTNHINFAIQRNQKGLDIKNALLWETKRLYKDEFAIGKEALVMVKNKTGVSLPEDEAGFIALHI
VNAELNELQHHHHHH
;
_entity_poly.pdbx_strand_id   A,B
#
# COMPACT_ATOMS: atom_id res chain seq x y z
N MET A 1 -22.27 0.35 -1.65
CA MET A 1 -21.88 1.00 -2.89
C MET A 1 -22.83 0.56 -3.97
N LYS A 2 -22.85 1.26 -5.05
CA LYS A 2 -23.82 0.97 -6.09
C LYS A 2 -23.20 0.83 -7.46
N ILE A 3 -23.90 0.10 -8.28
CA ILE A 3 -23.51 -0.17 -9.65
C ILE A 3 -23.79 1.07 -10.46
N ALA A 4 -22.81 1.54 -11.16
CA ALA A 4 -22.96 2.73 -11.94
C ALA A 4 -22.99 2.40 -13.42
N LYS A 5 -22.14 1.46 -13.82
CA LYS A 5 -22.03 1.06 -15.17
C LYS A 5 -22.16 -0.43 -15.28
N VAL A 6 -22.54 -0.90 -16.42
CA VAL A 6 -22.73 -2.30 -16.65
C VAL A 6 -22.01 -2.67 -17.93
N ILE A 7 -21.10 -3.61 -17.86
CA ILE A 7 -20.41 -4.07 -19.03
C ILE A 7 -21.13 -5.28 -19.61
N ASN A 8 -21.67 -6.09 -18.73
CA ASN A 8 -22.43 -7.27 -19.10
C ASN A 8 -23.14 -7.80 -17.88
N ASN A 9 -23.80 -8.93 -18.03
CA ASN A 9 -24.59 -9.54 -16.94
C ASN A 9 -23.73 -9.93 -15.75
N ASN A 10 -22.49 -10.27 -16.00
CA ASN A 10 -21.63 -10.75 -14.96
C ASN A 10 -20.66 -9.70 -14.48
N VAL A 11 -20.28 -8.81 -15.35
CA VAL A 11 -19.29 -7.82 -15.01
C VAL A 11 -19.93 -6.44 -14.95
N ILE A 12 -19.81 -5.81 -13.82
CA ILE A 12 -20.39 -4.50 -13.63
C ILE A 12 -19.36 -3.50 -13.13
N SER A 13 -19.74 -2.27 -13.18
CA SER A 13 -18.91 -1.18 -12.84
C SER A 13 -19.57 -0.41 -11.70
N VAL A 14 -18.83 -0.22 -10.67
CA VAL A 14 -19.28 0.39 -9.45
C VAL A 14 -18.53 1.69 -9.22
N VAL A 15 -19.17 2.64 -8.60
CA VAL A 15 -18.50 3.84 -8.14
C VAL A 15 -18.65 3.87 -6.65
N ASN A 16 -17.55 3.66 -5.96
CA ASN A 16 -17.53 3.64 -4.52
C ASN A 16 -17.74 5.09 -4.04
N GLU A 17 -18.20 5.26 -2.82
CA GLU A 17 -18.51 6.58 -2.27
C GLU A 17 -17.21 7.35 -2.07
N GLN A 18 -16.12 6.60 -2.01
CA GLN A 18 -14.79 7.11 -1.89
C GLN A 18 -14.25 7.52 -3.28
N GLY A 19 -15.16 7.61 -4.25
CA GLY A 19 -14.90 8.18 -5.56
C GLY A 19 -14.04 7.33 -6.44
N LYS A 20 -14.05 6.07 -6.18
CA LYS A 20 -13.27 5.16 -6.92
C LYS A 20 -14.11 4.16 -7.63
N GLU A 21 -13.91 4.03 -8.90
CA GLU A 21 -14.59 3.07 -9.71
C GLU A 21 -14.01 1.68 -9.49
N LEU A 22 -14.87 0.72 -9.42
CA LEU A 22 -14.49 -0.65 -9.22
C LEU A 22 -15.18 -1.48 -10.28
N VAL A 23 -14.54 -2.49 -10.75
CA VAL A 23 -15.13 -3.40 -11.70
C VAL A 23 -15.29 -4.73 -11.01
N VAL A 24 -16.49 -5.14 -10.83
CA VAL A 24 -16.73 -6.35 -10.10
C VAL A 24 -17.24 -7.42 -11.03
N MET A 25 -16.63 -8.55 -10.97
CA MET A 25 -17.04 -9.68 -11.75
C MET A 25 -17.73 -10.63 -10.83
N GLY A 26 -18.91 -10.95 -11.18
CA GLY A 26 -19.67 -11.85 -10.44
C GLY A 26 -20.45 -12.67 -11.34
N ARG A 27 -21.37 -13.38 -10.83
CA ARG A 27 -22.16 -14.20 -11.66
C ARG A 27 -23.59 -13.75 -11.59
N GLY A 28 -24.00 -13.06 -12.64
CA GLY A 28 -25.33 -12.52 -12.70
C GLY A 28 -25.49 -11.33 -11.78
N LEU A 29 -24.53 -10.43 -11.80
CA LEU A 29 -24.58 -9.24 -10.97
C LEU A 29 -25.53 -8.20 -11.53
N ALA A 30 -25.57 -8.10 -12.85
CA ALA A 30 -26.46 -7.17 -13.50
C ALA A 30 -27.79 -7.83 -13.81
N PHE A 31 -27.78 -9.12 -13.73
CA PHE A 31 -28.96 -9.92 -13.93
C PHE A 31 -29.86 -9.78 -12.69
N GLN A 32 -31.05 -9.28 -12.91
CA GLN A 32 -32.07 -9.08 -11.87
C GLN A 32 -31.73 -7.96 -10.90
N LYS A 33 -30.82 -7.13 -11.30
CA LYS A 33 -30.44 -5.96 -10.57
C LYS A 33 -30.38 -4.79 -11.53
N LYS A 34 -30.16 -3.61 -11.02
CA LYS A 34 -30.17 -2.42 -11.82
C LYS A 34 -29.00 -1.52 -11.45
N SER A 35 -28.72 -0.55 -12.27
CA SER A 35 -27.71 0.42 -11.97
C SER A 35 -28.26 1.40 -10.93
N GLY A 36 -27.45 1.75 -9.96
CA GLY A 36 -27.89 2.61 -8.90
C GLY A 36 -28.36 1.79 -7.73
N ASP A 37 -28.31 0.50 -7.92
CA ASP A 37 -28.71 -0.45 -6.92
C ASP A 37 -27.46 -0.83 -6.17
N ASP A 38 -27.60 -1.09 -4.89
CA ASP A 38 -26.45 -1.42 -4.05
C ASP A 38 -25.86 -2.75 -4.51
N VAL A 39 -24.55 -2.83 -4.58
CA VAL A 39 -23.85 -3.98 -5.09
C VAL A 39 -24.06 -5.20 -4.20
N ASP A 40 -24.58 -6.23 -4.81
CA ASP A 40 -24.86 -7.49 -4.14
C ASP A 40 -23.53 -8.15 -3.81
N GLU A 41 -23.36 -8.50 -2.56
CA GLU A 41 -22.10 -9.03 -2.08
C GLU A 41 -22.04 -10.56 -2.15
N ALA A 42 -23.14 -11.18 -2.48
CA ALA A 42 -23.19 -12.63 -2.53
C ALA A 42 -22.68 -13.14 -3.86
N ARG A 43 -22.99 -12.42 -4.91
CA ARG A 43 -22.63 -12.84 -6.27
C ARG A 43 -21.22 -12.38 -6.65
N ILE A 44 -20.55 -11.68 -5.74
CA ILE A 44 -19.19 -11.19 -5.99
C ILE A 44 -18.19 -12.32 -6.02
N GLU A 45 -17.61 -12.51 -7.17
CA GLU A 45 -16.56 -13.48 -7.32
C GLU A 45 -15.22 -12.79 -7.25
N LYS A 46 -15.08 -11.74 -8.04
CA LYS A 46 -13.81 -11.03 -8.17
C LYS A 46 -14.05 -9.54 -8.25
N VAL A 47 -13.14 -8.75 -7.75
CA VAL A 47 -13.26 -7.31 -7.76
C VAL A 47 -12.01 -6.74 -8.41
N PHE A 48 -12.13 -5.63 -9.06
CA PHE A 48 -11.03 -4.91 -9.61
C PHE A 48 -11.17 -3.45 -9.19
N THR A 49 -10.11 -2.85 -8.79
CA THR A 49 -10.12 -1.47 -8.34
C THR A 49 -9.31 -0.60 -9.32
N LEU A 50 -9.69 0.65 -9.43
CA LEU A 50 -9.13 1.58 -10.40
C LEU A 50 -7.75 2.14 -10.03
N ASP A 51 -6.89 2.06 -10.99
CA ASP A 51 -5.61 2.72 -11.03
C ASP A 51 -5.76 3.88 -12.00
N ASN A 52 -5.67 5.07 -11.49
CA ASN A 52 -5.80 6.20 -12.35
C ASN A 52 -4.43 6.57 -12.80
N LYS A 53 -4.05 6.06 -13.97
CA LYS A 53 -2.69 6.15 -14.52
C LYS A 53 -2.06 7.54 -14.55
N ASP A 54 -2.85 8.55 -14.38
CA ASP A 54 -2.36 9.91 -14.39
C ASP A 54 -1.85 10.30 -13.03
N VAL A 55 -2.57 9.88 -12.02
CA VAL A 55 -2.22 10.20 -10.66
C VAL A 55 -1.38 9.09 -10.06
N SER A 56 -1.76 7.88 -10.34
CA SER A 56 -1.13 6.72 -9.79
C SER A 56 0.11 6.38 -10.62
N GLU A 57 1.21 7.01 -10.31
CA GLU A 57 2.41 6.83 -11.05
C GLU A 57 3.16 5.64 -10.48
N LYS A 58 3.56 5.77 -9.25
CA LYS A 58 4.33 4.76 -8.60
C LYS A 58 3.41 3.74 -7.98
N PHE A 59 2.19 4.19 -7.64
CA PHE A 59 1.15 3.31 -7.09
C PHE A 59 0.89 2.09 -7.97
N LYS A 60 1.19 2.24 -9.24
CA LYS A 60 0.97 1.22 -10.22
C LYS A 60 1.89 0.02 -9.99
N THR A 61 3.15 0.28 -9.64
CA THR A 61 4.12 -0.79 -9.48
C THR A 61 3.88 -1.67 -8.25
N LEU A 62 3.06 -1.20 -7.32
CA LEU A 62 2.67 -2.02 -6.18
C LEU A 62 1.77 -3.13 -6.67
N LEU A 63 0.77 -2.73 -7.39
CA LEU A 63 -0.29 -3.58 -7.81
C LEU A 63 0.09 -4.35 -9.07
N TYR A 64 1.23 -4.05 -9.60
CA TYR A 64 1.78 -4.75 -10.73
C TYR A 64 2.93 -5.67 -10.35
N ASP A 65 3.87 -5.17 -9.57
CA ASP A 65 5.17 -5.83 -9.45
C ASP A 65 5.35 -6.61 -8.13
N ILE A 66 4.34 -6.62 -7.33
CA ILE A 66 4.39 -7.37 -6.08
C ILE A 66 3.80 -8.76 -6.30
N PRO A 67 4.58 -9.83 -6.04
CA PRO A 67 4.09 -11.21 -6.16
C PRO A 67 2.93 -11.48 -5.20
N ILE A 68 1.90 -12.18 -5.68
CA ILE A 68 0.71 -12.44 -4.89
C ILE A 68 1.03 -13.36 -3.70
N GLU A 69 2.03 -14.21 -3.86
CA GLU A 69 2.51 -15.06 -2.78
C GLU A 69 3.02 -14.20 -1.62
N CYS A 70 3.84 -13.20 -1.93
CA CYS A 70 4.39 -12.29 -0.92
C CYS A 70 3.27 -11.49 -0.28
N MET A 71 2.27 -11.16 -1.09
CA MET A 71 1.08 -10.47 -0.64
C MET A 71 0.36 -11.28 0.43
N GLU A 72 0.17 -12.56 0.16
CA GLU A 72 -0.51 -13.45 1.10
C GLU A 72 0.29 -13.54 2.37
N VAL A 73 1.60 -13.64 2.21
CA VAL A 73 2.49 -13.72 3.34
C VAL A 73 2.34 -12.50 4.25
N SER A 74 2.38 -11.33 3.65
CA SER A 74 2.34 -10.09 4.43
C SER A 74 0.97 -9.91 5.10
N GLU A 75 -0.08 -10.31 4.39
CA GLU A 75 -1.44 -10.22 4.90
C GLU A 75 -1.57 -11.12 6.13
N GLU A 76 -1.00 -12.32 6.03
CA GLU A 76 -1.06 -13.28 7.09
C GLU A 76 -0.14 -12.86 8.27
N ILE A 77 0.99 -12.23 7.95
CA ILE A 77 1.91 -11.72 8.97
C ILE A 77 1.24 -10.66 9.81
N ILE A 78 0.58 -9.73 9.16
CA ILE A 78 -0.01 -8.68 9.92
C ILE A 78 -1.35 -9.12 10.49
N SER A 79 -1.96 -10.11 9.88
CA SER A 79 -3.14 -10.73 10.45
C SER A 79 -2.76 -11.37 11.78
N TYR A 80 -1.55 -11.96 11.82
CA TYR A 80 -0.98 -12.54 13.03
C TYR A 80 -0.81 -11.43 14.07
N ALA A 81 -0.23 -10.33 13.63
CA ALA A 81 -0.02 -9.17 14.51
C ALA A 81 -1.37 -8.60 15.00
N LYS A 82 -2.35 -8.56 14.12
CA LYS A 82 -3.67 -8.04 14.41
C LYS A 82 -4.41 -8.99 15.35
N LEU A 83 -4.14 -10.27 15.21
CA LEU A 83 -4.71 -11.30 16.05
C LEU A 83 -4.17 -11.16 17.48
N GLN A 84 -2.90 -10.87 17.58
CA GLN A 84 -2.26 -10.71 18.87
C GLN A 84 -2.62 -9.38 19.56
N LEU A 85 -2.70 -8.31 18.79
CA LEU A 85 -3.03 -7.00 19.35
C LEU A 85 -4.53 -6.82 19.60
N GLY A 86 -5.35 -7.23 18.65
CA GLY A 86 -6.78 -7.08 18.79
C GLY A 86 -7.29 -5.82 18.15
N LYS A 87 -6.38 -5.05 17.62
CA LYS A 87 -6.71 -3.79 17.01
C LYS A 87 -6.58 -3.92 15.52
N LYS A 88 -7.48 -3.31 14.79
CA LYS A 88 -7.37 -3.25 13.35
C LYS A 88 -6.27 -2.28 13.02
N LEU A 89 -5.15 -2.82 12.66
CA LEU A 89 -3.97 -2.06 12.43
C LEU A 89 -4.05 -1.22 11.18
N ASN A 90 -3.27 -0.17 11.17
CA ASN A 90 -3.13 0.71 10.04
C ASN A 90 -2.63 -0.05 8.83
N ASP A 91 -3.29 0.18 7.75
CA ASP A 91 -3.10 -0.52 6.48
C ASP A 91 -1.71 -0.33 5.91
N SER A 92 -1.05 0.72 6.37
CA SER A 92 0.29 1.06 5.94
C SER A 92 1.30 -0.09 6.13
N ILE A 93 1.17 -0.86 7.21
CA ILE A 93 2.15 -1.90 7.51
C ILE A 93 2.10 -3.06 6.50
N TYR A 94 0.91 -3.39 6.04
CA TYR A 94 0.68 -4.52 5.13
C TYR A 94 1.43 -4.31 3.82
N VAL A 95 1.26 -3.15 3.23
CA VAL A 95 1.90 -2.85 1.96
C VAL A 95 3.40 -2.61 2.16
N SER A 96 3.79 -2.14 3.33
CA SER A 96 5.18 -1.93 3.56
C SER A 96 5.93 -3.25 3.66
N LEU A 97 5.30 -4.29 4.21
CA LEU A 97 5.99 -5.55 4.35
C LEU A 97 6.08 -6.31 3.05
N THR A 98 5.13 -6.11 2.16
CA THR A 98 5.22 -6.76 0.87
C THR A 98 6.43 -6.31 0.10
N ASN A 99 6.72 -5.03 0.14
CA ASN A 99 7.90 -4.60 -0.55
C ASN A 99 9.10 -4.84 0.31
N HIS A 100 8.96 -4.69 1.62
CA HIS A 100 10.07 -4.84 2.53
C HIS A 100 10.58 -6.27 2.53
N ILE A 101 9.69 -7.27 2.45
CA ILE A 101 10.15 -8.65 2.43
C ILE A 101 10.89 -8.93 1.13
N ASN A 102 10.36 -8.41 0.04
CA ASN A 102 10.96 -8.57 -1.27
C ASN A 102 12.29 -7.84 -1.36
N PHE A 103 12.36 -6.67 -0.76
CA PHE A 103 13.60 -5.93 -0.68
C PHE A 103 14.56 -6.56 0.31
N ALA A 104 14.05 -7.22 1.32
CA ALA A 104 14.87 -7.92 2.29
C ALA A 104 15.53 -9.10 1.64
N ILE A 105 14.80 -9.77 0.76
CA ILE A 105 15.36 -10.88 0.00
C ILE A 105 16.53 -10.36 -0.84
N GLN A 106 16.31 -9.25 -1.53
CA GLN A 106 17.34 -8.62 -2.35
C GLN A 106 18.52 -8.13 -1.48
N ARG A 107 18.20 -7.61 -0.32
CA ARG A 107 19.18 -7.11 0.64
C ARG A 107 20.02 -8.28 1.17
N ASN A 108 19.36 -9.39 1.40
CA ASN A 108 19.98 -10.65 1.83
C ASN A 108 20.93 -11.15 0.75
N GLN A 109 20.51 -11.01 -0.51
CA GLN A 109 21.34 -11.43 -1.64
C GLN A 109 22.55 -10.52 -1.80
N LYS A 110 22.38 -9.27 -1.42
CA LYS A 110 23.44 -8.27 -1.52
C LYS A 110 24.49 -8.44 -0.42
N GLY A 111 24.12 -9.17 0.60
CA GLY A 111 24.99 -9.40 1.73
C GLY A 111 25.10 -8.16 2.58
N LEU A 112 24.00 -7.46 2.68
CA LEU A 112 23.93 -6.23 3.43
C LEU A 112 22.78 -6.33 4.40
N ASP A 113 22.82 -5.56 5.46
CA ASP A 113 21.76 -5.54 6.44
C ASP A 113 21.57 -4.10 6.85
N ILE A 114 20.40 -3.74 7.30
CA ILE A 114 20.23 -2.39 7.77
C ILE A 114 20.30 -2.38 9.28
N LYS A 115 20.51 -1.23 9.84
CA LYS A 115 20.67 -1.10 11.26
C LYS A 115 19.70 -0.08 11.81
N ASN A 116 19.14 -0.37 12.94
CA ASN A 116 18.24 0.51 13.59
C ASN A 116 19.00 1.20 14.70
N ALA A 117 19.26 2.49 14.56
CA ALA A 117 20.12 3.19 15.52
C ALA A 117 19.38 3.57 16.80
N LEU A 118 18.15 3.20 16.84
CA LEU A 118 17.29 3.47 17.95
C LEU A 118 16.98 2.15 18.66
N LEU A 119 17.63 1.08 18.21
CA LEU A 119 17.34 -0.30 18.63
C LEU A 119 17.54 -0.52 20.11
N TRP A 120 18.56 0.10 20.68
CA TRP A 120 18.87 -0.13 22.07
C TRP A 120 17.76 0.43 22.96
N GLU A 121 17.23 1.56 22.54
CA GLU A 121 16.13 2.17 23.25
C GLU A 121 14.83 1.43 22.94
N THR A 122 14.61 1.14 21.66
CA THR A 122 13.39 0.49 21.16
C THR A 122 13.11 -0.84 21.85
N LYS A 123 14.15 -1.64 22.03
CA LYS A 123 14.02 -2.98 22.64
C LYS A 123 13.41 -2.88 24.05
N ARG A 124 13.79 -1.83 24.77
CA ARG A 124 13.31 -1.62 26.12
C ARG A 124 11.98 -0.88 26.15
N LEU A 125 11.90 0.21 25.39
CA LEU A 125 10.72 1.09 25.39
C LEU A 125 9.51 0.44 24.74
N TYR A 126 9.74 -0.43 23.81
CA TYR A 126 8.67 -1.09 23.10
C TYR A 126 8.93 -2.58 23.18
N LYS A 127 8.54 -3.15 24.27
CA LYS A 127 8.78 -4.55 24.53
C LYS A 127 7.76 -5.46 23.84
N ASP A 128 6.48 -5.17 24.00
CA ASP A 128 5.44 -6.08 23.51
C ASP A 128 5.30 -6.06 22.03
N GLU A 129 5.29 -4.89 21.46
CA GLU A 129 5.14 -4.75 20.03
C GLU A 129 6.37 -5.28 19.30
N PHE A 130 7.53 -5.16 19.93
CA PHE A 130 8.74 -5.71 19.37
C PHE A 130 8.68 -7.22 19.45
N ALA A 131 8.15 -7.75 20.55
CA ALA A 131 7.99 -9.18 20.75
C ALA A 131 7.04 -9.76 19.72
N ILE A 132 5.95 -9.06 19.44
CA ILE A 132 5.01 -9.47 18.41
C ILE A 132 5.67 -9.44 17.04
N GLY A 133 6.56 -8.46 16.85
CA GLY A 133 7.35 -8.39 15.64
C GLY A 133 8.28 -9.60 15.52
N LYS A 134 8.84 -10.01 16.66
CA LYS A 134 9.68 -11.19 16.74
C LYS A 134 8.87 -12.45 16.40
N GLU A 135 7.68 -12.55 16.97
CA GLU A 135 6.77 -13.68 16.70
C GLU A 135 6.38 -13.70 15.23
N ALA A 136 6.15 -12.53 14.69
CA ALA A 136 5.83 -12.37 13.29
C ALA A 136 7.01 -12.84 12.47
N LEU A 137 8.20 -12.46 12.89
CA LEU A 137 9.45 -12.85 12.27
C LEU A 137 9.62 -14.37 12.28
N VAL A 138 9.22 -15.02 13.37
CA VAL A 138 9.25 -16.47 13.47
C VAL A 138 8.34 -17.05 12.39
N MET A 139 7.17 -16.45 12.23
CA MET A 139 6.23 -16.86 11.20
C MET A 139 6.82 -16.64 9.81
N VAL A 140 7.54 -15.54 9.63
CA VAL A 140 8.19 -15.24 8.37
C VAL A 140 9.23 -16.30 8.04
N LYS A 141 10.07 -16.63 8.99
CA LYS A 141 11.14 -17.56 8.72
C LYS A 141 10.64 -18.99 8.59
N ASN A 142 9.52 -19.28 9.21
CA ASN A 142 8.95 -20.59 9.09
C ASN A 142 8.13 -20.74 7.83
N LYS A 143 7.54 -19.66 7.34
CA LYS A 143 6.75 -19.75 6.12
C LYS A 143 7.59 -19.47 4.86
N THR A 144 8.58 -18.62 4.97
CA THR A 144 9.35 -18.25 3.80
C THR A 144 10.83 -18.54 3.95
N GLY A 145 11.32 -18.43 5.16
CA GLY A 145 12.71 -18.66 5.41
C GLY A 145 13.48 -17.37 5.57
N VAL A 146 12.90 -16.29 5.08
CA VAL A 146 13.54 -14.98 5.14
C VAL A 146 13.72 -14.55 6.59
N SER A 147 14.95 -14.33 6.97
CA SER A 147 15.27 -13.98 8.31
C SER A 147 15.81 -12.56 8.37
N LEU A 148 15.13 -11.72 9.10
CA LEU A 148 15.53 -10.36 9.29
C LEU A 148 16.17 -10.23 10.67
N PRO A 149 17.24 -9.45 10.81
CA PRO A 149 17.87 -9.19 12.11
C PRO A 149 16.99 -8.29 13.01
N GLU A 150 17.35 -8.23 14.28
CA GLU A 150 16.66 -7.45 15.31
C GLU A 150 16.49 -5.99 14.92
N ASP A 151 17.47 -5.43 14.21
CA ASP A 151 17.39 -4.05 13.69
C ASP A 151 16.17 -3.88 12.82
N GLU A 152 16.06 -4.77 11.87
CA GLU A 152 14.96 -4.79 10.94
C GLU A 152 13.63 -5.09 11.62
N ALA A 153 13.68 -5.97 12.61
CA ALA A 153 12.50 -6.27 13.42
C ALA A 153 12.08 -5.01 14.21
N GLY A 154 13.08 -4.23 14.60
CA GLY A 154 12.85 -2.97 15.28
C GLY A 154 12.10 -1.99 14.39
N PHE A 155 12.50 -1.93 13.13
CA PHE A 155 11.79 -1.08 12.16
C PHE A 155 10.36 -1.54 12.00
N ILE A 156 10.15 -2.85 12.02
CA ILE A 156 8.81 -3.42 11.97
C ILE A 156 8.01 -2.95 13.19
N ALA A 157 8.64 -2.99 14.36
CA ALA A 157 8.02 -2.54 15.61
C ALA A 157 7.59 -1.06 15.52
N LEU A 158 8.44 -0.25 14.88
CA LEU A 158 8.10 1.16 14.64
C LEU A 158 6.87 1.30 13.77
N HIS A 159 6.75 0.46 12.78
CA HIS A 159 5.57 0.48 11.94
C HIS A 159 4.36 -0.04 12.71
N ILE A 160 4.59 -0.97 13.63
CA ILE A 160 3.53 -1.51 14.47
C ILE A 160 2.98 -0.43 15.41
N VAL A 161 3.84 0.40 15.98
CA VAL A 161 3.37 1.44 16.87
C VAL A 161 2.60 2.51 16.08
N ASN A 162 3.00 2.72 14.82
CA ASN A 162 2.29 3.64 13.93
C ASN A 162 1.01 3.02 13.43
N ALA A 163 0.94 1.71 13.54
CA ALA A 163 -0.19 0.98 13.09
C ALA A 163 -1.23 0.78 14.18
N GLU A 164 -0.83 0.93 15.41
CA GLU A 164 -1.74 0.82 16.52
C GLU A 164 -2.59 2.09 16.66
N LEU A 165 -3.86 1.97 16.36
CA LEU A 165 -4.78 3.07 16.52
C LEU A 165 -5.31 3.08 17.93
N ASN A 166 -4.61 3.76 18.77
CA ASN A 166 -4.94 3.96 20.21
C ASN A 166 -4.73 2.71 21.05
N GLU A 167 -3.78 2.79 21.97
CA GLU A 167 -3.55 1.73 22.90
C GLU A 167 -4.70 1.71 23.90
N LEU A 168 -5.42 0.64 23.91
CA LEU A 168 -6.52 0.49 24.81
C LEU A 168 -6.75 -0.98 24.98
N GLN A 169 -6.34 -1.49 26.10
CA GLN A 169 -6.49 -2.88 26.41
C GLN A 169 -7.18 -3.00 27.74
N MET B 1 3.18 -7.36 -20.66
CA MET B 1 1.99 -8.05 -20.18
C MET B 1 1.09 -8.31 -21.33
N LYS B 2 0.24 -9.25 -21.21
CA LYS B 2 -0.55 -9.65 -22.36
C LYS B 2 -2.02 -9.46 -22.15
N ILE B 3 -2.69 -9.28 -23.24
CA ILE B 3 -4.12 -9.22 -23.30
C ILE B 3 -4.63 -10.64 -23.39
N ALA B 4 -5.21 -11.14 -22.34
CA ALA B 4 -5.68 -12.50 -22.32
C ALA B 4 -7.18 -12.57 -22.55
N LYS B 5 -7.88 -11.66 -21.94
CA LYS B 5 -9.29 -11.64 -22.00
C LYS B 5 -9.75 -10.34 -22.62
N VAL B 6 -10.81 -10.38 -23.38
CA VAL B 6 -11.32 -9.21 -24.08
C VAL B 6 -12.81 -9.15 -23.91
N ILE B 7 -13.29 -8.11 -23.28
CA ILE B 7 -14.71 -7.98 -23.11
C ILE B 7 -15.26 -7.15 -24.27
N ASN B 8 -14.50 -6.15 -24.68
CA ASN B 8 -14.88 -5.29 -25.79
C ASN B 8 -13.65 -4.60 -26.33
N ASN B 9 -13.81 -3.77 -27.34
CA ASN B 9 -12.71 -3.07 -28.02
C ASN B 9 -11.92 -2.16 -27.07
N ASN B 10 -12.58 -1.59 -26.10
CA ASN B 10 -11.94 -0.63 -25.23
C ASN B 10 -11.58 -1.23 -23.89
N VAL B 11 -12.18 -2.33 -23.53
CA VAL B 11 -11.94 -2.90 -22.23
C VAL B 11 -11.35 -4.29 -22.39
N ILE B 12 -10.18 -4.48 -21.83
CA ILE B 12 -9.49 -5.75 -21.92
C ILE B 12 -9.07 -6.26 -20.56
N SER B 13 -8.68 -7.48 -20.53
CA SER B 13 -8.30 -8.14 -19.35
C SER B 13 -6.92 -8.78 -19.51
N VAL B 14 -6.03 -8.39 -18.65
CA VAL B 14 -4.65 -8.82 -18.65
C VAL B 14 -4.44 -9.82 -17.54
N VAL B 15 -3.57 -10.77 -17.76
CA VAL B 15 -3.14 -11.67 -16.71
C VAL B 15 -1.65 -11.42 -16.54
N ASN B 16 -1.34 -10.80 -15.46
CA ASN B 16 0.01 -10.39 -15.14
C ASN B 16 0.76 -11.59 -14.56
N GLU B 17 2.08 -11.56 -14.63
CA GLU B 17 2.93 -12.67 -14.15
C GLU B 17 2.80 -12.84 -12.64
N GLN B 18 2.47 -11.77 -11.97
CA GLN B 18 2.31 -11.76 -10.54
C GLN B 18 0.91 -12.22 -10.14
N GLY B 19 0.23 -12.89 -11.06
CA GLY B 19 -1.04 -13.54 -10.79
C GLY B 19 -2.14 -12.55 -10.62
N LYS B 20 -2.02 -11.47 -11.31
CA LYS B 20 -2.96 -10.43 -11.21
C LYS B 20 -3.68 -10.19 -12.49
N GLU B 21 -4.97 -10.34 -12.44
CA GLU B 21 -5.80 -10.06 -13.54
C GLU B 21 -6.09 -8.57 -13.50
N LEU B 22 -6.03 -7.95 -14.63
CA LEU B 22 -6.20 -6.52 -14.71
C LEU B 22 -7.24 -6.21 -15.76
N VAL B 23 -8.05 -5.24 -15.50
CA VAL B 23 -9.02 -4.80 -16.45
C VAL B 23 -8.63 -3.41 -16.89
N VAL B 24 -8.09 -3.31 -18.06
CA VAL B 24 -7.60 -2.05 -18.53
C VAL B 24 -8.58 -1.50 -19.55
N MET B 25 -8.90 -0.24 -19.40
CA MET B 25 -9.80 0.43 -20.28
C MET B 25 -9.02 1.46 -21.06
N GLY B 26 -9.22 1.44 -22.32
CA GLY B 26 -8.63 2.40 -23.19
C GLY B 26 -9.15 2.21 -24.54
N ARG B 27 -9.29 3.27 -25.21
CA ARG B 27 -9.91 3.28 -26.51
C ARG B 27 -9.10 2.48 -27.51
N GLY B 28 -9.71 1.44 -27.98
CA GLY B 28 -9.13 0.61 -28.97
C GLY B 28 -8.02 -0.28 -28.45
N LEU B 29 -8.09 -0.69 -27.21
CA LEU B 29 -7.08 -1.58 -26.67
C LEU B 29 -7.11 -2.94 -27.33
N ALA B 30 -8.30 -3.43 -27.64
CA ALA B 30 -8.44 -4.69 -28.31
C ALA B 30 -8.57 -4.49 -29.81
N PHE B 31 -8.82 -3.25 -30.19
CA PHE B 31 -8.97 -2.86 -31.58
C PHE B 31 -7.71 -3.21 -32.39
N GLN B 32 -7.87 -4.20 -33.26
CA GLN B 32 -6.85 -4.67 -34.22
C GLN B 32 -5.80 -5.55 -33.58
N LYS B 33 -5.82 -5.58 -32.31
CA LYS B 33 -4.86 -6.29 -31.53
C LYS B 33 -5.34 -7.68 -31.23
N LYS B 34 -4.52 -8.47 -30.62
CA LYS B 34 -4.80 -9.87 -30.46
C LYS B 34 -4.50 -10.35 -29.06
N SER B 35 -5.10 -11.46 -28.68
CA SER B 35 -4.86 -12.05 -27.39
C SER B 35 -3.45 -12.63 -27.34
N GLY B 36 -2.74 -12.33 -26.28
CA GLY B 36 -1.37 -12.76 -26.13
C GLY B 36 -0.40 -11.64 -26.48
N ASP B 37 -0.94 -10.59 -27.02
CA ASP B 37 -0.19 -9.43 -27.42
C ASP B 37 -0.12 -8.46 -26.26
N ASP B 38 0.84 -7.57 -26.30
CA ASP B 38 1.08 -6.64 -25.21
C ASP B 38 0.17 -5.43 -25.31
N VAL B 39 -0.29 -5.00 -24.15
CA VAL B 39 -1.22 -3.90 -24.01
C VAL B 39 -0.55 -2.60 -24.46
N ASP B 40 -1.18 -1.92 -25.40
CA ASP B 40 -0.62 -0.67 -25.95
C ASP B 40 -0.59 0.40 -24.89
N GLU B 41 0.61 0.88 -24.59
CA GLU B 41 0.84 1.84 -23.52
C GLU B 41 0.17 3.20 -23.76
N ALA B 42 -0.03 3.57 -25.01
CA ALA B 42 -0.63 4.84 -25.34
C ALA B 42 -2.15 4.78 -25.23
N ARG B 43 -2.69 3.59 -25.36
CA ARG B 43 -4.13 3.41 -25.28
C ARG B 43 -4.56 3.09 -23.84
N ILE B 44 -3.60 3.01 -22.94
CA ILE B 44 -3.90 2.81 -21.55
C ILE B 44 -4.43 4.11 -20.96
N GLU B 45 -5.71 4.13 -20.73
CA GLU B 45 -6.33 5.29 -20.19
C GLU B 45 -6.70 5.07 -18.74
N LYS B 46 -7.19 3.89 -18.45
CA LYS B 46 -7.60 3.55 -17.11
C LYS B 46 -7.20 2.12 -16.84
N VAL B 47 -6.70 1.85 -15.67
CA VAL B 47 -6.30 0.51 -15.32
C VAL B 47 -7.11 0.07 -14.11
N PHE B 48 -7.44 -1.18 -14.05
CA PHE B 48 -8.05 -1.75 -12.88
C PHE B 48 -7.27 -2.98 -12.51
N THR B 49 -6.98 -3.12 -11.27
CA THR B 49 -6.23 -4.26 -10.80
C THR B 49 -7.11 -5.12 -9.89
N LEU B 50 -6.81 -6.38 -9.82
CA LEU B 50 -7.59 -7.35 -9.08
C LEU B 50 -7.51 -7.16 -7.55
N ASP B 51 -8.67 -7.24 -6.97
CA ASP B 51 -8.90 -7.25 -5.54
C ASP B 51 -9.71 -8.50 -5.24
N ASN B 52 -9.25 -9.29 -4.34
CA ASN B 52 -9.87 -10.54 -4.06
C ASN B 52 -10.49 -10.46 -2.69
N LYS B 53 -11.71 -10.85 -2.57
CA LYS B 53 -12.45 -10.76 -1.31
C LYS B 53 -11.94 -11.74 -0.26
N ASP B 54 -11.23 -12.71 -0.71
CA ASP B 54 -10.72 -13.73 0.17
C ASP B 54 -9.28 -13.47 0.52
N VAL B 55 -8.53 -13.04 -0.44
CA VAL B 55 -7.11 -12.87 -0.24
C VAL B 55 -6.81 -11.50 0.33
N SER B 56 -7.49 -10.49 -0.15
CA SER B 56 -7.24 -9.15 0.25
C SER B 56 -8.12 -8.83 1.44
N GLU B 57 -7.62 -9.06 2.63
CA GLU B 57 -8.39 -8.76 3.77
C GLU B 57 -8.17 -7.30 4.08
N LYS B 58 -6.96 -6.98 4.39
CA LYS B 58 -6.62 -5.64 4.66
C LYS B 58 -6.26 -4.94 3.39
N PHE B 59 -5.60 -5.67 2.45
CA PHE B 59 -5.21 -5.11 1.13
C PHE B 59 -6.37 -4.46 0.40
N LYS B 60 -7.55 -4.88 0.75
CA LYS B 60 -8.76 -4.37 0.18
C LYS B 60 -9.01 -2.93 0.63
N THR B 61 -8.89 -2.67 1.93
CA THR B 61 -9.18 -1.37 2.48
C THR B 61 -8.18 -0.31 2.02
N LEU B 62 -7.01 -0.73 1.57
CA LEU B 62 -6.03 0.20 0.99
C LEU B 62 -6.63 0.88 -0.22
N LEU B 63 -6.97 0.08 -1.17
CA LEU B 63 -7.39 0.55 -2.47
C LEU B 63 -8.83 1.05 -2.46
N TYR B 64 -9.50 0.87 -1.35
CA TYR B 64 -10.82 1.38 -1.18
C TYR B 64 -10.82 2.71 -0.41
N ASP B 65 -9.99 2.80 0.63
CA ASP B 65 -10.05 3.95 1.55
C ASP B 65 -9.30 5.16 1.08
N ILE B 66 -8.23 4.93 0.42
CA ILE B 66 -7.31 5.98 -0.06
C ILE B 66 -7.99 6.94 -1.07
N PRO B 67 -8.19 8.22 -0.70
CA PRO B 67 -8.74 9.24 -1.59
C PRO B 67 -7.73 9.63 -2.68
N ILE B 68 -8.22 9.99 -3.86
CA ILE B 68 -7.37 10.33 -4.99
C ILE B 68 -6.53 11.59 -4.69
N GLU B 69 -7.10 12.51 -3.92
CA GLU B 69 -6.40 13.73 -3.52
C GLU B 69 -5.20 13.37 -2.66
N CYS B 70 -5.41 12.53 -1.68
CA CYS B 70 -4.34 12.12 -0.79
C CYS B 70 -3.30 11.32 -1.56
N MET B 71 -3.75 10.58 -2.57
CA MET B 71 -2.86 9.84 -3.44
C MET B 71 -1.94 10.80 -4.17
N GLU B 72 -2.52 11.87 -4.73
CA GLU B 72 -1.74 12.88 -5.42
C GLU B 72 -0.74 13.51 -4.48
N VAL B 73 -1.21 13.82 -3.28
CA VAL B 73 -0.37 14.43 -2.27
C VAL B 73 0.79 13.52 -1.91
N SER B 74 0.52 12.25 -1.73
CA SER B 74 1.55 11.32 -1.34
C SER B 74 2.56 11.12 -2.47
N GLU B 75 2.07 11.07 -3.72
CA GLU B 75 2.94 10.93 -4.89
C GLU B 75 3.85 12.15 -4.98
N GLU B 76 3.32 13.30 -4.57
CA GLU B 76 4.02 14.55 -4.58
C GLU B 76 5.02 14.62 -3.42
N ILE B 77 4.64 14.05 -2.28
CA ILE B 77 5.51 13.99 -1.10
C ILE B 77 6.73 13.18 -1.45
N ILE B 78 6.52 12.04 -2.05
CA ILE B 78 7.61 11.19 -2.36
C ILE B 78 8.38 11.77 -3.52
N SER B 79 7.71 12.49 -4.39
CA SER B 79 8.36 13.15 -5.51
C SER B 79 9.36 14.16 -4.98
N TYR B 80 8.96 14.88 -3.93
CA TYR B 80 9.82 15.86 -3.30
C TYR B 80 11.01 15.15 -2.67
N ALA B 81 10.73 14.09 -1.95
CA ALA B 81 11.77 13.33 -1.26
C ALA B 81 12.73 12.68 -2.26
N LYS B 82 12.16 12.17 -3.32
CA LYS B 82 12.89 11.49 -4.36
C LYS B 82 13.73 12.46 -5.16
N LEU B 83 13.26 13.69 -5.28
CA LEU B 83 14.00 14.72 -5.98
C LEU B 83 15.20 15.16 -5.14
N GLN B 84 15.00 15.25 -3.83
CA GLN B 84 16.06 15.62 -2.92
C GLN B 84 17.13 14.52 -2.82
N LEU B 85 16.69 13.30 -2.59
CA LEU B 85 17.58 12.16 -2.42
C LEU B 85 18.19 11.70 -3.74
N GLY B 86 17.42 11.82 -4.81
CA GLY B 86 17.87 11.31 -6.10
C GLY B 86 17.83 9.81 -6.11
N LYS B 87 16.98 9.28 -5.27
CA LYS B 87 16.83 7.86 -5.10
C LYS B 87 15.40 7.48 -5.36
N LYS B 88 15.21 6.48 -6.19
CA LYS B 88 13.90 5.97 -6.42
C LYS B 88 13.53 5.05 -5.29
N LEU B 89 12.89 5.65 -4.30
CA LEU B 89 12.51 4.99 -3.07
C LEU B 89 11.58 3.82 -3.31
N ASN B 90 11.63 2.90 -2.37
CA ASN B 90 10.79 1.71 -2.37
C ASN B 90 9.32 2.09 -2.40
N ASP B 91 8.54 1.30 -3.12
CA ASP B 91 7.13 1.57 -3.40
C ASP B 91 6.27 1.65 -2.14
N SER B 92 6.74 1.05 -1.07
CA SER B 92 6.03 1.06 0.19
C SER B 92 5.73 2.47 0.69
N ILE B 93 6.70 3.39 0.55
CA ILE B 93 6.57 4.72 1.13
C ILE B 93 5.38 5.50 0.55
N TYR B 94 5.08 5.26 -0.71
CA TYR B 94 4.03 5.96 -1.42
C TYR B 94 2.68 5.58 -0.85
N VAL B 95 2.45 4.30 -0.72
CA VAL B 95 1.18 3.83 -0.20
C VAL B 95 1.13 4.01 1.32
N SER B 96 2.28 3.94 1.97
CA SER B 96 2.31 4.09 3.38
C SER B 96 1.97 5.51 3.78
N LEU B 97 2.35 6.50 2.97
CA LEU B 97 2.05 7.86 3.35
C LEU B 97 0.63 8.24 3.07
N THR B 98 -0.01 7.59 2.10
CA THR B 98 -1.42 7.85 1.86
C THR B 98 -2.25 7.43 3.06
N ASN B 99 -1.91 6.28 3.62
CA ASN B 99 -2.62 5.82 4.76
C ASN B 99 -2.16 6.57 5.98
N HIS B 100 -0.87 6.87 6.06
CA HIS B 100 -0.35 7.58 7.21
C HIS B 100 -0.97 8.96 7.29
N ILE B 101 -1.15 9.63 6.16
CA ILE B 101 -1.77 10.95 6.17
C ILE B 101 -3.24 10.86 6.60
N ASN B 102 -3.97 9.88 6.07
CA ASN B 102 -5.40 9.76 6.41
C ASN B 102 -5.57 9.37 7.87
N PHE B 103 -4.71 8.49 8.33
CA PHE B 103 -4.75 8.05 9.70
C PHE B 103 -4.25 9.13 10.63
N ALA B 104 -3.35 9.98 10.15
CA ALA B 104 -2.85 11.11 10.94
C ALA B 104 -3.95 12.13 11.12
N ILE B 105 -4.74 12.34 10.07
CA ILE B 105 -5.88 13.23 10.14
C ILE B 105 -6.84 12.71 11.19
N GLN B 106 -7.15 11.43 11.11
CA GLN B 106 -8.06 10.78 12.04
C GLN B 106 -7.48 10.83 13.46
N ARG B 107 -6.19 10.62 13.55
CA ARG B 107 -5.44 10.65 14.79
C ARG B 107 -5.54 12.03 15.45
N ASN B 108 -5.41 13.05 14.62
CA ASN B 108 -5.51 14.44 15.06
C ASN B 108 -6.92 14.75 15.54
N GLN B 109 -7.91 14.23 14.82
CA GLN B 109 -9.31 14.46 15.14
C GLN B 109 -9.72 13.74 16.42
N LYS B 110 -9.22 12.54 16.62
CA LYS B 110 -9.56 11.76 17.80
C LYS B 110 -8.78 12.23 19.02
N GLY B 111 -7.73 12.93 18.78
CA GLY B 111 -6.94 13.44 19.86
C GLY B 111 -5.93 12.44 20.35
N LEU B 112 -5.46 11.64 19.44
CA LEU B 112 -4.42 10.69 19.73
C LEU B 112 -3.10 11.32 19.41
N ASP B 113 -2.28 11.44 20.40
CA ASP B 113 -0.97 11.99 20.22
C ASP B 113 0.03 10.93 20.52
N ILE B 114 1.06 10.85 19.73
CA ILE B 114 2.07 9.86 19.91
C ILE B 114 3.43 10.51 19.89
N LYS B 115 4.01 10.70 21.04
CA LYS B 115 5.27 11.35 21.11
C LYS B 115 6.37 10.33 20.89
N ASN B 116 7.15 10.59 19.88
CA ASN B 116 8.25 9.76 19.50
C ASN B 116 9.35 9.91 20.56
N ALA B 117 9.45 8.94 21.45
CA ALA B 117 10.44 8.99 22.53
C ALA B 117 11.84 8.64 22.06
N LEU B 118 11.92 8.32 20.81
CA LEU B 118 13.18 7.96 20.19
C LEU B 118 13.71 9.13 19.40
N LEU B 119 12.88 10.16 19.29
CA LEU B 119 13.16 11.33 18.47
C LEU B 119 14.40 12.07 18.95
N TRP B 120 14.66 11.97 20.24
CA TRP B 120 15.75 12.67 20.85
C TRP B 120 17.10 12.05 20.45
N GLU B 121 17.05 10.75 20.13
CA GLU B 121 18.21 10.04 19.61
C GLU B 121 18.26 10.32 18.10
N THR B 122 17.08 10.30 17.50
CA THR B 122 16.88 10.49 16.08
C THR B 122 17.45 11.83 15.57
N LYS B 123 17.50 12.83 16.45
CA LYS B 123 17.99 14.16 16.10
C LYS B 123 19.39 14.12 15.50
N ARG B 124 20.28 13.41 16.13
CA ARG B 124 21.62 13.29 15.63
C ARG B 124 21.78 12.13 14.64
N LEU B 125 21.12 11.02 14.93
CA LEU B 125 21.24 9.79 14.16
C LEU B 125 20.57 9.87 12.78
N TYR B 126 19.51 10.62 12.67
CA TYR B 126 18.78 10.75 11.45
C TYR B 126 18.59 12.22 11.14
N LYS B 127 19.61 12.80 10.58
CA LYS B 127 19.64 14.20 10.25
C LYS B 127 18.92 14.51 8.93
N ASP B 128 19.37 13.93 7.84
CA ASP B 128 18.88 14.31 6.52
C ASP B 128 17.53 13.75 6.19
N GLU B 129 17.29 12.52 6.54
CA GLU B 129 16.02 11.89 6.25
C GLU B 129 14.90 12.53 7.05
N PHE B 130 15.23 12.96 8.25
CA PHE B 130 14.27 13.62 9.10
C PHE B 130 14.07 15.06 8.66
N ALA B 131 15.15 15.71 8.23
CA ALA B 131 15.07 17.07 7.73
C ALA B 131 14.22 17.11 6.47
N ILE B 132 14.45 16.17 5.57
CA ILE B 132 13.68 16.08 4.34
C ILE B 132 12.23 15.72 4.67
N GLY B 133 12.06 14.88 5.69
CA GLY B 133 10.74 14.54 6.17
C GLY B 133 10.00 15.78 6.66
N LYS B 134 10.71 16.64 7.38
CA LYS B 134 10.17 17.90 7.84
C LYS B 134 9.83 18.82 6.68
N GLU B 135 10.74 18.93 5.72
CA GLU B 135 10.51 19.74 4.52
C GLU B 135 9.30 19.25 3.75
N ALA B 136 9.17 17.94 3.64
CA ALA B 136 8.04 17.33 3.00
C ALA B 136 6.78 17.61 3.80
N LEU B 137 6.89 17.54 5.10
CA LEU B 137 5.78 17.84 6.01
C LEU B 137 5.33 19.29 5.84
N VAL B 138 6.30 20.20 5.70
CA VAL B 138 6.01 21.61 5.45
C VAL B 138 5.19 21.74 4.18
N MET B 139 5.58 20.99 3.20
CA MET B 139 4.90 20.96 1.91
C MET B 139 3.47 20.43 2.07
N VAL B 140 3.32 19.40 2.87
CA VAL B 140 2.02 18.82 3.14
C VAL B 140 1.13 19.81 3.86
N LYS B 141 1.66 20.44 4.89
CA LYS B 141 0.87 21.32 5.70
C LYS B 141 0.54 22.61 5.00
N ASN B 142 1.36 23.00 4.05
CA ASN B 142 1.02 24.18 3.30
C ASN B 142 0.00 23.86 2.24
N LYS B 143 0.08 22.68 1.64
CA LYS B 143 -0.82 22.32 0.57
C LYS B 143 -2.20 21.90 1.11
N THR B 144 -2.21 21.16 2.20
CA THR B 144 -3.46 20.61 2.68
C THR B 144 -3.92 21.17 4.02
N GLY B 145 -3.02 21.80 4.74
CA GLY B 145 -3.35 22.31 6.05
C GLY B 145 -3.10 21.27 7.13
N VAL B 146 -3.00 20.01 6.72
CA VAL B 146 -2.77 18.90 7.64
C VAL B 146 -1.36 18.99 8.19
N SER B 147 -1.28 19.35 9.43
CA SER B 147 -0.02 19.55 10.07
C SER B 147 0.25 18.47 11.12
N LEU B 148 1.41 17.87 11.05
CA LEU B 148 1.81 16.87 12.01
C LEU B 148 2.98 17.41 12.84
N PRO B 149 3.16 16.96 14.07
CA PRO B 149 4.29 17.36 14.92
C PRO B 149 5.58 16.59 14.57
N GLU B 150 6.70 17.04 15.11
CA GLU B 150 8.04 16.45 14.88
C GLU B 150 8.07 14.96 15.21
N ASP B 151 7.33 14.57 16.22
CA ASP B 151 7.20 13.17 16.63
C ASP B 151 6.64 12.31 15.52
N GLU B 152 5.49 12.66 15.03
CA GLU B 152 4.86 11.97 13.92
C GLU B 152 5.72 12.07 12.65
N ALA B 153 6.36 13.22 12.47
CA ALA B 153 7.28 13.41 11.35
C ALA B 153 8.47 12.46 11.46
N GLY B 154 8.89 12.21 12.69
CA GLY B 154 9.95 11.26 12.94
C GLY B 154 9.55 9.87 12.55
N PHE B 155 8.31 9.52 12.82
CA PHE B 155 7.81 8.22 12.41
C PHE B 155 7.76 8.14 10.90
N ILE B 156 7.43 9.24 10.25
CA ILE B 156 7.48 9.33 8.80
C ILE B 156 8.91 9.08 8.30
N ALA B 157 9.89 9.64 9.02
CA ALA B 157 11.31 9.43 8.71
C ALA B 157 11.68 7.94 8.83
N LEU B 158 11.10 7.25 9.82
CA LEU B 158 11.28 5.80 9.95
C LEU B 158 10.72 5.05 8.74
N HIS B 159 9.61 5.53 8.22
CA HIS B 159 9.04 4.99 7.00
C HIS B 159 9.96 5.27 5.82
N ILE B 160 10.55 6.45 5.81
CA ILE B 160 11.46 6.85 4.75
C ILE B 160 12.69 5.96 4.73
N VAL B 161 13.24 5.64 5.89
CA VAL B 161 14.41 4.80 5.92
C VAL B 161 14.10 3.34 5.59
N ASN B 162 12.86 2.93 5.82
CA ASN B 162 12.41 1.58 5.43
C ASN B 162 12.16 1.51 3.94
N ALA B 163 11.94 2.65 3.35
CA ALA B 163 11.76 2.75 1.93
C ALA B 163 13.06 3.17 1.22
N GLU B 164 14.02 3.57 2.01
CA GLU B 164 15.32 3.96 1.54
C GLU B 164 16.09 2.73 1.06
N LEU B 165 16.84 2.89 -0.02
CA LEU B 165 17.65 1.82 -0.58
C LEU B 165 19.07 1.99 -0.15
N ASN B 166 19.17 2.42 1.07
CA ASN B 166 20.42 2.78 1.76
C ASN B 166 21.04 4.03 1.17
N GLU B 167 22.08 4.50 1.80
CA GLU B 167 22.82 5.63 1.28
C GLU B 167 23.74 5.13 0.17
N LEU B 168 23.15 4.88 -0.96
CA LEU B 168 23.85 4.47 -2.12
C LEU B 168 23.71 5.59 -3.09
N GLN B 169 24.54 6.53 -2.93
CA GLN B 169 24.53 7.73 -3.71
C GLN B 169 25.94 7.95 -4.15
N MET A 1 -20.92 3.27 -2.26
CA MET A 1 -20.64 2.77 -3.60
C MET A 1 -21.91 2.29 -4.23
N LYS A 2 -21.84 2.00 -5.52
CA LYS A 2 -22.98 1.52 -6.32
C LYS A 2 -22.50 1.19 -7.72
N ILE A 3 -23.18 0.27 -8.35
CA ILE A 3 -22.85 -0.15 -9.71
C ILE A 3 -23.12 0.99 -10.66
N ALA A 4 -22.10 1.42 -11.35
CA ALA A 4 -22.26 2.53 -12.27
C ALA A 4 -22.06 2.07 -13.70
N LYS A 5 -21.38 0.97 -13.90
CA LYS A 5 -21.12 0.48 -15.21
C LYS A 5 -21.30 -1.02 -15.24
N VAL A 6 -21.84 -1.52 -16.29
CA VAL A 6 -22.10 -2.93 -16.40
C VAL A 6 -21.45 -3.42 -17.67
N ILE A 7 -20.57 -4.36 -17.54
CA ILE A 7 -19.86 -4.85 -18.67
C ILE A 7 -20.52 -6.14 -19.16
N ASN A 8 -21.12 -6.86 -18.22
CA ASN A 8 -21.90 -8.07 -18.49
C ASN A 8 -22.47 -8.56 -17.19
N ASN A 9 -23.12 -9.69 -17.21
CA ASN A 9 -23.77 -10.26 -16.02
C ASN A 9 -22.80 -10.59 -14.89
N ASN A 10 -21.61 -11.00 -15.23
CA ASN A 10 -20.67 -11.40 -14.22
C ASN A 10 -19.70 -10.30 -13.89
N VAL A 11 -19.51 -9.39 -14.81
CA VAL A 11 -18.55 -8.35 -14.60
C VAL A 11 -19.26 -7.00 -14.55
N ILE A 12 -19.08 -6.31 -13.45
CA ILE A 12 -19.69 -5.02 -13.25
C ILE A 12 -18.68 -4.01 -12.80
N SER A 13 -19.06 -2.79 -12.84
CA SER A 13 -18.26 -1.72 -12.45
C SER A 13 -18.96 -0.94 -11.37
N VAL A 14 -18.37 -0.91 -10.23
CA VAL A 14 -18.90 -0.23 -9.11
C VAL A 14 -18.03 0.94 -8.80
N VAL A 15 -18.62 2.06 -8.62
CA VAL A 15 -17.87 3.22 -8.32
C VAL A 15 -18.09 3.57 -6.87
N ASN A 16 -17.00 3.63 -6.13
CA ASN A 16 -17.04 4.09 -4.78
C ASN A 16 -17.24 5.59 -4.89
N GLU A 17 -17.76 6.23 -3.92
CA GLU A 17 -18.22 7.59 -4.13
C GLU A 17 -17.11 8.67 -4.12
N GLN A 18 -15.89 8.25 -3.82
CA GLN A 18 -14.69 9.01 -4.07
C GLN A 18 -14.40 9.06 -5.58
N GLY A 19 -15.02 8.16 -6.30
CA GLY A 19 -14.80 8.05 -7.70
C GLY A 19 -13.86 6.91 -8.02
N LYS A 20 -13.79 5.94 -7.13
CA LYS A 20 -12.99 4.78 -7.37
C LYS A 20 -13.78 3.77 -8.08
N GLU A 21 -13.46 3.62 -9.29
CA GLU A 21 -14.12 2.67 -10.13
C GLU A 21 -13.48 1.31 -9.85
N LEU A 22 -14.29 0.33 -9.65
CA LEU A 22 -13.84 -1.00 -9.37
C LEU A 22 -14.53 -1.95 -10.31
N VAL A 23 -13.82 -2.89 -10.82
CA VAL A 23 -14.38 -3.86 -11.71
C VAL A 23 -14.51 -5.17 -10.97
N VAL A 24 -15.70 -5.54 -10.67
CA VAL A 24 -15.93 -6.71 -9.88
C VAL A 24 -16.40 -7.84 -10.76
N MET A 25 -15.84 -9.00 -10.57
CA MET A 25 -16.19 -10.16 -11.31
C MET A 25 -16.71 -11.22 -10.36
N GLY A 26 -17.90 -11.66 -10.61
CA GLY A 26 -18.52 -12.68 -9.82
C GLY A 26 -19.69 -13.23 -10.54
N ARG A 27 -20.06 -14.41 -10.21
CA ARG A 27 -21.12 -15.10 -10.89
C ARG A 27 -22.49 -14.46 -10.66
N GLY A 28 -22.98 -13.81 -11.70
CA GLY A 28 -24.27 -13.19 -11.68
C GLY A 28 -24.33 -12.00 -10.76
N LEU A 29 -23.43 -11.08 -10.94
CA LEU A 29 -23.41 -9.88 -10.14
C LEU A 29 -24.40 -8.86 -10.66
N ALA A 30 -24.53 -8.77 -11.97
CA ALA A 30 -25.49 -7.84 -12.54
C ALA A 30 -26.87 -8.43 -12.54
N PHE A 31 -26.92 -9.73 -12.34
CA PHE A 31 -28.14 -10.48 -12.21
C PHE A 31 -28.97 -9.90 -11.05
N GLN A 32 -30.17 -9.41 -11.40
CA GLN A 32 -31.13 -8.77 -10.48
C GLN A 32 -30.65 -7.39 -10.00
N LYS A 33 -29.67 -6.89 -10.65
CA LYS A 33 -29.08 -5.62 -10.31
C LYS A 33 -29.09 -4.67 -11.48
N LYS A 34 -28.71 -3.44 -11.21
CA LYS A 34 -28.74 -2.39 -12.19
C LYS A 34 -27.78 -1.29 -11.76
N SER A 35 -27.62 -0.28 -12.58
CA SER A 35 -26.80 0.84 -12.23
C SER A 35 -27.49 1.66 -11.13
N GLY A 36 -26.79 1.89 -10.04
CA GLY A 36 -27.35 2.61 -8.94
C GLY A 36 -27.76 1.69 -7.83
N ASP A 37 -27.52 0.41 -8.02
CA ASP A 37 -27.82 -0.56 -7.01
C ASP A 37 -26.53 -0.95 -6.32
N ASP A 38 -26.64 -1.31 -5.08
CA ASP A 38 -25.49 -1.67 -4.27
C ASP A 38 -24.99 -3.08 -4.62
N VAL A 39 -23.71 -3.28 -4.47
CA VAL A 39 -23.07 -4.52 -4.84
C VAL A 39 -23.19 -5.59 -3.75
N ASP A 40 -23.49 -6.80 -4.17
CA ASP A 40 -23.58 -7.95 -3.30
C ASP A 40 -22.18 -8.45 -3.04
N GLU A 41 -21.75 -8.51 -1.81
CA GLU A 41 -20.39 -8.84 -1.52
C GLU A 41 -20.16 -10.35 -1.42
N ALA A 42 -21.24 -11.12 -1.37
CA ALA A 42 -21.16 -12.56 -1.31
C ALA A 42 -20.75 -13.13 -2.67
N ARG A 43 -21.21 -12.50 -3.73
CA ARG A 43 -20.89 -12.91 -5.10
C ARG A 43 -19.59 -12.28 -5.60
N ILE A 44 -18.89 -11.61 -4.73
CA ILE A 44 -17.62 -11.04 -5.06
C ILE A 44 -16.56 -12.12 -5.04
N GLU A 45 -16.14 -12.47 -6.21
CA GLU A 45 -15.06 -13.40 -6.36
C GLU A 45 -13.77 -12.64 -6.54
N LYS A 46 -13.77 -11.74 -7.52
CA LYS A 46 -12.59 -10.97 -7.88
C LYS A 46 -12.96 -9.52 -8.02
N VAL A 47 -12.05 -8.62 -7.64
CA VAL A 47 -12.27 -7.18 -7.79
C VAL A 47 -11.02 -6.53 -8.29
N PHE A 48 -11.13 -5.81 -9.34
CA PHE A 48 -10.05 -5.05 -9.84
C PHE A 48 -10.27 -3.62 -9.38
N THR A 49 -9.34 -3.11 -8.68
CA THR A 49 -9.43 -1.77 -8.16
C THR A 49 -8.68 -0.80 -9.06
N LEU A 50 -9.24 0.39 -9.22
CA LEU A 50 -8.68 1.43 -10.06
C LEU A 50 -7.25 1.81 -9.66
N ASP A 51 -6.44 1.88 -10.67
CA ASP A 51 -5.05 2.27 -10.64
C ASP A 51 -4.90 3.44 -11.63
N ASN A 52 -4.35 4.53 -11.15
CA ASN A 52 -4.31 5.76 -11.91
C ASN A 52 -2.93 5.98 -12.52
N LYS A 53 -2.87 5.91 -13.84
CA LYS A 53 -1.62 6.04 -14.60
C LYS A 53 -1.06 7.46 -14.56
N ASP A 54 -1.93 8.38 -14.45
CA ASP A 54 -1.56 9.79 -14.53
C ASP A 54 -0.90 10.27 -13.28
N VAL A 55 -1.47 9.86 -12.19
CA VAL A 55 -0.99 10.29 -10.92
C VAL A 55 0.14 9.40 -10.46
N SER A 56 -0.05 8.12 -10.58
CA SER A 56 0.81 7.19 -9.98
C SER A 56 1.42 6.15 -10.91
N GLU A 57 2.65 6.37 -11.29
CA GLU A 57 3.39 5.37 -11.99
C GLU A 57 4.06 4.40 -11.03
N LYS A 58 4.39 4.90 -9.85
CA LYS A 58 5.15 4.15 -8.90
C LYS A 58 4.25 3.23 -8.07
N PHE A 59 3.14 3.79 -7.54
CA PHE A 59 2.10 3.01 -6.78
C PHE A 59 1.72 1.79 -7.64
N LYS A 60 1.55 2.08 -8.91
CA LYS A 60 1.20 1.13 -9.94
C LYS A 60 2.17 -0.05 -10.03
N THR A 61 3.42 0.26 -10.34
CA THR A 61 4.40 -0.77 -10.60
C THR A 61 4.77 -1.56 -9.36
N LEU A 62 4.82 -0.90 -8.24
CA LEU A 62 5.23 -1.53 -7.02
C LEU A 62 4.16 -2.48 -6.48
N LEU A 63 2.88 -2.10 -6.60
CA LEU A 63 1.79 -3.01 -6.22
C LEU A 63 1.78 -4.24 -7.13
N TYR A 64 2.22 -4.07 -8.38
CA TYR A 64 2.33 -5.18 -9.29
C TYR A 64 3.49 -6.09 -8.88
N ASP A 65 4.56 -5.46 -8.43
CA ASP A 65 5.86 -6.13 -8.09
C ASP A 65 5.72 -7.10 -6.94
N ILE A 66 4.81 -6.79 -6.09
CA ILE A 66 4.50 -7.58 -4.90
C ILE A 66 3.99 -8.99 -5.29
N PRO A 67 4.76 -10.04 -4.97
CA PRO A 67 4.36 -11.42 -5.24
C PRO A 67 3.12 -11.80 -4.42
N ILE A 68 2.23 -12.58 -5.01
CA ILE A 68 0.96 -12.96 -4.35
C ILE A 68 1.23 -13.79 -3.09
N GLU A 69 2.37 -14.48 -3.08
CA GLU A 69 2.77 -15.26 -1.94
C GLU A 69 3.00 -14.31 -0.76
N CYS A 70 3.81 -13.30 -0.99
CA CYS A 70 4.13 -12.32 0.05
C CYS A 70 2.89 -11.55 0.47
N MET A 71 1.98 -11.35 -0.46
CA MET A 71 0.74 -10.65 -0.21
C MET A 71 -0.15 -11.46 0.70
N GLU A 72 -0.21 -12.76 0.47
CA GLU A 72 -1.01 -13.62 1.30
C GLU A 72 -0.33 -13.78 2.66
N VAL A 73 0.98 -13.89 2.65
CA VAL A 73 1.75 -14.03 3.87
C VAL A 73 1.58 -12.80 4.74
N SER A 74 1.62 -11.61 4.15
CA SER A 74 1.46 -10.39 4.90
C SER A 74 0.09 -10.33 5.58
N GLU A 75 -0.98 -10.74 4.86
CA GLU A 75 -2.31 -10.75 5.47
C GLU A 75 -2.32 -11.73 6.65
N GLU A 76 -1.65 -12.87 6.49
CA GLU A 76 -1.55 -13.87 7.55
C GLU A 76 -0.70 -13.37 8.72
N ILE A 77 0.35 -12.61 8.42
CA ILE A 77 1.20 -12.00 9.43
C ILE A 77 0.34 -11.09 10.28
N ILE A 78 -0.43 -10.27 9.61
CA ILE A 78 -1.31 -9.38 10.28
C ILE A 78 -2.37 -10.17 11.02
N SER A 79 -2.83 -11.26 10.41
CA SER A 79 -3.81 -12.14 11.03
C SER A 79 -3.32 -12.65 12.38
N TYR A 80 -2.06 -13.00 12.44
CA TYR A 80 -1.46 -13.44 13.67
C TYR A 80 -1.39 -12.27 14.65
N ALA A 81 -0.98 -11.13 14.14
CA ALA A 81 -0.85 -9.92 14.95
C ALA A 81 -2.21 -9.43 15.49
N LYS A 82 -3.23 -9.50 14.66
CA LYS A 82 -4.56 -9.05 15.05
C LYS A 82 -5.24 -10.06 15.93
N LEU A 83 -4.87 -11.33 15.80
CA LEU A 83 -5.38 -12.37 16.67
C LEU A 83 -4.74 -12.19 18.05
N GLN A 84 -3.45 -11.85 18.03
CA GLN A 84 -2.67 -11.58 19.22
C GLN A 84 -3.23 -10.37 19.97
N LEU A 85 -3.31 -9.26 19.28
CA LEU A 85 -3.74 -8.00 19.86
C LEU A 85 -5.23 -7.95 20.13
N GLY A 86 -6.00 -8.56 19.27
CA GLY A 86 -7.43 -8.47 19.39
C GLY A 86 -7.90 -7.11 18.94
N LYS A 87 -7.11 -6.49 18.10
CA LYS A 87 -7.38 -5.15 17.61
C LYS A 87 -7.32 -5.15 16.10
N LYS A 88 -7.70 -4.05 15.51
CA LYS A 88 -7.62 -3.87 14.10
C LYS A 88 -6.37 -3.06 13.79
N LEU A 89 -5.72 -3.35 12.69
CA LEU A 89 -4.49 -2.69 12.37
C LEU A 89 -4.59 -1.85 11.13
N ASN A 90 -4.11 -0.64 11.26
CA ASN A 90 -4.01 0.34 10.16
C ASN A 90 -3.11 -0.20 9.03
N ASP A 91 -3.48 0.11 7.77
CA ASP A 91 -2.83 -0.42 6.56
C ASP A 91 -1.35 -0.02 6.44
N SER A 92 -0.92 0.91 7.30
CA SER A 92 0.48 1.29 7.40
C SER A 92 1.38 0.09 7.82
N ILE A 93 0.77 -1.06 8.13
CA ILE A 93 1.52 -2.29 8.41
C ILE A 93 1.22 -3.38 7.34
N TYR A 94 0.13 -3.22 6.62
CA TYR A 94 -0.26 -4.21 5.62
C TYR A 94 0.58 -4.12 4.38
N VAL A 95 0.38 -3.05 3.65
CA VAL A 95 1.07 -2.87 2.40
C VAL A 95 2.55 -2.59 2.65
N SER A 96 2.88 -2.12 3.85
CA SER A 96 4.24 -1.88 4.14
C SER A 96 4.96 -3.20 4.28
N LEU A 97 4.30 -4.22 4.87
CA LEU A 97 4.96 -5.49 5.06
C LEU A 97 5.12 -6.23 3.77
N THR A 98 4.20 -6.08 2.85
CA THR A 98 4.36 -6.73 1.57
C THR A 98 5.57 -6.21 0.83
N ASN A 99 5.75 -4.91 0.86
CA ASN A 99 6.89 -4.34 0.19
C ASN A 99 8.13 -4.49 1.03
N HIS A 100 7.94 -4.58 2.33
CA HIS A 100 9.04 -4.74 3.22
C HIS A 100 9.60 -6.12 3.05
N ILE A 101 8.75 -7.15 3.06
CA ILE A 101 9.24 -8.52 2.95
C ILE A 101 9.89 -8.73 1.58
N ASN A 102 9.27 -8.19 0.57
CA ASN A 102 9.74 -8.34 -0.81
C ASN A 102 11.08 -7.67 -1.01
N PHE A 103 11.26 -6.52 -0.41
CA PHE A 103 12.51 -5.83 -0.52
C PHE A 103 13.51 -6.32 0.52
N ALA A 104 13.02 -6.93 1.59
CA ALA A 104 13.87 -7.52 2.61
C ALA A 104 14.47 -8.78 2.08
N ILE A 105 13.71 -9.56 1.28
CA ILE A 105 14.27 -10.75 0.66
C ILE A 105 15.40 -10.32 -0.24
N GLN A 106 15.14 -9.29 -1.04
CA GLN A 106 16.16 -8.72 -1.93
C GLN A 106 17.35 -8.19 -1.12
N ARG A 107 17.07 -7.51 -0.03
CA ARG A 107 18.10 -6.95 0.83
C ARG A 107 18.94 -8.04 1.50
N ASN A 108 18.28 -9.12 1.88
CA ASN A 108 18.95 -10.26 2.52
C ASN A 108 19.87 -10.94 1.51
N GLN A 109 19.37 -11.13 0.28
CA GLN A 109 20.13 -11.80 -0.75
C GLN A 109 21.27 -10.93 -1.26
N LYS A 110 21.11 -9.63 -1.09
CA LYS A 110 22.12 -8.67 -1.48
C LYS A 110 23.28 -8.72 -0.49
N GLY A 111 22.98 -9.22 0.66
CA GLY A 111 23.95 -9.23 1.71
C GLY A 111 24.01 -7.88 2.34
N LEU A 112 22.85 -7.35 2.59
CA LEU A 112 22.70 -6.08 3.23
C LEU A 112 21.72 -6.21 4.40
N ASP A 113 21.89 -5.37 5.39
CA ASP A 113 21.02 -5.30 6.55
C ASP A 113 20.83 -3.84 6.84
N ILE A 114 19.63 -3.41 7.11
CA ILE A 114 19.49 -2.03 7.53
C ILE A 114 19.47 -1.99 9.03
N LYS A 115 20.53 -1.51 9.61
CA LYS A 115 20.69 -1.59 11.03
C LYS A 115 20.00 -0.43 11.71
N ASN A 116 18.89 -0.76 12.34
CA ASN A 116 18.12 0.19 13.10
C ASN A 116 18.97 0.74 14.24
N ALA A 117 19.32 2.01 14.17
CA ALA A 117 20.18 2.60 15.20
C ALA A 117 19.39 2.94 16.44
N LEU A 118 18.13 2.75 16.35
CA LEU A 118 17.21 2.99 17.44
C LEU A 118 16.85 1.66 18.05
N LEU A 119 17.45 0.59 17.54
CA LEU A 119 17.11 -0.81 17.82
C LEU A 119 17.01 -1.12 19.27
N TRP A 120 18.05 -0.83 19.98
CA TRP A 120 18.13 -1.24 21.35
C TRP A 120 17.13 -0.50 22.20
N GLU A 121 16.94 0.76 21.89
CA GLU A 121 15.99 1.57 22.60
C GLU A 121 14.56 1.15 22.22
N THR A 122 14.36 0.82 20.95
CA THR A 122 13.08 0.34 20.43
C THR A 122 12.70 -0.98 21.12
N LYS A 123 13.67 -1.87 21.22
CA LYS A 123 13.50 -3.18 21.82
C LYS A 123 13.19 -3.06 23.32
N ARG A 124 13.58 -1.96 23.90
CA ARG A 124 13.32 -1.64 25.27
C ARG A 124 11.93 -1.04 25.46
N LEU A 125 11.66 0.05 24.77
CA LEU A 125 10.43 0.80 24.96
C LEU A 125 9.23 0.14 24.30
N TYR A 126 9.41 -0.31 23.09
CA TYR A 126 8.32 -0.89 22.30
C TYR A 126 8.52 -2.39 22.26
N LYS A 127 8.87 -2.93 23.41
CA LYS A 127 9.20 -4.32 23.61
C LYS A 127 8.07 -5.27 23.20
N ASP A 128 6.83 -4.88 23.45
CA ASP A 128 5.68 -5.70 23.09
C ASP A 128 5.56 -5.79 21.61
N GLU A 129 5.63 -4.63 20.99
CA GLU A 129 5.52 -4.48 19.56
C GLU A 129 6.64 -5.26 18.86
N PHE A 130 7.82 -5.21 19.44
CA PHE A 130 8.97 -5.95 18.94
C PHE A 130 8.73 -7.47 19.09
N ALA A 131 8.11 -7.86 20.19
CA ALA A 131 7.80 -9.26 20.46
C ALA A 131 6.77 -9.78 19.46
N ILE A 132 5.81 -8.91 19.11
CA ILE A 132 4.81 -9.24 18.09
C ILE A 132 5.52 -9.49 16.77
N GLY A 133 6.49 -8.62 16.48
CA GLY A 133 7.29 -8.76 15.28
C GLY A 133 8.04 -10.07 15.27
N LYS A 134 8.56 -10.44 16.42
CA LYS A 134 9.26 -11.72 16.60
C LYS A 134 8.37 -12.91 16.32
N GLU A 135 7.17 -12.90 16.86
CA GLU A 135 6.27 -14.01 16.71
C GLU A 135 5.71 -14.08 15.29
N ALA A 136 5.64 -12.94 14.65
CA ALA A 136 5.26 -12.86 13.27
C ALA A 136 6.40 -13.40 12.43
N LEU A 137 7.62 -13.05 12.82
CA LEU A 137 8.83 -13.49 12.15
C LEU A 137 8.95 -15.00 12.20
N VAL A 138 8.53 -15.59 13.31
CA VAL A 138 8.51 -17.05 13.43
C VAL A 138 7.64 -17.62 12.32
N MET A 139 6.45 -17.05 12.14
CA MET A 139 5.55 -17.50 11.07
C MET A 139 6.18 -17.27 9.69
N VAL A 140 6.85 -16.14 9.53
CA VAL A 140 7.54 -15.82 8.28
C VAL A 140 8.62 -16.87 8.00
N LYS A 141 9.40 -17.17 9.02
CA LYS A 141 10.48 -18.11 8.93
C LYS A 141 9.95 -19.50 8.62
N ASN A 142 8.83 -19.84 9.19
CA ASN A 142 8.23 -21.13 8.95
C ASN A 142 7.75 -21.29 7.53
N LYS A 143 7.23 -20.23 6.95
CA LYS A 143 6.73 -20.34 5.60
C LYS A 143 7.80 -20.13 4.54
N THR A 144 8.76 -19.27 4.82
CA THR A 144 9.72 -18.92 3.80
C THR A 144 11.09 -19.52 4.03
N GLY A 145 11.45 -19.66 5.28
CA GLY A 145 12.75 -20.16 5.63
C GLY A 145 13.71 -19.02 5.88
N VAL A 146 13.30 -17.83 5.52
CA VAL A 146 14.12 -16.66 5.65
C VAL A 146 13.91 -16.04 7.03
N SER A 147 14.91 -15.44 7.58
CA SER A 147 14.84 -14.84 8.88
C SER A 147 15.42 -13.44 8.80
N LEU A 148 14.84 -12.53 9.54
CA LEU A 148 15.26 -11.17 9.54
C LEU A 148 15.86 -10.82 10.89
N PRO A 149 16.97 -10.06 10.90
CA PRO A 149 17.65 -9.66 12.13
C PRO A 149 16.87 -8.67 13.00
N GLU A 150 17.37 -8.46 14.23
CA GLU A 150 16.79 -7.55 15.23
C GLU A 150 16.42 -6.20 14.61
N ASP A 151 17.33 -5.66 13.83
CA ASP A 151 17.20 -4.36 13.18
C ASP A 151 15.98 -4.27 12.31
N GLU A 152 15.89 -5.17 11.34
CA GLU A 152 14.73 -5.26 10.43
C GLU A 152 13.43 -5.40 11.23
N ALA A 153 13.47 -6.26 12.27
CA ALA A 153 12.32 -6.49 13.14
C ALA A 153 11.94 -5.23 13.91
N GLY A 154 12.94 -4.43 14.24
CA GLY A 154 12.72 -3.16 14.89
C GLY A 154 11.95 -2.22 14.02
N PHE A 155 12.28 -2.19 12.74
CA PHE A 155 11.54 -1.36 11.81
C PHE A 155 10.11 -1.84 11.69
N ILE A 156 9.94 -3.15 11.70
CA ILE A 156 8.60 -3.75 11.74
C ILE A 156 7.81 -3.23 12.96
N ALA A 157 8.49 -3.12 14.09
CA ALA A 157 7.90 -2.57 15.31
C ALA A 157 7.48 -1.10 15.10
N LEU A 158 8.32 -0.33 14.40
CA LEU A 158 7.98 1.05 14.03
C LEU A 158 6.74 1.13 13.15
N HIS A 159 6.57 0.17 12.26
CA HIS A 159 5.35 0.12 11.45
C HIS A 159 4.16 -0.17 12.36
N ILE A 160 4.37 -1.05 13.34
CA ILE A 160 3.33 -1.41 14.32
C ILE A 160 2.88 -0.18 15.09
N VAL A 161 3.82 0.64 15.55
CA VAL A 161 3.46 1.79 16.35
C VAL A 161 2.69 2.85 15.54
N ASN A 162 2.91 2.88 14.22
CA ASN A 162 2.08 3.74 13.38
C ASN A 162 0.77 3.09 13.03
N ALA A 163 0.74 1.77 13.09
CA ALA A 163 -0.46 1.01 12.85
C ALA A 163 -1.41 1.12 14.04
N GLU A 164 -0.86 1.45 15.19
CA GLU A 164 -1.61 1.68 16.43
C GLU A 164 -2.56 2.88 16.31
N LEU A 165 -3.74 2.74 16.90
CA LEU A 165 -4.75 3.78 16.91
C LEU A 165 -4.91 4.34 18.30
N ASN A 166 -3.84 4.42 18.93
CA ASN A 166 -3.74 4.89 20.29
C ASN A 166 -2.66 5.91 20.38
N GLU A 167 -2.63 6.66 21.48
CA GLU A 167 -1.53 7.55 21.73
C GLU A 167 -0.33 6.69 22.08
N LEU A 168 0.83 7.07 21.63
CA LEU A 168 1.96 6.21 21.73
C LEU A 168 2.79 6.42 22.99
N GLN A 169 2.64 5.47 23.91
CA GLN A 169 3.37 5.36 25.17
C GLN A 169 3.39 6.67 25.95
N MET B 1 3.87 -8.00 -21.10
CA MET B 1 2.57 -8.51 -20.75
C MET B 1 1.73 -8.66 -21.98
N LYS B 2 0.53 -9.14 -21.86
CA LYS B 2 -0.29 -9.36 -23.02
C LYS B 2 -1.74 -9.18 -22.69
N ILE B 3 -2.51 -8.97 -23.71
CA ILE B 3 -3.94 -8.88 -23.61
C ILE B 3 -4.46 -10.28 -23.66
N ALA B 4 -5.24 -10.63 -22.70
CA ALA B 4 -5.77 -11.94 -22.61
C ALA B 4 -7.24 -11.91 -22.86
N LYS B 5 -7.93 -11.05 -22.17
CA LYS B 5 -9.32 -11.01 -22.21
C LYS B 5 -9.78 -9.71 -22.81
N VAL B 6 -10.71 -9.79 -23.68
CA VAL B 6 -11.24 -8.64 -24.35
C VAL B 6 -12.74 -8.70 -24.21
N ILE B 7 -13.30 -7.81 -23.42
CA ILE B 7 -14.71 -7.87 -23.21
C ILE B 7 -15.42 -6.94 -24.18
N ASN B 8 -14.76 -5.86 -24.52
CA ASN B 8 -15.28 -4.91 -25.50
C ASN B 8 -14.14 -4.10 -26.04
N ASN B 9 -14.40 -3.18 -26.94
CA ASN B 9 -13.33 -2.45 -27.61
C ASN B 9 -12.64 -1.43 -26.72
N ASN B 10 -13.28 -1.02 -25.66
CA ASN B 10 -12.69 -0.03 -24.78
C ASN B 10 -12.18 -0.65 -23.49
N VAL B 11 -12.59 -1.87 -23.22
CA VAL B 11 -12.20 -2.53 -21.99
C VAL B 11 -11.54 -3.85 -22.30
N ILE B 12 -10.33 -3.98 -21.84
CA ILE B 12 -9.57 -5.17 -22.04
C ILE B 12 -9.06 -5.69 -20.71
N SER B 13 -8.59 -6.87 -20.72
CA SER B 13 -8.07 -7.53 -19.60
C SER B 13 -6.73 -8.12 -19.99
N VAL B 14 -5.71 -7.68 -19.33
CA VAL B 14 -4.38 -8.07 -19.65
C VAL B 14 -3.77 -8.85 -18.50
N VAL B 15 -2.72 -9.57 -18.78
CA VAL B 15 -2.06 -10.35 -17.77
C VAL B 15 -0.62 -9.87 -17.63
N ASN B 16 -0.32 -9.36 -16.45
CA ASN B 16 0.98 -8.85 -16.08
C ASN B 16 1.97 -10.03 -15.92
N GLU B 17 3.27 -9.75 -16.02
CA GLU B 17 4.31 -10.79 -15.94
C GLU B 17 4.34 -11.44 -14.56
N GLN B 18 3.90 -10.68 -13.56
CA GLN B 18 3.86 -11.14 -12.19
C GLN B 18 2.67 -12.11 -11.96
N GLY B 19 1.76 -12.14 -12.92
CA GLY B 19 0.59 -13.00 -12.81
C GLY B 19 -0.63 -12.27 -12.35
N LYS B 20 -0.68 -11.00 -12.65
CA LYS B 20 -1.78 -10.18 -12.24
C LYS B 20 -2.63 -9.84 -13.41
N GLU B 21 -3.88 -10.15 -13.31
CA GLU B 21 -4.80 -9.78 -14.33
C GLU B 21 -5.16 -8.33 -14.08
N LEU B 22 -5.19 -7.55 -15.10
CA LEU B 22 -5.48 -6.16 -14.99
C LEU B 22 -6.57 -5.83 -15.98
N VAL B 23 -7.50 -5.03 -15.58
CA VAL B 23 -8.53 -4.58 -16.47
C VAL B 23 -8.15 -3.20 -16.88
N VAL B 24 -7.98 -3.01 -18.13
CA VAL B 24 -7.54 -1.76 -18.63
C VAL B 24 -8.63 -1.18 -19.50
N MET B 25 -8.98 0.04 -19.23
CA MET B 25 -10.01 0.70 -19.96
C MET B 25 -9.45 1.90 -20.65
N GLY B 26 -9.78 2.01 -21.89
CA GLY B 26 -9.35 3.10 -22.67
C GLY B 26 -9.95 3.05 -24.01
N ARG B 27 -10.10 4.18 -24.57
CA ARG B 27 -10.70 4.38 -25.87
C ARG B 27 -10.00 3.56 -26.96
N GLY B 28 -10.70 2.54 -27.42
CA GLY B 28 -10.25 1.73 -28.52
C GLY B 28 -9.00 0.96 -28.23
N LEU B 29 -8.92 0.41 -27.03
CA LEU B 29 -7.80 -0.40 -26.64
C LEU B 29 -7.79 -1.74 -27.33
N ALA B 30 -8.96 -2.28 -27.60
CA ALA B 30 -9.02 -3.57 -28.30
C ALA B 30 -8.87 -3.40 -29.79
N PHE B 31 -9.09 -2.20 -30.24
CA PHE B 31 -8.91 -1.86 -31.63
C PHE B 31 -7.42 -1.84 -31.95
N GLN B 32 -7.03 -2.53 -33.02
CA GLN B 32 -5.62 -2.60 -33.48
C GLN B 32 -4.81 -3.49 -32.48
N LYS B 33 -5.56 -4.23 -31.72
CA LYS B 33 -5.04 -5.10 -30.69
C LYS B 33 -5.77 -6.42 -30.73
N LYS B 34 -5.29 -7.39 -29.99
CA LYS B 34 -5.89 -8.72 -29.95
C LYS B 34 -5.37 -9.45 -28.74
N SER B 35 -6.00 -10.55 -28.40
CA SER B 35 -5.49 -11.40 -27.35
C SER B 35 -4.17 -12.04 -27.84
N GLY B 36 -3.11 -11.77 -27.14
CA GLY B 36 -1.83 -12.31 -27.53
C GLY B 36 -0.88 -11.23 -27.98
N ASP B 37 -1.38 -10.03 -28.02
CA ASP B 37 -0.57 -8.89 -28.36
C ASP B 37 -0.22 -8.18 -27.07
N ASP B 38 0.81 -7.38 -27.08
CA ASP B 38 1.23 -6.68 -25.88
C ASP B 38 0.33 -5.46 -25.73
N VAL B 39 0.33 -4.88 -24.59
CA VAL B 39 -0.58 -3.83 -24.26
C VAL B 39 -0.12 -2.47 -24.80
N ASP B 40 -1.08 -1.69 -25.28
CA ASP B 40 -0.84 -0.34 -25.74
C ASP B 40 -1.00 0.57 -24.56
N GLU B 41 0.04 1.28 -24.19
CA GLU B 41 -0.02 2.09 -23.01
C GLU B 41 -0.52 3.51 -23.27
N ALA B 42 -0.61 3.87 -24.53
CA ALA B 42 -1.03 5.21 -24.93
C ALA B 42 -2.51 5.38 -24.71
N ARG B 43 -3.25 4.37 -25.10
CA ARG B 43 -4.70 4.40 -24.97
C ARG B 43 -5.19 4.01 -23.58
N ILE B 44 -4.25 3.70 -22.71
CA ILE B 44 -4.59 3.41 -21.34
C ILE B 44 -5.04 4.66 -20.63
N GLU B 45 -6.27 4.70 -20.28
CA GLU B 45 -6.80 5.77 -19.52
C GLU B 45 -6.87 5.34 -18.08
N LYS B 46 -7.49 4.20 -17.87
CA LYS B 46 -7.70 3.67 -16.55
C LYS B 46 -7.23 2.25 -16.47
N VAL B 47 -6.61 1.90 -15.38
CA VAL B 47 -6.14 0.56 -15.15
C VAL B 47 -6.83 0.10 -13.90
N PHE B 48 -7.08 -1.15 -13.80
CA PHE B 48 -7.63 -1.74 -12.61
C PHE B 48 -6.82 -2.98 -12.32
N THR B 49 -6.31 -3.09 -11.13
CA THR B 49 -5.48 -4.22 -10.77
C THR B 49 -6.28 -5.23 -9.93
N LEU B 50 -6.01 -6.50 -10.16
CA LEU B 50 -6.72 -7.59 -9.51
C LEU B 50 -6.44 -7.71 -8.02
N ASP B 51 -7.50 -7.68 -7.26
CA ASP B 51 -7.49 -7.92 -5.84
C ASP B 51 -8.37 -9.13 -5.55
N ASN B 52 -8.03 -9.87 -4.53
CA ASN B 52 -8.75 -11.08 -4.19
C ASN B 52 -9.36 -10.96 -2.82
N LYS B 53 -10.70 -11.04 -2.77
CA LYS B 53 -11.47 -10.92 -1.51
C LYS B 53 -11.03 -11.99 -0.52
N ASP B 54 -10.66 -13.08 -1.06
CA ASP B 54 -10.36 -14.24 -0.28
C ASP B 54 -8.95 -14.21 0.33
N VAL B 55 -8.17 -13.26 -0.09
CA VAL B 55 -6.88 -13.05 0.50
C VAL B 55 -6.89 -11.73 1.25
N SER B 56 -7.29 -10.71 0.57
CA SER B 56 -7.19 -9.37 1.06
C SER B 56 -8.41 -8.93 1.82
N GLU B 57 -8.36 -8.85 3.14
CA GLU B 57 -9.45 -8.21 3.79
C GLU B 57 -9.22 -6.70 3.87
N LYS B 58 -8.08 -6.34 4.45
CA LYS B 58 -7.75 -4.94 4.67
C LYS B 58 -7.12 -4.26 3.49
N PHE B 59 -6.27 -4.98 2.74
CA PHE B 59 -5.70 -4.43 1.46
C PHE B 59 -6.83 -3.96 0.58
N LYS B 60 -7.93 -4.65 0.70
CA LYS B 60 -9.08 -4.42 -0.07
C LYS B 60 -9.85 -3.20 0.44
N THR B 61 -10.31 -3.25 1.67
CA THR B 61 -11.17 -2.23 2.21
C THR B 61 -10.45 -0.90 2.46
N LEU B 62 -9.21 -0.97 2.88
CA LEU B 62 -8.47 0.21 3.21
C LEU B 62 -8.04 0.98 1.97
N LEU B 63 -7.54 0.28 0.93
CA LEU B 63 -7.20 0.96 -0.34
C LEU B 63 -8.41 1.64 -0.96
N TYR B 64 -9.60 1.08 -0.72
CA TYR B 64 -10.83 1.71 -1.20
C TYR B 64 -11.08 3.02 -0.50
N ASP B 65 -10.81 3.04 0.80
CA ASP B 65 -11.19 4.17 1.63
C ASP B 65 -10.19 5.28 1.65
N ILE B 66 -9.00 4.97 1.25
CA ILE B 66 -7.92 5.97 1.18
C ILE B 66 -8.32 7.11 0.24
N PRO B 67 -8.56 8.32 0.79
CA PRO B 67 -9.02 9.47 0.01
C PRO B 67 -8.05 9.82 -1.11
N ILE B 68 -8.60 10.28 -2.22
CA ILE B 68 -7.81 10.65 -3.38
C ILE B 68 -6.86 11.79 -3.03
N GLU B 69 -7.31 12.63 -2.12
CA GLU B 69 -6.54 13.73 -1.60
C GLU B 69 -5.28 13.20 -0.90
N CYS B 70 -5.47 12.27 0.04
CA CYS B 70 -4.36 11.69 0.78
C CYS B 70 -3.43 10.91 -0.15
N MET B 71 -4.01 10.34 -1.20
CA MET B 71 -3.27 9.62 -2.21
C MET B 71 -2.36 10.57 -2.96
N GLU B 72 -2.89 11.72 -3.35
CA GLU B 72 -2.13 12.72 -4.07
C GLU B 72 -1.06 13.29 -3.17
N VAL B 73 -1.41 13.49 -1.91
CA VAL B 73 -0.51 13.99 -0.90
C VAL B 73 0.72 13.11 -0.78
N SER B 74 0.50 11.81 -0.66
CA SER B 74 1.60 10.88 -0.49
C SER B 74 2.43 10.83 -1.76
N GLU B 75 1.75 10.88 -2.89
CA GLU B 75 2.40 10.84 -4.16
C GLU B 75 3.33 12.06 -4.31
N GLU B 76 2.85 13.24 -3.89
CA GLU B 76 3.63 14.46 -3.95
C GLU B 76 4.83 14.41 -3.00
N ILE B 77 4.65 13.81 -1.84
CA ILE B 77 5.74 13.65 -0.88
C ILE B 77 6.86 12.85 -1.50
N ILE B 78 6.49 11.77 -2.16
CA ILE B 78 7.48 10.95 -2.75
C ILE B 78 7.98 11.59 -4.03
N SER B 79 7.13 12.38 -4.68
CA SER B 79 7.54 13.14 -5.85
C SER B 79 8.68 14.07 -5.48
N TYR B 80 8.55 14.71 -4.32
CA TYR B 80 9.59 15.57 -3.82
C TYR B 80 10.83 14.76 -3.54
N ALA B 81 10.64 13.62 -2.93
CA ALA B 81 11.75 12.72 -2.63
C ALA B 81 12.45 12.20 -3.89
N LYS B 82 11.69 11.80 -4.89
CA LYS B 82 12.27 11.24 -6.10
C LYS B 82 12.88 12.32 -6.99
N LEU B 83 12.39 13.55 -6.85
CA LEU B 83 12.95 14.66 -7.59
C LEU B 83 14.22 15.18 -6.89
N GLN B 84 14.18 15.24 -5.56
CA GLN B 84 15.27 15.77 -4.76
C GLN B 84 16.41 14.76 -4.63
N LEU B 85 16.08 13.57 -4.15
CA LEU B 85 17.06 12.53 -3.89
C LEU B 85 17.51 11.86 -5.18
N GLY B 86 16.58 11.77 -6.12
CA GLY B 86 16.88 11.09 -7.36
C GLY B 86 16.74 9.59 -7.22
N LYS B 87 16.09 9.19 -6.15
CA LYS B 87 15.88 7.79 -5.86
C LYS B 87 14.41 7.51 -5.81
N LYS B 88 14.00 6.45 -6.46
CA LYS B 88 12.61 6.08 -6.50
C LYS B 88 12.34 5.04 -5.43
N LEU B 89 11.88 5.54 -4.31
CA LEU B 89 11.67 4.79 -3.09
C LEU B 89 10.63 3.69 -3.23
N ASN B 90 10.86 2.63 -2.46
CA ASN B 90 9.98 1.45 -2.36
C ASN B 90 8.58 1.84 -1.83
N ASP B 91 7.58 1.06 -2.19
CA ASP B 91 6.15 1.35 -1.87
C ASP B 91 5.86 1.30 -0.37
N SER B 92 6.84 0.82 0.41
CA SER B 92 6.75 0.83 1.85
C SER B 92 6.65 2.27 2.42
N ILE B 93 6.80 3.27 1.54
CA ILE B 93 6.62 4.65 1.95
C ILE B 93 5.37 5.27 1.26
N TYR B 94 4.98 4.76 0.11
CA TYR B 94 3.81 5.28 -0.61
C TYR B 94 2.51 4.99 0.09
N VAL B 95 2.15 3.74 0.13
CA VAL B 95 0.89 3.37 0.71
C VAL B 95 0.92 3.56 2.23
N SER B 96 2.09 3.56 2.83
CA SER B 96 2.16 3.77 4.22
C SER B 96 1.83 5.22 4.52
N LEU B 97 2.29 6.15 3.65
CA LEU B 97 2.00 7.54 3.88
C LEU B 97 0.58 7.89 3.59
N THR B 98 -0.06 7.17 2.68
CA THR B 98 -1.46 7.44 2.42
C THR B 98 -2.29 7.12 3.63
N ASN B 99 -1.94 6.06 4.31
CA ASN B 99 -2.64 5.71 5.50
C ASN B 99 -2.17 6.57 6.64
N HIS B 100 -0.89 6.83 6.67
CA HIS B 100 -0.29 7.65 7.71
C HIS B 100 -0.88 9.03 7.70
N ILE B 101 -0.99 9.64 6.52
CA ILE B 101 -1.52 10.98 6.44
C ILE B 101 -3.00 10.96 6.80
N ASN B 102 -3.71 9.95 6.33
CA ASN B 102 -5.13 9.86 6.60
C ASN B 102 -5.39 9.66 8.08
N PHE B 103 -4.62 8.78 8.69
CA PHE B 103 -4.80 8.50 10.09
C PHE B 103 -4.31 9.64 10.92
N ALA B 104 -3.24 10.30 10.48
CA ALA B 104 -2.70 11.45 11.18
C ALA B 104 -3.70 12.57 11.17
N ILE B 105 -4.33 12.81 10.02
CA ILE B 105 -5.32 13.86 9.92
C ILE B 105 -6.54 13.49 10.77
N GLN B 106 -6.94 12.22 10.72
CA GLN B 106 -8.10 11.77 11.46
C GLN B 106 -7.87 11.92 12.96
N ARG B 107 -6.69 11.53 13.42
CA ARG B 107 -6.38 11.63 14.82
C ARG B 107 -6.12 13.08 15.22
N ASN B 108 -5.64 13.87 14.27
CA ASN B 108 -5.44 15.30 14.46
C ASN B 108 -6.78 15.98 14.70
N GLN B 109 -7.78 15.58 13.92
CA GLN B 109 -9.10 16.12 14.03
C GLN B 109 -9.75 15.70 15.35
N LYS B 110 -9.45 14.50 15.77
CA LYS B 110 -10.03 13.99 16.99
C LYS B 110 -9.30 14.50 18.25
N GLY B 111 -8.14 15.03 18.05
CA GLY B 111 -7.36 15.54 19.15
C GLY B 111 -6.56 14.45 19.83
N LEU B 112 -6.13 13.50 19.05
CA LEU B 112 -5.33 12.40 19.52
C LEU B 112 -4.00 12.38 18.78
N ASP B 113 -2.97 12.86 19.41
CA ASP B 113 -1.65 12.86 18.80
C ASP B 113 -0.84 11.74 19.37
N ILE B 114 0.19 11.35 18.66
CA ILE B 114 1.11 10.35 19.15
C ILE B 114 2.46 10.99 19.24
N LYS B 115 3.38 10.40 19.92
CA LYS B 115 4.70 10.95 19.97
C LYS B 115 5.74 9.88 19.70
N ASN B 116 6.82 10.31 19.14
CA ASN B 116 7.91 9.43 18.81
C ASN B 116 8.91 9.49 19.97
N ALA B 117 9.12 8.38 20.65
CA ALA B 117 10.01 8.37 21.82
C ALA B 117 11.45 8.14 21.43
N LEU B 118 11.67 8.12 20.16
CA LEU B 118 12.97 7.95 19.58
C LEU B 118 13.28 9.20 18.76
N LEU B 119 12.45 10.23 18.95
CA LEU B 119 12.51 11.46 18.16
C LEU B 119 13.84 12.16 18.27
N TRP B 120 14.27 12.39 19.48
CA TRP B 120 15.49 13.16 19.71
C TRP B 120 16.73 12.38 19.32
N GLU B 121 16.59 11.09 19.28
CA GLU B 121 17.64 10.24 18.83
C GLU B 121 17.68 10.29 17.28
N THR B 122 16.53 10.00 16.67
CA THR B 122 16.36 9.96 15.21
C THR B 122 16.73 11.29 14.55
N LYS B 123 16.23 12.38 15.11
CA LYS B 123 16.42 13.73 14.57
C LYS B 123 17.90 14.12 14.52
N ARG B 124 18.67 13.58 15.43
CA ARG B 124 20.07 13.86 15.47
C ARG B 124 20.86 12.94 14.56
N LEU B 125 20.49 11.67 14.53
CA LEU B 125 21.21 10.72 13.70
C LEU B 125 20.93 10.94 12.23
N TYR B 126 19.67 11.11 11.91
CA TYR B 126 19.22 11.23 10.53
C TYR B 126 18.73 12.64 10.31
N LYS B 127 19.58 13.57 10.72
CA LYS B 127 19.30 15.01 10.71
C LYS B 127 18.85 15.54 9.36
N ASP B 128 19.58 15.20 8.32
CA ASP B 128 19.30 15.75 7.00
C ASP B 128 18.19 15.03 6.32
N GLU B 129 18.09 13.78 6.60
CA GLU B 129 17.04 12.94 6.08
C GLU B 129 15.71 13.41 6.65
N PHE B 130 15.74 13.70 7.93
CA PHE B 130 14.60 14.20 8.66
C PHE B 130 14.23 15.61 8.17
N ALA B 131 15.26 16.40 7.85
CA ALA B 131 15.07 17.72 7.29
C ALA B 131 14.34 17.65 5.94
N ILE B 132 14.74 16.70 5.10
CA ILE B 132 14.09 16.48 3.79
C ILE B 132 12.65 16.04 4.01
N GLY B 133 12.45 15.19 5.02
CA GLY B 133 11.12 14.76 5.41
C GLY B 133 10.26 15.96 5.77
N LYS B 134 10.84 16.87 6.54
CA LYS B 134 10.17 18.10 6.92
C LYS B 134 9.85 18.96 5.73
N GLU B 135 10.80 19.11 4.83
CA GLU B 135 10.62 19.96 3.65
C GLU B 135 9.48 19.48 2.78
N ALA B 136 9.26 18.18 2.73
CA ALA B 136 8.14 17.65 2.00
C ALA B 136 6.88 17.81 2.82
N LEU B 137 7.00 17.57 4.10
CA LEU B 137 5.89 17.65 5.02
C LEU B 137 5.34 19.07 5.10
N VAL B 138 6.22 20.07 5.11
CA VAL B 138 5.80 21.46 5.14
C VAL B 138 5.02 21.81 3.88
N MET B 139 5.52 21.36 2.74
CA MET B 139 4.87 21.60 1.45
C MET B 139 3.46 21.03 1.45
N VAL B 140 3.34 19.86 2.03
CA VAL B 140 2.06 19.24 2.21
C VAL B 140 1.21 20.01 3.19
N LYS B 141 1.80 20.42 4.29
CA LYS B 141 1.08 21.09 5.35
C LYS B 141 0.58 22.47 4.89
N ASN B 142 1.34 23.12 3.99
CA ASN B 142 0.88 24.38 3.42
C ASN B 142 -0.36 24.16 2.58
N LYS B 143 -0.34 23.11 1.77
CA LYS B 143 -1.48 22.78 0.95
C LYS B 143 -2.69 22.31 1.75
N THR B 144 -2.46 21.55 2.78
CA THR B 144 -3.54 21.00 3.56
C THR B 144 -4.06 21.97 4.61
N GLY B 145 -3.19 22.75 5.15
CA GLY B 145 -3.53 23.68 6.18
C GLY B 145 -3.42 23.02 7.55
N VAL B 146 -2.90 21.82 7.58
CA VAL B 146 -2.75 21.06 8.80
C VAL B 146 -1.28 20.87 9.08
N SER B 147 -0.81 21.32 10.21
CA SER B 147 0.58 21.18 10.54
C SER B 147 0.82 19.87 11.30
N LEU B 148 1.62 19.00 10.70
CA LEU B 148 1.95 17.73 11.30
C LEU B 148 3.19 17.88 12.21
N PRO B 149 3.30 17.06 13.27
CA PRO B 149 4.37 17.17 14.23
C PRO B 149 5.67 16.46 13.81
N GLU B 150 6.75 16.77 14.52
CA GLU B 150 8.09 16.21 14.25
C GLU B 150 8.15 14.70 14.50
N ASP B 151 7.37 14.25 15.44
CA ASP B 151 7.27 12.84 15.81
C ASP B 151 6.77 12.00 14.64
N GLU B 152 5.63 12.38 14.08
CA GLU B 152 5.08 11.74 12.86
C GLU B 152 6.10 11.80 11.72
N ALA B 153 6.75 12.97 11.58
CA ALA B 153 7.78 13.18 10.57
C ALA B 153 8.95 12.20 10.76
N GLY B 154 9.25 11.90 12.01
CA GLY B 154 10.27 10.95 12.34
C GLY B 154 9.90 9.58 11.88
N PHE B 155 8.65 9.21 12.06
CA PHE B 155 8.18 7.91 11.59
C PHE B 155 8.25 7.84 10.08
N ILE B 156 7.96 8.96 9.43
CA ILE B 156 8.12 9.08 7.99
C ILE B 156 9.57 8.78 7.59
N ALA B 157 10.52 9.36 8.33
CA ALA B 157 11.96 9.12 8.10
C ALA B 157 12.32 7.64 8.23
N LEU B 158 11.72 6.96 9.21
CA LEU B 158 11.91 5.51 9.38
C LEU B 158 11.39 4.74 8.17
N HIS B 159 10.28 5.17 7.62
CA HIS B 159 9.73 4.53 6.44
C HIS B 159 10.60 4.83 5.22
N ILE B 160 11.24 6.00 5.21
CA ILE B 160 12.19 6.38 4.16
C ILE B 160 13.35 5.41 4.15
N VAL B 161 13.94 5.17 5.31
CA VAL B 161 15.07 4.28 5.39
C VAL B 161 14.67 2.82 5.09
N ASN B 162 13.40 2.50 5.33
CA ASN B 162 12.85 1.19 4.96
C ASN B 162 12.66 1.06 3.47
N ALA B 163 12.45 2.19 2.83
CA ALA B 163 12.28 2.23 1.41
C ALA B 163 13.63 2.19 0.71
N GLU B 164 14.64 2.68 1.41
CA GLU B 164 16.02 2.64 0.95
C GLU B 164 16.53 1.20 0.79
N LEU B 165 17.49 1.04 -0.10
CA LEU B 165 18.14 -0.22 -0.34
C LEU B 165 19.62 -0.09 -0.11
N ASN B 166 19.90 0.70 0.84
CA ASN B 166 21.24 0.99 1.30
C ASN B 166 21.15 1.20 2.78
N GLU B 167 22.20 0.94 3.52
CA GLU B 167 22.16 1.26 4.92
C GLU B 167 22.63 2.68 5.11
N LEU B 168 21.69 3.55 5.25
CA LEU B 168 21.97 4.93 5.42
C LEU B 168 22.21 5.21 6.88
N GLN B 169 23.48 5.32 7.24
CA GLN B 169 23.95 5.49 8.62
C GLN B 169 23.57 4.29 9.47
N MET A 1 -22.31 0.09 -1.88
CA MET A 1 -22.03 0.90 -3.08
C MET A 1 -22.84 0.41 -4.22
N LYS A 2 -22.84 1.16 -5.27
CA LYS A 2 -23.81 0.93 -6.33
C LYS A 2 -23.19 0.65 -7.66
N ILE A 3 -23.96 -0.02 -8.45
CA ILE A 3 -23.61 -0.35 -9.81
C ILE A 3 -23.96 0.85 -10.67
N ALA A 4 -23.06 1.23 -11.53
CA ALA A 4 -23.28 2.34 -12.42
C ALA A 4 -23.31 1.87 -13.86
N LYS A 5 -22.60 0.80 -14.16
CA LYS A 5 -22.52 0.30 -15.50
C LYS A 5 -22.53 -1.21 -15.53
N VAL A 6 -23.15 -1.78 -16.53
CA VAL A 6 -23.24 -3.20 -16.68
C VAL A 6 -22.63 -3.59 -18.01
N ILE A 7 -21.60 -4.39 -17.96
CA ILE A 7 -20.96 -4.89 -19.13
C ILE A 7 -21.64 -6.17 -19.59
N ASN A 8 -21.94 -7.02 -18.64
CA ASN A 8 -22.61 -8.30 -18.91
C ASN A 8 -23.12 -8.84 -17.62
N ASN A 9 -23.77 -9.99 -17.67
CA ASN A 9 -24.36 -10.60 -16.48
C ASN A 9 -23.36 -10.90 -15.36
N ASN A 10 -22.10 -11.14 -15.70
CA ASN A 10 -21.09 -11.42 -14.69
C ASN A 10 -20.26 -10.21 -14.36
N VAL A 11 -20.16 -9.29 -15.27
CA VAL A 11 -19.27 -8.17 -15.08
C VAL A 11 -20.04 -6.86 -14.93
N ILE A 12 -19.81 -6.21 -13.82
CA ILE A 12 -20.46 -4.97 -13.52
C ILE A 12 -19.44 -3.88 -13.27
N SER A 13 -19.90 -2.69 -13.31
CA SER A 13 -19.13 -1.53 -13.07
C SER A 13 -19.79 -0.78 -11.92
N VAL A 14 -19.07 -0.66 -10.87
CA VAL A 14 -19.53 -0.09 -9.63
C VAL A 14 -18.85 1.23 -9.39
N VAL A 15 -19.48 2.12 -8.69
CA VAL A 15 -18.86 3.36 -8.27
C VAL A 15 -18.90 3.39 -6.77
N ASN A 16 -17.76 3.44 -6.15
CA ASN A 16 -17.69 3.41 -4.73
C ASN A 16 -17.72 4.82 -4.12
N GLU A 17 -17.51 4.87 -2.82
CA GLU A 17 -17.61 6.08 -2.03
C GLU A 17 -16.52 7.10 -2.39
N GLN A 18 -15.41 6.62 -2.87
CA GLN A 18 -14.30 7.47 -3.23
C GLN A 18 -14.36 7.93 -4.68
N GLY A 19 -15.41 7.55 -5.38
CA GLY A 19 -15.66 8.08 -6.69
C GLY A 19 -14.94 7.36 -7.79
N LYS A 20 -14.50 6.17 -7.53
CA LYS A 20 -13.85 5.41 -8.53
C LYS A 20 -14.65 4.23 -8.91
N GLU A 21 -14.55 3.88 -10.17
CA GLU A 21 -15.26 2.77 -10.73
C GLU A 21 -14.55 1.47 -10.33
N LEU A 22 -15.30 0.43 -10.23
CA LEU A 22 -14.79 -0.87 -9.94
C LEU A 22 -15.40 -1.80 -10.93
N VAL A 23 -14.65 -2.68 -11.45
CA VAL A 23 -15.16 -3.68 -12.33
C VAL A 23 -15.19 -4.96 -11.55
N VAL A 24 -16.34 -5.38 -11.20
CA VAL A 24 -16.48 -6.52 -10.38
C VAL A 24 -17.03 -7.65 -11.22
N MET A 25 -16.43 -8.80 -11.10
CA MET A 25 -16.85 -9.95 -11.85
C MET A 25 -17.31 -11.04 -10.92
N GLY A 26 -18.46 -11.54 -11.21
CA GLY A 26 -19.00 -12.62 -10.47
C GLY A 26 -20.19 -13.16 -11.17
N ARG A 27 -20.39 -14.42 -11.03
CA ARG A 27 -21.43 -15.13 -11.72
C ARG A 27 -22.81 -14.61 -11.38
N GLY A 28 -23.38 -13.91 -12.33
CA GLY A 28 -24.70 -13.40 -12.20
C GLY A 28 -24.82 -12.22 -11.27
N LEU A 29 -23.81 -11.37 -11.28
CA LEU A 29 -23.84 -10.15 -10.49
C LEU A 29 -24.85 -9.16 -11.04
N ALA A 30 -24.91 -9.06 -12.35
CA ALA A 30 -25.83 -8.15 -12.99
C ALA A 30 -27.15 -8.85 -13.25
N PHE A 31 -27.17 -10.14 -13.03
CA PHE A 31 -28.38 -10.88 -13.14
C PHE A 31 -29.16 -10.63 -11.87
N GLN A 32 -30.35 -10.03 -12.01
CA GLN A 32 -31.22 -9.70 -10.88
C GLN A 32 -30.74 -8.38 -10.19
N LYS A 33 -29.86 -7.71 -10.90
CA LYS A 33 -29.33 -6.42 -10.51
C LYS A 33 -29.30 -5.50 -11.69
N LYS A 34 -29.01 -4.24 -11.44
CA LYS A 34 -28.90 -3.23 -12.45
C LYS A 34 -28.17 -2.04 -11.87
N SER A 35 -27.89 -1.06 -12.70
CA SER A 35 -27.27 0.15 -12.23
C SER A 35 -28.26 0.89 -11.32
N GLY A 36 -27.77 1.35 -10.19
CA GLY A 36 -28.62 2.02 -9.24
C GLY A 36 -28.92 1.17 -8.04
N ASP A 37 -28.59 -0.08 -8.15
CA ASP A 37 -28.78 -1.01 -7.08
C ASP A 37 -27.47 -1.22 -6.36
N ASP A 38 -27.55 -1.57 -5.11
CA ASP A 38 -26.37 -1.75 -4.27
C ASP A 38 -25.78 -3.12 -4.56
N VAL A 39 -24.49 -3.19 -4.62
CA VAL A 39 -23.78 -4.37 -5.06
C VAL A 39 -23.84 -5.55 -4.07
N ASP A 40 -24.25 -6.68 -4.62
CA ASP A 40 -24.31 -7.97 -3.94
C ASP A 40 -22.89 -8.51 -3.83
N GLU A 41 -22.38 -8.70 -2.62
CA GLU A 41 -21.03 -9.15 -2.49
C GLU A 41 -20.94 -10.67 -2.54
N ALA A 42 -22.07 -11.33 -2.36
CA ALA A 42 -22.13 -12.79 -2.33
C ALA A 42 -21.68 -13.38 -3.66
N ARG A 43 -22.07 -12.72 -4.73
CA ARG A 43 -21.71 -13.15 -6.06
C ARG A 43 -20.40 -12.56 -6.53
N ILE A 44 -19.79 -11.71 -5.73
CA ILE A 44 -18.50 -11.15 -6.07
C ILE A 44 -17.42 -12.21 -5.94
N GLU A 45 -16.73 -12.41 -7.02
CA GLU A 45 -15.64 -13.32 -7.08
C GLU A 45 -14.36 -12.54 -7.29
N LYS A 46 -14.41 -11.64 -8.25
CA LYS A 46 -13.25 -10.87 -8.64
C LYS A 46 -13.56 -9.39 -8.54
N VAL A 47 -12.64 -8.63 -7.99
CA VAL A 47 -12.83 -7.21 -7.85
C VAL A 47 -11.69 -6.48 -8.54
N PHE A 48 -12.00 -5.67 -9.50
CA PHE A 48 -11.02 -4.84 -10.12
C PHE A 48 -11.28 -3.39 -9.72
N THR A 49 -10.27 -2.71 -9.29
CA THR A 49 -10.41 -1.33 -8.87
C THR A 49 -9.78 -0.39 -9.88
N LEU A 50 -10.47 0.71 -10.17
CA LEU A 50 -9.98 1.71 -11.10
C LEU A 50 -8.86 2.53 -10.52
N ASP A 51 -7.87 2.71 -11.31
CA ASP A 51 -6.81 3.59 -11.01
C ASP A 51 -6.40 4.27 -12.31
N ASN A 52 -5.94 5.48 -12.22
CA ASN A 52 -5.57 6.22 -13.36
C ASN A 52 -4.08 6.30 -13.41
N LYS A 53 -3.50 5.93 -14.54
CA LYS A 53 -2.06 6.01 -14.71
C LYS A 53 -1.64 7.47 -14.76
N ASP A 54 -2.62 8.29 -15.03
CA ASP A 54 -2.47 9.73 -15.15
C ASP A 54 -2.14 10.35 -13.82
N VAL A 55 -2.78 9.87 -12.80
CA VAL A 55 -2.55 10.37 -11.49
C VAL A 55 -1.53 9.50 -10.78
N SER A 56 -1.71 8.22 -10.89
CA SER A 56 -0.99 7.30 -10.11
C SER A 56 -0.19 6.34 -10.98
N GLU A 57 0.93 6.77 -11.47
CA GLU A 57 1.75 5.89 -12.22
C GLU A 57 2.67 5.05 -11.36
N LYS A 58 3.15 5.61 -10.26
CA LYS A 58 3.97 4.89 -9.31
C LYS A 58 3.13 3.95 -8.46
N PHE A 59 2.06 4.50 -7.89
CA PHE A 59 1.17 3.78 -6.95
C PHE A 59 0.73 2.42 -7.48
N LYS A 60 0.29 2.40 -8.69
CA LYS A 60 -0.21 1.20 -9.29
C LYS A 60 0.91 0.25 -9.76
N THR A 61 2.04 0.81 -10.18
CA THR A 61 3.13 -0.03 -10.64
C THR A 61 3.80 -0.74 -9.47
N LEU A 62 3.72 -0.14 -8.29
CA LEU A 62 4.19 -0.76 -7.08
C LEU A 62 3.35 -2.01 -6.81
N LEU A 63 2.03 -1.82 -6.81
CA LEU A 63 1.07 -2.90 -6.57
C LEU A 63 1.17 -4.02 -7.61
N TYR A 64 1.58 -3.67 -8.85
CA TYR A 64 1.80 -4.70 -9.88
C TYR A 64 2.89 -5.66 -9.44
N ASP A 65 3.95 -5.10 -8.90
CA ASP A 65 5.16 -5.84 -8.58
C ASP A 65 5.12 -6.43 -7.15
N ILE A 66 3.95 -6.40 -6.57
CA ILE A 66 3.71 -7.04 -5.29
C ILE A 66 3.20 -8.46 -5.55
N PRO A 67 4.06 -9.49 -5.39
CA PRO A 67 3.68 -10.87 -5.67
C PRO A 67 2.64 -11.40 -4.68
N ILE A 68 1.75 -12.26 -5.18
CA ILE A 68 0.69 -12.88 -4.37
C ILE A 68 1.29 -13.63 -3.15
N GLU A 69 2.46 -14.21 -3.35
CA GLU A 69 3.19 -14.91 -2.31
C GLU A 69 3.54 -13.95 -1.17
N CYS A 70 4.25 -12.88 -1.51
CA CYS A 70 4.68 -11.89 -0.52
C CYS A 70 3.48 -11.25 0.17
N MET A 71 2.40 -11.09 -0.58
CA MET A 71 1.20 -10.50 -0.03
C MET A 71 0.54 -11.45 0.96
N GLU A 72 0.57 -12.74 0.66
CA GLU A 72 -0.01 -13.74 1.55
C GLU A 72 0.79 -13.82 2.84
N VAL A 73 2.12 -13.81 2.70
CA VAL A 73 3.02 -13.87 3.85
C VAL A 73 2.78 -12.69 4.77
N SER A 74 2.63 -11.51 4.19
CA SER A 74 2.38 -10.32 4.96
C SER A 74 1.03 -10.41 5.66
N GLU A 75 0.02 -10.94 4.95
CA GLU A 75 -1.31 -11.08 5.51
C GLU A 75 -1.21 -11.98 6.75
N GLU A 76 -0.46 -13.09 6.62
CA GLU A 76 -0.27 -14.05 7.72
C GLU A 76 0.43 -13.42 8.92
N ILE A 77 1.39 -12.54 8.65
CA ILE A 77 2.11 -11.81 9.70
C ILE A 77 1.14 -10.93 10.43
N ILE A 78 0.34 -10.23 9.67
CA ILE A 78 -0.64 -9.37 10.23
C ILE A 78 -1.69 -10.19 10.95
N SER A 79 -1.99 -11.36 10.42
CA SER A 79 -2.95 -12.28 10.99
C SER A 79 -2.56 -12.68 12.40
N TYR A 80 -1.28 -12.93 12.61
CA TYR A 80 -0.79 -13.27 13.93
C TYR A 80 -0.91 -12.06 14.85
N ALA A 81 -0.53 -10.92 14.33
CA ALA A 81 -0.60 -9.67 15.11
C ALA A 81 -2.06 -9.30 15.41
N LYS A 82 -2.89 -9.53 14.42
CA LYS A 82 -4.33 -9.27 14.45
C LYS A 82 -4.97 -10.06 15.58
N LEU A 83 -4.63 -11.34 15.64
CA LEU A 83 -5.18 -12.23 16.63
C LEU A 83 -4.66 -11.88 18.02
N GLN A 84 -3.40 -11.53 18.07
CA GLN A 84 -2.72 -11.29 19.32
C GLN A 84 -3.13 -9.97 19.97
N LEU A 85 -3.17 -8.92 19.18
CA LEU A 85 -3.47 -7.61 19.68
C LEU A 85 -4.95 -7.31 19.73
N GLY A 86 -5.67 -7.68 18.67
CA GLY A 86 -7.06 -7.31 18.58
C GLY A 86 -7.22 -5.86 18.17
N LYS A 87 -6.20 -5.36 17.53
CA LYS A 87 -6.15 -3.99 17.07
C LYS A 87 -6.45 -3.93 15.60
N LYS A 88 -6.92 -2.79 15.18
CA LYS A 88 -7.03 -2.50 13.79
C LYS A 88 -5.69 -1.98 13.35
N LEU A 89 -4.99 -2.75 12.62
CA LEU A 89 -3.71 -2.34 12.14
C LEU A 89 -3.88 -1.66 10.81
N ASN A 90 -3.40 -0.44 10.73
CA ASN A 90 -3.48 0.36 9.51
C ASN A 90 -2.72 -0.33 8.37
N ASP A 91 -3.21 -0.14 7.16
CA ASP A 91 -2.67 -0.77 5.92
C ASP A 91 -1.22 -0.35 5.68
N SER A 92 -0.82 0.70 6.37
CA SER A 92 0.53 1.20 6.36
C SER A 92 1.54 0.13 6.87
N ILE A 93 1.05 -0.98 7.46
CA ILE A 93 1.92 -2.09 7.85
C ILE A 93 1.76 -3.25 6.84
N TYR A 94 0.58 -3.38 6.27
CA TYR A 94 0.27 -4.47 5.34
C TYR A 94 1.09 -4.38 4.10
N VAL A 95 0.89 -3.33 3.35
CA VAL A 95 1.55 -3.16 2.09
C VAL A 95 3.05 -2.95 2.32
N SER A 96 3.40 -2.30 3.43
CA SER A 96 4.79 -2.05 3.67
C SER A 96 5.53 -3.34 3.97
N LEU A 97 4.84 -4.33 4.55
CA LEU A 97 5.48 -5.59 4.81
C LEU A 97 5.59 -6.41 3.56
N THR A 98 4.71 -6.19 2.60
CA THR A 98 4.80 -6.95 1.37
C THR A 98 6.04 -6.59 0.61
N ASN A 99 6.38 -5.32 0.60
CA ASN A 99 7.60 -4.92 -0.04
C ASN A 99 8.78 -5.25 0.87
N HIS A 100 8.58 -5.05 2.18
CA HIS A 100 9.64 -5.24 3.16
C HIS A 100 10.10 -6.69 3.20
N ILE A 101 9.16 -7.64 3.13
CA ILE A 101 9.53 -9.05 3.16
C ILE A 101 10.28 -9.43 1.89
N ASN A 102 9.83 -8.88 0.77
CA ASN A 102 10.45 -9.16 -0.52
C ASN A 102 11.86 -8.58 -0.52
N PHE A 103 12.00 -7.38 0.01
CA PHE A 103 13.29 -6.76 0.10
C PHE A 103 14.15 -7.37 1.17
N ALA A 104 13.55 -8.00 2.17
CA ALA A 104 14.30 -8.71 3.19
C ALA A 104 14.99 -9.90 2.55
N ILE A 105 14.26 -10.55 1.63
CA ILE A 105 14.82 -11.64 0.85
C ILE A 105 15.96 -11.10 -0.01
N GLN A 106 15.69 -9.97 -0.63
CA GLN A 106 16.67 -9.26 -1.46
C GLN A 106 17.94 -8.94 -0.65
N ARG A 107 17.75 -8.43 0.56
CA ARG A 107 18.83 -8.06 1.47
C ARG A 107 19.64 -9.31 1.81
N ASN A 108 18.95 -10.37 2.11
CA ASN A 108 19.57 -11.62 2.53
C ASN A 108 20.36 -12.25 1.40
N GLN A 109 19.89 -12.08 0.19
CA GLN A 109 20.56 -12.66 -0.96
C GLN A 109 21.71 -11.78 -1.45
N LYS A 110 21.78 -10.56 -0.95
CA LYS A 110 22.81 -9.66 -1.35
C LYS A 110 23.74 -9.29 -0.21
N GLY A 111 23.64 -10.03 0.87
CA GLY A 111 24.54 -9.84 2.00
C GLY A 111 24.35 -8.52 2.69
N LEU A 112 23.12 -8.09 2.81
CA LEU A 112 22.80 -6.86 3.48
C LEU A 112 21.73 -7.10 4.55
N ASP A 113 21.80 -6.33 5.58
CA ASP A 113 20.83 -6.30 6.65
C ASP A 113 20.71 -4.84 7.01
N ILE A 114 19.52 -4.35 7.28
CA ILE A 114 19.42 -2.97 7.68
C ILE A 114 19.61 -2.87 9.17
N LYS A 115 20.75 -2.36 9.54
CA LYS A 115 21.19 -2.38 10.91
C LYS A 115 20.62 -1.21 11.68
N ASN A 116 19.91 -1.54 12.73
CA ASN A 116 19.28 -0.56 13.55
C ASN A 116 20.18 -0.26 14.74
N ALA A 117 20.74 0.93 14.80
CA ALA A 117 21.65 1.28 15.89
C ALA A 117 20.91 1.78 17.10
N LEU A 118 19.63 1.79 16.96
CA LEU A 118 18.72 2.09 18.03
C LEU A 118 18.05 0.79 18.39
N LEU A 119 18.79 -0.30 18.13
CA LEU A 119 18.33 -1.66 18.30
C LEU A 119 17.79 -1.89 19.67
N TRP A 120 18.62 -1.64 20.63
CA TRP A 120 18.24 -1.89 21.99
C TRP A 120 17.25 -0.87 22.51
N GLU A 121 17.42 0.36 22.08
CA GLU A 121 16.54 1.46 22.43
C GLU A 121 15.10 1.13 22.03
N THR A 122 14.97 0.63 20.82
CA THR A 122 13.70 0.19 20.28
C THR A 122 13.17 -0.99 21.11
N LYS A 123 14.04 -1.94 21.38
CA LYS A 123 13.68 -3.16 22.07
C LYS A 123 13.29 -2.90 23.56
N ARG A 124 13.69 -1.76 24.10
CA ARG A 124 13.30 -1.38 25.44
C ARG A 124 11.93 -0.68 25.43
N LEU A 125 11.86 0.42 24.69
CA LEU A 125 10.69 1.30 24.71
C LEU A 125 9.53 0.80 23.87
N TYR A 126 9.83 0.03 22.87
CA TYR A 126 8.83 -0.53 21.99
C TYR A 126 8.93 -2.04 22.09
N LYS A 127 9.21 -2.49 23.29
CA LYS A 127 9.42 -3.90 23.62
C LYS A 127 8.26 -4.78 23.19
N ASP A 128 7.06 -4.39 23.56
CA ASP A 128 5.88 -5.22 23.33
C ASP A 128 5.55 -5.37 21.88
N GLU A 129 5.57 -4.27 21.17
CA GLU A 129 5.32 -4.29 19.74
C GLU A 129 6.47 -4.96 18.99
N PHE A 130 7.69 -4.79 19.49
CA PHE A 130 8.85 -5.45 18.94
C PHE A 130 8.65 -6.95 19.08
N ALA A 131 8.22 -7.36 20.26
CA ALA A 131 7.97 -8.76 20.57
C ALA A 131 6.89 -9.33 19.66
N ILE A 132 5.86 -8.54 19.37
CA ILE A 132 4.80 -8.98 18.47
C ILE A 132 5.38 -9.25 17.09
N GLY A 133 6.21 -8.34 16.63
CA GLY A 133 6.85 -8.48 15.34
C GLY A 133 7.84 -9.60 15.35
N LYS A 134 8.51 -9.76 16.47
CA LYS A 134 9.51 -10.78 16.67
C LYS A 134 8.89 -12.16 16.73
N GLU A 135 7.79 -12.33 17.46
CA GLU A 135 7.13 -13.63 17.50
C GLU A 135 6.54 -14.00 16.15
N ALA A 136 6.14 -12.99 15.41
CA ALA A 136 5.69 -13.19 14.06
C ALA A 136 6.89 -13.59 13.20
N LEU A 137 8.01 -12.93 13.43
CA LEU A 137 9.26 -13.20 12.73
C LEU A 137 9.68 -14.65 13.01
N VAL A 138 9.52 -15.10 14.24
CA VAL A 138 9.81 -16.48 14.63
C VAL A 138 9.02 -17.46 13.80
N MET A 139 7.75 -17.21 13.62
CA MET A 139 6.96 -18.11 12.82
C MET A 139 7.32 -17.95 11.35
N VAL A 140 7.60 -16.73 10.92
CA VAL A 140 7.98 -16.44 9.53
C VAL A 140 9.30 -17.13 9.16
N LYS A 141 10.29 -17.08 10.05
CA LYS A 141 11.57 -17.70 9.78
C LYS A 141 11.44 -19.20 9.67
N ASN A 142 10.47 -19.76 10.37
CA ASN A 142 10.14 -21.18 10.23
C ASN A 142 9.40 -21.47 8.93
N LYS A 143 8.45 -20.63 8.59
CA LYS A 143 7.63 -20.82 7.38
C LYS A 143 8.44 -20.63 6.09
N THR A 144 9.34 -19.68 6.08
CA THR A 144 10.07 -19.36 4.88
C THR A 144 11.43 -20.03 4.82
N GLY A 145 12.01 -20.19 5.98
CA GLY A 145 13.34 -20.71 6.08
C GLY A 145 14.35 -19.58 6.09
N VAL A 146 13.87 -18.35 6.04
CA VAL A 146 14.73 -17.19 6.03
C VAL A 146 14.59 -16.47 7.37
N SER A 147 15.68 -16.31 8.06
CA SER A 147 15.69 -15.71 9.36
C SER A 147 16.11 -14.25 9.28
N LEU A 148 15.32 -13.37 9.88
CA LEU A 148 15.60 -11.95 9.89
C LEU A 148 16.21 -11.55 11.24
N PRO A 149 17.25 -10.71 11.22
CA PRO A 149 17.89 -10.22 12.45
C PRO A 149 17.01 -9.22 13.23
N GLU A 150 17.43 -8.93 14.47
CA GLU A 150 16.72 -8.01 15.37
C GLU A 150 16.62 -6.62 14.77
N ASP A 151 17.58 -6.29 13.93
CA ASP A 151 17.68 -5.00 13.27
C ASP A 151 16.46 -4.76 12.43
N GLU A 152 16.21 -5.67 11.49
CA GLU A 152 15.03 -5.60 10.61
C GLU A 152 13.76 -5.52 11.48
N ALA A 153 13.73 -6.37 12.53
CA ALA A 153 12.59 -6.47 13.44
C ALA A 153 12.33 -5.16 14.15
N GLY A 154 13.40 -4.42 14.42
CA GLY A 154 13.29 -3.11 15.02
C GLY A 154 12.58 -2.18 14.10
N PHE A 155 12.93 -2.19 12.83
CA PHE A 155 12.24 -1.35 11.86
C PHE A 155 10.80 -1.79 11.71
N ILE A 156 10.57 -3.09 11.76
CA ILE A 156 9.21 -3.65 11.74
C ILE A 156 8.39 -3.10 12.93
N ALA A 157 9.01 -3.06 14.10
CA ALA A 157 8.38 -2.53 15.32
C ALA A 157 7.98 -1.07 15.12
N LEU A 158 8.85 -0.31 14.48
CA LEU A 158 8.53 1.08 14.15
C LEU A 158 7.31 1.14 13.22
N HIS A 159 7.28 0.27 12.23
CA HIS A 159 6.14 0.24 11.31
C HIS A 159 4.85 -0.15 12.02
N ILE A 160 4.96 -0.98 13.05
CA ILE A 160 3.82 -1.37 13.86
C ILE A 160 3.28 -0.17 14.64
N VAL A 161 4.17 0.62 15.25
CA VAL A 161 3.72 1.75 16.03
C VAL A 161 3.13 2.83 15.13
N ASN A 162 3.60 2.86 13.89
CA ASN A 162 3.11 3.76 12.87
C ASN A 162 1.71 3.36 12.41
N ALA A 163 1.48 2.06 12.40
CA ALA A 163 0.21 1.49 11.97
C ALA A 163 -0.82 1.47 13.09
N GLU A 164 -0.36 1.63 14.32
CA GLU A 164 -1.23 1.75 15.48
C GLU A 164 -2.17 2.95 15.40
N LEU A 165 -3.37 2.74 15.90
CA LEU A 165 -4.33 3.77 16.01
C LEU A 165 -4.71 3.94 17.46
N ASN A 166 -4.86 5.16 17.86
CA ASN A 166 -5.27 5.53 19.19
C ASN A 166 -6.35 6.56 19.04
N GLU A 167 -7.47 6.33 19.71
CA GLU A 167 -8.67 7.18 19.64
C GLU A 167 -9.03 7.40 18.17
N LEU A 168 -9.30 6.27 17.58
CA LEU A 168 -9.68 6.10 16.19
C LEU A 168 -9.73 4.61 15.98
N GLN A 169 -10.91 4.07 16.07
CA GLN A 169 -11.08 2.64 15.96
C GLN A 169 -12.44 2.28 15.41
N MET B 1 3.24 -6.66 -21.26
CA MET B 1 1.94 -7.25 -20.92
C MET B 1 1.13 -7.49 -22.16
N LYS B 2 0.20 -8.41 -22.06
CA LYS B 2 -0.56 -8.88 -23.19
C LYS B 2 -2.02 -9.04 -22.80
N ILE B 3 -2.84 -9.05 -23.79
CA ILE B 3 -4.27 -9.20 -23.61
C ILE B 3 -4.58 -10.68 -23.45
N ALA B 4 -5.36 -11.01 -22.47
CA ALA B 4 -5.75 -12.39 -22.25
C ALA B 4 -7.24 -12.56 -22.46
N LYS B 5 -8.01 -11.58 -22.02
CA LYS B 5 -9.43 -11.66 -22.11
C LYS B 5 -9.96 -10.43 -22.81
N VAL B 6 -10.96 -10.59 -23.63
CA VAL B 6 -11.50 -9.49 -24.40
C VAL B 6 -12.96 -9.36 -24.13
N ILE B 7 -13.33 -8.25 -23.57
CA ILE B 7 -14.69 -7.97 -23.25
C ILE B 7 -15.36 -7.31 -24.44
N ASN B 8 -14.66 -6.38 -25.03
CA ASN B 8 -15.10 -5.65 -26.20
C ASN B 8 -13.91 -4.91 -26.76
N ASN B 9 -14.12 -4.14 -27.79
CA ASN B 9 -13.04 -3.40 -28.46
C ASN B 9 -12.36 -2.37 -27.58
N ASN B 10 -13.10 -1.81 -26.67
CA ASN B 10 -12.58 -0.76 -25.83
C ASN B 10 -12.20 -1.25 -24.45
N VAL B 11 -12.68 -2.42 -24.10
CA VAL B 11 -12.39 -2.96 -22.79
C VAL B 11 -11.79 -4.35 -22.93
N ILE B 12 -10.62 -4.52 -22.40
CA ILE B 12 -9.91 -5.76 -22.47
C ILE B 12 -9.34 -6.15 -21.12
N SER B 13 -8.86 -7.32 -21.05
CA SER B 13 -8.34 -7.89 -19.87
C SER B 13 -6.90 -8.30 -20.10
N VAL B 14 -6.03 -7.72 -19.34
CA VAL B 14 -4.63 -7.92 -19.47
C VAL B 14 -4.12 -8.73 -18.29
N VAL B 15 -3.45 -9.80 -18.57
CA VAL B 15 -2.74 -10.51 -17.55
C VAL B 15 -1.32 -10.05 -17.64
N ASN B 16 -0.91 -9.32 -16.64
CA ASN B 16 0.38 -8.73 -16.66
C ASN B 16 1.45 -9.73 -16.34
N GLU B 17 2.66 -9.26 -16.23
CA GLU B 17 3.80 -10.13 -16.13
C GLU B 17 3.97 -10.70 -14.71
N GLN B 18 3.15 -10.22 -13.79
CA GLN B 18 3.17 -10.71 -12.45
C GLN B 18 2.00 -11.67 -12.22
N GLY B 19 1.15 -11.79 -13.22
CA GLY B 19 0.03 -12.70 -13.12
C GLY B 19 -1.23 -12.05 -12.62
N LYS B 20 -1.27 -10.73 -12.60
CA LYS B 20 -2.43 -10.04 -12.16
C LYS B 20 -3.27 -9.74 -13.34
N GLU B 21 -4.54 -9.68 -13.13
CA GLU B 21 -5.46 -9.44 -14.19
C GLU B 21 -5.90 -7.99 -14.11
N LEU B 22 -5.96 -7.36 -15.22
CA LEU B 22 -6.33 -5.99 -15.29
C LEU B 22 -7.44 -5.83 -16.31
N VAL B 23 -8.38 -5.00 -16.02
CA VAL B 23 -9.39 -4.65 -16.95
C VAL B 23 -9.08 -3.26 -17.40
N VAL B 24 -8.65 -3.13 -18.58
CA VAL B 24 -8.21 -1.88 -19.06
C VAL B 24 -9.20 -1.36 -20.08
N MET B 25 -9.57 -0.12 -19.94
CA MET B 25 -10.50 0.51 -20.83
C MET B 25 -9.80 1.62 -21.56
N GLY B 26 -9.98 1.62 -22.84
CA GLY B 26 -9.41 2.64 -23.67
C GLY B 26 -9.96 2.52 -25.03
N ARG B 27 -9.93 3.58 -25.75
CA ARG B 27 -10.50 3.62 -27.06
C ARG B 27 -9.72 2.75 -28.04
N GLY B 28 -10.37 1.69 -28.48
CA GLY B 28 -9.83 0.78 -29.44
C GLY B 28 -8.63 0.02 -28.95
N LEU B 29 -8.75 -0.55 -27.78
CA LEU B 29 -7.67 -1.34 -27.22
C LEU B 29 -7.55 -2.68 -27.92
N ALA B 30 -8.68 -3.29 -28.21
CA ALA B 30 -8.68 -4.59 -28.87
C ALA B 30 -8.57 -4.44 -30.37
N PHE B 31 -8.86 -3.25 -30.86
CA PHE B 31 -8.76 -2.97 -32.27
C PHE B 31 -7.29 -3.07 -32.71
N GLN B 32 -7.03 -3.96 -33.67
CA GLN B 32 -5.69 -4.17 -34.25
C GLN B 32 -4.81 -5.00 -33.30
N LYS B 33 -5.43 -5.42 -32.25
CA LYS B 33 -4.84 -6.20 -31.20
C LYS B 33 -5.62 -7.48 -31.02
N LYS B 34 -5.13 -8.37 -30.20
CA LYS B 34 -5.81 -9.62 -29.93
C LYS B 34 -5.25 -10.23 -28.66
N SER B 35 -5.81 -11.33 -28.25
CA SER B 35 -5.33 -12.07 -27.11
C SER B 35 -3.89 -12.58 -27.39
N GLY B 36 -2.99 -12.30 -26.47
CA GLY B 36 -1.62 -12.71 -26.59
C GLY B 36 -0.75 -11.62 -27.17
N ASP B 37 -1.40 -10.62 -27.69
CA ASP B 37 -0.71 -9.52 -28.30
C ASP B 37 -0.40 -8.46 -27.26
N ASP B 38 0.62 -7.71 -27.51
CA ASP B 38 1.12 -6.69 -26.62
C ASP B 38 0.15 -5.52 -26.52
N VAL B 39 0.01 -5.00 -25.33
CA VAL B 39 -0.94 -3.95 -25.07
C VAL B 39 -0.29 -2.58 -25.23
N ASP B 40 -0.86 -1.79 -26.10
CA ASP B 40 -0.41 -0.41 -26.30
C ASP B 40 -0.82 0.40 -25.09
N GLU B 41 0.13 0.97 -24.38
CA GLU B 41 -0.19 1.63 -23.15
C GLU B 41 -0.73 3.04 -23.37
N ALA B 42 -0.57 3.57 -24.56
CA ALA B 42 -1.01 4.92 -24.84
C ALA B 42 -2.51 4.96 -25.01
N ARG B 43 -3.08 3.85 -25.49
CA ARG B 43 -4.53 3.73 -25.64
C ARG B 43 -5.19 3.45 -24.28
N ILE B 44 -4.35 3.16 -23.29
CA ILE B 44 -4.80 2.89 -21.95
C ILE B 44 -5.21 4.17 -21.26
N GLU B 45 -6.49 4.29 -21.07
CA GLU B 45 -7.05 5.43 -20.42
C GLU B 45 -7.40 5.08 -18.98
N LYS B 46 -8.07 3.97 -18.80
CA LYS B 46 -8.50 3.54 -17.47
C LYS B 46 -7.97 2.16 -17.18
N VAL B 47 -7.44 1.96 -15.99
CA VAL B 47 -6.91 0.67 -15.61
C VAL B 47 -7.62 0.19 -14.38
N PHE B 48 -8.14 -0.98 -14.42
CA PHE B 48 -8.71 -1.60 -13.27
C PHE B 48 -7.85 -2.79 -12.91
N THR B 49 -7.40 -2.84 -11.70
CA THR B 49 -6.54 -3.92 -11.25
C THR B 49 -7.31 -4.91 -10.36
N LEU B 50 -7.12 -6.21 -10.63
CA LEU B 50 -7.82 -7.28 -9.92
C LEU B 50 -7.18 -7.65 -8.62
N ASP B 51 -8.00 -7.85 -7.63
CA ASP B 51 -7.59 -8.45 -6.41
C ASP B 51 -8.67 -9.36 -5.89
N ASN B 52 -8.29 -10.31 -5.08
CA ASN B 52 -9.22 -11.32 -4.63
C ASN B 52 -9.79 -10.86 -3.29
N LYS B 53 -11.09 -10.55 -3.31
CA LYS B 53 -11.80 -9.89 -2.18
C LYS B 53 -11.60 -10.53 -0.83
N ASP B 54 -11.57 -11.81 -0.83
CA ASP B 54 -11.57 -12.60 0.39
C ASP B 54 -10.19 -12.74 0.96
N VAL B 55 -9.22 -12.82 0.09
CA VAL B 55 -7.85 -13.00 0.51
C VAL B 55 -7.31 -11.67 0.99
N SER B 56 -7.50 -10.70 0.19
CA SER B 56 -6.99 -9.40 0.44
C SER B 56 -8.09 -8.50 0.99
N GLU B 57 -8.81 -9.01 1.98
CA GLU B 57 -9.94 -8.27 2.53
C GLU B 57 -9.59 -6.87 3.06
N LYS B 58 -8.60 -6.78 3.90
CA LYS B 58 -8.11 -5.50 4.44
C LYS B 58 -7.42 -4.68 3.39
N PHE B 59 -6.53 -5.32 2.62
CA PHE B 59 -5.81 -4.68 1.50
C PHE B 59 -6.82 -3.94 0.60
N LYS B 60 -7.91 -4.61 0.31
CA LYS B 60 -8.99 -4.08 -0.48
C LYS B 60 -9.66 -2.88 0.21
N THR B 61 -10.16 -3.10 1.40
CA THR B 61 -10.97 -2.11 2.08
C THR B 61 -10.19 -0.85 2.46
N LEU B 62 -8.97 -1.03 2.92
CA LEU B 62 -8.15 0.06 3.37
C LEU B 62 -7.68 0.95 2.21
N LEU B 63 -7.31 0.34 1.09
CA LEU B 63 -6.92 1.12 -0.10
C LEU B 63 -8.12 1.79 -0.75
N TYR B 64 -9.29 1.18 -0.64
CA TYR B 64 -10.51 1.75 -1.22
C TYR B 64 -10.97 3.00 -0.49
N ASP B 65 -10.51 3.18 0.73
CA ASP B 65 -10.90 4.33 1.53
C ASP B 65 -9.94 5.49 1.34
N ILE B 66 -9.03 5.34 0.42
CA ILE B 66 -8.04 6.37 0.14
C ILE B 66 -8.52 7.28 -1.00
N PRO B 67 -8.92 8.53 -0.68
CA PRO B 67 -9.41 9.49 -1.66
C PRO B 67 -8.28 10.11 -2.51
N ILE B 68 -8.68 10.76 -3.60
CA ILE B 68 -7.76 11.39 -4.55
C ILE B 68 -6.87 12.44 -3.87
N GLU B 69 -7.43 13.17 -2.91
CA GLU B 69 -6.71 14.22 -2.20
C GLU B 69 -5.50 13.65 -1.49
N CYS B 70 -5.73 12.67 -0.63
CA CYS B 70 -4.67 12.07 0.16
C CYS B 70 -3.63 11.43 -0.73
N MET B 71 -4.08 10.83 -1.81
CA MET B 71 -3.21 10.16 -2.75
C MET B 71 -2.34 11.16 -3.49
N GLU B 72 -2.90 12.31 -3.83
CA GLU B 72 -2.16 13.33 -4.54
C GLU B 72 -1.14 13.98 -3.59
N VAL B 73 -1.56 14.23 -2.34
CA VAL B 73 -0.67 14.84 -1.34
C VAL B 73 0.53 13.94 -1.10
N SER B 74 0.28 12.65 -0.97
CA SER B 74 1.34 11.71 -0.71
C SER B 74 2.29 11.66 -1.89
N GLU B 75 1.74 11.65 -3.11
CA GLU B 75 2.57 11.55 -4.30
C GLU B 75 3.49 12.77 -4.35
N GLU B 76 2.94 13.95 -4.05
CA GLU B 76 3.71 15.19 -4.03
C GLU B 76 4.85 15.11 -3.03
N ILE B 77 4.55 14.58 -1.86
CA ILE B 77 5.54 14.42 -0.81
C ILE B 77 6.66 13.51 -1.27
N ILE B 78 6.30 12.40 -1.89
CA ILE B 78 7.28 11.44 -2.29
C ILE B 78 8.05 11.97 -3.50
N SER B 79 7.38 12.78 -4.29
CA SER B 79 7.99 13.40 -5.43
C SER B 79 9.07 14.36 -4.97
N TYR B 80 8.74 15.19 -3.99
CA TYR B 80 9.70 16.14 -3.45
C TYR B 80 10.85 15.39 -2.79
N ALA B 81 10.52 14.37 -2.04
CA ALA B 81 11.53 13.60 -1.33
C ALA B 81 12.46 12.89 -2.30
N LYS B 82 11.89 12.35 -3.37
CA LYS B 82 12.65 11.64 -4.39
C LYS B 82 13.57 12.62 -5.10
N LEU B 83 13.03 13.79 -5.41
CA LEU B 83 13.75 14.83 -6.11
C LEU B 83 14.85 15.44 -5.24
N GLN B 84 14.59 15.54 -3.95
CA GLN B 84 15.54 16.11 -3.03
C GLN B 84 16.68 15.13 -2.78
N LEU B 85 16.35 13.88 -2.49
CA LEU B 85 17.33 12.87 -2.17
C LEU B 85 18.10 12.39 -3.39
N GLY B 86 17.39 12.17 -4.48
CA GLY B 86 18.02 11.60 -5.66
C GLY B 86 18.14 10.10 -5.49
N LYS B 87 17.30 9.58 -4.63
CA LYS B 87 17.25 8.18 -4.30
C LYS B 87 15.91 7.64 -4.73
N LYS B 88 15.87 6.39 -5.10
CA LYS B 88 14.62 5.79 -5.48
C LYS B 88 13.83 5.49 -4.22
N LEU B 89 12.55 5.78 -4.23
CA LEU B 89 11.74 5.60 -3.06
C LEU B 89 10.72 4.49 -3.25
N ASN B 90 10.89 3.49 -2.45
CA ASN B 90 10.13 2.25 -2.43
C ASN B 90 8.65 2.45 -2.02
N ASP B 91 7.89 1.38 -2.14
CA ASP B 91 6.47 1.30 -1.82
C ASP B 91 6.24 1.60 -0.34
N SER B 92 7.26 1.33 0.46
CA SER B 92 7.26 1.53 1.91
C SER B 92 7.19 3.04 2.30
N ILE B 93 6.96 3.91 1.33
CA ILE B 93 6.75 5.31 1.63
C ILE B 93 5.51 5.85 0.88
N TYR B 94 5.28 5.37 -0.35
CA TYR B 94 4.12 5.81 -1.14
C TYR B 94 2.81 5.40 -0.52
N VAL B 95 2.58 4.10 -0.49
CA VAL B 95 1.33 3.58 -0.03
C VAL B 95 1.20 3.75 1.48
N SER B 96 2.32 3.86 2.15
CA SER B 96 2.25 4.02 3.54
C SER B 96 1.88 5.44 3.89
N LEU B 97 2.34 6.43 3.12
CA LEU B 97 2.03 7.79 3.48
C LEU B 97 0.60 8.16 3.20
N THR B 98 -0.03 7.52 2.26
CA THR B 98 -1.42 7.80 2.04
C THR B 98 -2.25 7.34 3.21
N ASN B 99 -1.98 6.14 3.63
CA ASN B 99 -2.79 5.55 4.65
C ASN B 99 -2.35 6.03 6.02
N HIS B 100 -1.13 6.50 6.11
CA HIS B 100 -0.65 7.05 7.34
C HIS B 100 -1.08 8.49 7.45
N ILE B 101 -0.95 9.26 6.36
CA ILE B 101 -1.25 10.68 6.43
C ILE B 101 -2.75 10.91 6.60
N ASN B 102 -3.57 10.05 6.01
CA ASN B 102 -5.02 10.19 6.19
C ASN B 102 -5.39 10.02 7.65
N PHE B 103 -4.76 9.05 8.31
CA PHE B 103 -5.04 8.88 9.71
C PHE B 103 -4.31 9.90 10.55
N ALA B 104 -3.14 10.34 10.09
CA ALA B 104 -2.36 11.37 10.78
C ALA B 104 -3.12 12.68 10.81
N ILE B 105 -3.77 13.04 9.69
CA ILE B 105 -4.57 14.24 9.66
C ILE B 105 -5.70 14.10 10.66
N GLN B 106 -6.32 12.93 10.66
CA GLN B 106 -7.41 12.64 11.59
C GLN B 106 -6.93 12.67 13.06
N ARG B 107 -5.71 12.19 13.30
CA ARG B 107 -5.10 12.24 14.62
C ARG B 107 -4.93 13.68 15.04
N ASN B 108 -4.29 14.40 14.18
CA ASN B 108 -3.84 15.76 14.44
C ASN B 108 -5.01 16.72 14.59
N GLN B 109 -6.07 16.47 13.86
CA GLN B 109 -7.23 17.35 13.91
C GLN B 109 -8.01 17.16 15.19
N LYS B 110 -7.87 16.00 15.79
CA LYS B 110 -8.52 15.73 17.04
C LYS B 110 -7.59 16.03 18.21
N GLY B 111 -6.43 16.57 17.90
CA GLY B 111 -5.47 16.97 18.91
C GLY B 111 -4.80 15.79 19.58
N LEU B 112 -4.66 14.71 18.86
CA LEU B 112 -4.04 13.54 19.40
C LEU B 112 -2.86 13.14 18.54
N ASP B 113 -1.70 13.29 19.08
CA ASP B 113 -0.48 13.00 18.38
C ASP B 113 0.08 11.74 18.96
N ILE B 114 0.78 10.97 18.18
CA ILE B 114 1.46 9.82 18.73
C ILE B 114 2.92 10.21 18.96
N LYS B 115 3.35 10.21 20.19
CA LYS B 115 4.67 10.69 20.47
C LYS B 115 5.71 9.61 20.38
N ASN B 116 6.84 10.00 19.86
CA ASN B 116 7.93 9.12 19.58
C ASN B 116 8.85 9.13 20.80
N ALA B 117 9.07 7.99 21.40
CA ALA B 117 9.92 7.92 22.59
C ALA B 117 11.37 7.79 22.24
N LEU B 118 11.62 7.75 20.98
CA LEU B 118 12.95 7.74 20.43
C LEU B 118 13.11 8.96 19.56
N LEU B 119 12.30 9.99 19.85
CA LEU B 119 12.30 11.23 19.09
C LEU B 119 13.66 11.86 19.11
N TRP B 120 14.27 11.86 20.27
CA TRP B 120 15.55 12.49 20.43
C TRP B 120 16.62 11.75 19.66
N GLU B 121 16.58 10.44 19.73
CA GLU B 121 17.49 9.59 19.00
C GLU B 121 17.31 9.78 17.52
N THR B 122 16.06 9.81 17.10
CA THR B 122 15.70 9.97 15.71
C THR B 122 16.20 11.31 15.16
N LYS B 123 15.89 12.39 15.84
CA LYS B 123 16.22 13.73 15.36
C LYS B 123 17.74 14.00 15.46
N ARG B 124 18.43 13.26 16.31
CA ARG B 124 19.87 13.39 16.45
C ARG B 124 20.62 12.54 15.42
N LEU B 125 20.21 11.30 15.24
CA LEU B 125 20.91 10.41 14.32
C LEU B 125 20.42 10.56 12.89
N TYR B 126 19.14 10.62 12.73
CA TYR B 126 18.54 10.71 11.42
C TYR B 126 18.14 12.15 11.17
N LYS B 127 19.13 13.01 11.09
CA LYS B 127 18.88 14.42 10.95
C LYS B 127 18.45 14.82 9.54
N ASP B 128 19.13 14.30 8.54
CA ASP B 128 18.89 14.70 7.15
C ASP B 128 17.54 14.25 6.67
N GLU B 129 17.24 13.01 6.89
CA GLU B 129 15.97 12.44 6.49
C GLU B 129 14.83 13.05 7.30
N PHE B 130 15.12 13.41 8.54
CA PHE B 130 14.14 14.09 9.36
C PHE B 130 13.86 15.45 8.75
N ALA B 131 14.91 16.12 8.29
CA ALA B 131 14.80 17.43 7.67
C ALA B 131 13.99 17.33 6.38
N ILE B 132 14.16 16.24 5.65
CA ILE B 132 13.37 15.99 4.44
C ILE B 132 11.90 15.85 4.82
N GLY B 133 11.66 15.06 5.86
CA GLY B 133 10.30 14.84 6.35
C GLY B 133 9.70 16.11 6.93
N LYS B 134 10.55 16.92 7.52
CA LYS B 134 10.14 18.18 8.11
C LYS B 134 9.76 19.17 7.02
N GLU B 135 10.47 19.13 5.89
CA GLU B 135 10.14 19.98 4.75
C GLU B 135 8.83 19.51 4.14
N ALA B 136 8.63 18.20 4.14
CA ALA B 136 7.38 17.61 3.70
C ALA B 136 6.25 18.07 4.63
N LEU B 137 6.56 18.13 5.91
CA LEU B 137 5.64 18.63 6.92
C LEU B 137 5.31 20.09 6.62
N VAL B 138 6.32 20.84 6.20
CA VAL B 138 6.16 22.22 5.78
C VAL B 138 5.17 22.35 4.63
N MET B 139 5.32 21.50 3.62
CA MET B 139 4.43 21.58 2.46
C MET B 139 3.01 21.17 2.86
N VAL B 140 2.89 20.24 3.80
CA VAL B 140 1.58 19.82 4.28
C VAL B 140 0.90 20.97 5.02
N LYS B 141 1.64 21.67 5.89
CA LYS B 141 1.06 22.76 6.62
C LYS B 141 0.81 23.98 5.74
N ASN B 142 1.53 24.08 4.65
CA ASN B 142 1.28 25.14 3.69
C ASN B 142 0.04 24.85 2.88
N LYS B 143 -0.20 23.60 2.60
CA LYS B 143 -1.39 23.19 1.89
C LYS B 143 -2.64 23.31 2.75
N THR B 144 -2.58 22.81 3.96
CA THR B 144 -3.78 22.68 4.76
C THR B 144 -3.77 23.51 6.04
N GLY B 145 -2.61 23.67 6.60
CA GLY B 145 -2.46 24.34 7.85
C GLY B 145 -2.21 23.35 8.96
N VAL B 146 -2.50 22.08 8.68
CA VAL B 146 -2.32 21.01 9.64
C VAL B 146 -0.84 20.86 9.98
N SER B 147 -0.52 21.14 11.20
CA SER B 147 0.83 21.09 11.66
C SER B 147 1.10 19.76 12.35
N LEU B 148 1.98 18.97 11.78
CA LEU B 148 2.31 17.68 12.35
C LEU B 148 3.43 17.80 13.37
N PRO B 149 3.49 16.90 14.36
CA PRO B 149 4.53 16.91 15.37
C PRO B 149 5.85 16.31 14.84
N GLU B 150 6.92 16.57 15.56
CA GLU B 150 8.25 16.06 15.21
C GLU B 150 8.27 14.54 15.31
N ASP B 151 7.43 14.04 16.19
CA ASP B 151 7.29 12.62 16.47
C ASP B 151 6.88 11.88 15.24
N GLU B 152 5.77 12.29 14.67
CA GLU B 152 5.25 11.64 13.51
C GLU B 152 6.12 11.91 12.28
N ALA B 153 6.80 13.06 12.28
CA ALA B 153 7.76 13.38 11.24
C ALA B 153 8.94 12.42 11.31
N GLY B 154 9.32 12.06 12.54
CA GLY B 154 10.36 11.09 12.76
C GLY B 154 9.97 9.74 12.23
N PHE B 155 8.72 9.38 12.44
CA PHE B 155 8.20 8.13 11.91
C PHE B 155 8.21 8.11 10.38
N ILE B 156 7.96 9.28 9.78
CA ILE B 156 8.06 9.44 8.34
C ILE B 156 9.51 9.21 7.89
N ALA B 157 10.45 9.74 8.67
CA ALA B 157 11.88 9.56 8.41
C ALA B 157 12.26 8.07 8.45
N LEU B 158 11.67 7.33 9.39
CA LEU B 158 11.87 5.87 9.47
C LEU B 158 11.33 5.17 8.22
N HIS B 159 10.25 5.68 7.68
CA HIS B 159 9.74 5.14 6.43
C HIS B 159 10.68 5.47 5.28
N ILE B 160 11.21 6.68 5.29
CA ILE B 160 12.13 7.13 4.25
C ILE B 160 13.37 6.25 4.19
N VAL B 161 13.96 5.95 5.34
CA VAL B 161 15.16 5.17 5.38
C VAL B 161 14.93 3.72 4.96
N ASN B 162 13.72 3.22 5.21
CA ASN B 162 13.35 1.87 4.78
C ASN B 162 12.89 1.87 3.34
N ALA B 163 12.57 3.04 2.83
CA ALA B 163 12.11 3.18 1.48
C ALA B 163 13.22 3.49 0.49
N GLU B 164 14.36 3.92 0.96
CA GLU B 164 15.50 4.13 0.05
C GLU B 164 15.90 2.80 -0.57
N LEU B 165 15.76 2.69 -1.90
CA LEU B 165 16.20 1.48 -2.56
C LEU B 165 17.68 1.33 -2.48
N ASN B 166 18.04 0.19 -2.03
CA ASN B 166 19.38 -0.23 -1.88
C ASN B 166 19.41 -1.66 -2.28
N GLU B 167 20.45 -2.04 -2.98
CA GLU B 167 20.64 -3.39 -3.46
C GLU B 167 19.55 -3.79 -4.44
N LEU B 168 19.40 -2.96 -5.44
CA LEU B 168 18.44 -3.13 -6.50
C LEU B 168 18.90 -2.22 -7.62
N GLN B 169 18.41 -2.45 -8.80
CA GLN B 169 18.72 -1.60 -9.92
C GLN B 169 17.60 -0.58 -10.09
N MET A 1 -21.06 -0.46 -1.69
CA MET A 1 -20.82 0.21 -2.97
C MET A 1 -22.06 0.14 -3.81
N LYS A 2 -21.98 0.53 -5.04
CA LYS A 2 -23.14 0.46 -5.91
C LYS A 2 -22.67 0.19 -7.32
N ILE A 3 -23.50 -0.45 -8.06
CA ILE A 3 -23.29 -0.71 -9.46
C ILE A 3 -23.67 0.53 -10.22
N ALA A 4 -22.77 1.05 -10.98
CA ALA A 4 -23.02 2.26 -11.71
C ALA A 4 -23.03 1.99 -13.19
N LYS A 5 -22.09 1.18 -13.63
CA LYS A 5 -21.91 0.89 -14.99
C LYS A 5 -22.02 -0.60 -15.21
N VAL A 6 -22.49 -0.99 -16.34
CA VAL A 6 -22.69 -2.38 -16.67
C VAL A 6 -22.16 -2.62 -18.06
N ILE A 7 -21.24 -3.54 -18.17
CA ILE A 7 -20.70 -3.86 -19.46
C ILE A 7 -21.40 -5.10 -19.97
N ASN A 8 -21.62 -6.02 -19.08
CA ASN A 8 -22.31 -7.26 -19.35
C ASN A 8 -22.81 -7.80 -18.06
N ASN A 9 -23.49 -8.90 -18.12
CA ASN A 9 -24.09 -9.52 -16.95
C ASN A 9 -23.05 -9.95 -15.92
N ASN A 10 -21.93 -10.41 -16.36
CA ASN A 10 -20.96 -10.93 -15.43
C ASN A 10 -19.95 -9.88 -15.00
N VAL A 11 -19.81 -8.83 -15.78
CA VAL A 11 -18.85 -7.80 -15.48
C VAL A 11 -19.56 -6.46 -15.35
N ILE A 12 -19.40 -5.86 -14.21
CA ILE A 12 -20.01 -4.59 -13.93
C ILE A 12 -19.00 -3.60 -13.38
N SER A 13 -19.37 -2.38 -13.35
CA SER A 13 -18.55 -1.33 -12.96
C SER A 13 -19.20 -0.57 -11.81
N VAL A 14 -18.50 -0.48 -10.74
CA VAL A 14 -18.99 0.20 -9.58
C VAL A 14 -18.15 1.42 -9.33
N VAL A 15 -18.70 2.38 -8.66
CA VAL A 15 -17.96 3.55 -8.31
C VAL A 15 -18.09 3.74 -6.82
N ASN A 16 -16.98 3.67 -6.14
CA ASN A 16 -16.95 3.82 -4.70
C ASN A 16 -17.19 5.29 -4.34
N GLU A 17 -17.53 5.53 -3.08
CA GLU A 17 -17.76 6.87 -2.52
C GLU A 17 -16.56 7.80 -2.79
N GLN A 18 -15.39 7.20 -2.80
CA GLN A 18 -14.12 7.86 -3.04
C GLN A 18 -13.95 8.28 -4.50
N GLY A 19 -14.86 7.86 -5.34
CA GLY A 19 -14.78 8.20 -6.75
C GLY A 19 -13.85 7.27 -7.48
N LYS A 20 -13.68 6.10 -6.92
CA LYS A 20 -12.86 5.09 -7.49
C LYS A 20 -13.71 4.08 -8.17
N GLU A 21 -13.53 3.96 -9.45
CA GLU A 21 -14.22 3.01 -10.26
C GLU A 21 -13.61 1.63 -10.02
N LEU A 22 -14.41 0.64 -9.87
CA LEU A 22 -13.95 -0.69 -9.63
C LEU A 22 -14.71 -1.60 -10.57
N VAL A 23 -14.07 -2.59 -11.07
CA VAL A 23 -14.70 -3.53 -11.97
C VAL A 23 -14.84 -4.86 -11.25
N VAL A 24 -16.03 -5.32 -11.14
CA VAL A 24 -16.26 -6.57 -10.45
C VAL A 24 -16.75 -7.57 -11.46
N MET A 25 -16.21 -8.74 -11.39
CA MET A 25 -16.59 -9.81 -12.25
C MET A 25 -17.12 -10.96 -11.42
N GLY A 26 -18.24 -11.42 -11.79
CA GLY A 26 -18.84 -12.53 -11.15
C GLY A 26 -20.00 -13.00 -11.92
N ARG A 27 -20.25 -14.24 -11.81
CA ARG A 27 -21.31 -14.91 -12.52
C ARG A 27 -22.68 -14.32 -12.20
N GLY A 28 -23.22 -13.68 -13.18
CA GLY A 28 -24.53 -13.12 -13.10
C GLY A 28 -24.63 -11.96 -12.16
N LEU A 29 -23.70 -11.05 -12.25
CA LEU A 29 -23.69 -9.87 -11.42
C LEU A 29 -24.84 -8.95 -11.73
N ALA A 30 -25.15 -8.79 -13.01
CA ALA A 30 -26.27 -7.94 -13.37
C ALA A 30 -27.59 -8.71 -13.29
N PHE A 31 -27.50 -10.03 -13.33
CA PHE A 31 -28.65 -10.89 -13.12
C PHE A 31 -29.15 -10.81 -11.66
N GLN A 32 -30.35 -10.25 -11.50
CA GLN A 32 -31.04 -10.05 -10.20
C GLN A 32 -30.44 -8.93 -9.39
N LYS A 33 -29.75 -8.06 -10.04
CA LYS A 33 -29.20 -6.89 -9.43
C LYS A 33 -29.45 -5.73 -10.37
N LYS A 34 -29.10 -4.55 -9.97
CA LYS A 34 -29.36 -3.38 -10.78
C LYS A 34 -28.37 -2.30 -10.45
N SER A 35 -28.34 -1.28 -11.27
CA SER A 35 -27.50 -0.17 -11.04
C SER A 35 -28.09 0.66 -9.89
N GLY A 36 -27.23 1.20 -9.07
CA GLY A 36 -27.66 1.96 -7.93
C GLY A 36 -27.80 1.09 -6.70
N ASP A 37 -27.69 -0.19 -6.91
CA ASP A 37 -27.79 -1.16 -5.87
C ASP A 37 -26.40 -1.69 -5.57
N ASP A 38 -26.21 -2.26 -4.41
CA ASP A 38 -24.91 -2.74 -3.98
C ASP A 38 -24.61 -4.08 -4.60
N VAL A 39 -23.37 -4.37 -4.76
CA VAL A 39 -22.92 -5.61 -5.35
C VAL A 39 -23.13 -6.78 -4.38
N ASP A 40 -23.58 -7.89 -4.91
CA ASP A 40 -23.74 -9.11 -4.14
C ASP A 40 -22.38 -9.77 -4.03
N GLU A 41 -21.89 -9.98 -2.81
CA GLU A 41 -20.55 -10.48 -2.66
C GLU A 41 -20.43 -11.96 -2.95
N ALA A 42 -21.55 -12.66 -2.97
CA ALA A 42 -21.56 -14.08 -3.24
C ALA A 42 -21.25 -14.34 -4.71
N ARG A 43 -21.57 -13.38 -5.54
CA ARG A 43 -21.27 -13.46 -6.95
C ARG A 43 -19.85 -12.99 -7.23
N ILE A 44 -19.27 -12.28 -6.29
CA ILE A 44 -17.92 -11.76 -6.45
C ILE A 44 -16.91 -12.87 -6.58
N GLU A 45 -16.34 -12.95 -7.74
CA GLU A 45 -15.29 -13.88 -8.01
C GLU A 45 -13.99 -13.14 -8.12
N LYS A 46 -13.98 -12.07 -8.89
CA LYS A 46 -12.78 -11.32 -9.14
C LYS A 46 -13.11 -9.84 -9.17
N VAL A 47 -12.36 -9.05 -8.46
CA VAL A 47 -12.57 -7.63 -8.40
C VAL A 47 -11.35 -6.96 -8.97
N PHE A 48 -11.52 -5.83 -9.55
CA PHE A 48 -10.44 -5.04 -10.04
C PHE A 48 -10.62 -3.61 -9.56
N THR A 49 -9.61 -3.06 -8.97
CA THR A 49 -9.66 -1.71 -8.47
C THR A 49 -8.91 -0.77 -9.42
N LEU A 50 -9.43 0.43 -9.58
CA LEU A 50 -8.87 1.44 -10.47
C LEU A 50 -7.41 1.76 -10.19
N ASP A 51 -6.73 1.92 -11.27
CA ASP A 51 -5.37 2.34 -11.38
C ASP A 51 -5.38 3.51 -12.34
N ASN A 52 -4.60 4.49 -12.05
CA ASN A 52 -4.49 5.62 -12.91
C ASN A 52 -3.01 5.84 -13.13
N LYS A 53 -2.54 5.60 -14.34
CA LYS A 53 -1.10 5.64 -14.65
C LYS A 53 -0.53 7.04 -14.56
N ASP A 54 -1.39 8.00 -14.53
CA ASP A 54 -0.99 9.37 -14.46
C ASP A 54 -0.91 9.85 -13.02
N VAL A 55 -1.88 9.44 -12.24
CA VAL A 55 -1.99 9.88 -10.86
C VAL A 55 -1.30 8.90 -9.88
N SER A 56 -1.11 7.68 -10.30
CA SER A 56 -0.43 6.70 -9.53
C SER A 56 0.87 6.31 -10.24
N GLU A 57 1.94 6.92 -9.82
CA GLU A 57 3.22 6.71 -10.42
C GLU A 57 3.85 5.49 -9.79
N LYS A 58 4.09 5.55 -8.53
CA LYS A 58 4.74 4.48 -7.88
C LYS A 58 3.76 3.41 -7.42
N PHE A 59 2.57 3.86 -7.05
CA PHE A 59 1.46 2.98 -6.62
C PHE A 59 1.23 1.81 -7.60
N LYS A 60 1.46 2.06 -8.88
CA LYS A 60 1.31 1.05 -9.92
C LYS A 60 2.26 -0.15 -9.71
N THR A 61 3.52 0.13 -9.41
CA THR A 61 4.55 -0.90 -9.35
C THR A 61 4.30 -1.99 -8.29
N LEU A 62 3.93 -1.57 -7.10
CA LEU A 62 3.73 -2.52 -6.01
C LEU A 62 2.47 -3.31 -6.20
N LEU A 63 1.43 -2.67 -6.67
CA LEU A 63 0.16 -3.35 -6.88
C LEU A 63 0.25 -4.38 -8.01
N TYR A 64 1.15 -4.15 -8.93
CA TYR A 64 1.36 -5.08 -10.00
C TYR A 64 2.29 -6.21 -9.59
N ASP A 65 3.45 -5.87 -9.12
CA ASP A 65 4.54 -6.83 -9.05
C ASP A 65 4.79 -7.50 -7.72
N ILE A 66 3.91 -7.32 -6.78
CA ILE A 66 4.04 -8.08 -5.52
C ILE A 66 3.46 -9.48 -5.69
N PRO A 67 4.29 -10.54 -5.50
CA PRO A 67 3.87 -11.94 -5.63
C PRO A 67 2.75 -12.31 -4.65
N ILE A 68 1.87 -13.18 -5.08
CA ILE A 68 0.70 -13.58 -4.31
C ILE A 68 1.09 -14.21 -2.95
N GLU A 69 2.20 -14.95 -2.91
CA GLU A 69 2.67 -15.54 -1.66
C GLU A 69 3.01 -14.45 -0.66
N CYS A 70 3.67 -13.42 -1.13
CA CYS A 70 4.08 -12.34 -0.28
C CYS A 70 2.88 -11.56 0.20
N MET A 71 1.82 -11.56 -0.61
CA MET A 71 0.60 -10.89 -0.24
C MET A 71 -0.09 -11.62 0.89
N GLU A 72 -0.21 -12.92 0.74
CA GLU A 72 -0.90 -13.72 1.75
C GLU A 72 -0.11 -13.76 3.03
N VAL A 73 1.21 -13.82 2.91
CA VAL A 73 2.08 -13.85 4.06
C VAL A 73 2.04 -12.53 4.78
N SER A 74 2.07 -11.43 4.04
CA SER A 74 2.07 -10.13 4.67
C SER A 74 0.77 -9.89 5.45
N GLU A 75 -0.36 -10.31 4.88
CA GLU A 75 -1.61 -10.15 5.58
C GLU A 75 -1.63 -11.07 6.80
N GLU A 76 -1.06 -12.26 6.63
CA GLU A 76 -1.00 -13.27 7.70
C GLU A 76 -0.17 -12.77 8.89
N ILE A 77 0.94 -12.10 8.58
CA ILE A 77 1.81 -11.52 9.61
C ILE A 77 1.00 -10.54 10.44
N ILE A 78 0.27 -9.68 9.77
CA ILE A 78 -0.48 -8.67 10.43
C ILE A 78 -1.69 -9.27 11.11
N SER A 79 -2.21 -10.34 10.56
CA SER A 79 -3.30 -11.05 11.16
C SER A 79 -2.84 -11.63 12.51
N TYR A 80 -1.60 -12.09 12.55
CA TYR A 80 -1.02 -12.60 13.78
C TYR A 80 -0.78 -11.45 14.74
N ALA A 81 -0.28 -10.36 14.21
CA ALA A 81 0.03 -9.18 15.01
C ALA A 81 -1.23 -8.58 15.62
N LYS A 82 -2.29 -8.50 14.83
CA LYS A 82 -3.53 -7.91 15.30
C LYS A 82 -4.20 -8.82 16.31
N LEU A 83 -4.00 -10.13 16.14
CA LEU A 83 -4.52 -11.13 17.06
C LEU A 83 -3.86 -10.97 18.42
N GLN A 84 -2.54 -10.81 18.39
CA GLN A 84 -1.77 -10.64 19.61
C GLN A 84 -2.12 -9.32 20.29
N LEU A 85 -2.10 -8.24 19.52
CA LEU A 85 -2.38 -6.90 20.04
C LEU A 85 -3.80 -6.75 20.56
N GLY A 86 -4.76 -7.06 19.72
CA GLY A 86 -6.14 -6.78 20.06
C GLY A 86 -6.51 -5.42 19.53
N LYS A 87 -5.75 -4.97 18.57
CA LYS A 87 -5.90 -3.68 17.93
C LYS A 87 -6.11 -3.90 16.45
N LYS A 88 -6.75 -2.96 15.79
CA LYS A 88 -6.83 -3.01 14.37
C LYS A 88 -5.65 -2.29 13.79
N LEU A 89 -5.09 -2.84 12.78
CA LEU A 89 -4.00 -2.23 12.11
C LEU A 89 -4.45 -1.87 10.73
N ASN A 90 -4.13 -0.68 10.29
CA ASN A 90 -4.53 -0.21 8.98
C ASN A 90 -3.72 -0.93 7.90
N ASP A 91 -4.25 -0.95 6.68
CA ASP A 91 -3.64 -1.67 5.54
C ASP A 91 -2.26 -1.12 5.18
N SER A 92 -1.94 0.04 5.71
CA SER A 92 -0.64 0.66 5.54
C SER A 92 0.47 -0.31 5.98
N ILE A 93 0.24 -1.09 7.05
CA ILE A 93 1.25 -2.02 7.53
C ILE A 93 1.25 -3.30 6.67
N TYR A 94 0.11 -3.59 6.08
CA TYR A 94 -0.03 -4.77 5.25
C TYR A 94 0.73 -4.55 3.94
N VAL A 95 0.52 -3.40 3.34
CA VAL A 95 1.21 -3.05 2.11
C VAL A 95 2.69 -2.83 2.37
N SER A 96 3.03 -2.20 3.47
CA SER A 96 4.42 -1.92 3.75
C SER A 96 5.21 -3.19 4.00
N LEU A 97 4.57 -4.23 4.56
CA LEU A 97 5.27 -5.45 4.76
C LEU A 97 5.48 -6.24 3.48
N THR A 98 4.59 -6.09 2.48
CA THR A 98 4.85 -6.76 1.21
C THR A 98 6.14 -6.19 0.61
N ASN A 99 6.29 -4.88 0.77
CA ASN A 99 7.49 -4.19 0.37
C ASN A 99 8.65 -4.61 1.25
N HIS A 100 8.41 -4.65 2.55
CA HIS A 100 9.44 -4.96 3.51
C HIS A 100 9.98 -6.36 3.30
N ILE A 101 9.10 -7.30 2.96
CA ILE A 101 9.53 -8.67 2.68
C ILE A 101 10.38 -8.69 1.40
N ASN A 102 9.96 -7.94 0.40
CA ASN A 102 10.70 -7.79 -0.86
C ASN A 102 12.07 -7.21 -0.57
N PHE A 103 12.09 -6.17 0.23
CA PHE A 103 13.33 -5.53 0.63
C PHE A 103 14.19 -6.46 1.46
N ALA A 104 13.55 -7.23 2.33
CA ALA A 104 14.23 -8.22 3.18
C ALA A 104 14.90 -9.28 2.34
N ILE A 105 14.22 -9.70 1.27
CA ILE A 105 14.81 -10.62 0.32
C ILE A 105 16.06 -9.98 -0.26
N GLN A 106 15.93 -8.74 -0.71
CA GLN A 106 17.07 -8.00 -1.25
C GLN A 106 18.14 -7.73 -0.20
N ARG A 107 17.76 -7.71 1.07
CA ARG A 107 18.73 -7.53 2.15
C ARG A 107 19.63 -8.73 2.19
N ASN A 108 19.02 -9.88 2.03
CA ASN A 108 19.76 -11.13 2.00
C ASN A 108 20.57 -11.23 0.71
N GLN A 109 19.95 -10.85 -0.39
CA GLN A 109 20.57 -10.96 -1.71
C GLN A 109 21.73 -9.99 -1.89
N LYS A 110 21.63 -8.79 -1.35
CA LYS A 110 22.69 -7.79 -1.48
C LYS A 110 23.74 -8.01 -0.40
N GLY A 111 23.34 -8.68 0.63
CA GLY A 111 24.21 -8.96 1.75
C GLY A 111 24.29 -7.80 2.72
N LEU A 112 23.28 -6.97 2.69
CA LEU A 112 23.22 -5.79 3.53
C LEU A 112 21.92 -5.78 4.27
N ASP A 113 21.99 -5.98 5.54
CA ASP A 113 20.82 -6.00 6.39
C ASP A 113 20.61 -4.59 6.88
N ILE A 114 19.39 -4.16 7.02
CA ILE A 114 19.14 -2.82 7.49
C ILE A 114 19.12 -2.78 9.00
N LYS A 115 20.14 -2.20 9.55
CA LYS A 115 20.34 -2.18 10.97
C LYS A 115 19.56 -1.02 11.59
N ASN A 116 18.97 -1.28 12.72
CA ASN A 116 18.16 -0.32 13.39
C ASN A 116 18.97 0.28 14.52
N ALA A 117 19.25 1.56 14.42
CA ALA A 117 20.10 2.23 15.38
C ALA A 117 19.31 2.72 16.57
N LEU A 118 18.06 2.41 16.54
CA LEU A 118 17.14 2.76 17.59
C LEU A 118 16.64 1.48 18.23
N LEU A 119 17.25 0.38 17.86
CA LEU A 119 16.80 -0.98 18.23
C LEU A 119 16.83 -1.22 19.72
N TRP A 120 17.87 -0.80 20.36
CA TRP A 120 18.08 -1.11 21.75
C TRP A 120 17.08 -0.40 22.64
N GLU A 121 16.82 0.83 22.32
CA GLU A 121 15.84 1.60 23.02
C GLU A 121 14.42 1.15 22.66
N THR A 122 14.23 0.71 21.41
CA THR A 122 12.93 0.18 20.94
C THR A 122 12.46 -1.00 21.83
N LYS A 123 13.42 -1.80 22.30
CA LYS A 123 13.16 -3.01 23.07
C LYS A 123 12.28 -2.72 24.29
N ARG A 124 12.67 -1.75 25.07
CA ARG A 124 11.94 -1.44 26.28
C ARG A 124 10.79 -0.48 25.96
N LEU A 125 11.04 0.46 25.07
CA LEU A 125 10.08 1.51 24.77
C LEU A 125 8.81 1.03 24.09
N TYR A 126 8.90 -0.01 23.28
CA TYR A 126 7.73 -0.56 22.62
C TYR A 126 7.71 -2.05 22.91
N LYS A 127 7.40 -2.38 24.15
CA LYS A 127 7.49 -3.75 24.68
C LYS A 127 6.65 -4.73 23.90
N ASP A 128 5.36 -4.48 23.84
CA ASP A 128 4.43 -5.44 23.28
C ASP A 128 4.59 -5.58 21.80
N GLU A 129 4.55 -4.47 21.12
CA GLU A 129 4.61 -4.44 19.69
C GLU A 129 5.92 -5.04 19.15
N PHE A 130 7.02 -4.80 19.84
CA PHE A 130 8.28 -5.34 19.42
C PHE A 130 8.38 -6.84 19.74
N ALA A 131 7.79 -7.27 20.86
CA ALA A 131 7.77 -8.68 21.23
C ALA A 131 6.92 -9.47 20.24
N ILE A 132 5.80 -8.88 19.86
CA ILE A 132 4.90 -9.46 18.87
C ILE A 132 5.57 -9.48 17.50
N GLY A 133 6.38 -8.45 17.25
CA GLY A 133 7.16 -8.40 16.03
C GLY A 133 8.11 -9.58 15.95
N LYS A 134 8.71 -9.93 17.09
CA LYS A 134 9.59 -11.09 17.15
C LYS A 134 8.80 -12.37 16.96
N GLU A 135 7.62 -12.45 17.57
CA GLU A 135 6.75 -13.63 17.42
C GLU A 135 6.39 -13.83 15.96
N ALA A 136 6.08 -12.74 15.30
CA ALA A 136 5.76 -12.76 13.90
C ALA A 136 6.98 -13.22 13.12
N LEU A 137 8.13 -12.66 13.45
CA LEU A 137 9.40 -12.99 12.80
C LEU A 137 9.71 -14.48 12.94
N VAL A 138 9.45 -15.02 14.11
CA VAL A 138 9.69 -16.43 14.37
C VAL A 138 8.81 -17.31 13.51
N MET A 139 7.57 -16.93 13.32
CA MET A 139 6.68 -17.71 12.49
C MET A 139 7.04 -17.53 11.00
N VAL A 140 7.39 -16.31 10.65
CA VAL A 140 7.76 -15.99 9.28
C VAL A 140 9.02 -16.72 8.87
N LYS A 141 10.01 -16.75 9.76
CA LYS A 141 11.28 -17.38 9.44
C LYS A 141 11.11 -18.87 9.25
N ASN A 142 10.24 -19.49 10.02
CA ASN A 142 10.04 -20.92 9.87
C ASN A 142 9.22 -21.27 8.64
N LYS A 143 8.31 -20.39 8.24
CA LYS A 143 7.55 -20.62 7.02
C LYS A 143 8.38 -20.37 5.76
N THR A 144 9.15 -19.31 5.77
CA THR A 144 9.89 -18.93 4.58
C THR A 144 11.25 -19.60 4.50
N GLY A 145 11.82 -19.85 5.64
CA GLY A 145 13.14 -20.38 5.73
C GLY A 145 14.16 -19.27 5.80
N VAL A 146 13.66 -18.03 5.77
CA VAL A 146 14.49 -16.86 5.77
C VAL A 146 14.37 -16.16 7.12
N SER A 147 15.45 -16.12 7.85
CA SER A 147 15.47 -15.47 9.13
C SER A 147 16.06 -14.06 8.98
N LEU A 148 15.30 -13.06 9.36
CA LEU A 148 15.74 -11.68 9.27
C LEU A 148 16.17 -11.20 10.64
N PRO A 149 17.06 -10.20 10.72
CA PRO A 149 17.51 -9.63 11.99
C PRO A 149 16.38 -8.93 12.77
N GLU A 150 16.61 -8.74 14.05
CA GLU A 150 15.65 -8.08 14.92
C GLU A 150 15.58 -6.61 14.58
N ASP A 151 16.65 -6.12 13.95
CA ASP A 151 16.74 -4.75 13.43
C ASP A 151 15.62 -4.47 12.47
N GLU A 152 15.47 -5.33 11.50
CA GLU A 152 14.47 -5.17 10.47
C GLU A 152 13.08 -5.38 11.05
N ALA A 153 12.99 -6.30 12.01
CA ALA A 153 11.73 -6.53 12.74
C ALA A 153 11.38 -5.31 13.59
N GLY A 154 12.40 -4.59 14.03
CA GLY A 154 12.21 -3.37 14.77
C GLY A 154 11.58 -2.31 13.91
N PHE A 155 12.05 -2.19 12.68
CA PHE A 155 11.45 -1.26 11.74
C PHE A 155 10.00 -1.65 11.48
N ILE A 156 9.74 -2.95 11.44
CA ILE A 156 8.39 -3.48 11.32
C ILE A 156 7.53 -2.98 12.49
N ALA A 157 8.05 -3.11 13.70
CA ALA A 157 7.36 -2.67 14.93
C ALA A 157 7.00 -1.18 14.86
N LEU A 158 7.91 -0.37 14.33
CA LEU A 158 7.64 1.07 14.16
C LEU A 158 6.51 1.31 13.17
N HIS A 159 6.47 0.54 12.13
CA HIS A 159 5.41 0.66 11.16
C HIS A 159 4.08 0.18 11.73
N ILE A 160 4.15 -0.80 12.63
CA ILE A 160 2.97 -1.31 13.32
C ILE A 160 2.36 -0.23 14.20
N VAL A 161 3.19 0.46 14.98
CA VAL A 161 2.70 1.48 15.87
C VAL A 161 2.16 2.69 15.10
N ASN A 162 2.66 2.89 13.90
CA ASN A 162 2.20 3.97 13.05
C ASN A 162 0.97 3.61 12.25
N ALA A 163 0.73 2.33 12.06
CA ALA A 163 -0.41 1.88 11.31
C ALA A 163 -1.55 1.42 12.22
N GLU A 164 -1.29 1.38 13.51
CA GLU A 164 -2.31 1.01 14.48
C GLU A 164 -3.47 1.99 14.44
N LEU A 165 -4.69 1.48 14.47
CA LEU A 165 -5.82 2.33 14.68
C LEU A 165 -5.85 2.60 16.15
N ASN A 166 -5.17 3.66 16.42
CA ASN A 166 -4.76 4.12 17.72
C ASN A 166 -5.77 4.06 18.81
N GLU A 167 -5.22 3.81 19.99
CA GLU A 167 -5.87 3.74 21.28
C GLU A 167 -7.15 4.59 21.37
N LEU A 168 -8.25 3.90 21.44
CA LEU A 168 -9.53 4.51 21.58
C LEU A 168 -10.15 4.00 22.84
N GLN A 169 -9.82 4.67 23.91
CA GLN A 169 -10.24 4.36 25.25
C GLN A 169 -9.64 5.42 26.16
N MET B 1 3.16 -8.11 -22.32
CA MET B 1 2.00 -8.82 -21.75
C MET B 1 1.05 -9.20 -22.85
N LYS B 2 -0.12 -9.69 -22.53
CA LYS B 2 -1.05 -10.04 -23.59
C LYS B 2 -2.48 -9.91 -23.15
N ILE B 3 -3.30 -9.61 -24.10
CA ILE B 3 -4.73 -9.51 -23.93
C ILE B 3 -5.29 -10.92 -23.86
N ALA B 4 -5.78 -11.29 -22.72
CA ALA B 4 -6.30 -12.60 -22.51
C ALA B 4 -7.78 -12.61 -22.75
N LYS B 5 -8.48 -11.62 -22.22
CA LYS B 5 -9.88 -11.54 -22.38
C LYS B 5 -10.25 -10.23 -23.01
N VAL B 6 -11.27 -10.24 -23.79
CA VAL B 6 -11.78 -9.07 -24.43
C VAL B 6 -13.21 -8.90 -24.00
N ILE B 7 -13.50 -7.80 -23.37
CA ILE B 7 -14.83 -7.54 -22.90
C ILE B 7 -15.59 -6.75 -23.96
N ASN B 8 -14.86 -5.91 -24.65
CA ASN B 8 -15.35 -5.12 -25.76
C ASN B 8 -14.18 -4.43 -26.35
N ASN B 9 -14.41 -3.59 -27.31
CA ASN B 9 -13.34 -2.89 -27.99
C ASN B 9 -12.53 -2.01 -27.05
N ASN B 10 -13.19 -1.27 -26.22
CA ASN B 10 -12.51 -0.32 -25.38
C ASN B 10 -12.12 -0.89 -24.03
N VAL B 11 -12.54 -2.09 -23.74
CA VAL B 11 -12.21 -2.70 -22.46
C VAL B 11 -11.69 -4.12 -22.67
N ILE B 12 -10.50 -4.37 -22.18
CA ILE B 12 -9.87 -5.67 -22.31
C ILE B 12 -9.32 -6.16 -20.97
N SER B 13 -8.94 -7.39 -20.96
CA SER B 13 -8.44 -8.06 -19.82
C SER B 13 -7.07 -8.63 -20.14
N VAL B 14 -6.08 -8.17 -19.44
CA VAL B 14 -4.71 -8.59 -19.67
C VAL B 14 -4.17 -9.35 -18.45
N VAL B 15 -3.50 -10.44 -18.69
CA VAL B 15 -2.84 -11.16 -17.63
C VAL B 15 -1.39 -10.77 -17.68
N ASN B 16 -0.96 -10.10 -16.64
CA ASN B 16 0.38 -9.58 -16.55
C ASN B 16 1.34 -10.68 -16.06
N GLU B 17 2.64 -10.37 -16.12
CA GLU B 17 3.77 -11.30 -15.88
C GLU B 17 3.61 -12.13 -14.61
N GLN B 18 3.30 -11.46 -13.54
CA GLN B 18 3.22 -12.08 -12.21
C GLN B 18 1.89 -12.80 -11.96
N GLY B 19 1.05 -12.83 -12.96
CA GLY B 19 -0.17 -13.58 -12.84
C GLY B 19 -1.33 -12.79 -12.31
N LYS B 20 -1.35 -11.50 -12.57
CA LYS B 20 -2.46 -10.69 -12.20
C LYS B 20 -3.22 -10.30 -13.41
N GLU B 21 -4.50 -10.31 -13.30
CA GLU B 21 -5.33 -9.87 -14.38
C GLU B 21 -5.57 -8.39 -14.18
N LEU B 22 -5.54 -7.65 -15.23
CA LEU B 22 -5.77 -6.25 -15.19
C LEU B 22 -6.83 -5.95 -16.22
N VAL B 23 -7.72 -5.08 -15.91
CA VAL B 23 -8.72 -4.65 -16.85
C VAL B 23 -8.31 -3.30 -17.34
N VAL B 24 -8.10 -3.18 -18.59
CA VAL B 24 -7.65 -1.95 -19.14
C VAL B 24 -8.79 -1.36 -19.95
N MET B 25 -9.00 -0.09 -19.80
CA MET B 25 -9.98 0.62 -20.55
C MET B 25 -9.32 1.72 -21.33
N GLY B 26 -9.71 1.84 -22.56
CA GLY B 26 -9.20 2.85 -23.40
C GLY B 26 -9.80 2.74 -24.74
N ARG B 27 -9.87 3.83 -25.40
CA ARG B 27 -10.47 3.93 -26.71
C ARG B 27 -9.79 3.03 -27.74
N GLY B 28 -10.54 2.09 -28.23
CA GLY B 28 -10.10 1.19 -29.25
C GLY B 28 -8.94 0.32 -28.85
N LEU B 29 -9.08 -0.35 -27.73
CA LEU B 29 -8.07 -1.25 -27.25
C LEU B 29 -8.02 -2.51 -28.06
N ALA B 30 -9.19 -3.04 -28.36
CA ALA B 30 -9.25 -4.27 -29.12
C ALA B 30 -9.29 -3.99 -30.61
N PHE B 31 -9.66 -2.79 -31.00
CA PHE B 31 -9.61 -2.39 -32.40
C PHE B 31 -8.17 -2.45 -32.90
N GLN B 32 -7.96 -3.23 -33.97
CA GLN B 32 -6.64 -3.41 -34.62
C GLN B 32 -5.73 -4.31 -33.76
N LYS B 33 -6.30 -4.89 -32.78
CA LYS B 33 -5.60 -5.74 -31.87
C LYS B 33 -6.26 -7.10 -31.84
N LYS B 34 -5.65 -8.06 -31.19
CA LYS B 34 -6.20 -9.38 -31.10
C LYS B 34 -5.86 -9.98 -29.76
N SER B 35 -6.50 -11.05 -29.44
CA SER B 35 -6.27 -11.72 -28.21
C SER B 35 -4.93 -12.45 -28.28
N GLY B 36 -4.15 -12.35 -27.24
CA GLY B 36 -2.85 -12.95 -27.24
C GLY B 36 -1.78 -11.98 -27.64
N ASP B 37 -2.22 -10.86 -28.14
CA ASP B 37 -1.34 -9.79 -28.55
C ASP B 37 -1.14 -8.86 -27.36
N ASP B 38 -0.12 -8.06 -27.42
CA ASP B 38 0.26 -7.23 -26.30
C ASP B 38 -0.65 -6.01 -26.20
N VAL B 39 -0.65 -5.40 -25.06
CA VAL B 39 -1.44 -4.24 -24.78
C VAL B 39 -0.70 -2.97 -25.24
N ASP B 40 -1.45 -2.02 -25.74
CA ASP B 40 -0.92 -0.80 -26.26
C ASP B 40 -0.97 0.30 -25.19
N GLU B 41 0.17 0.91 -24.90
CA GLU B 41 0.29 1.94 -23.90
C GLU B 41 -0.54 3.19 -24.25
N ALA B 42 -0.56 3.57 -25.53
CA ALA B 42 -1.24 4.78 -25.97
C ALA B 42 -2.75 4.61 -25.93
N ARG B 43 -3.18 3.37 -25.96
CA ARG B 43 -4.58 3.04 -25.86
C ARG B 43 -5.03 2.95 -24.39
N ILE B 44 -4.07 2.79 -23.50
CA ILE B 44 -4.34 2.70 -22.07
C ILE B 44 -4.75 4.05 -21.50
N GLU B 45 -6.01 4.19 -21.17
CA GLU B 45 -6.49 5.37 -20.51
C GLU B 45 -6.66 5.09 -19.04
N LYS B 46 -7.27 3.98 -18.74
CA LYS B 46 -7.55 3.59 -17.37
C LYS B 46 -7.19 2.13 -17.20
N VAL B 47 -6.77 1.77 -16.02
CA VAL B 47 -6.41 0.40 -15.70
C VAL B 47 -7.09 0.03 -14.40
N PHE B 48 -7.40 -1.22 -14.24
CA PHE B 48 -7.90 -1.73 -13.01
C PHE B 48 -7.08 -2.96 -12.68
N THR B 49 -6.58 -3.04 -11.49
CA THR B 49 -5.75 -4.16 -11.08
C THR B 49 -6.58 -5.11 -10.20
N LEU B 50 -6.30 -6.39 -10.33
CA LEU B 50 -7.01 -7.46 -9.64
C LEU B 50 -6.95 -7.37 -8.10
N ASP B 51 -8.06 -7.68 -7.51
CA ASP B 51 -8.30 -7.79 -6.08
C ASP B 51 -9.01 -9.13 -5.84
N ASN B 52 -8.76 -9.72 -4.70
CA ASN B 52 -9.18 -11.08 -4.40
C ASN B 52 -9.72 -11.13 -2.96
N LYS B 53 -10.91 -11.67 -2.75
CA LYS B 53 -11.55 -11.67 -1.42
C LYS B 53 -10.91 -12.68 -0.49
N ASP B 54 -10.22 -13.61 -1.07
CA ASP B 54 -9.65 -14.70 -0.32
C ASP B 54 -8.22 -14.46 0.05
N VAL B 55 -7.61 -13.49 -0.57
CA VAL B 55 -6.23 -13.18 -0.30
C VAL B 55 -6.09 -11.80 0.32
N SER B 56 -6.95 -10.89 -0.06
CA SER B 56 -6.87 -9.53 0.36
C SER B 56 -8.12 -9.11 1.15
N GLU B 57 -8.01 -9.13 2.46
CA GLU B 57 -9.05 -8.67 3.34
C GLU B 57 -8.92 -7.18 3.50
N LYS B 58 -7.80 -6.79 4.03
CA LYS B 58 -7.57 -5.44 4.42
C LYS B 58 -7.19 -4.62 3.21
N PHE B 59 -6.31 -5.18 2.38
CA PHE B 59 -5.87 -4.59 1.11
C PHE B 59 -7.05 -4.09 0.30
N LYS B 60 -8.07 -4.93 0.23
CA LYS B 60 -9.29 -4.67 -0.48
C LYS B 60 -9.94 -3.38 0.02
N THR B 61 -10.26 -3.38 1.29
CA THR B 61 -10.96 -2.30 1.92
C THR B 61 -10.23 -0.95 1.83
N LEU B 62 -8.92 -0.96 2.02
CA LEU B 62 -8.22 0.29 2.02
C LEU B 62 -7.93 0.83 0.65
N LEU B 63 -7.57 -0.02 -0.31
CA LEU B 63 -7.32 0.49 -1.67
C LEU B 63 -8.52 1.23 -2.24
N TYR B 64 -9.72 0.79 -1.85
CA TYR B 64 -10.94 1.46 -2.24
C TYR B 64 -11.09 2.77 -1.46
N ASP B 65 -10.90 2.66 -0.16
CA ASP B 65 -11.20 3.74 0.80
C ASP B 65 -10.20 4.88 0.85
N ILE B 66 -8.97 4.56 0.61
CA ILE B 66 -7.85 5.53 0.67
C ILE B 66 -8.20 6.81 -0.09
N PRO B 67 -8.30 7.95 0.67
CA PRO B 67 -8.68 9.25 0.14
C PRO B 67 -7.83 9.66 -1.05
N ILE B 68 -8.50 9.85 -2.17
CA ILE B 68 -7.85 10.17 -3.44
C ILE B 68 -7.08 11.51 -3.37
N GLU B 69 -7.61 12.44 -2.61
CA GLU B 69 -7.00 13.73 -2.43
C GLU B 69 -5.67 13.57 -1.68
N CYS B 70 -5.73 12.87 -0.57
CA CYS B 70 -4.56 12.63 0.22
C CYS B 70 -3.59 11.71 -0.51
N MET B 71 -4.13 10.88 -1.38
CA MET B 71 -3.35 9.98 -2.22
C MET B 71 -2.49 10.79 -3.17
N GLU B 72 -3.10 11.81 -3.79
CA GLU B 72 -2.37 12.70 -4.68
C GLU B 72 -1.32 13.45 -3.91
N VAL B 73 -1.72 13.97 -2.75
CA VAL B 73 -0.82 14.75 -1.93
C VAL B 73 0.36 13.92 -1.47
N SER B 74 0.09 12.69 -1.08
CA SER B 74 1.09 11.80 -0.60
C SER B 74 2.11 11.48 -1.69
N GLU B 75 1.64 11.22 -2.92
CA GLU B 75 2.55 10.88 -3.99
C GLU B 75 3.39 12.13 -4.32
N GLU B 76 2.75 13.29 -4.24
CA GLU B 76 3.37 14.57 -4.50
C GLU B 76 4.43 14.91 -3.43
N ILE B 77 4.19 14.51 -2.19
CA ILE B 77 5.16 14.68 -1.12
C ILE B 77 6.40 13.86 -1.43
N ILE B 78 6.19 12.67 -1.94
CA ILE B 78 7.30 11.83 -2.27
C ILE B 78 7.98 12.34 -3.53
N SER B 79 7.21 13.00 -4.37
CA SER B 79 7.73 13.63 -5.57
C SER B 79 8.78 14.68 -5.17
N TYR B 80 8.52 15.37 -4.09
CA TYR B 80 9.47 16.31 -3.53
C TYR B 80 10.64 15.53 -2.92
N ALA B 81 10.31 14.51 -2.17
CA ALA B 81 11.30 13.69 -1.47
C ALA B 81 12.29 13.04 -2.44
N LYS B 82 11.77 12.53 -3.56
CA LYS B 82 12.59 11.85 -4.55
C LYS B 82 13.47 12.86 -5.27
N LEU B 83 12.96 14.08 -5.41
CA LEU B 83 13.67 15.14 -6.08
C LEU B 83 14.83 15.61 -5.21
N GLN B 84 14.60 15.61 -3.91
CA GLN B 84 15.63 16.01 -2.96
C GLN B 84 16.75 14.99 -2.86
N LEU B 85 16.41 13.73 -2.99
CA LEU B 85 17.40 12.67 -2.90
C LEU B 85 18.04 12.34 -4.24
N GLY B 86 17.24 12.18 -5.26
CA GLY B 86 17.74 11.73 -6.54
C GLY B 86 17.65 10.21 -6.62
N LYS B 87 17.11 9.63 -5.57
CA LYS B 87 16.94 8.21 -5.44
C LYS B 87 15.50 7.88 -5.73
N LYS B 88 15.26 6.75 -6.33
CA LYS B 88 13.90 6.30 -6.59
C LYS B 88 13.34 5.64 -5.34
N LEU B 89 12.57 6.39 -4.59
CA LEU B 89 11.93 5.88 -3.39
C LEU B 89 10.80 4.96 -3.79
N ASN B 90 10.71 3.82 -3.14
CA ASN B 90 9.71 2.84 -3.51
C ASN B 90 8.36 3.22 -2.89
N ASP B 91 7.30 2.61 -3.39
CA ASP B 91 5.89 2.94 -3.05
C ASP B 91 5.53 2.74 -1.56
N SER B 92 6.42 2.13 -0.81
CA SER B 92 6.20 1.87 0.60
C SER B 92 6.05 3.18 1.39
N ILE B 93 6.59 4.28 0.86
CA ILE B 93 6.48 5.58 1.54
C ILE B 93 5.24 6.34 1.03
N TYR B 94 4.73 5.91 -0.10
CA TYR B 94 3.60 6.59 -0.72
C TYR B 94 2.31 6.14 -0.05
N VAL B 95 2.12 4.83 0.01
CA VAL B 95 0.94 4.25 0.64
C VAL B 95 0.91 4.58 2.12
N SER B 96 2.05 4.53 2.75
CA SER B 96 2.10 4.75 4.16
C SER B 96 1.78 6.19 4.51
N LEU B 97 2.16 7.14 3.64
CA LEU B 97 1.86 8.50 3.93
C LEU B 97 0.41 8.83 3.64
N THR B 98 -0.28 8.07 2.77
CA THR B 98 -1.71 8.32 2.57
C THR B 98 -2.43 8.02 3.88
N ASN B 99 -1.98 6.95 4.50
CA ASN B 99 -2.44 6.56 5.81
C ASN B 99 -2.00 7.56 6.85
N HIS B 100 -0.74 7.92 6.78
CA HIS B 100 -0.12 8.81 7.74
C HIS B 100 -0.78 10.18 7.71
N ILE B 101 -1.17 10.65 6.53
CA ILE B 101 -1.87 11.93 6.41
C ILE B 101 -3.26 11.82 7.04
N ASN B 102 -3.93 10.71 6.79
CA ASN B 102 -5.28 10.47 7.37
C ASN B 102 -5.17 10.45 8.89
N PHE B 103 -4.14 9.76 9.35
CA PHE B 103 -3.85 9.68 10.75
C PHE B 103 -3.41 11.03 11.29
N ALA B 104 -2.64 11.77 10.51
CA ALA B 104 -2.16 13.12 10.89
C ALA B 104 -3.33 14.05 11.11
N ILE B 105 -4.32 13.96 10.25
CA ILE B 105 -5.52 14.75 10.41
C ILE B 105 -6.23 14.31 11.69
N GLN B 106 -6.31 13.00 11.90
CA GLN B 106 -6.93 12.44 13.09
C GLN B 106 -6.14 12.83 14.37
N ARG B 107 -4.82 12.99 14.23
CA ARG B 107 -3.95 13.42 15.34
C ARG B 107 -4.43 14.78 15.78
N ASN B 108 -4.65 15.63 14.81
CA ASN B 108 -5.11 16.99 15.05
C ASN B 108 -6.53 16.99 15.59
N GLN B 109 -7.37 16.14 15.03
CA GLN B 109 -8.79 16.10 15.38
C GLN B 109 -9.04 15.59 16.79
N LYS B 110 -8.39 14.50 17.15
CA LYS B 110 -8.57 13.93 18.47
C LYS B 110 -7.66 14.61 19.49
N GLY B 111 -6.71 15.36 18.99
CA GLY B 111 -5.74 16.02 19.84
C GLY B 111 -4.86 14.99 20.50
N LEU B 112 -4.52 14.01 19.72
CA LEU B 112 -3.74 12.90 20.17
C LEU B 112 -2.59 12.74 19.22
N ASP B 113 -1.43 13.11 19.67
CA ASP B 113 -0.20 13.03 18.89
C ASP B 113 0.37 11.65 19.05
N ILE B 114 1.07 11.17 18.07
CA ILE B 114 1.79 9.95 18.26
C ILE B 114 3.24 10.31 18.57
N LYS B 115 3.58 10.18 19.81
CA LYS B 115 4.85 10.63 20.30
C LYS B 115 5.92 9.56 20.06
N ASN B 116 7.07 10.00 19.63
CA ASN B 116 8.14 9.13 19.23
C ASN B 116 9.16 9.05 20.34
N ALA B 117 9.31 7.89 20.93
CA ALA B 117 10.19 7.74 22.08
C ALA B 117 11.64 7.55 21.68
N LEU B 118 11.87 7.48 20.41
CA LEU B 118 13.19 7.26 19.85
C LEU B 118 13.70 8.56 19.23
N LEU B 119 12.82 9.55 19.22
CA LEU B 119 12.99 10.83 18.51
C LEU B 119 14.31 11.51 18.82
N TRP B 120 14.65 11.53 20.09
CA TRP B 120 15.83 12.23 20.56
C TRP B 120 17.09 11.65 19.93
N GLU B 121 17.08 10.35 19.67
CA GLU B 121 18.19 9.68 19.05
C GLU B 121 18.06 9.81 17.52
N THR B 122 16.82 9.67 17.04
CA THR B 122 16.49 9.69 15.61
C THR B 122 16.99 10.96 14.92
N LYS B 123 16.72 12.10 15.54
CA LYS B 123 17.06 13.40 14.97
C LYS B 123 18.56 13.58 14.75
N ARG B 124 19.36 12.90 15.52
CA ARG B 124 20.77 13.00 15.39
C ARG B 124 21.27 12.07 14.29
N LEU B 125 20.83 10.84 14.34
CA LEU B 125 21.32 9.80 13.45
C LEU B 125 20.83 9.95 12.01
N TYR B 126 19.57 10.21 11.85
CA TYR B 126 18.96 10.26 10.54
C TYR B 126 18.92 11.70 10.04
N LYS B 127 20.10 12.24 9.88
CA LYS B 127 20.32 13.63 9.48
C LYS B 127 19.64 13.99 8.17
N ASP B 128 19.82 13.18 7.17
CA ASP B 128 19.25 13.48 5.86
C ASP B 128 17.79 13.17 5.79
N GLU B 129 17.43 12.02 6.28
CA GLU B 129 16.08 11.53 6.22
C GLU B 129 15.13 12.36 7.07
N PHE B 130 15.58 12.75 8.26
CA PHE B 130 14.74 13.55 9.12
C PHE B 130 14.63 14.96 8.56
N ALA B 131 15.69 15.41 7.88
CA ALA B 131 15.66 16.71 7.23
C ALA B 131 14.59 16.73 6.13
N ILE B 132 14.49 15.62 5.38
CA ILE B 132 13.44 15.45 4.38
C ILE B 132 12.08 15.45 5.07
N GLY B 133 12.03 14.80 6.24
CA GLY B 133 10.82 14.78 7.05
C GLY B 133 10.40 16.18 7.45
N LYS B 134 11.36 17.01 7.79
CA LYS B 134 11.13 18.41 8.14
C LYS B 134 10.57 19.16 6.93
N GLU B 135 11.16 18.93 5.77
CA GLU B 135 10.72 19.56 4.55
C GLU B 135 9.32 19.04 4.16
N ALA B 136 9.11 17.77 4.39
CA ALA B 136 7.83 17.14 4.13
C ALA B 136 6.78 17.71 5.06
N LEU B 137 7.18 17.97 6.29
CA LEU B 137 6.31 18.59 7.28
C LEU B 137 5.91 19.99 6.81
N VAL B 138 6.87 20.71 6.23
CA VAL B 138 6.61 22.03 5.65
C VAL B 138 5.61 21.87 4.49
N MET B 139 5.84 20.88 3.68
CA MET B 139 4.97 20.56 2.54
C MET B 139 3.54 20.28 2.98
N VAL B 140 3.39 19.51 4.04
CA VAL B 140 2.09 19.17 4.55
C VAL B 140 1.38 20.41 5.08
N LYS B 141 2.10 21.23 5.80
CA LYS B 141 1.48 22.37 6.42
C LYS B 141 1.14 23.42 5.37
N ASN B 142 1.88 23.45 4.28
CA ASN B 142 1.57 24.39 3.22
C ASN B 142 0.33 24.00 2.47
N LYS B 143 0.19 22.73 2.14
CA LYS B 143 -0.92 22.37 1.30
C LYS B 143 -2.15 21.87 2.05
N THR B 144 -2.02 21.53 3.31
CA THR B 144 -3.18 21.09 4.07
C THR B 144 -3.40 21.94 5.31
N GLY B 145 -2.34 22.55 5.78
CA GLY B 145 -2.40 23.35 6.96
C GLY B 145 -2.10 22.55 8.19
N VAL B 146 -2.29 21.24 8.10
CA VAL B 146 -2.09 20.34 9.21
C VAL B 146 -0.61 20.37 9.61
N SER B 147 -0.36 20.77 10.81
CA SER B 147 0.95 20.89 11.31
C SER B 147 1.20 19.84 12.39
N LEU B 148 2.24 19.05 12.21
CA LEU B 148 2.54 17.96 13.09
C LEU B 148 3.86 18.21 13.84
N PRO B 149 4.02 17.61 15.03
CA PRO B 149 5.25 17.65 15.82
C PRO B 149 6.42 16.85 15.21
N GLU B 150 7.61 17.07 15.78
CA GLU B 150 8.86 16.40 15.40
C GLU B 150 8.70 14.88 15.41
N ASP B 151 7.97 14.40 16.41
CA ASP B 151 7.75 12.97 16.65
C ASP B 151 7.21 12.27 15.44
N GLU B 152 6.17 12.81 14.91
CA GLU B 152 5.46 12.23 13.80
C GLU B 152 6.28 12.35 12.53
N ALA B 153 7.05 13.43 12.42
CA ALA B 153 7.98 13.62 11.31
C ALA B 153 9.12 12.60 11.41
N GLY B 154 9.47 12.24 12.65
CA GLY B 154 10.47 11.22 12.89
C GLY B 154 10.00 9.89 12.42
N PHE B 155 8.74 9.58 12.65
CA PHE B 155 8.17 8.35 12.14
C PHE B 155 8.20 8.34 10.63
N ILE B 156 7.93 9.49 10.03
CA ILE B 156 8.01 9.65 8.58
C ILE B 156 9.43 9.31 8.10
N ALA B 157 10.44 9.77 8.84
CA ALA B 157 11.84 9.48 8.53
C ALA B 157 12.11 7.96 8.55
N LEU B 158 11.54 7.26 9.51
CA LEU B 158 11.67 5.79 9.57
C LEU B 158 10.99 5.13 8.37
N HIS B 159 9.90 5.69 7.92
CA HIS B 159 9.24 5.20 6.72
C HIS B 159 10.12 5.45 5.50
N ILE B 160 10.79 6.60 5.49
CA ILE B 160 11.69 6.96 4.40
C ILE B 160 12.86 5.98 4.29
N VAL B 161 13.45 5.62 5.43
CA VAL B 161 14.60 4.75 5.42
C VAL B 161 14.24 3.34 4.94
N ASN B 162 13.01 2.91 5.19
CA ASN B 162 12.57 1.60 4.71
C ASN B 162 12.05 1.63 3.28
N ALA B 163 11.68 2.81 2.82
CA ALA B 163 11.20 2.95 1.47
C ALA B 163 12.34 3.20 0.49
N GLU B 164 13.48 3.61 1.02
CA GLU B 164 14.64 3.83 0.21
C GLU B 164 15.29 2.50 -0.08
N LEU B 165 15.76 2.32 -1.30
CA LEU B 165 16.60 1.21 -1.59
C LEU B 165 17.96 1.63 -1.13
N ASN B 166 18.20 1.36 0.11
CA ASN B 166 19.37 1.79 0.87
C ASN B 166 20.65 1.42 0.19
N GLU B 167 21.21 2.41 -0.50
CA GLU B 167 22.47 2.37 -1.23
C GLU B 167 22.62 1.22 -2.25
N LEU B 168 22.62 1.60 -3.50
CA LEU B 168 22.72 0.65 -4.60
C LEU B 168 24.01 0.88 -5.36
N GLN B 169 24.99 1.16 -4.60
CA GLN B 169 26.31 1.47 -5.06
C GLN B 169 27.25 1.04 -3.97
N MET A 1 -21.75 -1.21 -1.47
CA MET A 1 -21.53 -0.51 -2.73
C MET A 1 -22.55 -0.96 -3.71
N LYS A 2 -22.80 -0.17 -4.69
CA LYS A 2 -23.84 -0.46 -5.64
C LYS A 2 -23.32 -0.51 -7.06
N ILE A 3 -24.10 -1.14 -7.88
CA ILE A 3 -23.84 -1.27 -9.30
C ILE A 3 -24.19 0.04 -9.97
N ALA A 4 -23.27 0.57 -10.71
CA ALA A 4 -23.50 1.77 -11.44
C ALA A 4 -23.57 1.45 -12.92
N LYS A 5 -22.58 0.73 -13.40
CA LYS A 5 -22.48 0.43 -14.80
C LYS A 5 -22.39 -1.07 -15.02
N VAL A 6 -23.02 -1.55 -16.05
CA VAL A 6 -23.04 -2.96 -16.34
C VAL A 6 -22.45 -3.18 -17.70
N ILE A 7 -21.52 -4.10 -17.80
CA ILE A 7 -20.99 -4.45 -19.08
C ILE A 7 -21.64 -5.75 -19.53
N ASN A 8 -21.81 -6.66 -18.58
CA ASN A 8 -22.44 -7.95 -18.83
C ASN A 8 -22.93 -8.50 -17.53
N ASN A 9 -23.48 -9.70 -17.56
CA ASN A 9 -24.07 -10.35 -16.39
C ASN A 9 -23.05 -10.60 -15.26
N ASN A 10 -21.80 -10.83 -15.59
CA ASN A 10 -20.80 -11.12 -14.59
C ASN A 10 -19.94 -9.93 -14.27
N VAL A 11 -19.74 -9.06 -15.24
CA VAL A 11 -18.84 -7.96 -15.07
C VAL A 11 -19.62 -6.67 -14.92
N ILE A 12 -19.38 -6.01 -13.82
CA ILE A 12 -20.04 -4.77 -13.51
C ILE A 12 -19.05 -3.70 -13.14
N SER A 13 -19.56 -2.52 -13.03
CA SER A 13 -18.85 -1.34 -12.69
C SER A 13 -19.54 -0.71 -11.48
N VAL A 14 -18.83 -0.61 -10.40
CA VAL A 14 -19.36 -0.02 -9.21
C VAL A 14 -18.53 1.20 -8.86
N VAL A 15 -19.08 2.10 -8.11
CA VAL A 15 -18.37 3.28 -7.68
C VAL A 15 -18.47 3.36 -6.17
N ASN A 16 -17.35 3.39 -5.49
CA ASN A 16 -17.36 3.45 -4.04
C ASN A 16 -17.52 4.91 -3.58
N GLU A 17 -17.36 5.13 -2.28
CA GLU A 17 -17.68 6.43 -1.67
C GLU A 17 -16.74 7.54 -2.14
N GLN A 18 -15.52 7.17 -2.42
CA GLN A 18 -14.51 8.12 -2.81
C GLN A 18 -14.58 8.47 -4.30
N GLY A 19 -15.63 7.99 -4.96
CA GLY A 19 -15.88 8.34 -6.35
C GLY A 19 -15.00 7.57 -7.30
N LYS A 20 -14.47 6.47 -6.84
CA LYS A 20 -13.60 5.69 -7.62
C LYS A 20 -14.31 4.47 -8.16
N GLU A 21 -14.15 4.25 -9.43
CA GLU A 21 -14.77 3.17 -10.15
C GLU A 21 -14.03 1.87 -9.89
N LEU A 22 -14.78 0.81 -9.76
CA LEU A 22 -14.25 -0.49 -9.52
C LEU A 22 -14.97 -1.45 -10.46
N VAL A 23 -14.28 -2.39 -10.98
CA VAL A 23 -14.87 -3.38 -11.83
C VAL A 23 -14.98 -4.66 -11.04
N VAL A 24 -16.14 -5.18 -10.94
CA VAL A 24 -16.36 -6.35 -10.16
C VAL A 24 -16.82 -7.45 -11.07
N MET A 25 -16.24 -8.59 -10.92
CA MET A 25 -16.63 -9.74 -11.66
C MET A 25 -17.19 -10.73 -10.71
N GLY A 26 -18.44 -10.94 -10.82
CA GLY A 26 -19.11 -11.85 -10.00
C GLY A 26 -20.04 -12.63 -10.79
N ARG A 27 -20.29 -13.79 -10.35
CA ARG A 27 -21.05 -14.74 -11.11
C ARG A 27 -22.53 -14.39 -11.07
N GLY A 28 -22.99 -13.78 -12.14
CA GLY A 28 -24.35 -13.36 -12.27
C GLY A 28 -24.70 -12.22 -11.35
N LEU A 29 -23.76 -11.31 -11.15
CA LEU A 29 -24.00 -10.16 -10.29
C LEU A 29 -24.94 -9.16 -10.92
N ALA A 30 -24.89 -9.04 -12.22
CA ALA A 30 -25.75 -8.12 -12.91
C ALA A 30 -26.99 -8.83 -13.41
N PHE A 31 -27.03 -10.13 -13.26
CA PHE A 31 -28.15 -10.89 -13.70
C PHE A 31 -29.29 -10.74 -12.71
N GLN A 32 -30.44 -10.30 -13.21
CA GLN A 32 -31.66 -10.08 -12.43
C GLN A 32 -31.40 -8.95 -11.40
N LYS A 33 -30.51 -8.07 -11.76
CA LYS A 33 -30.16 -6.93 -10.97
C LYS A 33 -30.02 -5.72 -11.86
N LYS A 34 -29.90 -4.58 -11.26
CA LYS A 34 -29.87 -3.34 -11.99
C LYS A 34 -28.89 -2.38 -11.33
N SER A 35 -28.74 -1.21 -11.90
CA SER A 35 -27.95 -0.20 -11.30
C SER A 35 -28.68 0.29 -10.04
N GLY A 36 -27.98 0.31 -8.94
CA GLY A 36 -28.58 0.70 -7.70
C GLY A 36 -28.66 -0.44 -6.72
N ASP A 37 -28.39 -1.63 -7.20
CA ASP A 37 -28.37 -2.81 -6.39
C ASP A 37 -27.04 -2.91 -5.68
N ASP A 38 -27.07 -3.33 -4.43
CA ASP A 38 -25.85 -3.45 -3.64
C ASP A 38 -25.13 -4.72 -4.03
N VAL A 39 -23.83 -4.66 -4.07
CA VAL A 39 -23.04 -5.77 -4.50
C VAL A 39 -22.55 -6.60 -3.32
N ASP A 40 -23.10 -7.77 -3.18
CA ASP A 40 -22.71 -8.70 -2.16
C ASP A 40 -21.39 -9.37 -2.53
N GLU A 41 -20.45 -9.39 -1.61
CA GLU A 41 -19.12 -9.89 -1.90
C GLU A 41 -19.06 -11.40 -2.01
N ALA A 42 -20.04 -12.11 -1.50
CA ALA A 42 -19.99 -13.56 -1.54
C ALA A 42 -20.29 -14.08 -2.94
N ARG A 43 -20.83 -13.22 -3.76
CA ARG A 43 -21.13 -13.54 -5.15
C ARG A 43 -20.05 -12.98 -6.07
N ILE A 44 -19.07 -12.30 -5.47
CA ILE A 44 -17.97 -11.72 -6.17
C ILE A 44 -16.87 -12.73 -6.30
N GLU A 45 -16.39 -12.91 -7.50
CA GLU A 45 -15.27 -13.78 -7.74
C GLU A 45 -14.02 -12.94 -7.68
N LYS A 46 -14.07 -11.79 -8.36
CA LYS A 46 -12.89 -10.97 -8.59
C LYS A 46 -13.29 -9.50 -8.49
N VAL A 47 -12.46 -8.69 -7.90
CA VAL A 47 -12.69 -7.25 -7.86
C VAL A 47 -11.50 -6.61 -8.55
N PHE A 48 -11.69 -5.49 -9.18
CA PHE A 48 -10.64 -4.72 -9.76
C PHE A 48 -10.83 -3.26 -9.36
N THR A 49 -9.78 -2.60 -8.96
CA THR A 49 -9.84 -1.20 -8.57
C THR A 49 -9.20 -0.32 -9.64
N LEU A 50 -9.80 0.85 -9.87
CA LEU A 50 -9.32 1.81 -10.86
C LEU A 50 -7.91 2.31 -10.55
N ASP A 51 -7.21 2.50 -11.62
CA ASP A 51 -5.87 2.99 -11.70
C ASP A 51 -5.85 3.90 -12.91
N ASN A 52 -5.17 5.00 -12.83
CA ASN A 52 -5.10 5.88 -13.96
C ASN A 52 -3.65 6.04 -14.35
N LYS A 53 -3.32 5.63 -15.58
CA LYS A 53 -1.93 5.49 -16.10
C LYS A 53 -0.97 6.62 -15.75
N ASP A 54 -1.46 7.81 -15.80
CA ASP A 54 -0.61 8.98 -15.61
C ASP A 54 -0.69 9.56 -14.21
N VAL A 55 -1.53 9.03 -13.38
CA VAL A 55 -1.67 9.55 -12.02
C VAL A 55 -1.18 8.51 -11.02
N SER A 56 -1.47 7.27 -11.30
CA SER A 56 -1.09 6.19 -10.47
C SER A 56 0.26 5.62 -10.93
N GLU A 57 0.98 6.38 -11.72
CA GLU A 57 2.24 5.93 -12.34
C GLU A 57 3.30 5.45 -11.36
N LYS A 58 3.32 6.00 -10.18
CA LYS A 58 4.18 5.53 -9.14
C LYS A 58 3.51 4.36 -8.43
N PHE A 59 2.33 4.65 -7.89
CA PHE A 59 1.48 3.72 -7.11
C PHE A 59 1.28 2.35 -7.79
N LYS A 60 1.18 2.34 -9.10
CA LYS A 60 0.91 1.14 -9.85
C LYS A 60 2.09 0.20 -9.90
N THR A 61 3.30 0.72 -9.70
CA THR A 61 4.47 -0.10 -9.89
C THR A 61 4.56 -1.23 -8.87
N LEU A 62 4.47 -0.92 -7.60
CA LEU A 62 4.57 -1.93 -6.59
C LEU A 62 3.30 -2.70 -6.38
N LEU A 63 2.15 -2.06 -6.51
CA LEU A 63 0.88 -2.77 -6.35
C LEU A 63 0.74 -3.91 -7.39
N TYR A 64 1.37 -3.75 -8.52
CA TYR A 64 1.38 -4.79 -9.51
C TYR A 64 2.48 -5.78 -9.21
N ASP A 65 3.64 -5.26 -8.81
CA ASP A 65 4.85 -6.05 -8.60
C ASP A 65 4.77 -7.00 -7.41
N ILE A 66 3.99 -6.64 -6.47
CA ILE A 66 3.77 -7.45 -5.26
C ILE A 66 3.03 -8.75 -5.63
N PRO A 67 3.68 -9.92 -5.47
CA PRO A 67 3.07 -11.21 -5.78
C PRO A 67 2.03 -11.59 -4.74
N ILE A 68 1.00 -12.32 -5.18
CA ILE A 68 -0.10 -12.73 -4.30
C ILE A 68 0.41 -13.55 -3.10
N GLU A 69 1.50 -14.30 -3.30
CA GLU A 69 2.09 -15.10 -2.25
C GLU A 69 2.53 -14.21 -1.10
N CYS A 70 3.35 -13.22 -1.41
CA CYS A 70 3.87 -12.32 -0.42
C CYS A 70 2.74 -11.50 0.21
N MET A 71 1.72 -11.28 -0.58
CA MET A 71 0.54 -10.54 -0.17
C MET A 71 -0.22 -11.36 0.87
N GLU A 72 -0.37 -12.66 0.62
CA GLU A 72 -1.04 -13.55 1.55
C GLU A 72 -0.22 -13.71 2.81
N VAL A 73 1.09 -13.81 2.65
CA VAL A 73 1.99 -13.96 3.78
C VAL A 73 1.91 -12.76 4.70
N SER A 74 1.90 -11.55 4.14
CA SER A 74 1.87 -10.35 4.95
C SER A 74 0.52 -10.24 5.66
N GLU A 75 -0.53 -10.60 4.96
CA GLU A 75 -1.87 -10.58 5.49
C GLU A 75 -1.93 -11.55 6.71
N GLU A 76 -1.32 -12.72 6.52
CA GLU A 76 -1.23 -13.75 7.53
C GLU A 76 -0.40 -13.29 8.74
N ILE A 77 0.66 -12.54 8.47
CA ILE A 77 1.51 -11.99 9.53
C ILE A 77 0.68 -11.07 10.43
N ILE A 78 -0.13 -10.25 9.81
CA ILE A 78 -0.94 -9.31 10.57
C ILE A 78 -2.05 -10.06 11.29
N SER A 79 -2.46 -11.17 10.74
CA SER A 79 -3.48 -12.00 11.35
C SER A 79 -2.91 -12.60 12.65
N TYR A 80 -1.64 -12.99 12.61
CA TYR A 80 -0.94 -13.50 13.77
C TYR A 80 -0.79 -12.39 14.80
N ALA A 81 -0.43 -11.21 14.32
CA ALA A 81 -0.24 -10.04 15.18
C ALA A 81 -1.56 -9.66 15.85
N LYS A 82 -2.65 -9.73 15.09
CA LYS A 82 -3.95 -9.40 15.61
C LYS A 82 -4.43 -10.46 16.59
N LEU A 83 -4.02 -11.70 16.36
CA LEU A 83 -4.35 -12.79 17.27
C LEU A 83 -3.63 -12.56 18.61
N GLN A 84 -2.43 -12.02 18.54
CA GLN A 84 -1.64 -11.70 19.73
C GLN A 84 -2.23 -10.50 20.49
N LEU A 85 -2.61 -9.48 19.76
CA LEU A 85 -3.13 -8.26 20.36
C LEU A 85 -4.63 -8.30 20.66
N GLY A 86 -5.41 -8.56 19.64
CA GLY A 86 -6.86 -8.45 19.72
C GLY A 86 -7.28 -7.10 19.17
N LYS A 87 -6.28 -6.27 18.99
CA LYS A 87 -6.40 -4.93 18.51
C LYS A 87 -6.27 -4.96 17.01
N LYS A 88 -6.67 -3.91 16.38
CA LYS A 88 -6.65 -3.85 14.94
C LYS A 88 -5.49 -3.00 14.42
N LEU A 89 -4.87 -3.51 13.40
CA LEU A 89 -3.83 -2.83 12.71
C LEU A 89 -4.36 -2.55 11.32
N ASN A 90 -4.10 -1.38 10.80
CA ASN A 90 -4.66 -1.00 9.51
C ASN A 90 -3.80 -1.50 8.38
N ASP A 91 -4.27 -1.33 7.17
CA ASP A 91 -3.60 -1.83 5.96
C ASP A 91 -2.19 -1.23 5.74
N SER A 92 -1.91 -0.13 6.42
CA SER A 92 -0.61 0.51 6.37
C SER A 92 0.54 -0.45 6.79
N ILE A 93 0.22 -1.49 7.55
CA ILE A 93 1.24 -2.47 7.96
C ILE A 93 1.27 -3.66 6.97
N TYR A 94 0.18 -3.83 6.25
CA TYR A 94 0.03 -4.93 5.31
C TYR A 94 0.87 -4.67 4.07
N VAL A 95 0.65 -3.52 3.46
CA VAL A 95 1.33 -3.15 2.23
C VAL A 95 2.82 -2.90 2.49
N SER A 96 3.16 -2.51 3.69
CA SER A 96 4.52 -2.26 3.99
C SER A 96 5.27 -3.56 4.23
N LEU A 97 4.62 -4.55 4.82
CA LEU A 97 5.30 -5.79 5.09
C LEU A 97 5.46 -6.63 3.85
N THR A 98 4.59 -6.46 2.86
CA THR A 98 4.76 -7.19 1.62
C THR A 98 6.03 -6.76 0.94
N ASN A 99 6.28 -5.47 0.95
CA ASN A 99 7.50 -5.01 0.40
C ASN A 99 8.65 -5.19 1.34
N HIS A 100 8.38 -5.14 2.64
CA HIS A 100 9.43 -5.33 3.63
C HIS A 100 9.97 -6.77 3.58
N ILE A 101 9.08 -7.75 3.33
CA ILE A 101 9.52 -9.12 3.17
C ILE A 101 10.35 -9.24 1.89
N ASN A 102 9.90 -8.57 0.84
CA ASN A 102 10.62 -8.56 -0.43
C ASN A 102 12.00 -7.88 -0.24
N PHE A 103 12.01 -6.80 0.54
CA PHE A 103 13.25 -6.12 0.93
C PHE A 103 14.16 -7.06 1.64
N ALA A 104 13.61 -7.78 2.61
CA ALA A 104 14.37 -8.71 3.40
C ALA A 104 15.05 -9.75 2.55
N ILE A 105 14.33 -10.25 1.56
CA ILE A 105 14.90 -11.24 0.66
C ILE A 105 16.04 -10.63 -0.15
N GLN A 106 15.81 -9.44 -0.64
CA GLN A 106 16.80 -8.75 -1.44
C GLN A 106 18.02 -8.37 -0.60
N ARG A 107 17.77 -7.91 0.60
CA ARG A 107 18.81 -7.51 1.50
C ARG A 107 19.60 -8.70 1.96
N ASN A 108 18.91 -9.78 2.27
CA ASN A 108 19.56 -10.99 2.77
C ASN A 108 20.43 -11.61 1.68
N GLN A 109 19.95 -11.60 0.44
CA GLN A 109 20.69 -12.18 -0.66
C GLN A 109 21.81 -11.24 -1.14
N LYS A 110 21.72 -9.98 -0.77
CA LYS A 110 22.73 -9.02 -1.13
C LYS A 110 23.78 -8.93 -0.03
N GLY A 111 23.43 -9.42 1.12
CA GLY A 111 24.30 -9.33 2.27
C GLY A 111 24.26 -7.93 2.84
N LEU A 112 23.10 -7.38 2.85
CA LEU A 112 22.86 -6.05 3.35
C LEU A 112 21.88 -6.12 4.50
N ASP A 113 22.18 -5.45 5.57
CA ASP A 113 21.31 -5.36 6.73
C ASP A 113 21.19 -3.91 7.08
N ILE A 114 20.00 -3.36 7.12
CA ILE A 114 19.90 -1.96 7.50
C ILE A 114 19.75 -1.89 9.01
N LYS A 115 20.73 -1.31 9.66
CA LYS A 115 20.74 -1.31 11.08
C LYS A 115 19.98 -0.20 11.73
N ASN A 116 19.37 -0.57 12.81
CA ASN A 116 18.49 0.28 13.56
C ASN A 116 19.28 0.90 14.68
N ALA A 117 19.61 2.16 14.55
CA ALA A 117 20.41 2.85 15.56
C ALA A 117 19.55 3.41 16.65
N LEU A 118 18.29 3.09 16.59
CA LEU A 118 17.32 3.49 17.57
C LEU A 118 16.87 2.24 18.33
N LEU A 119 17.50 1.12 18.01
CA LEU A 119 17.09 -0.22 18.47
C LEU A 119 17.00 -0.33 19.98
N TRP A 120 17.93 0.28 20.66
CA TRP A 120 17.98 0.19 22.12
C TRP A 120 16.79 0.89 22.77
N GLU A 121 16.51 2.11 22.33
CA GLU A 121 15.38 2.84 22.85
C GLU A 121 14.07 2.18 22.36
N THR A 122 14.13 1.59 21.17
CA THR A 122 13.01 0.87 20.58
C THR A 122 12.62 -0.35 21.45
N LYS A 123 13.62 -1.18 21.76
CA LYS A 123 13.42 -2.41 22.55
C LYS A 123 12.96 -2.05 23.96
N ARG A 124 13.30 -0.86 24.39
CA ARG A 124 12.91 -0.34 25.67
C ARG A 124 11.39 -0.09 25.76
N LEU A 125 10.84 0.63 24.80
CA LEU A 125 9.47 1.04 24.88
C LEU A 125 8.50 0.28 23.98
N TYR A 126 8.90 -0.01 22.75
CA TYR A 126 8.00 -0.67 21.78
C TYR A 126 8.22 -2.18 21.86
N LYS A 127 8.58 -2.63 23.04
CA LYS A 127 8.92 -4.02 23.32
C LYS A 127 7.80 -4.99 23.03
N ASP A 128 6.59 -4.52 23.16
CA ASP A 128 5.43 -5.35 22.91
C ASP A 128 5.29 -5.67 21.45
N GLU A 129 5.29 -4.63 20.63
CA GLU A 129 5.22 -4.79 19.19
C GLU A 129 6.43 -5.57 18.69
N PHE A 130 7.57 -5.31 19.31
CA PHE A 130 8.81 -5.99 18.97
C PHE A 130 8.71 -7.49 19.30
N ALA A 131 8.12 -7.81 20.45
CA ALA A 131 7.95 -9.19 20.90
C ALA A 131 7.04 -9.95 19.95
N ILE A 132 5.99 -9.28 19.50
CA ILE A 132 5.06 -9.86 18.55
C ILE A 132 5.76 -10.02 17.20
N GLY A 133 6.57 -9.04 16.85
CA GLY A 133 7.35 -9.08 15.65
C GLY A 133 8.31 -10.24 15.65
N LYS A 134 8.89 -10.50 16.81
CA LYS A 134 9.78 -11.63 17.02
C LYS A 134 9.06 -12.93 16.77
N GLU A 135 7.90 -13.10 17.38
CA GLU A 135 7.12 -14.33 17.22
C GLU A 135 6.59 -14.49 15.80
N ALA A 136 6.25 -13.38 15.19
CA ALA A 136 5.79 -13.37 13.83
C ALA A 136 6.94 -13.75 12.92
N LEU A 137 8.11 -13.22 13.21
CA LEU A 137 9.31 -13.51 12.46
C LEU A 137 9.66 -14.98 12.54
N VAL A 138 9.48 -15.57 13.73
CA VAL A 138 9.69 -17.00 13.91
C VAL A 138 8.79 -17.78 12.96
N MET A 139 7.54 -17.40 12.91
CA MET A 139 6.56 -18.07 12.05
C MET A 139 6.95 -17.91 10.57
N VAL A 140 7.41 -16.74 10.21
CA VAL A 140 7.83 -16.44 8.86
C VAL A 140 9.06 -17.28 8.49
N LYS A 141 10.03 -17.35 9.38
CA LYS A 141 11.24 -18.06 9.08
C LYS A 141 11.04 -19.55 9.09
N ASN A 142 10.02 -20.01 9.76
CA ASN A 142 9.70 -21.42 9.72
C ASN A 142 9.08 -21.78 8.37
N LYS A 143 8.16 -20.96 7.93
CA LYS A 143 7.47 -21.23 6.69
C LYS A 143 8.31 -20.93 5.45
N THR A 144 9.12 -19.90 5.50
CA THR A 144 9.85 -19.49 4.33
C THR A 144 11.34 -19.73 4.44
N GLY A 145 11.85 -19.61 5.64
CA GLY A 145 13.26 -19.74 5.88
C GLY A 145 13.93 -18.38 5.93
N VAL A 146 13.23 -17.37 5.45
CA VAL A 146 13.77 -16.02 5.37
C VAL A 146 13.80 -15.40 6.76
N SER A 147 14.99 -15.10 7.22
CA SER A 147 15.16 -14.51 8.50
C SER A 147 15.56 -13.05 8.35
N LEU A 148 14.72 -12.19 8.89
CA LEU A 148 14.94 -10.76 8.86
C LEU A 148 15.85 -10.34 10.00
N PRO A 149 16.65 -9.28 9.82
CA PRO A 149 17.52 -8.75 10.87
C PRO A 149 16.71 -8.21 12.07
N GLU A 150 17.32 -8.23 13.25
CA GLU A 150 16.68 -7.74 14.49
C GLU A 150 16.37 -6.25 14.33
N ASP A 151 17.26 -5.58 13.64
CA ASP A 151 17.17 -4.16 13.33
C ASP A 151 15.92 -3.88 12.55
N GLU A 152 15.74 -4.63 11.48
CA GLU A 152 14.61 -4.47 10.62
C GLU A 152 13.31 -4.90 11.30
N ALA A 153 13.41 -5.87 12.21
CA ALA A 153 12.27 -6.28 13.03
C ALA A 153 11.85 -5.14 13.96
N GLY A 154 12.83 -4.37 14.43
CA GLY A 154 12.54 -3.20 15.21
C GLY A 154 11.82 -2.18 14.39
N PHE A 155 12.24 -2.04 13.14
CA PHE A 155 11.54 -1.15 12.23
C PHE A 155 10.11 -1.61 11.99
N ILE A 156 9.91 -2.93 11.96
CA ILE A 156 8.57 -3.51 11.86
C ILE A 156 7.71 -3.06 13.04
N ALA A 157 8.29 -3.08 14.24
CA ALA A 157 7.61 -2.59 15.44
C ALA A 157 7.16 -1.13 15.25
N LEU A 158 8.05 -0.32 14.69
CA LEU A 158 7.71 1.08 14.38
C LEU A 158 6.60 1.17 13.35
N HIS A 159 6.57 0.27 12.40
CA HIS A 159 5.51 0.27 11.41
C HIS A 159 4.19 -0.09 12.08
N ILE A 160 4.24 -1.07 12.99
CA ILE A 160 3.07 -1.53 13.72
C ILE A 160 2.46 -0.41 14.55
N VAL A 161 3.30 0.36 15.24
CA VAL A 161 2.79 1.41 16.09
C VAL A 161 2.17 2.55 15.28
N ASN A 162 2.63 2.71 14.04
CA ASN A 162 2.05 3.72 13.15
C ASN A 162 0.80 3.21 12.46
N ALA A 163 0.74 1.93 12.22
CA ALA A 163 -0.37 1.32 11.53
C ALA A 163 -1.48 0.95 12.49
N GLU A 164 -1.22 1.06 13.77
CA GLU A 164 -2.21 0.79 14.77
C GLU A 164 -3.26 1.91 14.76
N LEU A 165 -4.50 1.55 14.57
CA LEU A 165 -5.60 2.49 14.55
C LEU A 165 -5.97 2.96 15.94
N ASN A 166 -6.84 3.96 15.98
CA ASN A 166 -7.42 4.45 17.22
C ASN A 166 -8.18 3.31 17.87
N GLU A 167 -8.42 3.41 19.16
CA GLU A 167 -9.06 2.32 19.85
C GLU A 167 -10.56 2.33 19.58
N LEU A 168 -10.91 1.72 18.51
CA LEU A 168 -12.26 1.53 18.04
C LEU A 168 -12.31 0.14 17.45
N GLN A 169 -12.91 -0.77 18.17
CA GLN A 169 -12.87 -2.14 17.77
C GLN A 169 -14.14 -2.52 17.02
N MET B 1 3.59 -7.08 -21.62
CA MET B 1 2.36 -7.77 -21.21
C MET B 1 1.55 -8.09 -22.43
N LYS B 2 0.38 -8.64 -22.27
CA LYS B 2 -0.43 -8.96 -23.43
C LYS B 2 -1.90 -9.00 -23.12
N ILE B 3 -2.66 -8.85 -24.17
CA ILE B 3 -4.11 -8.88 -24.13
C ILE B 3 -4.55 -10.34 -24.15
N ALA B 4 -5.22 -10.76 -23.10
CA ALA B 4 -5.64 -12.13 -22.99
C ALA B 4 -7.16 -12.25 -23.17
N LYS B 5 -7.89 -11.33 -22.60
CA LYS B 5 -9.33 -11.42 -22.64
C LYS B 5 -9.93 -10.11 -23.11
N VAL B 6 -10.99 -10.19 -23.84
CA VAL B 6 -11.66 -9.03 -24.38
C VAL B 6 -13.07 -8.96 -23.86
N ILE B 7 -13.44 -7.83 -23.34
CA ILE B 7 -14.77 -7.59 -22.89
C ILE B 7 -15.54 -6.82 -23.96
N ASN B 8 -14.83 -5.94 -24.63
CA ASN B 8 -15.36 -5.16 -25.74
C ASN B 8 -14.20 -4.45 -26.41
N ASN B 9 -14.48 -3.65 -27.40
CA ASN B 9 -13.44 -2.95 -28.18
C ASN B 9 -12.60 -2.02 -27.32
N ASN B 10 -13.19 -1.45 -26.30
CA ASN B 10 -12.47 -0.51 -25.47
C ASN B 10 -11.99 -1.16 -24.18
N VAL B 11 -12.71 -2.14 -23.71
CA VAL B 11 -12.35 -2.77 -22.45
C VAL B 11 -11.70 -4.12 -22.68
N ILE B 12 -10.50 -4.27 -22.19
CA ILE B 12 -9.75 -5.50 -22.32
C ILE B 12 -9.35 -6.05 -20.97
N SER B 13 -8.86 -7.24 -21.02
CA SER B 13 -8.42 -7.96 -19.90
C SER B 13 -7.01 -8.44 -20.19
N VAL B 14 -6.08 -8.03 -19.41
CA VAL B 14 -4.71 -8.39 -19.61
C VAL B 14 -4.20 -9.08 -18.36
N VAL B 15 -3.10 -9.77 -18.49
CA VAL B 15 -2.47 -10.40 -17.38
C VAL B 15 -1.08 -9.82 -17.29
N ASN B 16 -0.70 -9.36 -16.12
CA ASN B 16 0.61 -8.78 -15.96
C ASN B 16 1.64 -9.83 -15.56
N GLU B 17 2.82 -9.36 -15.23
CA GLU B 17 3.98 -10.16 -14.90
C GLU B 17 3.73 -11.07 -13.69
N GLN B 18 3.02 -10.55 -12.73
CA GLN B 18 2.79 -11.26 -11.48
C GLN B 18 1.60 -12.20 -11.55
N GLY B 19 0.99 -12.30 -12.72
CA GLY B 19 -0.11 -13.22 -12.89
C GLY B 19 -1.41 -12.65 -12.38
N LYS B 20 -1.51 -11.35 -12.39
CA LYS B 20 -2.69 -10.70 -11.97
C LYS B 20 -3.39 -10.09 -13.14
N GLU B 21 -4.69 -10.28 -13.19
CA GLU B 21 -5.50 -9.75 -14.24
C GLU B 21 -5.67 -8.25 -14.05
N LEU B 22 -5.66 -7.54 -15.12
CA LEU B 22 -5.88 -6.12 -15.12
C LEU B 22 -6.91 -5.85 -16.18
N VAL B 23 -7.84 -5.02 -15.89
CA VAL B 23 -8.86 -4.64 -16.84
C VAL B 23 -8.52 -3.26 -17.33
N VAL B 24 -8.14 -3.17 -18.55
CA VAL B 24 -7.71 -1.92 -19.10
C VAL B 24 -8.80 -1.40 -20.00
N MET B 25 -9.08 -0.14 -19.89
CA MET B 25 -10.09 0.48 -20.69
C MET B 25 -9.48 1.59 -21.46
N GLY B 26 -9.62 1.51 -22.73
CA GLY B 26 -9.14 2.52 -23.59
C GLY B 26 -9.74 2.35 -24.93
N ARG B 27 -9.86 3.42 -25.61
CA ARG B 27 -10.55 3.42 -26.87
C ARG B 27 -9.84 2.66 -27.97
N GLY B 28 -10.47 1.57 -28.36
CA GLY B 28 -9.97 0.74 -29.42
C GLY B 28 -8.78 -0.09 -29.00
N LEU B 29 -8.78 -0.53 -27.77
CA LEU B 29 -7.69 -1.34 -27.26
C LEU B 29 -7.79 -2.79 -27.76
N ALA B 30 -8.99 -3.26 -27.99
CA ALA B 30 -9.15 -4.58 -28.54
C ALA B 30 -9.37 -4.49 -30.03
N PHE B 31 -9.76 -3.30 -30.45
CA PHE B 31 -10.07 -3.03 -31.81
C PHE B 31 -8.81 -2.88 -32.64
N GLN B 32 -8.77 -3.62 -33.76
CA GLN B 32 -7.70 -3.58 -34.76
C GLN B 32 -6.41 -4.09 -34.11
N LYS B 33 -6.56 -4.98 -33.17
CA LYS B 33 -5.45 -5.54 -32.44
C LYS B 33 -5.67 -7.02 -32.26
N LYS B 34 -4.72 -7.68 -31.67
CA LYS B 34 -4.78 -9.11 -31.52
C LYS B 34 -4.50 -9.53 -30.09
N SER B 35 -5.08 -10.63 -29.69
CA SER B 35 -4.86 -11.16 -28.39
C SER B 35 -3.49 -11.81 -28.35
N GLY B 36 -2.66 -11.35 -27.45
CA GLY B 36 -1.30 -11.82 -27.36
C GLY B 36 -0.35 -10.70 -27.67
N ASP B 37 -0.89 -9.61 -28.13
CA ASP B 37 -0.13 -8.43 -28.44
C ASP B 37 0.01 -7.63 -27.16
N ASP B 38 0.97 -6.74 -27.11
CA ASP B 38 1.18 -5.91 -25.94
C ASP B 38 0.20 -4.76 -26.00
N VAL B 39 -0.18 -4.26 -24.86
CA VAL B 39 -1.19 -3.24 -24.79
C VAL B 39 -0.65 -1.90 -25.30
N ASP B 40 -1.30 -1.38 -26.34
CA ASP B 40 -1.00 -0.06 -26.88
C ASP B 40 -1.35 1.00 -25.84
N GLU B 41 -0.34 1.48 -25.13
CA GLU B 41 -0.55 2.28 -23.95
C GLU B 41 -1.02 3.71 -24.22
N ALA B 42 -0.94 4.14 -25.46
CA ALA B 42 -1.42 5.47 -25.83
C ALA B 42 -2.93 5.55 -25.69
N ARG B 43 -3.59 4.45 -25.98
CA ARG B 43 -5.05 4.40 -25.95
C ARG B 43 -5.60 4.07 -24.57
N ILE B 44 -4.71 3.74 -23.65
CA ILE B 44 -5.12 3.43 -22.30
C ILE B 44 -5.60 4.67 -21.59
N GLU B 45 -6.84 4.66 -21.18
CA GLU B 45 -7.36 5.72 -20.41
C GLU B 45 -7.32 5.31 -18.96
N LYS B 46 -7.84 4.12 -18.71
CA LYS B 46 -8.10 3.63 -17.38
C LYS B 46 -7.55 2.23 -17.25
N VAL B 47 -7.09 1.92 -16.10
CA VAL B 47 -6.63 0.60 -15.81
C VAL B 47 -7.35 0.20 -14.54
N PHE B 48 -7.61 -1.04 -14.39
CA PHE B 48 -8.14 -1.55 -13.18
C PHE B 48 -7.30 -2.73 -12.79
N THR B 49 -6.81 -2.72 -11.62
CA THR B 49 -5.96 -3.77 -11.15
C THR B 49 -6.75 -4.70 -10.24
N LEU B 50 -6.46 -5.98 -10.32
CA LEU B 50 -7.11 -7.01 -9.53
C LEU B 50 -6.99 -6.72 -8.02
N ASP B 51 -8.10 -6.86 -7.40
CA ASP B 51 -8.34 -6.69 -6.01
C ASP B 51 -8.74 -8.04 -5.44
N ASN B 52 -7.90 -8.58 -4.61
CA ASN B 52 -8.17 -9.85 -3.96
C ASN B 52 -8.93 -9.57 -2.70
N LYS B 53 -10.23 -9.62 -2.80
CA LYS B 53 -11.07 -9.31 -1.67
C LYS B 53 -11.18 -10.48 -0.74
N ASP B 54 -10.78 -11.61 -1.23
CA ASP B 54 -11.02 -12.84 -0.54
C ASP B 54 -10.11 -13.03 0.63
N VAL B 55 -8.87 -12.77 0.42
CA VAL B 55 -7.90 -12.94 1.46
C VAL B 55 -7.49 -11.57 2.01
N SER B 56 -7.43 -10.60 1.14
CA SER B 56 -6.93 -9.30 1.48
C SER B 56 -8.07 -8.32 1.74
N GLU B 57 -8.51 -8.27 2.98
CA GLU B 57 -9.65 -7.47 3.34
C GLU B 57 -9.37 -5.99 3.62
N LYS B 58 -8.29 -5.71 4.28
CA LYS B 58 -7.92 -4.33 4.51
C LYS B 58 -7.28 -3.71 3.30
N PHE B 59 -6.45 -4.50 2.61
CA PHE B 59 -5.79 -4.08 1.35
C PHE B 59 -6.80 -3.44 0.40
N LYS B 60 -7.91 -4.13 0.20
CA LYS B 60 -8.93 -3.66 -0.69
C LYS B 60 -9.62 -2.38 -0.18
N THR B 61 -9.98 -2.38 1.09
CA THR B 61 -10.77 -1.32 1.65
C THR B 61 -9.99 -0.03 1.78
N LEU B 62 -8.74 -0.15 2.19
CA LEU B 62 -7.93 1.01 2.36
C LEU B 62 -7.54 1.65 1.04
N LEU B 63 -7.35 0.84 -0.01
CA LEU B 63 -7.09 1.40 -1.34
C LEU B 63 -8.30 2.22 -1.82
N TYR B 64 -9.47 1.92 -1.30
CA TYR B 64 -10.65 2.69 -1.61
C TYR B 64 -10.70 3.91 -0.72
N ASP B 65 -10.44 3.67 0.56
CA ASP B 65 -10.59 4.64 1.66
C ASP B 65 -9.66 5.83 1.55
N ILE B 66 -8.64 5.64 0.81
CA ILE B 66 -7.66 6.69 0.52
C ILE B 66 -8.23 7.69 -0.51
N PRO B 67 -8.51 8.93 -0.10
CA PRO B 67 -9.02 9.97 -1.00
C PRO B 67 -7.91 10.50 -1.94
N ILE B 68 -8.33 11.05 -3.07
CA ILE B 68 -7.40 11.53 -4.08
C ILE B 68 -6.50 12.68 -3.57
N GLU B 69 -7.06 13.51 -2.69
CA GLU B 69 -6.32 14.62 -2.09
C GLU B 69 -5.14 14.08 -1.29
N CYS B 70 -5.41 13.09 -0.44
CA CYS B 70 -4.39 12.48 0.39
C CYS B 70 -3.34 11.81 -0.50
N MET B 71 -3.80 11.28 -1.64
CA MET B 71 -2.93 10.67 -2.62
C MET B 71 -1.98 11.68 -3.19
N GLU B 72 -2.48 12.86 -3.56
CA GLU B 72 -1.64 13.89 -4.14
C GLU B 72 -0.60 14.34 -3.16
N VAL B 73 -1.02 14.52 -1.93
CA VAL B 73 -0.13 14.98 -0.88
C VAL B 73 1.01 13.98 -0.68
N SER B 74 0.68 12.71 -0.59
CA SER B 74 1.68 11.71 -0.33
C SER B 74 2.60 11.51 -1.54
N GLU B 75 2.02 11.63 -2.73
CA GLU B 75 2.75 11.47 -3.97
C GLU B 75 3.80 12.58 -4.05
N GLU B 76 3.39 13.76 -3.62
CA GLU B 76 4.24 14.92 -3.59
C GLU B 76 5.31 14.81 -2.51
N ILE B 77 4.93 14.25 -1.36
CA ILE B 77 5.86 14.05 -0.25
C ILE B 77 6.98 13.14 -0.66
N ILE B 78 6.66 12.03 -1.26
CA ILE B 78 7.67 11.07 -1.55
C ILE B 78 8.45 11.48 -2.78
N SER B 79 7.82 12.23 -3.65
CA SER B 79 8.51 12.73 -4.80
C SER B 79 9.57 13.75 -4.34
N TYR B 80 9.25 14.51 -3.27
CA TYR B 80 10.19 15.46 -2.73
C TYR B 80 11.33 14.71 -2.02
N ALA B 81 10.96 13.70 -1.27
CA ALA B 81 11.92 12.90 -0.52
C ALA B 81 12.87 12.19 -1.46
N LYS B 82 12.34 11.65 -2.54
CA LYS B 82 13.12 10.94 -3.51
C LYS B 82 14.00 11.93 -4.29
N LEU B 83 13.48 13.12 -4.50
CA LEU B 83 14.19 14.17 -5.23
C LEU B 83 15.40 14.63 -4.43
N GLN B 84 15.28 14.59 -3.12
CA GLN B 84 16.39 14.92 -2.23
C GLN B 84 17.43 13.81 -2.14
N LEU B 85 16.99 12.58 -2.25
CA LEU B 85 17.89 11.46 -2.12
C LEU B 85 18.53 11.07 -3.43
N GLY B 86 17.73 11.02 -4.48
CA GLY B 86 18.21 10.61 -5.79
C GLY B 86 17.99 9.16 -6.01
N LYS B 87 18.17 8.46 -4.95
CA LYS B 87 17.95 7.05 -4.85
C LYS B 87 16.47 6.86 -4.84
N LYS B 88 15.98 5.96 -5.64
CA LYS B 88 14.57 5.74 -5.70
C LYS B 88 14.09 5.02 -4.45
N LEU B 89 12.90 5.34 -4.06
CA LEU B 89 12.30 4.73 -2.93
C LEU B 89 11.28 3.75 -3.44
N ASN B 90 11.10 2.68 -2.71
CA ASN B 90 10.10 1.68 -3.04
C ASN B 90 8.74 2.30 -2.87
N ASP B 91 7.81 2.00 -3.78
CA ASP B 91 6.49 2.66 -3.80
C ASP B 91 5.66 2.44 -2.53
N SER B 92 5.94 1.37 -1.80
CA SER B 92 5.28 1.16 -0.53
C SER B 92 5.89 2.09 0.53
N ILE B 93 5.51 3.33 0.38
CA ILE B 93 5.83 4.43 1.23
C ILE B 93 4.84 5.53 0.86
N TYR B 94 4.49 5.56 -0.44
CA TYR B 94 3.47 6.44 -0.92
C TYR B 94 2.15 5.94 -0.39
N VAL B 95 1.92 4.64 -0.58
CA VAL B 95 0.69 3.98 -0.18
C VAL B 95 0.54 4.00 1.35
N SER B 96 1.63 3.86 2.06
CA SER B 96 1.57 3.86 3.48
C SER B 96 1.35 5.27 4.01
N LEU B 97 1.94 6.27 3.36
CA LEU B 97 1.74 7.63 3.81
C LEU B 97 0.36 8.13 3.46
N THR B 98 -0.24 7.65 2.37
CA THR B 98 -1.60 8.01 2.04
C THR B 98 -2.55 7.55 3.13
N ASN B 99 -2.26 6.42 3.69
CA ASN B 99 -3.05 5.92 4.76
C ASN B 99 -2.71 6.70 6.04
N HIS B 100 -1.42 6.97 6.23
CA HIS B 100 -0.93 7.71 7.41
C HIS B 100 -1.50 9.14 7.42
N ILE B 101 -1.64 9.75 6.26
CA ILE B 101 -2.25 11.07 6.16
C ILE B 101 -3.68 11.01 6.67
N ASN B 102 -4.41 9.96 6.27
CA ASN B 102 -5.78 9.80 6.76
C ASN B 102 -5.77 9.52 8.28
N PHE B 103 -4.75 8.77 8.76
CA PHE B 103 -4.52 8.59 10.21
C PHE B 103 -4.39 9.92 10.90
N ALA B 104 -3.53 10.76 10.35
CA ALA B 104 -3.25 12.07 10.89
C ALA B 104 -4.51 12.90 10.97
N ILE B 105 -5.34 12.83 9.95
CA ILE B 105 -6.59 13.58 9.91
C ILE B 105 -7.58 13.07 10.97
N GLN B 106 -7.62 11.77 11.16
CA GLN B 106 -8.50 11.19 12.16
C GLN B 106 -7.98 11.45 13.57
N ARG B 107 -6.68 11.40 13.72
CA ARG B 107 -6.06 11.66 15.00
C ARG B 107 -6.10 13.13 15.32
N ASN B 108 -6.02 13.96 14.29
CA ASN B 108 -6.12 15.42 14.40
C ASN B 108 -7.43 15.79 15.07
N GLN B 109 -8.51 15.20 14.58
CA GLN B 109 -9.83 15.49 15.10
C GLN B 109 -10.05 14.85 16.48
N LYS B 110 -9.23 13.85 16.79
CA LYS B 110 -9.31 13.15 18.06
C LYS B 110 -8.44 13.83 19.12
N GLY B 111 -7.51 14.59 18.64
CA GLY B 111 -6.55 15.24 19.50
C GLY B 111 -5.47 14.27 19.96
N LEU B 112 -5.16 13.31 19.10
CA LEU B 112 -4.24 12.25 19.43
C LEU B 112 -2.95 12.32 18.62
N ASP B 113 -1.94 12.88 19.21
CA ASP B 113 -0.60 12.93 18.62
C ASP B 113 0.06 11.61 18.90
N ILE B 114 0.78 11.09 17.95
CA ILE B 114 1.56 9.89 18.22
C ILE B 114 2.99 10.29 18.40
N LYS B 115 3.48 10.17 19.60
CA LYS B 115 4.79 10.64 19.92
C LYS B 115 5.87 9.64 19.67
N ASN B 116 6.97 10.15 19.20
CA ASN B 116 8.08 9.34 18.85
C ASN B 116 9.05 9.36 19.99
N ALA B 117 9.20 8.25 20.67
CA ALA B 117 10.09 8.18 21.81
C ALA B 117 11.52 8.04 21.38
N LEU B 118 11.70 7.90 20.12
CA LEU B 118 12.99 7.76 19.51
C LEU B 118 13.42 9.09 18.93
N LEU B 119 12.61 10.13 19.14
CA LEU B 119 12.79 11.44 18.49
C LEU B 119 14.15 12.05 18.74
N TRP B 120 14.60 12.00 19.97
CA TRP B 120 15.86 12.63 20.33
C TRP B 120 17.03 11.86 19.76
N GLU B 121 16.87 10.56 19.72
CA GLU B 121 17.84 9.66 19.17
C GLU B 121 17.85 9.81 17.62
N THR B 122 16.66 10.03 17.06
CA THR B 122 16.47 10.26 15.63
C THR B 122 17.17 11.55 15.21
N LYS B 123 17.00 12.57 16.02
CA LYS B 123 17.57 13.90 15.79
C LYS B 123 19.11 13.84 15.89
N ARG B 124 19.59 12.83 16.58
CA ARG B 124 21.00 12.60 16.78
C ARG B 124 21.67 12.04 15.51
N LEU B 125 21.11 10.95 14.98
CA LEU B 125 21.75 10.25 13.89
C LEU B 125 21.00 10.40 12.54
N TYR B 126 19.70 10.24 12.57
CA TYR B 126 18.87 10.25 11.35
C TYR B 126 18.41 11.66 11.04
N LYS B 127 19.24 12.61 11.40
CA LYS B 127 18.97 14.03 11.24
C LYS B 127 18.77 14.47 9.80
N ASP B 128 19.41 13.78 8.91
CA ASP B 128 19.32 14.08 7.48
C ASP B 128 17.95 13.78 6.96
N GLU B 129 17.55 12.55 7.11
CA GLU B 129 16.25 12.11 6.67
C GLU B 129 15.13 12.75 7.46
N PHE B 130 15.41 13.06 8.71
CA PHE B 130 14.46 13.79 9.54
C PHE B 130 14.23 15.18 8.98
N ALA B 131 15.30 15.83 8.54
CA ALA B 131 15.21 17.14 7.95
C ALA B 131 14.46 17.07 6.64
N ILE B 132 14.79 16.06 5.84
CA ILE B 132 14.15 15.86 4.54
C ILE B 132 12.64 15.60 4.71
N GLY B 133 12.30 14.84 5.72
CA GLY B 133 10.91 14.58 6.03
C GLY B 133 10.18 15.85 6.40
N LYS B 134 10.84 16.69 7.18
CA LYS B 134 10.27 17.96 7.56
C LYS B 134 10.17 18.92 6.39
N GLU B 135 11.15 18.88 5.50
CA GLU B 135 11.13 19.72 4.29
C GLU B 135 9.96 19.35 3.40
N ALA B 136 9.66 18.07 3.30
CA ALA B 136 8.50 17.62 2.56
C ALA B 136 7.24 18.07 3.27
N LEU B 137 7.31 18.09 4.58
CA LEU B 137 6.22 18.56 5.40
C LEU B 137 6.03 20.07 5.20
N VAL B 138 7.12 20.82 5.00
CA VAL B 138 7.05 22.25 4.72
C VAL B 138 6.28 22.48 3.43
N MET B 139 6.54 21.64 2.45
CA MET B 139 5.83 21.65 1.17
C MET B 139 4.35 21.42 1.40
N VAL B 140 4.04 20.45 2.23
CA VAL B 140 2.66 20.14 2.58
C VAL B 140 2.00 21.31 3.30
N LYS B 141 2.67 21.87 4.29
CA LYS B 141 2.09 22.94 5.09
C LYS B 141 1.98 24.22 4.31
N ASN B 142 2.81 24.39 3.30
CA ASN B 142 2.69 25.56 2.46
C ASN B 142 1.53 25.45 1.52
N LYS B 143 1.17 24.24 1.13
CA LYS B 143 0.00 24.10 0.30
C LYS B 143 -1.31 23.99 1.10
N THR B 144 -1.27 23.28 2.20
CA THR B 144 -2.49 22.98 2.91
C THR B 144 -2.71 23.86 4.13
N GLY B 145 -1.64 24.25 4.76
CA GLY B 145 -1.72 24.97 5.98
C GLY B 145 -1.80 24.04 7.18
N VAL B 146 -1.67 22.75 6.93
CA VAL B 146 -1.69 21.77 7.99
C VAL B 146 -0.26 21.32 8.28
N SER B 147 0.14 21.39 9.52
CA SER B 147 1.47 21.04 9.90
C SER B 147 1.45 19.86 10.88
N LEU B 148 2.40 18.96 10.74
CA LEU B 148 2.49 17.79 11.59
C LEU B 148 3.60 17.95 12.64
N PRO B 149 3.53 17.20 13.77
CA PRO B 149 4.52 17.27 14.84
C PRO B 149 5.89 16.69 14.43
N GLU B 150 6.91 17.00 15.22
CA GLU B 150 8.28 16.53 14.99
C GLU B 150 8.30 15.01 15.07
N ASP B 151 7.48 14.50 15.98
CA ASP B 151 7.34 13.07 16.26
C ASP B 151 6.99 12.32 15.02
N GLU B 152 5.92 12.76 14.42
CA GLU B 152 5.36 12.10 13.28
C GLU B 152 6.26 12.26 12.06
N ALA B 153 6.96 13.39 11.99
CA ALA B 153 7.94 13.61 10.94
C ALA B 153 9.09 12.61 11.11
N GLY B 154 9.43 12.30 12.38
CA GLY B 154 10.45 11.32 12.65
C GLY B 154 10.05 9.96 12.19
N PHE B 155 8.79 9.58 12.44
CA PHE B 155 8.30 8.29 11.99
C PHE B 155 8.36 8.17 10.48
N ILE B 156 8.01 9.26 9.80
CA ILE B 156 8.06 9.31 8.34
C ILE B 156 9.48 9.06 7.85
N ALA B 157 10.45 9.71 8.49
CA ALA B 157 11.86 9.57 8.15
C ALA B 157 12.30 8.11 8.27
N LEU B 158 11.87 7.45 9.33
CA LEU B 158 12.22 6.04 9.50
C LEU B 158 11.55 5.16 8.47
N HIS B 159 10.35 5.50 8.07
CA HIS B 159 9.68 4.75 7.01
C HIS B 159 10.41 4.92 5.68
N ILE B 160 10.91 6.12 5.45
CA ILE B 160 11.66 6.44 4.25
C ILE B 160 12.95 5.63 4.17
N VAL B 161 13.68 5.51 5.29
CA VAL B 161 14.91 4.76 5.28
C VAL B 161 14.66 3.26 5.09
N ASN B 162 13.48 2.82 5.47
CA ASN B 162 13.11 1.43 5.29
C ASN B 162 12.69 1.16 3.85
N ALA B 163 12.06 2.14 3.24
CA ALA B 163 11.59 2.02 1.86
C ALA B 163 12.69 2.36 0.84
N GLU B 164 13.79 2.86 1.34
CA GLU B 164 14.97 3.19 0.52
C GLU B 164 15.49 2.00 -0.30
N LEU B 165 15.56 2.18 -1.61
CA LEU B 165 16.11 1.23 -2.53
C LEU B 165 17.53 1.63 -2.88
N ASN B 166 18.16 0.80 -3.67
CA ASN B 166 19.50 1.08 -4.17
C ASN B 166 19.47 2.22 -5.15
N GLU B 167 20.60 2.86 -5.35
CA GLU B 167 20.69 3.95 -6.27
C GLU B 167 20.73 3.44 -7.70
N LEU B 168 19.57 3.32 -8.25
CA LEU B 168 19.35 2.93 -9.60
C LEU B 168 18.23 3.81 -10.09
N GLN B 169 18.33 4.26 -11.29
CA GLN B 169 17.34 5.14 -11.84
C GLN B 169 16.48 4.36 -12.82
N MET A 1 -20.63 0.40 -1.33
CA MET A 1 -20.51 0.68 -2.76
C MET A 1 -21.74 0.17 -3.48
N LYS A 2 -21.86 0.53 -4.73
CA LYS A 2 -23.02 0.15 -5.52
C LYS A 2 -22.66 0.16 -6.99
N ILE A 3 -23.42 -0.57 -7.75
CA ILE A 3 -23.19 -0.74 -9.19
C ILE A 3 -23.54 0.52 -9.93
N ALA A 4 -22.63 0.99 -10.73
CA ALA A 4 -22.86 2.16 -11.51
C ALA A 4 -22.87 1.84 -12.99
N LYS A 5 -21.95 1.00 -13.41
CA LYS A 5 -21.79 0.69 -14.78
C LYS A 5 -21.84 -0.81 -14.98
N VAL A 6 -22.33 -1.24 -16.11
CA VAL A 6 -22.49 -2.64 -16.41
C VAL A 6 -21.98 -2.91 -17.80
N ILE A 7 -21.08 -3.87 -17.93
CA ILE A 7 -20.60 -4.27 -19.22
C ILE A 7 -21.37 -5.51 -19.64
N ASN A 8 -21.57 -6.40 -18.70
CA ASN A 8 -22.26 -7.65 -18.96
C ASN A 8 -22.75 -8.23 -17.65
N ASN A 9 -23.37 -9.38 -17.72
CA ASN A 9 -23.96 -10.08 -16.57
C ASN A 9 -22.94 -10.46 -15.50
N ASN A 10 -21.72 -10.67 -15.90
CA ASN A 10 -20.69 -11.10 -15.00
C ASN A 10 -19.77 -9.97 -14.58
N VAL A 11 -19.59 -9.01 -15.45
CA VAL A 11 -18.66 -7.95 -15.18
C VAL A 11 -19.40 -6.65 -15.00
N ILE A 12 -19.22 -6.05 -13.86
CA ILE A 12 -19.86 -4.80 -13.53
C ILE A 12 -18.87 -3.80 -12.97
N SER A 13 -19.30 -2.59 -12.94
CA SER A 13 -18.54 -1.48 -12.51
C SER A 13 -19.25 -0.78 -11.38
N VAL A 14 -18.64 -0.74 -10.26
CA VAL A 14 -19.20 -0.13 -9.10
C VAL A 14 -18.37 1.09 -8.73
N VAL A 15 -18.91 1.96 -7.95
CA VAL A 15 -18.18 3.10 -7.49
C VAL A 15 -18.07 3.04 -6.00
N ASN A 16 -16.87 3.12 -5.56
CA ASN A 16 -16.51 3.14 -4.18
C ASN A 16 -16.77 4.55 -3.60
N GLU A 17 -16.91 4.65 -2.29
CA GLU A 17 -17.25 5.93 -1.59
C GLU A 17 -16.12 6.96 -1.70
N GLN A 18 -14.95 6.51 -2.08
CA GLN A 18 -13.81 7.36 -2.23
C GLN A 18 -13.60 7.83 -3.65
N GLY A 19 -14.49 7.42 -4.53
CA GLY A 19 -14.40 7.83 -5.91
C GLY A 19 -13.55 6.91 -6.73
N LYS A 20 -13.53 5.66 -6.36
CA LYS A 20 -12.83 4.66 -7.08
C LYS A 20 -13.80 3.85 -7.86
N GLU A 21 -13.65 3.86 -9.14
CA GLU A 21 -14.43 3.04 -10.00
C GLU A 21 -13.84 1.64 -9.88
N LEU A 22 -14.64 0.66 -9.70
CA LEU A 22 -14.16 -0.66 -9.48
C LEU A 22 -14.84 -1.60 -10.44
N VAL A 23 -14.12 -2.55 -10.93
CA VAL A 23 -14.68 -3.56 -11.78
C VAL A 23 -14.72 -4.84 -11.01
N VAL A 24 -15.86 -5.37 -10.84
CA VAL A 24 -16.01 -6.57 -10.10
C VAL A 24 -16.57 -7.61 -11.05
N MET A 25 -15.94 -8.75 -11.10
CA MET A 25 -16.39 -9.82 -11.94
C MET A 25 -16.91 -10.93 -11.11
N GLY A 26 -18.05 -11.39 -11.43
CA GLY A 26 -18.61 -12.48 -10.76
C GLY A 26 -19.70 -13.07 -11.54
N ARG A 27 -19.77 -14.34 -11.46
CA ARG A 27 -20.72 -15.16 -12.16
C ARG A 27 -22.18 -14.79 -11.85
N GLY A 28 -22.73 -14.03 -12.74
CA GLY A 28 -24.07 -13.57 -12.66
C GLY A 28 -24.29 -12.49 -11.64
N LEU A 29 -23.32 -11.61 -11.47
CA LEU A 29 -23.43 -10.48 -10.54
C LEU A 29 -24.52 -9.50 -10.94
N ALA A 30 -24.59 -9.18 -12.21
CA ALA A 30 -25.54 -8.20 -12.69
C ALA A 30 -26.89 -8.83 -12.93
N PHE A 31 -26.92 -10.14 -12.97
CA PHE A 31 -28.14 -10.88 -13.16
C PHE A 31 -29.05 -10.64 -11.95
N GLN A 32 -30.18 -9.97 -12.22
CA GLN A 32 -31.22 -9.63 -11.23
C GLN A 32 -30.73 -8.51 -10.29
N LYS A 33 -29.74 -7.80 -10.75
CA LYS A 33 -29.17 -6.69 -10.03
C LYS A 33 -29.36 -5.43 -10.86
N LYS A 34 -29.14 -4.28 -10.28
CA LYS A 34 -29.33 -3.03 -10.98
C LYS A 34 -28.30 -2.01 -10.53
N SER A 35 -28.22 -0.92 -11.24
CA SER A 35 -27.34 0.15 -10.89
C SER A 35 -27.94 0.88 -9.69
N GLY A 36 -27.11 1.24 -8.73
CA GLY A 36 -27.59 1.93 -7.57
C GLY A 36 -27.81 0.98 -6.45
N ASP A 37 -27.73 -0.27 -6.78
CA ASP A 37 -27.92 -1.32 -5.85
C ASP A 37 -26.56 -1.82 -5.42
N ASP A 38 -26.51 -2.39 -4.26
CA ASP A 38 -25.27 -2.81 -3.64
C ASP A 38 -24.75 -4.06 -4.35
N VAL A 39 -23.55 -4.41 -4.06
CA VAL A 39 -22.89 -5.51 -4.68
C VAL A 39 -23.17 -6.77 -3.87
N ASP A 40 -23.02 -7.91 -4.50
CA ASP A 40 -23.23 -9.19 -3.88
C ASP A 40 -21.87 -9.83 -3.68
N GLU A 41 -21.40 -9.91 -2.44
CA GLU A 41 -20.05 -10.35 -2.18
C GLU A 41 -19.89 -11.85 -2.37
N ALA A 42 -21.01 -12.56 -2.37
CA ALA A 42 -21.01 -14.01 -2.55
C ALA A 42 -20.57 -14.35 -3.97
N ARG A 43 -21.11 -13.62 -4.93
CA ARG A 43 -20.82 -13.83 -6.34
C ARG A 43 -19.53 -13.15 -6.80
N ILE A 44 -18.86 -12.46 -5.90
CA ILE A 44 -17.62 -11.79 -6.24
C ILE A 44 -16.49 -12.81 -6.41
N GLU A 45 -16.03 -12.93 -7.62
CA GLU A 45 -14.92 -13.78 -7.93
C GLU A 45 -13.67 -12.93 -8.03
N LYS A 46 -13.79 -11.82 -8.74
CA LYS A 46 -12.67 -10.92 -8.98
C LYS A 46 -13.03 -9.50 -8.61
N VAL A 47 -12.10 -8.79 -8.03
CA VAL A 47 -12.30 -7.39 -7.72
C VAL A 47 -11.18 -6.61 -8.40
N PHE A 48 -11.50 -5.54 -9.04
CA PHE A 48 -10.51 -4.70 -9.67
C PHE A 48 -10.72 -3.25 -9.23
N THR A 49 -9.64 -2.55 -8.99
CA THR A 49 -9.69 -1.16 -8.57
C THR A 49 -9.15 -0.23 -9.65
N LEU A 50 -9.86 0.87 -9.89
CA LEU A 50 -9.39 1.89 -10.80
C LEU A 50 -8.31 2.68 -10.16
N ASP A 51 -7.19 2.62 -10.77
CA ASP A 51 -6.09 3.38 -10.44
C ASP A 51 -5.60 4.02 -11.71
N ASN A 52 -5.08 5.20 -11.59
CA ASN A 52 -4.73 5.97 -12.71
C ASN A 52 -3.32 6.39 -12.63
N LYS A 53 -2.68 6.51 -13.76
CA LYS A 53 -1.32 7.00 -13.77
C LYS A 53 -1.33 8.51 -13.68
N ASP A 54 -2.53 9.05 -13.76
CA ASP A 54 -2.77 10.48 -13.69
C ASP A 54 -2.46 11.00 -12.33
N VAL A 55 -3.09 10.42 -11.37
CA VAL A 55 -2.91 10.83 -10.01
C VAL A 55 -1.89 9.95 -9.35
N SER A 56 -1.93 8.69 -9.69
CA SER A 56 -1.14 7.74 -9.01
C SER A 56 -0.31 6.86 -9.95
N GLU A 57 0.76 7.41 -10.46
CA GLU A 57 1.58 6.71 -11.41
C GLU A 57 2.32 5.56 -10.75
N LYS A 58 2.84 5.82 -9.60
CA LYS A 58 3.61 4.86 -8.88
C LYS A 58 2.74 3.92 -8.05
N PHE A 59 1.70 4.44 -7.44
CA PHE A 59 0.76 3.61 -6.67
C PHE A 59 0.22 2.47 -7.56
N LYS A 60 -0.22 2.86 -8.75
CA LYS A 60 -0.77 1.94 -9.73
C LYS A 60 0.29 0.95 -10.23
N THR A 61 1.51 1.41 -10.46
CA THR A 61 2.55 0.53 -10.95
C THR A 61 3.09 -0.40 -9.87
N LEU A 62 3.11 0.06 -8.64
CA LEU A 62 3.51 -0.79 -7.54
C LEU A 62 2.47 -1.87 -7.30
N LEU A 63 1.19 -1.56 -7.53
CA LEU A 63 0.14 -2.58 -7.42
C LEU A 63 0.31 -3.68 -8.48
N TYR A 64 1.09 -3.39 -9.53
CA TYR A 64 1.47 -4.40 -10.51
C TYR A 64 2.65 -5.19 -9.97
N ASP A 65 3.58 -4.47 -9.39
CA ASP A 65 4.90 -4.98 -9.00
C ASP A 65 4.91 -5.79 -7.72
N ILE A 66 3.84 -5.72 -7.02
CA ILE A 66 3.68 -6.47 -5.79
C ILE A 66 3.30 -7.92 -6.12
N PRO A 67 4.21 -8.88 -5.85
CA PRO A 67 3.95 -10.28 -6.13
C PRO A 67 2.86 -10.82 -5.22
N ILE A 68 1.93 -11.59 -5.79
CA ILE A 68 0.80 -12.15 -5.06
C ILE A 68 1.31 -13.03 -3.91
N GLU A 69 2.46 -13.65 -4.10
CA GLU A 69 3.08 -14.48 -3.08
C GLU A 69 3.45 -13.63 -1.86
N CYS A 70 4.17 -12.53 -2.10
CA CYS A 70 4.60 -11.64 -1.03
C CYS A 70 3.39 -11.00 -0.36
N MET A 71 2.37 -10.79 -1.16
CA MET A 71 1.12 -10.21 -0.72
C MET A 71 0.42 -11.15 0.27
N GLU A 72 0.42 -12.42 -0.07
CA GLU A 72 -0.17 -13.46 0.78
C GLU A 72 0.62 -13.54 2.07
N VAL A 73 1.93 -13.51 1.92
CA VAL A 73 2.80 -13.61 3.06
C VAL A 73 2.63 -12.46 4.00
N SER A 74 2.54 -11.28 3.46
CA SER A 74 2.45 -10.11 4.27
C SER A 74 1.10 -10.06 4.96
N GLU A 75 0.02 -10.34 4.23
CA GLU A 75 -1.25 -10.15 4.86
C GLU A 75 -1.50 -11.21 5.93
N GLU A 76 -1.00 -12.43 5.71
CA GLU A 76 -1.24 -13.47 6.68
C GLU A 76 -0.46 -13.24 7.97
N ILE A 77 0.74 -12.70 7.87
CA ILE A 77 1.55 -12.48 9.04
C ILE A 77 1.05 -11.27 9.83
N ILE A 78 0.56 -10.27 9.12
CA ILE A 78 0.00 -9.12 9.78
C ILE A 78 -1.40 -9.48 10.32
N SER A 79 -2.01 -10.46 9.72
CA SER A 79 -3.26 -10.98 10.20
C SER A 79 -3.02 -11.62 11.57
N TYR A 80 -1.88 -12.27 11.71
CA TYR A 80 -1.46 -12.87 12.97
C TYR A 80 -1.24 -11.75 13.97
N ALA A 81 -0.58 -10.70 13.51
CA ALA A 81 -0.31 -9.53 14.32
C ALA A 81 -1.61 -8.89 14.81
N LYS A 82 -2.61 -8.77 13.92
CA LYS A 82 -3.87 -8.15 14.28
C LYS A 82 -4.64 -9.03 15.26
N LEU A 83 -4.43 -10.33 15.14
CA LEU A 83 -5.04 -11.32 16.00
C LEU A 83 -4.50 -11.19 17.42
N GLN A 84 -3.19 -11.04 17.53
CA GLN A 84 -2.54 -10.93 18.83
C GLN A 84 -2.78 -9.54 19.43
N LEU A 85 -2.92 -8.54 18.58
CA LEU A 85 -3.27 -7.18 19.02
C LEU A 85 -4.71 -7.11 19.46
N GLY A 86 -5.56 -7.84 18.77
CA GLY A 86 -6.97 -7.80 19.03
C GLY A 86 -7.56 -6.54 18.43
N LYS A 87 -6.86 -6.02 17.46
CA LYS A 87 -7.20 -4.78 16.81
C LYS A 87 -7.09 -5.00 15.32
N LYS A 88 -7.50 -4.02 14.57
CA LYS A 88 -7.34 -4.03 13.14
C LYS A 88 -6.28 -3.00 12.80
N LEU A 89 -5.57 -3.22 11.73
CA LEU A 89 -4.53 -2.31 11.34
C LEU A 89 -4.86 -1.74 9.97
N ASN A 90 -4.32 -0.59 9.68
CA ASN A 90 -4.62 0.10 8.43
C ASN A 90 -3.71 -0.40 7.29
N ASP A 91 -3.87 0.20 6.13
CA ASP A 91 -3.22 -0.19 4.85
C ASP A 91 -1.71 -0.12 4.90
N SER A 92 -1.22 0.76 5.73
CA SER A 92 0.19 1.07 5.88
C SER A 92 1.00 -0.17 6.15
N ILE A 93 0.65 -0.91 7.19
CA ILE A 93 1.45 -2.03 7.63
C ILE A 93 1.48 -3.16 6.57
N TYR A 94 0.38 -3.32 5.85
CA TYR A 94 0.26 -4.41 4.91
C TYR A 94 1.15 -4.25 3.70
N VAL A 95 1.14 -3.09 3.13
CA VAL A 95 1.94 -2.85 1.96
C VAL A 95 3.37 -2.46 2.35
N SER A 96 3.55 -1.96 3.54
CA SER A 96 4.89 -1.64 3.94
C SER A 96 5.67 -2.92 4.25
N LEU A 97 4.97 -3.98 4.66
CA LEU A 97 5.63 -5.22 4.89
C LEU A 97 5.85 -6.02 3.63
N THR A 98 5.07 -5.77 2.56
CA THR A 98 5.38 -6.44 1.31
C THR A 98 6.73 -5.98 0.83
N ASN A 99 6.96 -4.72 0.98
CA ASN A 99 8.25 -4.13 0.70
C ASN A 99 9.28 -4.60 1.68
N HIS A 100 8.97 -4.53 2.95
CA HIS A 100 9.94 -4.81 3.96
C HIS A 100 10.33 -6.27 3.93
N ILE A 101 9.38 -7.16 3.67
CA ILE A 101 9.70 -8.56 3.63
C ILE A 101 10.48 -8.90 2.37
N ASN A 102 10.12 -8.27 1.26
CA ASN A 102 10.81 -8.55 0.00
C ASN A 102 12.23 -8.05 0.09
N PHE A 103 12.41 -6.87 0.65
CA PHE A 103 13.74 -6.34 0.84
C PHE A 103 14.50 -7.11 1.85
N ALA A 104 13.86 -7.52 2.93
CA ALA A 104 14.51 -8.29 3.97
C ALA A 104 15.09 -9.58 3.41
N ILE A 105 14.30 -10.26 2.58
CA ILE A 105 14.77 -11.49 1.97
C ILE A 105 15.90 -11.20 0.97
N GLN A 106 15.77 -10.10 0.25
CA GLN A 106 16.75 -9.70 -0.74
C GLN A 106 18.06 -9.30 -0.05
N ARG A 107 17.93 -8.62 1.10
CA ARG A 107 19.07 -8.24 1.93
C ARG A 107 19.76 -9.50 2.42
N ASN A 108 18.96 -10.47 2.83
CA ASN A 108 19.45 -11.78 3.29
C ASN A 108 20.24 -12.48 2.18
N GLN A 109 19.73 -12.40 0.94
CA GLN A 109 20.40 -12.99 -0.22
C GLN A 109 21.77 -12.38 -0.46
N LYS A 110 21.86 -11.07 -0.32
CA LYS A 110 23.13 -10.38 -0.51
C LYS A 110 24.04 -10.53 0.70
N GLY A 111 23.46 -10.86 1.81
CA GLY A 111 24.20 -10.94 3.03
C GLY A 111 24.37 -9.56 3.61
N LEU A 112 23.36 -8.76 3.44
CA LEU A 112 23.33 -7.40 3.89
C LEU A 112 22.54 -7.32 5.18
N ASP A 113 23.22 -6.99 6.23
CA ASP A 113 22.59 -6.81 7.51
C ASP A 113 22.58 -5.35 7.79
N ILE A 114 21.43 -4.77 7.85
CA ILE A 114 21.32 -3.41 8.29
C ILE A 114 20.94 -3.47 9.74
N LYS A 115 21.06 -2.39 10.42
CA LYS A 115 20.76 -2.39 11.81
C LYS A 115 19.84 -1.30 12.21
N ASN A 116 19.17 -1.57 13.28
CA ASN A 116 18.35 -0.61 13.92
C ASN A 116 19.13 -0.16 15.13
N ALA A 117 19.77 0.97 15.03
CA ALA A 117 20.67 1.45 16.09
C ALA A 117 19.92 1.96 17.30
N LEU A 118 18.64 1.84 17.24
CA LEU A 118 17.76 2.22 18.30
C LEU A 118 17.00 0.99 18.78
N LEU A 119 17.43 -0.19 18.29
CA LEU A 119 16.79 -1.49 18.58
C LEU A 119 16.62 -1.73 20.06
N TRP A 120 17.66 -1.43 20.78
CA TRP A 120 17.70 -1.67 22.20
C TRP A 120 16.63 -0.85 22.92
N GLU A 121 16.47 0.39 22.48
CA GLU A 121 15.47 1.29 23.04
C GLU A 121 14.09 0.90 22.55
N THR A 122 14.04 0.42 21.30
CA THR A 122 12.81 -0.05 20.68
C THR A 122 12.17 -1.16 21.53
N LYS A 123 13.02 -2.10 21.99
CA LYS A 123 12.56 -3.22 22.80
C LYS A 123 12.05 -2.77 24.16
N ARG A 124 12.53 -1.63 24.62
CA ARG A 124 12.16 -1.13 25.92
C ARG A 124 10.78 -0.49 25.85
N LEU A 125 10.65 0.45 24.93
CA LEU A 125 9.48 1.29 24.83
C LEU A 125 8.29 0.62 24.15
N TYR A 126 8.55 -0.06 23.04
CA TYR A 126 7.49 -0.62 22.23
C TYR A 126 7.45 -2.12 22.40
N LYS A 127 7.66 -2.54 23.62
CA LYS A 127 7.78 -3.95 23.98
C LYS A 127 6.59 -4.82 23.61
N ASP A 128 5.43 -4.25 23.62
CA ASP A 128 4.21 -5.00 23.29
C ASP A 128 4.10 -5.30 21.83
N GLU A 129 4.14 -4.29 21.03
CA GLU A 129 4.07 -4.47 19.59
C GLU A 129 5.32 -5.14 19.07
N PHE A 130 6.44 -4.92 19.73
CA PHE A 130 7.66 -5.58 19.36
C PHE A 130 7.57 -7.08 19.65
N ALA A 131 6.91 -7.44 20.75
CA ALA A 131 6.73 -8.86 21.10
C ALA A 131 5.88 -9.54 20.05
N ILE A 132 4.84 -8.87 19.62
CA ILE A 132 3.99 -9.35 18.54
C ILE A 132 4.79 -9.39 17.23
N GLY A 133 5.66 -8.40 17.05
CA GLY A 133 6.56 -8.37 15.90
C GLY A 133 7.52 -9.55 15.92
N LYS A 134 8.01 -9.89 17.10
CA LYS A 134 8.87 -11.06 17.30
C LYS A 134 8.13 -12.35 17.02
N GLU A 135 6.89 -12.40 17.45
CA GLU A 135 6.03 -13.54 17.23
C GLU A 135 5.76 -13.68 15.73
N ALA A 136 5.56 -12.54 15.09
CA ALA A 136 5.37 -12.48 13.67
C ALA A 136 6.66 -12.86 12.96
N LEU A 137 7.80 -12.43 13.50
CA LEU A 137 9.11 -12.76 12.96
C LEU A 137 9.33 -14.27 12.91
N VAL A 138 8.92 -14.95 13.99
CA VAL A 138 8.98 -16.40 14.04
C VAL A 138 8.10 -16.98 12.93
N MET A 139 6.93 -16.41 12.79
CA MET A 139 6.00 -16.82 11.75
C MET A 139 6.58 -16.55 10.36
N VAL A 140 7.26 -15.42 10.20
CA VAL A 140 7.92 -15.05 8.95
C VAL A 140 8.91 -16.11 8.57
N LYS A 141 9.76 -16.48 9.51
CA LYS A 141 10.80 -17.41 9.21
C LYS A 141 10.25 -18.84 9.02
N ASN A 142 9.12 -19.12 9.66
CA ASN A 142 8.44 -20.40 9.49
C ASN A 142 7.77 -20.47 8.13
N LYS A 143 7.16 -19.39 7.72
CA LYS A 143 6.40 -19.34 6.50
C LYS A 143 7.31 -19.22 5.26
N THR A 144 8.45 -18.58 5.40
CA THR A 144 9.32 -18.40 4.26
C THR A 144 10.51 -19.34 4.28
N GLY A 145 10.99 -19.64 5.46
CA GLY A 145 12.18 -20.43 5.61
C GLY A 145 13.40 -19.54 5.75
N VAL A 146 13.19 -18.24 5.64
CA VAL A 146 14.23 -17.25 5.71
C VAL A 146 14.15 -16.57 7.06
N SER A 147 15.25 -16.55 7.77
CA SER A 147 15.29 -15.93 9.08
C SER A 147 15.80 -14.50 8.96
N LEU A 148 15.18 -13.58 9.67
CA LEU A 148 15.54 -12.18 9.59
C LEU A 148 16.01 -11.65 10.97
N PRO A 149 16.88 -10.61 10.98
CA PRO A 149 17.43 -10.04 12.21
C PRO A 149 16.40 -9.25 13.05
N GLU A 150 16.80 -8.97 14.29
CA GLU A 150 16.00 -8.21 15.27
C GLU A 150 15.75 -6.80 14.79
N ASP A 151 16.71 -6.28 14.08
CA ASP A 151 16.72 -4.91 13.58
C ASP A 151 15.51 -4.65 12.74
N GLU A 152 15.36 -5.48 11.74
CA GLU A 152 14.23 -5.42 10.80
C GLU A 152 12.91 -5.46 11.58
N ALA A 153 12.84 -6.37 12.55
CA ALA A 153 11.66 -6.55 13.38
C ALA A 153 11.35 -5.29 14.19
N GLY A 154 12.40 -4.61 14.62
CA GLY A 154 12.27 -3.35 15.31
C GLY A 154 11.63 -2.32 14.45
N PHE A 155 12.08 -2.23 13.21
CA PHE A 155 11.46 -1.30 12.27
C PHE A 155 10.01 -1.67 12.07
N ILE A 156 9.74 -2.97 11.95
CA ILE A 156 8.37 -3.50 11.81
C ILE A 156 7.48 -3.02 12.97
N ALA A 157 8.04 -3.00 14.17
CA ALA A 157 7.33 -2.49 15.34
C ALA A 157 6.99 -1.02 15.18
N LEU A 158 7.91 -0.24 14.62
CA LEU A 158 7.62 1.15 14.32
C LEU A 158 6.54 1.29 13.25
N HIS A 159 6.51 0.37 12.30
CA HIS A 159 5.43 0.34 11.30
C HIS A 159 4.09 0.12 12.01
N ILE A 160 4.10 -0.79 12.97
CA ILE A 160 2.89 -1.13 13.72
C ILE A 160 2.38 0.07 14.50
N VAL A 161 3.27 0.83 15.12
CA VAL A 161 2.85 1.94 15.91
C VAL A 161 2.22 3.06 15.07
N ASN A 162 2.68 3.25 13.83
CA ASN A 162 2.05 4.27 13.00
C ASN A 162 0.82 3.74 12.27
N ALA A 163 0.74 2.43 12.12
CA ALA A 163 -0.38 1.79 11.45
C ALA A 163 -1.53 1.42 12.39
N GLU A 164 -1.31 1.55 13.69
CA GLU A 164 -2.35 1.27 14.67
C GLU A 164 -3.44 2.34 14.61
N LEU A 165 -4.69 1.90 14.71
CA LEU A 165 -5.86 2.76 14.66
C LEU A 165 -5.87 3.75 15.82
N ASN A 166 -6.45 4.89 15.57
CA ASN A 166 -6.47 5.98 16.54
C ASN A 166 -7.41 5.78 17.70
N GLU A 167 -6.79 5.63 18.86
CA GLU A 167 -7.44 5.59 20.17
C GLU A 167 -8.39 4.42 20.36
N LEU A 168 -7.80 3.26 20.54
CA LEU A 168 -8.47 2.04 20.91
C LEU A 168 -7.42 0.99 21.21
N GLN A 169 -7.17 0.81 22.46
CA GLN A 169 -6.18 -0.11 22.92
C GLN A 169 -6.85 -1.11 23.82
N MET B 1 3.84 -6.70 -21.22
CA MET B 1 2.65 -7.48 -20.85
C MET B 1 1.82 -7.76 -22.07
N LYS B 2 0.70 -8.41 -21.91
CA LYS B 2 -0.12 -8.74 -23.06
C LYS B 2 -1.57 -8.97 -22.69
N ILE B 3 -2.41 -8.74 -23.65
CA ILE B 3 -3.84 -8.94 -23.54
C ILE B 3 -4.14 -10.43 -23.44
N ALA B 4 -4.84 -10.81 -22.41
CA ALA B 4 -5.19 -12.18 -22.18
C ALA B 4 -6.69 -12.38 -22.39
N LYS B 5 -7.48 -11.38 -22.06
CA LYS B 5 -8.90 -11.47 -22.17
C LYS B 5 -9.45 -10.20 -22.79
N VAL B 6 -10.45 -10.33 -23.61
CA VAL B 6 -11.03 -9.20 -24.30
C VAL B 6 -12.50 -9.11 -23.97
N ILE B 7 -12.88 -8.04 -23.31
CA ILE B 7 -14.26 -7.82 -23.00
C ILE B 7 -14.90 -7.11 -24.17
N ASN B 8 -14.19 -6.17 -24.73
CA ASN B 8 -14.60 -5.43 -25.92
C ASN B 8 -13.38 -4.72 -26.43
N ASN B 9 -13.53 -3.95 -27.47
CA ASN B 9 -12.36 -3.27 -28.07
C ASN B 9 -11.82 -2.17 -27.20
N ASN B 10 -12.60 -1.70 -26.28
CA ASN B 10 -12.18 -0.62 -25.44
C ASN B 10 -11.78 -1.14 -24.06
N VAL B 11 -12.28 -2.29 -23.71
CA VAL B 11 -12.00 -2.84 -22.43
C VAL B 11 -11.35 -4.20 -22.60
N ILE B 12 -10.17 -4.34 -22.09
CA ILE B 12 -9.41 -5.55 -22.21
C ILE B 12 -8.85 -5.99 -20.88
N SER B 13 -8.35 -7.17 -20.87
CA SER B 13 -7.81 -7.78 -19.73
C SER B 13 -6.38 -8.22 -20.01
N VAL B 14 -5.47 -7.69 -19.26
CA VAL B 14 -4.06 -7.96 -19.40
C VAL B 14 -3.50 -8.46 -18.09
N VAL B 15 -2.78 -9.56 -18.12
CA VAL B 15 -2.18 -10.10 -16.92
C VAL B 15 -0.73 -9.66 -16.86
N ASN B 16 -0.34 -9.05 -15.76
CA ASN B 16 1.01 -8.59 -15.63
C ASN B 16 1.88 -9.70 -15.03
N GLU B 17 3.16 -9.41 -14.91
CA GLU B 17 4.18 -10.38 -14.52
C GLU B 17 3.97 -10.97 -13.12
N GLN B 18 3.36 -10.23 -12.26
CA GLN B 18 3.14 -10.66 -10.90
C GLN B 18 1.87 -11.48 -10.73
N GLY B 19 1.17 -11.74 -11.81
CA GLY B 19 0.01 -12.61 -11.75
C GLY B 19 -1.27 -11.88 -11.40
N LYS B 20 -1.32 -10.62 -11.72
CA LYS B 20 -2.52 -9.89 -11.51
C LYS B 20 -3.14 -9.50 -12.81
N GLU B 21 -4.40 -9.80 -12.91
CA GLU B 21 -5.20 -9.47 -14.06
C GLU B 21 -5.50 -7.98 -13.99
N LEU B 22 -5.52 -7.34 -15.09
CA LEU B 22 -5.80 -5.95 -15.13
C LEU B 22 -6.85 -5.72 -16.17
N VAL B 23 -7.80 -4.93 -15.85
CA VAL B 23 -8.83 -4.56 -16.76
C VAL B 23 -8.57 -3.14 -17.14
N VAL B 24 -8.15 -2.94 -18.31
CA VAL B 24 -7.80 -1.64 -18.73
C VAL B 24 -8.84 -1.15 -19.71
N MET B 25 -9.32 0.05 -19.49
CA MET B 25 -10.31 0.62 -20.35
C MET B 25 -9.73 1.78 -21.09
N GLY B 26 -9.83 1.75 -22.37
CA GLY B 26 -9.38 2.81 -23.19
C GLY B 26 -9.92 2.68 -24.56
N ARG B 27 -10.14 3.79 -25.15
CA ARG B 27 -10.73 3.90 -26.46
C ARG B 27 -9.87 3.23 -27.55
N GLY B 28 -10.36 2.10 -28.00
CA GLY B 28 -9.72 1.33 -29.05
C GLY B 28 -8.43 0.69 -28.63
N LEU B 29 -8.45 0.04 -27.51
CA LEU B 29 -7.29 -0.64 -27.00
C LEU B 29 -7.05 -1.94 -27.76
N ALA B 30 -8.12 -2.65 -28.08
CA ALA B 30 -8.01 -3.90 -28.80
C ALA B 30 -7.88 -3.67 -30.30
N PHE B 31 -8.17 -2.45 -30.72
CA PHE B 31 -8.07 -2.08 -32.11
C PHE B 31 -6.59 -1.99 -32.47
N GLN B 32 -6.21 -2.66 -33.56
CA GLN B 32 -4.81 -2.70 -34.05
C GLN B 32 -3.95 -3.62 -33.15
N LYS B 33 -4.63 -4.21 -32.23
CA LYS B 33 -4.07 -5.12 -31.28
C LYS B 33 -4.62 -6.50 -31.51
N LYS B 34 -4.24 -7.40 -30.66
CA LYS B 34 -4.63 -8.79 -30.73
C LYS B 34 -4.38 -9.40 -29.37
N SER B 35 -4.90 -10.58 -29.13
CA SER B 35 -4.61 -11.31 -27.94
C SER B 35 -3.11 -11.57 -27.92
N GLY B 36 -2.48 -11.33 -26.80
CA GLY B 36 -1.08 -11.54 -26.72
C GLY B 36 -0.26 -10.34 -27.13
N ASP B 37 -0.92 -9.23 -27.39
CA ASP B 37 -0.24 -7.99 -27.76
C ASP B 37 -0.15 -7.09 -26.53
N ASP B 38 0.83 -6.20 -26.51
CA ASP B 38 1.07 -5.33 -25.35
C ASP B 38 0.13 -4.12 -25.39
N VAL B 39 -0.43 -3.80 -24.26
CA VAL B 39 -1.41 -2.73 -24.14
C VAL B 39 -0.77 -1.33 -24.17
N ASP B 40 -1.15 -0.56 -25.17
CA ASP B 40 -0.72 0.83 -25.33
C ASP B 40 -1.21 1.67 -24.16
N GLU B 41 -0.34 2.48 -23.59
CA GLU B 41 -0.70 3.23 -22.41
C GLU B 41 -1.24 4.63 -22.71
N ALA B 42 -1.21 5.05 -23.95
CA ALA B 42 -1.71 6.37 -24.31
C ALA B 42 -3.20 6.31 -24.58
N ARG B 43 -3.66 5.17 -25.05
CA ARG B 43 -5.08 4.95 -25.30
C ARG B 43 -5.81 4.62 -24.00
N ILE B 44 -5.03 4.28 -22.97
CA ILE B 44 -5.56 3.95 -21.65
C ILE B 44 -6.23 5.16 -21.03
N GLU B 45 -7.41 4.95 -20.53
CA GLU B 45 -8.12 5.97 -19.82
C GLU B 45 -8.24 5.56 -18.35
N LYS B 46 -8.48 4.27 -18.15
CA LYS B 46 -8.67 3.69 -16.82
C LYS B 46 -7.87 2.41 -16.70
N VAL B 47 -7.20 2.19 -15.57
CA VAL B 47 -6.52 0.94 -15.30
C VAL B 47 -7.12 0.33 -14.05
N PHE B 48 -7.71 -0.82 -14.18
CA PHE B 48 -8.23 -1.49 -13.04
C PHE B 48 -7.33 -2.68 -12.73
N THR B 49 -6.80 -2.71 -11.57
CA THR B 49 -5.92 -3.78 -11.15
C THR B 49 -6.66 -4.75 -10.24
N LEU B 50 -6.43 -6.04 -10.46
CA LEU B 50 -7.08 -7.12 -9.72
C LEU B 50 -6.63 -7.18 -8.28
N ASP B 51 -7.55 -7.48 -7.43
CA ASP B 51 -7.27 -7.78 -6.06
C ASP B 51 -8.22 -8.90 -5.64
N ASN B 52 -7.88 -9.67 -4.64
CA ASN B 52 -8.68 -10.80 -4.28
C ASN B 52 -9.12 -10.72 -2.87
N LYS B 53 -10.40 -10.99 -2.65
CA LYS B 53 -10.95 -11.01 -1.31
C LYS B 53 -10.58 -12.32 -0.64
N ASP B 54 -10.14 -13.23 -1.47
CA ASP B 54 -9.82 -14.57 -1.09
C ASP B 54 -8.70 -14.66 -0.13
N VAL B 55 -7.63 -14.08 -0.50
CA VAL B 55 -6.46 -14.12 0.29
C VAL B 55 -6.25 -12.79 0.94
N SER B 56 -6.65 -11.75 0.27
CA SER B 56 -6.40 -10.44 0.71
C SER B 56 -7.68 -9.71 1.15
N GLU B 57 -7.99 -9.85 2.39
CA GLU B 57 -9.17 -9.26 2.91
C GLU B 57 -8.90 -7.81 3.30
N LYS B 58 -7.73 -7.57 3.84
CA LYS B 58 -7.34 -6.27 4.34
C LYS B 58 -6.80 -5.37 3.25
N PHE B 59 -6.00 -5.92 2.37
CA PHE B 59 -5.51 -5.18 1.20
C PHE B 59 -6.69 -4.57 0.44
N LYS B 60 -7.62 -5.43 0.11
CA LYS B 60 -8.84 -5.10 -0.60
C LYS B 60 -9.78 -4.16 0.19
N THR B 61 -9.72 -4.18 1.50
CA THR B 61 -10.58 -3.30 2.26
C THR B 61 -9.98 -1.91 2.45
N LEU B 62 -8.82 -1.85 3.06
CA LEU B 62 -8.21 -0.58 3.43
C LEU B 62 -7.84 0.31 2.24
N LEU B 63 -7.31 -0.28 1.16
CA LEU B 63 -6.92 0.50 -0.03
C LEU B 63 -8.16 1.05 -0.76
N TYR B 64 -9.31 0.55 -0.41
CA TYR B 64 -10.53 0.98 -1.01
C TYR B 64 -11.26 2.00 -0.15
N ASP B 65 -11.01 2.01 1.13
CA ASP B 65 -11.72 2.91 2.03
C ASP B 65 -10.92 4.12 2.47
N ILE B 66 -9.84 4.36 1.80
CA ILE B 66 -9.03 5.54 2.10
C ILE B 66 -9.16 6.57 0.99
N PRO B 67 -9.52 7.82 1.37
CA PRO B 67 -9.74 8.95 0.44
C PRO B 67 -8.69 9.09 -0.66
N ILE B 68 -9.19 9.38 -1.87
CA ILE B 68 -8.35 9.58 -3.04
C ILE B 68 -7.45 10.79 -2.78
N GLU B 69 -7.95 11.72 -1.96
CA GLU B 69 -7.23 12.90 -1.53
C GLU B 69 -5.93 12.50 -0.84
N CYS B 70 -6.03 11.60 0.13
CA CYS B 70 -4.89 11.15 0.88
C CYS B 70 -3.89 10.46 -0.03
N MET B 71 -4.41 9.72 -0.99
CA MET B 71 -3.58 9.01 -1.94
C MET B 71 -2.84 9.99 -2.87
N GLU B 72 -3.54 11.03 -3.28
CA GLU B 72 -3.01 12.06 -4.16
C GLU B 72 -1.90 12.83 -3.46
N VAL B 73 -2.13 13.15 -2.20
CA VAL B 73 -1.14 13.88 -1.42
C VAL B 73 0.06 12.99 -1.17
N SER B 74 -0.21 11.74 -0.85
CA SER B 74 0.82 10.78 -0.54
C SER B 74 1.77 10.61 -1.70
N GLU B 75 1.25 10.44 -2.91
CA GLU B 75 2.14 10.16 -3.99
C GLU B 75 2.90 11.44 -4.38
N GLU B 76 2.29 12.58 -4.15
CA GLU B 76 2.93 13.86 -4.43
C GLU B 76 4.12 14.07 -3.49
N ILE B 77 3.97 13.69 -2.22
CA ILE B 77 5.06 13.77 -1.24
C ILE B 77 6.24 12.94 -1.71
N ILE B 78 5.94 11.78 -2.20
CA ILE B 78 6.94 10.86 -2.66
C ILE B 78 7.53 11.31 -3.99
N SER B 79 6.74 12.06 -4.76
CA SER B 79 7.25 12.64 -5.98
C SER B 79 8.32 13.67 -5.63
N TYR B 80 8.10 14.39 -4.54
CA TYR B 80 9.08 15.35 -4.05
C TYR B 80 10.25 14.59 -3.46
N ALA B 81 9.97 13.47 -2.81
CA ALA B 81 11.00 12.61 -2.25
C ALA B 81 11.92 12.07 -3.35
N LYS B 82 11.35 11.61 -4.47
CA LYS B 82 12.17 11.11 -5.58
C LYS B 82 12.90 12.25 -6.26
N LEU B 83 12.35 13.44 -6.14
CA LEU B 83 12.98 14.64 -6.67
C LEU B 83 14.24 14.97 -5.87
N GLN B 84 14.16 14.81 -4.56
CA GLN B 84 15.27 15.09 -3.69
C GLN B 84 16.29 13.95 -3.69
N LEU B 85 15.80 12.72 -3.59
CA LEU B 85 16.65 11.55 -3.53
C LEU B 85 17.24 11.17 -4.88
N GLY B 86 16.39 11.06 -5.88
CA GLY B 86 16.83 10.55 -7.16
C GLY B 86 16.68 9.04 -7.20
N LYS B 87 15.80 8.55 -6.34
CA LYS B 87 15.52 7.15 -6.23
C LYS B 87 14.01 6.95 -6.26
N LYS B 88 13.53 5.98 -6.99
CA LYS B 88 12.11 5.66 -6.94
C LYS B 88 11.89 4.69 -5.81
N LEU B 89 11.36 5.19 -4.72
CA LEU B 89 11.11 4.40 -3.54
C LEU B 89 10.08 3.31 -3.81
N ASN B 90 10.19 2.25 -3.06
CA ASN B 90 9.34 1.09 -3.25
C ASN B 90 7.96 1.29 -2.61
N ASP B 91 7.11 0.28 -2.71
CA ASP B 91 5.66 0.33 -2.34
C ASP B 91 5.37 0.68 -0.88
N SER B 92 6.37 0.51 -0.03
CA SER B 92 6.22 0.80 1.40
C SER B 92 5.77 2.22 1.65
N ILE B 93 6.58 3.17 1.18
CA ILE B 93 6.41 4.57 1.52
C ILE B 93 5.06 5.12 1.05
N TYR B 94 4.58 4.63 -0.08
CA TYR B 94 3.34 5.11 -0.69
C TYR B 94 2.16 4.83 0.17
N VAL B 95 2.02 3.60 0.53
CA VAL B 95 0.89 3.18 1.29
C VAL B 95 1.10 3.52 2.79
N SER B 96 2.34 3.68 3.19
CA SER B 96 2.56 4.08 4.53
C SER B 96 2.16 5.54 4.72
N LEU B 97 2.33 6.35 3.67
CA LEU B 97 2.01 7.74 3.79
C LEU B 97 0.51 8.00 3.65
N THR B 98 -0.22 7.12 2.99
CA THR B 98 -1.66 7.28 2.94
C THR B 98 -2.24 7.16 4.32
N ASN B 99 -1.73 6.19 5.05
CA ASN B 99 -2.12 6.03 6.42
C ASN B 99 -1.60 7.14 7.25
N HIS B 100 -0.34 7.44 7.06
CA HIS B 100 0.34 8.40 7.86
C HIS B 100 -0.30 9.75 7.73
N ILE B 101 -0.67 10.15 6.52
CA ILE B 101 -1.26 11.45 6.35
C ILE B 101 -2.66 11.49 6.94
N ASN B 102 -3.39 10.40 6.77
CA ASN B 102 -4.77 10.37 7.24
C ASN B 102 -4.81 10.30 8.77
N PHE B 103 -3.89 9.54 9.34
CA PHE B 103 -3.85 9.37 10.77
C PHE B 103 -3.24 10.56 11.44
N ALA B 104 -2.25 11.18 10.80
CA ALA B 104 -1.61 12.35 11.36
C ALA B 104 -2.55 13.52 11.34
N ILE B 105 -3.38 13.64 10.29
CA ILE B 105 -4.34 14.73 10.25
C ILE B 105 -5.36 14.55 11.38
N GLN B 106 -5.83 13.31 11.55
CA GLN B 106 -6.79 13.00 12.59
C GLN B 106 -6.21 13.26 13.97
N ARG B 107 -4.95 12.84 14.17
CA ARG B 107 -4.27 13.06 15.42
C ARG B 107 -4.04 14.53 15.67
N ASN B 108 -3.68 15.25 14.62
CA ASN B 108 -3.44 16.68 14.68
C ASN B 108 -4.70 17.43 15.10
N GLN B 109 -5.83 17.05 14.52
CA GLN B 109 -7.10 17.70 14.79
C GLN B 109 -7.53 17.55 16.24
N LYS B 110 -7.37 16.35 16.78
CA LYS B 110 -7.82 16.10 18.13
C LYS B 110 -6.80 16.55 19.18
N GLY B 111 -5.61 16.80 18.74
CA GLY B 111 -4.57 17.23 19.66
C GLY B 111 -3.84 16.06 20.26
N LEU B 112 -3.76 15.00 19.51
CA LEU B 112 -3.06 13.82 19.91
C LEU B 112 -1.78 13.72 19.12
N ASP B 113 -0.70 13.43 19.77
CA ASP B 113 0.58 13.29 19.09
C ASP B 113 1.26 12.06 19.62
N ILE B 114 1.51 11.09 18.78
CA ILE B 114 2.22 9.91 19.23
C ILE B 114 3.70 10.22 19.26
N LYS B 115 4.22 10.43 20.44
CA LYS B 115 5.55 10.95 20.54
C LYS B 115 6.65 9.96 20.43
N ASN B 116 7.40 10.18 19.39
CA ASN B 116 8.58 9.46 19.09
C ASN B 116 9.62 9.79 20.16
N ALA B 117 9.89 8.88 21.06
CA ALA B 117 10.83 9.17 22.14
C ALA B 117 12.27 9.02 21.68
N LEU B 118 12.41 8.67 20.45
CA LEU B 118 13.68 8.48 19.82
C LEU B 118 13.86 9.54 18.74
N LEU B 119 13.00 10.56 18.79
CA LEU B 119 12.98 11.65 17.81
C LEU B 119 14.32 12.35 17.74
N TRP B 120 14.93 12.47 18.88
CA TRP B 120 16.21 13.13 19.03
C TRP B 120 17.25 12.41 18.18
N GLU B 121 17.31 11.10 18.37
CA GLU B 121 18.21 10.23 17.66
C GLU B 121 17.86 10.22 16.17
N THR B 122 16.57 10.28 15.89
CA THR B 122 16.07 10.30 14.53
C THR B 122 16.61 11.53 13.79
N LYS B 123 16.54 12.70 14.43
CA LYS B 123 17.02 13.94 13.83
C LYS B 123 18.53 13.90 13.61
N ARG B 124 19.21 13.12 14.41
CA ARG B 124 20.64 13.00 14.32
C ARG B 124 21.06 12.00 13.23
N LEU B 125 20.61 10.77 13.38
CA LEU B 125 21.03 9.69 12.50
C LEU B 125 20.47 9.84 11.09
N TYR B 126 19.22 10.18 11.01
CA TYR B 126 18.54 10.27 9.73
C TYR B 126 18.34 11.73 9.38
N LYS B 127 19.37 12.51 9.57
CA LYS B 127 19.34 13.96 9.39
C LYS B 127 18.86 14.44 8.03
N ASP B 128 19.31 13.79 6.99
CA ASP B 128 18.86 14.14 5.64
C ASP B 128 17.44 13.73 5.41
N GLU B 129 17.16 12.47 5.71
CA GLU B 129 15.84 11.88 5.55
C GLU B 129 14.79 12.70 6.31
N PHE B 130 15.12 13.07 7.52
CA PHE B 130 14.25 13.85 8.37
C PHE B 130 14.04 15.24 7.77
N ALA B 131 15.11 15.82 7.25
CA ALA B 131 15.05 17.14 6.65
C ALA B 131 14.15 17.12 5.42
N ILE B 132 14.25 16.05 4.62
CA ILE B 132 13.40 15.89 3.45
C ILE B 132 11.94 15.74 3.88
N GLY B 133 11.73 14.97 4.95
CA GLY B 133 10.41 14.78 5.50
C GLY B 133 9.81 16.09 5.98
N LYS B 134 10.63 16.88 6.64
CA LYS B 134 10.22 18.20 7.14
C LYS B 134 9.93 19.16 5.98
N GLU B 135 10.73 19.08 4.94
CA GLU B 135 10.56 19.93 3.77
C GLU B 135 9.25 19.56 3.06
N ALA B 136 8.99 18.27 2.97
CA ALA B 136 7.76 17.79 2.39
C ALA B 136 6.60 18.21 3.27
N LEU B 137 6.82 18.14 4.58
CA LEU B 137 5.85 18.56 5.60
C LEU B 137 5.45 20.01 5.38
N VAL B 138 6.45 20.87 5.14
CA VAL B 138 6.20 22.28 4.86
C VAL B 138 5.32 22.43 3.64
N MET B 139 5.62 21.66 2.62
CA MET B 139 4.83 21.68 1.38
C MET B 139 3.40 21.20 1.64
N VAL B 140 3.27 20.16 2.43
CA VAL B 140 1.97 19.61 2.74
C VAL B 140 1.16 20.61 3.57
N LYS B 141 1.80 21.24 4.53
CA LYS B 141 1.12 22.17 5.40
C LYS B 141 0.73 23.41 4.63
N ASN B 142 1.49 23.75 3.59
CA ASN B 142 1.18 24.89 2.76
C ASN B 142 -0.09 24.65 2.02
N LYS B 143 -0.24 23.47 1.49
CA LYS B 143 -1.44 23.15 0.77
C LYS B 143 -2.64 22.90 1.67
N THR B 144 -2.43 22.19 2.75
CA THR B 144 -3.56 21.72 3.55
C THR B 144 -3.89 22.62 4.73
N GLY B 145 -2.88 23.23 5.29
CA GLY B 145 -3.03 23.99 6.47
C GLY B 145 -2.78 23.15 7.70
N VAL B 146 -2.55 21.86 7.50
CA VAL B 146 -2.33 20.93 8.57
C VAL B 146 -0.84 20.62 8.65
N SER B 147 -0.24 20.93 9.76
CA SER B 147 1.15 20.70 9.96
C SER B 147 1.34 19.35 10.63
N LEU B 148 2.17 18.50 10.02
CA LEU B 148 2.42 17.19 10.56
C LEU B 148 3.33 17.30 11.80
N PRO B 149 3.08 16.49 12.81
CA PRO B 149 3.85 16.54 14.05
C PRO B 149 5.31 16.05 13.89
N GLU B 150 6.17 16.61 14.73
CA GLU B 150 7.62 16.32 14.79
C GLU B 150 7.90 14.83 14.92
N ASP B 151 7.27 14.24 15.88
CA ASP B 151 7.37 12.83 16.18
C ASP B 151 7.01 11.98 15.01
N GLU B 152 5.87 12.22 14.41
CA GLU B 152 5.49 11.47 13.25
C GLU B 152 6.38 11.77 12.03
N ALA B 153 6.88 12.99 11.92
CA ALA B 153 7.83 13.35 10.86
C ALA B 153 9.10 12.51 10.98
N GLY B 154 9.48 12.22 12.23
CA GLY B 154 10.56 11.32 12.48
C GLY B 154 10.25 9.94 11.98
N PHE B 155 9.03 9.50 12.20
CA PHE B 155 8.60 8.20 11.71
C PHE B 155 8.56 8.20 10.17
N ILE B 156 8.26 9.35 9.56
CA ILE B 156 8.32 9.49 8.10
C ILE B 156 9.73 9.18 7.63
N ALA B 157 10.72 9.73 8.33
CA ALA B 157 12.13 9.45 8.04
C ALA B 157 12.41 7.96 8.14
N LEU B 158 11.86 7.33 9.18
CA LEU B 158 11.96 5.87 9.33
C LEU B 158 11.31 5.14 8.15
N HIS B 159 10.17 5.62 7.68
CA HIS B 159 9.50 5.01 6.54
C HIS B 159 10.35 5.15 5.29
N ILE B 160 11.02 6.29 5.16
CA ILE B 160 11.91 6.54 4.04
C ILE B 160 13.07 5.55 4.04
N VAL B 161 13.67 5.33 5.20
CA VAL B 161 14.80 4.43 5.28
C VAL B 161 14.37 2.97 5.09
N ASN B 162 13.12 2.68 5.39
CA ASN B 162 12.60 1.34 5.19
C ASN B 162 12.14 1.15 3.75
N ALA B 163 11.91 2.25 3.05
CA ALA B 163 11.55 2.21 1.65
C ALA B 163 12.79 2.31 0.77
N GLU B 164 13.90 2.68 1.40
CA GLU B 164 15.22 2.75 0.78
C GLU B 164 15.61 1.48 0.05
N LEU B 165 16.15 1.68 -1.12
CA LEU B 165 16.56 0.61 -1.97
C LEU B 165 17.96 0.18 -1.63
N ASN B 166 18.40 -0.84 -2.29
CA ASN B 166 19.72 -1.40 -2.11
C ASN B 166 20.76 -0.46 -2.69
N GLU B 167 22.00 -0.80 -2.49
CA GLU B 167 23.15 0.01 -2.87
C GLU B 167 23.12 0.46 -4.34
N LEU B 168 22.79 1.71 -4.52
CA LEU B 168 22.86 2.36 -5.79
C LEU B 168 23.51 3.71 -5.58
N GLN B 169 24.39 4.07 -6.44
CA GLN B 169 25.12 5.30 -6.30
C GLN B 169 25.13 6.01 -7.63
N MET A 1 -22.40 -0.43 -2.08
CA MET A 1 -21.91 -0.40 -3.45
C MET A 1 -23.05 -0.07 -4.36
N LYS A 2 -22.81 -0.08 -5.64
CA LYS A 2 -23.85 0.21 -6.59
C LYS A 2 -23.43 -0.24 -7.97
N ILE A 3 -24.37 -0.68 -8.73
CA ILE A 3 -24.13 -1.04 -10.10
C ILE A 3 -24.30 0.18 -10.97
N ALA A 4 -23.22 0.68 -11.47
CA ALA A 4 -23.23 1.87 -12.31
C ALA A 4 -23.29 1.46 -13.77
N LYS A 5 -22.42 0.53 -14.16
CA LYS A 5 -22.39 0.06 -15.50
C LYS A 5 -22.52 -1.44 -15.50
N VAL A 6 -23.00 -1.97 -16.59
CA VAL A 6 -23.21 -3.39 -16.75
C VAL A 6 -22.58 -3.83 -18.06
N ILE A 7 -21.58 -4.66 -17.97
CA ILE A 7 -20.94 -5.19 -19.13
C ILE A 7 -21.68 -6.43 -19.60
N ASN A 8 -22.13 -7.22 -18.65
CA ASN A 8 -22.90 -8.41 -18.91
C ASN A 8 -23.43 -8.93 -17.59
N ASN A 9 -24.16 -10.04 -17.62
CA ASN A 9 -24.78 -10.58 -16.40
C ASN A 9 -23.76 -10.98 -15.31
N ASN A 10 -22.53 -11.27 -15.71
CA ASN A 10 -21.51 -11.64 -14.73
C ASN A 10 -20.62 -10.48 -14.40
N VAL A 11 -20.40 -9.60 -15.34
CA VAL A 11 -19.46 -8.52 -15.15
C VAL A 11 -20.18 -7.19 -15.02
N ILE A 12 -19.95 -6.53 -13.92
CA ILE A 12 -20.56 -5.25 -13.64
C ILE A 12 -19.52 -4.20 -13.36
N SER A 13 -19.95 -3.01 -13.30
CA SER A 13 -19.14 -1.89 -13.04
C SER A 13 -19.74 -1.08 -11.89
N VAL A 14 -18.97 -0.94 -10.86
CA VAL A 14 -19.36 -0.24 -9.66
C VAL A 14 -18.51 1.01 -9.55
N VAL A 15 -19.01 2.03 -8.93
CA VAL A 15 -18.22 3.21 -8.64
C VAL A 15 -18.34 3.47 -7.16
N ASN A 16 -17.24 3.42 -6.45
CA ASN A 16 -17.29 3.62 -5.02
C ASN A 16 -17.42 5.10 -4.70
N GLU A 17 -17.60 5.42 -3.44
CA GLU A 17 -17.86 6.78 -3.01
C GLU A 17 -16.66 7.68 -3.28
N GLN A 18 -15.48 7.08 -3.30
CA GLN A 18 -14.23 7.78 -3.55
C GLN A 18 -14.11 8.22 -5.02
N GLY A 19 -14.91 7.63 -5.88
CA GLY A 19 -14.89 7.98 -7.27
C GLY A 19 -14.07 7.02 -8.12
N LYS A 20 -13.84 5.84 -7.59
CA LYS A 20 -13.12 4.82 -8.30
C LYS A 20 -14.07 3.84 -8.88
N GLU A 21 -13.92 3.59 -10.14
CA GLU A 21 -14.71 2.64 -10.85
C GLU A 21 -14.15 1.25 -10.55
N LEU A 22 -14.98 0.28 -10.56
CA LEU A 22 -14.62 -1.07 -10.26
C LEU A 22 -15.29 -1.98 -11.25
N VAL A 23 -14.58 -2.93 -11.70
CA VAL A 23 -15.13 -3.94 -12.56
C VAL A 23 -15.22 -5.20 -11.76
N VAL A 24 -16.38 -5.50 -11.35
CA VAL A 24 -16.60 -6.61 -10.49
C VAL A 24 -17.20 -7.73 -11.30
N MET A 25 -16.53 -8.84 -11.29
CA MET A 25 -17.02 -9.97 -12.00
C MET A 25 -17.52 -10.94 -10.99
N GLY A 26 -18.74 -11.27 -11.10
CA GLY A 26 -19.33 -12.18 -10.22
C GLY A 26 -20.02 -13.20 -10.99
N ARG A 27 -20.71 -14.05 -10.34
CA ARG A 27 -21.42 -15.04 -11.04
C ARG A 27 -22.88 -14.69 -11.01
N GLY A 28 -23.35 -14.24 -12.15
CA GLY A 28 -24.72 -13.78 -12.29
C GLY A 28 -25.05 -12.62 -11.35
N LEU A 29 -24.13 -11.69 -11.24
CA LEU A 29 -24.32 -10.53 -10.37
C LEU A 29 -25.39 -9.60 -10.92
N ALA A 30 -25.36 -9.39 -12.22
CA ALA A 30 -26.30 -8.49 -12.86
C ALA A 30 -27.53 -9.27 -13.29
N PHE A 31 -27.48 -10.56 -13.09
CA PHE A 31 -28.59 -11.43 -13.36
C PHE A 31 -29.67 -11.10 -12.35
N GLN A 32 -30.70 -10.46 -12.84
CA GLN A 32 -31.83 -9.99 -12.05
C GLN A 32 -31.44 -8.81 -11.16
N LYS A 33 -30.42 -8.10 -11.56
CA LYS A 33 -30.00 -6.90 -10.90
C LYS A 33 -29.86 -5.75 -11.87
N LYS A 34 -29.98 -4.56 -11.37
CA LYS A 34 -30.08 -3.38 -12.18
C LYS A 34 -29.14 -2.30 -11.69
N SER A 35 -28.99 -1.26 -12.47
CA SER A 35 -28.16 -0.16 -12.13
C SER A 35 -28.78 0.61 -10.96
N GLY A 36 -27.94 1.06 -10.05
CA GLY A 36 -28.39 1.79 -8.90
C GLY A 36 -28.73 0.90 -7.74
N ASP A 37 -28.56 -0.38 -7.94
CA ASP A 37 -28.83 -1.34 -6.91
C ASP A 37 -27.50 -1.72 -6.25
N ASP A 38 -27.55 -2.17 -5.02
CA ASP A 38 -26.36 -2.49 -4.26
C ASP A 38 -25.84 -3.89 -4.57
N VAL A 39 -24.55 -4.04 -4.55
CA VAL A 39 -23.89 -5.26 -4.94
C VAL A 39 -23.60 -6.18 -3.73
N ASP A 40 -23.87 -7.47 -3.90
CA ASP A 40 -23.56 -8.50 -2.93
C ASP A 40 -22.10 -8.88 -3.09
N GLU A 41 -21.37 -8.99 -1.99
CA GLU A 41 -19.94 -9.23 -2.08
C GLU A 41 -19.59 -10.72 -2.09
N ALA A 42 -20.56 -11.57 -1.88
CA ALA A 42 -20.30 -12.99 -1.80
C ALA A 42 -20.28 -13.60 -3.19
N ARG A 43 -21.22 -13.16 -4.02
CA ARG A 43 -21.36 -13.67 -5.40
C ARG A 43 -20.28 -13.09 -6.33
N ILE A 44 -19.45 -12.22 -5.79
CA ILE A 44 -18.32 -11.67 -6.48
C ILE A 44 -17.25 -12.74 -6.61
N GLU A 45 -16.78 -12.93 -7.79
CA GLU A 45 -15.72 -13.88 -8.01
C GLU A 45 -14.41 -13.13 -8.14
N LYS A 46 -14.47 -12.00 -8.82
CA LYS A 46 -13.29 -11.22 -9.12
C LYS A 46 -13.59 -9.73 -8.91
N VAL A 47 -12.66 -9.02 -8.28
CA VAL A 47 -12.81 -7.59 -8.08
C VAL A 47 -11.68 -6.89 -8.81
N PHE A 48 -12.02 -6.06 -9.74
CA PHE A 48 -11.04 -5.26 -10.40
C PHE A 48 -11.25 -3.82 -9.98
N THR A 49 -10.22 -3.22 -9.48
CA THR A 49 -10.29 -1.88 -8.98
C THR A 49 -9.47 -0.92 -9.86
N LEU A 50 -10.07 0.23 -10.17
CA LEU A 50 -9.47 1.24 -11.05
C LEU A 50 -8.45 2.11 -10.37
N ASP A 51 -7.35 2.31 -11.05
CA ASP A 51 -6.39 3.31 -10.69
C ASP A 51 -5.86 3.95 -11.95
N ASN A 52 -5.37 5.14 -11.84
CA ASN A 52 -4.89 5.89 -12.98
C ASN A 52 -3.38 5.74 -13.06
N LYS A 53 -2.90 5.00 -14.03
CA LYS A 53 -1.47 4.71 -14.13
C LYS A 53 -0.63 5.93 -14.52
N ASP A 54 -1.28 6.99 -14.90
CA ASP A 54 -0.59 8.21 -15.27
C ASP A 54 -0.31 9.06 -14.06
N VAL A 55 -1.27 9.12 -13.18
CA VAL A 55 -1.13 9.88 -11.97
C VAL A 55 -0.45 9.04 -10.89
N SER A 56 -0.84 7.80 -10.83
CA SER A 56 -0.39 6.90 -9.83
C SER A 56 0.68 5.95 -10.40
N GLU A 57 1.59 6.45 -11.19
CA GLU A 57 2.63 5.60 -11.80
C GLU A 57 3.47 4.79 -10.77
N LYS A 58 3.82 5.41 -9.70
CA LYS A 58 4.51 4.78 -8.61
C LYS A 58 3.57 4.07 -7.63
N PHE A 59 2.30 4.41 -7.68
CA PHE A 59 1.32 3.77 -6.84
C PHE A 59 0.86 2.42 -7.44
N LYS A 60 0.83 2.35 -8.77
CA LYS A 60 0.37 1.16 -9.45
C LYS A 60 1.38 0.02 -9.41
N THR A 61 2.63 0.33 -9.14
CA THR A 61 3.68 -0.69 -9.12
C THR A 61 3.45 -1.73 -8.01
N LEU A 62 2.75 -1.32 -6.96
CA LEU A 62 2.40 -2.23 -5.87
C LEU A 62 1.48 -3.32 -6.37
N LEU A 63 0.61 -2.94 -7.27
CA LEU A 63 -0.41 -3.82 -7.76
C LEU A 63 0.05 -4.57 -9.02
N TYR A 64 1.21 -4.20 -9.49
CA TYR A 64 1.80 -4.84 -10.64
C TYR A 64 2.95 -5.75 -10.29
N ASP A 65 3.86 -5.29 -9.44
CA ASP A 65 5.14 -5.96 -9.29
C ASP A 65 5.41 -6.50 -7.90
N ILE A 66 4.41 -6.55 -7.08
CA ILE A 66 4.60 -7.06 -5.73
C ILE A 66 4.15 -8.52 -5.65
N PRO A 67 5.10 -9.42 -5.26
CA PRO A 67 4.84 -10.86 -5.13
C PRO A 67 3.64 -11.20 -4.23
N ILE A 68 2.78 -12.06 -4.74
CA ILE A 68 1.60 -12.50 -4.02
C ILE A 68 2.02 -13.38 -2.82
N GLU A 69 3.22 -13.97 -2.90
CA GLU A 69 3.78 -14.74 -1.80
C GLU A 69 3.90 -13.83 -0.59
N CYS A 70 4.44 -12.65 -0.84
CA CYS A 70 4.63 -11.65 0.18
C CYS A 70 3.29 -11.17 0.70
N MET A 71 2.31 -11.13 -0.19
CA MET A 71 0.93 -10.75 0.18
C MET A 71 0.33 -11.72 1.17
N GLU A 72 0.48 -12.98 0.89
CA GLU A 72 -0.08 -14.04 1.72
C GLU A 72 0.60 -14.03 3.07
N VAL A 73 1.88 -13.86 3.07
CA VAL A 73 2.61 -13.84 4.30
C VAL A 73 2.26 -12.59 5.10
N SER A 74 2.24 -11.45 4.43
CA SER A 74 1.99 -10.17 5.07
C SER A 74 0.64 -10.15 5.72
N GLU A 75 -0.37 -10.63 5.01
CA GLU A 75 -1.73 -10.56 5.51
C GLU A 75 -1.84 -11.41 6.79
N GLU A 76 -1.16 -12.55 6.79
CA GLU A 76 -1.19 -13.44 7.94
C GLU A 76 -0.33 -12.88 9.10
N ILE A 77 0.75 -12.15 8.78
CA ILE A 77 1.59 -11.48 9.80
C ILE A 77 0.72 -10.51 10.58
N ILE A 78 -0.03 -9.75 9.83
CA ILE A 78 -0.91 -8.73 10.37
C ILE A 78 -2.01 -9.37 11.20
N SER A 79 -2.49 -10.51 10.75
CA SER A 79 -3.50 -11.25 11.47
C SER A 79 -2.92 -11.75 12.81
N TYR A 80 -1.67 -12.18 12.78
CA TYR A 80 -0.98 -12.64 13.98
C TYR A 80 -0.79 -11.50 14.95
N ALA A 81 -0.36 -10.37 14.42
CA ALA A 81 -0.12 -9.19 15.24
C ALA A 81 -1.43 -8.72 15.87
N LYS A 82 -2.47 -8.72 15.07
CA LYS A 82 -3.80 -8.32 15.49
C LYS A 82 -4.29 -9.22 16.62
N LEU A 83 -4.03 -10.51 16.47
CA LEU A 83 -4.44 -11.53 17.42
C LEU A 83 -3.70 -11.38 18.75
N GLN A 84 -2.44 -10.98 18.70
CA GLN A 84 -1.64 -10.83 19.90
C GLN A 84 -1.90 -9.49 20.57
N LEU A 85 -2.15 -8.47 19.77
CA LEU A 85 -2.37 -7.14 20.26
C LEU A 85 -3.78 -6.92 20.76
N GLY A 86 -4.76 -7.37 20.00
CA GLY A 86 -6.15 -7.15 20.36
C GLY A 86 -6.66 -5.82 19.83
N LYS A 87 -5.88 -5.21 18.98
CA LYS A 87 -6.23 -3.97 18.34
C LYS A 87 -6.19 -4.16 16.85
N LYS A 88 -6.73 -3.22 16.13
CA LYS A 88 -6.76 -3.30 14.69
C LYS A 88 -5.59 -2.57 14.08
N LEU A 89 -5.12 -3.10 13.00
CA LEU A 89 -4.08 -2.50 12.25
C LEU A 89 -4.68 -1.92 10.97
N ASN A 90 -4.34 -0.69 10.71
CA ASN A 90 -4.81 0.03 9.53
C ASN A 90 -4.15 -0.53 8.26
N ASP A 91 -4.72 -0.16 7.14
CA ASP A 91 -4.38 -0.63 5.80
C ASP A 91 -2.92 -0.33 5.43
N SER A 92 -2.33 0.65 6.10
CA SER A 92 -0.94 1.06 5.88
C SER A 92 0.02 -0.12 6.03
N ILE A 93 -0.22 -0.96 7.03
CA ILE A 93 0.72 -2.04 7.38
C ILE A 93 0.68 -3.18 6.35
N TYR A 94 -0.40 -3.29 5.61
CA TYR A 94 -0.58 -4.42 4.70
C TYR A 94 0.34 -4.32 3.52
N VAL A 95 0.28 -3.20 2.85
CA VAL A 95 1.08 -3.04 1.67
C VAL A 95 2.55 -2.77 2.04
N SER A 96 2.77 -2.15 3.19
CA SER A 96 4.11 -1.89 3.61
C SER A 96 4.83 -3.18 3.94
N LEU A 97 4.14 -4.13 4.60
CA LEU A 97 4.79 -5.38 4.94
C LEU A 97 5.03 -6.23 3.72
N THR A 98 4.16 -6.14 2.71
CA THR A 98 4.39 -6.91 1.50
C THR A 98 5.66 -6.48 0.82
N ASN A 99 5.91 -5.20 0.81
CA ASN A 99 7.05 -4.68 0.15
C ASN A 99 8.27 -4.83 1.06
N HIS A 100 8.04 -4.85 2.37
CA HIS A 100 9.08 -5.06 3.36
C HIS A 100 9.60 -6.51 3.26
N ILE A 101 8.68 -7.47 3.08
CA ILE A 101 9.06 -8.86 2.87
C ILE A 101 9.83 -8.96 1.55
N ASN A 102 9.41 -8.16 0.58
CA ASN A 102 10.12 -8.04 -0.69
C ASN A 102 11.55 -7.54 -0.47
N PHE A 103 11.70 -6.51 0.38
CA PHE A 103 13.04 -6.01 0.77
C PHE A 103 13.86 -7.09 1.43
N ALA A 104 13.20 -7.87 2.26
CA ALA A 104 13.85 -8.97 2.93
C ALA A 104 14.38 -9.98 1.94
N ILE A 105 13.58 -10.28 0.93
CA ILE A 105 14.00 -11.20 -0.11
C ILE A 105 15.14 -10.58 -0.92
N GLN A 106 15.01 -9.29 -1.23
CA GLN A 106 16.03 -8.56 -1.98
C GLN A 106 17.36 -8.57 -1.27
N ARG A 107 17.34 -8.33 0.04
CA ARG A 107 18.58 -8.31 0.78
C ARG A 107 19.09 -9.71 1.03
N ASN A 108 18.19 -10.67 1.00
CA ASN A 108 18.55 -12.05 1.17
C ASN A 108 19.30 -12.54 -0.06
N GLN A 109 18.94 -11.99 -1.21
CA GLN A 109 19.60 -12.31 -2.45
C GLN A 109 20.88 -11.46 -2.65
N LYS A 110 20.75 -10.15 -2.51
CA LYS A 110 21.84 -9.21 -2.82
C LYS A 110 22.85 -9.06 -1.68
N GLY A 111 22.43 -9.40 -0.51
CA GLY A 111 23.27 -9.28 0.67
C GLY A 111 23.42 -7.82 1.10
N LEU A 112 22.35 -7.08 0.97
CA LEU A 112 22.31 -5.68 1.34
C LEU A 112 21.61 -5.52 2.70
N ASP A 113 22.35 -5.64 3.77
CA ASP A 113 21.76 -5.60 5.09
C ASP A 113 22.24 -4.41 5.87
N ILE A 114 21.31 -3.71 6.48
CA ILE A 114 21.62 -2.53 7.26
C ILE A 114 21.08 -2.73 8.66
N LYS A 115 21.57 -1.98 9.60
CA LYS A 115 21.10 -2.13 10.96
C LYS A 115 20.27 -0.93 11.37
N ASN A 116 19.48 -1.14 12.38
CA ASN A 116 18.68 -0.10 13.00
C ASN A 116 19.59 0.60 14.01
N ALA A 117 19.80 1.89 13.88
CA ALA A 117 20.70 2.59 14.82
C ALA A 117 19.99 3.02 16.08
N LEU A 118 18.74 2.70 16.12
CA LEU A 118 17.89 2.92 17.26
C LEU A 118 17.47 1.57 17.77
N LEU A 119 18.28 0.55 17.41
CA LEU A 119 18.01 -0.84 17.75
C LEU A 119 17.86 -1.04 19.24
N TRP A 120 18.80 -0.54 19.99
CA TRP A 120 18.81 -0.74 21.43
C TRP A 120 17.68 0.04 22.09
N GLU A 121 17.45 1.23 21.58
CA GLU A 121 16.38 2.10 22.03
C GLU A 121 15.03 1.43 21.81
N THR A 122 14.86 0.89 20.63
CA THR A 122 13.64 0.20 20.25
C THR A 122 13.47 -1.08 21.09
N LYS A 123 14.57 -1.78 21.33
CA LYS A 123 14.58 -3.00 22.12
C LYS A 123 14.11 -2.73 23.55
N ARG A 124 14.39 -1.56 24.06
CA ARG A 124 13.91 -1.17 25.37
C ARG A 124 12.52 -0.53 25.37
N LEU A 125 12.38 0.57 24.66
CA LEU A 125 11.17 1.38 24.72
C LEU A 125 9.97 0.75 24.04
N TYR A 126 10.20 -0.16 23.13
CA TYR A 126 9.13 -0.78 22.40
C TYR A 126 9.25 -2.30 22.47
N LYS A 127 9.80 -2.80 23.58
CA LYS A 127 10.06 -4.25 23.77
C LYS A 127 8.86 -5.16 23.56
N ASP A 128 7.72 -4.71 23.96
CA ASP A 128 6.48 -5.49 23.83
C ASP A 128 6.09 -5.67 22.39
N GLU A 129 5.94 -4.57 21.70
CA GLU A 129 5.58 -4.61 20.30
C GLU A 129 6.70 -5.18 19.44
N PHE A 130 7.92 -5.02 19.91
CA PHE A 130 9.09 -5.59 19.27
C PHE A 130 9.00 -7.11 19.39
N ALA A 131 8.59 -7.59 20.56
CA ALA A 131 8.42 -9.01 20.80
C ALA A 131 7.31 -9.58 19.94
N ILE A 132 6.24 -8.80 19.77
CA ILE A 132 5.14 -9.19 18.89
C ILE A 132 5.65 -9.35 17.47
N GLY A 133 6.44 -8.37 17.03
CA GLY A 133 7.02 -8.41 15.71
C GLY A 133 7.99 -9.56 15.57
N LYS A 134 8.77 -9.81 16.61
CA LYS A 134 9.76 -10.87 16.63
C LYS A 134 9.05 -12.24 16.56
N GLU A 135 7.94 -12.40 17.27
CA GLU A 135 7.19 -13.65 17.21
C GLU A 135 6.56 -13.84 15.85
N ALA A 136 6.11 -12.75 15.26
CA ALA A 136 5.59 -12.79 13.91
C ALA A 136 6.71 -13.18 12.97
N LEU A 137 7.89 -12.62 13.21
CA LEU A 137 9.11 -12.93 12.46
C LEU A 137 9.43 -14.41 12.51
N VAL A 138 9.27 -15.02 13.68
CA VAL A 138 9.51 -16.44 13.84
C VAL A 138 8.59 -17.21 12.90
N MET A 139 7.35 -16.80 12.89
CA MET A 139 6.35 -17.41 12.03
C MET A 139 6.69 -17.15 10.54
N VAL A 140 7.14 -15.95 10.23
CA VAL A 140 7.54 -15.57 8.88
C VAL A 140 8.67 -16.46 8.39
N LYS A 141 9.67 -16.64 9.23
CA LYS A 141 10.81 -17.39 8.83
C LYS A 141 10.48 -18.88 8.77
N ASN A 142 9.51 -19.31 9.56
CA ASN A 142 9.07 -20.70 9.51
C ASN A 142 8.33 -20.97 8.22
N LYS A 143 7.65 -19.97 7.72
CA LYS A 143 6.92 -20.11 6.48
C LYS A 143 7.80 -19.98 5.26
N THR A 144 8.75 -19.07 5.29
CA THR A 144 9.50 -18.76 4.09
C THR A 144 10.96 -19.21 4.12
N GLY A 145 11.55 -19.19 5.28
CA GLY A 145 12.95 -19.45 5.40
C GLY A 145 13.77 -18.18 5.28
N VAL A 146 13.10 -17.07 5.01
CA VAL A 146 13.75 -15.79 4.85
C VAL A 146 13.97 -15.16 6.21
N SER A 147 15.20 -14.82 6.49
CA SER A 147 15.57 -14.29 7.77
C SER A 147 15.60 -12.76 7.75
N LEU A 148 14.75 -12.16 8.55
CA LEU A 148 14.78 -10.74 8.74
C LEU A 148 15.45 -10.50 10.09
N PRO A 149 16.43 -9.62 10.18
CA PRO A 149 17.16 -9.39 11.44
C PRO A 149 16.37 -8.55 12.46
N GLU A 150 16.86 -8.54 13.71
CA GLU A 150 16.27 -7.79 14.84
C GLU A 150 16.07 -6.31 14.50
N ASP A 151 16.97 -5.77 13.72
CA ASP A 151 16.89 -4.40 13.25
C ASP A 151 15.62 -4.16 12.49
N GLU A 152 15.41 -4.93 11.44
CA GLU A 152 14.17 -4.86 10.65
C GLU A 152 12.95 -5.15 11.50
N ALA A 153 13.06 -6.13 12.39
CA ALA A 153 11.99 -6.49 13.30
C ALA A 153 11.59 -5.30 14.17
N GLY A 154 12.57 -4.49 14.54
CA GLY A 154 12.32 -3.31 15.29
C GLY A 154 11.63 -2.26 14.44
N PHE A 155 12.01 -2.17 13.18
CA PHE A 155 11.33 -1.28 12.25
C PHE A 155 9.88 -1.73 12.07
N ILE A 156 9.67 -3.04 12.05
CA ILE A 156 8.33 -3.62 11.99
C ILE A 156 7.51 -3.16 13.20
N ALA A 157 8.14 -3.15 14.37
CA ALA A 157 7.48 -2.67 15.59
C ALA A 157 7.04 -1.21 15.42
N LEU A 158 7.92 -0.38 14.84
CA LEU A 158 7.57 1.00 14.53
C LEU A 158 6.44 1.09 13.50
N HIS A 159 6.42 0.16 12.57
CA HIS A 159 5.35 0.11 11.59
C HIS A 159 4.04 -0.26 12.24
N ILE A 160 4.09 -1.21 13.16
CA ILE A 160 2.92 -1.67 13.89
C ILE A 160 2.27 -0.52 14.67
N VAL A 161 3.09 0.24 15.39
CA VAL A 161 2.57 1.29 16.23
C VAL A 161 2.02 2.47 15.41
N ASN A 162 2.55 2.67 14.21
CA ASN A 162 2.06 3.73 13.35
C ASN A 162 0.86 3.28 12.56
N ALA A 163 0.74 1.99 12.38
CA ALA A 163 -0.36 1.42 11.64
C ALA A 163 -1.56 1.17 12.52
N GLU A 164 -1.34 1.12 13.81
CA GLU A 164 -2.45 1.02 14.72
C GLU A 164 -3.26 2.28 14.69
N LEU A 165 -4.55 2.13 14.89
CA LEU A 165 -5.38 3.26 15.11
C LEU A 165 -4.96 3.77 16.46
N ASN A 166 -4.79 5.06 16.60
CA ASN A 166 -4.25 5.66 17.84
C ASN A 166 -5.03 5.22 19.07
N GLU A 167 -4.51 4.22 19.72
CA GLU A 167 -5.13 3.57 20.83
C GLU A 167 -4.71 4.19 22.12
N LEU A 168 -5.68 4.62 22.85
CA LEU A 168 -5.49 5.10 24.17
C LEU A 168 -6.63 4.54 24.97
N GLN A 169 -6.36 3.36 25.52
CA GLN A 169 -7.29 2.61 26.36
C GLN A 169 -8.37 1.92 25.51
N MET B 1 3.37 -7.51 -21.38
CA MET B 1 2.02 -7.90 -21.02
C MET B 1 1.39 -8.55 -22.22
N LYS B 2 0.14 -8.90 -22.12
CA LYS B 2 -0.56 -9.44 -23.27
C LYS B 2 -2.03 -9.16 -23.11
N ILE B 3 -2.67 -9.04 -24.21
CA ILE B 3 -4.09 -8.93 -24.26
C ILE B 3 -4.58 -10.34 -24.20
N ALA B 4 -5.16 -10.69 -23.10
CA ALA B 4 -5.58 -12.04 -22.86
C ALA B 4 -7.02 -12.21 -23.24
N LYS B 5 -7.83 -11.31 -22.79
CA LYS B 5 -9.25 -11.41 -22.99
C LYS B 5 -9.79 -10.08 -23.47
N VAL B 6 -10.83 -10.12 -24.25
CA VAL B 6 -11.42 -8.94 -24.83
C VAL B 6 -12.90 -8.90 -24.52
N ILE B 7 -13.33 -7.83 -23.89
CA ILE B 7 -14.71 -7.59 -23.68
C ILE B 7 -15.27 -6.80 -24.86
N ASN B 8 -14.55 -5.78 -25.25
CA ASN B 8 -14.95 -4.92 -26.36
C ASN B 8 -13.74 -4.16 -26.83
N ASN B 9 -13.92 -3.26 -27.79
CA ASN B 9 -12.80 -2.52 -28.39
C ASN B 9 -12.05 -1.66 -27.39
N ASN B 10 -12.74 -1.16 -26.40
CA ASN B 10 -12.12 -0.27 -25.45
C ASN B 10 -11.74 -0.99 -24.17
N VAL B 11 -12.35 -2.11 -23.90
CA VAL B 11 -12.10 -2.80 -22.65
C VAL B 11 -11.43 -4.14 -22.91
N ILE B 12 -10.27 -4.33 -22.32
CA ILE B 12 -9.54 -5.56 -22.47
C ILE B 12 -9.20 -6.15 -21.12
N SER B 13 -8.69 -7.30 -21.17
CA SER B 13 -8.27 -8.06 -20.07
C SER B 13 -6.82 -8.51 -20.28
N VAL B 14 -5.97 -8.13 -19.38
CA VAL B 14 -4.57 -8.39 -19.46
C VAL B 14 -4.15 -9.28 -18.31
N VAL B 15 -3.50 -10.38 -18.57
CA VAL B 15 -2.99 -11.22 -17.51
C VAL B 15 -1.56 -10.80 -17.21
N ASN B 16 -1.40 -10.17 -16.08
CA ASN B 16 -0.10 -9.71 -15.64
C ASN B 16 0.70 -10.92 -15.17
N GLU B 17 2.01 -10.78 -15.15
CA GLU B 17 2.95 -11.83 -14.80
C GLU B 17 2.69 -12.37 -13.39
N GLN B 18 2.18 -11.50 -12.54
CA GLN B 18 1.87 -11.83 -11.16
C GLN B 18 0.65 -12.76 -11.07
N GLY B 19 0.02 -12.99 -12.20
CA GLY B 19 -1.14 -13.83 -12.25
C GLY B 19 -2.37 -13.05 -11.91
N LYS B 20 -2.33 -11.78 -12.19
CA LYS B 20 -3.41 -10.92 -11.93
C LYS B 20 -3.96 -10.42 -13.22
N GLU B 21 -5.21 -10.63 -13.40
CA GLU B 21 -5.89 -10.15 -14.55
C GLU B 21 -6.14 -8.66 -14.35
N LEU B 22 -6.08 -7.93 -15.39
CA LEU B 22 -6.30 -6.54 -15.35
C LEU B 22 -7.35 -6.21 -16.36
N VAL B 23 -8.25 -5.40 -16.01
CA VAL B 23 -9.21 -4.92 -16.95
C VAL B 23 -8.77 -3.54 -17.31
N VAL B 24 -8.20 -3.44 -18.44
CA VAL B 24 -7.64 -2.20 -18.86
C VAL B 24 -8.56 -1.60 -19.89
N MET B 25 -8.89 -0.37 -19.69
CA MET B 25 -9.77 0.30 -20.59
C MET B 25 -9.06 1.46 -21.22
N GLY B 26 -9.16 1.51 -22.49
CA GLY B 26 -8.61 2.57 -23.25
C GLY B 26 -9.24 2.53 -24.56
N ARG B 27 -9.30 3.63 -25.19
CA ARG B 27 -10.02 3.73 -26.42
C ARG B 27 -9.26 2.99 -27.51
N GLY B 28 -9.89 1.98 -28.04
CA GLY B 28 -9.32 1.20 -29.09
C GLY B 28 -8.12 0.38 -28.66
N LEU B 29 -8.21 -0.23 -27.50
CA LEU B 29 -7.16 -1.10 -27.04
C LEU B 29 -7.24 -2.46 -27.70
N ALA B 30 -8.44 -2.91 -27.95
CA ALA B 30 -8.64 -4.17 -28.60
C ALA B 30 -8.84 -3.98 -30.09
N PHE B 31 -8.90 -2.73 -30.48
CA PHE B 31 -9.03 -2.37 -31.85
C PHE B 31 -7.65 -2.24 -32.48
N GLN B 32 -7.43 -2.99 -33.57
CA GLN B 32 -6.19 -2.97 -34.37
C GLN B 32 -5.05 -3.62 -33.54
N LYS B 33 -5.46 -4.43 -32.59
CA LYS B 33 -4.58 -5.18 -31.71
C LYS B 33 -5.27 -6.54 -31.50
N LYS B 34 -4.54 -7.55 -31.12
CA LYS B 34 -5.14 -8.87 -30.99
C LYS B 34 -4.80 -9.51 -29.65
N SER B 35 -5.53 -10.55 -29.31
CA SER B 35 -5.28 -11.32 -28.14
C SER B 35 -4.00 -12.11 -28.34
N GLY B 36 -3.14 -12.09 -27.36
CA GLY B 36 -1.87 -12.75 -27.48
C GLY B 36 -0.79 -11.77 -27.83
N ASP B 37 -1.20 -10.57 -28.10
CA ASP B 37 -0.30 -9.50 -28.44
C ASP B 37 -0.12 -8.61 -27.22
N ASP B 38 0.93 -7.82 -27.21
CA ASP B 38 1.28 -6.99 -26.07
C ASP B 38 0.34 -5.78 -25.97
N VAL B 39 0.24 -5.21 -24.81
CA VAL B 39 -0.68 -4.13 -24.55
C VAL B 39 0.00 -2.79 -24.78
N ASP B 40 -0.67 -1.92 -25.50
CA ASP B 40 -0.17 -0.58 -25.76
C ASP B 40 -0.49 0.29 -24.55
N GLU B 41 0.53 0.77 -23.87
CA GLU B 41 0.32 1.50 -22.64
C GLU B 41 -0.03 2.96 -22.87
N ALA B 42 0.02 3.40 -24.11
CA ALA B 42 -0.27 4.77 -24.44
C ALA B 42 -1.77 4.98 -24.56
N ARG B 43 -2.47 3.96 -25.03
CA ARG B 43 -3.93 4.03 -25.17
C ARG B 43 -4.62 3.73 -23.84
N ILE B 44 -3.86 3.33 -22.85
CA ILE B 44 -4.40 2.99 -21.55
C ILE B 44 -4.88 4.22 -20.79
N GLU B 45 -6.17 4.30 -20.60
CA GLU B 45 -6.75 5.35 -19.81
C GLU B 45 -6.86 4.84 -18.38
N LYS B 46 -7.48 3.69 -18.27
CA LYS B 46 -7.93 3.13 -17.03
C LYS B 46 -7.34 1.75 -16.82
N VAL B 47 -6.84 1.50 -15.63
CA VAL B 47 -6.31 0.20 -15.28
C VAL B 47 -7.07 -0.33 -14.08
N PHE B 48 -7.75 -1.41 -14.25
CA PHE B 48 -8.39 -2.06 -13.14
C PHE B 48 -7.61 -3.32 -12.84
N THR B 49 -7.15 -3.46 -11.63
CA THR B 49 -6.37 -4.62 -11.24
C THR B 49 -7.24 -5.59 -10.45
N LEU B 50 -6.98 -6.88 -10.62
CA LEU B 50 -7.75 -7.95 -9.99
C LEU B 50 -7.22 -8.35 -8.63
N ASP B 51 -8.13 -8.42 -7.68
CA ASP B 51 -7.85 -9.07 -6.43
C ASP B 51 -9.07 -9.83 -5.95
N ASN B 52 -8.85 -10.79 -5.11
CA ASN B 52 -9.87 -11.68 -4.64
C ASN B 52 -10.48 -11.11 -3.37
N LYS B 53 -11.76 -10.84 -3.42
CA LYS B 53 -12.50 -10.19 -2.31
C LYS B 53 -12.53 -11.01 -1.03
N ASP B 54 -12.26 -12.26 -1.15
CA ASP B 54 -12.37 -13.17 -0.02
C ASP B 54 -11.00 -13.44 0.61
N VAL B 55 -9.97 -13.30 -0.18
CA VAL B 55 -8.63 -13.53 0.29
C VAL B 55 -7.98 -12.22 0.73
N SER B 56 -8.21 -11.19 -0.04
CA SER B 56 -7.57 -9.94 0.17
C SER B 56 -8.59 -8.86 0.52
N GLU B 57 -9.49 -9.18 1.41
CA GLU B 57 -10.51 -8.22 1.78
C GLU B 57 -9.96 -7.04 2.60
N LYS B 58 -8.84 -7.27 3.24
CA LYS B 58 -8.13 -6.23 3.94
C LYS B 58 -7.21 -5.48 2.99
N PHE B 59 -6.91 -6.07 1.85
CA PHE B 59 -6.03 -5.45 0.89
C PHE B 59 -6.79 -4.49 -0.03
N LYS B 60 -8.03 -4.81 -0.35
CA LYS B 60 -8.82 -3.94 -1.22
C LYS B 60 -9.26 -2.66 -0.55
N THR B 61 -9.31 -2.66 0.78
CA THR B 61 -9.73 -1.50 1.50
C THR B 61 -8.74 -0.33 1.35
N LEU B 62 -7.52 -0.64 0.88
CA LEU B 62 -6.49 0.36 0.60
C LEU B 62 -7.01 1.42 -0.38
N LEU B 63 -7.44 0.98 -1.54
CA LEU B 63 -7.90 1.89 -2.56
C LEU B 63 -9.30 2.39 -2.28
N TYR B 64 -9.98 1.76 -1.36
CA TYR B 64 -11.29 2.21 -0.97
C TYR B 64 -11.26 3.28 0.11
N ASP B 65 -10.29 3.21 1.00
CA ASP B 65 -10.24 4.12 2.14
C ASP B 65 -9.54 5.41 1.82
N ILE B 66 -8.53 5.27 1.06
CA ILE B 66 -7.61 6.37 0.73
C ILE B 66 -8.24 7.47 -0.17
N PRO B 67 -8.33 8.71 0.37
CA PRO B 67 -8.81 9.86 -0.38
C PRO B 67 -7.73 10.38 -1.35
N ILE B 68 -8.17 10.86 -2.50
CA ILE B 68 -7.26 11.33 -3.55
C ILE B 68 -6.41 12.54 -3.08
N GLU B 69 -6.96 13.34 -2.17
CA GLU B 69 -6.24 14.49 -1.63
C GLU B 69 -5.01 14.02 -0.87
N CYS B 70 -5.22 13.06 0.02
CA CYS B 70 -4.14 12.51 0.82
C CYS B 70 -3.15 11.81 -0.11
N MET B 71 -3.67 11.20 -1.16
CA MET B 71 -2.84 10.54 -2.15
C MET B 71 -1.93 11.52 -2.85
N GLU B 72 -2.46 12.67 -3.24
CA GLU B 72 -1.66 13.68 -3.92
C GLU B 72 -0.58 14.18 -3.01
N VAL B 73 -0.96 14.49 -1.79
CA VAL B 73 -0.05 15.04 -0.82
C VAL B 73 1.06 14.05 -0.52
N SER B 74 0.69 12.81 -0.31
CA SER B 74 1.65 11.81 0.05
C SER B 74 2.58 11.51 -1.11
N GLU B 75 2.05 11.50 -2.31
CA GLU B 75 2.83 11.21 -3.50
C GLU B 75 3.85 12.33 -3.68
N GLU B 76 3.39 13.54 -3.50
CA GLU B 76 4.18 14.73 -3.68
C GLU B 76 5.26 14.85 -2.59
N ILE B 77 4.93 14.39 -1.38
CA ILE B 77 5.90 14.36 -0.27
C ILE B 77 7.07 13.48 -0.64
N ILE B 78 6.75 12.32 -1.14
CA ILE B 78 7.74 11.35 -1.48
C ILE B 78 8.51 11.81 -2.70
N SER B 79 7.81 12.48 -3.60
CA SER B 79 8.43 13.05 -4.78
C SER B 79 9.47 14.09 -4.36
N TYR B 80 9.10 14.94 -3.40
CA TYR B 80 10.00 15.98 -2.89
C TYR B 80 11.21 15.34 -2.22
N ALA B 81 10.98 14.30 -1.47
CA ALA B 81 12.05 13.60 -0.77
C ALA B 81 12.98 12.90 -1.75
N LYS B 82 12.40 12.26 -2.74
CA LYS B 82 13.14 11.52 -3.72
C LYS B 82 13.94 12.48 -4.59
N LEU B 83 13.33 13.60 -4.93
CA LEU B 83 13.93 14.59 -5.79
C LEU B 83 15.09 15.29 -5.06
N GLN B 84 14.93 15.47 -3.76
CA GLN B 84 15.91 16.15 -2.95
C GLN B 84 17.16 15.27 -2.80
N LEU B 85 16.93 14.03 -2.41
CA LEU B 85 18.01 13.09 -2.16
C LEU B 85 18.66 12.59 -3.44
N GLY B 86 17.87 12.32 -4.45
CA GLY B 86 18.40 11.75 -5.67
C GLY B 86 18.55 10.24 -5.52
N LYS B 87 17.86 9.73 -4.54
CA LYS B 87 17.91 8.35 -4.17
C LYS B 87 16.62 7.68 -4.60
N LYS B 88 16.70 6.45 -5.03
CA LYS B 88 15.53 5.72 -5.41
C LYS B 88 14.80 5.23 -4.17
N LEU B 89 13.64 5.77 -3.95
CA LEU B 89 12.80 5.34 -2.86
C LEU B 89 11.79 4.35 -3.39
N ASN B 90 11.57 3.32 -2.65
CA ASN B 90 10.65 2.27 -3.00
C ASN B 90 9.21 2.67 -2.70
N ASP B 91 8.31 2.18 -3.53
CA ASP B 91 6.88 2.46 -3.51
C ASP B 91 6.11 2.05 -2.24
N SER B 92 6.75 1.32 -1.34
CA SER B 92 6.14 0.93 -0.07
C SER B 92 5.76 2.18 0.73
N ILE B 93 6.59 3.21 0.62
CA ILE B 93 6.41 4.45 1.37
C ILE B 93 5.14 5.20 0.90
N TYR B 94 4.72 4.96 -0.33
CA TYR B 94 3.57 5.65 -0.90
C TYR B 94 2.29 5.21 -0.25
N VAL B 95 2.06 3.95 -0.22
CA VAL B 95 0.81 3.44 0.29
C VAL B 95 0.78 3.51 1.82
N SER B 96 1.92 3.55 2.43
CA SER B 96 1.98 3.67 3.84
C SER B 96 1.77 5.11 4.29
N LEU B 97 2.36 6.08 3.57
CA LEU B 97 2.20 7.46 3.96
C LEU B 97 0.81 7.98 3.69
N THR B 98 0.16 7.47 2.68
CA THR B 98 -1.21 7.87 2.40
C THR B 98 -2.12 7.54 3.57
N ASN B 99 -1.91 6.37 4.14
CA ASN B 99 -2.71 5.97 5.29
C ASN B 99 -2.25 6.71 6.53
N HIS B 100 -0.94 6.91 6.62
CA HIS B 100 -0.35 7.61 7.74
C HIS B 100 -0.82 9.07 7.79
N ILE B 101 -0.84 9.75 6.64
CA ILE B 101 -1.25 11.14 6.57
C ILE B 101 -2.72 11.27 6.91
N ASN B 102 -3.50 10.30 6.47
CA ASN B 102 -4.92 10.26 6.79
C ASN B 102 -5.11 10.21 8.29
N PHE B 103 -4.41 9.29 8.95
CA PHE B 103 -4.51 9.17 10.39
C PHE B 103 -3.90 10.35 11.10
N ALA B 104 -2.88 10.93 10.51
CA ALA B 104 -2.26 12.11 11.05
C ALA B 104 -3.24 13.26 11.08
N ILE B 105 -4.03 13.38 10.02
CA ILE B 105 -5.05 14.41 9.98
C ILE B 105 -6.14 14.08 11.00
N GLN B 106 -6.54 12.81 11.05
CA GLN B 106 -7.61 12.39 11.97
C GLN B 106 -7.21 12.58 13.44
N ARG B 107 -5.95 12.25 13.77
CA ARG B 107 -5.46 12.37 15.14
C ARG B 107 -5.27 13.83 15.49
N ASN B 108 -4.92 14.64 14.50
CA ASN B 108 -4.77 16.09 14.68
C ASN B 108 -6.12 16.71 14.99
N GLN B 109 -7.15 16.27 14.26
CA GLN B 109 -8.52 16.73 14.46
C GLN B 109 -9.00 16.36 15.85
N LYS B 110 -8.74 15.12 16.24
CA LYS B 110 -9.18 14.60 17.53
C LYS B 110 -8.36 15.19 18.68
N GLY B 111 -7.24 15.74 18.33
CA GLY B 111 -6.32 16.28 19.31
C GLY B 111 -5.69 15.15 20.10
N LEU B 112 -5.40 14.09 19.43
CA LEU B 112 -4.82 12.94 20.03
C LEU B 112 -3.37 12.88 19.65
N ASP B 113 -2.55 13.39 20.51
CA ASP B 113 -1.13 13.55 20.26
C ASP B 113 -0.38 12.32 20.65
N ILE B 114 0.41 11.84 19.75
CA ILE B 114 1.34 10.79 20.05
C ILE B 114 2.70 11.38 19.86
N LYS B 115 3.69 10.80 20.43
CA LYS B 115 5.00 11.37 20.35
C LYS B 115 6.06 10.31 20.21
N ASN B 116 7.07 10.64 19.47
CA ASN B 116 8.16 9.76 19.22
C ASN B 116 9.13 9.86 20.37
N ALA B 117 9.32 8.78 21.10
CA ALA B 117 10.24 8.80 22.25
C ALA B 117 11.66 8.57 21.79
N LEU B 118 11.80 8.51 20.51
CA LEU B 118 13.06 8.43 19.86
C LEU B 118 13.25 9.74 19.11
N LEU B 119 12.55 10.78 19.57
CA LEU B 119 12.54 12.10 18.93
C LEU B 119 13.92 12.65 18.80
N TRP B 120 14.61 12.75 19.91
CA TRP B 120 15.94 13.31 19.93
C TRP B 120 16.95 12.38 19.28
N GLU B 121 16.72 11.10 19.45
CA GLU B 121 17.53 10.06 18.86
C GLU B 121 17.52 10.18 17.33
N THR B 122 16.33 10.28 16.79
CA THR B 122 16.14 10.39 15.36
C THR B 122 16.63 11.76 14.87
N LYS B 123 16.37 12.80 15.68
CA LYS B 123 16.81 14.18 15.42
C LYS B 123 18.33 14.23 15.24
N ARG B 124 19.03 13.45 16.04
CA ARG B 124 20.46 13.44 16.00
C ARG B 124 21.04 12.45 14.97
N LEU B 125 20.69 11.17 15.11
CA LEU B 125 21.32 10.11 14.31
C LEU B 125 20.81 10.02 12.87
N TYR B 126 19.61 10.47 12.64
CA TYR B 126 18.98 10.41 11.32
C TYR B 126 18.57 11.80 10.92
N LYS B 127 19.44 12.76 11.23
CA LYS B 127 19.15 14.18 11.05
C LYS B 127 18.93 14.58 9.60
N ASP B 128 19.46 13.83 8.69
CA ASP B 128 19.32 14.12 7.28
C ASP B 128 17.93 13.82 6.81
N GLU B 129 17.54 12.58 6.95
CA GLU B 129 16.22 12.15 6.54
C GLU B 129 15.13 12.79 7.40
N PHE B 130 15.46 13.06 8.65
CA PHE B 130 14.56 13.76 9.56
C PHE B 130 14.30 15.17 9.04
N ALA B 131 15.36 15.83 8.58
CA ALA B 131 15.26 17.17 8.03
C ALA B 131 14.49 17.16 6.73
N ILE B 132 14.67 16.10 5.94
CA ILE B 132 13.91 15.94 4.70
C ILE B 132 12.41 15.87 5.02
N GLY B 133 12.08 15.10 6.06
CA GLY B 133 10.73 14.98 6.51
C GLY B 133 10.22 16.29 7.10
N LYS B 134 11.12 17.02 7.72
CA LYS B 134 10.83 18.31 8.33
C LYS B 134 10.47 19.33 7.22
N GLU B 135 11.23 19.32 6.14
CA GLU B 135 10.97 20.17 4.98
C GLU B 135 9.64 19.81 4.34
N ALA B 136 9.39 18.51 4.27
CA ALA B 136 8.16 18.01 3.74
C ALA B 136 7.00 18.41 4.63
N LEU B 137 7.23 18.34 5.92
CA LEU B 137 6.26 18.73 6.95
C LEU B 137 5.81 20.17 6.75
N VAL B 138 6.77 21.04 6.52
CA VAL B 138 6.48 22.45 6.24
C VAL B 138 5.60 22.56 5.01
N MET B 139 5.95 21.80 3.99
CA MET B 139 5.18 21.79 2.74
C MET B 139 3.76 21.25 2.96
N VAL B 140 3.64 20.24 3.81
CA VAL B 140 2.35 19.65 4.16
C VAL B 140 1.47 20.69 4.81
N LYS B 141 2.00 21.41 5.78
CA LYS B 141 1.21 22.36 6.50
C LYS B 141 0.90 23.59 5.65
N ASN B 142 1.72 23.85 4.65
CA ASN B 142 1.45 24.92 3.69
C ASN B 142 0.26 24.57 2.80
N LYS B 143 0.17 23.30 2.42
CA LYS B 143 -0.92 22.86 1.55
C LYS B 143 -2.21 22.54 2.32
N THR B 144 -2.10 22.11 3.55
CA THR B 144 -3.28 21.65 4.26
C THR B 144 -3.67 22.53 5.45
N GLY B 145 -2.69 23.11 6.08
CA GLY B 145 -2.92 23.84 7.29
C GLY B 145 -2.80 22.94 8.51
N VAL B 146 -2.64 21.65 8.25
CA VAL B 146 -2.53 20.66 9.29
C VAL B 146 -1.07 20.56 9.71
N SER B 147 -0.82 20.84 10.94
CA SER B 147 0.51 20.84 11.45
C SER B 147 0.78 19.56 12.22
N LEU B 148 1.71 18.78 11.74
CA LEU B 148 2.12 17.59 12.41
C LEU B 148 3.38 17.94 13.21
N PRO B 149 3.60 17.34 14.37
CA PRO B 149 4.82 17.56 15.14
C PRO B 149 6.02 16.80 14.54
N GLU B 150 7.22 17.12 15.00
CA GLU B 150 8.44 16.50 14.45
C GLU B 150 8.56 15.03 14.84
N ASP B 151 7.88 14.62 15.88
CA ASP B 151 7.78 13.23 16.27
C ASP B 151 7.22 12.39 15.14
N GLU B 152 6.13 12.85 14.54
CA GLU B 152 5.53 12.22 13.35
C GLU B 152 6.57 12.14 12.23
N ALA B 153 7.28 13.24 12.01
CA ALA B 153 8.31 13.33 10.97
C ALA B 153 9.43 12.32 11.23
N GLY B 154 9.68 12.06 12.50
CA GLY B 154 10.65 11.06 12.89
C GLY B 154 10.21 9.69 12.48
N PHE B 155 8.94 9.38 12.68
CA PHE B 155 8.40 8.10 12.26
C PHE B 155 8.50 7.99 10.75
N ILE B 156 8.17 9.08 10.07
CA ILE B 156 8.27 9.15 8.61
C ILE B 156 9.70 8.85 8.17
N ALA B 157 10.68 9.42 8.87
CA ALA B 157 12.10 9.18 8.59
C ALA B 157 12.44 7.68 8.70
N LEU B 158 11.90 7.03 9.72
CA LEU B 158 12.09 5.57 9.88
C LEU B 158 11.44 4.79 8.73
N HIS B 159 10.31 5.27 8.27
CA HIS B 159 9.66 4.64 7.13
C HIS B 159 10.51 4.86 5.86
N ILE B 160 11.08 6.06 5.74
CA ILE B 160 11.93 6.41 4.61
C ILE B 160 13.17 5.53 4.54
N VAL B 161 13.80 5.27 5.68
CA VAL B 161 15.00 4.46 5.67
C VAL B 161 14.72 3.00 5.33
N ASN B 162 13.49 2.53 5.60
CA ASN B 162 13.08 1.20 5.11
C ASN B 162 12.74 1.24 3.64
N ALA B 163 12.18 2.33 3.20
CA ALA B 163 11.77 2.48 1.82
C ALA B 163 12.95 2.77 0.90
N GLU B 164 14.06 3.15 1.46
CA GLU B 164 15.22 3.39 0.66
C GLU B 164 15.92 2.08 0.31
N LEU B 165 16.20 1.88 -0.96
CA LEU B 165 17.05 0.79 -1.35
C LEU B 165 18.44 1.26 -1.02
N ASN B 166 18.98 0.68 0.00
CA ASN B 166 20.24 1.12 0.60
C ASN B 166 21.37 1.27 -0.40
N GLU B 167 22.11 2.33 -0.20
CA GLU B 167 23.17 2.75 -1.10
C GLU B 167 24.38 1.81 -0.97
N LEU B 168 24.71 1.14 -2.05
CA LEU B 168 25.88 0.31 -2.13
C LEU B 168 26.40 0.35 -3.55
N GLN B 169 27.01 1.46 -3.86
CA GLN B 169 27.67 1.75 -5.13
C GLN B 169 26.68 1.75 -6.30
N MET A 1 -22.13 1.64 -2.11
CA MET A 1 -21.81 1.97 -3.50
C MET A 1 -22.96 1.58 -4.40
N LYS A 2 -22.82 1.77 -5.68
CA LYS A 2 -23.86 1.40 -6.62
C LYS A 2 -23.27 1.24 -8.00
N ILE A 3 -23.89 0.40 -8.78
CA ILE A 3 -23.48 0.11 -10.14
C ILE A 3 -23.61 1.36 -11.01
N ALA A 4 -22.52 1.78 -11.60
CA ALA A 4 -22.49 2.98 -12.40
C ALA A 4 -22.35 2.66 -13.88
N LYS A 5 -21.66 1.59 -14.21
CA LYS A 5 -21.43 1.24 -15.59
C LYS A 5 -21.58 -0.27 -15.76
N VAL A 6 -22.01 -0.70 -16.92
CA VAL A 6 -22.26 -2.11 -17.18
C VAL A 6 -21.55 -2.53 -18.44
N ILE A 7 -20.65 -3.46 -18.29
CA ILE A 7 -19.90 -3.98 -19.40
C ILE A 7 -20.67 -5.14 -20.00
N ASN A 8 -21.19 -5.98 -19.15
CA ASN A 8 -21.96 -7.15 -19.55
C ASN A 8 -22.68 -7.69 -18.35
N ASN A 9 -23.41 -8.77 -18.52
CA ASN A 9 -24.22 -9.36 -17.45
C ASN A 9 -23.40 -9.79 -16.25
N ASN A 10 -22.17 -10.17 -16.48
CA ASN A 10 -21.35 -10.65 -15.41
C ASN A 10 -20.34 -9.63 -14.95
N VAL A 11 -20.07 -8.66 -15.78
CA VAL A 11 -19.06 -7.70 -15.43
C VAL A 11 -19.66 -6.30 -15.36
N ILE A 12 -19.53 -5.68 -14.22
CA ILE A 12 -20.07 -4.36 -14.01
C ILE A 12 -19.02 -3.41 -13.47
N SER A 13 -19.39 -2.18 -13.43
CA SER A 13 -18.58 -1.11 -12.98
C SER A 13 -19.31 -0.35 -11.89
N VAL A 14 -18.65 -0.18 -10.79
CA VAL A 14 -19.19 0.50 -9.65
C VAL A 14 -18.16 1.54 -9.22
N VAL A 15 -18.59 2.63 -8.65
CA VAL A 15 -17.68 3.66 -8.21
C VAL A 15 -17.84 3.82 -6.72
N ASN A 16 -16.74 3.85 -6.02
CA ASN A 16 -16.78 4.03 -4.58
C ASN A 16 -16.66 5.52 -4.30
N GLU A 17 -17.11 5.97 -3.14
CA GLU A 17 -17.16 7.41 -2.82
C GLU A 17 -15.79 8.08 -2.68
N GLN A 18 -14.72 7.28 -2.65
CA GLN A 18 -13.37 7.80 -2.67
C GLN A 18 -12.93 8.11 -4.10
N GLY A 19 -13.86 7.94 -5.04
CA GLY A 19 -13.61 8.26 -6.42
C GLY A 19 -12.88 7.18 -7.14
N LYS A 20 -13.07 5.97 -6.72
CA LYS A 20 -12.40 4.89 -7.30
C LYS A 20 -13.38 3.97 -7.96
N GLU A 21 -13.26 3.91 -9.25
CA GLU A 21 -14.05 3.04 -10.08
C GLU A 21 -13.60 1.60 -9.82
N LEU A 22 -14.50 0.69 -9.90
CA LEU A 22 -14.21 -0.69 -9.64
C LEU A 22 -14.93 -1.52 -10.70
N VAL A 23 -14.29 -2.55 -11.13
CA VAL A 23 -14.89 -3.47 -12.04
C VAL A 23 -15.12 -4.76 -11.28
N VAL A 24 -16.32 -5.21 -11.26
CA VAL A 24 -16.63 -6.39 -10.51
C VAL A 24 -17.16 -7.45 -11.45
N MET A 25 -16.69 -8.64 -11.29
CA MET A 25 -17.14 -9.76 -12.07
C MET A 25 -17.81 -10.75 -11.18
N GLY A 26 -18.99 -11.06 -11.53
CA GLY A 26 -19.76 -12.04 -10.88
C GLY A 26 -20.84 -12.43 -11.76
N ARG A 27 -21.09 -13.67 -11.76
CA ARG A 27 -22.04 -14.27 -12.64
C ARG A 27 -23.46 -13.74 -12.38
N GLY A 28 -23.93 -12.92 -13.30
CA GLY A 28 -25.24 -12.34 -13.21
C GLY A 28 -25.29 -11.16 -12.26
N LEU A 29 -24.33 -10.27 -12.36
CA LEU A 29 -24.31 -9.05 -11.58
C LEU A 29 -25.22 -7.99 -12.18
N ALA A 30 -25.30 -7.96 -13.49
CA ALA A 30 -26.18 -7.02 -14.15
C ALA A 30 -27.42 -7.71 -14.61
N PHE A 31 -27.44 -9.02 -14.47
CA PHE A 31 -28.57 -9.80 -14.87
C PHE A 31 -29.67 -9.67 -13.85
N GLN A 32 -30.74 -8.99 -14.26
CA GLN A 32 -31.94 -8.78 -13.46
C GLN A 32 -31.56 -7.89 -12.25
N LYS A 33 -30.69 -6.94 -12.50
CA LYS A 33 -30.24 -6.01 -11.50
C LYS A 33 -30.02 -4.67 -12.21
N LYS A 34 -30.27 -3.58 -11.52
CA LYS A 34 -30.29 -2.28 -12.19
C LYS A 34 -29.06 -1.45 -11.86
N SER A 35 -28.74 -0.55 -12.77
CA SER A 35 -27.70 0.40 -12.55
C SER A 35 -28.22 1.41 -11.53
N GLY A 36 -27.49 1.55 -10.46
CA GLY A 36 -27.90 2.41 -9.41
C GLY A 36 -28.20 1.64 -8.16
N ASP A 37 -28.22 0.34 -8.30
CA ASP A 37 -28.43 -0.54 -7.18
C ASP A 37 -27.06 -0.90 -6.62
N ASP A 38 -27.01 -1.26 -5.36
CA ASP A 38 -25.74 -1.55 -4.69
C ASP A 38 -25.22 -2.90 -5.19
N VAL A 39 -23.96 -3.16 -4.97
CA VAL A 39 -23.34 -4.33 -5.48
C VAL A 39 -23.51 -5.50 -4.53
N ASP A 40 -24.17 -6.52 -5.02
CA ASP A 40 -24.43 -7.75 -4.31
C ASP A 40 -23.11 -8.49 -4.14
N GLU A 41 -22.57 -8.48 -2.94
CA GLU A 41 -21.26 -9.02 -2.70
C GLU A 41 -21.24 -10.54 -2.62
N ALA A 42 -22.39 -11.16 -2.64
CA ALA A 42 -22.46 -12.62 -2.68
C ALA A 42 -22.14 -13.13 -4.09
N ARG A 43 -21.99 -12.19 -5.00
CA ARG A 43 -21.65 -12.45 -6.39
C ARG A 43 -20.20 -12.04 -6.68
N ILE A 44 -19.43 -11.78 -5.63
CA ILE A 44 -18.04 -11.37 -5.80
C ILE A 44 -17.16 -12.54 -6.23
N GLU A 45 -16.93 -12.63 -7.49
CA GLU A 45 -16.01 -13.60 -8.00
C GLU A 45 -14.67 -12.93 -8.25
N LYS A 46 -14.72 -11.77 -8.83
CA LYS A 46 -13.54 -10.93 -9.03
C LYS A 46 -13.90 -9.50 -8.81
N VAL A 47 -13.02 -8.76 -8.22
CA VAL A 47 -13.17 -7.34 -8.11
C VAL A 47 -11.90 -6.77 -8.66
N PHE A 48 -11.98 -5.66 -9.28
CA PHE A 48 -10.82 -5.00 -9.76
C PHE A 48 -10.95 -3.55 -9.35
N THR A 49 -10.03 -3.08 -8.61
CA THR A 49 -10.06 -1.75 -8.11
C THR A 49 -9.20 -0.82 -8.97
N LEU A 50 -9.73 0.37 -9.23
CA LEU A 50 -9.08 1.38 -10.09
C LEU A 50 -7.64 1.70 -9.69
N ASP A 51 -6.84 1.70 -10.70
CA ASP A 51 -5.48 2.12 -10.73
C ASP A 51 -5.39 3.12 -11.86
N ASN A 52 -4.62 4.12 -11.71
CA ASN A 52 -4.52 5.13 -12.72
C ASN A 52 -3.15 5.74 -12.61
N LYS A 53 -2.39 5.66 -13.67
CA LYS A 53 -1.02 6.14 -13.66
C LYS A 53 -0.93 7.65 -13.52
N ASP A 54 -2.05 8.31 -13.66
CA ASP A 54 -2.10 9.75 -13.58
C ASP A 54 -2.45 10.23 -12.19
N VAL A 55 -2.75 9.29 -11.32
CA VAL A 55 -3.07 9.61 -9.96
C VAL A 55 -2.18 8.80 -9.04
N SER A 56 -2.05 7.56 -9.36
CA SER A 56 -1.39 6.58 -8.60
C SER A 56 -0.33 5.94 -9.48
N GLU A 57 0.79 6.60 -9.62
CA GLU A 57 1.82 6.12 -10.49
C GLU A 57 2.72 5.10 -9.83
N LYS A 58 3.12 5.35 -8.62
CA LYS A 58 3.93 4.40 -7.91
C LYS A 58 3.05 3.36 -7.22
N PHE A 59 1.82 3.72 -6.96
CA PHE A 59 0.87 2.80 -6.35
C PHE A 59 0.60 1.57 -7.23
N LYS A 60 0.70 1.80 -8.51
CA LYS A 60 0.55 0.79 -9.54
C LYS A 60 1.64 -0.28 -9.42
N THR A 61 2.84 0.14 -9.18
CA THR A 61 3.96 -0.73 -9.16
C THR A 61 3.97 -1.74 -7.98
N LEU A 62 3.12 -1.51 -6.96
CA LEU A 62 2.99 -2.46 -5.85
C LEU A 62 2.48 -3.80 -6.34
N LEU A 63 1.29 -3.80 -6.91
CA LEU A 63 0.67 -5.06 -7.31
C LEU A 63 1.24 -5.61 -8.61
N TYR A 64 2.02 -4.80 -9.28
CA TYR A 64 2.73 -5.26 -10.44
C TYR A 64 4.00 -6.04 -10.07
N ASP A 65 4.68 -5.64 -8.99
CA ASP A 65 5.98 -6.26 -8.68
C ASP A 65 6.05 -7.01 -7.38
N ILE A 66 4.95 -7.14 -6.72
CA ILE A 66 4.92 -7.87 -5.47
C ILE A 66 4.29 -9.25 -5.68
N PRO A 67 5.04 -10.33 -5.39
CA PRO A 67 4.56 -11.71 -5.50
C PRO A 67 3.31 -11.96 -4.65
N ILE A 68 2.47 -12.86 -5.14
CA ILE A 68 1.21 -13.19 -4.49
C ILE A 68 1.48 -13.88 -3.13
N GLU A 69 2.63 -14.55 -3.03
CA GLU A 69 3.03 -15.19 -1.79
C GLU A 69 3.23 -14.13 -0.74
N CYS A 70 4.05 -13.14 -1.06
CA CYS A 70 4.40 -12.07 -0.16
C CYS A 70 3.17 -11.32 0.30
N MET A 71 2.23 -11.12 -0.62
CA MET A 71 0.98 -10.43 -0.31
C MET A 71 0.19 -11.24 0.70
N GLU A 72 0.09 -12.53 0.46
CA GLU A 72 -0.67 -13.44 1.28
C GLU A 72 -0.02 -13.58 2.65
N VAL A 73 1.30 -13.61 2.66
CA VAL A 73 2.04 -13.73 3.87
C VAL A 73 1.91 -12.47 4.71
N SER A 74 1.95 -11.30 4.07
CA SER A 74 1.86 -10.06 4.81
C SER A 74 0.47 -9.87 5.43
N GLU A 75 -0.57 -10.34 4.72
CA GLU A 75 -1.93 -10.30 5.23
C GLU A 75 -1.98 -11.20 6.48
N GLU A 76 -1.30 -12.34 6.38
CA GLU A 76 -1.21 -13.30 7.45
C GLU A 76 -0.40 -12.75 8.63
N ILE A 77 0.65 -11.99 8.32
CA ILE A 77 1.50 -11.36 9.34
C ILE A 77 0.66 -10.50 10.23
N ILE A 78 -0.18 -9.67 9.65
CA ILE A 78 -0.93 -8.77 10.47
C ILE A 78 -2.11 -9.47 11.10
N SER A 79 -2.56 -10.53 10.45
CA SER A 79 -3.59 -11.36 11.01
C SER A 79 -3.04 -12.00 12.30
N TYR A 80 -1.76 -12.39 12.27
CA TYR A 80 -1.07 -12.94 13.42
C TYR A 80 -0.86 -11.86 14.45
N ALA A 81 -0.51 -10.69 14.00
CA ALA A 81 -0.27 -9.55 14.86
C ALA A 81 -1.51 -9.16 15.62
N LYS A 82 -2.64 -9.10 14.94
CA LYS A 82 -3.87 -8.69 15.61
C LYS A 82 -4.41 -9.80 16.50
N LEU A 83 -4.13 -11.03 16.13
CA LEU A 83 -4.51 -12.18 16.92
C LEU A 83 -3.71 -12.19 18.24
N GLN A 84 -2.45 -11.80 18.12
CA GLN A 84 -1.54 -11.76 19.24
C GLN A 84 -1.75 -10.54 20.12
N LEU A 85 -1.82 -9.37 19.50
CA LEU A 85 -1.98 -8.11 20.23
C LEU A 85 -3.37 -7.93 20.78
N GLY A 86 -4.36 -8.36 20.04
CA GLY A 86 -5.73 -8.14 20.46
C GLY A 86 -6.14 -6.71 20.16
N LYS A 87 -5.43 -6.10 19.23
CA LYS A 87 -5.65 -4.74 18.81
C LYS A 87 -5.71 -4.73 17.30
N LYS A 88 -6.49 -3.85 16.74
CA LYS A 88 -6.59 -3.75 15.31
C LYS A 88 -5.49 -2.86 14.77
N LEU A 89 -4.80 -3.34 13.78
CA LEU A 89 -3.81 -2.55 13.11
C LEU A 89 -4.38 -2.13 11.78
N ASN A 90 -4.04 -0.95 11.34
CA ASN A 90 -4.59 -0.42 10.12
C ASN A 90 -3.79 -0.90 8.91
N ASP A 91 -4.29 -0.54 7.78
CA ASP A 91 -3.85 -0.95 6.46
C ASP A 91 -2.41 -0.57 6.16
N SER A 92 -1.93 0.48 6.78
CA SER A 92 -0.60 1.03 6.55
C SER A 92 0.51 -0.04 6.70
N ILE A 93 0.34 -0.92 7.67
CA ILE A 93 1.36 -1.92 7.98
C ILE A 93 1.38 -3.08 6.96
N TYR A 94 0.25 -3.34 6.33
CA TYR A 94 0.12 -4.45 5.39
C TYR A 94 0.99 -4.29 4.17
N VAL A 95 0.79 -3.23 3.45
CA VAL A 95 1.51 -3.03 2.23
C VAL A 95 2.95 -2.63 2.50
N SER A 96 3.20 -2.01 3.63
CA SER A 96 4.54 -1.65 3.93
C SER A 96 5.37 -2.89 4.25
N LEU A 97 4.72 -3.94 4.79
CA LEU A 97 5.43 -5.16 5.09
C LEU A 97 5.68 -5.98 3.86
N THR A 98 4.84 -5.89 2.85
CA THR A 98 5.10 -6.63 1.62
C THR A 98 6.40 -6.17 0.97
N ASN A 99 6.65 -4.88 1.02
CA ASN A 99 7.89 -4.37 0.46
C ASN A 99 9.02 -4.62 1.41
N HIS A 100 8.70 -4.57 2.69
CA HIS A 100 9.66 -4.67 3.77
C HIS A 100 10.24 -6.07 3.76
N ILE A 101 9.35 -7.09 3.61
CA ILE A 101 9.78 -8.47 3.56
C ILE A 101 10.66 -8.68 2.34
N ASN A 102 10.29 -8.01 1.25
CA ASN A 102 11.09 -8.08 0.03
C ASN A 102 12.50 -7.52 0.29
N PHE A 103 12.59 -6.41 1.03
CA PHE A 103 13.90 -5.85 1.42
C PHE A 103 14.70 -6.83 2.25
N ALA A 104 14.05 -7.50 3.16
CA ALA A 104 14.70 -8.51 3.97
C ALA A 104 15.23 -9.64 3.11
N ILE A 105 14.44 -10.00 2.10
CA ILE A 105 14.84 -11.01 1.13
C ILE A 105 16.02 -10.50 0.29
N GLN A 106 15.95 -9.25 -0.16
CA GLN A 106 17.02 -8.63 -0.96
C GLN A 106 18.34 -8.63 -0.21
N ARG A 107 18.26 -8.34 1.10
CA ARG A 107 19.44 -8.42 1.97
C ARG A 107 20.02 -9.82 1.89
N ASN A 108 19.14 -10.79 2.10
CA ASN A 108 19.48 -12.21 2.14
C ASN A 108 20.10 -12.67 0.82
N GLN A 109 19.59 -12.14 -0.29
CA GLN A 109 20.06 -12.49 -1.64
C GLN A 109 21.53 -12.09 -1.81
N LYS A 110 21.85 -10.88 -1.44
CA LYS A 110 23.19 -10.36 -1.62
C LYS A 110 24.10 -10.80 -0.49
N GLY A 111 23.50 -11.31 0.55
CA GLY A 111 24.25 -11.62 1.75
C GLY A 111 24.65 -10.32 2.43
N LEU A 112 23.77 -9.35 2.29
CA LEU A 112 24.00 -8.03 2.78
C LEU A 112 23.30 -7.84 4.11
N ASP A 113 24.02 -7.35 5.07
CA ASP A 113 23.49 -7.11 6.37
C ASP A 113 23.47 -5.64 6.66
N ILE A 114 22.39 -5.01 6.33
CA ILE A 114 22.18 -3.63 6.69
C ILE A 114 21.21 -3.64 7.83
N LYS A 115 21.45 -2.85 8.86
CA LYS A 115 20.63 -2.93 10.05
C LYS A 115 20.13 -1.59 10.55
N ASN A 116 18.97 -1.66 11.18
CA ASN A 116 18.33 -0.57 11.86
C ASN A 116 19.21 -0.01 12.97
N ALA A 117 19.64 1.25 12.82
CA ALA A 117 20.57 1.87 13.77
C ALA A 117 19.88 2.37 15.02
N LEU A 118 18.60 2.18 15.05
CA LEU A 118 17.81 2.51 16.21
C LEU A 118 17.31 1.26 16.89
N LEU A 119 17.79 0.10 16.44
CA LEU A 119 17.35 -1.22 16.95
C LEU A 119 17.41 -1.31 18.46
N TRP A 120 18.48 -0.81 19.01
CA TRP A 120 18.72 -0.88 20.44
C TRP A 120 17.70 -0.03 21.19
N GLU A 121 17.43 1.14 20.65
CA GLU A 121 16.50 2.09 21.24
C GLU A 121 15.07 1.59 21.06
N THR A 122 14.82 0.96 19.92
CA THR A 122 13.51 0.43 19.56
C THR A 122 13.04 -0.59 20.60
N LYS A 123 13.93 -1.49 20.98
CA LYS A 123 13.62 -2.54 21.95
C LYS A 123 13.31 -1.98 23.34
N ARG A 124 13.75 -0.78 23.61
CA ARG A 124 13.49 -0.15 24.88
C ARG A 124 12.09 0.42 24.97
N LEU A 125 11.62 0.98 23.89
CA LEU A 125 10.34 1.66 23.91
C LEU A 125 9.24 0.82 23.30
N TYR A 126 9.51 0.23 22.18
CA TYR A 126 8.52 -0.49 21.41
C TYR A 126 8.85 -1.97 21.51
N LYS A 127 9.13 -2.35 22.72
CA LYS A 127 9.61 -3.67 23.11
C LYS A 127 8.65 -4.78 22.71
N ASP A 128 7.40 -4.63 23.08
CA ASP A 128 6.42 -5.66 22.78
C ASP A 128 6.00 -5.63 21.33
N GLU A 129 6.10 -4.46 20.72
CA GLU A 129 5.83 -4.33 19.31
C GLU A 129 6.89 -5.10 18.53
N PHE A 130 8.12 -4.95 19.00
CA PHE A 130 9.27 -5.66 18.45
C PHE A 130 9.11 -7.16 18.64
N ALA A 131 8.65 -7.55 19.82
CA ALA A 131 8.43 -8.95 20.14
C ALA A 131 7.42 -9.59 19.19
N ILE A 132 6.32 -8.89 18.93
CA ILE A 132 5.28 -9.42 18.06
C ILE A 132 5.76 -9.40 16.62
N GLY A 133 6.55 -8.38 16.30
CA GLY A 133 7.15 -8.27 15.00
C GLY A 133 8.08 -9.43 14.75
N LYS A 134 8.88 -9.76 15.75
CA LYS A 134 9.80 -10.89 15.67
C LYS A 134 9.09 -12.20 15.54
N GLU A 135 8.07 -12.44 16.34
CA GLU A 135 7.38 -13.72 16.27
C GLU A 135 6.66 -13.91 14.93
N ALA A 136 6.14 -12.83 14.39
CA ALA A 136 5.52 -12.89 13.10
C ALA A 136 6.60 -13.08 12.02
N LEU A 137 7.73 -12.43 12.24
CA LEU A 137 8.88 -12.50 11.35
C LEU A 137 9.38 -13.96 11.30
N VAL A 138 9.41 -14.61 12.47
CA VAL A 138 9.80 -16.02 12.59
C VAL A 138 8.86 -16.89 11.79
N MET A 139 7.57 -16.60 11.85
CA MET A 139 6.58 -17.36 11.10
C MET A 139 6.79 -17.20 9.59
N VAL A 140 7.15 -16.00 9.17
CA VAL A 140 7.51 -15.72 7.78
C VAL A 140 8.76 -16.52 7.43
N LYS A 141 9.71 -16.50 8.33
CA LYS A 141 10.98 -17.20 8.20
C LYS A 141 10.76 -18.71 8.10
N ASN A 142 9.78 -19.22 8.85
CA ASN A 142 9.42 -20.65 8.79
C ASN A 142 8.99 -21.02 7.41
N LYS A 143 8.17 -20.17 6.82
CA LYS A 143 7.68 -20.44 5.48
C LYS A 143 8.75 -20.23 4.42
N THR A 144 9.52 -19.19 4.55
CA THR A 144 10.38 -18.76 3.47
C THR A 144 11.78 -19.38 3.47
N GLY A 145 12.31 -19.64 4.64
CA GLY A 145 13.67 -20.15 4.74
C GLY A 145 14.70 -19.02 4.54
N VAL A 146 14.21 -17.81 4.61
CA VAL A 146 15.01 -16.62 4.46
C VAL A 146 15.42 -16.15 5.84
N SER A 147 16.59 -15.56 5.96
CA SER A 147 17.02 -15.05 7.24
C SER A 147 16.65 -13.57 7.34
N LEU A 148 15.79 -13.24 8.28
CA LEU A 148 15.38 -11.90 8.49
C LEU A 148 15.91 -11.44 9.86
N PRO A 149 16.62 -10.30 9.94
CA PRO A 149 17.24 -9.82 11.17
C PRO A 149 16.28 -9.06 12.11
N GLU A 150 16.73 -8.83 13.35
CA GLU A 150 15.97 -8.09 14.37
C GLU A 150 15.79 -6.64 13.96
N ASP A 151 16.71 -6.17 13.16
CA ASP A 151 16.74 -4.81 12.66
C ASP A 151 15.43 -4.51 11.90
N GLU A 152 15.01 -5.45 11.03
CA GLU A 152 13.72 -5.38 10.33
C GLU A 152 12.59 -5.27 11.31
N ALA A 153 12.61 -6.13 12.32
CA ALA A 153 11.56 -6.17 13.34
C ALA A 153 11.46 -4.85 14.09
N GLY A 154 12.60 -4.18 14.26
CA GLY A 154 12.61 -2.87 14.87
C GLY A 154 11.90 -1.87 14.00
N PHE A 155 12.16 -1.94 12.71
CA PHE A 155 11.49 -1.08 11.75
C PHE A 155 9.98 -1.40 11.75
N ILE A 156 9.67 -2.68 11.86
CA ILE A 156 8.30 -3.14 11.91
C ILE A 156 7.60 -2.59 13.15
N ALA A 157 8.31 -2.58 14.28
CA ALA A 157 7.77 -2.01 15.53
C ALA A 157 7.37 -0.54 15.34
N LEU A 158 8.24 0.22 14.67
CA LEU A 158 7.93 1.63 14.36
C LEU A 158 6.75 1.75 13.43
N HIS A 159 6.62 0.83 12.53
CA HIS A 159 5.48 0.80 11.66
C HIS A 159 4.21 0.40 12.38
N ILE A 160 4.32 -0.56 13.30
CA ILE A 160 3.19 -1.05 14.07
C ILE A 160 2.58 0.06 14.91
N VAL A 161 3.42 0.84 15.57
CA VAL A 161 2.93 1.88 16.42
C VAL A 161 2.21 2.95 15.63
N ASN A 162 2.68 3.27 14.45
CA ASN A 162 1.96 4.23 13.64
C ASN A 162 0.86 3.64 12.81
N ALA A 163 0.84 2.34 12.70
CA ALA A 163 -0.20 1.66 11.98
C ALA A 163 -1.37 1.37 12.88
N GLU A 164 -1.18 1.51 14.17
CA GLU A 164 -2.26 1.33 15.08
C GLU A 164 -3.19 2.54 14.96
N LEU A 165 -4.46 2.32 15.20
CA LEU A 165 -5.44 3.35 15.19
C LEU A 165 -5.28 4.23 16.40
N ASN A 166 -6.14 5.19 16.53
CA ASN A 166 -6.13 6.06 17.69
C ASN A 166 -6.34 5.23 18.92
N GLU A 167 -5.26 5.07 19.70
CA GLU A 167 -5.14 4.17 20.85
C GLU A 167 -6.43 4.00 21.63
N LEU A 168 -6.99 2.82 21.49
CA LEU A 168 -8.23 2.47 22.13
C LEU A 168 -7.94 1.96 23.52
N GLN A 169 -8.49 2.63 24.49
CA GLN A 169 -8.34 2.23 25.86
C GLN A 169 -9.63 1.60 26.31
N MET B 1 3.85 -8.11 -18.94
CA MET B 1 2.45 -8.57 -18.98
C MET B 1 1.98 -8.65 -20.42
N LYS B 2 0.78 -9.15 -20.62
CA LYS B 2 0.15 -9.29 -21.94
C LYS B 2 -1.32 -9.50 -21.76
N ILE B 3 -2.05 -9.14 -22.76
CA ILE B 3 -3.50 -9.24 -22.76
C ILE B 3 -3.87 -10.70 -22.78
N ALA B 4 -4.76 -11.08 -21.94
CA ALA B 4 -5.20 -12.44 -21.87
C ALA B 4 -6.63 -12.53 -22.32
N LYS B 5 -7.44 -11.58 -21.89
CA LYS B 5 -8.81 -11.59 -22.16
C LYS B 5 -9.23 -10.27 -22.75
N VAL B 6 -10.19 -10.30 -23.60
CA VAL B 6 -10.70 -9.12 -24.27
C VAL B 6 -12.18 -9.11 -24.08
N ILE B 7 -12.69 -8.10 -23.42
CA ILE B 7 -14.10 -8.01 -23.23
C ILE B 7 -14.71 -7.25 -24.39
N ASN B 8 -14.01 -6.20 -24.80
CA ASN B 8 -14.44 -5.36 -25.92
C ASN B 8 -13.26 -4.53 -26.38
N ASN B 9 -13.46 -3.70 -27.39
CA ASN B 9 -12.38 -2.88 -27.97
C ASN B 9 -11.77 -1.90 -26.99
N ASN B 10 -12.52 -1.50 -25.98
CA ASN B 10 -12.03 -0.54 -25.03
C ASN B 10 -11.57 -1.20 -23.75
N VAL B 11 -12.15 -2.33 -23.43
CA VAL B 11 -11.87 -2.96 -22.16
C VAL B 11 -11.17 -4.30 -22.37
N ILE B 12 -10.01 -4.44 -21.79
CA ILE B 12 -9.25 -5.65 -21.89
C ILE B 12 -8.87 -6.20 -20.53
N SER B 13 -8.40 -7.39 -20.53
CA SER B 13 -8.02 -8.08 -19.38
C SER B 13 -6.59 -8.56 -19.57
N VAL B 14 -5.73 -8.09 -18.73
CA VAL B 14 -4.34 -8.40 -18.78
C VAL B 14 -3.95 -9.09 -17.49
N VAL B 15 -3.20 -10.14 -17.57
CA VAL B 15 -2.79 -10.85 -16.39
C VAL B 15 -1.34 -10.52 -16.12
N ASN B 16 -1.05 -10.20 -14.89
CA ASN B 16 0.30 -9.92 -14.50
C ASN B 16 0.94 -11.26 -14.18
N GLU B 17 2.24 -11.36 -14.25
CA GLU B 17 2.90 -12.64 -14.05
C GLU B 17 2.97 -13.04 -12.58
N GLN B 18 2.48 -12.14 -11.76
CA GLN B 18 2.35 -12.38 -10.35
C GLN B 18 1.00 -13.05 -10.05
N GLY B 19 0.21 -13.25 -11.11
CA GLY B 19 -1.03 -13.98 -11.01
C GLY B 19 -2.23 -13.13 -10.70
N LYS B 20 -2.21 -11.89 -11.13
CA LYS B 20 -3.34 -11.07 -10.95
C LYS B 20 -3.93 -10.65 -12.26
N GLU B 21 -5.21 -10.86 -12.37
CA GLU B 21 -6.01 -10.46 -13.49
C GLU B 21 -6.23 -8.96 -13.34
N LEU B 22 -6.05 -8.23 -14.38
CA LEU B 22 -6.21 -6.81 -14.36
C LEU B 22 -7.14 -6.43 -15.49
N VAL B 23 -7.94 -5.43 -15.29
CA VAL B 23 -8.83 -4.95 -16.30
C VAL B 23 -8.41 -3.55 -16.66
N VAL B 24 -8.19 -3.29 -17.91
CA VAL B 24 -7.75 -2.00 -18.33
C VAL B 24 -8.70 -1.47 -19.36
N MET B 25 -9.02 -0.21 -19.25
CA MET B 25 -9.92 0.43 -20.16
C MET B 25 -9.24 1.57 -20.84
N GLY B 26 -9.41 1.62 -22.10
CA GLY B 26 -8.95 2.68 -22.90
C GLY B 26 -9.59 2.55 -24.19
N ARG B 27 -9.98 3.64 -24.70
CA ARG B 27 -10.74 3.67 -25.91
C ARG B 27 -9.90 3.22 -27.09
N GLY B 28 -10.11 1.98 -27.48
CA GLY B 28 -9.38 1.39 -28.55
C GLY B 28 -8.15 0.63 -28.09
N LEU B 29 -8.15 0.19 -26.85
CA LEU B 29 -7.04 -0.62 -26.33
C LEU B 29 -6.90 -1.94 -27.06
N ALA B 30 -8.02 -2.58 -27.36
CA ALA B 30 -7.98 -3.86 -28.01
C ALA B 30 -8.01 -3.69 -29.50
N PHE B 31 -8.25 -2.48 -29.94
CA PHE B 31 -8.21 -2.17 -31.34
C PHE B 31 -6.77 -2.31 -31.82
N GLN B 32 -6.54 -3.34 -32.64
CA GLN B 32 -5.23 -3.72 -33.19
C GLN B 32 -4.37 -4.42 -32.14
N LYS B 33 -5.05 -4.95 -31.14
CA LYS B 33 -4.45 -5.69 -30.05
C LYS B 33 -5.22 -6.99 -29.87
N LYS B 34 -4.62 -7.94 -29.18
CA LYS B 34 -5.25 -9.22 -28.93
C LYS B 34 -4.56 -9.93 -27.77
N SER B 35 -5.07 -11.08 -27.40
CA SER B 35 -4.50 -11.87 -26.33
C SER B 35 -3.12 -12.38 -26.73
N GLY B 36 -2.13 -12.11 -25.90
CA GLY B 36 -0.80 -12.52 -26.19
C GLY B 36 0.05 -11.38 -26.59
N ASP B 37 -0.58 -10.25 -26.78
CA ASP B 37 0.07 -9.05 -27.16
C ASP B 37 0.13 -8.14 -25.95
N ASP B 38 1.00 -7.19 -25.99
CA ASP B 38 1.23 -6.32 -24.87
C ASP B 38 0.25 -5.13 -24.88
N VAL B 39 0.08 -4.53 -23.74
CA VAL B 39 -0.84 -3.45 -23.56
C VAL B 39 -0.15 -2.12 -23.88
N ASP B 40 -0.80 -1.31 -24.69
CA ASP B 40 -0.29 0.00 -25.04
C ASP B 40 -0.49 0.95 -23.88
N GLU B 41 0.57 1.59 -23.43
CA GLU B 41 0.51 2.44 -22.28
C GLU B 41 -0.01 3.86 -22.57
N ALA B 42 -0.19 4.19 -23.82
CA ALA B 42 -0.68 5.52 -24.18
C ALA B 42 -2.20 5.56 -24.12
N ARG B 43 -2.82 4.43 -24.40
CA ARG B 43 -4.29 4.32 -24.42
C ARG B 43 -4.84 4.01 -23.02
N ILE B 44 -3.96 4.01 -22.03
CA ILE B 44 -4.33 3.74 -20.64
C ILE B 44 -5.15 4.88 -20.06
N GLU B 45 -6.42 4.68 -19.97
CA GLU B 45 -7.29 5.63 -19.34
C GLU B 45 -7.56 5.20 -17.92
N LYS B 46 -7.94 3.95 -17.77
CA LYS B 46 -8.32 3.39 -16.49
C LYS B 46 -7.71 2.02 -16.36
N VAL B 47 -7.16 1.72 -15.24
CA VAL B 47 -6.63 0.41 -14.95
C VAL B 47 -7.38 -0.09 -13.74
N PHE B 48 -7.57 -1.35 -13.64
CA PHE B 48 -8.18 -1.94 -12.50
C PHE B 48 -7.39 -3.18 -12.15
N THR B 49 -7.05 -3.32 -10.91
CA THR B 49 -6.25 -4.43 -10.46
C THR B 49 -7.08 -5.36 -9.56
N LEU B 50 -6.85 -6.66 -9.69
CA LEU B 50 -7.61 -7.69 -8.97
C LEU B 50 -7.59 -7.53 -7.44
N ASP B 51 -8.78 -7.55 -6.94
CA ASP B 51 -9.16 -7.46 -5.56
C ASP B 51 -10.01 -8.69 -5.27
N ASN B 52 -9.89 -9.22 -4.10
CA ASN B 52 -10.68 -10.35 -3.68
C ASN B 52 -10.72 -10.34 -2.18
N LYS B 53 -11.90 -10.21 -1.59
CA LYS B 53 -12.04 -10.11 -0.14
C LYS B 53 -11.66 -11.40 0.58
N ASP B 54 -11.56 -12.45 -0.15
CA ASP B 54 -11.23 -13.74 0.42
C ASP B 54 -9.76 -14.04 0.29
N VAL B 55 -9.06 -13.13 -0.33
CA VAL B 55 -7.63 -13.23 -0.44
C VAL B 55 -7.04 -12.12 0.39
N SER B 56 -7.54 -10.95 0.14
CA SER B 56 -7.09 -9.75 0.74
C SER B 56 -8.18 -9.17 1.63
N GLU B 57 -8.02 -9.23 2.94
CA GLU B 57 -9.01 -8.65 3.79
C GLU B 57 -8.76 -7.17 3.97
N LYS B 58 -7.64 -6.86 4.54
CA LYS B 58 -7.30 -5.51 4.78
C LYS B 58 -6.56 -4.88 3.61
N PHE B 59 -5.85 -5.69 2.82
CA PHE B 59 -5.20 -5.20 1.59
C PHE B 59 -6.22 -4.52 0.67
N LYS B 60 -7.45 -4.97 0.79
CA LYS B 60 -8.60 -4.47 0.07
C LYS B 60 -8.90 -3.02 0.46
N THR B 61 -8.86 -2.72 1.74
CA THR B 61 -9.21 -1.41 2.21
C THR B 61 -8.23 -0.29 1.82
N LEU B 62 -7.02 -0.64 1.39
CA LEU B 62 -6.08 0.36 0.88
C LEU B 62 -6.67 0.98 -0.37
N LEU B 63 -7.11 0.14 -1.23
CA LEU B 63 -7.57 0.55 -2.51
C LEU B 63 -9.05 0.93 -2.49
N TYR B 64 -9.67 0.75 -1.35
CA TYR B 64 -11.03 1.20 -1.12
C TYR B 64 -11.15 2.45 -0.28
N ASP B 65 -10.47 2.49 0.86
CA ASP B 65 -10.77 3.49 1.90
C ASP B 65 -9.87 4.71 1.86
N ILE B 66 -8.89 4.64 1.03
CA ILE B 66 -7.96 5.75 0.90
C ILE B 66 -8.49 6.78 -0.09
N PRO B 67 -8.77 8.02 0.38
CA PRO B 67 -9.25 9.10 -0.48
C PRO B 67 -8.24 9.48 -1.55
N ILE B 68 -8.74 9.86 -2.71
CA ILE B 68 -7.91 10.23 -3.85
C ILE B 68 -7.04 11.47 -3.51
N GLU B 69 -7.52 12.29 -2.59
CA GLU B 69 -6.78 13.44 -2.10
C GLU B 69 -5.50 12.98 -1.43
N CYS B 70 -5.65 12.09 -0.43
CA CYS B 70 -4.51 11.55 0.32
C CYS B 70 -3.56 10.83 -0.61
N MET B 71 -4.13 10.19 -1.60
CA MET B 71 -3.41 9.48 -2.63
C MET B 71 -2.51 10.43 -3.38
N GLU B 72 -3.07 11.54 -3.80
CA GLU B 72 -2.33 12.54 -4.55
C GLU B 72 -1.27 13.14 -3.67
N VAL B 73 -1.64 13.37 -2.41
CA VAL B 73 -0.73 13.95 -1.45
C VAL B 73 0.50 13.09 -1.29
N SER B 74 0.30 11.80 -1.09
CA SER B 74 1.42 10.93 -0.80
C SER B 74 2.31 10.77 -2.03
N GLU B 75 1.69 10.70 -3.20
CA GLU B 75 2.43 10.52 -4.43
C GLU B 75 3.25 11.79 -4.71
N GLU B 76 2.67 12.93 -4.38
CA GLU B 76 3.31 14.21 -4.59
C GLU B 76 4.43 14.43 -3.55
N ILE B 77 4.22 13.97 -2.32
CA ILE B 77 5.24 14.06 -1.27
C ILE B 77 6.48 13.32 -1.68
N ILE B 78 6.30 12.10 -2.15
CA ILE B 78 7.44 11.33 -2.50
C ILE B 78 8.01 11.79 -3.83
N SER B 79 7.18 12.42 -4.65
CA SER B 79 7.66 13.03 -5.85
C SER B 79 8.68 14.11 -5.48
N TYR B 80 8.34 14.88 -4.46
CA TYR B 80 9.21 15.92 -3.94
C TYR B 80 10.46 15.29 -3.34
N ALA B 81 10.26 14.20 -2.62
CA ALA B 81 11.35 13.48 -2.00
C ALA B 81 12.32 12.90 -3.04
N LYS B 82 11.80 12.33 -4.11
CA LYS B 82 12.64 11.70 -5.12
C LYS B 82 13.29 12.78 -5.99
N LEU B 83 12.64 13.91 -6.07
CA LEU B 83 13.15 15.04 -6.83
C LEU B 83 14.32 15.66 -6.07
N GLN B 84 14.17 15.77 -4.76
CA GLN B 84 15.19 16.34 -3.91
C GLN B 84 16.35 15.37 -3.67
N LEU B 85 16.05 14.18 -3.18
CA LEU B 85 17.08 13.22 -2.82
C LEU B 85 17.72 12.60 -4.03
N GLY B 86 16.96 12.50 -5.11
CA GLY B 86 17.47 11.90 -6.32
C GLY B 86 17.25 10.42 -6.33
N LYS B 87 16.88 9.90 -5.21
CA LYS B 87 16.66 8.51 -5.02
C LYS B 87 15.18 8.26 -5.07
N LYS B 88 14.79 7.31 -5.86
CA LYS B 88 13.43 6.89 -5.89
C LYS B 88 13.17 6.00 -4.70
N LEU B 89 12.53 6.56 -3.69
CA LEU B 89 12.19 5.81 -2.49
C LEU B 89 11.22 4.69 -2.84
N ASN B 90 11.22 3.65 -2.05
CA ASN B 90 10.42 2.49 -2.37
C ASN B 90 8.94 2.78 -2.23
N ASP B 91 8.16 1.97 -2.89
CA ASP B 91 6.72 2.07 -3.02
C ASP B 91 6.06 1.99 -1.62
N SER B 92 6.76 1.35 -0.70
CA SER B 92 6.32 1.17 0.68
C SER B 92 5.97 2.52 1.35
N ILE B 93 6.77 3.57 1.10
CA ILE B 93 6.58 4.87 1.76
C ILE B 93 5.29 5.55 1.28
N TYR B 94 4.91 5.25 0.06
CA TYR B 94 3.74 5.84 -0.53
C TYR B 94 2.49 5.37 0.15
N VAL B 95 2.38 4.08 0.28
CA VAL B 95 1.18 3.49 0.82
C VAL B 95 1.12 3.69 2.34
N SER B 96 2.26 3.79 2.97
CA SER B 96 2.27 4.04 4.37
C SER B 96 1.91 5.49 4.66
N LEU B 97 2.33 6.42 3.79
CA LEU B 97 2.01 7.82 3.99
C LEU B 97 0.56 8.13 3.71
N THR B 98 -0.08 7.41 2.81
CA THR B 98 -1.49 7.64 2.57
C THR B 98 -2.30 7.36 3.82
N ASN B 99 -1.92 6.31 4.50
CA ASN B 99 -2.59 5.98 5.73
C ASN B 99 -2.11 6.86 6.86
N HIS B 100 -0.84 7.26 6.80
CA HIS B 100 -0.26 8.15 7.81
C HIS B 100 -0.95 9.50 7.76
N ILE B 101 -1.15 10.06 6.55
CA ILE B 101 -1.81 11.36 6.41
C ILE B 101 -3.24 11.28 6.92
N ASN B 102 -3.90 10.15 6.64
CA ASN B 102 -5.26 9.91 7.11
C ASN B 102 -5.27 9.86 8.64
N PHE B 103 -4.28 9.18 9.20
CA PHE B 103 -4.11 9.14 10.64
C PHE B 103 -3.83 10.48 11.21
N ALA B 104 -2.97 11.23 10.55
CA ALA B 104 -2.60 12.55 10.98
C ALA B 104 -3.80 13.45 11.10
N ILE B 105 -4.71 13.35 10.15
CA ILE B 105 -5.93 14.12 10.21
C ILE B 105 -6.75 13.66 11.41
N GLN B 106 -6.89 12.36 11.56
CA GLN B 106 -7.67 11.79 12.64
C GLN B 106 -7.08 12.12 14.00
N ARG B 107 -5.78 12.05 14.09
CA ARG B 107 -5.09 12.31 15.33
C ARG B 107 -5.13 13.79 15.67
N ASN B 108 -5.01 14.62 14.66
CA ASN B 108 -5.03 16.08 14.86
C ASN B 108 -6.40 16.54 15.31
N GLN B 109 -7.46 15.99 14.71
CA GLN B 109 -8.79 16.44 15.02
C GLN B 109 -9.30 15.82 16.32
N LYS B 110 -8.72 14.71 16.72
CA LYS B 110 -9.16 14.01 17.90
C LYS B 110 -8.22 14.20 19.08
N GLY B 111 -7.20 15.02 18.89
CA GLY B 111 -6.29 15.39 19.96
C GLY B 111 -5.43 14.25 20.44
N LEU B 112 -5.08 13.36 19.56
CA LEU B 112 -4.22 12.28 19.91
C LEU B 112 -2.82 12.58 19.44
N ASP B 113 -1.94 12.74 20.37
CA ASP B 113 -0.58 13.00 20.05
C ASP B 113 0.26 11.85 20.53
N ILE B 114 0.74 11.06 19.63
CA ILE B 114 1.63 10.00 20.00
C ILE B 114 3.05 10.50 19.82
N LYS B 115 3.62 10.86 20.91
CA LYS B 115 4.86 11.56 20.90
C LYS B 115 6.06 10.63 20.82
N ASN B 116 6.72 10.73 19.68
CA ASN B 116 7.89 9.96 19.31
C ASN B 116 9.02 10.22 20.30
N ALA B 117 9.37 9.23 21.08
CA ALA B 117 10.41 9.38 22.09
C ALA B 117 11.80 9.12 21.51
N LEU B 118 11.84 8.93 20.22
CA LEU B 118 13.07 8.73 19.49
C LEU B 118 13.34 9.95 18.63
N LEU B 119 12.55 11.00 18.86
CA LEU B 119 12.61 12.23 18.06
C LEU B 119 14.01 12.84 18.04
N TRP B 120 14.62 12.93 19.21
CA TRP B 120 15.90 13.60 19.35
C TRP B 120 16.99 12.82 18.63
N GLU B 121 16.85 11.51 18.68
CA GLU B 121 17.79 10.63 18.03
C GLU B 121 17.59 10.65 16.52
N THR B 122 16.34 10.54 16.11
CA THR B 122 15.96 10.49 14.72
C THR B 122 16.44 11.72 13.94
N LYS B 123 16.35 12.91 14.57
CA LYS B 123 16.78 14.15 13.91
C LYS B 123 18.24 14.11 13.52
N ARG B 124 19.07 13.57 14.38
CA ARG B 124 20.48 13.51 14.12
C ARG B 124 20.90 12.27 13.34
N LEU B 125 20.39 11.12 13.74
CA LEU B 125 20.80 9.85 13.16
C LEU B 125 20.27 9.63 11.76
N TYR B 126 19.08 10.10 11.51
CA TYR B 126 18.49 10.01 10.19
C TYR B 126 18.18 11.43 9.76
N LYS B 127 19.20 12.25 9.92
CA LYS B 127 19.18 13.68 9.69
C LYS B 127 18.57 14.08 8.36
N ASP B 128 19.06 13.46 7.33
CA ASP B 128 18.71 13.77 5.96
C ASP B 128 17.29 13.37 5.67
N GLU B 129 16.92 12.21 6.16
CA GLU B 129 15.60 11.66 5.99
C GLU B 129 14.59 12.49 6.78
N PHE B 130 14.97 12.90 7.98
CA PHE B 130 14.11 13.71 8.83
C PHE B 130 13.92 15.10 8.23
N ALA B 131 14.97 15.62 7.61
CA ALA B 131 14.89 16.91 6.94
C ALA B 131 13.84 16.86 5.84
N ILE B 132 13.89 15.79 5.05
CA ILE B 132 12.90 15.57 4.00
C ILE B 132 11.51 15.41 4.61
N GLY B 133 11.44 14.70 5.73
CA GLY B 133 10.17 14.52 6.43
C GLY B 133 9.57 15.85 6.87
N LYS B 134 10.41 16.75 7.33
CA LYS B 134 9.96 18.08 7.72
C LYS B 134 9.52 18.88 6.51
N GLU B 135 10.28 18.79 5.44
CA GLU B 135 9.92 19.47 4.20
C GLU B 135 8.63 18.90 3.61
N ALA B 136 8.42 17.62 3.82
CA ALA B 136 7.20 16.95 3.44
C ALA B 136 6.05 17.53 4.24
N LEU B 137 6.29 17.65 5.55
CA LEU B 137 5.34 18.26 6.48
C LEU B 137 4.96 19.66 6.00
N VAL B 138 5.95 20.43 5.61
CA VAL B 138 5.75 21.77 5.10
C VAL B 138 4.85 21.73 3.87
N MET B 139 5.09 20.78 3.02
CA MET B 139 4.33 20.67 1.80
C MET B 139 2.89 20.24 2.12
N VAL B 140 2.73 19.35 3.09
CA VAL B 140 1.41 18.90 3.52
C VAL B 140 0.61 20.04 4.11
N LYS B 141 1.23 20.84 4.98
CA LYS B 141 0.51 21.90 5.64
C LYS B 141 0.17 23.05 4.70
N ASN B 142 0.91 23.16 3.62
CA ASN B 142 0.59 24.15 2.60
C ASN B 142 -0.49 23.63 1.66
N LYS B 143 -0.37 22.38 1.28
CA LYS B 143 -1.30 21.78 0.33
C LYS B 143 -2.68 21.52 0.96
N THR B 144 -2.69 21.06 2.19
CA THR B 144 -3.95 20.66 2.80
C THR B 144 -4.25 21.41 4.09
N GLY B 145 -3.21 21.83 4.76
CA GLY B 145 -3.37 22.51 6.00
C GLY B 145 -3.13 21.60 7.17
N VAL B 146 -3.10 20.30 6.90
CA VAL B 146 -2.88 19.32 7.93
C VAL B 146 -1.45 19.43 8.46
N SER B 147 -1.32 19.75 9.72
CA SER B 147 -0.04 19.90 10.32
C SER B 147 0.24 18.73 11.25
N LEU B 148 1.30 18.02 10.96
CA LEU B 148 1.74 16.90 11.74
C LEU B 148 2.83 17.39 12.65
N PRO B 149 2.82 17.05 13.93
CA PRO B 149 3.88 17.46 14.86
C PRO B 149 5.22 16.78 14.52
N GLU B 150 6.30 17.27 15.10
CA GLU B 150 7.65 16.73 14.85
C GLU B 150 7.75 15.26 15.19
N ASP B 151 7.00 14.83 16.18
CA ASP B 151 6.91 13.43 16.56
C ASP B 151 6.39 12.57 15.42
N GLU B 152 5.25 12.95 14.87
CA GLU B 152 4.69 12.26 13.69
C GLU B 152 5.64 12.35 12.49
N ALA B 153 6.26 13.53 12.31
CA ALA B 153 7.23 13.74 11.24
C ALA B 153 8.46 12.83 11.44
N GLY B 154 8.75 12.54 12.70
CA GLY B 154 9.81 11.63 13.03
C GLY B 154 9.46 10.24 12.61
N PHE B 155 8.20 9.86 12.78
CA PHE B 155 7.77 8.55 12.32
C PHE B 155 7.81 8.50 10.80
N ILE B 156 7.52 9.63 10.15
CA ILE B 156 7.67 9.75 8.69
C ILE B 156 9.10 9.42 8.28
N ALA B 157 10.06 9.97 9.02
CA ALA B 157 11.48 9.71 8.77
C ALA B 157 11.78 8.23 8.94
N LEU B 158 11.16 7.62 9.94
CA LEU B 158 11.26 6.18 10.11
C LEU B 158 10.68 5.45 8.91
N HIS B 159 9.51 5.86 8.46
CA HIS B 159 8.88 5.23 7.30
C HIS B 159 9.80 5.33 6.07
N ILE B 160 10.49 6.46 5.96
CA ILE B 160 11.44 6.71 4.89
C ILE B 160 12.64 5.77 4.98
N VAL B 161 13.14 5.50 6.19
CA VAL B 161 14.27 4.62 6.32
C VAL B 161 13.91 3.14 6.09
N ASN B 162 12.65 2.78 6.31
CA ASN B 162 12.20 1.42 6.00
C ASN B 162 11.99 1.30 4.48
N ALA B 163 11.59 2.42 3.87
CA ALA B 163 11.37 2.49 2.44
C ALA B 163 12.65 2.79 1.69
N GLU B 164 13.70 3.00 2.44
CA GLU B 164 15.01 3.15 1.89
C GLU B 164 15.45 1.82 1.27
N LEU B 165 16.02 1.90 0.12
CA LEU B 165 16.44 0.72 -0.57
C LEU B 165 17.87 0.40 -0.22
N ASN B 166 18.32 -0.77 -0.65
CA ASN B 166 19.72 -1.14 -0.54
C ASN B 166 20.49 -0.09 -1.30
N GLU B 167 21.38 0.61 -0.59
CA GLU B 167 22.00 1.85 -1.05
C GLU B 167 22.45 1.88 -2.51
N LEU B 168 21.80 2.78 -3.23
CA LEU B 168 21.99 2.98 -4.64
C LEU B 168 23.22 3.84 -4.90
N GLN B 169 23.58 3.91 -6.14
CA GLN B 169 24.69 4.71 -6.56
C GLN B 169 24.20 6.05 -7.08
N MET A 1 -21.67 1.26 -2.35
CA MET A 1 -21.12 1.59 -3.65
C MET A 1 -22.28 1.74 -4.58
N LYS A 2 -22.03 1.90 -5.86
CA LYS A 2 -23.09 1.90 -6.84
C LYS A 2 -22.52 1.71 -8.22
N ILE A 3 -23.31 1.08 -9.03
CA ILE A 3 -22.98 0.78 -10.42
C ILE A 3 -23.04 2.05 -11.25
N ALA A 4 -22.01 2.28 -12.01
CA ALA A 4 -21.92 3.43 -12.87
C ALA A 4 -21.95 2.99 -14.33
N LYS A 5 -21.24 1.89 -14.63
CA LYS A 5 -21.21 1.36 -15.93
C LYS A 5 -21.52 -0.12 -15.91
N VAL A 6 -22.05 -0.60 -16.98
CA VAL A 6 -22.37 -2.00 -17.14
C VAL A 6 -21.73 -2.47 -18.41
N ILE A 7 -20.89 -3.44 -18.29
CA ILE A 7 -20.20 -3.96 -19.42
C ILE A 7 -20.97 -5.17 -19.94
N ASN A 8 -21.46 -5.97 -19.02
CA ASN A 8 -22.24 -7.14 -19.34
C ASN A 8 -22.94 -7.61 -18.09
N ASN A 9 -23.68 -8.70 -18.19
CA ASN A 9 -24.45 -9.25 -17.07
C ASN A 9 -23.59 -9.67 -15.88
N ASN A 10 -22.38 -10.08 -16.15
CA ASN A 10 -21.52 -10.59 -15.10
C ASN A 10 -20.46 -9.57 -14.68
N VAL A 11 -20.22 -8.58 -15.50
CA VAL A 11 -19.18 -7.62 -15.21
C VAL A 11 -19.74 -6.21 -15.20
N ILE A 12 -19.58 -5.53 -14.10
CA ILE A 12 -20.07 -4.18 -13.94
C ILE A 12 -18.98 -3.23 -13.45
N SER A 13 -19.24 -1.97 -13.60
CA SER A 13 -18.35 -0.92 -13.26
C SER A 13 -19.02 -0.05 -12.21
N VAL A 14 -18.45 0.02 -11.06
CA VAL A 14 -19.02 0.72 -9.94
C VAL A 14 -18.06 1.77 -9.41
N VAL A 15 -18.54 2.61 -8.55
CA VAL A 15 -17.73 3.61 -7.88
C VAL A 15 -17.94 3.45 -6.39
N ASN A 16 -16.87 3.55 -5.62
CA ASN A 16 -16.97 3.51 -4.20
C ASN A 16 -17.19 4.92 -3.66
N GLU A 17 -17.04 5.12 -2.37
CA GLU A 17 -17.34 6.43 -1.79
C GLU A 17 -16.18 7.41 -2.01
N GLN A 18 -14.99 6.89 -2.07
CA GLN A 18 -13.80 7.68 -2.17
C GLN A 18 -13.44 8.03 -3.63
N GLY A 19 -14.36 7.74 -4.54
CA GLY A 19 -14.19 8.15 -5.91
C GLY A 19 -13.41 7.17 -6.75
N LYS A 20 -13.32 5.96 -6.30
CA LYS A 20 -12.62 4.97 -7.04
C LYS A 20 -13.56 4.06 -7.75
N GLU A 21 -13.34 3.93 -9.02
CA GLU A 21 -14.11 3.08 -9.87
C GLU A 21 -13.59 1.66 -9.70
N LEU A 22 -14.47 0.71 -9.72
CA LEU A 22 -14.13 -0.67 -9.52
C LEU A 22 -14.86 -1.49 -10.56
N VAL A 23 -14.24 -2.52 -11.02
CA VAL A 23 -14.88 -3.43 -11.94
C VAL A 23 -15.05 -4.74 -11.23
N VAL A 24 -16.26 -5.10 -10.96
CA VAL A 24 -16.52 -6.29 -10.22
C VAL A 24 -17.12 -7.33 -11.13
N MET A 25 -16.63 -8.53 -11.04
CA MET A 25 -17.12 -9.63 -11.83
C MET A 25 -17.85 -10.59 -10.94
N GLY A 26 -19.01 -10.97 -11.35
CA GLY A 26 -19.78 -11.91 -10.62
C GLY A 26 -20.97 -12.34 -11.39
N ARG A 27 -21.33 -13.55 -11.17
CA ARG A 27 -22.42 -14.20 -11.86
C ARG A 27 -23.75 -13.47 -11.67
N GLY A 28 -24.16 -12.78 -12.71
CA GLY A 28 -25.41 -12.08 -12.74
C GLY A 28 -25.42 -10.84 -11.89
N LEU A 29 -24.32 -10.10 -11.87
CA LEU A 29 -24.25 -8.86 -11.10
C LEU A 29 -25.14 -7.78 -11.68
N ALA A 30 -25.23 -7.72 -13.00
CA ALA A 30 -26.07 -6.74 -13.63
C ALA A 30 -27.44 -7.31 -13.89
N PHE A 31 -27.54 -8.62 -13.78
CA PHE A 31 -28.79 -9.30 -13.97
C PHE A 31 -29.70 -8.99 -12.79
N GLN A 32 -30.86 -8.39 -13.11
CA GLN A 32 -31.87 -7.95 -12.13
C GLN A 32 -31.36 -6.72 -11.36
N LYS A 33 -30.39 -6.08 -11.96
CA LYS A 33 -29.79 -4.90 -11.47
C LYS A 33 -29.79 -3.83 -12.54
N LYS A 34 -29.33 -2.67 -12.19
CA LYS A 34 -29.26 -1.56 -13.08
C LYS A 34 -28.22 -0.61 -12.57
N SER A 35 -27.87 0.34 -13.37
CA SER A 35 -26.90 1.32 -12.98
C SER A 35 -27.47 2.23 -11.90
N GLY A 36 -26.72 2.43 -10.84
CA GLY A 36 -27.19 3.23 -9.75
C GLY A 36 -27.48 2.41 -8.52
N ASP A 37 -27.50 1.12 -8.70
CA ASP A 37 -27.76 0.19 -7.61
C ASP A 37 -26.44 -0.18 -6.95
N ASP A 38 -26.49 -0.64 -5.71
CA ASP A 38 -25.26 -0.96 -4.96
C ASP A 38 -24.74 -2.34 -5.39
N VAL A 39 -23.51 -2.60 -5.09
CA VAL A 39 -22.86 -3.82 -5.46
C VAL A 39 -23.31 -4.97 -4.59
N ASP A 40 -23.83 -6.00 -5.22
CA ASP A 40 -24.18 -7.23 -4.53
C ASP A 40 -22.89 -7.89 -4.09
N GLU A 41 -22.69 -8.01 -2.80
CA GLU A 41 -21.45 -8.52 -2.27
C GLU A 41 -21.40 -10.05 -2.21
N ALA A 42 -22.50 -10.68 -2.52
CA ALA A 42 -22.57 -12.13 -2.49
C ALA A 42 -22.15 -12.72 -3.85
N ARG A 43 -22.57 -12.05 -4.91
CA ARG A 43 -22.28 -12.46 -6.29
C ARG A 43 -20.82 -12.20 -6.69
N ILE A 44 -20.10 -11.47 -5.85
CA ILE A 44 -18.71 -11.10 -6.12
C ILE A 44 -17.79 -12.32 -6.27
N GLU A 45 -17.27 -12.48 -7.46
CA GLU A 45 -16.29 -13.48 -7.74
C GLU A 45 -14.92 -12.83 -7.68
N LYS A 46 -14.80 -11.73 -8.40
CA LYS A 46 -13.56 -10.99 -8.53
C LYS A 46 -13.84 -9.52 -8.41
N VAL A 47 -12.91 -8.80 -7.85
CA VAL A 47 -13.00 -7.37 -7.77
C VAL A 47 -11.79 -6.81 -8.47
N PHE A 48 -11.96 -5.81 -9.25
CA PHE A 48 -10.87 -5.12 -9.85
C PHE A 48 -10.95 -3.68 -9.42
N THR A 49 -9.88 -3.17 -8.94
CA THR A 49 -9.82 -1.83 -8.43
C THR A 49 -9.04 -0.92 -9.38
N LEU A 50 -9.50 0.30 -9.50
CA LEU A 50 -8.95 1.29 -10.44
C LEU A 50 -7.50 1.65 -10.19
N ASP A 51 -6.80 1.66 -11.28
CA ASP A 51 -5.48 2.17 -11.42
C ASP A 51 -5.65 3.45 -12.20
N ASN A 52 -5.37 4.53 -11.56
CA ASN A 52 -5.50 5.81 -12.17
C ASN A 52 -4.13 6.27 -12.53
N LYS A 53 -3.67 5.83 -13.69
CA LYS A 53 -2.28 6.05 -14.17
C LYS A 53 -1.92 7.53 -14.29
N ASP A 54 -2.92 8.34 -14.24
CA ASP A 54 -2.79 9.75 -14.42
C ASP A 54 -2.31 10.46 -13.17
N VAL A 55 -2.77 10.02 -12.06
CA VAL A 55 -2.37 10.57 -10.81
C VAL A 55 -1.52 9.56 -10.07
N SER A 56 -1.97 8.34 -10.13
CA SER A 56 -1.45 7.26 -9.36
C SER A 56 -0.54 6.39 -10.19
N GLU A 57 0.33 7.08 -10.87
CA GLU A 57 1.33 6.50 -11.71
C GLU A 57 2.34 5.74 -10.87
N LYS A 58 2.50 6.20 -9.65
CA LYS A 58 3.44 5.65 -8.73
C LYS A 58 2.81 4.48 -7.98
N PHE A 59 1.54 4.66 -7.59
CA PHE A 59 0.72 3.62 -6.92
C PHE A 59 0.61 2.34 -7.77
N LYS A 60 0.71 2.54 -9.07
CA LYS A 60 0.64 1.52 -10.09
C LYS A 60 1.50 0.27 -9.80
N THR A 61 2.78 0.45 -9.55
CA THR A 61 3.70 -0.68 -9.42
C THR A 61 3.44 -1.54 -8.18
N LEU A 62 2.75 -0.99 -7.21
CA LEU A 62 2.42 -1.70 -6.00
C LEU A 62 1.43 -2.79 -6.28
N LEU A 63 0.30 -2.39 -6.79
CA LEU A 63 -0.81 -3.30 -6.98
C LEU A 63 -0.54 -4.29 -8.09
N TYR A 64 0.47 -4.02 -8.85
CA TYR A 64 0.87 -4.92 -9.88
C TYR A 64 1.91 -5.90 -9.33
N ASP A 65 3.01 -5.34 -8.85
CA ASP A 65 4.23 -6.12 -8.60
C ASP A 65 4.40 -6.65 -7.20
N ILE A 66 3.36 -6.71 -6.44
CA ILE A 66 3.45 -7.38 -5.14
C ILE A 66 3.24 -8.89 -5.34
N PRO A 67 4.27 -9.72 -5.04
CA PRO A 67 4.23 -11.18 -5.20
C PRO A 67 3.11 -11.84 -4.39
N ILE A 68 2.53 -12.90 -4.95
CA ILE A 68 1.39 -13.57 -4.35
C ILE A 68 1.74 -14.23 -3.00
N GLU A 69 2.87 -14.93 -2.95
CA GLU A 69 3.30 -15.61 -1.73
C GLU A 69 3.56 -14.58 -0.64
N CYS A 70 4.33 -13.56 -0.97
CA CYS A 70 4.67 -12.51 -0.03
C CYS A 70 3.41 -11.79 0.49
N MET A 71 2.44 -11.61 -0.39
CA MET A 71 1.19 -10.96 -0.03
C MET A 71 0.38 -11.85 0.92
N GLU A 72 0.37 -13.13 0.64
CA GLU A 72 -0.34 -14.13 1.42
C GLU A 72 0.29 -14.24 2.80
N VAL A 73 1.58 -14.22 2.83
CA VAL A 73 2.32 -14.32 4.07
C VAL A 73 2.13 -13.06 4.89
N SER A 74 2.18 -11.94 4.23
CA SER A 74 2.08 -10.68 4.91
C SER A 74 0.69 -10.49 5.50
N GLU A 75 -0.37 -10.87 4.76
CA GLU A 75 -1.67 -10.61 5.31
C GLU A 75 -1.95 -11.51 6.51
N GLU A 76 -1.49 -12.75 6.46
CA GLU A 76 -1.74 -13.67 7.54
C GLU A 76 -0.89 -13.31 8.76
N ILE A 77 0.36 -12.98 8.53
CA ILE A 77 1.26 -12.73 9.62
C ILE A 77 1.00 -11.38 10.31
N ILE A 78 0.45 -10.43 9.59
CA ILE A 78 0.09 -9.20 10.26
C ILE A 78 -1.23 -9.40 11.00
N SER A 79 -2.05 -10.30 10.47
CA SER A 79 -3.28 -10.69 11.15
C SER A 79 -2.88 -11.40 12.47
N TYR A 80 -1.76 -12.13 12.42
CA TYR A 80 -1.15 -12.78 13.59
C TYR A 80 -0.80 -11.73 14.62
N ALA A 81 -0.11 -10.69 14.17
CA ALA A 81 0.32 -9.60 15.01
C ALA A 81 -0.88 -8.91 15.64
N LYS A 82 -1.91 -8.72 14.85
CA LYS A 82 -3.13 -8.07 15.29
C LYS A 82 -3.85 -8.96 16.31
N LEU A 83 -3.85 -10.25 16.04
CA LEU A 83 -4.49 -11.25 16.89
C LEU A 83 -3.78 -11.34 18.24
N GLN A 84 -2.47 -11.19 18.22
CA GLN A 84 -1.69 -11.23 19.44
C GLN A 84 -1.89 -9.99 20.28
N LEU A 85 -1.82 -8.83 19.65
CA LEU A 85 -1.97 -7.58 20.36
C LEU A 85 -3.38 -7.37 20.88
N GLY A 86 -4.35 -7.70 20.05
CA GLY A 86 -5.72 -7.46 20.43
C GLY A 86 -6.07 -6.02 20.16
N LYS A 87 -5.34 -5.43 19.23
CA LYS A 87 -5.50 -4.07 18.82
C LYS A 87 -5.45 -4.06 17.31
N LYS A 88 -6.13 -3.13 16.67
CA LYS A 88 -6.11 -3.06 15.24
C LYS A 88 -4.82 -2.48 14.71
N LEU A 89 -4.19 -3.24 13.87
CA LEU A 89 -3.10 -2.78 13.08
C LEU A 89 -3.69 -2.55 11.72
N ASN A 90 -3.69 -1.33 11.28
CA ASN A 90 -4.38 -0.98 10.07
C ASN A 90 -3.67 -1.52 8.84
N ASP A 91 -4.43 -1.67 7.80
CA ASP A 91 -4.06 -2.33 6.56
C ASP A 91 -2.91 -1.72 5.77
N SER A 92 -2.50 -0.52 6.09
CA SER A 92 -1.39 0.11 5.40
C SER A 92 -0.05 -0.63 5.67
N ILE A 93 0.03 -1.34 6.79
CA ILE A 93 1.25 -2.05 7.16
C ILE A 93 1.42 -3.34 6.35
N TYR A 94 0.32 -3.83 5.84
CA TYR A 94 0.31 -5.09 5.13
C TYR A 94 1.00 -4.92 3.78
N VAL A 95 0.79 -3.76 3.17
CA VAL A 95 1.39 -3.42 1.88
C VAL A 95 2.81 -2.89 2.06
N SER A 96 3.11 -2.39 3.23
CA SER A 96 4.43 -1.91 3.48
C SER A 96 5.37 -3.02 3.85
N LEU A 97 4.84 -4.05 4.49
CA LEU A 97 5.66 -5.15 4.85
C LEU A 97 5.85 -6.14 3.72
N THR A 98 4.94 -6.14 2.73
CA THR A 98 5.15 -6.98 1.56
C THR A 98 6.40 -6.54 0.84
N ASN A 99 6.58 -5.23 0.68
CA ASN A 99 7.79 -4.77 0.04
C ASN A 99 8.97 -4.78 0.97
N HIS A 100 8.70 -4.67 2.27
CA HIS A 100 9.77 -4.77 3.26
C HIS A 100 10.35 -6.19 3.21
N ILE A 101 9.47 -7.19 3.09
CA ILE A 101 9.91 -8.58 2.97
C ILE A 101 10.67 -8.78 1.67
N ASN A 102 10.20 -8.13 0.60
CA ASN A 102 10.89 -8.17 -0.70
C ASN A 102 12.31 -7.60 -0.53
N PHE A 103 12.42 -6.48 0.19
CA PHE A 103 13.71 -5.91 0.53
C PHE A 103 14.51 -6.86 1.38
N ALA A 104 13.87 -7.48 2.35
CA ALA A 104 14.52 -8.43 3.24
C ALA A 104 15.12 -9.59 2.46
N ILE A 105 14.42 -10.07 1.45
CA ILE A 105 14.93 -11.11 0.58
C ILE A 105 16.18 -10.61 -0.12
N GLN A 106 16.08 -9.42 -0.65
CA GLN A 106 17.19 -8.76 -1.32
C GLN A 106 18.38 -8.58 -0.37
N ARG A 107 18.09 -8.13 0.85
CA ARG A 107 19.12 -7.89 1.86
C ARG A 107 19.79 -9.20 2.24
N ASN A 108 18.98 -10.24 2.36
CA ASN A 108 19.43 -11.59 2.71
C ASN A 108 20.42 -12.10 1.66
N GLN A 109 20.10 -11.89 0.40
CA GLN A 109 20.94 -12.36 -0.69
C GLN A 109 22.16 -11.44 -0.88
N LYS A 110 21.99 -10.16 -0.61
CA LYS A 110 23.03 -9.16 -0.81
C LYS A 110 24.04 -9.15 0.34
N GLY A 111 23.67 -9.78 1.42
CA GLY A 111 24.50 -9.77 2.60
C GLY A 111 24.43 -8.42 3.26
N LEU A 112 23.25 -7.87 3.23
CA LEU A 112 22.98 -6.57 3.73
C LEU A 112 22.00 -6.65 4.88
N ASP A 113 22.15 -5.77 5.80
CA ASP A 113 21.31 -5.68 6.96
C ASP A 113 21.16 -4.21 7.19
N ILE A 114 20.05 -3.77 7.68
CA ILE A 114 19.97 -2.39 8.07
C ILE A 114 20.04 -2.35 9.58
N LYS A 115 21.12 -1.83 10.10
CA LYS A 115 21.39 -1.95 11.51
C LYS A 115 20.64 -0.85 12.24
N ASN A 116 19.90 -1.26 13.22
CA ASN A 116 19.06 -0.39 13.97
C ASN A 116 19.80 0.04 15.23
N ALA A 117 20.15 1.30 15.32
CA ALA A 117 20.91 1.80 16.47
C ALA A 117 20.01 2.13 17.65
N LEU A 118 18.75 2.04 17.40
CA LEU A 118 17.72 2.34 18.37
C LEU A 118 17.14 1.05 18.91
N LEU A 119 17.61 -0.05 18.36
CA LEU A 119 17.12 -1.40 18.67
C LEU A 119 17.18 -1.69 20.15
N TRP A 120 18.30 -1.35 20.73
CA TRP A 120 18.59 -1.62 22.13
C TRP A 120 17.60 -0.87 23.00
N GLU A 121 17.38 0.38 22.64
CA GLU A 121 16.49 1.25 23.36
C GLU A 121 15.04 0.77 23.20
N THR A 122 14.71 0.37 21.98
CA THR A 122 13.38 -0.10 21.61
C THR A 122 12.90 -1.23 22.52
N LYS A 123 13.83 -2.07 22.96
CA LYS A 123 13.51 -3.20 23.83
C LYS A 123 12.86 -2.76 25.16
N ARG A 124 13.29 -1.62 25.71
CA ARG A 124 12.77 -1.19 27.00
C ARG A 124 11.51 -0.37 26.82
N LEU A 125 11.41 0.28 25.68
CA LEU A 125 10.34 1.20 25.44
C LEU A 125 9.15 0.52 24.77
N TYR A 126 9.42 -0.35 23.84
CA TYR A 126 8.40 -1.00 23.08
C TYR A 126 8.63 -2.50 23.12
N LYS A 127 8.52 -3.08 24.30
CA LYS A 127 8.81 -4.50 24.49
C LYS A 127 7.79 -5.37 23.77
N ASP A 128 6.53 -5.05 23.97
CA ASP A 128 5.43 -5.88 23.51
C ASP A 128 5.32 -5.94 22.01
N GLU A 129 5.29 -4.81 21.39
CA GLU A 129 5.19 -4.73 19.96
C GLU A 129 6.43 -5.29 19.27
N PHE A 130 7.59 -5.13 19.92
CA PHE A 130 8.80 -5.70 19.40
C PHE A 130 8.78 -7.22 19.54
N ALA A 131 8.22 -7.69 20.65
CA ALA A 131 8.07 -9.11 20.89
C ALA A 131 7.25 -9.74 19.79
N ILE A 132 6.09 -9.15 19.52
CA ILE A 132 5.18 -9.62 18.48
C ILE A 132 5.88 -9.54 17.13
N GLY A 133 6.70 -8.51 16.97
CA GLY A 133 7.48 -8.33 15.78
C GLY A 133 8.45 -9.48 15.55
N LYS A 134 9.10 -9.93 16.63
CA LYS A 134 10.03 -11.06 16.53
C LYS A 134 9.26 -12.29 16.17
N GLU A 135 8.17 -12.55 16.89
CA GLU A 135 7.35 -13.73 16.66
C GLU A 135 6.77 -13.76 15.24
N ALA A 136 6.47 -12.59 14.72
CA ALA A 136 6.01 -12.46 13.36
C ALA A 136 7.14 -12.79 12.40
N LEU A 137 8.31 -12.21 12.67
CA LEU A 137 9.51 -12.42 11.86
C LEU A 137 9.88 -13.91 11.86
N VAL A 138 9.75 -14.55 13.01
CA VAL A 138 10.00 -15.97 13.14
C VAL A 138 9.10 -16.74 12.20
N MET A 139 7.82 -16.42 12.20
CA MET A 139 6.87 -17.12 11.36
C MET A 139 7.17 -16.86 9.88
N VAL A 140 7.62 -15.65 9.59
CA VAL A 140 8.03 -15.31 8.23
C VAL A 140 9.22 -16.15 7.81
N LYS A 141 10.24 -16.22 8.65
CA LYS A 141 11.44 -16.93 8.30
C LYS A 141 11.24 -18.42 8.31
N ASN A 142 10.30 -18.87 9.10
CA ASN A 142 9.95 -20.28 9.15
C ASN A 142 9.26 -20.70 7.88
N LYS A 143 8.55 -19.79 7.24
CA LYS A 143 7.89 -20.13 6.01
C LYS A 143 8.75 -19.84 4.78
N THR A 144 9.60 -18.83 4.87
CA THR A 144 10.35 -18.41 3.69
C THR A 144 11.79 -18.91 3.67
N GLY A 145 12.37 -19.04 4.85
CA GLY A 145 13.75 -19.41 4.98
C GLY A 145 14.66 -18.20 5.06
N VAL A 146 14.11 -17.04 4.78
CA VAL A 146 14.86 -15.78 4.79
C VAL A 146 15.07 -15.35 6.23
N SER A 147 16.29 -15.24 6.64
CA SER A 147 16.59 -14.91 8.00
C SER A 147 16.84 -13.41 8.15
N LEU A 148 15.98 -12.75 8.91
CA LEU A 148 16.09 -11.34 9.13
C LEU A 148 16.70 -11.07 10.51
N PRO A 149 17.73 -10.23 10.58
CA PRO A 149 18.32 -9.76 11.86
C PRO A 149 17.29 -9.02 12.75
N GLU A 150 17.64 -8.87 14.03
CA GLU A 150 16.77 -8.21 15.03
C GLU A 150 16.57 -6.75 14.65
N ASP A 151 17.58 -6.19 13.99
CA ASP A 151 17.59 -4.81 13.53
C ASP A 151 16.40 -4.53 12.68
N GLU A 152 16.24 -5.35 11.64
CA GLU A 152 15.10 -5.29 10.73
C GLU A 152 13.79 -5.32 11.56
N ALA A 153 13.75 -6.26 12.52
CA ALA A 153 12.56 -6.44 13.39
C ALA A 153 12.26 -5.19 14.17
N GLY A 154 13.30 -4.49 14.58
CA GLY A 154 13.15 -3.24 15.28
C GLY A 154 12.47 -2.21 14.41
N PHE A 155 12.87 -2.15 13.14
CA PHE A 155 12.20 -1.23 12.21
C PHE A 155 10.76 -1.65 12.03
N ILE A 156 10.55 -2.96 11.89
CA ILE A 156 9.21 -3.54 11.76
C ILE A 156 8.33 -3.13 12.95
N ALA A 157 8.89 -3.18 14.15
CA ALA A 157 8.19 -2.78 15.38
C ALA A 157 7.76 -1.31 15.30
N LEU A 158 8.64 -0.46 14.79
CA LEU A 158 8.32 0.94 14.59
C LEU A 158 7.24 1.12 13.53
N HIS A 159 7.22 0.27 12.56
CA HIS A 159 6.16 0.30 11.57
C HIS A 159 4.84 -0.15 12.18
N ILE A 160 4.92 -1.14 13.07
CA ILE A 160 3.75 -1.66 13.78
C ILE A 160 3.08 -0.56 14.60
N VAL A 161 3.88 0.21 15.35
CA VAL A 161 3.33 1.26 16.19
C VAL A 161 2.73 2.40 15.36
N ASN A 162 3.20 2.55 14.13
CA ASN A 162 2.66 3.54 13.21
C ASN A 162 1.36 3.12 12.61
N ALA A 163 1.23 1.84 12.32
CA ALA A 163 0.04 1.31 11.71
C ALA A 163 -1.02 0.99 12.73
N GLU A 164 -0.63 0.97 13.97
CA GLU A 164 -1.53 0.76 15.08
C GLU A 164 -2.49 1.94 15.16
N LEU A 165 -3.76 1.66 15.40
CA LEU A 165 -4.70 2.70 15.66
C LEU A 165 -4.42 3.23 17.03
N ASN A 166 -4.09 4.50 17.04
CA ASN A 166 -3.63 5.22 18.23
C ASN A 166 -4.52 4.98 19.43
N GLU A 167 -4.01 4.21 20.36
CA GLU A 167 -4.65 3.88 21.61
C GLU A 167 -3.64 3.11 22.43
N LEU A 168 -3.69 3.27 23.73
CA LEU A 168 -2.73 2.66 24.62
C LEU A 168 -3.04 1.17 24.79
N GLN A 169 -2.00 0.36 24.92
CA GLN A 169 -2.20 -1.04 25.18
C GLN A 169 -2.41 -1.25 26.67
N MET B 1 3.79 -7.58 -21.67
CA MET B 1 2.51 -7.93 -21.04
C MET B 1 1.60 -8.43 -22.11
N LYS B 2 0.53 -9.05 -21.76
CA LYS B 2 -0.34 -9.62 -22.77
C LYS B 2 -1.78 -9.57 -22.37
N ILE B 3 -2.62 -9.62 -23.36
CA ILE B 3 -4.04 -9.68 -23.21
C ILE B 3 -4.43 -11.14 -23.13
N ALA B 4 -5.21 -11.48 -22.15
CA ALA B 4 -5.63 -12.85 -21.96
C ALA B 4 -7.13 -13.01 -22.17
N LYS B 5 -7.89 -11.96 -21.90
CA LYS B 5 -9.32 -12.06 -22.01
C LYS B 5 -9.89 -10.81 -22.61
N VAL B 6 -10.94 -10.93 -23.38
CA VAL B 6 -11.55 -9.80 -24.03
C VAL B 6 -13.01 -9.73 -23.66
N ILE B 7 -13.40 -8.65 -23.04
CA ILE B 7 -14.78 -8.48 -22.65
C ILE B 7 -15.52 -7.76 -23.79
N ASN B 8 -14.81 -6.86 -24.43
CA ASN B 8 -15.29 -6.12 -25.59
C ASN B 8 -14.11 -5.42 -26.19
N ASN B 9 -14.31 -4.66 -27.23
CA ASN B 9 -13.21 -3.99 -27.93
C ASN B 9 -12.57 -2.89 -27.12
N ASN B 10 -13.30 -2.32 -26.21
CA ASN B 10 -12.79 -1.20 -25.43
C ASN B 10 -12.33 -1.66 -24.05
N VAL B 11 -12.80 -2.81 -23.62
CA VAL B 11 -12.43 -3.29 -22.32
C VAL B 11 -11.87 -4.70 -22.45
N ILE B 12 -10.67 -4.87 -22.01
CA ILE B 12 -9.97 -6.13 -22.11
C ILE B 12 -9.34 -6.55 -20.79
N SER B 13 -8.89 -7.74 -20.75
CA SER B 13 -8.33 -8.36 -19.60
C SER B 13 -6.93 -8.81 -19.91
N VAL B 14 -5.99 -8.32 -19.17
CA VAL B 14 -4.61 -8.62 -19.38
C VAL B 14 -4.04 -9.26 -18.14
N VAL B 15 -2.88 -9.83 -18.25
CA VAL B 15 -2.22 -10.43 -17.12
C VAL B 15 -0.82 -9.85 -17.03
N ASN B 16 -0.49 -9.27 -15.90
CA ASN B 16 0.85 -8.73 -15.69
C ASN B 16 1.77 -9.79 -15.07
N GLU B 17 3.06 -9.48 -14.93
CA GLU B 17 4.12 -10.42 -14.49
C GLU B 17 3.82 -11.13 -13.17
N GLN B 18 3.14 -10.45 -12.27
CA GLN B 18 2.85 -11.01 -10.95
C GLN B 18 1.59 -11.88 -10.96
N GLY B 19 1.12 -12.20 -12.14
CA GLY B 19 0.04 -13.17 -12.30
C GLY B 19 -1.29 -12.63 -11.92
N LYS B 20 -1.45 -11.34 -12.04
CA LYS B 20 -2.68 -10.74 -11.76
C LYS B 20 -3.36 -10.36 -13.02
N GLU B 21 -4.63 -10.54 -13.03
CA GLU B 21 -5.47 -10.18 -14.13
C GLU B 21 -5.79 -8.70 -13.96
N LEU B 22 -5.80 -7.98 -15.02
CA LEU B 22 -6.08 -6.59 -14.99
C LEU B 22 -7.14 -6.30 -16.04
N VAL B 23 -8.08 -5.48 -15.71
CA VAL B 23 -9.10 -5.07 -16.63
C VAL B 23 -8.74 -3.69 -17.11
N VAL B 24 -8.50 -3.56 -18.36
CA VAL B 24 -8.08 -2.30 -18.88
C VAL B 24 -9.15 -1.77 -19.81
N MET B 25 -9.44 -0.50 -19.66
CA MET B 25 -10.42 0.16 -20.48
C MET B 25 -9.72 1.17 -21.36
N GLY B 26 -10.04 1.15 -22.61
CA GLY B 26 -9.50 2.08 -23.52
C GLY B 26 -10.14 1.95 -24.85
N ARG B 27 -10.24 3.05 -25.49
CA ARG B 27 -10.91 3.18 -26.77
C ARG B 27 -10.20 2.37 -27.86
N GLY B 28 -10.79 1.24 -28.20
CA GLY B 28 -10.27 0.37 -29.21
C GLY B 28 -9.01 -0.35 -28.78
N LEU B 29 -9.02 -0.89 -27.57
CA LEU B 29 -7.89 -1.65 -27.05
C LEU B 29 -7.76 -2.99 -27.73
N ALA B 30 -8.89 -3.61 -28.01
CA ALA B 30 -8.87 -4.89 -28.69
C ALA B 30 -8.69 -4.71 -30.18
N PHE B 31 -8.92 -3.50 -30.63
CA PHE B 31 -8.73 -3.16 -32.02
C PHE B 31 -7.24 -3.17 -32.31
N GLN B 32 -6.85 -4.02 -33.26
CA GLN B 32 -5.47 -4.22 -33.70
C GLN B 32 -4.74 -5.06 -32.64
N LYS B 33 -5.51 -5.71 -31.83
CA LYS B 33 -5.02 -6.56 -30.75
C LYS B 33 -5.77 -7.88 -30.74
N LYS B 34 -5.31 -8.79 -29.91
CA LYS B 34 -5.90 -10.10 -29.74
C LYS B 34 -5.38 -10.66 -28.45
N SER B 35 -5.91 -11.78 -28.01
CA SER B 35 -5.41 -12.41 -26.83
C SER B 35 -4.05 -13.02 -27.16
N GLY B 36 -3.05 -12.65 -26.40
CA GLY B 36 -1.71 -13.10 -26.66
C GLY B 36 -0.82 -11.98 -27.14
N ASP B 37 -1.43 -10.87 -27.45
CA ASP B 37 -0.71 -9.70 -27.94
C ASP B 37 -0.44 -8.75 -26.78
N ASP B 38 0.54 -7.88 -26.94
CA ASP B 38 0.93 -6.95 -25.88
C ASP B 38 -0.08 -5.81 -25.80
N VAL B 39 -0.17 -5.21 -24.66
CA VAL B 39 -1.13 -4.20 -24.39
C VAL B 39 -0.58 -2.82 -24.74
N ASP B 40 -1.12 -2.21 -25.77
CA ASP B 40 -0.72 -0.88 -26.17
C ASP B 40 -1.17 0.13 -25.11
N GLU B 41 -0.21 0.76 -24.48
CA GLU B 41 -0.46 1.61 -23.33
C GLU B 41 -1.06 2.96 -23.68
N ALA B 42 -0.86 3.40 -24.92
CA ALA B 42 -1.36 4.69 -25.36
C ALA B 42 -2.89 4.66 -25.48
N ARG B 43 -3.43 3.50 -25.81
CA ARG B 43 -4.88 3.32 -25.90
C ARG B 43 -5.51 3.15 -24.51
N ILE B 44 -4.68 2.96 -23.52
CA ILE B 44 -5.13 2.77 -22.17
C ILE B 44 -5.62 4.06 -21.57
N GLU B 45 -6.86 4.06 -21.19
CA GLU B 45 -7.44 5.16 -20.49
C GLU B 45 -7.34 4.86 -19.02
N LYS B 46 -7.81 3.68 -18.64
CA LYS B 46 -7.89 3.27 -17.24
C LYS B 46 -7.50 1.81 -17.12
N VAL B 47 -6.90 1.47 -16.03
CA VAL B 47 -6.56 0.10 -15.74
C VAL B 47 -7.23 -0.25 -14.42
N PHE B 48 -7.60 -1.47 -14.23
CA PHE B 48 -8.11 -1.95 -12.99
C PHE B 48 -7.35 -3.20 -12.65
N THR B 49 -6.84 -3.28 -11.48
CA THR B 49 -6.04 -4.41 -11.04
C THR B 49 -6.89 -5.35 -10.18
N LEU B 50 -6.61 -6.64 -10.28
CA LEU B 50 -7.38 -7.66 -9.59
C LEU B 50 -7.15 -7.68 -8.09
N ASP B 51 -8.24 -7.57 -7.42
CA ASP B 51 -8.36 -7.77 -6.00
C ASP B 51 -8.85 -9.18 -5.82
N ASN B 52 -8.07 -9.98 -5.17
CA ASN B 52 -8.48 -11.29 -4.91
C ASN B 52 -9.03 -11.37 -3.50
N LYS B 53 -10.34 -11.29 -3.41
CA LYS B 53 -11.12 -11.23 -2.15
C LYS B 53 -10.73 -12.31 -1.14
N ASP B 54 -10.19 -13.36 -1.64
CA ASP B 54 -9.83 -14.50 -0.86
C ASP B 54 -8.52 -14.31 -0.13
N VAL B 55 -7.58 -13.72 -0.80
CA VAL B 55 -6.27 -13.54 -0.23
C VAL B 55 -6.11 -12.13 0.28
N SER B 56 -6.71 -11.20 -0.40
CA SER B 56 -6.60 -9.81 -0.08
C SER B 56 -7.84 -9.28 0.62
N GLU B 57 -7.90 -9.47 1.92
CA GLU B 57 -8.96 -8.91 2.69
C GLU B 57 -8.61 -7.49 3.12
N LYS B 58 -7.44 -7.35 3.68
CA LYS B 58 -6.99 -6.12 4.26
C LYS B 58 -6.45 -5.21 3.19
N PHE B 59 -5.91 -5.81 2.16
CA PHE B 59 -5.46 -5.10 0.97
C PHE B 59 -6.64 -4.40 0.30
N LYS B 60 -7.82 -4.95 0.51
CA LYS B 60 -9.05 -4.45 -0.05
C LYS B 60 -9.52 -3.18 0.68
N THR B 61 -9.48 -3.21 2.00
CA THR B 61 -9.98 -2.11 2.80
C THR B 61 -9.20 -0.81 2.60
N LEU B 62 -7.94 -0.93 2.22
CA LEU B 62 -7.13 0.23 1.87
C LEU B 62 -7.70 0.93 0.66
N LEU B 63 -7.82 0.19 -0.41
CA LEU B 63 -8.17 0.72 -1.71
C LEU B 63 -9.58 1.31 -1.75
N TYR B 64 -10.44 0.87 -0.86
CA TYR B 64 -11.75 1.49 -0.75
C TYR B 64 -11.63 2.88 -0.14
N ASP B 65 -10.84 2.96 0.92
CA ASP B 65 -10.80 4.13 1.80
C ASP B 65 -9.71 5.13 1.49
N ILE B 66 -9.07 5.00 0.37
CA ILE B 66 -8.04 5.96 -0.01
C ILE B 66 -8.68 7.11 -0.83
N PRO B 67 -8.79 8.33 -0.24
CA PRO B 67 -9.37 9.50 -0.91
C PRO B 67 -8.42 10.10 -1.97
N ILE B 68 -8.98 10.87 -2.90
CA ILE B 68 -8.23 11.43 -4.02
C ILE B 68 -7.13 12.42 -3.57
N GLU B 69 -7.48 13.36 -2.70
CA GLU B 69 -6.54 14.40 -2.27
C GLU B 69 -5.36 13.78 -1.55
N CYS B 70 -5.64 12.91 -0.59
CA CYS B 70 -4.58 12.28 0.18
C CYS B 70 -3.68 11.42 -0.69
N MET B 71 -4.26 10.83 -1.72
CA MET B 71 -3.54 9.99 -2.62
C MET B 71 -2.60 10.81 -3.46
N GLU B 72 -3.12 11.92 -3.97
CA GLU B 72 -2.33 12.79 -4.82
C GLU B 72 -1.23 13.45 -4.00
N VAL B 73 -1.56 13.85 -2.79
CA VAL B 73 -0.60 14.48 -1.91
C VAL B 73 0.51 13.52 -1.54
N SER B 74 0.16 12.28 -1.23
CA SER B 74 1.15 11.33 -0.82
C SER B 74 2.08 10.97 -1.98
N GLU B 75 1.54 10.89 -3.19
CA GLU B 75 2.38 10.62 -4.32
C GLU B 75 3.30 11.81 -4.60
N GLU B 76 2.78 12.99 -4.34
CA GLU B 76 3.48 14.24 -4.53
C GLU B 76 4.60 14.40 -3.49
N ILE B 77 4.32 13.98 -2.25
CA ILE B 77 5.29 14.01 -1.15
C ILE B 77 6.55 13.27 -1.52
N ILE B 78 6.38 12.08 -2.05
CA ILE B 78 7.53 11.28 -2.37
C ILE B 78 8.16 11.75 -3.67
N SER B 79 7.40 12.41 -4.49
CA SER B 79 7.91 13.02 -5.69
C SER B 79 8.86 14.15 -5.26
N TYR B 80 8.44 14.92 -4.26
CA TYR B 80 9.24 16.00 -3.72
C TYR B 80 10.47 15.42 -3.04
N ALA B 81 10.26 14.35 -2.28
CA ALA B 81 11.34 13.69 -1.56
C ALA B 81 12.39 13.13 -2.51
N LYS B 82 11.92 12.55 -3.60
CA LYS B 82 12.79 11.99 -4.60
C LYS B 82 13.59 13.10 -5.28
N LEU B 83 12.95 14.23 -5.48
CA LEU B 83 13.60 15.40 -6.05
C LEU B 83 14.68 15.95 -5.10
N GLN B 84 14.40 15.91 -3.80
CA GLN B 84 15.32 16.43 -2.80
C GLN B 84 16.52 15.50 -2.61
N LEU B 85 16.25 14.21 -2.49
CA LEU B 85 17.29 13.24 -2.23
C LEU B 85 18.03 12.83 -3.49
N GLY B 86 17.34 12.77 -4.60
CA GLY B 86 17.95 12.36 -5.86
C GLY B 86 17.92 10.85 -6.02
N LYS B 87 17.44 10.21 -4.99
CA LYS B 87 17.37 8.77 -4.91
C LYS B 87 15.93 8.37 -5.04
N LYS B 88 15.69 7.17 -5.47
CA LYS B 88 14.34 6.68 -5.58
C LYS B 88 13.93 6.01 -4.29
N LEU B 89 12.69 6.21 -3.93
CA LEU B 89 12.13 5.60 -2.77
C LEU B 89 11.10 4.59 -3.22
N ASN B 90 11.06 3.45 -2.57
CA ASN B 90 10.17 2.36 -2.95
C ASN B 90 8.73 2.77 -2.77
N ASP B 91 7.94 2.38 -3.72
CA ASP B 91 6.54 2.74 -3.84
C ASP B 91 5.65 2.27 -2.70
N SER B 92 6.15 1.43 -1.84
CA SER B 92 5.39 1.00 -0.68
C SER B 92 5.13 2.19 0.27
N ILE B 93 5.99 3.20 0.16
CA ILE B 93 5.88 4.40 0.98
C ILE B 93 4.62 5.20 0.57
N TYR B 94 4.16 5.01 -0.65
CA TYR B 94 3.00 5.71 -1.16
C TYR B 94 1.75 5.23 -0.46
N VAL B 95 1.61 3.93 -0.36
CA VAL B 95 0.43 3.37 0.31
C VAL B 95 0.49 3.58 1.84
N SER B 96 1.67 3.61 2.37
CA SER B 96 1.78 3.82 3.78
C SER B 96 1.57 5.29 4.17
N LEU B 97 2.04 6.21 3.35
CA LEU B 97 1.86 7.62 3.65
C LEU B 97 0.45 8.10 3.35
N THR B 98 -0.22 7.49 2.38
CA THR B 98 -1.62 7.84 2.13
C THR B 98 -2.46 7.57 3.35
N ASN B 99 -2.23 6.44 3.96
CA ASN B 99 -2.99 6.11 5.12
C ASN B 99 -2.43 6.86 6.31
N HIS B 100 -1.14 7.17 6.28
CA HIS B 100 -0.51 7.92 7.36
C HIS B 100 -1.09 9.33 7.39
N ILE B 101 -1.32 9.92 6.21
CA ILE B 101 -1.94 11.24 6.13
C ILE B 101 -3.39 11.16 6.60
N ASN B 102 -4.07 10.09 6.21
CA ASN B 102 -5.45 9.84 6.62
C ASN B 102 -5.53 9.66 8.14
N PHE B 103 -4.56 8.96 8.68
CA PHE B 103 -4.43 8.82 10.12
C PHE B 103 -4.04 10.11 10.77
N ALA B 104 -3.17 10.86 10.13
CA ALA B 104 -2.74 12.15 10.64
C ALA B 104 -3.92 13.08 10.80
N ILE B 105 -4.83 13.05 9.83
CA ILE B 105 -6.05 13.82 9.91
C ILE B 105 -6.89 13.33 11.08
N GLN B 106 -7.02 12.01 11.20
CA GLN B 106 -7.79 11.39 12.29
C GLN B 106 -7.18 11.76 13.65
N ARG B 107 -5.86 11.73 13.72
CA ARG B 107 -5.12 12.10 14.91
C ARG B 107 -5.34 13.58 15.20
N ASN B 108 -5.26 14.38 14.16
CA ASN B 108 -5.44 15.84 14.23
C ASN B 108 -6.79 16.24 14.79
N GLN B 109 -7.83 15.50 14.39
CA GLN B 109 -9.20 15.78 14.80
C GLN B 109 -9.34 15.80 16.31
N LYS B 110 -8.71 14.85 16.97
CA LYS B 110 -8.82 14.74 18.40
C LYS B 110 -7.64 15.40 19.11
N GLY B 111 -6.61 15.66 18.38
CA GLY B 111 -5.38 16.16 18.97
C GLY B 111 -4.64 15.00 19.58
N LEU B 112 -4.73 13.90 18.88
CA LEU B 112 -4.14 12.67 19.27
C LEU B 112 -2.82 12.57 18.53
N ASP B 113 -1.84 11.96 19.15
CA ASP B 113 -0.52 11.89 18.59
C ASP B 113 0.03 10.50 18.81
N ILE B 114 1.14 10.26 18.18
CA ILE B 114 2.00 9.17 18.54
C ILE B 114 3.32 9.79 18.89
N LYS B 115 3.62 9.81 20.15
CA LYS B 115 4.80 10.50 20.60
C LYS B 115 5.98 9.54 20.43
N ASN B 116 7.03 10.05 19.87
CA ASN B 116 8.17 9.26 19.52
C ASN B 116 9.19 9.36 20.64
N ALA B 117 9.43 8.27 21.32
CA ALA B 117 10.37 8.27 22.46
C ALA B 117 11.81 8.06 22.03
N LEU B 118 12.01 8.00 20.76
CA LEU B 118 13.32 7.85 20.17
C LEU B 118 13.61 9.07 19.32
N LEU B 119 12.74 10.07 19.45
CA LEU B 119 12.74 11.26 18.60
C LEU B 119 14.05 12.01 18.64
N TRP B 120 14.48 12.33 19.84
CA TRP B 120 15.66 13.18 19.98
C TRP B 120 16.90 12.54 19.41
N GLU B 121 17.00 11.24 19.60
CA GLU B 121 18.11 10.48 19.09
C GLU B 121 17.99 10.38 17.55
N THR B 122 16.79 10.02 17.08
CA THR B 122 16.50 9.84 15.66
C THR B 122 16.79 11.10 14.85
N LYS B 123 16.36 12.25 15.37
CA LYS B 123 16.50 13.52 14.65
C LYS B 123 17.97 13.86 14.35
N ARG B 124 18.87 13.45 15.23
CA ARG B 124 20.29 13.68 14.98
C ARG B 124 20.92 12.55 14.16
N LEU B 125 20.43 11.33 14.31
CA LEU B 125 20.94 10.17 13.56
C LEU B 125 20.53 10.26 12.09
N TYR B 126 19.31 10.63 11.88
CA TYR B 126 18.72 10.68 10.58
C TYR B 126 18.35 12.12 10.33
N LYS B 127 19.31 12.90 9.93
CA LYS B 127 19.11 14.31 9.71
C LYS B 127 18.43 14.57 8.37
N ASP B 128 19.06 14.12 7.29
CA ASP B 128 18.61 14.41 5.92
C ASP B 128 17.20 13.97 5.67
N GLU B 129 16.93 12.72 5.96
CA GLU B 129 15.63 12.15 5.74
C GLU B 129 14.56 12.81 6.62
N PHE B 130 14.95 13.22 7.82
CA PHE B 130 14.03 13.90 8.70
C PHE B 130 13.74 15.30 8.16
N ALA B 131 14.79 15.97 7.69
CA ALA B 131 14.67 17.30 7.14
C ALA B 131 13.79 17.30 5.90
N ILE B 132 13.97 16.28 5.06
CA ILE B 132 13.18 16.15 3.86
C ILE B 132 11.73 15.85 4.23
N GLY B 133 11.55 15.03 5.26
CA GLY B 133 10.23 14.74 5.77
C GLY B 133 9.56 16.01 6.26
N LYS B 134 10.32 16.84 6.95
CA LYS B 134 9.83 18.12 7.44
C LYS B 134 9.54 19.10 6.32
N GLU B 135 10.37 19.08 5.29
CA GLU B 135 10.23 19.98 4.15
C GLU B 135 8.99 19.59 3.36
N ALA B 136 8.76 18.30 3.25
CA ALA B 136 7.57 17.81 2.62
C ALA B 136 6.37 18.16 3.47
N LEU B 137 6.55 18.07 4.79
CA LEU B 137 5.54 18.41 5.76
C LEU B 137 5.17 19.89 5.68
N VAL B 138 6.14 20.73 5.33
CA VAL B 138 5.87 22.15 5.10
C VAL B 138 4.88 22.27 3.96
N MET B 139 5.16 21.56 2.89
CA MET B 139 4.27 21.53 1.73
C MET B 139 2.90 20.93 2.11
N VAL B 140 2.92 19.90 2.94
CA VAL B 140 1.70 19.26 3.43
C VAL B 140 0.88 20.24 4.27
N LYS B 141 1.51 21.00 5.14
CA LYS B 141 0.78 21.92 5.98
C LYS B 141 0.22 23.06 5.17
N ASN B 142 0.88 23.41 4.08
CA ASN B 142 0.34 24.43 3.17
C ASN B 142 -0.88 23.89 2.43
N LYS B 143 -0.82 22.63 2.08
CA LYS B 143 -1.92 21.95 1.40
C LYS B 143 -3.14 21.74 2.29
N THR B 144 -2.92 21.29 3.50
CA THR B 144 -4.01 20.88 4.35
C THR B 144 -4.33 21.85 5.48
N GLY B 145 -3.32 22.50 5.97
CA GLY B 145 -3.48 23.32 7.13
C GLY B 145 -3.24 22.51 8.40
N VAL B 146 -2.82 21.27 8.23
CA VAL B 146 -2.55 20.39 9.34
C VAL B 146 -1.05 20.33 9.59
N SER B 147 -0.65 20.65 10.78
CA SER B 147 0.73 20.63 11.17
C SER B 147 1.00 19.40 12.03
N LEU B 148 1.97 18.61 11.64
CA LEU B 148 2.31 17.42 12.39
C LEU B 148 3.53 17.67 13.28
N PRO B 149 3.47 17.24 14.55
CA PRO B 149 4.60 17.32 15.50
C PRO B 149 5.84 16.58 15.00
N GLU B 150 6.96 16.82 15.66
CA GLU B 150 8.24 16.23 15.29
C GLU B 150 8.19 14.70 15.41
N ASP B 151 7.38 14.23 16.34
CA ASP B 151 7.21 12.82 16.62
C ASP B 151 6.77 12.06 15.42
N GLU B 152 5.65 12.48 14.85
CA GLU B 152 5.06 11.87 13.65
C GLU B 152 6.12 11.88 12.53
N ALA B 153 6.77 13.03 12.37
CA ALA B 153 7.79 13.23 11.35
C ALA B 153 8.98 12.29 11.54
N GLY B 154 9.30 12.01 12.80
CA GLY B 154 10.35 11.07 13.11
C GLY B 154 9.99 9.68 12.66
N PHE B 155 8.74 9.32 12.84
CA PHE B 155 8.27 8.03 12.36
C PHE B 155 8.27 8.01 10.84
N ILE B 156 7.94 9.15 10.25
CA ILE B 156 8.01 9.31 8.81
C ILE B 156 9.46 9.08 8.32
N ALA B 157 10.43 9.61 9.07
CA ALA B 157 11.85 9.40 8.77
C ALA B 157 12.20 7.92 8.79
N LEU B 158 11.68 7.19 9.77
CA LEU B 158 11.86 5.72 9.83
C LEU B 158 11.24 5.05 8.60
N HIS B 159 10.16 5.59 8.13
CA HIS B 159 9.54 5.07 6.91
C HIS B 159 10.41 5.36 5.71
N ILE B 160 10.98 6.55 5.67
CA ILE B 160 11.83 6.97 4.56
C ILE B 160 13.06 6.08 4.45
N VAL B 161 13.70 5.76 5.57
CA VAL B 161 14.89 4.95 5.54
C VAL B 161 14.61 3.50 5.14
N ASN B 162 13.42 3.04 5.45
CA ASN B 162 13.03 1.70 5.05
C ASN B 162 12.58 1.64 3.60
N ALA B 163 11.98 2.71 3.14
CA ALA B 163 11.52 2.80 1.76
C ALA B 163 12.66 3.15 0.83
N GLU B 164 13.73 3.67 1.39
CA GLU B 164 14.91 4.02 0.64
C GLU B 164 15.50 2.79 -0.03
N LEU B 165 15.71 2.88 -1.33
CA LEU B 165 16.39 1.80 -2.04
C LEU B 165 17.79 1.66 -1.50
N ASN B 166 18.28 0.45 -1.49
CA ASN B 166 19.52 0.16 -0.83
C ASN B 166 20.75 0.58 -1.62
N GLU B 167 20.97 1.85 -1.53
CA GLU B 167 22.08 2.56 -2.10
C GLU B 167 22.48 3.58 -1.04
N LEU B 168 23.72 3.98 -1.03
CA LEU B 168 24.26 4.80 0.04
C LEU B 168 24.09 6.30 -0.22
N GLN B 169 23.93 7.05 0.86
CA GLN B 169 23.99 8.49 0.85
C GLN B 169 24.60 8.96 2.17
N MET A 1 -21.38 1.11 -1.99
CA MET A 1 -21.08 1.49 -3.37
C MET A 1 -22.30 1.27 -4.26
N LYS A 2 -22.22 1.71 -5.49
CA LYS A 2 -23.33 1.59 -6.42
C LYS A 2 -22.81 1.15 -7.76
N ILE A 3 -23.66 0.59 -8.54
CA ILE A 3 -23.33 0.15 -9.88
C ILE A 3 -23.49 1.32 -10.80
N ALA A 4 -22.49 1.57 -11.58
CA ALA A 4 -22.51 2.66 -12.50
C ALA A 4 -22.67 2.12 -13.92
N LYS A 5 -21.87 1.14 -14.27
CA LYS A 5 -21.90 0.57 -15.57
C LYS A 5 -22.00 -0.93 -15.51
N VAL A 6 -22.49 -1.51 -16.56
CA VAL A 6 -22.63 -2.93 -16.70
C VAL A 6 -21.96 -3.35 -18.00
N ILE A 7 -20.89 -4.11 -17.88
CA ILE A 7 -20.19 -4.57 -19.05
C ILE A 7 -20.82 -5.87 -19.53
N ASN A 8 -21.20 -6.69 -18.59
CA ASN A 8 -21.86 -7.95 -18.86
C ASN A 8 -22.45 -8.44 -17.57
N ASN A 9 -23.01 -9.62 -17.58
CA ASN A 9 -23.66 -10.16 -16.39
C ASN A 9 -22.72 -10.36 -15.22
N ASN A 10 -21.52 -10.81 -15.47
CA ASN A 10 -20.55 -11.03 -14.41
C ASN A 10 -19.70 -9.82 -14.11
N VAL A 11 -19.53 -8.96 -15.06
CA VAL A 11 -18.63 -7.85 -14.88
C VAL A 11 -19.39 -6.54 -14.85
N ILE A 12 -19.23 -5.80 -13.78
CA ILE A 12 -19.88 -4.53 -13.62
C ILE A 12 -18.89 -3.47 -13.17
N SER A 13 -19.22 -2.26 -13.46
CA SER A 13 -18.47 -1.11 -13.10
C SER A 13 -19.22 -0.39 -12.01
N VAL A 14 -18.65 -0.28 -10.87
CA VAL A 14 -19.29 0.34 -9.75
C VAL A 14 -18.51 1.56 -9.30
N VAL A 15 -19.14 2.44 -8.59
CA VAL A 15 -18.49 3.63 -8.06
C VAL A 15 -18.75 3.66 -6.58
N ASN A 16 -17.72 3.92 -5.81
CA ASN A 16 -17.83 3.94 -4.38
C ASN A 16 -17.87 5.38 -3.84
N GLU A 17 -17.86 5.52 -2.52
CA GLU A 17 -17.93 6.81 -1.81
C GLU A 17 -16.71 7.65 -2.19
N GLN A 18 -15.58 7.00 -2.24
CA GLN A 18 -14.31 7.64 -2.52
C GLN A 18 -14.19 8.10 -3.99
N GLY A 19 -15.10 7.62 -4.83
CA GLY A 19 -15.17 8.11 -6.19
C GLY A 19 -14.37 7.31 -7.19
N LYS A 20 -13.99 6.12 -6.84
CA LYS A 20 -13.30 5.29 -7.78
C LYS A 20 -14.26 4.33 -8.38
N GLU A 21 -14.04 4.06 -9.62
CA GLU A 21 -14.79 3.05 -10.27
C GLU A 21 -14.08 1.75 -9.99
N LEU A 22 -14.81 0.76 -9.69
CA LEU A 22 -14.27 -0.51 -9.44
C LEU A 22 -14.94 -1.46 -10.36
N VAL A 23 -14.20 -2.30 -10.97
CA VAL A 23 -14.76 -3.30 -11.82
C VAL A 23 -14.86 -4.55 -11.01
N VAL A 24 -16.05 -4.89 -10.69
CA VAL A 24 -16.28 -6.01 -9.86
C VAL A 24 -16.76 -7.14 -10.73
N MET A 25 -16.12 -8.25 -10.59
CA MET A 25 -16.46 -9.40 -11.36
C MET A 25 -16.96 -10.46 -10.44
N GLY A 26 -18.14 -10.91 -10.71
CA GLY A 26 -18.73 -11.94 -9.95
C GLY A 26 -19.81 -12.60 -10.71
N ARG A 27 -20.10 -13.79 -10.34
CA ARG A 27 -21.04 -14.62 -11.05
C ARG A 27 -22.45 -14.07 -11.02
N GLY A 28 -22.87 -13.55 -12.16
CA GLY A 28 -24.19 -13.04 -12.33
C GLY A 28 -24.46 -11.79 -11.52
N LEU A 29 -23.45 -10.97 -11.33
CA LEU A 29 -23.60 -9.71 -10.60
C LEU A 29 -24.68 -8.81 -11.15
N ALA A 30 -24.70 -8.65 -12.45
CA ALA A 30 -25.65 -7.77 -13.08
C ALA A 30 -27.00 -8.42 -13.31
N PHE A 31 -27.07 -9.71 -13.06
CA PHE A 31 -28.34 -10.44 -13.16
C PHE A 31 -29.35 -9.86 -12.20
N GLN A 32 -30.31 -9.13 -12.75
CA GLN A 32 -31.38 -8.49 -12.00
C GLN A 32 -30.84 -7.49 -10.97
N LYS A 33 -29.76 -6.84 -11.33
CA LYS A 33 -29.18 -5.77 -10.57
C LYS A 33 -28.95 -4.65 -11.57
N LYS A 34 -28.88 -3.42 -11.15
CA LYS A 34 -28.83 -2.32 -12.12
C LYS A 34 -27.98 -1.16 -11.67
N SER A 35 -27.83 -0.19 -12.55
CA SER A 35 -27.07 1.01 -12.29
C SER A 35 -27.86 1.88 -11.31
N GLY A 36 -27.18 2.38 -10.29
CA GLY A 36 -27.83 3.20 -9.30
C GLY A 36 -28.37 2.38 -8.18
N ASP A 37 -28.16 1.10 -8.28
CA ASP A 37 -28.56 0.15 -7.29
C ASP A 37 -27.32 -0.30 -6.55
N ASP A 38 -27.49 -0.83 -5.37
CA ASP A 38 -26.38 -1.20 -4.52
C ASP A 38 -25.86 -2.58 -4.95
N VAL A 39 -24.59 -2.83 -4.73
CA VAL A 39 -23.91 -4.01 -5.22
C VAL A 39 -24.08 -5.21 -4.29
N ASP A 40 -24.30 -6.38 -4.88
CA ASP A 40 -24.39 -7.63 -4.14
C ASP A 40 -23.00 -8.13 -3.83
N GLU A 41 -22.77 -8.52 -2.62
CA GLU A 41 -21.45 -8.92 -2.18
C GLU A 41 -21.19 -10.42 -2.39
N ALA A 42 -22.21 -11.24 -2.22
CA ALA A 42 -22.02 -12.69 -2.27
C ALA A 42 -21.73 -13.19 -3.67
N ARG A 43 -22.16 -12.43 -4.67
CA ARG A 43 -21.86 -12.78 -6.05
C ARG A 43 -20.43 -12.40 -6.43
N ILE A 44 -19.82 -11.49 -5.67
CA ILE A 44 -18.47 -10.97 -5.95
C ILE A 44 -17.42 -12.06 -5.85
N GLU A 45 -16.69 -12.23 -6.92
CA GLU A 45 -15.56 -13.11 -6.92
C GLU A 45 -14.30 -12.27 -6.67
N LYS A 46 -14.19 -11.18 -7.41
CA LYS A 46 -13.02 -10.31 -7.31
C LYS A 46 -13.32 -8.89 -7.74
N VAL A 47 -12.43 -7.97 -7.37
CA VAL A 47 -12.60 -6.55 -7.59
C VAL A 47 -11.37 -5.98 -8.27
N PHE A 48 -11.57 -5.05 -9.17
CA PHE A 48 -10.50 -4.31 -9.78
C PHE A 48 -10.70 -2.82 -9.44
N THR A 49 -9.66 -2.14 -9.08
CA THR A 49 -9.73 -0.72 -8.74
C THR A 49 -9.27 0.14 -9.90
N LEU A 50 -9.97 1.26 -10.13
CA LEU A 50 -9.59 2.18 -11.16
C LEU A 50 -8.43 3.04 -10.73
N ASP A 51 -7.34 2.86 -11.39
CA ASP A 51 -6.19 3.63 -11.18
C ASP A 51 -5.63 4.04 -12.52
N ASN A 52 -5.71 5.31 -12.78
CA ASN A 52 -5.30 5.87 -14.01
C ASN A 52 -3.84 6.07 -13.93
N LYS A 53 -3.14 5.74 -14.97
CA LYS A 53 -1.69 5.88 -15.02
C LYS A 53 -1.25 7.33 -14.88
N ASP A 54 -2.17 8.22 -15.13
CA ASP A 54 -1.96 9.66 -15.00
C ASP A 54 -1.90 10.08 -13.54
N VAL A 55 -2.83 9.57 -12.78
CA VAL A 55 -2.92 9.91 -11.39
C VAL A 55 -2.02 9.01 -10.58
N SER A 56 -2.03 7.76 -10.93
CA SER A 56 -1.31 6.76 -10.23
C SER A 56 -0.09 6.32 -11.05
N GLU A 57 1.05 6.87 -10.75
CA GLU A 57 2.25 6.48 -11.42
C GLU A 57 2.76 5.25 -10.71
N LYS A 58 3.03 5.45 -9.47
CA LYS A 58 3.56 4.44 -8.63
C LYS A 58 2.50 3.55 -8.07
N PHE A 59 1.33 4.11 -7.82
CA PHE A 59 0.22 3.34 -7.26
C PHE A 59 -0.20 2.16 -8.14
N LYS A 60 0.00 2.26 -9.45
CA LYS A 60 -0.31 1.16 -10.31
C LYS A 60 0.73 0.04 -10.16
N THR A 61 1.99 0.41 -10.13
CA THR A 61 3.06 -0.54 -10.04
C THR A 61 3.20 -1.19 -8.67
N LEU A 62 2.61 -0.57 -7.66
CA LEU A 62 2.60 -1.14 -6.30
C LEU A 62 1.92 -2.50 -6.32
N LEU A 63 0.84 -2.61 -7.07
CA LEU A 63 0.13 -3.85 -7.18
C LEU A 63 0.70 -4.69 -8.30
N TYR A 64 1.46 -4.09 -9.19
CA TYR A 64 2.10 -4.83 -10.25
C TYR A 64 3.29 -5.64 -9.75
N ASP A 65 3.96 -5.16 -8.72
CA ASP A 65 5.15 -5.85 -8.21
C ASP A 65 4.87 -6.75 -7.03
N ILE A 66 3.61 -6.93 -6.73
CA ILE A 66 3.25 -7.77 -5.60
C ILE A 66 2.49 -9.01 -6.06
N PRO A 67 3.12 -10.19 -5.94
CA PRO A 67 2.50 -11.45 -6.28
C PRO A 67 1.57 -11.93 -5.16
N ILE A 68 0.67 -12.83 -5.52
CA ILE A 68 -0.34 -13.37 -4.60
C ILE A 68 0.30 -14.01 -3.33
N GLU A 69 1.48 -14.59 -3.51
CA GLU A 69 2.19 -15.26 -2.44
C GLU A 69 2.52 -14.29 -1.32
N CYS A 70 3.23 -13.22 -1.66
CA CYS A 70 3.65 -12.23 -0.68
C CYS A 70 2.44 -11.57 -0.07
N MET A 71 1.41 -11.44 -0.88
CA MET A 71 0.18 -10.81 -0.46
C MET A 71 -0.53 -11.64 0.60
N GLU A 72 -0.55 -12.96 0.44
CA GLU A 72 -1.20 -13.79 1.42
C GLU A 72 -0.36 -13.82 2.68
N VAL A 73 0.93 -13.94 2.50
CA VAL A 73 1.86 -14.07 3.59
C VAL A 73 1.86 -12.83 4.45
N SER A 74 1.82 -11.67 3.83
CA SER A 74 1.89 -10.45 4.58
C SER A 74 0.61 -10.25 5.37
N GLU A 75 -0.56 -10.53 4.76
CA GLU A 75 -1.76 -10.23 5.49
C GLU A 75 -1.96 -11.24 6.63
N GLU A 76 -1.50 -12.46 6.40
CA GLU A 76 -1.59 -13.52 7.39
C GLU A 76 -0.71 -13.25 8.60
N ILE A 77 0.53 -12.88 8.37
CA ILE A 77 1.45 -12.72 9.48
C ILE A 77 1.12 -11.47 10.28
N ILE A 78 0.62 -10.48 9.61
CA ILE A 78 0.23 -9.28 10.30
C ILE A 78 -1.13 -9.51 10.95
N SER A 79 -1.89 -10.45 10.41
CA SER A 79 -3.14 -10.86 11.00
C SER A 79 -2.85 -11.45 12.37
N TYR A 80 -1.79 -12.28 12.45
CA TYR A 80 -1.35 -12.84 13.74
C TYR A 80 -1.00 -11.72 14.68
N ALA A 81 -0.23 -10.78 14.17
CA ALA A 81 0.21 -9.64 14.96
C ALA A 81 -0.97 -8.85 15.53
N LYS A 82 -1.96 -8.60 14.70
CA LYS A 82 -3.10 -7.83 15.13
C LYS A 82 -4.03 -8.67 16.01
N LEU A 83 -4.02 -9.97 15.77
CA LEU A 83 -4.79 -10.91 16.57
C LEU A 83 -4.23 -10.95 17.99
N GLN A 84 -2.92 -10.86 18.12
CA GLN A 84 -2.30 -10.85 19.43
C GLN A 84 -2.61 -9.57 20.17
N LEU A 85 -2.69 -8.48 19.43
CA LEU A 85 -3.02 -7.19 20.01
C LEU A 85 -4.50 -7.04 20.28
N GLY A 86 -5.30 -7.83 19.58
CA GLY A 86 -6.74 -7.80 19.73
C GLY A 86 -7.34 -6.64 18.99
N LYS A 87 -6.57 -6.09 18.11
CA LYS A 87 -6.93 -4.92 17.36
C LYS A 87 -6.82 -5.22 15.89
N LYS A 88 -7.26 -4.33 15.07
CA LYS A 88 -6.95 -4.38 13.69
C LYS A 88 -6.06 -3.20 13.44
N LEU A 89 -5.08 -3.34 12.63
CA LEU A 89 -4.11 -2.28 12.50
C LEU A 89 -4.44 -1.39 11.33
N ASN A 90 -3.69 -0.31 11.23
CA ASN A 90 -3.75 0.57 10.09
C ASN A 90 -3.46 -0.25 8.85
N ASP A 91 -4.42 -0.27 7.95
CA ASP A 91 -4.46 -1.21 6.80
C ASP A 91 -3.30 -1.08 5.85
N SER A 92 -2.60 0.01 5.95
CA SER A 92 -1.44 0.20 5.13
C SER A 92 -0.32 -0.71 5.51
N ILE A 93 -0.25 -1.09 6.81
CA ILE A 93 0.88 -1.90 7.28
C ILE A 93 0.95 -3.23 6.53
N TYR A 94 -0.20 -3.74 6.14
CA TYR A 94 -0.31 -5.00 5.46
C TYR A 94 0.26 -4.88 4.06
N VAL A 95 -0.08 -3.80 3.41
CA VAL A 95 0.36 -3.56 2.05
C VAL A 95 1.76 -2.91 2.01
N SER A 96 2.15 -2.26 3.08
CA SER A 96 3.45 -1.72 3.16
C SER A 96 4.44 -2.82 3.45
N LEU A 97 4.02 -3.84 4.20
CA LEU A 97 4.93 -4.91 4.52
C LEU A 97 5.15 -5.85 3.37
N THR A 98 4.23 -5.94 2.42
CA THR A 98 4.50 -6.68 1.21
C THR A 98 5.66 -6.06 0.48
N ASN A 99 5.60 -4.75 0.35
CA ASN A 99 6.66 -4.02 -0.32
C ASN A 99 7.93 -4.06 0.50
N HIS A 100 7.79 -3.92 1.80
CA HIS A 100 8.93 -3.95 2.70
C HIS A 100 9.59 -5.31 2.70
N ILE A 101 8.81 -6.38 2.79
CA ILE A 101 9.37 -7.70 2.86
C ILE A 101 9.97 -8.08 1.52
N ASN A 102 9.33 -7.65 0.45
CA ASN A 102 9.84 -7.91 -0.91
C ASN A 102 11.18 -7.22 -1.08
N PHE A 103 11.24 -5.96 -0.70
CA PHE A 103 12.45 -5.19 -0.83
C PHE A 103 13.52 -5.66 0.11
N ALA A 104 13.11 -6.14 1.27
CA ALA A 104 14.02 -6.68 2.23
C ALA A 104 14.60 -7.97 1.72
N ILE A 105 13.77 -8.85 1.18
CA ILE A 105 14.24 -10.13 0.64
C ILE A 105 15.17 -9.88 -0.53
N GLN A 106 14.79 -8.96 -1.39
CA GLN A 106 15.56 -8.61 -2.59
C GLN A 106 16.94 -8.06 -2.21
N ARG A 107 17.00 -7.38 -1.10
CA ARG A 107 18.23 -6.84 -0.60
C ARG A 107 18.99 -7.90 0.19
N ASN A 108 18.24 -8.76 0.86
CA ASN A 108 18.77 -9.85 1.66
C ASN A 108 19.44 -10.89 0.76
N GLN A 109 18.98 -11.01 -0.50
CA GLN A 109 19.61 -11.89 -1.51
C GLN A 109 21.07 -11.45 -1.68
N LYS A 110 21.27 -10.14 -1.63
CA LYS A 110 22.55 -9.52 -1.82
C LYS A 110 23.25 -9.32 -0.47
N GLY A 111 22.61 -9.80 0.58
CA GLY A 111 23.15 -9.70 1.92
C GLY A 111 23.12 -8.30 2.47
N LEU A 112 22.22 -7.49 1.99
CA LEU A 112 22.12 -6.14 2.46
C LEU A 112 20.91 -5.98 3.37
N ASP A 113 21.17 -6.10 4.64
CA ASP A 113 20.17 -5.92 5.68
C ASP A 113 20.52 -4.60 6.30
N ILE A 114 19.59 -3.88 6.83
CA ILE A 114 19.95 -2.63 7.45
C ILE A 114 20.09 -2.79 8.95
N LYS A 115 20.74 -1.85 9.57
CA LYS A 115 20.98 -1.92 10.99
C LYS A 115 20.30 -0.75 11.67
N ASN A 116 19.78 -0.99 12.84
CA ASN A 116 19.07 0.01 13.57
C ASN A 116 19.95 0.53 14.68
N ALA A 117 20.37 1.76 14.58
CA ALA A 117 21.24 2.36 15.59
C ALA A 117 20.44 2.86 16.77
N LEU A 118 19.17 2.58 16.75
CA LEU A 118 18.27 2.90 17.82
C LEU A 118 17.87 1.61 18.51
N LEU A 119 18.54 0.52 18.13
CA LEU A 119 18.16 -0.83 18.55
C LEU A 119 18.07 -1.00 20.06
N TRP A 120 18.98 -0.38 20.78
CA TRP A 120 19.01 -0.54 22.23
C TRP A 120 17.88 0.24 22.88
N GLU A 121 17.51 1.31 22.25
CA GLU A 121 16.40 2.15 22.65
C GLU A 121 15.10 1.48 22.31
N THR A 122 15.06 0.91 21.14
CA THR A 122 13.92 0.16 20.67
C THR A 122 13.65 -1.02 21.63
N LYS A 123 14.72 -1.74 22.02
CA LYS A 123 14.64 -2.85 22.99
C LYS A 123 14.20 -2.35 24.37
N ARG A 124 14.39 -1.07 24.61
CA ARG A 124 14.07 -0.48 25.88
C ARG A 124 12.61 -0.08 25.94
N LEU A 125 12.19 0.68 24.96
CA LEU A 125 10.89 1.30 24.96
C LEU A 125 9.82 0.42 24.33
N TYR A 126 10.18 -0.33 23.33
CA TYR A 126 9.24 -1.10 22.60
C TYR A 126 9.41 -2.54 22.93
N LYS A 127 8.81 -2.88 24.01
CA LYS A 127 8.82 -4.22 24.53
C LYS A 127 7.76 -5.11 23.85
N ASP A 128 6.51 -4.72 23.95
CA ASP A 128 5.41 -5.58 23.58
C ASP A 128 5.26 -5.69 22.09
N GLU A 129 5.32 -4.57 21.44
CA GLU A 129 5.17 -4.51 20.01
C GLU A 129 6.38 -5.12 19.30
N PHE A 130 7.54 -5.04 19.95
CA PHE A 130 8.72 -5.65 19.40
C PHE A 130 8.56 -7.15 19.50
N ALA A 131 8.09 -7.62 20.65
CA ALA A 131 7.87 -9.05 20.87
C ALA A 131 6.92 -9.62 19.82
N ILE A 132 5.86 -8.88 19.52
CA ILE A 132 4.91 -9.26 18.49
C ILE A 132 5.59 -9.27 17.10
N GLY A 133 6.39 -8.24 16.85
CA GLY A 133 7.08 -8.13 15.58
C GLY A 133 8.16 -9.18 15.41
N LYS A 134 8.81 -9.50 16.50
CA LYS A 134 9.86 -10.49 16.53
C LYS A 134 9.22 -11.88 16.32
N GLU A 135 8.05 -12.07 16.90
CA GLU A 135 7.32 -13.32 16.76
C GLU A 135 6.84 -13.47 15.31
N ALA A 136 6.43 -12.35 14.74
CA ALA A 136 6.04 -12.30 13.35
C ALA A 136 7.25 -12.65 12.49
N LEU A 137 8.40 -12.08 12.86
CA LEU A 137 9.68 -12.36 12.19
C LEU A 137 10.01 -13.85 12.22
N VAL A 138 9.76 -14.49 13.36
CA VAL A 138 9.96 -15.92 13.49
C VAL A 138 9.08 -16.68 12.50
N MET A 139 7.84 -16.25 12.39
CA MET A 139 6.90 -16.87 11.46
C MET A 139 7.32 -16.61 10.00
N VAL A 140 7.86 -15.42 9.75
CA VAL A 140 8.36 -15.05 8.43
C VAL A 140 9.51 -15.97 8.04
N LYS A 141 10.47 -16.12 8.94
CA LYS A 141 11.66 -16.89 8.65
C LYS A 141 11.32 -18.36 8.52
N ASN A 142 10.27 -18.78 9.19
CA ASN A 142 9.83 -20.16 9.09
C ASN A 142 9.27 -20.46 7.73
N LYS A 143 8.47 -19.57 7.17
CA LYS A 143 7.89 -19.89 5.87
C LYS A 143 8.66 -19.36 4.66
N THR A 144 9.60 -18.47 4.86
CA THR A 144 10.36 -17.98 3.73
C THR A 144 11.80 -18.49 3.77
N GLY A 145 12.31 -18.67 4.95
CA GLY A 145 13.67 -19.05 5.14
C GLY A 145 14.55 -17.86 5.42
N VAL A 146 14.06 -16.69 5.04
CA VAL A 146 14.79 -15.45 5.17
C VAL A 146 14.73 -14.98 6.61
N SER A 147 15.87 -14.85 7.22
CA SER A 147 15.93 -14.43 8.58
C SER A 147 16.50 -13.01 8.64
N LEU A 148 15.70 -12.09 9.12
CA LEU A 148 16.10 -10.71 9.23
C LEU A 148 16.61 -10.44 10.64
N PRO A 149 17.58 -9.53 10.80
CA PRO A 149 18.13 -9.19 12.12
C PRO A 149 17.13 -8.43 13.02
N GLU A 150 17.47 -8.32 14.31
CA GLU A 150 16.65 -7.61 15.32
C GLU A 150 16.45 -6.16 14.91
N ASP A 151 17.39 -5.65 14.14
CA ASP A 151 17.38 -4.29 13.60
C ASP A 151 16.13 -4.08 12.80
N GLU A 152 15.89 -4.95 11.84
CA GLU A 152 14.74 -4.87 10.96
C GLU A 152 13.46 -4.98 11.78
N ALA A 153 13.50 -5.89 12.77
CA ALA A 153 12.36 -6.11 13.66
C ALA A 153 12.05 -4.85 14.46
N GLY A 154 13.08 -4.08 14.79
CA GLY A 154 12.91 -2.83 15.48
C GLY A 154 12.19 -1.84 14.63
N PHE A 155 12.58 -1.78 13.37
CA PHE A 155 11.90 -0.90 12.42
C PHE A 155 10.46 -1.35 12.23
N ILE A 156 10.24 -2.66 12.21
CA ILE A 156 8.91 -3.22 12.12
C ILE A 156 8.08 -2.79 13.34
N ALA A 157 8.69 -2.82 14.52
CA ALA A 157 8.04 -2.40 15.76
C ALA A 157 7.58 -0.93 15.66
N LEU A 158 8.43 -0.08 15.08
CA LEU A 158 8.06 1.33 14.84
C LEU A 158 6.88 1.43 13.88
N HIS A 159 6.87 0.60 12.88
CA HIS A 159 5.76 0.55 11.95
C HIS A 159 4.49 0.04 12.65
N ILE A 160 4.67 -0.87 13.59
CA ILE A 160 3.57 -1.40 14.37
C ILE A 160 2.96 -0.34 15.28
N VAL A 161 3.78 0.50 15.90
CA VAL A 161 3.26 1.50 16.79
C VAL A 161 2.47 2.58 16.05
N ASN A 162 2.88 2.90 14.83
CA ASN A 162 2.11 3.86 14.04
C ASN A 162 0.89 3.20 13.43
N ALA A 163 0.93 1.89 13.31
CA ALA A 163 -0.20 1.15 12.81
C ALA A 163 -1.17 0.79 13.93
N GLU A 164 -0.71 0.91 15.17
CA GLU A 164 -1.50 0.61 16.34
C GLU A 164 -2.44 1.74 16.56
N LEU A 165 -3.63 1.54 16.12
CA LEU A 165 -4.66 2.45 16.28
C LEU A 165 -5.85 1.71 16.78
N ASN A 166 -6.54 2.32 17.68
CA ASN A 166 -7.75 1.74 18.21
C ASN A 166 -8.86 1.87 17.22
N GLU A 167 -9.01 0.85 16.46
CA GLU A 167 -9.97 0.76 15.42
C GLU A 167 -10.35 -0.71 15.28
N LEU A 168 -11.62 -0.98 15.10
CA LEU A 168 -12.11 -2.32 14.90
C LEU A 168 -13.13 -2.32 13.79
N GLN A 169 -12.99 -3.24 12.88
CA GLN A 169 -13.89 -3.38 11.77
C GLN A 169 -13.86 -4.84 11.36
N MET B 1 3.89 -8.49 -19.97
CA MET B 1 2.48 -8.89 -19.87
C MET B 1 1.91 -9.14 -21.26
N LYS B 2 0.66 -9.53 -21.32
CA LYS B 2 -0.02 -9.83 -22.57
C LYS B 2 -1.48 -9.53 -22.36
N ILE B 3 -2.19 -9.45 -23.44
CA ILE B 3 -3.62 -9.38 -23.39
C ILE B 3 -4.08 -10.79 -23.23
N ALA B 4 -4.85 -11.05 -22.21
CA ALA B 4 -5.26 -12.39 -21.91
C ALA B 4 -6.74 -12.58 -22.19
N LYS B 5 -7.51 -11.55 -21.94
CA LYS B 5 -8.93 -11.62 -22.08
C LYS B 5 -9.42 -10.34 -22.74
N VAL B 6 -10.40 -10.44 -23.58
CA VAL B 6 -10.97 -9.30 -24.25
C VAL B 6 -12.46 -9.33 -24.06
N ILE B 7 -12.98 -8.31 -23.43
CA ILE B 7 -14.39 -8.27 -23.20
C ILE B 7 -15.04 -7.54 -24.37
N ASN B 8 -14.39 -6.48 -24.77
CA ASN B 8 -14.81 -5.68 -25.90
C ASN B 8 -13.59 -4.96 -26.41
N ASN B 9 -13.73 -4.19 -27.46
CA ASN B 9 -12.55 -3.56 -28.05
C ASN B 9 -11.98 -2.40 -27.25
N ASN B 10 -12.74 -1.87 -26.30
CA ASN B 10 -12.24 -0.78 -25.49
C ASN B 10 -11.75 -1.24 -24.13
N VAL B 11 -12.27 -2.37 -23.70
CA VAL B 11 -11.93 -2.90 -22.40
C VAL B 11 -11.25 -4.27 -22.58
N ILE B 12 -10.06 -4.38 -22.08
CA ILE B 12 -9.29 -5.60 -22.20
C ILE B 12 -8.82 -6.06 -20.84
N SER B 13 -8.42 -7.28 -20.78
CA SER B 13 -7.97 -7.92 -19.61
C SER B 13 -6.57 -8.45 -19.87
N VAL B 14 -5.64 -7.96 -19.13
CA VAL B 14 -4.27 -8.37 -19.27
C VAL B 14 -3.83 -9.00 -17.95
N VAL B 15 -2.80 -9.78 -17.96
CA VAL B 15 -2.30 -10.39 -16.74
C VAL B 15 -0.84 -10.07 -16.61
N ASN B 16 -0.43 -9.58 -15.45
CA ASN B 16 0.95 -9.23 -15.23
C ASN B 16 1.72 -10.44 -14.73
N GLU B 17 3.02 -10.31 -14.66
CA GLU B 17 3.93 -11.38 -14.27
C GLU B 17 3.64 -11.85 -12.82
N GLN B 18 3.16 -10.95 -12.01
CA GLN B 18 2.90 -11.22 -10.60
C GLN B 18 1.57 -11.95 -10.36
N GLY B 19 0.78 -12.13 -11.39
CA GLY B 19 -0.40 -12.94 -11.28
C GLY B 19 -1.68 -12.20 -11.06
N LYS B 20 -1.73 -10.95 -11.41
CA LYS B 20 -2.92 -10.20 -11.28
C LYS B 20 -3.42 -9.77 -12.63
N GLU B 21 -4.70 -9.83 -12.77
CA GLU B 21 -5.38 -9.46 -13.96
C GLU B 21 -5.62 -7.96 -13.90
N LEU B 22 -5.58 -7.33 -15.00
CA LEU B 22 -5.79 -5.92 -15.06
C LEU B 22 -6.78 -5.66 -16.16
N VAL B 23 -7.70 -4.83 -15.89
CA VAL B 23 -8.70 -4.46 -16.85
C VAL B 23 -8.34 -3.08 -17.35
N VAL B 24 -7.91 -3.01 -18.55
CA VAL B 24 -7.45 -1.78 -19.10
C VAL B 24 -8.52 -1.25 -20.01
N MET B 25 -8.89 -0.03 -19.78
CA MET B 25 -9.87 0.61 -20.57
C MET B 25 -9.24 1.73 -21.35
N GLY B 26 -9.49 1.71 -22.59
CA GLY B 26 -8.99 2.69 -23.46
C GLY B 26 -9.90 2.83 -24.59
N ARG B 27 -9.46 3.45 -25.61
CA ARG B 27 -10.27 3.61 -26.75
C ARG B 27 -9.69 2.78 -27.87
N GLY B 28 -10.42 1.76 -28.25
CA GLY B 28 -10.02 0.86 -29.31
C GLY B 28 -8.74 0.10 -29.01
N LEU B 29 -8.58 -0.30 -27.76
CA LEU B 29 -7.40 -1.06 -27.30
C LEU B 29 -7.26 -2.40 -27.98
N ALA B 30 -8.35 -3.10 -28.12
CA ALA B 30 -8.30 -4.43 -28.70
C ALA B 30 -8.43 -4.38 -30.19
N PHE B 31 -8.56 -3.21 -30.73
CA PHE B 31 -8.67 -3.05 -32.14
C PHE B 31 -7.30 -3.29 -32.77
N GLN B 32 -7.24 -4.31 -33.64
CA GLN B 32 -6.02 -4.77 -34.32
C GLN B 32 -5.09 -5.52 -33.38
N LYS B 33 -5.66 -5.98 -32.29
CA LYS B 33 -4.97 -6.74 -31.29
C LYS B 33 -5.86 -7.85 -30.77
N LYS B 34 -5.27 -8.75 -30.01
CA LYS B 34 -5.99 -9.88 -29.46
C LYS B 34 -5.19 -10.48 -28.33
N SER B 35 -5.75 -11.49 -27.72
CA SER B 35 -5.12 -12.21 -26.65
C SER B 35 -3.84 -12.88 -27.18
N GLY B 36 -2.76 -12.73 -26.44
CA GLY B 36 -1.50 -13.31 -26.82
C GLY B 36 -0.55 -12.29 -27.37
N ASP B 37 -1.06 -11.10 -27.55
CA ASP B 37 -0.29 -10.01 -28.02
C ASP B 37 -0.04 -9.08 -26.86
N ASP B 38 0.94 -8.24 -26.98
CA ASP B 38 1.31 -7.34 -25.90
C ASP B 38 0.39 -6.12 -25.89
N VAL B 39 0.32 -5.47 -24.76
CA VAL B 39 -0.58 -4.39 -24.49
C VAL B 39 -0.15 -3.10 -25.20
N ASP B 40 -1.13 -2.36 -25.71
CA ASP B 40 -0.91 -1.12 -26.40
C ASP B 40 -0.89 0.02 -25.40
N GLU B 41 0.25 0.58 -25.18
CA GLU B 41 0.46 1.63 -24.17
C GLU B 41 -0.21 2.96 -24.54
N ALA B 42 -0.22 3.29 -25.82
CA ALA B 42 -0.73 4.57 -26.28
C ALA B 42 -2.24 4.67 -26.13
N ARG B 43 -2.92 3.58 -26.29
CA ARG B 43 -4.37 3.57 -26.14
C ARG B 43 -4.83 3.32 -24.71
N ILE B 44 -3.88 3.09 -23.80
CA ILE B 44 -4.19 2.93 -22.38
C ILE B 44 -4.61 4.27 -21.83
N GLU B 45 -5.85 4.39 -21.51
CA GLU B 45 -6.34 5.58 -20.91
C GLU B 45 -6.34 5.41 -19.42
N LYS B 46 -6.88 4.30 -18.96
CA LYS B 46 -6.98 4.00 -17.55
C LYS B 46 -6.92 2.53 -17.31
N VAL B 47 -6.51 2.16 -16.13
CA VAL B 47 -6.31 0.78 -15.78
C VAL B 47 -7.09 0.45 -14.51
N PHE B 48 -7.63 -0.71 -14.48
CA PHE B 48 -8.22 -1.25 -13.31
C PHE B 48 -7.36 -2.42 -12.88
N THR B 49 -6.86 -2.37 -11.72
CA THR B 49 -5.99 -3.39 -11.22
C THR B 49 -6.70 -4.28 -10.20
N LEU B 50 -6.53 -5.59 -10.37
CA LEU B 50 -7.21 -6.61 -9.58
C LEU B 50 -6.76 -6.69 -8.13
N ASP B 51 -7.67 -7.05 -7.29
CA ASP B 51 -7.37 -7.45 -5.96
C ASP B 51 -8.29 -8.61 -5.62
N ASN B 52 -7.82 -9.55 -4.86
CA ASN B 52 -8.59 -10.75 -4.60
C ASN B 52 -9.19 -10.64 -3.22
N LYS B 53 -10.50 -10.40 -3.17
CA LYS B 53 -11.22 -10.14 -1.90
C LYS B 53 -11.16 -11.29 -0.89
N ASP B 54 -10.75 -12.44 -1.35
CA ASP B 54 -10.65 -13.62 -0.52
C ASP B 54 -9.38 -13.58 0.28
N VAL B 55 -8.32 -13.31 -0.41
CA VAL B 55 -7.01 -13.26 0.16
C VAL B 55 -6.78 -11.90 0.80
N SER B 56 -7.22 -10.90 0.12
CA SER B 56 -7.03 -9.55 0.49
C SER B 56 -8.22 -8.99 1.27
N GLU B 57 -8.15 -9.00 2.57
CA GLU B 57 -9.16 -8.38 3.35
C GLU B 57 -8.81 -6.89 3.50
N LYS B 58 -7.59 -6.65 3.93
CA LYS B 58 -7.08 -5.35 4.24
C LYS B 58 -6.53 -4.67 2.99
N PHE B 59 -5.93 -5.46 2.12
CA PHE B 59 -5.38 -4.95 0.87
C PHE B 59 -6.42 -4.17 0.05
N LYS B 60 -7.60 -4.75 -0.12
CA LYS B 60 -8.66 -4.10 -0.87
C LYS B 60 -9.20 -2.86 -0.17
N THR B 61 -9.18 -2.84 1.17
CA THR B 61 -9.75 -1.72 1.89
C THR B 61 -9.02 -0.40 1.65
N LEU B 62 -7.77 -0.47 1.21
CA LEU B 62 -7.05 0.73 0.89
C LEU B 62 -7.59 1.32 -0.39
N LEU B 63 -7.81 0.46 -1.34
CA LEU B 63 -8.27 0.85 -2.65
C LEU B 63 -9.68 1.40 -2.55
N TYR B 64 -10.44 0.82 -1.63
CA TYR B 64 -11.78 1.27 -1.34
C TYR B 64 -11.83 2.57 -0.54
N ASP B 65 -11.03 2.68 0.51
CA ASP B 65 -11.26 3.76 1.47
C ASP B 65 -10.24 4.89 1.43
N ILE B 66 -9.27 4.76 0.60
CA ILE B 66 -8.26 5.81 0.46
C ILE B 66 -8.63 6.76 -0.66
N PRO B 67 -8.84 8.05 -0.34
CA PRO B 67 -9.22 9.06 -1.34
C PRO B 67 -8.10 9.37 -2.32
N ILE B 68 -8.48 9.58 -3.57
CA ILE B 68 -7.56 9.91 -4.65
C ILE B 68 -6.75 11.18 -4.33
N GLU B 69 -7.36 12.11 -3.60
CA GLU B 69 -6.72 13.34 -3.20
C GLU B 69 -5.51 13.04 -2.32
N CYS B 70 -5.69 12.20 -1.31
CA CYS B 70 -4.61 11.82 -0.42
C CYS B 70 -3.58 10.98 -1.17
N MET B 71 -4.08 10.17 -2.08
CA MET B 71 -3.24 9.29 -2.88
C MET B 71 -2.29 10.09 -3.75
N GLU B 72 -2.81 11.13 -4.35
CA GLU B 72 -2.02 11.99 -5.20
C GLU B 72 -0.98 12.74 -4.38
N VAL B 73 -1.40 13.21 -3.20
CA VAL B 73 -0.49 13.94 -2.31
C VAL B 73 0.66 13.05 -1.87
N SER B 74 0.34 11.84 -1.51
CA SER B 74 1.34 10.92 -1.02
C SER B 74 2.33 10.55 -2.10
N GLU B 75 1.86 10.35 -3.33
CA GLU B 75 2.77 9.98 -4.39
C GLU B 75 3.70 11.18 -4.67
N GLU B 76 3.13 12.37 -4.58
CA GLU B 76 3.82 13.62 -4.78
C GLU B 76 4.89 13.85 -3.71
N ILE B 77 4.62 13.41 -2.48
CA ILE B 77 5.59 13.52 -1.39
C ILE B 77 6.85 12.73 -1.74
N ILE B 78 6.68 11.54 -2.30
CA ILE B 78 7.85 10.78 -2.68
C ILE B 78 8.45 11.36 -3.98
N SER B 79 7.63 12.01 -4.78
CA SER B 79 8.12 12.71 -5.97
C SER B 79 9.10 13.82 -5.51
N TYR B 80 8.79 14.45 -4.39
CA TYR B 80 9.65 15.46 -3.81
C TYR B 80 10.90 14.79 -3.24
N ALA B 81 10.69 13.64 -2.62
CA ALA B 81 11.78 12.87 -2.04
C ALA B 81 12.78 12.41 -3.11
N LYS B 82 12.28 11.94 -4.26
CA LYS B 82 13.16 11.48 -5.32
C LYS B 82 13.86 12.67 -5.97
N LEU B 83 13.20 13.81 -5.97
CA LEU B 83 13.78 15.03 -6.49
C LEU B 83 15.01 15.39 -5.67
N GLN B 84 14.85 15.33 -4.36
CA GLN B 84 15.92 15.63 -3.44
C GLN B 84 17.03 14.58 -3.47
N LEU B 85 16.64 13.33 -3.25
CA LEU B 85 17.57 12.22 -3.11
C LEU B 85 18.18 11.79 -4.43
N GLY B 86 17.40 11.83 -5.49
CA GLY B 86 17.89 11.45 -6.80
C GLY B 86 17.59 10.01 -7.14
N LYS B 87 16.94 9.30 -6.23
CA LYS B 87 16.60 7.89 -6.42
C LYS B 87 15.22 7.62 -5.84
N LYS B 88 14.56 6.58 -6.32
CA LYS B 88 13.27 6.20 -5.79
C LYS B 88 13.44 5.32 -4.55
N LEU B 89 12.48 5.40 -3.67
CA LEU B 89 12.54 4.71 -2.41
C LEU B 89 11.72 3.44 -2.43
N ASN B 90 11.74 2.73 -1.32
CA ASN B 90 10.95 1.51 -1.13
C ASN B 90 9.49 1.85 -1.33
N ASP B 91 8.81 1.04 -2.09
CA ASP B 91 7.41 1.28 -2.45
C ASP B 91 6.45 1.17 -1.28
N SER B 92 6.95 0.81 -0.13
CA SER B 92 6.17 0.73 1.06
C SER B 92 5.72 2.14 1.50
N ILE B 93 6.60 3.12 1.29
CA ILE B 93 6.39 4.50 1.76
C ILE B 93 5.18 5.18 1.10
N TYR B 94 4.85 4.78 -0.11
CA TYR B 94 3.71 5.37 -0.84
C TYR B 94 2.42 4.92 -0.19
N VAL B 95 2.42 3.68 0.20
CA VAL B 95 1.24 3.09 0.76
C VAL B 95 1.10 3.50 2.23
N SER B 96 2.21 3.67 2.89
CA SER B 96 2.17 4.05 4.25
C SER B 96 1.80 5.49 4.40
N LEU B 97 2.27 6.37 3.51
CA LEU B 97 1.96 7.78 3.65
C LEU B 97 0.52 8.10 3.31
N THR B 98 -0.09 7.35 2.40
CA THR B 98 -1.49 7.57 2.08
C THR B 98 -2.35 7.30 3.28
N ASN B 99 -2.04 6.23 3.96
CA ASN B 99 -2.80 5.88 5.10
C ASN B 99 -2.36 6.65 6.28
N HIS B 100 -1.11 7.04 6.30
CA HIS B 100 -0.60 7.84 7.38
C HIS B 100 -1.30 9.17 7.36
N ILE B 101 -1.44 9.77 6.19
CA ILE B 101 -2.08 11.07 6.13
C ILE B 101 -3.57 10.96 6.49
N ASN B 102 -4.21 9.93 5.99
CA ASN B 102 -5.64 9.76 6.23
C ASN B 102 -5.92 9.35 7.67
N PHE B 103 -5.09 8.50 8.20
CA PHE B 103 -5.31 8.02 9.54
C PHE B 103 -4.80 9.00 10.55
N ALA B 104 -3.74 9.72 10.23
CA ALA B 104 -3.21 10.67 11.17
C ALA B 104 -4.06 11.88 11.23
N ILE B 105 -4.62 12.32 10.09
CA ILE B 105 -5.45 13.50 10.15
C ILE B 105 -6.69 13.25 10.99
N GLN B 106 -7.37 12.14 10.77
CA GLN B 106 -8.60 11.92 11.49
C GLN B 106 -8.35 11.55 12.95
N ARG B 107 -7.22 10.91 13.21
CA ARG B 107 -6.92 10.51 14.55
C ARG B 107 -6.37 11.70 15.35
N ASN B 108 -5.63 12.59 14.68
CA ASN B 108 -5.04 13.74 15.36
C ASN B 108 -6.11 14.76 15.72
N GLN B 109 -7.18 14.82 14.92
CA GLN B 109 -8.29 15.75 15.20
C GLN B 109 -9.06 15.32 16.45
N LYS B 110 -8.79 14.12 16.94
CA LYS B 110 -9.42 13.59 18.13
C LYS B 110 -8.66 14.08 19.38
N GLY B 111 -7.63 14.86 19.16
CA GLY B 111 -6.81 15.32 20.24
C GLY B 111 -5.80 14.27 20.61
N LEU B 112 -5.31 13.60 19.61
CA LEU B 112 -4.32 12.57 19.79
C LEU B 112 -3.08 12.88 19.00
N ASP B 113 -2.02 13.16 19.70
CA ASP B 113 -0.72 13.40 19.11
C ASP B 113 0.22 12.41 19.76
N ILE B 114 1.06 11.75 19.02
CA ILE B 114 1.96 10.82 19.64
C ILE B 114 3.39 11.37 19.64
N LYS B 115 4.07 11.19 20.74
CA LYS B 115 5.40 11.70 20.88
C LYS B 115 6.41 10.62 20.52
N ASN B 116 7.47 11.00 19.89
CA ASN B 116 8.48 10.09 19.44
C ASN B 116 9.65 10.16 20.40
N ALA B 117 9.87 9.11 21.16
CA ALA B 117 10.93 9.11 22.16
C ALA B 117 12.29 8.78 21.57
N LEU B 118 12.32 8.61 20.30
CA LEU B 118 13.53 8.32 19.57
C LEU B 118 13.85 9.49 18.64
N LEU B 119 13.01 10.54 18.73
CA LEU B 119 13.03 11.70 17.84
C LEU B 119 14.41 12.30 17.74
N TRP B 120 14.93 12.66 18.88
CA TRP B 120 16.20 13.33 18.96
C TRP B 120 17.34 12.44 18.54
N GLU B 121 17.29 11.18 18.94
CA GLU B 121 18.35 10.25 18.65
C GLU B 121 18.40 9.98 17.13
N THR B 122 17.23 9.86 16.54
CA THR B 122 17.09 9.67 15.09
C THR B 122 17.67 10.89 14.36
N LYS B 123 17.51 12.06 14.94
CA LYS B 123 17.99 13.31 14.38
C LYS B 123 19.54 13.32 14.27
N ARG B 124 20.21 12.54 15.11
CA ARG B 124 21.65 12.41 15.00
C ARG B 124 22.06 11.33 14.01
N LEU B 125 21.43 10.18 14.14
CA LEU B 125 21.85 8.99 13.42
C LEU B 125 21.28 8.89 12.00
N TYR B 126 20.07 9.36 11.80
CA TYR B 126 19.39 9.28 10.51
C TYR B 126 18.97 10.70 10.12
N LYS B 127 19.93 11.60 10.25
CA LYS B 127 19.77 13.04 10.10
C LYS B 127 19.11 13.45 8.78
N ASP B 128 19.58 12.89 7.69
CA ASP B 128 19.09 13.30 6.37
C ASP B 128 17.69 12.83 6.11
N GLU B 129 17.41 11.60 6.48
CA GLU B 129 16.08 11.04 6.34
C GLU B 129 15.10 11.80 7.22
N PHE B 130 15.58 12.23 8.39
CA PHE B 130 14.79 13.03 9.29
C PHE B 130 14.46 14.39 8.66
N ALA B 131 15.45 14.97 7.99
CA ALA B 131 15.27 16.24 7.31
C ALA B 131 14.19 16.13 6.24
N ILE B 132 14.22 15.03 5.48
CA ILE B 132 13.22 14.77 4.44
C ILE B 132 11.83 14.62 5.09
N GLY B 133 11.79 13.93 6.22
CA GLY B 133 10.55 13.73 6.94
C GLY B 133 9.96 15.03 7.46
N LYS B 134 10.81 15.90 7.95
CA LYS B 134 10.39 17.18 8.49
C LYS B 134 9.94 18.08 7.33
N GLU B 135 10.67 18.01 6.23
CA GLU B 135 10.35 18.80 5.04
C GLU B 135 9.00 18.32 4.46
N ALA B 136 8.77 17.01 4.54
CA ALA B 136 7.51 16.43 4.13
C ALA B 136 6.39 16.91 5.04
N LEU B 137 6.68 16.98 6.34
CA LEU B 137 5.73 17.49 7.33
C LEU B 137 5.31 18.91 6.95
N VAL B 138 6.29 19.73 6.62
CA VAL B 138 6.06 21.11 6.21
C VAL B 138 5.16 21.18 4.98
N MET B 139 5.37 20.28 4.09
CA MET B 139 4.58 20.18 2.89
C MET B 139 3.15 19.76 3.21
N VAL B 140 3.01 18.80 4.08
CA VAL B 140 1.71 18.30 4.47
C VAL B 140 0.92 19.37 5.21
N LYS B 141 1.56 20.04 6.14
CA LYS B 141 0.88 21.01 6.96
C LYS B 141 0.42 22.20 6.14
N ASN B 142 1.19 22.55 5.11
CA ASN B 142 0.84 23.70 4.32
C ASN B 142 -0.26 23.41 3.34
N LYS B 143 -0.38 22.18 2.86
CA LYS B 143 -1.47 21.92 1.95
C LYS B 143 -2.72 21.31 2.59
N THR B 144 -2.63 20.87 3.82
CA THR B 144 -3.80 20.34 4.48
C THR B 144 -4.34 21.31 5.52
N GLY B 145 -3.44 22.05 6.12
CA GLY B 145 -3.78 22.93 7.19
C GLY B 145 -3.66 22.24 8.53
N VAL B 146 -3.48 20.94 8.49
CA VAL B 146 -3.38 20.13 9.66
C VAL B 146 -1.93 20.07 10.07
N SER B 147 -1.64 20.57 11.23
CA SER B 147 -0.30 20.61 11.70
C SER B 147 -0.04 19.45 12.64
N LEU B 148 1.01 18.72 12.38
CA LEU B 148 1.40 17.60 13.19
C LEU B 148 2.75 17.92 13.84
N PRO B 149 2.98 17.47 15.08
CA PRO B 149 4.23 17.73 15.79
C PRO B 149 5.45 17.08 15.11
N GLU B 150 6.64 17.49 15.55
CA GLU B 150 7.92 16.99 14.97
C GLU B 150 8.02 15.49 15.21
N ASP B 151 7.38 15.04 16.27
CA ASP B 151 7.33 13.64 16.67
C ASP B 151 6.78 12.77 15.57
N GLU B 152 5.63 13.18 15.03
CA GLU B 152 4.97 12.45 13.93
C GLU B 152 5.91 12.40 12.72
N ALA B 153 6.56 13.53 12.44
CA ALA B 153 7.53 13.62 11.34
C ALA B 153 8.71 12.70 11.58
N GLY B 154 9.03 12.52 12.85
CA GLY B 154 10.06 11.59 13.25
C GLY B 154 9.68 10.18 12.91
N PHE B 155 8.41 9.81 13.13
CA PHE B 155 7.94 8.49 12.75
C PHE B 155 7.94 8.37 11.24
N ILE B 156 7.59 9.45 10.56
CA ILE B 156 7.67 9.52 9.10
C ILE B 156 9.11 9.26 8.66
N ALA B 157 10.07 9.84 9.39
CA ALA B 157 11.48 9.65 9.15
C ALA B 157 11.86 8.18 9.27
N LEU B 158 11.32 7.49 10.28
CA LEU B 158 11.54 6.05 10.43
C LEU B 158 10.97 5.28 9.25
N HIS B 159 9.85 5.72 8.72
CA HIS B 159 9.32 5.10 7.52
C HIS B 159 10.27 5.35 6.35
N ILE B 160 10.85 6.54 6.33
CA ILE B 160 11.77 6.94 5.28
C ILE B 160 13.11 6.18 5.37
N VAL B 161 13.58 5.85 6.57
CA VAL B 161 14.80 5.11 6.71
C VAL B 161 14.64 3.68 6.17
N ASN B 162 13.43 3.10 6.33
CA ASN B 162 13.18 1.78 5.72
C ASN B 162 12.85 1.92 4.26
N ALA B 163 12.44 3.10 3.90
CA ALA B 163 12.20 3.41 2.52
C ALA B 163 13.50 3.63 1.79
N GLU B 164 14.53 3.98 2.53
CA GLU B 164 15.83 4.20 1.97
C GLU B 164 16.44 2.84 1.67
N LEU B 165 16.31 2.49 0.43
CA LEU B 165 16.81 1.31 -0.17
C LEU B 165 17.02 1.64 -1.61
N ASN B 166 17.53 2.83 -1.78
CA ASN B 166 17.75 3.54 -3.09
C ASN B 166 17.94 2.62 -4.27
N GLU B 167 16.95 2.59 -5.13
CA GLU B 167 16.97 1.77 -6.31
C GLU B 167 17.04 2.65 -7.55
N LEU B 168 17.16 2.01 -8.68
CA LEU B 168 17.16 2.67 -9.94
C LEU B 168 16.05 2.08 -10.81
N GLN B 169 14.90 2.66 -10.69
CA GLN B 169 13.71 2.21 -11.39
C GLN B 169 12.96 3.42 -11.88
N MET A 1 -23.83 0.94 -2.59
CA MET A 1 -23.20 1.42 -3.82
C MET A 1 -24.07 1.07 -4.98
N LYS A 2 -23.67 1.39 -6.19
CA LYS A 2 -24.51 1.09 -7.33
C LYS A 2 -23.71 0.65 -8.52
N ILE A 3 -24.30 -0.18 -9.29
CA ILE A 3 -23.73 -0.65 -10.52
C ILE A 3 -23.87 0.46 -11.56
N ALA A 4 -22.77 1.08 -11.87
CA ALA A 4 -22.76 2.20 -12.78
C ALA A 4 -22.67 1.75 -14.22
N LYS A 5 -21.88 0.74 -14.48
CA LYS A 5 -21.75 0.27 -15.82
C LYS A 5 -21.88 -1.23 -15.87
N VAL A 6 -22.52 -1.73 -16.86
CA VAL A 6 -22.69 -3.15 -17.05
C VAL A 6 -22.15 -3.47 -18.40
N ILE A 7 -21.23 -4.38 -18.44
CA ILE A 7 -20.65 -4.78 -19.71
C ILE A 7 -21.27 -6.11 -20.14
N ASN A 8 -21.51 -6.95 -19.16
CA ASN A 8 -22.15 -8.21 -19.32
C ASN A 8 -22.69 -8.60 -17.96
N ASN A 9 -23.39 -9.71 -17.86
CA ASN A 9 -24.02 -10.04 -16.57
C ASN A 9 -23.04 -10.64 -15.57
N ASN A 10 -21.86 -11.00 -16.02
CA ASN A 10 -20.85 -11.51 -15.13
C ASN A 10 -19.89 -10.42 -14.69
N VAL A 11 -19.72 -9.41 -15.51
CA VAL A 11 -18.78 -8.35 -15.21
C VAL A 11 -19.49 -7.01 -15.21
N ILE A 12 -19.39 -6.31 -14.10
CA ILE A 12 -20.01 -5.03 -13.95
C ILE A 12 -19.01 -3.98 -13.45
N SER A 13 -19.42 -2.79 -13.50
CA SER A 13 -18.67 -1.64 -13.13
C SER A 13 -19.42 -0.87 -12.06
N VAL A 14 -18.83 -0.72 -10.92
CA VAL A 14 -19.44 0.00 -9.83
C VAL A 14 -18.60 1.22 -9.51
N VAL A 15 -19.24 2.34 -9.32
CA VAL A 15 -18.52 3.55 -8.96
C VAL A 15 -18.94 3.89 -7.56
N ASN A 16 -18.01 3.80 -6.65
CA ASN A 16 -18.32 3.98 -5.26
C ASN A 16 -18.40 5.46 -4.87
N GLU A 17 -18.53 5.68 -3.59
CA GLU A 17 -18.78 6.98 -2.98
C GLU A 17 -17.61 7.96 -3.18
N GLN A 18 -16.43 7.44 -3.33
CA GLN A 18 -15.25 8.24 -3.45
C GLN A 18 -14.90 8.48 -4.91
N GLY A 19 -15.77 8.07 -5.80
CA GLY A 19 -15.54 8.30 -7.21
C GLY A 19 -14.56 7.31 -7.78
N LYS A 20 -14.50 6.15 -7.18
CA LYS A 20 -13.65 5.13 -7.67
C LYS A 20 -14.44 4.06 -8.37
N GLU A 21 -14.03 3.81 -9.57
CA GLU A 21 -14.64 2.84 -10.42
C GLU A 21 -14.00 1.48 -10.13
N LEU A 22 -14.81 0.50 -9.95
CA LEU A 22 -14.35 -0.83 -9.65
C LEU A 22 -15.01 -1.78 -10.64
N VAL A 23 -14.29 -2.75 -11.09
CA VAL A 23 -14.83 -3.75 -11.97
C VAL A 23 -15.01 -5.01 -11.16
N VAL A 24 -16.21 -5.46 -11.05
CA VAL A 24 -16.49 -6.61 -10.25
C VAL A 24 -16.95 -7.74 -11.15
N MET A 25 -16.41 -8.91 -10.93
CA MET A 25 -16.72 -10.06 -11.71
C MET A 25 -17.30 -11.16 -10.86
N GLY A 26 -18.34 -11.74 -11.34
CA GLY A 26 -18.95 -12.85 -10.71
C GLY A 26 -19.92 -13.47 -11.62
N ARG A 27 -19.97 -14.74 -11.58
CA ARG A 27 -20.79 -15.52 -12.47
C ARG A 27 -22.28 -15.25 -12.26
N GLY A 28 -22.83 -14.50 -13.19
CA GLY A 28 -24.21 -14.12 -13.16
C GLY A 28 -24.51 -13.12 -12.09
N LEU A 29 -23.51 -12.30 -11.79
CA LEU A 29 -23.58 -11.26 -10.79
C LEU A 29 -24.79 -10.36 -11.02
N ALA A 30 -24.90 -9.88 -12.23
CA ALA A 30 -25.91 -8.90 -12.58
C ALA A 30 -27.19 -9.56 -13.06
N PHE A 31 -27.24 -10.87 -13.00
CA PHE A 31 -28.42 -11.58 -13.40
C PHE A 31 -29.53 -11.28 -12.39
N GLN A 32 -30.62 -10.71 -12.89
CA GLN A 32 -31.79 -10.30 -12.10
C GLN A 32 -31.49 -9.07 -11.27
N LYS A 33 -30.45 -8.39 -11.64
CA LYS A 33 -30.02 -7.16 -11.06
C LYS A 33 -30.10 -6.10 -12.14
N LYS A 34 -29.84 -4.87 -11.80
CA LYS A 34 -29.92 -3.79 -12.77
C LYS A 34 -28.92 -2.71 -12.42
N SER A 35 -28.58 -1.90 -13.41
CA SER A 35 -27.71 -0.77 -13.20
C SER A 35 -28.43 0.23 -12.29
N GLY A 36 -27.71 0.81 -11.37
CA GLY A 36 -28.29 1.74 -10.43
C GLY A 36 -28.61 1.08 -9.12
N ASP A 37 -28.50 -0.22 -9.10
CA ASP A 37 -28.76 -0.98 -7.91
C ASP A 37 -27.45 -1.44 -7.30
N ASP A 38 -27.50 -1.86 -6.06
CA ASP A 38 -26.33 -2.26 -5.32
C ASP A 38 -25.82 -3.63 -5.76
N VAL A 39 -24.51 -3.71 -5.95
CA VAL A 39 -23.82 -4.92 -6.41
C VAL A 39 -24.11 -6.12 -5.50
N ASP A 40 -24.38 -7.26 -6.09
CA ASP A 40 -24.67 -8.49 -5.33
C ASP A 40 -23.38 -9.01 -4.73
N GLU A 41 -23.25 -8.89 -3.42
CA GLU A 41 -22.01 -9.27 -2.74
C GLU A 41 -21.70 -10.77 -2.80
N ALA A 42 -22.72 -11.60 -2.71
CA ALA A 42 -22.53 -13.04 -2.71
C ALA A 42 -21.97 -13.53 -4.03
N ARG A 43 -22.31 -12.82 -5.09
CA ARG A 43 -21.86 -13.18 -6.42
C ARG A 43 -20.54 -12.53 -6.79
N ILE A 44 -19.99 -11.77 -5.89
CA ILE A 44 -18.70 -11.17 -6.10
C ILE A 44 -17.64 -12.24 -5.97
N GLU A 45 -16.95 -12.50 -7.01
CA GLU A 45 -15.86 -13.42 -6.95
C GLU A 45 -14.55 -12.65 -7.03
N LYS A 46 -14.52 -11.71 -7.93
CA LYS A 46 -13.34 -10.90 -8.15
C LYS A 46 -13.71 -9.45 -8.19
N VAL A 47 -12.85 -8.64 -7.67
CA VAL A 47 -13.01 -7.22 -7.71
C VAL A 47 -11.75 -6.65 -8.34
N PHE A 48 -11.86 -5.62 -9.07
CA PHE A 48 -10.74 -4.93 -9.59
C PHE A 48 -10.93 -3.49 -9.28
N THR A 49 -10.00 -2.92 -8.61
CA THR A 49 -10.09 -1.55 -8.21
C THR A 49 -9.37 -0.66 -9.19
N LEU A 50 -9.91 0.53 -9.42
CA LEU A 50 -9.34 1.51 -10.30
C LEU A 50 -7.93 1.86 -9.90
N ASP A 51 -7.13 1.98 -10.89
CA ASP A 51 -5.77 2.30 -10.83
C ASP A 51 -5.52 3.33 -11.92
N ASN A 52 -4.52 4.14 -11.77
CA ASN A 52 -4.34 5.27 -12.65
C ASN A 52 -2.89 5.46 -13.03
N LYS A 53 -2.60 5.55 -14.32
CA LYS A 53 -1.22 5.67 -14.77
C LYS A 53 -0.82 7.12 -14.95
N ASP A 54 -1.67 8.01 -14.60
CA ASP A 54 -1.41 9.41 -14.77
C ASP A 54 -0.89 10.02 -13.50
N VAL A 55 -1.54 9.72 -12.43
CA VAL A 55 -1.20 10.27 -11.16
C VAL A 55 -0.47 9.24 -10.30
N SER A 56 -0.87 8.01 -10.47
CA SER A 56 -0.45 6.97 -9.59
C SER A 56 0.49 5.98 -10.29
N GLU A 57 1.26 6.49 -11.23
CA GLU A 57 2.15 5.66 -12.04
C GLU A 57 3.22 4.87 -11.25
N LYS A 58 3.64 5.37 -10.13
CA LYS A 58 4.52 4.61 -9.29
C LYS A 58 3.73 3.67 -8.38
N PHE A 59 2.65 4.21 -7.78
CA PHE A 59 1.75 3.47 -6.88
C PHE A 59 1.31 2.14 -7.51
N LYS A 60 0.95 2.23 -8.78
CA LYS A 60 0.46 1.10 -9.53
C LYS A 60 1.53 0.03 -9.74
N THR A 61 2.76 0.45 -9.99
CA THR A 61 3.82 -0.49 -10.29
C THR A 61 4.13 -1.39 -9.11
N LEU A 62 4.02 -0.85 -7.89
CA LEU A 62 4.26 -1.67 -6.74
C LEU A 62 3.11 -2.59 -6.44
N LEU A 63 1.89 -2.15 -6.67
CA LEU A 63 0.74 -3.03 -6.49
C LEU A 63 0.79 -4.21 -7.46
N TYR A 64 1.49 -4.03 -8.57
CA TYR A 64 1.70 -5.10 -9.52
C TYR A 64 2.86 -5.96 -9.07
N ASP A 65 3.90 -5.31 -8.57
CA ASP A 65 5.19 -5.93 -8.19
C ASP A 65 5.08 -6.67 -6.84
N ILE A 66 3.90 -6.68 -6.33
CA ILE A 66 3.55 -7.40 -5.14
C ILE A 66 2.80 -8.67 -5.52
N PRO A 67 3.51 -9.82 -5.56
CA PRO A 67 2.92 -11.11 -5.85
C PRO A 67 2.13 -11.61 -4.65
N ILE A 68 1.32 -12.62 -4.87
CA ILE A 68 0.45 -13.14 -3.84
C ILE A 68 1.28 -13.74 -2.66
N GLU A 69 2.46 -14.28 -2.95
CA GLU A 69 3.33 -14.83 -1.90
C GLU A 69 3.78 -13.74 -0.93
N CYS A 70 4.24 -12.60 -1.46
CA CYS A 70 4.67 -11.50 -0.61
C CYS A 70 3.48 -10.95 0.16
N MET A 71 2.32 -11.02 -0.47
CA MET A 71 1.09 -10.59 0.15
C MET A 71 0.75 -11.48 1.31
N GLU A 72 0.88 -12.79 1.12
CA GLU A 72 0.60 -13.78 2.14
C GLU A 72 1.47 -13.54 3.35
N VAL A 73 2.75 -13.31 3.09
CA VAL A 73 3.72 -13.07 4.14
C VAL A 73 3.33 -11.85 4.98
N SER A 74 2.97 -10.80 4.32
CA SER A 74 2.62 -9.56 4.99
C SER A 74 1.30 -9.73 5.74
N GLU A 75 0.38 -10.42 5.09
CA GLU A 75 -0.93 -10.64 5.63
C GLU A 75 -0.79 -11.48 6.90
N GLU A 76 0.06 -12.52 6.80
CA GLU A 76 0.34 -13.47 7.87
C GLU A 76 0.88 -12.75 9.09
N ILE A 77 1.79 -11.82 8.86
CA ILE A 77 2.42 -11.08 9.95
C ILE A 77 1.39 -10.27 10.68
N ILE A 78 0.53 -9.61 9.94
CA ILE A 78 -0.43 -8.76 10.56
C ILE A 78 -1.55 -9.59 11.15
N SER A 79 -1.82 -10.73 10.54
CA SER A 79 -2.80 -11.65 11.04
C SER A 79 -2.39 -12.15 12.41
N TYR A 80 -1.12 -12.51 12.55
CA TYR A 80 -0.63 -13.01 13.80
C TYR A 80 -0.60 -11.90 14.83
N ALA A 81 -0.25 -10.70 14.38
CA ALA A 81 -0.19 -9.55 15.25
C ALA A 81 -1.59 -9.16 15.73
N LYS A 82 -2.58 -9.17 14.84
CA LYS A 82 -3.92 -8.78 15.22
C LYS A 82 -4.58 -9.83 16.08
N LEU A 83 -4.18 -11.07 15.89
CA LEU A 83 -4.66 -12.17 16.68
C LEU A 83 -4.18 -12.03 18.12
N GLN A 84 -2.92 -11.61 18.27
CA GLN A 84 -2.32 -11.45 19.58
C GLN A 84 -2.79 -10.17 20.28
N LEU A 85 -2.90 -9.09 19.53
CA LEU A 85 -3.27 -7.81 20.09
C LEU A 85 -4.78 -7.67 20.29
N GLY A 86 -5.54 -8.28 19.41
CA GLY A 86 -6.99 -8.14 19.46
C GLY A 86 -7.39 -6.81 18.84
N LYS A 87 -6.51 -6.30 18.02
CA LYS A 87 -6.71 -5.04 17.34
C LYS A 87 -6.23 -5.19 15.94
N LYS A 88 -6.90 -4.58 14.99
CA LYS A 88 -6.40 -4.65 13.65
C LYS A 88 -5.42 -3.52 13.48
N LEU A 89 -4.22 -3.84 13.09
CA LEU A 89 -3.23 -2.85 12.80
C LEU A 89 -3.62 -2.12 11.52
N ASN A 90 -3.08 -0.94 11.32
CA ASN A 90 -3.43 -0.09 10.19
C ASN A 90 -3.26 -0.80 8.87
N ASP A 91 -4.30 -0.78 8.08
CA ASP A 91 -4.43 -1.51 6.82
C ASP A 91 -3.39 -1.05 5.81
N SER A 92 -2.97 0.18 5.94
CA SER A 92 -1.93 0.71 5.08
C SER A 92 -0.56 0.07 5.41
N ILE A 93 -0.45 -0.56 6.59
CA ILE A 93 0.80 -1.14 6.99
C ILE A 93 0.96 -2.47 6.25
N TYR A 94 -0.16 -3.06 5.84
CA TYR A 94 -0.18 -4.28 5.05
C TYR A 94 0.53 -4.05 3.75
N VAL A 95 0.09 -3.02 3.07
CA VAL A 95 0.60 -2.69 1.74
C VAL A 95 2.06 -2.21 1.81
N SER A 96 2.40 -1.55 2.88
CA SER A 96 3.75 -1.10 3.04
C SER A 96 4.68 -2.26 3.40
N LEU A 97 4.15 -3.23 4.16
CA LEU A 97 4.92 -4.41 4.49
C LEU A 97 5.11 -5.32 3.30
N THR A 98 4.14 -5.40 2.40
CA THR A 98 4.32 -6.20 1.19
C THR A 98 5.51 -5.70 0.37
N ASN A 99 5.69 -4.40 0.34
CA ASN A 99 6.84 -3.82 -0.34
C ASN A 99 8.11 -4.00 0.51
N HIS A 100 7.97 -3.89 1.82
CA HIS A 100 9.11 -4.03 2.73
C HIS A 100 9.60 -5.51 2.76
N ILE A 101 8.66 -6.44 2.67
CA ILE A 101 9.00 -7.87 2.60
C ILE A 101 9.71 -8.14 1.29
N ASN A 102 9.28 -7.44 0.24
CA ASN A 102 9.92 -7.50 -1.07
C ASN A 102 11.40 -7.10 -0.90
N PHE A 103 11.62 -5.98 -0.20
CA PHE A 103 12.98 -5.54 0.15
C PHE A 103 13.72 -6.58 0.93
N ALA A 104 13.05 -7.16 1.92
CA ALA A 104 13.63 -8.16 2.80
C ALA A 104 14.10 -9.36 2.01
N ILE A 105 13.32 -9.76 1.04
CA ILE A 105 13.68 -10.87 0.20
C ILE A 105 14.87 -10.50 -0.67
N GLN A 106 14.85 -9.31 -1.22
CA GLN A 106 15.93 -8.89 -2.09
C GLN A 106 17.24 -8.71 -1.32
N ARG A 107 17.15 -8.20 -0.08
CA ARG A 107 18.35 -8.03 0.73
C ARG A 107 18.87 -9.38 1.19
N ASN A 108 17.97 -10.34 1.33
CA ASN A 108 18.31 -11.71 1.69
C ASN A 108 19.13 -12.33 0.54
N GLN A 109 18.68 -12.06 -0.68
CA GLN A 109 19.35 -12.53 -1.89
C GLN A 109 20.67 -11.78 -2.12
N LYS A 110 20.67 -10.46 -1.92
CA LYS A 110 21.86 -9.63 -2.15
C LYS A 110 22.95 -9.84 -1.11
N GLY A 111 22.60 -10.44 -0.02
CA GLY A 111 23.55 -10.60 1.08
C GLY A 111 23.84 -9.27 1.70
N LEU A 112 22.81 -8.48 1.83
CA LEU A 112 22.91 -7.17 2.36
C LEU A 112 22.04 -7.03 3.58
N ASP A 113 22.61 -6.57 4.64
CA ASP A 113 21.87 -6.37 5.87
C ASP A 113 21.70 -4.89 6.08
N ILE A 114 20.55 -4.48 6.53
CA ILE A 114 20.32 -3.09 6.86
C ILE A 114 20.35 -2.95 8.35
N LYS A 115 20.52 -1.77 8.85
CA LYS A 115 20.64 -1.58 10.28
C LYS A 115 19.70 -0.54 10.83
N ASN A 116 19.13 -0.86 11.96
CA ASN A 116 18.18 0.00 12.63
C ASN A 116 18.90 0.70 13.77
N ALA A 117 19.03 2.00 13.70
CA ALA A 117 19.81 2.73 14.71
C ALA A 117 19.02 3.01 15.98
N LEU A 118 17.80 2.59 15.99
CA LEU A 118 16.95 2.79 17.12
C LEU A 118 16.59 1.47 17.76
N LEU A 119 17.22 0.41 17.26
CA LEU A 119 16.92 -0.96 17.69
C LEU A 119 17.09 -1.14 19.20
N TRP A 120 18.16 -0.60 19.73
CA TRP A 120 18.50 -0.72 21.15
C TRP A 120 17.42 -0.09 22.03
N GLU A 121 16.80 0.95 21.53
CA GLU A 121 15.78 1.64 22.24
C GLU A 121 14.45 0.94 22.02
N THR A 122 14.23 0.51 20.79
CA THR A 122 13.00 -0.14 20.37
C THR A 122 12.73 -1.41 21.18
N LYS A 123 13.75 -2.27 21.34
CA LYS A 123 13.58 -3.53 22.08
C LYS A 123 13.13 -3.29 23.52
N ARG A 124 13.60 -2.22 24.11
CA ARG A 124 13.33 -1.93 25.48
C ARG A 124 12.03 -1.16 25.68
N LEU A 125 11.78 -0.17 24.84
CA LEU A 125 10.61 0.65 24.98
C LEU A 125 9.38 -0.02 24.38
N TYR A 126 9.54 -0.57 23.21
CA TYR A 126 8.46 -1.22 22.53
C TYR A 126 8.66 -2.73 22.62
N LYS A 127 8.64 -3.19 23.84
CA LYS A 127 8.92 -4.56 24.21
C LYS A 127 7.97 -5.57 23.55
N ASP A 128 6.69 -5.36 23.73
CA ASP A 128 5.73 -6.37 23.37
C ASP A 128 5.49 -6.44 21.90
N GLU A 129 5.40 -5.31 21.26
CA GLU A 129 5.20 -5.26 19.84
C GLU A 129 6.42 -5.84 19.11
N PHE A 130 7.60 -5.66 19.67
CA PHE A 130 8.81 -6.22 19.11
C PHE A 130 8.80 -7.73 19.32
N ALA A 131 8.40 -8.17 20.51
CA ALA A 131 8.32 -9.59 20.84
C ALA A 131 7.34 -10.32 19.93
N ILE A 132 6.19 -9.69 19.68
CA ILE A 132 5.20 -10.26 18.78
C ILE A 132 5.71 -10.22 17.34
N GLY A 133 6.40 -9.15 16.99
CA GLY A 133 7.00 -9.02 15.67
C GLY A 133 8.00 -10.12 15.41
N LYS A 134 8.82 -10.42 16.42
CA LYS A 134 9.79 -11.49 16.34
C LYS A 134 9.11 -12.83 16.17
N GLU A 135 8.05 -13.05 16.92
CA GLU A 135 7.32 -14.31 16.87
C GLU A 135 6.70 -14.51 15.48
N ALA A 136 6.18 -13.43 14.92
CA ALA A 136 5.61 -13.45 13.59
C ALA A 136 6.71 -13.74 12.58
N LEU A 137 7.85 -13.10 12.77
CA LEU A 137 9.02 -13.30 11.93
C LEU A 137 9.49 -14.75 11.97
N VAL A 138 9.47 -15.33 13.16
CA VAL A 138 9.85 -16.73 13.33
C VAL A 138 8.92 -17.63 12.53
N MET A 139 7.64 -17.32 12.58
CA MET A 139 6.65 -18.06 11.82
C MET A 139 6.90 -17.90 10.32
N VAL A 140 7.19 -16.68 9.91
CA VAL A 140 7.48 -16.38 8.51
C VAL A 140 8.72 -17.11 8.03
N LYS A 141 9.77 -17.12 8.85
CA LYS A 141 11.02 -17.73 8.46
C LYS A 141 10.88 -19.24 8.41
N ASN A 142 9.89 -19.77 9.14
CA ASN A 142 9.58 -21.19 9.08
C ASN A 142 8.85 -21.53 7.81
N LYS A 143 7.88 -20.70 7.45
CA LYS A 143 7.08 -20.94 6.26
C LYS A 143 7.89 -20.79 4.98
N THR A 144 8.73 -19.78 4.92
CA THR A 144 9.40 -19.44 3.70
C THR A 144 10.87 -19.81 3.69
N GLY A 145 11.49 -19.72 4.83
CA GLY A 145 12.90 -19.93 4.94
C GLY A 145 13.64 -18.60 5.02
N VAL A 146 12.95 -17.53 4.62
CA VAL A 146 13.54 -16.20 4.61
C VAL A 146 13.64 -15.67 6.03
N SER A 147 14.84 -15.52 6.49
CA SER A 147 15.09 -15.08 7.82
C SER A 147 15.60 -13.63 7.81
N LEU A 148 15.18 -12.85 8.79
CA LEU A 148 15.55 -11.47 8.91
C LEU A 148 16.27 -11.21 10.24
N PRO A 149 17.31 -10.37 10.24
CA PRO A 149 18.02 -9.93 11.45
C PRO A 149 17.16 -9.01 12.34
N GLU A 150 17.65 -8.75 13.56
CA GLU A 150 16.94 -7.95 14.55
C GLU A 150 16.66 -6.53 14.04
N ASP A 151 17.56 -6.02 13.21
CA ASP A 151 17.42 -4.67 12.63
C ASP A 151 16.20 -4.61 11.78
N GLU A 152 16.14 -5.49 10.80
CA GLU A 152 15.01 -5.62 9.91
C GLU A 152 13.73 -5.91 10.70
N ALA A 153 13.83 -6.78 11.69
CA ALA A 153 12.70 -7.09 12.56
C ALA A 153 12.27 -5.86 13.34
N GLY A 154 13.24 -5.04 13.69
CA GLY A 154 13.00 -3.80 14.36
C GLY A 154 12.27 -2.84 13.48
N PHE A 155 12.60 -2.82 12.20
CA PHE A 155 11.87 -1.99 11.24
C PHE A 155 10.43 -2.45 11.13
N ILE A 156 10.22 -3.76 11.24
CA ILE A 156 8.89 -4.32 11.30
C ILE A 156 8.17 -3.84 12.58
N ALA A 157 8.88 -3.85 13.70
CA ALA A 157 8.34 -3.36 14.98
C ALA A 157 7.96 -1.89 14.88
N LEU A 158 8.78 -1.10 14.19
CA LEU A 158 8.44 0.30 13.92
C LEU A 158 7.16 0.40 13.12
N HIS A 159 7.01 -0.48 12.16
CA HIS A 159 5.79 -0.53 11.38
C HIS A 159 4.60 -0.90 12.24
N ILE A 160 4.81 -1.75 13.22
CA ILE A 160 3.76 -2.12 14.15
C ILE A 160 3.34 -0.92 15.02
N VAL A 161 4.29 -0.14 15.51
CA VAL A 161 3.96 0.98 16.33
C VAL A 161 3.32 2.11 15.51
N ASN A 162 3.68 2.17 14.24
CA ASN A 162 3.10 3.12 13.31
C ASN A 162 1.77 2.61 12.79
N ALA A 163 1.50 1.33 13.04
CA ALA A 163 0.27 0.71 12.64
C ALA A 163 -0.77 0.81 13.73
N GLU A 164 -0.32 1.02 14.95
CA GLU A 164 -1.22 1.31 16.07
C GLU A 164 -2.06 2.54 15.77
N LEU A 165 -3.33 2.29 15.57
CA LEU A 165 -4.33 3.27 15.18
C LEU A 165 -4.61 4.27 16.29
N ASN A 166 -5.40 5.29 15.94
CA ASN A 166 -5.88 6.30 16.88
C ASN A 166 -7.02 5.71 17.70
N GLU A 167 -6.74 4.59 18.28
CA GLU A 167 -7.67 3.82 19.05
C GLU A 167 -6.86 3.15 20.14
N LEU A 168 -6.88 3.76 21.28
CA LEU A 168 -6.11 3.31 22.40
C LEU A 168 -6.75 2.13 23.08
N GLN A 169 -6.01 1.07 23.09
CA GLN A 169 -6.40 -0.19 23.60
C GLN A 169 -5.10 -0.91 23.76
N MET B 1 3.61 -7.27 -21.35
CA MET B 1 2.53 -8.12 -20.83
C MET B 1 1.64 -8.51 -21.96
N LYS B 2 0.59 -9.24 -21.73
CA LYS B 2 -0.24 -9.65 -22.84
C LYS B 2 -1.71 -9.60 -22.50
N ILE B 3 -2.48 -9.32 -23.50
CA ILE B 3 -3.92 -9.33 -23.41
C ILE B 3 -4.35 -10.79 -23.28
N ALA B 4 -4.74 -11.16 -22.11
CA ALA B 4 -5.06 -12.53 -21.82
C ALA B 4 -6.54 -12.81 -21.94
N LYS B 5 -7.33 -11.81 -21.61
CA LYS B 5 -8.74 -11.95 -21.57
C LYS B 5 -9.39 -10.72 -22.14
N VAL B 6 -10.46 -10.88 -22.85
CA VAL B 6 -11.13 -9.78 -23.52
C VAL B 6 -12.57 -9.74 -23.10
N ILE B 7 -13.03 -8.59 -22.67
CA ILE B 7 -14.40 -8.41 -22.30
C ILE B 7 -15.16 -7.76 -23.46
N ASN B 8 -14.47 -6.89 -24.17
CA ASN B 8 -15.01 -6.21 -25.35
C ASN B 8 -13.91 -5.39 -25.97
N ASN B 9 -14.20 -4.67 -27.03
CA ASN B 9 -13.19 -3.89 -27.76
C ASN B 9 -12.58 -2.77 -26.91
N ASN B 10 -13.27 -2.30 -25.89
CA ASN B 10 -12.75 -1.23 -25.05
C ASN B 10 -12.19 -1.74 -23.73
N VAL B 11 -12.52 -2.95 -23.36
CA VAL B 11 -12.10 -3.43 -22.06
C VAL B 11 -11.39 -4.76 -22.18
N ILE B 12 -10.17 -4.81 -21.69
CA ILE B 12 -9.38 -6.00 -21.75
C ILE B 12 -8.90 -6.44 -20.38
N SER B 13 -8.38 -7.60 -20.32
CA SER B 13 -7.88 -8.20 -19.16
C SER B 13 -6.47 -8.70 -19.44
N VAL B 14 -5.57 -8.31 -18.62
CA VAL B 14 -4.19 -8.63 -18.79
C VAL B 14 -3.63 -9.29 -17.54
N VAL B 15 -2.83 -10.28 -17.73
CA VAL B 15 -2.12 -10.91 -16.66
C VAL B 15 -0.73 -10.34 -16.69
N ASN B 16 -0.32 -9.69 -15.64
CA ASN B 16 0.96 -9.06 -15.63
C ASN B 16 2.08 -10.05 -15.27
N GLU B 17 3.25 -9.51 -15.09
CA GLU B 17 4.46 -10.27 -14.92
C GLU B 17 4.57 -10.95 -13.54
N GLN B 18 3.64 -10.64 -12.65
CA GLN B 18 3.64 -11.23 -11.34
C GLN B 18 2.51 -12.23 -11.18
N GLY B 19 1.79 -12.49 -12.27
CA GLY B 19 0.77 -13.50 -12.26
C GLY B 19 -0.53 -13.02 -11.68
N LYS B 20 -0.77 -11.74 -11.75
CA LYS B 20 -1.98 -11.20 -11.28
C LYS B 20 -2.76 -10.53 -12.41
N GLU B 21 -4.07 -10.66 -12.35
CA GLU B 21 -4.99 -10.20 -13.38
C GLU B 21 -5.30 -8.72 -13.20
N LEU B 22 -5.36 -8.01 -14.29
CA LEU B 22 -5.69 -6.61 -14.31
C LEU B 22 -6.73 -6.39 -15.39
N VAL B 23 -7.52 -5.38 -15.23
CA VAL B 23 -8.50 -5.01 -16.22
C VAL B 23 -8.19 -3.60 -16.67
N VAL B 24 -8.19 -3.36 -17.93
CA VAL B 24 -7.86 -2.07 -18.46
C VAL B 24 -8.95 -1.64 -19.43
N MET B 25 -9.37 -0.41 -19.31
CA MET B 25 -10.38 0.13 -20.17
C MET B 25 -9.79 1.24 -20.99
N GLY B 26 -10.00 1.16 -22.25
CA GLY B 26 -9.57 2.15 -23.16
C GLY B 26 -10.18 1.91 -24.47
N ARG B 27 -10.53 2.96 -25.09
CA ARG B 27 -11.23 2.95 -26.35
C ARG B 27 -10.44 2.27 -27.47
N GLY B 28 -10.88 1.08 -27.78
CA GLY B 28 -10.34 0.32 -28.88
C GLY B 28 -9.16 -0.56 -28.51
N LEU B 29 -9.00 -0.84 -27.22
CA LEU B 29 -7.90 -1.69 -26.73
C LEU B 29 -7.90 -3.09 -27.35
N ALA B 30 -9.06 -3.62 -27.65
CA ALA B 30 -9.12 -4.94 -28.23
C ALA B 30 -9.61 -4.88 -29.67
N PHE B 31 -9.67 -3.70 -30.25
CA PHE B 31 -10.07 -3.56 -31.62
C PHE B 31 -8.82 -3.59 -32.46
N GLN B 32 -8.78 -4.50 -33.44
CA GLN B 32 -7.60 -4.72 -34.29
C GLN B 32 -6.41 -5.19 -33.46
N LYS B 33 -6.74 -5.81 -32.36
CA LYS B 33 -5.81 -6.33 -31.43
C LYS B 33 -6.31 -7.71 -31.06
N LYS B 34 -5.53 -8.49 -30.39
CA LYS B 34 -5.90 -9.86 -30.09
C LYS B 34 -5.22 -10.34 -28.83
N SER B 35 -5.67 -11.45 -28.32
CA SER B 35 -5.10 -12.03 -27.14
C SER B 35 -3.69 -12.52 -27.48
N GLY B 36 -2.76 -12.17 -26.64
CA GLY B 36 -1.38 -12.53 -26.86
C GLY B 36 -0.57 -11.35 -27.30
N ASP B 37 -1.25 -10.28 -27.60
CA ASP B 37 -0.62 -9.04 -28.00
C ASP B 37 -0.35 -8.25 -26.74
N ASP B 38 0.59 -7.34 -26.77
CA ASP B 38 0.92 -6.57 -25.57
C ASP B 38 -0.13 -5.47 -25.42
N VAL B 39 -0.35 -5.03 -24.22
CA VAL B 39 -1.35 -4.05 -23.96
C VAL B 39 -0.87 -2.69 -24.41
N ASP B 40 -1.62 -2.08 -25.28
CA ASP B 40 -1.28 -0.77 -25.79
C ASP B 40 -1.54 0.29 -24.75
N GLU B 41 -0.48 0.90 -24.27
CA GLU B 41 -0.56 1.87 -23.19
C GLU B 41 -1.17 3.19 -23.61
N ALA B 42 -1.17 3.45 -24.90
CA ALA B 42 -1.66 4.70 -25.44
C ALA B 42 -3.18 4.80 -25.32
N ARG B 43 -3.84 3.67 -25.37
CA ARG B 43 -5.29 3.65 -25.28
C ARG B 43 -5.76 3.51 -23.84
N ILE B 44 -4.85 3.38 -22.91
CA ILE B 44 -5.19 3.17 -21.52
C ILE B 44 -5.73 4.43 -20.88
N GLU B 45 -6.98 4.36 -20.49
CA GLU B 45 -7.64 5.42 -19.78
C GLU B 45 -7.82 5.03 -18.34
N LYS B 46 -8.32 3.83 -18.14
CA LYS B 46 -8.55 3.31 -16.81
C LYS B 46 -7.80 2.02 -16.64
N VAL B 47 -7.23 1.82 -15.51
CA VAL B 47 -6.59 0.59 -15.17
C VAL B 47 -7.32 0.09 -13.95
N PHE B 48 -7.43 -1.18 -13.79
CA PHE B 48 -8.01 -1.78 -12.62
C PHE B 48 -7.15 -2.97 -12.20
N THR B 49 -6.83 -3.06 -10.96
CA THR B 49 -6.00 -4.13 -10.44
C THR B 49 -6.85 -5.07 -9.56
N LEU B 50 -6.57 -6.37 -9.64
CA LEU B 50 -7.34 -7.42 -8.97
C LEU B 50 -7.27 -7.39 -7.44
N ASP B 51 -8.42 -7.66 -6.88
CA ASP B 51 -8.68 -7.85 -5.48
C ASP B 51 -9.52 -9.12 -5.37
N ASN B 52 -9.17 -9.98 -4.48
CA ASN B 52 -9.93 -11.17 -4.28
C ASN B 52 -10.56 -11.09 -2.91
N LYS B 53 -11.87 -11.27 -2.86
CA LYS B 53 -12.65 -11.10 -1.62
C LYS B 53 -12.24 -12.06 -0.51
N ASP B 54 -11.45 -13.04 -0.85
CA ASP B 54 -11.09 -14.05 0.09
C ASP B 54 -9.74 -13.80 0.74
N VAL B 55 -8.84 -13.23 0.00
CA VAL B 55 -7.48 -13.00 0.47
C VAL B 55 -7.19 -11.50 0.63
N SER B 56 -7.88 -10.70 -0.13
CA SER B 56 -7.64 -9.30 -0.18
C SER B 56 -8.77 -8.53 0.51
N GLU B 57 -9.46 -9.22 1.38
CA GLU B 57 -10.59 -8.64 2.06
C GLU B 57 -10.26 -7.42 2.93
N LYS B 58 -9.15 -7.47 3.62
CA LYS B 58 -8.74 -6.33 4.36
C LYS B 58 -7.97 -5.32 3.48
N PHE B 59 -7.07 -5.85 2.63
CA PHE B 59 -6.12 -5.03 1.79
C PHE B 59 -6.77 -3.87 1.03
N LYS B 60 -8.01 -4.03 0.65
CA LYS B 60 -8.69 -3.00 -0.09
C LYS B 60 -9.30 -1.91 0.78
N THR B 61 -9.47 -2.15 2.07
CA THR B 61 -10.24 -1.24 2.90
C THR B 61 -9.68 0.18 2.94
N LEU B 62 -8.41 0.32 3.24
CA LEU B 62 -7.84 1.63 3.27
C LEU B 62 -7.44 2.12 1.90
N LEU B 63 -6.97 1.22 1.02
CA LEU B 63 -6.59 1.61 -0.35
C LEU B 63 -7.75 2.26 -1.10
N TYR B 64 -8.95 1.77 -0.87
CA TYR B 64 -10.13 2.34 -1.48
C TYR B 64 -10.44 3.71 -0.91
N ASP B 65 -10.27 3.86 0.39
CA ASP B 65 -10.68 5.08 1.07
C ASP B 65 -9.75 6.27 0.83
N ILE B 66 -8.53 5.95 0.54
CA ILE B 66 -7.46 6.95 0.28
C ILE B 66 -7.87 7.95 -0.83
N PRO B 67 -8.11 9.23 -0.47
CA PRO B 67 -8.48 10.28 -1.41
C PRO B 67 -7.30 10.66 -2.32
N ILE B 68 -7.61 11.13 -3.52
CA ILE B 68 -6.61 11.50 -4.51
C ILE B 68 -5.74 12.66 -3.99
N GLU B 69 -6.35 13.56 -3.23
CA GLU B 69 -5.64 14.70 -2.64
C GLU B 69 -4.54 14.21 -1.70
N CYS B 70 -4.90 13.29 -0.82
CA CYS B 70 -3.95 12.74 0.13
C CYS B 70 -2.88 11.94 -0.60
N MET B 71 -3.28 11.33 -1.71
CA MET B 71 -2.35 10.61 -2.55
C MET B 71 -1.37 11.57 -3.18
N GLU B 72 -1.88 12.70 -3.66
CA GLU B 72 -1.08 13.74 -4.27
C GLU B 72 -0.05 14.23 -3.29
N VAL B 73 -0.49 14.53 -2.10
CA VAL B 73 0.39 15.06 -1.07
C VAL B 73 1.55 14.12 -0.82
N SER B 74 1.26 12.85 -0.69
CA SER B 74 2.30 11.88 -0.39
C SER B 74 3.22 11.68 -1.59
N GLU B 75 2.61 11.69 -2.77
CA GLU B 75 3.32 11.47 -4.01
C GLU B 75 4.29 12.66 -4.19
N GLU B 76 3.76 13.85 -3.92
CA GLU B 76 4.47 15.10 -4.03
C GLU B 76 5.58 15.19 -2.98
N ILE B 77 5.33 14.62 -1.80
CA ILE B 77 6.34 14.56 -0.73
C ILE B 77 7.54 13.79 -1.22
N ILE B 78 7.30 12.65 -1.84
CA ILE B 78 8.39 11.83 -2.26
C ILE B 78 9.03 12.40 -3.52
N SER B 79 8.24 13.12 -4.29
CA SER B 79 8.75 13.78 -5.46
C SER B 79 9.74 14.88 -5.02
N TYR B 80 9.44 15.54 -3.91
CA TYR B 80 10.31 16.55 -3.38
C TYR B 80 11.52 15.88 -2.76
N ALA B 81 11.28 14.77 -2.09
CA ALA B 81 12.32 13.99 -1.45
C ALA B 81 13.33 13.47 -2.47
N LYS B 82 12.83 12.95 -3.59
CA LYS B 82 13.71 12.38 -4.59
C LYS B 82 14.51 13.47 -5.29
N LEU B 83 13.91 14.65 -5.38
CA LEU B 83 14.55 15.80 -5.99
C LEU B 83 15.70 16.29 -5.11
N GLN B 84 15.48 16.31 -3.81
CA GLN B 84 16.45 16.81 -2.88
C GLN B 84 17.51 15.77 -2.52
N LEU B 85 17.09 14.54 -2.27
CA LEU B 85 18.01 13.47 -1.88
C LEU B 85 18.71 12.89 -3.09
N GLY B 86 18.11 13.00 -4.25
CA GLY B 86 18.68 12.41 -5.43
C GLY B 86 18.46 10.91 -5.46
N LYS B 87 17.50 10.46 -4.69
CA LYS B 87 17.15 9.06 -4.59
C LYS B 87 15.66 8.91 -4.58
N LYS B 88 15.16 8.04 -5.41
CA LYS B 88 13.76 7.78 -5.43
C LYS B 88 13.46 6.60 -4.52
N LEU B 89 12.71 6.86 -3.47
CA LEU B 89 12.28 5.83 -2.52
C LEU B 89 11.27 4.90 -3.18
N ASN B 90 10.98 3.82 -2.54
CA ASN B 90 10.04 2.86 -3.11
C ASN B 90 8.64 3.16 -2.55
N ASP B 91 7.62 2.65 -3.23
CA ASP B 91 6.20 2.98 -2.96
C ASP B 91 5.67 2.60 -1.58
N SER B 92 6.46 1.92 -0.78
CA SER B 92 6.10 1.62 0.59
C SER B 92 5.85 2.92 1.35
N ILE B 93 6.69 3.93 1.10
CA ILE B 93 6.59 5.22 1.77
C ILE B 93 5.39 6.00 1.25
N TYR B 94 5.09 5.83 -0.02
CA TYR B 94 3.99 6.53 -0.66
C TYR B 94 2.66 6.12 -0.07
N VAL B 95 2.41 4.83 -0.07
CA VAL B 95 1.14 4.31 0.41
C VAL B 95 1.01 4.58 1.90
N SER B 96 2.09 4.45 2.63
CA SER B 96 2.01 4.64 4.03
C SER B 96 1.77 6.10 4.37
N LEU B 97 2.41 7.01 3.65
CA LEU B 97 2.25 8.41 3.95
C LEU B 97 0.89 8.93 3.56
N THR B 98 0.25 8.30 2.60
CA THR B 98 -1.09 8.75 2.24
C THR B 98 -2.02 8.54 3.39
N ASN B 99 -1.88 7.41 4.00
CA ASN B 99 -2.72 7.13 5.11
C ASN B 99 -2.20 7.80 6.37
N HIS B 100 -0.88 7.84 6.49
CA HIS B 100 -0.23 8.43 7.65
C HIS B 100 -0.48 9.91 7.72
N ILE B 101 -0.45 10.62 6.57
CA ILE B 101 -0.68 12.06 6.60
C ILE B 101 -2.10 12.36 7.01
N ASN B 102 -3.03 11.57 6.50
CA ASN B 102 -4.43 11.77 6.87
C ASN B 102 -4.64 11.50 8.36
N PHE B 103 -4.08 10.41 8.82
CA PHE B 103 -4.20 10.01 10.22
C PHE B 103 -3.50 10.98 11.15
N ALA B 104 -2.38 11.53 10.69
CA ALA B 104 -1.64 12.52 11.44
C ALA B 104 -2.46 13.78 11.58
N ILE B 105 -3.09 14.21 10.49
CA ILE B 105 -3.95 15.39 10.54
C ILE B 105 -5.13 15.14 11.48
N GLN B 106 -5.69 13.95 11.41
CA GLN B 106 -6.80 13.61 12.27
C GLN B 106 -6.42 13.54 13.73
N ARG B 107 -5.24 12.98 14.05
CA ARG B 107 -4.81 12.89 15.44
C ARG B 107 -4.47 14.28 15.96
N ASN B 108 -3.97 15.09 15.06
CA ASN B 108 -3.58 16.46 15.37
C ASN B 108 -4.84 17.23 15.77
N GLN B 109 -5.86 17.14 14.95
CA GLN B 109 -7.10 17.87 15.17
C GLN B 109 -7.94 17.23 16.28
N LYS B 110 -7.73 15.93 16.52
CA LYS B 110 -8.42 15.20 17.58
C LYS B 110 -7.87 15.61 18.93
N GLY B 111 -6.67 16.11 18.89
CA GLY B 111 -5.98 16.53 20.09
C GLY B 111 -5.36 15.34 20.80
N LEU B 112 -5.34 14.22 20.13
CA LEU B 112 -4.83 12.98 20.66
C LEU B 112 -3.40 12.84 20.22
N ASP B 113 -2.49 12.76 21.14
CA ASP B 113 -1.09 12.65 20.80
C ASP B 113 -0.65 11.23 20.80
N ILE B 114 -0.04 10.84 19.72
CA ILE B 114 0.66 9.58 19.64
C ILE B 114 2.10 9.95 19.41
N LYS B 115 2.82 10.07 20.50
CA LYS B 115 4.15 10.61 20.47
C LYS B 115 5.20 9.59 20.12
N ASN B 116 6.27 10.08 19.60
CA ASN B 116 7.35 9.25 19.18
C ASN B 116 8.38 9.24 20.30
N ALA B 117 8.46 8.13 21.02
CA ALA B 117 9.38 8.02 22.17
C ALA B 117 10.82 7.84 21.73
N LEU B 118 11.03 7.83 20.46
CA LEU B 118 12.33 7.67 19.90
C LEU B 118 12.73 8.94 19.18
N LEU B 119 11.88 9.96 19.25
CA LEU B 119 12.07 11.23 18.51
C LEU B 119 13.40 11.89 18.81
N TRP B 120 13.78 11.88 20.06
CA TRP B 120 14.99 12.54 20.51
C TRP B 120 16.22 11.84 19.96
N GLU B 121 16.09 10.56 19.70
CA GLU B 121 17.14 9.80 19.12
C GLU B 121 17.09 9.96 17.61
N THR B 122 15.87 9.98 17.10
CA THR B 122 15.60 10.11 15.69
C THR B 122 16.21 11.40 15.13
N LYS B 123 15.98 12.51 15.81
CA LYS B 123 16.52 13.80 15.36
C LYS B 123 18.05 13.83 15.38
N ARG B 124 18.63 13.10 16.29
CA ARG B 124 20.06 13.09 16.43
C ARG B 124 20.76 12.06 15.54
N LEU B 125 20.12 10.92 15.32
CA LEU B 125 20.73 9.84 14.55
C LEU B 125 20.29 9.83 13.08
N TYR B 126 19.23 10.53 12.78
CA TYR B 126 18.72 10.62 11.43
C TYR B 126 18.56 12.07 11.09
N LYS B 127 19.63 12.66 10.65
CA LYS B 127 19.65 14.06 10.30
C LYS B 127 19.08 14.32 8.91
N ASP B 128 19.64 13.68 7.91
CA ASP B 128 19.31 13.98 6.51
C ASP B 128 17.89 13.64 6.15
N GLU B 129 17.50 12.42 6.40
CA GLU B 129 16.19 11.95 6.02
C GLU B 129 15.09 12.69 6.79
N PHE B 130 15.37 13.03 8.03
CA PHE B 130 14.41 13.75 8.83
C PHE B 130 14.33 15.20 8.38
N ALA B 131 15.46 15.78 7.99
CA ALA B 131 15.50 17.16 7.52
C ALA B 131 14.68 17.32 6.26
N ILE B 132 14.82 16.37 5.34
CA ILE B 132 14.05 16.39 4.11
C ILE B 132 12.59 16.10 4.40
N GLY B 133 12.35 15.20 5.35
CA GLY B 133 11.00 14.87 5.78
C GLY B 133 10.30 16.10 6.32
N LYS B 134 11.00 16.86 7.16
CA LYS B 134 10.49 18.09 7.71
C LYS B 134 10.30 19.16 6.66
N GLU B 135 11.23 19.25 5.72
CA GLU B 135 11.14 20.22 4.64
C GLU B 135 9.89 19.95 3.81
N ALA B 136 9.65 18.68 3.53
CA ALA B 136 8.47 18.29 2.83
C ALA B 136 7.24 18.56 3.68
N LEU B 137 7.35 18.30 4.97
CA LEU B 137 6.26 18.53 5.92
C LEU B 137 5.92 20.03 6.03
N VAL B 138 6.93 20.88 5.92
CA VAL B 138 6.74 22.32 5.89
C VAL B 138 5.88 22.68 4.67
N MET B 139 6.21 22.06 3.59
CA MET B 139 5.46 22.22 2.36
C MET B 139 4.01 21.67 2.52
N VAL B 140 3.89 20.56 3.23
CA VAL B 140 2.60 19.96 3.54
C VAL B 140 1.75 20.92 4.38
N LYS B 141 2.35 21.51 5.42
CA LYS B 141 1.61 22.39 6.30
C LYS B 141 1.19 23.65 5.57
N ASN B 142 2.00 24.07 4.60
CA ASN B 142 1.66 25.23 3.80
C ASN B 142 0.47 24.95 2.90
N LYS B 143 0.40 23.76 2.36
CA LYS B 143 -0.72 23.38 1.52
C LYS B 143 -1.99 23.04 2.30
N THR B 144 -1.85 22.47 3.48
CA THR B 144 -3.01 22.04 4.24
C THR B 144 -3.49 23.10 5.25
N GLY B 145 -2.56 23.82 5.78
CA GLY B 145 -2.85 24.78 6.80
C GLY B 145 -2.77 24.17 8.18
N VAL B 146 -2.32 22.92 8.23
CA VAL B 146 -2.19 22.20 9.49
C VAL B 146 -0.73 21.84 9.70
N SER B 147 -0.17 22.31 10.78
CA SER B 147 1.19 21.98 11.11
C SER B 147 1.20 20.67 11.90
N LEU B 148 1.83 19.66 11.33
CA LEU B 148 1.90 18.35 11.96
C LEU B 148 3.06 18.31 12.95
N PRO B 149 2.85 17.73 14.14
CA PRO B 149 3.88 17.60 15.18
C PRO B 149 5.12 16.79 14.74
N GLU B 150 6.14 16.89 15.55
CA GLU B 150 7.43 16.27 15.29
C GLU B 150 7.37 14.75 15.43
N ASP B 151 6.37 14.26 16.16
CA ASP B 151 6.24 12.85 16.45
C ASP B 151 5.99 12.06 15.20
N GLU B 152 4.92 12.42 14.51
CA GLU B 152 4.58 11.79 13.26
C GLU B 152 5.71 11.95 12.26
N ALA B 153 6.34 13.12 12.27
CA ALA B 153 7.47 13.41 11.38
C ALA B 153 8.60 12.42 11.61
N GLY B 154 8.81 12.06 12.87
CA GLY B 154 9.79 11.07 13.22
C GLY B 154 9.41 9.72 12.69
N PHE B 155 8.14 9.38 12.79
CA PHE B 155 7.66 8.11 12.25
C PHE B 155 7.79 8.10 10.72
N ILE B 156 7.60 9.26 10.10
CA ILE B 156 7.79 9.43 8.66
C ILE B 156 9.24 9.10 8.29
N ALA B 157 10.19 9.61 9.08
CA ALA B 157 11.60 9.33 8.88
C ALA B 157 11.87 7.83 8.98
N LEU B 158 11.19 7.17 9.92
CA LEU B 158 11.28 5.72 10.01
C LEU B 158 10.73 5.05 8.77
N HIS B 159 9.61 5.52 8.26
CA HIS B 159 9.04 4.95 7.04
C HIS B 159 9.98 5.18 5.86
N ILE B 160 10.71 6.30 5.88
CA ILE B 160 11.69 6.61 4.86
C ILE B 160 12.79 5.56 4.87
N VAL B 161 13.30 5.23 6.04
CA VAL B 161 14.32 4.23 6.12
C VAL B 161 13.80 2.81 5.85
N ASN B 162 12.50 2.61 6.08
CA ASN B 162 11.82 1.36 5.73
C ASN B 162 11.59 1.25 4.21
N ALA B 163 11.49 2.41 3.54
CA ALA B 163 11.27 2.48 2.11
C ALA B 163 12.54 2.74 1.35
N GLU B 164 13.62 2.91 2.11
CA GLU B 164 14.95 3.03 1.54
C GLU B 164 15.29 1.83 0.69
N LEU B 165 16.04 2.09 -0.31
CA LEU B 165 16.39 1.12 -1.29
C LEU B 165 17.46 0.18 -0.77
N ASN B 166 17.70 -0.89 -1.51
CA ASN B 166 18.74 -1.87 -1.17
C ASN B 166 20.08 -1.39 -1.70
N GLU B 167 20.16 -0.12 -1.77
CA GLU B 167 21.26 0.59 -2.30
C GLU B 167 21.57 1.69 -1.29
N LEU B 168 22.49 1.41 -0.40
CA LEU B 168 22.83 2.35 0.64
C LEU B 168 23.63 3.50 0.07
N GLN B 169 23.08 4.68 0.21
CA GLN B 169 23.63 5.88 -0.32
C GLN B 169 23.09 6.99 0.56
N MET A 1 -23.09 1.16 -1.42
CA MET A 1 -22.28 1.38 -2.62
C MET A 1 -23.23 1.32 -3.81
N LYS A 2 -22.73 1.36 -5.02
CA LYS A 2 -23.61 1.31 -6.19
C LYS A 2 -22.90 0.85 -7.43
N ILE A 3 -23.69 0.35 -8.32
CA ILE A 3 -23.28 -0.06 -9.64
C ILE A 3 -23.71 1.00 -10.60
N ALA A 4 -22.79 1.51 -11.35
CA ALA A 4 -23.09 2.55 -12.28
C ALA A 4 -23.21 2.00 -13.67
N LYS A 5 -22.30 1.13 -14.05
CA LYS A 5 -22.30 0.62 -15.37
C LYS A 5 -22.39 -0.88 -15.37
N VAL A 6 -22.94 -1.39 -16.42
CA VAL A 6 -23.08 -2.81 -16.62
C VAL A 6 -22.57 -3.08 -18.00
N ILE A 7 -21.51 -3.82 -18.11
CA ILE A 7 -20.96 -4.09 -19.41
C ILE A 7 -21.56 -5.38 -19.93
N ASN A 8 -21.72 -6.31 -19.03
CA ASN A 8 -22.33 -7.60 -19.29
C ASN A 8 -22.84 -8.12 -17.99
N ASN A 9 -23.47 -9.26 -18.01
CA ASN A 9 -24.08 -9.82 -16.82
C ASN A 9 -23.09 -10.26 -15.75
N ASN A 10 -21.87 -10.52 -16.13
CA ASN A 10 -20.91 -11.00 -15.16
C ASN A 10 -19.96 -9.91 -14.71
N VAL A 11 -19.77 -8.91 -15.54
CA VAL A 11 -18.85 -7.86 -15.23
C VAL A 11 -19.60 -6.53 -15.17
N ILE A 12 -19.49 -5.88 -14.05
CA ILE A 12 -20.18 -4.63 -13.82
C ILE A 12 -19.22 -3.56 -13.30
N SER A 13 -19.67 -2.35 -13.34
CA SER A 13 -18.91 -1.20 -12.96
C SER A 13 -19.52 -0.59 -11.72
N VAL A 14 -18.77 -0.57 -10.68
CA VAL A 14 -19.18 -0.10 -9.38
C VAL A 14 -18.57 1.27 -9.10
N VAL A 15 -19.29 2.07 -8.37
CA VAL A 15 -18.80 3.33 -7.89
C VAL A 15 -18.77 3.28 -6.37
N ASN A 16 -17.59 3.32 -5.88
CA ASN A 16 -17.26 3.31 -4.47
C ASN A 16 -17.59 4.69 -3.88
N GLU A 17 -17.75 4.71 -2.55
CA GLU A 17 -18.12 5.91 -1.78
C GLU A 17 -17.20 7.10 -2.11
N GLN A 18 -15.93 6.82 -2.25
CA GLN A 18 -14.90 7.82 -2.50
C GLN A 18 -14.91 8.33 -3.95
N GLY A 19 -15.83 7.81 -4.73
CA GLY A 19 -15.92 8.20 -6.11
C GLY A 19 -14.93 7.43 -6.94
N LYS A 20 -14.67 6.22 -6.50
CA LYS A 20 -13.77 5.34 -7.18
C LYS A 20 -14.54 4.35 -8.00
N GLU A 21 -14.18 4.24 -9.22
CA GLU A 21 -14.82 3.30 -10.09
C GLU A 21 -14.13 1.94 -9.93
N LEU A 22 -14.90 0.90 -9.91
CA LEU A 22 -14.38 -0.43 -9.74
C LEU A 22 -15.02 -1.30 -10.80
N VAL A 23 -14.32 -2.25 -11.28
CA VAL A 23 -14.86 -3.21 -12.19
C VAL A 23 -14.90 -4.52 -11.45
N VAL A 24 -16.04 -5.04 -11.25
CA VAL A 24 -16.18 -6.22 -10.47
C VAL A 24 -16.71 -7.35 -11.33
N MET A 25 -16.12 -8.51 -11.18
CA MET A 25 -16.53 -9.68 -11.91
C MET A 25 -17.09 -10.70 -10.96
N GLY A 26 -18.14 -11.30 -11.37
CA GLY A 26 -18.76 -12.34 -10.64
C GLY A 26 -19.59 -13.13 -11.58
N ARG A 27 -20.20 -14.16 -11.12
CA ARG A 27 -21.00 -14.94 -12.01
C ARG A 27 -22.44 -14.54 -11.86
N GLY A 28 -22.87 -13.80 -12.83
CA GLY A 28 -24.23 -13.31 -12.85
C GLY A 28 -24.46 -12.21 -11.85
N LEU A 29 -23.70 -11.15 -11.99
CA LEU A 29 -23.80 -10.01 -11.11
C LEU A 29 -24.91 -9.08 -11.53
N ALA A 30 -25.13 -8.95 -12.84
CA ALA A 30 -26.17 -8.06 -13.33
C ALA A 30 -27.54 -8.70 -13.26
N PHE A 31 -27.55 -10.02 -13.20
CA PHE A 31 -28.77 -10.79 -12.94
C PHE A 31 -29.47 -10.24 -11.69
N GLN A 32 -30.66 -9.68 -11.90
CA GLN A 32 -31.51 -9.09 -10.84
C GLN A 32 -30.76 -7.90 -10.20
N LYS A 33 -30.04 -7.17 -11.01
CA LYS A 33 -29.35 -6.02 -10.56
C LYS A 33 -29.56 -4.91 -11.57
N LYS A 34 -29.14 -3.71 -11.24
CA LYS A 34 -29.36 -2.56 -12.10
C LYS A 34 -28.42 -1.43 -11.70
N SER A 35 -28.30 -0.46 -12.56
CA SER A 35 -27.50 0.71 -12.29
C SER A 35 -28.18 1.59 -11.23
N GLY A 36 -27.44 1.95 -10.22
CA GLY A 36 -27.96 2.77 -9.16
C GLY A 36 -28.34 1.93 -7.97
N ASP A 37 -28.15 0.65 -8.10
CA ASP A 37 -28.48 -0.29 -7.05
C ASP A 37 -27.19 -0.63 -6.32
N ASP A 38 -27.30 -1.07 -5.09
CA ASP A 38 -26.13 -1.43 -4.30
C ASP A 38 -25.57 -2.75 -4.79
N VAL A 39 -24.28 -2.90 -4.67
CA VAL A 39 -23.57 -4.01 -5.23
C VAL A 39 -23.85 -5.30 -4.46
N ASP A 40 -24.01 -6.37 -5.19
CA ASP A 40 -24.22 -7.68 -4.63
C ASP A 40 -22.88 -8.27 -4.36
N GLU A 41 -22.42 -8.18 -3.13
CA GLU A 41 -21.07 -8.59 -2.82
C GLU A 41 -20.93 -10.10 -2.71
N ALA A 42 -22.05 -10.77 -2.60
CA ALA A 42 -22.06 -12.22 -2.46
C ALA A 42 -21.63 -12.89 -3.76
N ARG A 43 -22.01 -12.29 -4.87
CA ARG A 43 -21.64 -12.82 -6.16
C ARG A 43 -20.31 -12.27 -6.68
N ILE A 44 -19.66 -11.44 -5.90
CA ILE A 44 -18.38 -10.89 -6.25
C ILE A 44 -17.29 -11.95 -6.11
N GLU A 45 -16.59 -12.16 -7.17
CA GLU A 45 -15.48 -13.06 -7.17
C GLU A 45 -14.20 -12.26 -7.27
N LYS A 46 -14.20 -11.32 -8.20
CA LYS A 46 -13.02 -10.54 -8.50
C LYS A 46 -13.35 -9.06 -8.47
N VAL A 47 -12.52 -8.29 -7.83
CA VAL A 47 -12.68 -6.86 -7.76
C VAL A 47 -11.51 -6.22 -8.45
N PHE A 48 -11.75 -5.36 -9.38
CA PHE A 48 -10.71 -4.61 -9.98
C PHE A 48 -10.92 -3.16 -9.62
N THR A 49 -9.99 -2.61 -8.96
CA THR A 49 -10.09 -1.24 -8.48
C THR A 49 -9.38 -0.29 -9.42
N LEU A 50 -9.99 0.87 -9.65
CA LEU A 50 -9.40 1.90 -10.49
C LEU A 50 -8.16 2.44 -9.84
N ASP A 51 -7.11 2.43 -10.60
CA ASP A 51 -5.85 2.94 -10.20
C ASP A 51 -5.32 3.71 -11.40
N ASN A 52 -4.44 4.64 -11.14
CA ASN A 52 -3.95 5.51 -12.15
C ASN A 52 -2.56 5.05 -12.51
N LYS A 53 -2.10 5.46 -13.64
CA LYS A 53 -0.76 5.06 -14.08
C LYS A 53 0.22 6.22 -13.97
N ASP A 54 -0.31 7.39 -13.95
CA ASP A 54 0.44 8.62 -14.03
C ASP A 54 0.72 9.19 -12.67
N VAL A 55 -0.23 9.04 -11.77
CA VAL A 55 -0.15 9.60 -10.42
C VAL A 55 -0.02 8.45 -9.41
N SER A 56 0.23 7.30 -9.95
CA SER A 56 0.37 6.11 -9.22
C SER A 56 1.41 5.26 -9.97
N GLU A 57 2.51 5.92 -10.28
CA GLU A 57 3.57 5.38 -11.11
C GLU A 57 4.29 4.21 -10.44
N LYS A 58 4.88 4.48 -9.31
CA LYS A 58 5.61 3.46 -8.55
C LYS A 58 4.67 2.42 -7.99
N PHE A 59 3.49 2.90 -7.62
CA PHE A 59 2.38 2.06 -7.16
C PHE A 59 2.08 0.93 -8.19
N LYS A 60 2.39 1.17 -9.47
CA LYS A 60 2.18 0.16 -10.50
C LYS A 60 3.20 -0.95 -10.38
N THR A 61 4.45 -0.59 -10.54
CA THR A 61 5.52 -1.53 -10.66
C THR A 61 5.71 -2.40 -9.42
N LEU A 62 5.71 -1.79 -8.27
CA LEU A 62 5.97 -2.53 -7.07
C LEU A 62 4.81 -3.40 -6.61
N LEU A 63 3.57 -2.88 -6.66
CA LEU A 63 2.41 -3.70 -6.28
C LEU A 63 2.25 -4.92 -7.19
N TYR A 64 2.65 -4.79 -8.44
CA TYR A 64 2.57 -5.92 -9.34
C TYR A 64 3.72 -6.89 -9.11
N ASP A 65 4.87 -6.36 -8.67
CA ASP A 65 6.10 -7.17 -8.50
C ASP A 65 6.01 -8.11 -7.33
N ILE A 66 5.21 -7.71 -6.39
CA ILE A 66 4.97 -8.42 -5.12
C ILE A 66 4.52 -9.88 -5.35
N PRO A 67 5.35 -10.86 -4.93
CA PRO A 67 5.03 -12.28 -5.03
C PRO A 67 3.80 -12.64 -4.15
N ILE A 68 3.03 -13.62 -4.60
CA ILE A 68 1.80 -14.04 -3.91
C ILE A 68 2.12 -14.63 -2.53
N GLU A 69 3.30 -15.24 -2.43
CA GLU A 69 3.77 -15.80 -1.16
C GLU A 69 3.88 -14.67 -0.14
N CYS A 70 4.56 -13.60 -0.52
CA CYS A 70 4.77 -12.46 0.36
C CYS A 70 3.45 -11.80 0.71
N MET A 71 2.51 -11.85 -0.21
CA MET A 71 1.18 -11.32 -0.01
C MET A 71 0.47 -12.06 1.10
N GLU A 72 0.57 -13.38 1.07
CA GLU A 72 -0.04 -14.19 2.09
C GLU A 72 0.69 -13.99 3.39
N VAL A 73 2.00 -13.94 3.31
CA VAL A 73 2.84 -13.77 4.47
C VAL A 73 2.50 -12.49 5.20
N SER A 74 2.38 -11.39 4.49
CA SER A 74 2.16 -10.11 5.13
C SER A 74 0.79 -10.09 5.81
N GLU A 75 -0.22 -10.65 5.14
CA GLU A 75 -1.57 -10.62 5.68
C GLU A 75 -1.63 -11.55 6.89
N GLU A 76 -0.95 -12.65 6.81
CA GLU A 76 -0.95 -13.64 7.86
C GLU A 76 -0.08 -13.18 9.05
N ILE A 77 1.01 -12.44 8.78
CA ILE A 77 1.86 -11.86 9.84
C ILE A 77 1.04 -10.90 10.67
N ILE A 78 0.35 -10.01 10.00
CA ILE A 78 -0.37 -9.02 10.73
C ILE A 78 -1.67 -9.61 11.28
N SER A 79 -2.13 -10.68 10.66
CA SER A 79 -3.22 -11.46 11.21
C SER A 79 -2.82 -11.98 12.60
N TYR A 80 -1.60 -12.46 12.70
CA TYR A 80 -1.07 -12.97 13.95
C TYR A 80 -0.90 -11.80 14.92
N ALA A 81 -0.40 -10.70 14.39
CA ALA A 81 -0.19 -9.50 15.18
C ALA A 81 -1.50 -8.96 15.74
N LYS A 82 -2.54 -8.91 14.90
CA LYS A 82 -3.83 -8.34 15.29
C LYS A 82 -4.48 -9.25 16.34
N LEU A 83 -4.25 -10.55 16.19
CA LEU A 83 -4.83 -11.55 17.06
C LEU A 83 -4.15 -11.55 18.43
N GLN A 84 -2.86 -11.26 18.44
CA GLN A 84 -2.13 -11.21 19.67
C GLN A 84 -2.41 -9.89 20.40
N LEU A 85 -2.39 -8.80 19.65
CA LEU A 85 -2.58 -7.46 20.21
C LEU A 85 -4.02 -7.20 20.62
N GLY A 86 -4.96 -7.54 19.77
CA GLY A 86 -6.36 -7.24 20.04
C GLY A 86 -6.68 -5.84 19.53
N LYS A 87 -5.85 -5.39 18.64
CA LYS A 87 -5.96 -4.09 18.05
C LYS A 87 -6.26 -4.27 16.59
N LYS A 88 -7.12 -3.43 16.05
CA LYS A 88 -7.31 -3.45 14.62
C LYS A 88 -6.26 -2.54 14.01
N LEU A 89 -5.28 -3.14 13.40
CA LEU A 89 -4.20 -2.38 12.87
C LEU A 89 -4.54 -1.78 11.53
N ASN A 90 -4.00 -0.60 11.33
CA ASN A 90 -4.15 0.17 10.11
C ASN A 90 -3.66 -0.62 8.87
N ASP A 91 -4.31 -0.33 7.75
CA ASP A 91 -4.12 -1.00 6.43
C ASP A 91 -2.69 -0.85 5.96
N SER A 92 -2.08 0.23 6.43
CA SER A 92 -0.74 0.59 6.10
C SER A 92 0.23 -0.53 6.39
N ILE A 93 0.11 -1.18 7.55
CA ILE A 93 1.09 -2.19 7.95
C ILE A 93 1.00 -3.44 7.06
N TYR A 94 -0.16 -3.67 6.50
CA TYR A 94 -0.37 -4.83 5.67
C TYR A 94 0.23 -4.60 4.31
N VAL A 95 -0.15 -3.52 3.67
CA VAL A 95 0.31 -3.25 2.32
C VAL A 95 1.76 -2.77 2.31
N SER A 96 2.22 -2.19 3.41
CA SER A 96 3.58 -1.76 3.43
C SER A 96 4.49 -2.94 3.66
N LEU A 97 4.04 -3.96 4.40
CA LEU A 97 4.92 -5.09 4.64
C LEU A 97 5.12 -5.95 3.43
N THR A 98 4.15 -6.06 2.56
CA THR A 98 4.38 -6.84 1.35
C THR A 98 5.47 -6.21 0.52
N ASN A 99 5.39 -4.93 0.40
CA ASN A 99 6.33 -4.21 -0.39
C ASN A 99 7.68 -4.14 0.33
N HIS A 100 7.63 -3.97 1.64
CA HIS A 100 8.83 -3.87 2.44
C HIS A 100 9.52 -5.21 2.55
N ILE A 101 8.75 -6.30 2.65
CA ILE A 101 9.32 -7.62 2.75
C ILE A 101 9.92 -8.03 1.43
N ASN A 102 9.32 -7.58 0.32
CA ASN A 102 9.88 -7.83 -1.00
C ASN A 102 11.26 -7.20 -1.07
N PHE A 103 11.34 -5.94 -0.69
CA PHE A 103 12.62 -5.25 -0.63
C PHE A 103 13.57 -5.88 0.38
N ALA A 104 13.03 -6.32 1.51
CA ALA A 104 13.81 -6.97 2.56
C ALA A 104 14.42 -8.28 2.07
N ILE A 105 13.67 -9.02 1.27
CA ILE A 105 14.18 -10.24 0.67
C ILE A 105 15.37 -9.88 -0.22
N GLN A 106 15.17 -8.87 -1.05
CA GLN A 106 16.26 -8.39 -1.92
C GLN A 106 17.45 -7.89 -1.11
N ARG A 107 17.16 -7.22 -0.01
CA ARG A 107 18.20 -6.74 0.90
C ARG A 107 19.04 -7.88 1.41
N ASN A 108 18.39 -8.91 1.90
CA ASN A 108 19.09 -10.04 2.47
C ASN A 108 19.84 -10.84 1.40
N GLN A 109 19.26 -10.93 0.22
CA GLN A 109 19.86 -11.70 -0.87
C GLN A 109 21.04 -10.96 -1.49
N LYS A 110 20.85 -9.68 -1.76
CA LYS A 110 21.89 -8.84 -2.40
C LYS A 110 22.99 -8.48 -1.41
N GLY A 111 22.72 -8.67 -0.16
CA GLY A 111 23.68 -8.32 0.86
C GLY A 111 23.71 -6.82 1.06
N LEU A 112 22.54 -6.23 0.96
CA LEU A 112 22.38 -4.81 1.10
C LEU A 112 21.57 -4.57 2.36
N ASP A 113 22.27 -4.53 3.46
CA ASP A 113 21.66 -4.45 4.77
C ASP A 113 21.35 -3.02 5.17
N ILE A 114 20.41 -2.87 6.06
CA ILE A 114 20.13 -1.60 6.69
C ILE A 114 20.31 -1.81 8.17
N LYS A 115 20.34 -0.78 8.93
CA LYS A 115 20.62 -0.94 10.35
C LYS A 115 19.79 0.01 11.19
N ASN A 116 19.21 -0.54 12.22
CA ASN A 116 18.39 0.22 13.14
C ASN A 116 19.22 0.62 14.32
N ALA A 117 19.60 1.88 14.38
CA ALA A 117 20.47 2.37 15.45
C ALA A 117 19.69 2.77 16.68
N LEU A 118 18.42 2.52 16.63
CA LEU A 118 17.50 2.83 17.70
C LEU A 118 16.93 1.52 18.21
N LEU A 119 17.58 0.42 17.84
CA LEU A 119 17.11 -0.92 18.15
C LEU A 119 17.07 -1.17 19.64
N TRP A 120 18.03 -0.62 20.35
CA TRP A 120 18.11 -0.81 21.79
C TRP A 120 16.94 -0.15 22.48
N GLU A 121 16.65 1.07 22.05
CA GLU A 121 15.54 1.84 22.54
C GLU A 121 14.24 1.15 22.20
N THR A 122 14.14 0.71 20.96
CA THR A 122 12.96 0.03 20.45
C THR A 122 12.65 -1.24 21.27
N LYS A 123 13.67 -2.05 21.49
CA LYS A 123 13.52 -3.31 22.22
C LYS A 123 13.23 -3.08 23.71
N ARG A 124 13.59 -1.91 24.19
CA ARG A 124 13.38 -1.57 25.58
C ARG A 124 11.97 -0.99 25.78
N LEU A 125 11.63 0.00 24.98
CA LEU A 125 10.37 0.70 25.11
C LEU A 125 9.21 -0.09 24.54
N TYR A 126 9.42 -0.65 23.37
CA TYR A 126 8.39 -1.38 22.66
C TYR A 126 8.72 -2.87 22.76
N LYS A 127 9.02 -3.30 23.98
CA LYS A 127 9.45 -4.67 24.28
C LYS A 127 8.43 -5.69 23.79
N ASP A 128 7.17 -5.48 24.14
CA ASP A 128 6.13 -6.43 23.78
C ASP A 128 5.88 -6.44 22.31
N GLU A 129 5.91 -5.27 21.73
CA GLU A 129 5.68 -5.09 20.31
C GLU A 129 6.79 -5.78 19.52
N PHE A 130 8.02 -5.60 19.99
CA PHE A 130 9.17 -6.21 19.38
C PHE A 130 9.13 -7.74 19.58
N ALA A 131 8.66 -8.17 20.74
CA ALA A 131 8.52 -9.59 21.06
C ALA A 131 7.53 -10.26 20.11
N ILE A 132 6.43 -9.57 19.82
CA ILE A 132 5.43 -10.05 18.88
C ILE A 132 6.02 -10.03 17.46
N GLY A 133 6.86 -9.06 17.19
CA GLY A 133 7.58 -9.00 15.93
C GLY A 133 8.49 -10.21 15.78
N LYS A 134 9.21 -10.54 16.85
CA LYS A 134 10.07 -11.72 16.90
C LYS A 134 9.26 -13.00 16.73
N GLU A 135 8.09 -13.01 17.32
CA GLU A 135 7.16 -14.14 17.28
C GLU A 135 6.72 -14.37 15.84
N ALA A 136 6.40 -13.29 15.15
CA ALA A 136 6.02 -13.35 13.77
C ALA A 136 7.22 -13.70 12.90
N LEU A 137 8.38 -13.25 13.32
CA LEU A 137 9.62 -13.52 12.63
C LEU A 137 9.96 -15.01 12.69
N VAL A 138 9.63 -15.65 13.80
CA VAL A 138 9.80 -17.09 13.92
C VAL A 138 8.81 -17.78 12.99
N MET A 139 7.60 -17.25 12.97
CA MET A 139 6.53 -17.73 12.07
C MET A 139 6.98 -17.67 10.60
N VAL A 140 7.61 -16.57 10.20
CA VAL A 140 8.12 -16.41 8.84
C VAL A 140 9.19 -17.47 8.57
N LYS A 141 10.04 -17.67 9.56
CA LYS A 141 11.11 -18.63 9.47
C LYS A 141 10.56 -20.04 9.33
N ASN A 142 9.50 -20.34 10.05
CA ASN A 142 8.92 -21.68 10.02
C ASN A 142 8.23 -21.96 8.70
N LYS A 143 7.73 -20.92 8.05
CA LYS A 143 7.10 -21.11 6.77
C LYS A 143 8.10 -21.13 5.61
N THR A 144 9.12 -20.30 5.66
CA THR A 144 9.99 -20.16 4.51
C THR A 144 11.45 -20.55 4.77
N GLY A 145 11.87 -20.49 6.00
CA GLY A 145 13.26 -20.70 6.33
C GLY A 145 14.03 -19.39 6.25
N VAL A 146 13.36 -18.37 5.78
CA VAL A 146 13.93 -17.06 5.63
C VAL A 146 13.65 -16.26 6.90
N SER A 147 14.56 -15.42 7.27
CA SER A 147 14.40 -14.59 8.42
C SER A 147 14.97 -13.22 8.14
N LEU A 148 14.27 -12.22 8.57
CA LEU A 148 14.71 -10.86 8.41
C LEU A 148 15.48 -10.45 9.65
N PRO A 149 16.46 -9.58 9.52
CA PRO A 149 17.28 -9.11 10.63
C PRO A 149 16.47 -8.29 11.66
N GLU A 150 17.01 -8.19 12.86
CA GLU A 150 16.31 -7.55 13.97
C GLU A 150 16.20 -6.05 13.78
N ASP A 151 17.14 -5.46 13.08
CA ASP A 151 17.09 -4.07 12.74
C ASP A 151 15.89 -3.77 11.88
N GLU A 152 15.71 -4.53 10.79
CA GLU A 152 14.53 -4.40 9.95
C GLU A 152 13.27 -4.72 10.74
N ALA A 153 13.33 -5.73 11.60
CA ALA A 153 12.19 -6.10 12.47
C ALA A 153 11.78 -4.93 13.35
N GLY A 154 12.77 -4.20 13.84
CA GLY A 154 12.51 -3.02 14.63
C GLY A 154 11.81 -1.96 13.82
N PHE A 155 12.21 -1.81 12.57
CA PHE A 155 11.54 -0.85 11.69
C PHE A 155 10.12 -1.28 11.40
N ILE A 156 9.90 -2.58 11.34
CA ILE A 156 8.57 -3.13 11.18
C ILE A 156 7.72 -2.73 12.40
N ALA A 157 8.33 -2.78 13.58
CA ALA A 157 7.68 -2.33 14.81
C ALA A 157 7.32 -0.84 14.72
N LEU A 158 8.21 -0.05 14.09
CA LEU A 158 7.91 1.36 13.81
C LEU A 158 6.69 1.51 12.91
N HIS A 159 6.55 0.64 11.93
CA HIS A 159 5.36 0.64 11.09
C HIS A 159 4.13 0.23 11.89
N ILE A 160 4.33 -0.69 12.84
CA ILE A 160 3.26 -1.15 13.71
C ILE A 160 2.76 -0.02 14.61
N VAL A 161 3.66 0.78 15.16
CA VAL A 161 3.25 1.86 16.03
C VAL A 161 2.56 2.98 15.25
N ASN A 162 2.86 3.09 13.95
CA ASN A 162 2.14 4.03 13.07
C ASN A 162 0.82 3.44 12.63
N ALA A 163 0.75 2.13 12.70
CA ALA A 163 -0.47 1.43 12.37
C ALA A 163 -1.41 1.38 13.57
N GLU A 164 -0.86 1.62 14.73
CA GLU A 164 -1.62 1.70 15.94
C GLU A 164 -2.05 3.15 16.20
N LEU A 165 -3.22 3.31 16.75
CA LEU A 165 -3.69 4.58 17.19
C LEU A 165 -3.40 4.63 18.67
N ASN A 166 -3.02 5.80 19.21
CA ASN A 166 -2.63 5.89 20.64
C ASN A 166 -3.53 5.29 21.66
N GLU A 167 -3.10 4.17 22.11
CA GLU A 167 -3.65 3.40 23.17
C GLU A 167 -2.50 2.60 23.75
N LEU A 168 -2.19 2.77 25.00
CA LEU A 168 -1.13 1.98 25.61
C LEU A 168 -1.66 0.68 26.18
N GLN A 169 -2.57 0.14 25.42
CA GLN A 169 -3.25 -1.08 25.69
C GLN A 169 -2.29 -2.19 25.32
N MET B 1 3.21 -6.95 -21.48
CA MET B 1 1.94 -7.48 -21.01
C MET B 1 1.19 -8.06 -22.18
N LYS B 2 -0.02 -8.54 -21.95
CA LYS B 2 -0.86 -9.01 -23.03
C LYS B 2 -2.29 -9.15 -22.59
N ILE B 3 -3.15 -9.01 -23.55
CA ILE B 3 -4.59 -9.12 -23.39
C ILE B 3 -4.95 -10.59 -23.27
N ALA B 4 -5.61 -10.95 -22.21
CA ALA B 4 -6.04 -12.30 -22.01
C ALA B 4 -7.51 -12.42 -22.33
N LYS B 5 -8.29 -11.45 -21.85
CA LYS B 5 -9.67 -11.43 -22.07
C LYS B 5 -10.07 -10.11 -22.65
N VAL B 6 -11.16 -10.10 -23.33
CA VAL B 6 -11.69 -8.91 -23.92
C VAL B 6 -13.12 -8.75 -23.46
N ILE B 7 -13.41 -7.65 -22.84
CA ILE B 7 -14.74 -7.39 -22.41
C ILE B 7 -15.46 -6.63 -23.53
N ASN B 8 -14.72 -5.76 -24.17
CA ASN B 8 -15.15 -5.01 -25.34
C ASN B 8 -13.95 -4.32 -25.89
N ASN B 9 -14.12 -3.59 -26.96
CA ASN B 9 -13.05 -2.85 -27.61
C ASN B 9 -12.26 -1.93 -26.64
N ASN B 10 -12.94 -1.22 -25.81
CA ASN B 10 -12.27 -0.25 -24.98
C ASN B 10 -11.85 -0.84 -23.66
N VAL B 11 -12.45 -1.94 -23.27
CA VAL B 11 -12.16 -2.53 -22.00
C VAL B 11 -11.61 -3.94 -22.19
N ILE B 12 -10.43 -4.18 -21.69
CA ILE B 12 -9.77 -5.45 -21.85
C ILE B 12 -9.16 -5.96 -20.56
N SER B 13 -8.88 -7.23 -20.55
CA SER B 13 -8.33 -7.91 -19.43
C SER B 13 -6.90 -8.30 -19.74
N VAL B 14 -6.00 -7.79 -18.99
CA VAL B 14 -4.58 -8.02 -19.16
C VAL B 14 -4.09 -8.92 -18.04
N VAL B 15 -3.17 -9.79 -18.35
CA VAL B 15 -2.53 -10.59 -17.34
C VAL B 15 -1.08 -10.20 -17.24
N ASN B 16 -0.70 -9.79 -16.06
CA ASN B 16 0.65 -9.41 -15.73
C ASN B 16 1.46 -10.71 -15.58
N GLU B 17 2.78 -10.63 -15.73
CA GLU B 17 3.66 -11.80 -15.68
C GLU B 17 3.58 -12.43 -14.27
N GLN B 18 3.31 -11.59 -13.29
CA GLN B 18 3.21 -11.98 -11.90
C GLN B 18 1.82 -12.52 -11.56
N GLY B 19 1.02 -12.79 -12.58
CA GLY B 19 -0.27 -13.45 -12.39
C GLY B 19 -1.33 -12.52 -11.89
N LYS B 20 -1.19 -11.27 -12.23
CA LYS B 20 -2.10 -10.26 -11.79
C LYS B 20 -2.93 -9.80 -12.94
N GLU B 21 -4.21 -9.94 -12.80
CA GLU B 21 -5.12 -9.57 -13.86
C GLU B 21 -5.49 -8.09 -13.73
N LEU B 22 -5.62 -7.44 -14.83
CA LEU B 22 -5.96 -6.05 -14.87
C LEU B 22 -7.07 -5.85 -15.87
N VAL B 23 -7.95 -4.96 -15.57
CA VAL B 23 -8.95 -4.55 -16.49
C VAL B 23 -8.63 -3.13 -16.87
N VAL B 24 -8.14 -2.97 -18.03
CA VAL B 24 -7.69 -1.70 -18.47
C VAL B 24 -8.69 -1.14 -19.45
N MET B 25 -8.99 0.14 -19.30
CA MET B 25 -9.87 0.79 -20.21
C MET B 25 -9.13 1.86 -20.94
N GLY B 26 -9.19 1.77 -22.22
CA GLY B 26 -8.56 2.71 -23.06
C GLY B 26 -9.29 2.78 -24.33
N ARG B 27 -9.13 3.84 -25.03
CA ARG B 27 -9.91 4.05 -26.22
C ARG B 27 -9.39 3.28 -27.40
N GLY B 28 -10.12 2.24 -27.71
CA GLY B 28 -9.80 1.37 -28.80
C GLY B 28 -8.59 0.52 -28.53
N LEU B 29 -8.54 -0.05 -27.35
CA LEU B 29 -7.42 -0.85 -26.95
C LEU B 29 -7.45 -2.22 -27.61
N ALA B 30 -8.64 -2.71 -27.91
CA ALA B 30 -8.75 -3.98 -28.58
C ALA B 30 -9.10 -3.85 -30.07
N PHE B 31 -9.59 -2.67 -30.46
CA PHE B 31 -9.91 -2.36 -31.86
C PHE B 31 -8.74 -2.66 -32.79
N GLN B 32 -8.90 -3.71 -33.58
CA GLN B 32 -7.92 -4.17 -34.59
C GLN B 32 -6.75 -4.91 -33.92
N LYS B 33 -6.97 -5.27 -32.71
CA LYS B 33 -6.05 -6.07 -31.95
C LYS B 33 -6.75 -7.33 -31.54
N LYS B 34 -6.04 -8.21 -30.91
CA LYS B 34 -6.61 -9.45 -30.46
C LYS B 34 -6.06 -9.76 -29.08
N SER B 35 -6.56 -10.82 -28.50
CA SER B 35 -6.04 -11.28 -27.26
C SER B 35 -4.65 -11.87 -27.52
N GLY B 36 -3.73 -11.59 -26.66
CA GLY B 36 -2.39 -12.06 -26.82
C GLY B 36 -1.44 -10.95 -27.13
N ASP B 37 -1.98 -9.87 -27.61
CA ASP B 37 -1.21 -8.73 -27.96
C ASP B 37 -0.94 -7.84 -26.76
N ASP B 38 0.12 -7.06 -26.86
CA ASP B 38 0.55 -6.16 -25.78
C ASP B 38 -0.29 -4.89 -25.78
N VAL B 39 -0.52 -4.34 -24.61
CA VAL B 39 -1.38 -3.19 -24.46
C VAL B 39 -0.57 -1.90 -24.44
N ASP B 40 -1.02 -0.97 -25.25
CA ASP B 40 -0.45 0.35 -25.39
C ASP B 40 -0.81 1.19 -24.18
N GLU B 41 0.18 1.66 -23.45
CA GLU B 41 -0.10 2.37 -22.23
C GLU B 41 -0.37 3.86 -22.42
N ALA B 42 -0.17 4.36 -23.62
CA ALA B 42 -0.42 5.77 -23.87
C ALA B 42 -1.91 6.01 -23.99
N ARG B 43 -2.60 5.02 -24.52
CA ARG B 43 -4.03 5.07 -24.68
C ARG B 43 -4.78 4.49 -23.48
N ILE B 44 -4.04 4.19 -22.43
CA ILE B 44 -4.60 3.71 -21.20
C ILE B 44 -5.09 4.86 -20.34
N GLU B 45 -6.38 4.92 -20.17
CA GLU B 45 -6.97 5.91 -19.32
C GLU B 45 -7.17 5.35 -17.94
N LYS B 46 -7.70 4.16 -17.88
CA LYS B 46 -8.07 3.58 -16.62
C LYS B 46 -7.43 2.22 -16.44
N VAL B 47 -6.80 2.02 -15.31
CA VAL B 47 -6.21 0.74 -14.99
C VAL B 47 -6.93 0.19 -13.79
N PHE B 48 -7.67 -0.84 -13.95
CA PHE B 48 -8.29 -1.45 -12.82
C PHE B 48 -7.49 -2.69 -12.47
N THR B 49 -6.98 -2.71 -11.30
CA THR B 49 -6.14 -3.80 -10.87
C THR B 49 -6.94 -4.79 -10.02
N LEU B 50 -6.68 -6.08 -10.25
CA LEU B 50 -7.36 -7.14 -9.53
C LEU B 50 -6.92 -7.18 -8.10
N ASP B 51 -7.89 -7.25 -7.24
CA ASP B 51 -7.69 -7.38 -5.85
C ASP B 51 -8.77 -8.32 -5.35
N ASN B 52 -8.42 -9.24 -4.51
CA ASN B 52 -9.37 -10.17 -3.99
C ASN B 52 -9.54 -9.98 -2.51
N LYS B 53 -10.67 -9.39 -2.12
CA LYS B 53 -10.92 -9.01 -0.70
C LYS B 53 -11.02 -10.22 0.25
N ASP B 54 -10.93 -11.40 -0.32
CA ASP B 54 -11.00 -12.61 0.44
C ASP B 54 -9.65 -13.01 0.96
N VAL B 55 -8.63 -12.65 0.24
CA VAL B 55 -7.29 -12.86 0.67
C VAL B 55 -6.73 -11.53 1.10
N SER B 56 -7.07 -10.52 0.35
CA SER B 56 -6.74 -9.16 0.62
C SER B 56 -7.82 -8.60 1.56
N GLU B 57 -7.69 -8.89 2.81
CA GLU B 57 -8.68 -8.53 3.77
C GLU B 57 -8.47 -7.12 4.21
N LYS B 58 -7.35 -6.90 4.81
CA LYS B 58 -7.06 -5.64 5.35
C LYS B 58 -6.49 -4.70 4.33
N PHE B 59 -5.88 -5.28 3.30
CA PHE B 59 -5.34 -4.51 2.14
C PHE B 59 -6.42 -3.65 1.47
N LYS B 60 -7.67 -4.01 1.65
CA LYS B 60 -8.74 -3.26 1.07
C LYS B 60 -9.23 -2.08 1.86
N THR B 61 -8.95 -2.05 3.14
CA THR B 61 -9.61 -1.09 4.01
C THR B 61 -9.32 0.37 3.69
N LEU B 62 -8.07 0.74 3.71
CA LEU B 62 -7.74 2.08 3.41
C LEU B 62 -7.58 2.32 1.94
N LEU B 63 -7.11 1.31 1.19
CA LEU B 63 -7.02 1.45 -0.27
C LEU B 63 -8.37 1.83 -0.91
N TYR B 64 -9.49 1.53 -0.22
CA TYR B 64 -10.76 2.05 -0.68
C TYR B 64 -10.94 3.52 -0.25
N ASP B 65 -10.77 3.78 1.05
CA ASP B 65 -11.13 5.08 1.67
C ASP B 65 -10.22 6.24 1.32
N ILE B 66 -9.02 5.94 1.02
CA ILE B 66 -7.98 6.93 0.68
C ILE B 66 -8.35 7.71 -0.60
N PRO B 67 -8.63 9.02 -0.49
CA PRO B 67 -8.97 9.85 -1.65
C PRO B 67 -7.78 10.02 -2.59
N ILE B 68 -8.07 10.33 -3.85
CA ILE B 68 -7.04 10.52 -4.87
C ILE B 68 -6.09 11.67 -4.47
N GLU B 69 -6.62 12.63 -3.73
CA GLU B 69 -5.83 13.73 -3.20
C GLU B 69 -4.69 13.22 -2.32
N CYS B 70 -5.03 12.37 -1.37
CA CYS B 70 -4.04 11.80 -0.45
C CYS B 70 -3.04 10.94 -1.20
N MET B 71 -3.52 10.31 -2.24
CA MET B 71 -2.71 9.46 -3.08
C MET B 71 -1.71 10.31 -3.86
N GLU B 72 -2.20 11.45 -4.35
CA GLU B 72 -1.36 12.43 -5.04
C GLU B 72 -0.28 12.91 -4.10
N VAL B 73 -0.68 13.25 -2.87
CA VAL B 73 0.23 13.77 -1.85
C VAL B 73 1.37 12.84 -1.67
N SER B 74 1.07 11.59 -1.53
CA SER B 74 2.06 10.62 -1.24
C SER B 74 3.02 10.44 -2.41
N GLU B 75 2.51 10.42 -3.65
CA GLU B 75 3.45 10.23 -4.73
C GLU B 75 4.29 11.50 -4.88
N GLU B 76 3.65 12.65 -4.64
CA GLU B 76 4.27 13.95 -4.77
C GLU B 76 5.38 14.16 -3.72
N ILE B 77 5.20 13.61 -2.52
CA ILE B 77 6.23 13.66 -1.48
C ILE B 77 7.48 12.96 -1.98
N ILE B 78 7.30 11.81 -2.56
CA ILE B 78 8.42 11.07 -3.05
C ILE B 78 8.93 11.67 -4.37
N SER B 79 8.05 12.36 -5.06
CA SER B 79 8.41 13.07 -6.25
C SER B 79 9.39 14.20 -5.86
N TYR B 80 9.15 14.81 -4.71
CA TYR B 80 10.02 15.83 -4.20
C TYR B 80 11.34 15.16 -3.76
N ALA B 81 11.21 13.98 -3.18
CA ALA B 81 12.37 13.19 -2.77
C ALA B 81 13.24 12.77 -3.98
N LYS B 82 12.63 12.47 -5.11
CA LYS B 82 13.38 12.10 -6.30
C LYS B 82 14.01 13.35 -6.95
N LEU B 83 13.38 14.48 -6.74
CA LEU B 83 13.90 15.75 -7.18
C LEU B 83 15.11 16.14 -6.34
N GLN B 84 15.03 15.88 -5.04
CA GLN B 84 16.10 16.18 -4.12
C GLN B 84 17.27 15.18 -4.23
N LEU B 85 16.99 13.92 -4.01
CA LEU B 85 18.02 12.91 -4.02
C LEU B 85 17.97 12.09 -5.29
N GLY B 86 16.79 11.63 -5.63
CA GLY B 86 16.65 10.83 -6.82
C GLY B 86 16.76 9.35 -6.55
N LYS B 87 16.95 9.02 -5.29
CA LYS B 87 17.07 7.65 -4.84
C LYS B 87 15.83 6.87 -5.16
N LYS B 88 16.01 5.71 -5.71
CA LYS B 88 14.90 4.83 -5.94
C LYS B 88 14.47 4.30 -4.59
N LEU B 89 13.29 4.63 -4.20
CA LEU B 89 12.86 4.28 -2.90
C LEU B 89 11.89 3.14 -2.93
N ASN B 90 11.96 2.38 -1.88
CA ASN B 90 11.06 1.28 -1.61
C ASN B 90 9.64 1.83 -1.56
N ASP B 91 8.81 1.32 -2.47
CA ASP B 91 7.43 1.81 -2.69
C ASP B 91 6.53 1.64 -1.46
N SER B 92 7.01 0.90 -0.48
CA SER B 92 6.35 0.74 0.79
C SER B 92 6.08 2.13 1.42
N ILE B 93 6.94 3.11 1.12
CA ILE B 93 6.78 4.48 1.62
C ILE B 93 5.58 5.16 0.95
N TYR B 94 5.38 4.88 -0.32
CA TYR B 94 4.32 5.52 -1.09
C TYR B 94 2.99 5.04 -0.57
N VAL B 95 2.89 3.77 -0.39
CA VAL B 95 1.68 3.22 0.12
C VAL B 95 1.47 3.68 1.56
N SER B 96 2.51 3.60 2.37
CA SER B 96 2.34 3.91 3.78
C SER B 96 1.99 5.37 4.02
N LEU B 97 2.47 6.25 3.15
CA LEU B 97 2.14 7.66 3.28
C LEU B 97 0.70 7.92 2.91
N THR B 98 0.13 7.16 1.97
CA THR B 98 -1.27 7.37 1.62
C THR B 98 -2.15 7.05 2.82
N ASN B 99 -1.82 5.95 3.50
CA ASN B 99 -2.57 5.58 4.69
C ASN B 99 -2.30 6.58 5.77
N HIS B 100 -1.06 7.02 5.85
CA HIS B 100 -0.59 7.93 6.88
C HIS B 100 -1.30 9.29 6.75
N ILE B 101 -1.54 9.73 5.53
CA ILE B 101 -2.26 10.99 5.30
C ILE B 101 -3.73 10.86 5.71
N ASN B 102 -4.32 9.72 5.39
CA ASN B 102 -5.73 9.45 5.76
C ASN B 102 -5.84 9.43 7.27
N PHE B 103 -4.89 8.77 7.90
CA PHE B 103 -4.82 8.71 9.31
C PHE B 103 -4.36 9.99 9.93
N ALA B 104 -3.70 10.83 9.16
CA ALA B 104 -3.30 12.14 9.66
C ALA B 104 -4.54 12.96 9.87
N ILE B 105 -5.46 12.87 8.92
CA ILE B 105 -6.71 13.56 9.04
C ILE B 105 -7.51 12.95 10.18
N GLN B 106 -7.53 11.62 10.23
CA GLN B 106 -8.28 10.89 11.25
C GLN B 106 -7.74 11.19 12.65
N ARG B 107 -6.44 11.31 12.77
CA ARG B 107 -5.81 11.67 14.02
C ARG B 107 -6.16 13.09 14.39
N ASN B 108 -6.03 13.96 13.41
CA ASN B 108 -6.24 15.39 13.57
C ASN B 108 -7.65 15.73 14.01
N GLN B 109 -8.64 15.00 13.49
CA GLN B 109 -10.03 15.27 13.85
C GLN B 109 -10.28 15.00 15.34
N LYS B 110 -9.64 13.98 15.88
CA LYS B 110 -9.82 13.61 17.26
C LYS B 110 -8.81 14.32 18.16
N GLY B 111 -7.74 14.72 17.56
CA GLY B 111 -6.64 15.34 18.29
C GLY B 111 -5.75 14.28 18.91
N LEU B 112 -5.75 13.11 18.33
CA LEU B 112 -5.00 11.98 18.82
C LEU B 112 -3.70 11.88 18.06
N ASP B 113 -2.63 12.36 18.65
CA ASP B 113 -1.33 12.37 17.97
C ASP B 113 -0.58 11.09 18.31
N ILE B 114 0.27 10.64 17.43
CA ILE B 114 1.15 9.51 17.73
C ILE B 114 2.48 10.06 18.23
N LYS B 115 3.12 9.36 19.14
CA LYS B 115 4.27 9.88 19.86
C LYS B 115 5.53 9.12 19.52
N ASN B 116 6.59 9.83 19.28
CA ASN B 116 7.84 9.25 18.92
C ASN B 116 8.77 9.28 20.11
N ALA B 117 8.91 8.18 20.78
CA ALA B 117 9.75 8.12 21.98
C ALA B 117 11.22 7.96 21.63
N LEU B 118 11.49 7.95 20.37
CA LEU B 118 12.82 7.80 19.84
C LEU B 118 13.25 9.11 19.19
N LEU B 119 12.39 10.13 19.32
CA LEU B 119 12.57 11.42 18.63
C LEU B 119 13.91 12.07 18.94
N TRP B 120 14.28 12.07 20.21
CA TRP B 120 15.51 12.72 20.64
C TRP B 120 16.74 12.07 20.03
N GLU B 121 16.69 10.78 19.86
CA GLU B 121 17.79 10.04 19.28
C GLU B 121 17.79 10.22 17.77
N THR B 122 16.59 10.23 17.20
CA THR B 122 16.39 10.43 15.76
C THR B 122 16.96 11.80 15.33
N LYS B 123 16.81 12.80 16.21
CA LYS B 123 17.32 14.15 15.98
C LYS B 123 18.83 14.14 15.71
N ARG B 124 19.55 13.31 16.41
CA ARG B 124 20.99 13.25 16.24
C ARG B 124 21.39 12.32 15.10
N LEU B 125 20.71 11.21 14.98
CA LEU B 125 21.13 10.17 14.06
C LEU B 125 20.59 10.30 12.64
N TYR B 126 19.54 11.04 12.44
CA TYR B 126 18.97 11.14 11.11
C TYR B 126 18.69 12.58 10.75
N LYS B 127 19.71 13.24 10.29
CA LYS B 127 19.62 14.63 9.92
C LYS B 127 18.89 14.83 8.60
N ASP B 128 19.42 14.24 7.53
CA ASP B 128 18.84 14.43 6.19
C ASP B 128 17.49 13.80 6.07
N GLU B 129 17.33 12.66 6.67
CA GLU B 129 16.09 11.94 6.61
C GLU B 129 14.98 12.71 7.33
N PHE B 130 15.31 13.29 8.48
CA PHE B 130 14.34 14.08 9.20
C PHE B 130 14.12 15.40 8.48
N ALA B 131 15.16 15.92 7.86
CA ALA B 131 15.06 17.16 7.09
C ALA B 131 14.07 17.00 5.95
N ILE B 132 14.17 15.88 5.23
CA ILE B 132 13.25 15.58 4.15
C ILE B 132 11.85 15.33 4.72
N GLY B 133 11.80 14.66 5.87
CA GLY B 133 10.54 14.39 6.54
C GLY B 133 9.84 15.67 6.99
N LYS B 134 10.61 16.62 7.50
CA LYS B 134 10.08 17.88 7.95
C LYS B 134 9.70 18.73 6.73
N GLU B 135 10.42 18.53 5.63
CA GLU B 135 10.14 19.20 4.38
C GLU B 135 8.80 18.68 3.86
N ALA B 136 8.63 17.38 3.95
CA ALA B 136 7.41 16.71 3.56
C ALA B 136 6.28 17.16 4.47
N LEU B 137 6.60 17.36 5.74
CA LEU B 137 5.64 17.85 6.72
C LEU B 137 5.06 19.19 6.30
N VAL B 138 5.93 20.09 5.85
CA VAL B 138 5.49 21.39 5.39
C VAL B 138 4.68 21.23 4.10
N MET B 139 5.15 20.34 3.26
CA MET B 139 4.48 20.01 2.01
C MET B 139 3.05 19.51 2.27
N VAL B 140 2.91 18.64 3.25
CA VAL B 140 1.62 18.14 3.66
C VAL B 140 0.79 19.26 4.27
N LYS B 141 1.44 20.06 5.09
CA LYS B 141 0.82 21.20 5.79
C LYS B 141 0.25 22.18 4.75
N ASN B 142 0.99 22.44 3.71
CA ASN B 142 0.55 23.34 2.66
C ASN B 142 -0.61 22.77 1.86
N LYS B 143 -0.61 21.47 1.66
CA LYS B 143 -1.69 20.84 0.91
C LYS B 143 -2.94 20.54 1.75
N THR B 144 -2.78 20.29 3.04
CA THR B 144 -3.90 19.89 3.85
C THR B 144 -4.38 20.97 4.81
N GLY B 145 -3.47 21.77 5.27
CA GLY B 145 -3.78 22.75 6.27
C GLY B 145 -3.63 22.18 7.67
N VAL B 146 -3.21 20.94 7.74
CA VAL B 146 -3.03 20.24 9.00
C VAL B 146 -1.56 20.30 9.41
N SER B 147 -1.31 20.50 10.69
CA SER B 147 0.03 20.59 11.18
C SER B 147 0.28 19.42 12.14
N LEU B 148 1.20 18.55 11.79
CA LEU B 148 1.53 17.40 12.60
C LEU B 148 2.77 17.71 13.44
N PRO B 149 2.81 17.29 14.71
CA PRO B 149 3.98 17.45 15.58
C PRO B 149 5.24 16.69 15.08
N GLU B 150 6.39 17.05 15.64
CA GLU B 150 7.68 16.50 15.22
C GLU B 150 7.85 15.01 15.52
N ASP B 151 7.12 14.48 16.48
CA ASP B 151 7.17 13.09 16.78
C ASP B 151 6.49 12.29 15.69
N GLU B 152 5.44 12.82 15.12
CA GLU B 152 4.78 12.17 14.02
C GLU B 152 5.63 12.33 12.75
N ALA B 153 6.25 13.49 12.61
CA ALA B 153 7.17 13.74 11.50
C ALA B 153 8.39 12.84 11.60
N GLY B 154 8.78 12.54 12.82
CA GLY B 154 9.86 11.63 13.08
C GLY B 154 9.54 10.25 12.58
N PHE B 155 8.29 9.84 12.73
CA PHE B 155 7.87 8.55 12.21
C PHE B 155 7.95 8.54 10.72
N ILE B 156 7.55 9.63 10.11
CA ILE B 156 7.69 9.80 8.66
C ILE B 156 9.15 9.60 8.25
N ALA B 157 10.07 10.17 9.02
CA ALA B 157 11.50 10.00 8.79
C ALA B 157 11.93 8.53 8.90
N LEU B 158 11.37 7.81 9.87
CA LEU B 158 11.62 6.37 10.00
C LEU B 158 11.09 5.59 8.80
N HIS B 159 9.96 6.00 8.28
CA HIS B 159 9.45 5.37 7.07
C HIS B 159 10.34 5.69 5.87
N ILE B 160 10.95 6.87 5.89
CA ILE B 160 11.90 7.28 4.87
C ILE B 160 13.17 6.40 4.91
N VAL B 161 13.66 6.09 6.12
CA VAL B 161 14.83 5.25 6.22
C VAL B 161 14.54 3.83 5.71
N ASN B 162 13.28 3.40 5.87
CA ASN B 162 12.84 2.08 5.40
C ASN B 162 12.62 2.11 3.91
N ALA B 163 12.38 3.29 3.41
CA ALA B 163 12.21 3.51 1.99
C ALA B 163 13.56 3.47 1.30
N GLU B 164 14.57 3.95 1.99
CA GLU B 164 15.89 4.01 1.47
C GLU B 164 16.53 2.62 1.39
N LEU B 165 17.17 2.35 0.29
CA LEU B 165 18.01 1.22 0.14
C LEU B 165 19.39 1.71 0.50
N ASN B 166 20.24 0.87 1.04
CA ASN B 166 21.55 1.37 1.49
C ASN B 166 22.55 1.65 0.40
N GLU B 167 22.24 2.65 -0.33
CA GLU B 167 23.08 3.25 -1.30
C GLU B 167 23.66 4.47 -0.64
N LEU B 168 24.87 4.32 -0.19
CA LEU B 168 25.52 5.29 0.63
C LEU B 168 26.12 6.45 -0.14
N GLN B 169 25.25 7.26 -0.63
CA GLN B 169 25.57 8.46 -1.33
C GLN B 169 24.42 9.37 -1.00
N MET A 1 -21.93 2.11 -2.08
CA MET A 1 -21.70 2.21 -3.54
C MET A 1 -22.90 1.66 -4.29
N LYS A 2 -22.88 1.79 -5.60
CA LYS A 2 -23.95 1.32 -6.44
C LYS A 2 -23.38 1.01 -7.81
N ILE A 3 -24.12 0.24 -8.56
CA ILE A 3 -23.73 -0.10 -9.93
C ILE A 3 -23.85 1.16 -10.78
N ALA A 4 -22.76 1.58 -11.35
CA ALA A 4 -22.73 2.79 -12.13
C ALA A 4 -22.56 2.47 -13.60
N LYS A 5 -21.88 1.38 -13.90
CA LYS A 5 -21.63 0.99 -15.25
C LYS A 5 -21.76 -0.52 -15.35
N VAL A 6 -22.16 -1.01 -16.48
CA VAL A 6 -22.35 -2.42 -16.68
C VAL A 6 -21.61 -2.84 -17.94
N ILE A 7 -20.67 -3.73 -17.78
CA ILE A 7 -19.94 -4.27 -18.87
C ILE A 7 -20.69 -5.49 -19.43
N ASN A 8 -21.26 -6.25 -18.54
CA ASN A 8 -22.10 -7.40 -18.88
C ASN A 8 -22.75 -7.89 -17.62
N ASN A 9 -23.45 -8.98 -17.69
CA ASN A 9 -24.17 -9.49 -16.53
C ASN A 9 -23.28 -10.04 -15.45
N ASN A 10 -22.05 -10.34 -15.77
CA ASN A 10 -21.13 -10.87 -14.79
C ASN A 10 -20.15 -9.82 -14.35
N VAL A 11 -19.95 -8.83 -15.15
CA VAL A 11 -18.99 -7.81 -14.85
C VAL A 11 -19.70 -6.47 -14.71
N ILE A 12 -19.56 -5.87 -13.58
CA ILE A 12 -20.19 -4.61 -13.31
C ILE A 12 -19.16 -3.58 -12.94
N SER A 13 -19.55 -2.36 -12.98
CA SER A 13 -18.73 -1.28 -12.69
C SER A 13 -19.42 -0.41 -11.66
N VAL A 14 -18.78 -0.21 -10.57
CA VAL A 14 -19.31 0.57 -9.50
C VAL A 14 -18.35 1.70 -9.22
N VAL A 15 -18.76 2.67 -8.49
CA VAL A 15 -17.90 3.77 -8.12
C VAL A 15 -17.93 3.89 -6.62
N ASN A 16 -16.78 3.87 -6.00
CA ASN A 16 -16.71 3.99 -4.57
C ASN A 16 -16.79 5.45 -4.15
N GLU A 17 -16.61 5.72 -2.90
CA GLU A 17 -16.84 7.07 -2.37
C GLU A 17 -15.64 7.99 -2.68
N GLN A 18 -14.52 7.39 -2.99
CA GLN A 18 -13.33 8.13 -3.27
C GLN A 18 -13.14 8.37 -4.76
N GLY A 19 -14.15 7.99 -5.54
CA GLY A 19 -14.16 8.30 -6.95
C GLY A 19 -13.42 7.31 -7.80
N LYS A 20 -13.28 6.10 -7.33
CA LYS A 20 -12.65 5.09 -8.10
C LYS A 20 -13.68 4.16 -8.66
N GLU A 21 -13.59 3.96 -9.94
CA GLU A 21 -14.44 3.04 -10.63
C GLU A 21 -13.89 1.65 -10.34
N LEU A 22 -14.74 0.75 -10.07
CA LEU A 22 -14.35 -0.56 -9.71
C LEU A 22 -15.09 -1.54 -10.56
N VAL A 23 -14.39 -2.49 -11.05
CA VAL A 23 -14.95 -3.51 -11.87
C VAL A 23 -15.04 -4.77 -11.06
N VAL A 24 -16.22 -5.12 -10.71
CA VAL A 24 -16.44 -6.26 -9.90
C VAL A 24 -16.97 -7.37 -10.78
N MET A 25 -16.42 -8.54 -10.66
CA MET A 25 -16.84 -9.65 -11.48
C MET A 25 -17.38 -10.77 -10.62
N GLY A 26 -18.45 -11.36 -11.08
CA GLY A 26 -19.05 -12.48 -10.46
C GLY A 26 -20.22 -12.91 -11.26
N ARG A 27 -20.59 -14.14 -11.15
CA ARG A 27 -21.67 -14.66 -11.96
C ARG A 27 -22.99 -14.02 -11.60
N GLY A 28 -23.54 -13.31 -12.55
CA GLY A 28 -24.84 -12.70 -12.38
C GLY A 28 -24.86 -11.57 -11.39
N LEU A 29 -23.90 -10.68 -11.50
CA LEU A 29 -23.86 -9.52 -10.65
C LEU A 29 -24.87 -8.48 -11.13
N ALA A 30 -25.09 -8.43 -12.43
CA ALA A 30 -26.08 -7.51 -12.97
C ALA A 30 -27.44 -8.18 -13.03
N PHE A 31 -27.43 -9.49 -12.85
CA PHE A 31 -28.63 -10.30 -12.81
C PHE A 31 -29.51 -9.88 -11.64
N GLN A 32 -30.71 -9.37 -11.98
CA GLN A 32 -31.74 -8.87 -11.04
C GLN A 32 -31.39 -7.51 -10.53
N LYS A 33 -30.41 -6.93 -11.14
CA LYS A 33 -29.91 -5.65 -10.76
C LYS A 33 -29.80 -4.72 -11.96
N LYS A 34 -29.44 -3.49 -11.68
CA LYS A 34 -29.33 -2.45 -12.68
C LYS A 34 -28.51 -1.31 -12.10
N SER A 35 -28.25 -0.31 -12.90
CA SER A 35 -27.46 0.82 -12.51
C SER A 35 -28.21 1.67 -11.47
N GLY A 36 -27.61 1.81 -10.32
CA GLY A 36 -28.21 2.56 -9.26
C GLY A 36 -28.59 1.69 -8.11
N ASP A 37 -28.45 0.41 -8.30
CA ASP A 37 -28.77 -0.53 -7.27
C ASP A 37 -27.50 -0.91 -6.54
N ASP A 38 -27.65 -1.36 -5.31
CA ASP A 38 -26.53 -1.72 -4.46
C ASP A 38 -25.91 -3.02 -4.95
N VAL A 39 -24.68 -3.20 -4.64
CA VAL A 39 -23.91 -4.32 -5.12
C VAL A 39 -24.19 -5.59 -4.32
N ASP A 40 -24.35 -6.70 -5.03
CA ASP A 40 -24.50 -7.98 -4.38
C ASP A 40 -23.14 -8.40 -3.93
N GLU A 41 -22.98 -8.61 -2.68
CA GLU A 41 -21.70 -8.90 -2.10
C GLU A 41 -21.38 -10.39 -2.11
N ALA A 42 -22.39 -11.21 -2.28
CA ALA A 42 -22.20 -12.63 -2.20
C ALA A 42 -21.72 -13.21 -3.52
N ARG A 43 -22.13 -12.60 -4.61
CA ARG A 43 -21.72 -13.08 -5.93
C ARG A 43 -20.38 -12.50 -6.37
N ILE A 44 -19.80 -11.64 -5.55
CA ILE A 44 -18.50 -11.06 -5.84
C ILE A 44 -17.42 -12.12 -5.84
N GLU A 45 -16.87 -12.37 -6.99
CA GLU A 45 -15.79 -13.28 -7.11
C GLU A 45 -14.49 -12.49 -7.13
N LYS A 46 -14.45 -11.49 -7.98
CA LYS A 46 -13.24 -10.75 -8.23
C LYS A 46 -13.51 -9.25 -8.13
N VAL A 47 -12.52 -8.50 -7.64
CA VAL A 47 -12.64 -7.06 -7.48
C VAL A 47 -11.50 -6.36 -8.23
N PHE A 48 -11.83 -5.53 -9.16
CA PHE A 48 -10.86 -4.74 -9.88
C PHE A 48 -11.01 -3.28 -9.48
N THR A 49 -9.93 -2.63 -9.28
CA THR A 49 -9.92 -1.24 -8.90
C THR A 49 -9.26 -0.39 -9.99
N LEU A 50 -9.82 0.79 -10.21
CA LEU A 50 -9.29 1.71 -11.20
C LEU A 50 -8.19 2.56 -10.66
N ASP A 51 -7.10 2.49 -11.35
CA ASP A 51 -6.00 3.37 -11.13
C ASP A 51 -5.51 3.85 -12.46
N ASN A 52 -5.26 5.12 -12.55
CA ASN A 52 -4.83 5.68 -13.78
C ASN A 52 -3.35 5.55 -13.80
N LYS A 53 -2.86 4.89 -14.82
CA LYS A 53 -1.42 4.60 -15.00
C LYS A 53 -0.56 5.85 -14.96
N ASP A 54 -1.18 6.96 -15.22
CA ASP A 54 -0.51 8.23 -15.27
C ASP A 54 -0.47 8.91 -13.92
N VAL A 55 -1.50 8.73 -13.17
CA VAL A 55 -1.60 9.33 -11.86
C VAL A 55 -0.88 8.44 -10.85
N SER A 56 -1.20 7.20 -10.89
CA SER A 56 -0.69 6.26 -9.97
C SER A 56 0.50 5.56 -10.59
N GLU A 57 1.70 5.99 -10.27
CA GLU A 57 2.85 5.29 -10.72
C GLU A 57 3.15 4.19 -9.74
N LYS A 58 3.40 4.62 -8.54
CA LYS A 58 3.78 3.75 -7.47
C LYS A 58 2.59 3.08 -6.85
N PHE A 59 1.46 3.71 -6.97
CA PHE A 59 0.25 3.10 -6.53
C PHE A 59 -0.22 2.01 -7.50
N LYS A 60 0.31 2.07 -8.71
CA LYS A 60 0.07 1.07 -9.73
C LYS A 60 1.01 -0.11 -9.53
N THR A 61 2.28 0.19 -9.27
CA THR A 61 3.31 -0.83 -9.15
C THR A 61 3.05 -1.80 -8.00
N LEU A 62 2.16 -1.42 -7.10
CA LEU A 62 1.78 -2.26 -5.97
C LEU A 62 1.25 -3.60 -6.43
N LEU A 63 0.18 -3.58 -7.18
CA LEU A 63 -0.42 -4.82 -7.58
C LEU A 63 0.27 -5.41 -8.81
N TYR A 64 1.09 -4.60 -9.44
CA TYR A 64 1.92 -5.07 -10.52
C TYR A 64 3.15 -5.86 -10.03
N ASP A 65 3.74 -5.46 -8.90
CA ASP A 65 5.00 -6.04 -8.51
C ASP A 65 4.93 -6.76 -7.15
N ILE A 66 3.74 -7.03 -6.70
CA ILE A 66 3.58 -7.76 -5.45
C ILE A 66 3.00 -9.16 -5.69
N PRO A 67 3.82 -10.20 -5.44
CA PRO A 67 3.41 -11.60 -5.58
C PRO A 67 2.36 -11.99 -4.55
N ILE A 68 1.51 -12.96 -4.89
CA ILE A 68 0.41 -13.39 -4.02
C ILE A 68 0.95 -13.96 -2.70
N GLU A 69 2.12 -14.57 -2.76
CA GLU A 69 2.79 -15.14 -1.59
C GLU A 69 3.07 -14.05 -0.57
N CYS A 70 3.78 -13.02 -0.98
CA CYS A 70 4.13 -11.93 -0.09
C CYS A 70 2.88 -11.21 0.41
N MET A 71 1.89 -11.15 -0.45
CA MET A 71 0.64 -10.49 -0.16
C MET A 71 -0.12 -11.25 0.92
N GLU A 72 -0.14 -12.55 0.81
CA GLU A 72 -0.85 -13.39 1.74
C GLU A 72 -0.14 -13.34 3.08
N VAL A 73 1.18 -13.38 3.04
CA VAL A 73 1.97 -13.36 4.24
C VAL A 73 1.80 -12.05 4.98
N SER A 74 1.79 -10.93 4.27
CA SER A 74 1.69 -9.64 4.91
C SER A 74 0.31 -9.47 5.59
N GLU A 75 -0.75 -9.95 4.92
CA GLU A 75 -2.11 -9.87 5.46
C GLU A 75 -2.18 -10.75 6.73
N GLU A 76 -1.52 -11.90 6.66
CA GLU A 76 -1.46 -12.86 7.76
C GLU A 76 -0.63 -12.27 8.92
N ILE A 77 0.47 -11.58 8.59
CA ILE A 77 1.33 -10.95 9.58
C ILE A 77 0.55 -9.99 10.44
N ILE A 78 -0.28 -9.17 9.81
CA ILE A 78 -1.00 -8.19 10.57
C ILE A 78 -2.16 -8.86 11.30
N SER A 79 -2.67 -9.93 10.71
CA SER A 79 -3.72 -10.71 11.31
C SER A 79 -3.19 -11.33 12.63
N TYR A 80 -1.97 -11.85 12.57
CA TYR A 80 -1.33 -12.42 13.73
C TYR A 80 -1.06 -11.34 14.76
N ALA A 81 -0.63 -10.19 14.29
CA ALA A 81 -0.32 -9.07 15.14
C ALA A 81 -1.56 -8.59 15.88
N LYS A 82 -2.68 -8.48 15.19
CA LYS A 82 -3.90 -8.00 15.81
C LYS A 82 -4.47 -9.05 16.75
N LEU A 83 -4.21 -10.31 16.44
CA LEU A 83 -4.66 -11.43 17.26
C LEU A 83 -3.93 -11.41 18.60
N GLN A 84 -2.64 -11.13 18.56
CA GLN A 84 -1.84 -11.12 19.75
C GLN A 84 -1.98 -9.80 20.53
N LEU A 85 -1.95 -8.69 19.83
CA LEU A 85 -2.05 -7.38 20.46
C LEU A 85 -3.46 -7.07 20.95
N GLY A 86 -4.47 -7.43 20.17
CA GLY A 86 -5.84 -7.06 20.51
C GLY A 86 -6.10 -5.62 20.11
N LYS A 87 -5.11 -5.06 19.48
CA LYS A 87 -5.11 -3.70 19.06
C LYS A 87 -5.69 -3.58 17.68
N LYS A 88 -5.90 -2.38 17.28
CA LYS A 88 -6.47 -2.06 16.00
C LYS A 88 -5.46 -1.28 15.20
N LEU A 89 -5.02 -1.88 14.13
CA LEU A 89 -3.92 -1.36 13.36
C LEU A 89 -4.37 -0.74 12.04
N ASN A 90 -3.66 0.30 11.69
CA ASN A 90 -3.82 1.06 10.45
C ASN A 90 -3.60 0.14 9.23
N ASP A 91 -4.44 0.32 8.23
CA ASP A 91 -4.40 -0.44 6.95
C ASP A 91 -3.08 -0.22 6.20
N SER A 92 -2.37 0.82 6.61
CA SER A 92 -1.08 1.20 6.07
C SER A 92 -0.10 0.03 6.11
N ILE A 93 -0.02 -0.61 7.26
CA ILE A 93 1.01 -1.59 7.53
C ILE A 93 0.88 -2.86 6.68
N TYR A 94 -0.30 -3.14 6.20
CA TYR A 94 -0.52 -4.36 5.43
C TYR A 94 0.12 -4.23 4.06
N VAL A 95 -0.22 -3.18 3.37
CA VAL A 95 0.32 -2.97 2.04
C VAL A 95 1.74 -2.40 2.08
N SER A 96 2.11 -1.77 3.18
CA SER A 96 3.45 -1.32 3.29
C SER A 96 4.40 -2.47 3.61
N LEU A 97 3.93 -3.50 4.34
CA LEU A 97 4.81 -4.60 4.65
C LEU A 97 5.04 -5.50 3.47
N THR A 98 4.11 -5.60 2.55
CA THR A 98 4.38 -6.37 1.34
C THR A 98 5.56 -5.80 0.60
N ASN A 99 5.55 -4.50 0.48
CA ASN A 99 6.62 -3.81 -0.19
C ASN A 99 7.87 -3.82 0.65
N HIS A 100 7.71 -3.72 1.94
CA HIS A 100 8.85 -3.69 2.81
C HIS A 100 9.50 -5.07 2.87
N ILE A 101 8.70 -6.13 2.92
CA ILE A 101 9.24 -7.47 3.00
C ILE A 101 9.92 -7.85 1.70
N ASN A 102 9.33 -7.46 0.57
CA ASN A 102 9.91 -7.80 -0.74
C ASN A 102 11.26 -7.11 -0.90
N PHE A 103 11.34 -5.86 -0.46
CA PHE A 103 12.58 -5.15 -0.52
C PHE A 103 13.58 -5.66 0.53
N ALA A 104 13.07 -6.07 1.68
CA ALA A 104 13.91 -6.62 2.75
C ALA A 104 14.52 -7.96 2.33
N ILE A 105 13.73 -8.77 1.61
CA ILE A 105 14.21 -10.04 1.09
C ILE A 105 15.39 -9.77 0.15
N GLN A 106 15.22 -8.81 -0.74
CA GLN A 106 16.29 -8.48 -1.65
C GLN A 106 17.48 -7.80 -0.96
N ARG A 107 17.23 -7.11 0.18
CA ARG A 107 18.32 -6.54 0.96
C ARG A 107 19.14 -7.66 1.58
N ASN A 108 18.46 -8.68 2.06
CA ASN A 108 19.12 -9.84 2.65
C ASN A 108 19.93 -10.59 1.59
N GLN A 109 19.35 -10.73 0.40
CA GLN A 109 20.01 -11.46 -0.71
C GLN A 109 21.31 -10.79 -1.14
N LYS A 110 21.35 -9.48 -1.02
CA LYS A 110 22.53 -8.72 -1.37
C LYS A 110 23.59 -8.82 -0.29
N GLY A 111 23.19 -9.27 0.86
CA GLY A 111 24.06 -9.28 2.00
C GLY A 111 24.25 -7.86 2.48
N LEU A 112 23.21 -7.08 2.34
CA LEU A 112 23.20 -5.70 2.71
C LEU A 112 22.73 -5.59 4.14
N ASP A 113 23.58 -5.12 5.01
CA ASP A 113 23.20 -5.00 6.40
C ASP A 113 23.08 -3.59 6.81
N ILE A 114 21.92 -3.05 6.62
CA ILE A 114 21.61 -1.75 7.15
C ILE A 114 20.91 -1.98 8.47
N LYS A 115 21.70 -1.95 9.50
CA LYS A 115 21.22 -2.33 10.79
C LYS A 115 20.55 -1.22 11.54
N ASN A 116 19.74 -1.61 12.48
CA ASN A 116 18.95 -0.72 13.25
C ASN A 116 19.76 -0.34 14.48
N ALA A 117 20.23 0.89 14.51
CA ALA A 117 21.09 1.32 15.63
C ALA A 117 20.28 1.74 16.84
N LEU A 118 19.01 1.65 16.71
CA LEU A 118 18.08 1.99 17.76
C LEU A 118 17.31 0.76 18.17
N LEU A 119 17.80 -0.40 17.74
CA LEU A 119 17.15 -1.69 17.99
C LEU A 119 17.03 -1.95 19.49
N TRP A 120 18.06 -1.57 20.19
CA TRP A 120 18.15 -1.79 21.63
C TRP A 120 17.15 -0.92 22.37
N GLU A 121 16.93 0.25 21.83
CA GLU A 121 16.00 1.19 22.40
C GLU A 121 14.58 0.69 22.10
N THR A 122 14.38 0.29 20.86
CA THR A 122 13.12 -0.19 20.34
C THR A 122 12.63 -1.42 21.14
N LYS A 123 13.55 -2.34 21.41
CA LYS A 123 13.23 -3.57 22.10
C LYS A 123 12.79 -3.32 23.56
N ARG A 124 13.24 -2.22 24.15
CA ARG A 124 12.83 -1.85 25.49
C ARG A 124 11.53 -1.04 25.48
N LEU A 125 11.46 -0.06 24.61
CA LEU A 125 10.34 0.87 24.55
C LEU A 125 9.09 0.27 23.90
N TYR A 126 9.28 -0.45 22.83
CA TYR A 126 8.18 -1.02 22.08
C TYR A 126 8.29 -2.55 22.17
N LYS A 127 8.51 -2.98 23.38
CA LYS A 127 8.79 -4.36 23.78
C LYS A 127 7.79 -5.38 23.25
N ASP A 128 6.52 -5.08 23.37
CA ASP A 128 5.51 -6.03 22.95
C ASP A 128 5.34 -6.06 21.45
N GLU A 129 5.24 -4.90 20.85
CA GLU A 129 5.07 -4.80 19.40
C GLU A 129 6.26 -5.41 18.68
N PHE A 130 7.45 -5.17 19.23
CA PHE A 130 8.66 -5.72 18.68
C PHE A 130 8.63 -7.23 18.70
N ALA A 131 8.25 -7.81 19.82
CA ALA A 131 8.26 -9.25 19.96
C ALA A 131 7.24 -9.92 19.07
N ILE A 132 6.10 -9.28 18.91
CA ILE A 132 5.06 -9.83 18.07
C ILE A 132 5.43 -9.71 16.59
N GLY A 133 6.09 -8.59 16.23
CA GLY A 133 6.56 -8.45 14.86
C GLY A 133 7.71 -9.40 14.60
N LYS A 134 8.49 -9.62 15.65
CA LYS A 134 9.61 -10.52 15.64
C LYS A 134 9.11 -11.94 15.37
N GLU A 135 8.07 -12.35 16.10
CA GLU A 135 7.49 -13.67 15.92
C GLU A 135 6.84 -13.83 14.55
N ALA A 136 6.33 -12.74 14.01
CA ALA A 136 5.79 -12.77 12.66
C ALA A 136 6.91 -13.04 11.67
N LEU A 137 8.04 -12.40 11.90
CA LEU A 137 9.21 -12.63 11.06
C LEU A 137 9.71 -14.07 11.28
N VAL A 138 9.59 -14.57 12.51
CA VAL A 138 9.96 -15.95 12.82
C VAL A 138 9.11 -16.92 11.99
N MET A 139 7.82 -16.64 11.90
CA MET A 139 6.89 -17.46 11.10
C MET A 139 7.34 -17.46 9.65
N VAL A 140 7.67 -16.28 9.15
CA VAL A 140 8.16 -16.14 7.77
C VAL A 140 9.43 -16.95 7.60
N LYS A 141 10.32 -16.82 8.57
CA LYS A 141 11.59 -17.52 8.57
C LYS A 141 11.38 -19.03 8.60
N ASN A 142 10.39 -19.49 9.35
CA ASN A 142 10.11 -20.91 9.46
C ASN A 142 9.62 -21.46 8.13
N LYS A 143 8.80 -20.71 7.45
CA LYS A 143 8.23 -21.20 6.21
C LYS A 143 9.19 -21.04 5.03
N THR A 144 10.03 -20.03 5.06
CA THR A 144 10.91 -19.77 3.94
C THR A 144 12.30 -20.33 4.14
N GLY A 145 12.74 -20.33 5.36
CA GLY A 145 14.07 -20.71 5.68
C GLY A 145 15.01 -19.51 5.57
N VAL A 146 14.43 -18.37 5.27
CA VAL A 146 15.17 -17.15 5.06
C VAL A 146 15.17 -16.31 6.33
N SER A 147 16.34 -16.13 6.89
CA SER A 147 16.48 -15.32 8.07
C SER A 147 16.81 -13.88 7.67
N LEU A 148 15.94 -12.97 8.02
CA LEU A 148 16.17 -11.57 7.79
C LEU A 148 16.75 -10.97 9.05
N PRO A 149 17.54 -9.87 8.95
CA PRO A 149 18.11 -9.18 10.12
C PRO A 149 17.05 -8.83 11.21
N GLU A 150 17.49 -8.84 12.47
CA GLU A 150 16.61 -8.49 13.62
C GLU A 150 16.22 -7.02 13.48
N ASP A 151 17.11 -6.33 12.85
CA ASP A 151 17.02 -4.92 12.55
C ASP A 151 15.79 -4.64 11.76
N GLU A 152 15.63 -5.40 10.68
CA GLU A 152 14.46 -5.33 9.80
C GLU A 152 13.17 -5.48 10.63
N ALA A 153 13.17 -6.48 11.53
CA ALA A 153 12.04 -6.74 12.42
C ALA A 153 11.77 -5.53 13.30
N GLY A 154 12.83 -4.89 13.73
CA GLY A 154 12.72 -3.66 14.48
C GLY A 154 12.04 -2.56 13.70
N PHE A 155 12.37 -2.44 12.44
CA PHE A 155 11.73 -1.43 11.60
C PHE A 155 10.26 -1.80 11.36
N ILE A 156 10.00 -3.09 11.26
CA ILE A 156 8.62 -3.59 11.19
C ILE A 156 7.85 -3.18 12.46
N ALA A 157 8.53 -3.26 13.61
CA ALA A 157 7.95 -2.84 14.88
C ALA A 157 7.61 -1.34 14.84
N LEU A 158 8.49 -0.55 14.22
CA LEU A 158 8.21 0.87 14.00
C LEU A 158 6.94 1.06 13.15
N HIS A 159 6.76 0.21 12.17
CA HIS A 159 5.54 0.25 11.36
C HIS A 159 4.32 -0.09 12.19
N ILE A 160 4.47 -1.05 13.09
CA ILE A 160 3.39 -1.45 14.00
C ILE A 160 2.97 -0.31 14.90
N VAL A 161 3.93 0.41 15.46
CA VAL A 161 3.61 1.47 16.37
C VAL A 161 2.99 2.67 15.63
N ASN A 162 3.32 2.82 14.35
CA ASN A 162 2.72 3.86 13.53
C ASN A 162 1.32 3.46 13.16
N ALA A 163 1.11 2.17 13.08
CA ALA A 163 -0.17 1.63 12.72
C ALA A 163 -1.14 1.65 13.88
N GLU A 164 -0.63 1.63 15.09
CA GLU A 164 -1.46 1.69 16.29
C GLU A 164 -2.41 2.90 16.35
N LEU A 165 -3.70 2.63 16.46
CA LEU A 165 -4.66 3.64 16.78
C LEU A 165 -5.00 3.47 18.22
N ASN A 166 -4.61 4.38 19.01
CA ASN A 166 -4.84 4.27 20.42
C ASN A 166 -6.18 4.79 20.85
N GLU A 167 -7.14 3.97 20.62
CA GLU A 167 -8.49 4.17 21.03
C GLU A 167 -8.90 2.86 21.63
N LEU A 168 -8.99 2.83 22.93
CA LEU A 168 -9.17 1.60 23.64
C LEU A 168 -10.62 1.16 23.69
N GLN A 169 -10.99 0.53 22.64
CA GLN A 169 -12.24 -0.16 22.50
C GLN A 169 -11.96 -1.22 21.46
N MET B 1 3.38 -8.59 -20.34
CA MET B 1 1.99 -9.02 -20.24
C MET B 1 1.43 -9.26 -21.62
N LYS B 2 0.21 -9.75 -21.68
CA LYS B 2 -0.46 -10.04 -22.95
C LYS B 2 -1.94 -10.04 -22.69
N ILE B 3 -2.68 -9.97 -23.75
CA ILE B 3 -4.13 -9.98 -23.69
C ILE B 3 -4.60 -11.42 -23.57
N ALA B 4 -5.44 -11.68 -22.60
CA ALA B 4 -5.95 -13.01 -22.38
C ALA B 4 -7.46 -13.06 -22.61
N LYS B 5 -8.12 -11.94 -22.36
CA LYS B 5 -9.54 -11.90 -22.44
C LYS B 5 -9.98 -10.57 -23.05
N VAL B 6 -10.96 -10.61 -23.91
CA VAL B 6 -11.46 -9.44 -24.58
C VAL B 6 -12.94 -9.33 -24.32
N ILE B 7 -13.36 -8.23 -23.75
CA ILE B 7 -14.77 -8.06 -23.48
C ILE B 7 -15.39 -7.22 -24.60
N ASN B 8 -14.63 -6.29 -25.10
CA ASN B 8 -15.05 -5.43 -26.21
C ASN B 8 -13.83 -4.78 -26.79
N ASN B 9 -13.99 -3.98 -27.82
CA ASN B 9 -12.84 -3.36 -28.51
C ASN B 9 -12.06 -2.39 -27.63
N ASN B 10 -12.72 -1.81 -26.65
CA ASN B 10 -12.08 -0.83 -25.80
C ASN B 10 -11.68 -1.40 -24.46
N VAL B 11 -12.25 -2.51 -24.08
CA VAL B 11 -11.95 -3.07 -22.78
C VAL B 11 -11.37 -4.48 -22.94
N ILE B 12 -10.19 -4.65 -22.41
CA ILE B 12 -9.51 -5.91 -22.48
C ILE B 12 -9.17 -6.41 -21.10
N SER B 13 -8.75 -7.62 -21.06
CA SER B 13 -8.37 -8.29 -19.90
C SER B 13 -7.02 -8.94 -20.15
N VAL B 14 -6.06 -8.53 -19.39
CA VAL B 14 -4.71 -9.00 -19.52
C VAL B 14 -4.30 -9.65 -18.22
N VAL B 15 -3.23 -10.39 -18.24
CA VAL B 15 -2.75 -11.03 -17.03
C VAL B 15 -1.32 -10.60 -16.79
N ASN B 16 -1.05 -10.19 -15.57
CA ASN B 16 0.28 -9.79 -15.15
C ASN B 16 1.06 -11.06 -14.74
N GLU B 17 2.38 -10.98 -14.76
CA GLU B 17 3.26 -12.11 -14.41
C GLU B 17 3.01 -12.58 -12.98
N GLN B 18 2.53 -11.68 -12.14
CA GLN B 18 2.22 -12.00 -10.75
C GLN B 18 0.89 -12.74 -10.59
N GLY B 19 0.24 -13.03 -11.71
CA GLY B 19 -0.95 -13.86 -11.69
C GLY B 19 -2.21 -13.10 -11.40
N LYS B 20 -2.23 -11.84 -11.76
CA LYS B 20 -3.38 -11.03 -11.56
C LYS B 20 -3.95 -10.57 -12.87
N GLU B 21 -5.24 -10.64 -12.98
CA GLU B 21 -5.96 -10.21 -14.15
C GLU B 21 -6.12 -8.69 -14.09
N LEU B 22 -6.03 -8.05 -15.20
CA LEU B 22 -6.14 -6.62 -15.25
C LEU B 22 -7.10 -6.26 -16.36
N VAL B 23 -7.96 -5.35 -16.10
CA VAL B 23 -8.92 -4.88 -17.05
C VAL B 23 -8.47 -3.51 -17.53
N VAL B 24 -8.01 -3.46 -18.73
CA VAL B 24 -7.48 -2.25 -19.26
C VAL B 24 -8.49 -1.67 -20.24
N MET B 25 -8.78 -0.41 -20.06
CA MET B 25 -9.71 0.26 -20.92
C MET B 25 -8.98 1.27 -21.75
N GLY B 26 -9.24 1.25 -23.02
CA GLY B 26 -8.67 2.18 -23.93
C GLY B 26 -9.28 2.05 -25.27
N ARG B 27 -9.36 3.15 -25.94
CA ARG B 27 -10.00 3.25 -27.23
C ARG B 27 -9.30 2.38 -28.29
N GLY B 28 -9.96 1.29 -28.62
CA GLY B 28 -9.48 0.40 -29.63
C GLY B 28 -8.28 -0.39 -29.19
N LEU B 29 -8.26 -0.80 -27.94
CA LEU B 29 -7.16 -1.62 -27.44
C LEU B 29 -7.21 -3.02 -28.01
N ALA B 30 -8.40 -3.56 -28.13
CA ALA B 30 -8.56 -4.89 -28.65
C ALA B 30 -8.72 -4.87 -30.15
N PHE B 31 -8.94 -3.69 -30.69
CA PHE B 31 -9.11 -3.52 -32.11
C PHE B 31 -7.81 -3.87 -32.84
N GLN B 32 -7.90 -4.95 -33.60
CA GLN B 32 -6.80 -5.53 -34.40
C GLN B 32 -5.79 -6.28 -33.54
N LYS B 33 -6.13 -6.43 -32.32
CA LYS B 33 -5.36 -7.16 -31.35
C LYS B 33 -6.08 -8.47 -31.07
N LYS B 34 -5.45 -9.35 -30.33
CA LYS B 34 -6.02 -10.62 -29.98
C LYS B 34 -5.33 -11.13 -28.74
N SER B 35 -5.74 -12.28 -28.27
CA SER B 35 -5.13 -12.88 -27.14
C SER B 35 -3.74 -13.38 -27.51
N GLY B 36 -2.79 -13.09 -26.66
CA GLY B 36 -1.44 -13.50 -26.92
C GLY B 36 -0.66 -12.39 -27.53
N ASP B 37 -1.33 -11.30 -27.77
CA ASP B 37 -0.70 -10.13 -28.32
C ASP B 37 -0.53 -9.14 -27.19
N ASP B 38 0.41 -8.26 -27.36
CA ASP B 38 0.75 -7.30 -26.36
C ASP B 38 -0.13 -6.05 -26.44
N VAL B 39 -0.33 -5.45 -25.31
CA VAL B 39 -1.20 -4.31 -25.16
C VAL B 39 -0.52 -3.04 -25.68
N ASP B 40 -1.24 -2.27 -26.45
CA ASP B 40 -0.77 -0.98 -26.89
C ASP B 40 -0.75 -0.05 -25.68
N GLU B 41 0.39 0.51 -25.37
CA GLU B 41 0.56 1.30 -24.17
C GLU B 41 0.12 2.76 -24.35
N ALA B 42 -0.14 3.15 -25.57
CA ALA B 42 -0.54 4.51 -25.86
C ALA B 42 -2.05 4.65 -25.79
N ARG B 43 -2.77 3.61 -26.18
CA ARG B 43 -4.23 3.62 -26.16
C ARG B 43 -4.78 3.31 -24.77
N ILE B 44 -3.91 2.93 -23.84
CA ILE B 44 -4.31 2.66 -22.46
C ILE B 44 -4.81 3.93 -21.80
N GLU B 45 -6.08 4.01 -21.63
CA GLU B 45 -6.67 5.13 -20.97
C GLU B 45 -6.70 4.86 -19.49
N LYS B 46 -7.28 3.74 -19.12
CA LYS B 46 -7.49 3.43 -17.71
C LYS B 46 -7.10 1.99 -17.42
N VAL B 47 -6.59 1.74 -16.23
CA VAL B 47 -6.17 0.41 -15.83
C VAL B 47 -6.93 -0.01 -14.59
N PHE B 48 -7.51 -1.16 -14.64
CA PHE B 48 -8.15 -1.75 -13.51
C PHE B 48 -7.37 -2.96 -13.11
N THR B 49 -6.97 -3.01 -11.91
CA THR B 49 -6.19 -4.10 -11.40
C THR B 49 -7.03 -4.96 -10.45
N LEU B 50 -6.90 -6.26 -10.57
CA LEU B 50 -7.64 -7.22 -9.77
C LEU B 50 -6.96 -7.50 -8.45
N ASP B 51 -7.76 -7.69 -7.45
CA ASP B 51 -7.31 -8.23 -6.20
C ASP B 51 -8.36 -9.16 -5.66
N ASN B 52 -7.94 -10.07 -4.83
CA ASN B 52 -8.81 -11.06 -4.28
C ASN B 52 -9.22 -10.67 -2.90
N LYS B 53 -10.49 -10.34 -2.75
CA LYS B 53 -11.04 -9.88 -1.47
C LYS B 53 -11.05 -10.98 -0.41
N ASP B 54 -10.75 -12.19 -0.82
CA ASP B 54 -10.72 -13.34 0.07
C ASP B 54 -9.40 -13.44 0.77
N VAL B 55 -8.37 -13.05 0.07
CA VAL B 55 -7.06 -13.08 0.62
C VAL B 55 -6.70 -11.70 1.11
N SER B 56 -6.99 -10.73 0.31
CA SER B 56 -6.58 -9.40 0.58
C SER B 56 -7.74 -8.54 1.07
N GLU B 57 -7.83 -8.34 2.36
CA GLU B 57 -8.88 -7.53 2.92
C GLU B 57 -8.50 -6.07 2.89
N LYS B 58 -7.36 -5.78 3.43
CA LYS B 58 -6.90 -4.42 3.61
C LYS B 58 -6.30 -3.84 2.35
N PHE B 59 -5.93 -4.71 1.48
CA PHE B 59 -5.46 -4.33 0.16
C PHE B 59 -6.62 -3.74 -0.62
N LYS B 60 -7.80 -4.25 -0.32
CA LYS B 60 -9.03 -3.79 -0.89
C LYS B 60 -9.47 -2.45 -0.29
N THR B 61 -9.41 -2.34 1.04
CA THR B 61 -9.89 -1.16 1.73
C THR B 61 -9.13 0.11 1.33
N LEU B 62 -7.84 -0.02 1.07
CA LEU B 62 -7.04 1.13 0.70
C LEU B 62 -7.45 1.76 -0.62
N LEU B 63 -7.74 0.94 -1.58
CA LEU B 63 -8.08 1.47 -2.88
C LEU B 63 -9.56 1.85 -2.95
N TYR B 64 -10.28 1.54 -1.90
CA TYR B 64 -11.65 1.93 -1.73
C TYR B 64 -11.78 3.23 -0.93
N ASP B 65 -11.20 3.25 0.26
CA ASP B 65 -11.47 4.27 1.29
C ASP B 65 -10.39 5.33 1.41
N ILE B 66 -9.41 5.28 0.57
CA ILE B 66 -8.33 6.27 0.62
C ILE B 66 -8.51 7.37 -0.44
N PRO B 67 -8.65 8.63 0.02
CA PRO B 67 -8.87 9.79 -0.86
C PRO B 67 -7.79 9.97 -1.93
N ILE B 68 -8.22 10.42 -3.11
CA ILE B 68 -7.31 10.63 -4.23
C ILE B 68 -6.30 11.73 -3.88
N GLU B 69 -6.74 12.70 -3.07
CA GLU B 69 -5.89 13.78 -2.61
C GLU B 69 -4.69 13.20 -1.87
N CYS B 70 -4.95 12.32 -0.92
CA CYS B 70 -3.89 11.72 -0.13
C CYS B 70 -2.95 10.91 -1.01
N MET B 71 -3.51 10.24 -2.00
CA MET B 71 -2.72 9.44 -2.93
C MET B 71 -1.82 10.36 -3.75
N GLU B 72 -2.39 11.46 -4.21
CA GLU B 72 -1.67 12.45 -5.00
C GLU B 72 -0.60 13.12 -4.19
N VAL B 73 -0.90 13.40 -2.95
CA VAL B 73 0.05 14.04 -2.07
C VAL B 73 1.20 13.11 -1.74
N SER B 74 0.90 11.85 -1.50
CA SER B 74 1.94 10.93 -1.14
C SER B 74 2.88 10.63 -2.31
N GLU B 75 2.35 10.54 -3.55
CA GLU B 75 3.28 10.32 -4.65
C GLU B 75 4.13 11.58 -4.89
N GLU B 76 3.54 12.73 -4.58
CA GLU B 76 4.19 14.03 -4.70
C GLU B 76 5.29 14.20 -3.63
N ILE B 77 4.97 13.82 -2.39
CA ILE B 77 5.91 13.92 -1.27
C ILE B 77 7.19 13.16 -1.57
N ILE B 78 7.06 11.97 -2.10
CA ILE B 78 8.22 11.17 -2.36
C ILE B 78 8.97 11.70 -3.57
N SER B 79 8.26 12.36 -4.46
CA SER B 79 8.87 12.97 -5.62
C SER B 79 9.78 14.11 -5.15
N TYR B 80 9.30 14.87 -4.17
CA TYR B 80 10.06 15.96 -3.59
C TYR B 80 11.25 15.42 -2.82
N ALA B 81 11.02 14.34 -2.10
CA ALA B 81 12.05 13.71 -1.30
C ALA B 81 13.14 13.14 -2.18
N LYS B 82 12.76 12.49 -3.27
CA LYS B 82 13.73 11.88 -4.15
C LYS B 82 14.50 12.94 -4.92
N LEU B 83 13.82 14.04 -5.22
CA LEU B 83 14.44 15.15 -5.91
C LEU B 83 15.55 15.76 -5.05
N GLN B 84 15.29 15.83 -3.76
CA GLN B 84 16.26 16.38 -2.82
C GLN B 84 17.42 15.41 -2.49
N LEU B 85 17.22 14.13 -2.75
CA LEU B 85 18.21 13.13 -2.41
C LEU B 85 18.97 12.54 -3.62
N GLY B 86 18.29 12.35 -4.74
CA GLY B 86 18.90 11.66 -5.87
C GLY B 86 18.68 10.17 -5.74
N LYS B 87 18.05 9.82 -4.64
CA LYS B 87 17.76 8.48 -4.28
C LYS B 87 16.36 8.13 -4.73
N LYS B 88 16.06 6.89 -4.71
CA LYS B 88 14.77 6.39 -5.08
C LYS B 88 14.28 5.48 -4.00
N LEU B 89 13.09 5.72 -3.53
CA LEU B 89 12.60 5.05 -2.35
C LEU B 89 11.61 3.94 -2.67
N ASN B 90 11.52 3.02 -1.72
CA ASN B 90 10.65 1.85 -1.73
C ASN B 90 9.18 2.27 -1.89
N ASP B 91 8.42 1.47 -2.60
CA ASP B 91 6.98 1.67 -2.84
C ASP B 91 6.21 1.67 -1.51
N SER B 92 6.81 1.04 -0.51
CA SER B 92 6.27 0.93 0.83
C SER B 92 5.96 2.31 1.43
N ILE B 93 6.83 3.29 1.20
CA ILE B 93 6.66 4.59 1.85
C ILE B 93 5.48 5.37 1.27
N TYR B 94 5.13 5.08 0.04
CA TYR B 94 4.03 5.74 -0.62
C TYR B 94 2.72 5.35 0.02
N VAL B 95 2.54 4.09 0.23
CA VAL B 95 1.31 3.58 0.74
C VAL B 95 1.24 3.79 2.25
N SER B 96 2.39 3.87 2.87
CA SER B 96 2.42 4.11 4.26
C SER B 96 2.14 5.56 4.56
N LEU B 97 2.65 6.48 3.72
CA LEU B 97 2.44 7.89 3.99
C LEU B 97 1.02 8.32 3.74
N THR B 98 0.32 7.70 2.81
CA THR B 98 -1.08 8.05 2.61
C THR B 98 -1.87 7.74 3.86
N ASN B 99 -1.62 6.59 4.40
CA ASN B 99 -2.33 6.17 5.55
C ASN B 99 -1.76 6.76 6.80
N HIS B 100 -0.53 7.19 6.72
CA HIS B 100 0.07 7.84 7.82
C HIS B 100 -0.47 9.22 7.93
N ILE B 101 -0.55 9.94 6.81
CA ILE B 101 -1.07 11.29 6.84
C ILE B 101 -2.53 11.26 7.26
N ASN B 102 -3.30 10.36 6.67
CA ASN B 102 -4.74 10.28 6.93
C ASN B 102 -5.06 9.86 8.36
N PHE B 103 -4.23 9.01 8.92
CA PHE B 103 -4.44 8.62 10.27
C PHE B 103 -3.82 9.60 11.25
N ALA B 104 -2.73 10.24 10.88
CA ALA B 104 -2.09 11.24 11.73
C ALA B 104 -2.91 12.50 11.80
N ILE B 105 -3.62 12.82 10.70
CA ILE B 105 -4.55 13.94 10.71
C ILE B 105 -5.56 13.69 11.78
N GLN B 106 -6.21 12.53 11.73
CA GLN B 106 -7.20 12.22 12.72
C GLN B 106 -6.59 12.04 14.11
N ARG B 107 -5.36 11.54 14.20
CA ARG B 107 -4.72 11.43 15.50
C ARG B 107 -4.50 12.79 16.11
N ASN B 108 -4.10 13.76 15.30
CA ASN B 108 -3.86 15.07 15.85
C ASN B 108 -5.18 15.79 16.12
N GLN B 109 -6.17 15.58 15.25
CA GLN B 109 -7.49 16.19 15.41
C GLN B 109 -8.18 15.66 16.66
N LYS B 110 -7.90 14.41 16.99
CA LYS B 110 -8.47 13.77 18.15
C LYS B 110 -7.59 13.96 19.39
N GLY B 111 -6.51 14.72 19.24
CA GLY B 111 -5.63 15.05 20.35
C GLY B 111 -4.85 13.86 20.87
N LEU B 112 -4.58 12.92 20.01
CA LEU B 112 -3.89 11.72 20.38
C LEU B 112 -2.41 11.85 20.10
N ASP B 113 -1.68 12.35 21.07
CA ASP B 113 -0.24 12.51 20.94
C ASP B 113 0.47 11.28 21.41
N ILE B 114 0.69 10.39 20.52
CA ILE B 114 1.55 9.27 20.81
C ILE B 114 2.93 9.68 20.38
N LYS B 115 3.71 10.07 21.34
CA LYS B 115 4.95 10.71 21.05
C LYS B 115 6.08 9.75 20.80
N ASN B 116 7.02 10.20 20.02
CA ASN B 116 8.12 9.41 19.57
C ASN B 116 9.20 9.46 20.65
N ALA B 117 9.49 8.35 21.28
CA ALA B 117 10.49 8.33 22.35
C ALA B 117 11.89 8.14 21.81
N LEU B 118 11.98 8.13 20.52
CA LEU B 118 13.23 8.05 19.81
C LEU B 118 13.37 9.30 18.97
N LEU B 119 12.62 10.33 19.36
CA LEU B 119 12.56 11.59 18.64
C LEU B 119 13.93 12.23 18.53
N TRP B 120 14.63 12.28 19.64
CA TRP B 120 15.95 12.90 19.67
C TRP B 120 16.97 12.07 18.91
N GLU B 121 16.83 10.77 19.02
CA GLU B 121 17.65 9.81 18.31
C GLU B 121 17.50 10.02 16.81
N THR B 122 16.25 10.08 16.39
CA THR B 122 15.90 10.29 15.00
C THR B 122 16.40 11.67 14.53
N LYS B 123 16.20 12.68 15.36
CA LYS B 123 16.62 14.04 15.08
C LYS B 123 18.12 14.12 14.80
N ARG B 124 18.91 13.38 15.57
CA ARG B 124 20.33 13.44 15.43
C ARG B 124 20.84 12.45 14.34
N LEU B 125 20.41 11.21 14.41
CA LEU B 125 20.95 10.18 13.54
C LEU B 125 20.35 10.19 12.14
N TYR B 126 19.11 10.59 12.03
CA TYR B 126 18.41 10.61 10.77
C TYR B 126 17.94 12.03 10.53
N LYS B 127 18.89 12.93 10.73
CA LYS B 127 18.71 14.36 10.67
C LYS B 127 18.13 14.81 9.34
N ASP B 128 18.66 14.28 8.25
CA ASP B 128 18.21 14.67 6.92
C ASP B 128 16.82 14.18 6.66
N GLU B 129 16.59 12.92 6.99
CA GLU B 129 15.30 12.28 6.82
C GLU B 129 14.22 13.04 7.59
N PHE B 130 14.55 13.40 8.82
CA PHE B 130 13.64 14.15 9.68
C PHE B 130 13.33 15.52 9.08
N ALA B 131 14.35 16.15 8.53
CA ALA B 131 14.22 17.46 7.94
C ALA B 131 13.35 17.40 6.68
N ILE B 132 13.53 16.36 5.88
CA ILE B 132 12.74 16.17 4.67
C ILE B 132 11.29 15.89 5.05
N GLY B 133 11.12 15.10 6.10
CA GLY B 133 9.81 14.81 6.62
C GLY B 133 9.12 16.09 7.06
N LYS B 134 9.88 16.96 7.71
CA LYS B 134 9.41 18.26 8.12
C LYS B 134 9.03 19.16 6.95
N GLU B 135 9.87 19.21 5.93
CA GLU B 135 9.59 20.02 4.75
C GLU B 135 8.36 19.53 4.01
N ALA B 136 8.20 18.22 3.96
CA ALA B 136 7.02 17.62 3.37
C ALA B 136 5.81 17.92 4.23
N LEU B 137 6.01 17.85 5.54
CA LEU B 137 4.99 18.15 6.51
C LEU B 137 4.47 19.56 6.34
N VAL B 138 5.37 20.52 6.18
CA VAL B 138 4.97 21.91 6.02
C VAL B 138 4.16 22.10 4.73
N MET B 139 4.53 21.36 3.70
CA MET B 139 3.78 21.36 2.43
C MET B 139 2.36 20.87 2.67
N VAL B 140 2.23 19.78 3.40
CA VAL B 140 0.93 19.24 3.73
C VAL B 140 0.18 20.21 4.64
N LYS B 141 0.90 20.74 5.61
CA LYS B 141 0.36 21.66 6.60
C LYS B 141 -0.17 22.91 5.91
N ASN B 142 0.56 23.41 4.95
CA ASN B 142 0.17 24.60 4.23
C ASN B 142 -1.05 24.41 3.39
N LYS B 143 -1.25 23.23 2.83
CA LYS B 143 -2.42 23.03 2.03
C LYS B 143 -3.63 22.49 2.84
N THR B 144 -3.39 21.93 4.00
CA THR B 144 -4.49 21.39 4.78
C THR B 144 -4.87 22.28 5.96
N GLY B 145 -3.90 22.96 6.50
CA GLY B 145 -4.09 23.77 7.66
C GLY B 145 -3.84 22.98 8.94
N VAL B 146 -3.67 21.68 8.79
CA VAL B 146 -3.48 20.80 9.93
C VAL B 146 -1.98 20.58 10.14
N SER B 147 -1.56 20.64 11.37
CA SER B 147 -0.20 20.46 11.72
C SER B 147 -0.03 19.12 12.40
N LEU B 148 0.88 18.31 11.92
CA LEU B 148 1.13 17.02 12.52
C LEU B 148 2.31 17.15 13.47
N PRO B 149 2.27 16.47 14.62
CA PRO B 149 3.36 16.50 15.62
C PRO B 149 4.76 16.16 15.06
N GLU B 150 5.79 16.64 15.75
CA GLU B 150 7.21 16.37 15.40
C GLU B 150 7.46 14.88 15.50
N ASP B 151 6.74 14.28 16.41
CA ASP B 151 6.79 12.86 16.68
C ASP B 151 6.45 12.08 15.44
N GLU B 152 5.28 12.38 14.89
CA GLU B 152 4.80 11.78 13.63
C GLU B 152 5.83 11.97 12.52
N ALA B 153 6.40 13.18 12.45
CA ALA B 153 7.43 13.52 11.44
C ALA B 153 8.67 12.64 11.62
N GLY B 154 8.97 12.32 12.87
CA GLY B 154 10.05 11.42 13.18
C GLY B 154 9.75 10.04 12.68
N PHE B 155 8.52 9.60 12.82
CA PHE B 155 8.13 8.30 12.30
C PHE B 155 8.17 8.32 10.77
N ILE B 156 7.88 9.47 10.17
CA ILE B 156 8.03 9.66 8.72
C ILE B 156 9.50 9.44 8.32
N ALA B 157 10.41 9.95 9.13
CA ALA B 157 11.84 9.74 8.91
C ALA B 157 12.17 8.27 8.98
N LEU B 158 11.56 7.56 9.93
CA LEU B 158 11.71 6.10 10.02
C LEU B 158 11.21 5.43 8.75
N HIS B 159 10.12 5.92 8.18
CA HIS B 159 9.60 5.36 6.92
C HIS B 159 10.62 5.57 5.80
N ILE B 160 11.25 6.73 5.79
CA ILE B 160 12.26 7.06 4.80
C ILE B 160 13.46 6.13 4.90
N VAL B 161 13.91 5.84 6.11
CA VAL B 161 15.05 4.98 6.27
C VAL B 161 14.72 3.52 5.89
N ASN B 162 13.47 3.13 6.06
CA ASN B 162 13.04 1.78 5.69
C ASN B 162 12.88 1.70 4.19
N ALA B 163 12.55 2.82 3.61
CA ALA B 163 12.32 2.92 2.21
C ALA B 163 13.60 3.12 1.41
N GLU B 164 14.67 3.47 2.09
CA GLU B 164 15.95 3.64 1.43
C GLU B 164 16.49 2.30 0.87
N LEU B 165 16.89 2.32 -0.38
CA LEU B 165 17.56 1.22 -1.00
C LEU B 165 18.98 1.62 -1.16
N ASN B 166 19.88 0.77 -0.85
CA ASN B 166 21.26 1.10 -0.98
C ASN B 166 21.82 0.39 -2.18
N GLU B 167 21.75 1.05 -3.29
CA GLU B 167 22.24 0.54 -4.54
C GLU B 167 22.87 1.69 -5.28
N LEU B 168 24.15 1.61 -5.54
CA LEU B 168 24.84 2.68 -6.21
C LEU B 168 24.72 2.55 -7.72
N GLN B 169 23.53 2.79 -8.17
CA GLN B 169 23.15 2.76 -9.56
C GLN B 169 21.90 3.59 -9.65
N MET A 1 -22.59 0.56 -1.97
CA MET A 1 -22.45 1.21 -3.29
C MET A 1 -23.41 0.61 -4.29
N LYS A 2 -23.36 1.12 -5.50
CA LYS A 2 -24.29 0.74 -6.54
C LYS A 2 -23.58 0.49 -7.85
N ILE A 3 -24.25 -0.21 -8.72
CA ILE A 3 -23.76 -0.50 -10.04
C ILE A 3 -23.88 0.76 -10.90
N ALA A 4 -22.78 1.18 -11.46
CA ALA A 4 -22.77 2.37 -12.28
C ALA A 4 -22.82 1.99 -13.75
N LYS A 5 -22.08 0.97 -14.11
CA LYS A 5 -22.02 0.56 -15.50
C LYS A 5 -22.11 -0.96 -15.58
N VAL A 6 -22.75 -1.44 -16.58
CA VAL A 6 -22.84 -2.85 -16.85
C VAL A 6 -22.19 -3.09 -18.16
N ILE A 7 -21.17 -3.92 -18.16
CA ILE A 7 -20.46 -4.21 -19.36
C ILE A 7 -21.03 -5.47 -19.97
N ASN A 8 -21.33 -6.40 -19.12
CA ASN A 8 -21.94 -7.66 -19.49
C ASN A 8 -22.47 -8.30 -18.25
N ASN A 9 -23.00 -9.47 -18.38
CA ASN A 9 -23.62 -10.17 -17.28
C ASN A 9 -22.63 -10.54 -16.17
N ASN A 10 -21.43 -10.91 -16.50
CA ASN A 10 -20.48 -11.33 -15.48
C ASN A 10 -19.58 -10.19 -15.04
N VAL A 11 -19.58 -9.12 -15.79
CA VAL A 11 -18.69 -8.02 -15.48
C VAL A 11 -19.48 -6.72 -15.36
N ILE A 12 -19.37 -6.09 -14.23
CA ILE A 12 -20.06 -4.86 -13.95
C ILE A 12 -19.07 -3.80 -13.49
N SER A 13 -19.52 -2.61 -13.44
CA SER A 13 -18.78 -1.48 -13.06
C SER A 13 -19.48 -0.81 -11.89
N VAL A 14 -18.79 -0.71 -10.83
CA VAL A 14 -19.29 -0.18 -9.59
C VAL A 14 -18.52 1.07 -9.26
N VAL A 15 -19.17 2.07 -8.74
CA VAL A 15 -18.46 3.25 -8.30
C VAL A 15 -18.81 3.49 -6.86
N ASN A 16 -17.80 3.58 -6.04
CA ASN A 16 -18.02 3.78 -4.63
C ASN A 16 -18.03 5.28 -4.33
N GLU A 17 -18.44 5.64 -3.13
CA GLU A 17 -18.69 7.02 -2.70
C GLU A 17 -17.48 7.95 -2.77
N GLN A 18 -16.30 7.40 -2.83
CA GLN A 18 -15.10 8.19 -2.96
C GLN A 18 -14.88 8.59 -4.42
N GLY A 19 -15.69 8.05 -5.31
CA GLY A 19 -15.53 8.31 -6.71
C GLY A 19 -14.58 7.32 -7.32
N LYS A 20 -14.49 6.15 -6.71
CA LYS A 20 -13.63 5.15 -7.12
C LYS A 20 -14.40 4.13 -7.93
N GLU A 21 -13.96 3.89 -9.13
CA GLU A 21 -14.61 2.95 -10.03
C GLU A 21 -13.97 1.57 -9.86
N LEU A 22 -14.78 0.56 -9.97
CA LEU A 22 -14.38 -0.81 -9.82
C LEU A 22 -15.03 -1.63 -10.93
N VAL A 23 -14.31 -2.58 -11.42
CA VAL A 23 -14.82 -3.52 -12.38
C VAL A 23 -14.94 -4.86 -11.68
N VAL A 24 -16.13 -5.26 -11.40
CA VAL A 24 -16.34 -6.44 -10.62
C VAL A 24 -16.78 -7.58 -11.50
N MET A 25 -16.13 -8.70 -11.34
CA MET A 25 -16.44 -9.87 -12.09
C MET A 25 -17.02 -10.91 -11.18
N GLY A 26 -18.10 -11.47 -11.61
CA GLY A 26 -18.75 -12.52 -10.91
C GLY A 26 -19.74 -13.17 -11.78
N ARG A 27 -19.92 -14.42 -11.54
CA ARG A 27 -20.79 -15.25 -12.36
C ARG A 27 -22.26 -14.80 -12.31
N GLY A 28 -22.65 -14.16 -13.37
CA GLY A 28 -23.98 -13.69 -13.55
C GLY A 28 -24.34 -12.63 -12.56
N LEU A 29 -23.55 -11.58 -12.51
CA LEU A 29 -23.76 -10.45 -11.64
C LEU A 29 -24.88 -9.58 -12.13
N ALA A 30 -24.91 -9.31 -13.42
CA ALA A 30 -25.93 -8.42 -13.95
C ALA A 30 -27.25 -9.12 -14.14
N PHE A 31 -27.18 -10.44 -14.23
CA PHE A 31 -28.35 -11.28 -14.24
C PHE A 31 -29.10 -11.10 -12.92
N GLN A 32 -30.30 -10.56 -12.99
CA GLN A 32 -31.17 -10.28 -11.84
C GLN A 32 -30.69 -9.07 -11.02
N LYS A 33 -29.97 -8.19 -11.68
CA LYS A 33 -29.51 -6.92 -11.10
C LYS A 33 -29.62 -5.82 -12.17
N LYS A 34 -29.43 -4.57 -11.75
CA LYS A 34 -29.58 -3.43 -12.65
C LYS A 34 -28.62 -2.30 -12.24
N SER A 35 -28.48 -1.32 -13.10
CA SER A 35 -27.66 -0.17 -12.80
C SER A 35 -28.38 0.73 -11.80
N GLY A 36 -27.69 1.14 -10.75
CA GLY A 36 -28.27 2.01 -9.77
C GLY A 36 -28.72 1.26 -8.58
N ASP A 37 -28.61 -0.03 -8.65
CA ASP A 37 -29.01 -0.89 -7.59
C ASP A 37 -27.78 -1.32 -6.81
N ASP A 38 -27.98 -1.71 -5.57
CA ASP A 38 -26.91 -2.15 -4.68
C ASP A 38 -26.25 -3.39 -5.23
N VAL A 39 -24.96 -3.42 -5.18
CA VAL A 39 -24.18 -4.51 -5.77
C VAL A 39 -24.30 -5.80 -4.97
N ASP A 40 -24.66 -6.87 -5.66
CA ASP A 40 -24.78 -8.20 -5.07
C ASP A 40 -23.44 -8.63 -4.51
N GLU A 41 -23.40 -8.92 -3.23
CA GLU A 41 -22.17 -9.26 -2.54
C GLU A 41 -21.86 -10.76 -2.55
N ALA A 42 -22.78 -11.54 -3.05
CA ALA A 42 -22.62 -12.99 -3.06
C ALA A 42 -21.87 -13.45 -4.30
N ARG A 43 -22.13 -12.79 -5.39
CA ARG A 43 -21.54 -13.13 -6.67
C ARG A 43 -20.25 -12.35 -6.97
N ILE A 44 -19.84 -11.53 -6.02
CA ILE A 44 -18.56 -10.83 -6.13
C ILE A 44 -17.44 -11.81 -5.94
N GLU A 45 -16.81 -12.17 -7.01
CA GLU A 45 -15.70 -13.06 -6.93
C GLU A 45 -14.43 -12.26 -6.98
N LYS A 46 -14.35 -11.41 -7.96
CA LYS A 46 -13.14 -10.69 -8.26
C LYS A 46 -13.47 -9.23 -8.49
N VAL A 47 -12.73 -8.37 -7.86
CA VAL A 47 -12.93 -6.96 -7.99
C VAL A 47 -11.70 -6.33 -8.58
N PHE A 48 -11.85 -5.66 -9.65
CA PHE A 48 -10.76 -4.92 -10.20
C PHE A 48 -10.93 -3.48 -9.79
N THR A 49 -9.96 -2.98 -9.15
CA THR A 49 -10.01 -1.66 -8.60
C THR A 49 -9.21 -0.68 -9.47
N LEU A 50 -9.76 0.51 -9.63
CA LEU A 50 -9.23 1.53 -10.53
C LEU A 50 -7.82 2.00 -10.16
N ASP A 51 -7.03 2.03 -11.17
CA ASP A 51 -5.70 2.53 -11.20
C ASP A 51 -5.74 3.83 -11.98
N ASN A 52 -5.25 4.88 -11.38
CA ASN A 52 -5.20 6.18 -12.00
C ASN A 52 -3.77 6.56 -12.23
N LYS A 53 -3.35 6.51 -13.46
CA LYS A 53 -1.98 6.77 -13.83
C LYS A 53 -1.66 8.26 -13.90
N ASP A 54 -2.61 9.07 -13.51
CA ASP A 54 -2.40 10.48 -13.59
C ASP A 54 -1.83 10.99 -12.29
N VAL A 55 -2.45 10.60 -11.24
CA VAL A 55 -2.06 11.04 -9.93
C VAL A 55 -1.29 9.95 -9.21
N SER A 56 -1.67 8.73 -9.46
CA SER A 56 -1.15 7.62 -8.75
C SER A 56 -0.22 6.80 -9.65
N GLU A 57 0.50 7.49 -10.51
CA GLU A 57 1.40 6.83 -11.45
C GLU A 57 2.54 6.08 -10.75
N LYS A 58 2.91 6.53 -9.58
CA LYS A 58 3.93 5.88 -8.81
C LYS A 58 3.35 4.65 -8.11
N PHE A 59 2.10 4.80 -7.71
CA PHE A 59 1.33 3.77 -6.99
C PHE A 59 1.12 2.51 -7.83
N LYS A 60 1.17 2.71 -9.14
CA LYS A 60 1.00 1.63 -10.12
C LYS A 60 1.99 0.50 -9.92
N THR A 61 3.21 0.87 -9.51
CA THR A 61 4.30 -0.07 -9.36
C THR A 61 3.94 -1.21 -8.40
N LEU A 62 3.38 -0.83 -7.26
CA LEU A 62 3.05 -1.77 -6.22
C LEU A 62 1.96 -2.70 -6.67
N LEU A 63 0.86 -2.12 -7.10
CA LEU A 63 -0.31 -2.87 -7.49
C LEU A 63 -0.04 -3.86 -8.63
N TYR A 64 0.87 -3.50 -9.52
CA TYR A 64 1.30 -4.43 -10.54
C TYR A 64 2.14 -5.54 -9.94
N ASP A 65 3.19 -5.14 -9.25
CA ASP A 65 4.28 -6.03 -8.79
C ASP A 65 3.89 -7.04 -7.75
N ILE A 66 3.09 -6.62 -6.83
CA ILE A 66 2.70 -7.44 -5.64
C ILE A 66 2.16 -8.84 -6.02
N PRO A 67 2.95 -9.90 -5.72
CA PRO A 67 2.56 -11.28 -5.96
C PRO A 67 1.54 -11.75 -4.93
N ILE A 68 0.76 -12.76 -5.30
CA ILE A 68 -0.31 -13.25 -4.44
C ILE A 68 0.30 -13.90 -3.18
N GLU A 69 1.39 -14.61 -3.36
CA GLU A 69 2.06 -15.29 -2.27
C GLU A 69 2.54 -14.31 -1.22
N CYS A 70 3.26 -13.28 -1.65
CA CYS A 70 3.79 -12.28 -0.74
C CYS A 70 2.64 -11.52 -0.08
N MET A 71 1.56 -11.30 -0.83
CA MET A 71 0.37 -10.64 -0.31
C MET A 71 -0.22 -11.44 0.83
N GLU A 72 -0.32 -12.75 0.63
CA GLU A 72 -0.87 -13.65 1.63
C GLU A 72 0.03 -13.68 2.86
N VAL A 73 1.34 -13.67 2.62
CA VAL A 73 2.30 -13.67 3.71
C VAL A 73 2.15 -12.41 4.56
N SER A 74 2.06 -11.26 3.91
CA SER A 74 1.97 -9.99 4.62
C SER A 74 0.64 -9.91 5.36
N GLU A 75 -0.40 -10.44 4.74
CA GLU A 75 -1.71 -10.51 5.35
C GLU A 75 -1.61 -11.29 6.66
N GLU A 76 -0.91 -12.43 6.63
CA GLU A 76 -0.75 -13.23 7.83
C GLU A 76 0.21 -12.57 8.82
N ILE A 77 1.19 -11.83 8.33
CA ILE A 77 2.11 -11.12 9.20
C ILE A 77 1.33 -10.13 10.03
N ILE A 78 0.43 -9.38 9.39
CA ILE A 78 -0.35 -8.42 10.14
C ILE A 78 -1.39 -9.15 10.96
N SER A 79 -1.86 -10.27 10.44
CA SER A 79 -2.85 -11.10 11.09
C SER A 79 -2.29 -11.60 12.40
N TYR A 80 -1.05 -12.07 12.39
CA TYR A 80 -0.42 -12.59 13.58
C TYR A 80 -0.18 -11.47 14.56
N ALA A 81 0.20 -10.32 14.04
CA ALA A 81 0.44 -9.17 14.87
C ALA A 81 -0.84 -8.72 15.54
N LYS A 82 -1.92 -8.64 14.78
CA LYS A 82 -3.17 -8.18 15.35
C LYS A 82 -3.79 -9.26 16.22
N LEU A 83 -3.43 -10.49 15.95
CA LEU A 83 -3.88 -11.64 16.72
C LEU A 83 -3.29 -11.59 18.11
N GLN A 84 -2.01 -11.26 18.19
CA GLN A 84 -1.34 -11.17 19.47
C GLN A 84 -1.77 -9.90 20.20
N LEU A 85 -1.97 -8.83 19.44
CA LEU A 85 -2.37 -7.55 20.00
C LEU A 85 -3.83 -7.53 20.45
N GLY A 86 -4.71 -8.02 19.59
CA GLY A 86 -6.14 -7.95 19.86
C GLY A 86 -6.62 -6.54 19.66
N LYS A 87 -5.93 -5.83 18.82
CA LYS A 87 -6.17 -4.44 18.59
C LYS A 87 -6.07 -4.16 17.09
N LYS A 88 -6.85 -3.21 16.62
CA LYS A 88 -6.91 -2.88 15.19
C LYS A 88 -5.65 -2.16 14.74
N LEU A 89 -5.10 -2.61 13.63
CA LEU A 89 -3.93 -2.03 13.05
C LEU A 89 -4.26 -1.31 11.76
N ASN A 90 -3.31 -0.52 11.31
CA ASN A 90 -3.38 0.23 10.06
C ASN A 90 -3.47 -0.74 8.88
N ASP A 91 -3.95 -0.24 7.81
CA ASP A 91 -4.27 -0.99 6.63
C ASP A 91 -3.17 -0.87 5.60
N SER A 92 -2.44 0.23 5.61
CA SER A 92 -1.38 0.38 4.63
C SER A 92 -0.13 -0.39 5.02
N ILE A 93 -0.09 -0.89 6.26
CA ILE A 93 1.07 -1.67 6.72
C ILE A 93 1.09 -3.03 6.00
N TYR A 94 -0.09 -3.48 5.57
CA TYR A 94 -0.21 -4.70 4.80
C TYR A 94 0.50 -4.51 3.49
N VAL A 95 0.14 -3.42 2.83
CA VAL A 95 0.70 -3.12 1.52
C VAL A 95 2.17 -2.70 1.62
N SER A 96 2.57 -2.12 2.72
CA SER A 96 3.92 -1.75 2.85
C SER A 96 4.80 -2.95 3.15
N LEU A 97 4.28 -3.92 3.89
CA LEU A 97 5.10 -5.06 4.22
C LEU A 97 5.25 -6.02 3.07
N THR A 98 4.34 -6.01 2.12
CA THR A 98 4.50 -6.83 0.95
C THR A 98 5.69 -6.40 0.17
N ASN A 99 5.80 -5.13 -0.01
CA ASN A 99 6.93 -4.67 -0.75
C ASN A 99 8.14 -4.59 0.13
N HIS A 100 7.95 -4.24 1.39
CA HIS A 100 9.06 -4.12 2.31
C HIS A 100 9.71 -5.46 2.58
N ILE A 101 8.94 -6.56 2.67
CA ILE A 101 9.57 -7.84 2.91
C ILE A 101 10.40 -8.23 1.71
N ASN A 102 9.85 -8.00 0.54
CA ASN A 102 10.56 -8.32 -0.70
C ASN A 102 11.81 -7.42 -0.86
N PHE A 103 11.64 -6.14 -0.59
CA PHE A 103 12.74 -5.19 -0.69
C PHE A 103 13.82 -5.48 0.35
N ALA A 104 13.41 -5.86 1.54
CA ALA A 104 14.35 -6.18 2.61
C ALA A 104 15.20 -7.36 2.24
N ILE A 105 14.58 -8.37 1.63
CA ILE A 105 15.34 -9.53 1.19
C ILE A 105 16.33 -9.12 0.10
N GLN A 106 15.86 -8.32 -0.85
CA GLN A 106 16.70 -7.88 -1.96
C GLN A 106 17.86 -7.02 -1.49
N ARG A 107 17.60 -6.22 -0.49
CA ARG A 107 18.62 -5.36 0.07
C ARG A 107 19.63 -6.17 0.84
N ASN A 108 19.14 -7.12 1.59
CA ASN A 108 19.99 -7.96 2.43
C ASN A 108 20.92 -8.81 1.54
N GLN A 109 20.39 -9.27 0.40
CA GLN A 109 21.17 -10.05 -0.58
C GLN A 109 22.32 -9.22 -1.16
N LYS A 110 22.10 -7.94 -1.30
CA LYS A 110 23.09 -7.06 -1.85
C LYS A 110 24.01 -6.47 -0.79
N GLY A 111 23.92 -7.01 0.41
CA GLY A 111 24.82 -6.63 1.46
C GLY A 111 24.30 -5.51 2.33
N LEU A 112 23.06 -5.15 2.15
CA LEU A 112 22.50 -4.09 2.93
C LEU A 112 21.51 -4.65 3.94
N ASP A 113 22.01 -5.02 5.08
CA ASP A 113 21.16 -5.39 6.19
C ASP A 113 20.65 -4.10 6.74
N ILE A 114 19.37 -3.91 6.80
CA ILE A 114 18.90 -2.64 7.29
C ILE A 114 18.94 -2.59 8.79
N LYS A 115 20.03 -2.05 9.29
CA LYS A 115 20.26 -2.00 10.69
C LYS A 115 19.63 -0.84 11.35
N ASN A 116 19.15 -1.09 12.53
CA ASN A 116 18.38 -0.16 13.26
C ASN A 116 19.25 0.44 14.36
N ALA A 117 19.60 1.70 14.23
CA ALA A 117 20.48 2.35 15.23
C ALA A 117 19.67 2.86 16.42
N LEU A 118 18.41 2.60 16.36
CA LEU A 118 17.47 2.99 17.38
C LEU A 118 16.93 1.72 18.02
N LEU A 119 17.54 0.58 17.67
CA LEU A 119 17.09 -0.75 18.09
C LEU A 119 17.04 -0.88 19.60
N TRP A 120 18.05 -0.39 20.26
CA TRP A 120 18.17 -0.52 21.70
C TRP A 120 17.15 0.34 22.43
N GLU A 121 16.72 1.39 21.78
CA GLU A 121 15.70 2.24 22.30
C GLU A 121 14.35 1.59 22.04
N THR A 122 14.19 1.09 20.83
CA THR A 122 12.97 0.44 20.37
C THR A 122 12.63 -0.78 21.27
N LYS A 123 13.66 -1.55 21.60
CA LYS A 123 13.53 -2.75 22.43
C LYS A 123 12.88 -2.40 23.77
N ARG A 124 13.25 -1.25 24.32
CA ARG A 124 12.72 -0.81 25.58
C ARG A 124 11.40 -0.03 25.43
N LEU A 125 11.40 0.97 24.59
CA LEU A 125 10.27 1.89 24.47
C LEU A 125 9.04 1.27 23.83
N TYR A 126 9.26 0.30 22.99
CA TYR A 126 8.18 -0.38 22.30
C TYR A 126 8.37 -1.86 22.55
N LYS A 127 8.71 -2.18 23.79
CA LYS A 127 9.09 -3.52 24.24
C LYS A 127 8.11 -4.60 23.82
N ASP A 128 6.86 -4.38 24.12
CA ASP A 128 5.84 -5.37 23.84
C ASP A 128 5.56 -5.45 22.37
N GLU A 129 5.51 -4.30 21.73
CA GLU A 129 5.23 -4.20 20.32
C GLU A 129 6.36 -4.85 19.51
N PHE A 130 7.58 -4.66 19.96
CA PHE A 130 8.76 -5.26 19.38
C PHE A 130 8.68 -6.77 19.52
N ALA A 131 8.24 -7.23 20.69
CA ALA A 131 8.08 -8.66 20.96
C ALA A 131 7.04 -9.28 20.01
N ILE A 132 6.00 -8.52 19.72
CA ILE A 132 4.97 -8.96 18.78
C ILE A 132 5.57 -9.11 17.39
N GLY A 133 6.38 -8.13 17.00
CA GLY A 133 7.05 -8.17 15.71
C GLY A 133 8.06 -9.32 15.63
N LYS A 134 8.74 -9.54 16.74
CA LYS A 134 9.73 -10.59 16.87
C LYS A 134 9.02 -11.96 16.75
N GLU A 135 7.88 -12.10 17.41
CA GLU A 135 7.11 -13.33 17.38
C GLU A 135 6.54 -13.54 15.98
N ALA A 136 6.16 -12.45 15.32
CA ALA A 136 5.67 -12.51 13.96
C ALA A 136 6.80 -12.98 13.05
N LEU A 137 8.00 -12.46 13.30
CA LEU A 137 9.20 -12.86 12.57
C LEU A 137 9.46 -14.35 12.76
N VAL A 138 9.21 -14.84 13.97
CA VAL A 138 9.32 -16.27 14.25
C VAL A 138 8.39 -17.05 13.34
N MET A 139 7.16 -16.60 13.25
CA MET A 139 6.17 -17.25 12.39
C MET A 139 6.57 -17.16 10.92
N VAL A 140 7.13 -16.03 10.54
CA VAL A 140 7.62 -15.83 9.19
C VAL A 140 8.72 -16.83 8.87
N LYS A 141 9.69 -16.99 9.78
CA LYS A 141 10.80 -17.88 9.50
C LYS A 141 10.35 -19.34 9.57
N ASN A 142 9.28 -19.59 10.28
CA ASN A 142 8.73 -20.93 10.37
C ASN A 142 8.03 -21.33 9.09
N LYS A 143 7.39 -20.39 8.43
CA LYS A 143 6.74 -20.73 7.19
C LYS A 143 7.64 -20.55 5.96
N THR A 144 8.53 -19.59 6.01
CA THR A 144 9.29 -19.29 4.82
C THR A 144 10.66 -19.95 4.81
N GLY A 145 11.21 -20.11 5.99
CA GLY A 145 12.54 -20.60 6.12
C GLY A 145 13.53 -19.47 6.07
N VAL A 146 13.03 -18.26 5.86
CA VAL A 146 13.85 -17.09 5.75
C VAL A 146 13.77 -16.33 7.05
N SER A 147 14.91 -15.98 7.59
CA SER A 147 14.96 -15.25 8.82
C SER A 147 15.56 -13.87 8.56
N LEU A 148 15.03 -12.86 9.18
CA LEU A 148 15.51 -11.52 9.02
C LEU A 148 16.10 -11.05 10.35
N PRO A 149 17.14 -10.21 10.32
CA PRO A 149 17.72 -9.62 11.53
C PRO A 149 16.68 -8.80 12.31
N GLU A 150 16.85 -8.76 13.62
CA GLU A 150 15.95 -8.06 14.51
C GLU A 150 15.95 -6.56 14.28
N ASP A 151 17.01 -6.06 13.67
CA ASP A 151 17.09 -4.66 13.23
C ASP A 151 15.96 -4.36 12.29
N GLU A 152 15.82 -5.21 11.29
CA GLU A 152 14.82 -5.06 10.26
C GLU A 152 13.45 -5.32 10.87
N ALA A 153 13.38 -6.29 11.78
CA ALA A 153 12.17 -6.58 12.52
C ALA A 153 11.78 -5.40 13.40
N GLY A 154 12.79 -4.67 13.85
CA GLY A 154 12.60 -3.47 14.61
C GLY A 154 11.94 -2.42 13.77
N PHE A 155 12.36 -2.30 12.52
CA PHE A 155 11.71 -1.37 11.59
C PHE A 155 10.27 -1.82 11.33
N ILE A 156 10.06 -3.11 11.34
CA ILE A 156 8.71 -3.67 11.24
C ILE A 156 7.90 -3.27 12.49
N ALA A 157 8.55 -3.30 13.65
CA ALA A 157 7.93 -2.88 14.91
C ALA A 157 7.56 -1.40 14.86
N LEU A 158 8.40 -0.58 14.21
CA LEU A 158 8.08 0.83 14.00
C LEU A 158 6.83 0.98 13.14
N HIS A 159 6.67 0.12 12.17
CA HIS A 159 5.45 0.06 11.39
C HIS A 159 4.28 -0.35 12.25
N ILE A 160 4.50 -1.29 13.14
CA ILE A 160 3.47 -1.76 14.05
C ILE A 160 2.99 -0.64 14.98
N VAL A 161 3.91 0.15 15.52
CA VAL A 161 3.55 1.20 16.41
C VAL A 161 2.84 2.35 15.69
N ASN A 162 3.12 2.51 14.40
CA ASN A 162 2.45 3.52 13.59
C ASN A 162 1.14 2.97 13.08
N ALA A 163 1.01 1.67 13.15
CA ALA A 163 -0.16 1.00 12.70
C ALA A 163 -1.22 0.90 13.79
N GLU A 164 -0.79 0.80 15.03
CA GLU A 164 -1.70 0.62 16.14
C GLU A 164 -2.60 1.86 16.32
N LEU A 165 -3.90 1.67 16.15
CA LEU A 165 -4.82 2.77 16.33
C LEU A 165 -5.06 3.04 17.79
N ASN A 166 -4.92 4.27 18.13
CA ASN A 166 -5.16 4.77 19.46
C ASN A 166 -5.92 6.05 19.33
N GLU A 167 -6.81 6.29 20.25
CA GLU A 167 -7.68 7.44 20.21
C GLU A 167 -8.40 7.52 21.53
N LEU A 168 -8.96 8.66 21.86
CA LEU A 168 -9.74 8.78 23.06
C LEU A 168 -11.12 8.18 22.79
N GLN A 169 -11.21 6.91 23.03
CA GLN A 169 -12.38 6.13 22.75
C GLN A 169 -13.15 5.88 24.02
N MET B 1 3.65 -8.45 -20.77
CA MET B 1 2.34 -8.97 -20.42
C MET B 1 1.46 -8.99 -21.64
N LYS B 2 0.29 -9.54 -21.51
CA LYS B 2 -0.53 -9.80 -22.67
C LYS B 2 -1.99 -9.82 -22.31
N ILE B 3 -2.80 -9.66 -23.32
CA ILE B 3 -4.24 -9.69 -23.18
C ILE B 3 -4.69 -11.14 -23.03
N ALA B 4 -5.58 -11.36 -22.12
CA ALA B 4 -6.12 -12.67 -21.91
C ALA B 4 -7.59 -12.69 -22.26
N LYS B 5 -8.30 -11.64 -21.91
CA LYS B 5 -9.72 -11.61 -22.15
C LYS B 5 -10.13 -10.29 -22.78
N VAL B 6 -11.13 -10.35 -23.61
CA VAL B 6 -11.71 -9.20 -24.24
C VAL B 6 -13.14 -9.09 -23.74
N ILE B 7 -13.42 -8.05 -23.04
CA ILE B 7 -14.72 -7.85 -22.48
C ILE B 7 -15.58 -7.11 -23.50
N ASN B 8 -14.95 -6.20 -24.18
CA ASN B 8 -15.53 -5.45 -25.28
C ASN B 8 -14.40 -4.75 -25.94
N ASN B 9 -14.68 -3.90 -26.87
CA ASN B 9 -13.63 -3.21 -27.63
C ASN B 9 -12.82 -2.25 -26.76
N ASN B 10 -13.43 -1.63 -25.79
CA ASN B 10 -12.72 -0.65 -25.00
C ASN B 10 -12.09 -1.26 -23.76
N VAL B 11 -12.69 -2.31 -23.29
CA VAL B 11 -12.26 -2.90 -22.06
C VAL B 11 -11.67 -4.29 -22.33
N ILE B 12 -10.45 -4.49 -21.93
CA ILE B 12 -9.78 -5.74 -22.10
C ILE B 12 -9.15 -6.21 -20.78
N SER B 13 -8.79 -7.45 -20.76
CA SER B 13 -8.23 -8.12 -19.63
C SER B 13 -6.80 -8.53 -19.92
N VAL B 14 -5.91 -8.17 -19.06
CA VAL B 14 -4.49 -8.40 -19.20
C VAL B 14 -4.01 -9.30 -18.07
N VAL B 15 -3.05 -10.15 -18.34
CA VAL B 15 -2.45 -10.96 -17.30
C VAL B 15 -0.95 -10.76 -17.33
N ASN B 16 -0.43 -10.31 -16.20
CA ASN B 16 0.99 -10.10 -16.01
C ASN B 16 1.61 -11.43 -15.60
N GLU B 17 2.89 -11.60 -15.79
CA GLU B 17 3.55 -12.90 -15.63
C GLU B 17 3.67 -13.39 -14.17
N GLN B 18 3.23 -12.58 -13.22
CA GLN B 18 3.16 -13.01 -11.85
C GLN B 18 1.77 -13.56 -11.53
N GLY B 19 0.92 -13.62 -12.54
CA GLY B 19 -0.43 -14.08 -12.36
C GLY B 19 -1.33 -12.99 -11.85
N LYS B 20 -1.02 -11.77 -12.22
CA LYS B 20 -1.76 -10.65 -11.82
C LYS B 20 -2.63 -10.25 -12.99
N GLU B 21 -3.91 -10.29 -12.79
CA GLU B 21 -4.85 -9.96 -13.83
C GLU B 21 -5.22 -8.49 -13.69
N LEU B 22 -5.36 -7.84 -14.80
CA LEU B 22 -5.65 -6.45 -14.86
C LEU B 22 -6.76 -6.23 -15.88
N VAL B 23 -7.46 -5.16 -15.74
CA VAL B 23 -8.48 -4.76 -16.68
C VAL B 23 -8.16 -3.36 -17.13
N VAL B 24 -8.02 -3.18 -18.39
CA VAL B 24 -7.64 -1.90 -18.90
C VAL B 24 -8.74 -1.36 -19.79
N MET B 25 -9.03 -0.08 -19.64
CA MET B 25 -10.02 0.58 -20.44
C MET B 25 -9.35 1.58 -21.33
N GLY B 26 -9.68 1.52 -22.57
CA GLY B 26 -9.23 2.47 -23.51
C GLY B 26 -10.01 2.32 -24.76
N ARG B 27 -10.32 3.41 -25.33
CA ARG B 27 -11.14 3.48 -26.51
C ARG B 27 -10.49 2.75 -27.69
N GLY B 28 -11.06 1.64 -28.02
CA GLY B 28 -10.61 0.83 -29.10
C GLY B 28 -9.37 0.04 -28.78
N LEU B 29 -9.33 -0.54 -27.60
CA LEU B 29 -8.22 -1.38 -27.21
C LEU B 29 -8.26 -2.72 -27.90
N ALA B 30 -9.44 -3.30 -28.02
CA ALA B 30 -9.55 -4.61 -28.63
C ALA B 30 -9.62 -4.56 -30.14
N PHE B 31 -9.99 -3.39 -30.66
CA PHE B 31 -9.95 -3.14 -32.08
C PHE B 31 -8.52 -3.39 -32.61
N GLN B 32 -8.40 -4.48 -33.37
CA GLN B 32 -7.15 -4.96 -33.97
C GLN B 32 -6.23 -5.52 -32.88
N LYS B 33 -6.83 -6.13 -31.88
CA LYS B 33 -6.12 -6.76 -30.79
C LYS B 33 -6.73 -8.09 -30.46
N LYS B 34 -5.94 -8.98 -29.92
CA LYS B 34 -6.40 -10.30 -29.59
C LYS B 34 -5.69 -10.77 -28.33
N SER B 35 -6.24 -11.79 -27.73
CA SER B 35 -5.66 -12.39 -26.56
C SER B 35 -4.34 -13.08 -26.91
N GLY B 36 -3.31 -12.81 -26.13
CA GLY B 36 -2.01 -13.37 -26.37
C GLY B 36 -1.08 -12.34 -26.97
N ASP B 37 -1.64 -11.23 -27.32
CA ASP B 37 -0.89 -10.17 -27.92
C ASP B 37 -0.56 -9.13 -26.86
N ASP B 38 0.49 -8.39 -27.08
CA ASP B 38 0.99 -7.39 -26.14
C ASP B 38 0.03 -6.19 -26.07
N VAL B 39 -0.10 -5.63 -24.90
CA VAL B 39 -1.05 -4.56 -24.69
C VAL B 39 -0.50 -3.21 -25.15
N ASP B 40 -1.27 -2.54 -25.97
CA ASP B 40 -0.96 -1.20 -26.48
C ASP B 40 -1.00 -0.21 -25.33
N GLU B 41 0.12 0.43 -25.05
CA GLU B 41 0.21 1.34 -23.91
C GLU B 41 -0.37 2.73 -24.21
N ALA B 42 -0.49 3.06 -25.47
CA ALA B 42 -0.94 4.40 -25.84
C ALA B 42 -2.43 4.50 -25.71
N ARG B 43 -3.11 3.42 -25.99
CA ARG B 43 -4.54 3.36 -25.84
C ARG B 43 -4.98 3.11 -24.40
N ILE B 44 -4.02 2.94 -23.50
CA ILE B 44 -4.30 2.77 -22.09
C ILE B 44 -4.72 4.10 -21.49
N GLU B 45 -5.99 4.23 -21.22
CA GLU B 45 -6.52 5.39 -20.57
C GLU B 45 -6.62 5.12 -19.09
N LYS B 46 -7.23 4.03 -18.77
CA LYS B 46 -7.52 3.67 -17.40
C LYS B 46 -7.13 2.24 -17.15
N VAL B 47 -6.67 1.95 -15.96
CA VAL B 47 -6.28 0.60 -15.61
C VAL B 47 -7.05 0.21 -14.34
N PHE B 48 -7.32 -1.03 -14.19
CA PHE B 48 -7.90 -1.59 -13.00
C PHE B 48 -7.08 -2.83 -12.64
N THR B 49 -6.78 -3.00 -11.39
CA THR B 49 -5.99 -4.14 -10.94
C THR B 49 -6.86 -5.10 -10.12
N LEU B 50 -6.51 -6.37 -10.13
CA LEU B 50 -7.30 -7.41 -9.48
C LEU B 50 -7.15 -7.46 -7.95
N ASP B 51 -8.29 -7.58 -7.33
CA ASP B 51 -8.47 -7.84 -5.91
C ASP B 51 -9.37 -9.07 -5.77
N ASN B 52 -9.02 -9.93 -4.87
CA ASN B 52 -9.76 -11.14 -4.61
C ASN B 52 -10.35 -10.99 -3.23
N LYS B 53 -11.67 -11.00 -3.13
CA LYS B 53 -12.35 -10.72 -1.85
C LYS B 53 -12.01 -11.73 -0.76
N ASP B 54 -11.49 -12.84 -1.13
CA ASP B 54 -11.23 -13.89 -0.19
C ASP B 54 -9.82 -13.88 0.33
N VAL B 55 -8.97 -13.11 -0.29
CA VAL B 55 -7.58 -13.05 0.11
C VAL B 55 -7.16 -11.61 0.36
N SER B 56 -7.68 -10.72 -0.44
CA SER B 56 -7.27 -9.36 -0.46
C SER B 56 -8.33 -8.47 0.19
N GLU B 57 -9.15 -9.08 1.02
CA GLU B 57 -10.25 -8.35 1.68
C GLU B 57 -9.79 -7.16 2.53
N LYS B 58 -8.63 -7.26 3.10
CA LYS B 58 -8.07 -6.18 3.86
C LYS B 58 -7.49 -5.14 2.90
N PHE B 59 -6.82 -5.65 1.88
CA PHE B 59 -6.17 -4.86 0.83
C PHE B 59 -7.16 -3.92 0.09
N LYS B 60 -8.44 -4.18 0.24
CA LYS B 60 -9.51 -3.39 -0.35
C LYS B 60 -9.59 -1.99 0.24
N THR B 61 -9.55 -1.89 1.57
CA THR B 61 -9.82 -0.65 2.25
C THR B 61 -8.87 0.49 1.92
N LEU B 62 -7.66 0.16 1.52
CA LEU B 62 -6.69 1.16 1.05
C LEU B 62 -7.27 1.86 -0.14
N LEU B 63 -7.66 1.06 -1.08
CA LEU B 63 -8.09 1.54 -2.35
C LEU B 63 -9.50 2.12 -2.30
N TYR B 64 -10.15 1.98 -1.18
CA TYR B 64 -11.39 2.66 -0.93
C TYR B 64 -11.14 4.01 -0.26
N ASP B 65 -10.48 3.98 0.89
CA ASP B 65 -10.44 5.11 1.83
C ASP B 65 -9.20 6.02 1.69
N ILE B 66 -8.54 5.98 0.59
CA ILE B 66 -7.44 6.92 0.35
C ILE B 66 -7.95 8.19 -0.36
N PRO B 67 -7.93 9.35 0.33
CA PRO B 67 -8.35 10.62 -0.26
C PRO B 67 -7.37 11.11 -1.34
N ILE B 68 -7.90 11.75 -2.37
CA ILE B 68 -7.10 12.19 -3.51
C ILE B 68 -6.09 13.29 -3.07
N GLU B 69 -6.48 14.11 -2.10
CA GLU B 69 -5.61 15.13 -1.57
C GLU B 69 -4.39 14.50 -0.92
N CYS B 70 -4.63 13.53 -0.04
CA CYS B 70 -3.56 12.84 0.68
C CYS B 70 -2.68 12.08 -0.31
N MET B 71 -3.30 11.59 -1.38
CA MET B 71 -2.61 10.92 -2.46
C MET B 71 -1.59 11.84 -3.11
N GLU B 72 -2.01 13.04 -3.45
CA GLU B 72 -1.13 13.98 -4.11
C GLU B 72 -0.03 14.41 -3.16
N VAL B 73 -0.40 14.59 -1.91
CA VAL B 73 0.55 15.01 -0.91
C VAL B 73 1.63 13.95 -0.72
N SER B 74 1.23 12.70 -0.58
CA SER B 74 2.18 11.65 -0.29
C SER B 74 3.06 11.38 -1.50
N GLU B 75 2.47 11.46 -2.68
CA GLU B 75 3.18 11.16 -3.90
C GLU B 75 4.23 12.24 -4.11
N GLU B 76 3.85 13.48 -3.91
CA GLU B 76 4.74 14.57 -4.17
C GLU B 76 5.82 14.64 -3.11
N ILE B 77 5.48 14.28 -1.87
CA ILE B 77 6.46 14.27 -0.79
C ILE B 77 7.56 13.27 -1.08
N ILE B 78 7.19 12.06 -1.47
CA ILE B 78 8.22 11.08 -1.66
C ILE B 78 8.92 11.28 -3.00
N SER B 79 8.23 11.90 -3.94
CA SER B 79 8.84 12.27 -5.20
C SER B 79 9.94 13.32 -4.90
N TYR B 80 9.60 14.28 -4.05
CA TYR B 80 10.53 15.31 -3.63
C TYR B 80 11.69 14.70 -2.87
N ALA B 81 11.39 13.73 -2.03
CA ALA B 81 12.41 13.06 -1.24
C ALA B 81 13.39 12.31 -2.13
N LYS B 82 12.88 11.60 -3.13
CA LYS B 82 13.75 10.81 -3.98
C LYS B 82 14.54 11.71 -4.94
N LEU B 83 13.99 12.87 -5.20
CA LEU B 83 14.63 13.86 -6.01
C LEU B 83 15.78 14.51 -5.23
N GLN B 84 15.49 14.93 -4.01
CA GLN B 84 16.45 15.62 -3.17
C GLN B 84 17.57 14.72 -2.69
N LEU B 85 17.22 13.53 -2.26
CA LEU B 85 18.21 12.60 -1.77
C LEU B 85 19.00 11.98 -2.91
N GLY B 86 18.35 11.80 -4.06
CA GLY B 86 18.99 11.12 -5.17
C GLY B 86 18.98 9.63 -4.94
N LYS B 87 18.10 9.24 -4.05
CA LYS B 87 17.99 7.90 -3.59
C LYS B 87 16.62 7.36 -3.94
N LYS B 88 16.59 6.18 -4.47
CA LYS B 88 15.35 5.53 -4.81
C LYS B 88 14.74 4.98 -3.54
N LEU B 89 13.48 5.20 -3.36
CA LEU B 89 12.81 4.74 -2.19
C LEU B 89 11.78 3.69 -2.56
N ASN B 90 11.54 2.79 -1.64
CA ASN B 90 10.54 1.73 -1.76
C ASN B 90 9.17 2.36 -1.93
N ASP B 91 8.58 2.15 -3.09
CA ASP B 91 7.34 2.79 -3.51
C ASP B 91 6.14 2.49 -2.63
N SER B 92 6.25 1.51 -1.77
CA SER B 92 5.16 1.23 -0.88
C SER B 92 5.12 2.24 0.27
N ILE B 93 6.19 3.08 0.40
CA ILE B 93 6.20 4.13 1.41
C ILE B 93 5.11 5.15 1.06
N TYR B 94 4.90 5.34 -0.24
CA TYR B 94 3.89 6.25 -0.76
C TYR B 94 2.54 5.78 -0.27
N VAL B 95 2.32 4.48 -0.41
CA VAL B 95 1.08 3.84 0.01
C VAL B 95 0.93 3.89 1.53
N SER B 96 2.02 3.74 2.24
CA SER B 96 1.93 3.77 3.66
C SER B 96 1.62 5.16 4.15
N LEU B 97 2.20 6.16 3.52
CA LEU B 97 2.02 7.52 3.96
C LEU B 97 0.66 8.05 3.60
N THR B 98 0.05 7.55 2.54
CA THR B 98 -1.29 7.99 2.21
C THR B 98 -2.26 7.60 3.28
N ASN B 99 -2.13 6.41 3.79
CA ASN B 99 -3.02 6.04 4.85
C ASN B 99 -2.55 6.58 6.16
N HIS B 100 -1.24 6.63 6.33
CA HIS B 100 -0.64 7.14 7.56
C HIS B 100 -1.00 8.59 7.78
N ILE B 101 -0.98 9.41 6.73
CA ILE B 101 -1.32 10.81 6.91
C ILE B 101 -2.79 10.95 7.25
N ASN B 102 -3.62 10.20 6.57
CA ASN B 102 -5.06 10.28 6.80
C ASN B 102 -5.42 9.75 8.19
N PHE B 103 -4.78 8.67 8.59
CA PHE B 103 -4.98 8.11 9.90
C PHE B 103 -4.46 9.03 10.98
N ALA B 104 -3.29 9.62 10.74
CA ALA B 104 -2.67 10.54 11.70
C ALA B 104 -3.51 11.75 11.91
N ILE B 105 -4.11 12.27 10.85
CA ILE B 105 -4.98 13.43 10.98
C ILE B 105 -6.19 13.09 11.84
N GLN B 106 -6.80 11.96 11.56
CA GLN B 106 -7.98 11.55 12.31
C GLN B 106 -7.63 11.21 13.74
N ARG B 107 -6.51 10.56 13.91
CA ARG B 107 -6.04 10.16 15.23
C ARG B 107 -5.63 11.36 16.06
N ASN B 108 -5.01 12.34 15.42
CA ASN B 108 -4.55 13.51 16.12
C ASN B 108 -5.73 14.33 16.60
N GLN B 109 -6.80 14.34 15.79
CA GLN B 109 -8.02 15.05 16.14
C GLN B 109 -8.78 14.36 17.28
N LYS B 110 -8.39 13.16 17.64
CA LYS B 110 -9.12 12.43 18.64
C LYS B 110 -8.28 12.19 19.91
N GLY B 111 -7.26 12.99 20.10
CA GLY B 111 -6.53 12.93 21.33
C GLY B 111 -5.31 12.06 21.29
N LEU B 112 -4.73 11.93 20.14
CA LEU B 112 -3.51 11.21 20.00
C LEU B 112 -2.50 12.04 19.24
N ASP B 113 -1.28 11.94 19.64
CA ASP B 113 -0.15 12.49 18.92
C ASP B 113 0.86 11.41 18.95
N ILE B 114 1.33 10.94 17.84
CA ILE B 114 2.32 9.90 17.89
C ILE B 114 3.68 10.49 18.18
N LYS B 115 4.01 10.49 19.44
CA LYS B 115 5.19 11.12 19.91
C LYS B 115 6.36 10.18 19.80
N ASN B 116 7.43 10.69 19.27
CA ASN B 116 8.55 9.90 18.92
C ASN B 116 9.55 9.95 20.05
N ALA B 117 9.67 8.87 20.76
CA ALA B 117 10.61 8.80 21.88
C ALA B 117 12.02 8.48 21.41
N LEU B 118 12.14 8.44 20.12
CA LEU B 118 13.40 8.21 19.46
C LEU B 118 13.84 9.52 18.83
N LEU B 119 13.13 10.61 19.18
CA LEU B 119 13.29 11.93 18.56
C LEU B 119 14.73 12.38 18.55
N TRP B 120 15.31 12.39 19.72
CA TRP B 120 16.66 12.90 19.89
C TRP B 120 17.71 11.97 19.32
N GLU B 121 17.36 10.72 19.17
CA GLU B 121 18.24 9.73 18.60
C GLU B 121 18.19 9.86 17.07
N THR B 122 16.98 9.87 16.55
CA THR B 122 16.72 9.90 15.12
C THR B 122 17.24 11.19 14.49
N LYS B 123 16.99 12.32 15.13
CA LYS B 123 17.39 13.63 14.62
C LYS B 123 18.93 13.68 14.48
N ARG B 124 19.61 12.99 15.36
CA ARG B 124 21.05 13.02 15.40
C ARG B 124 21.66 11.99 14.43
N LEU B 125 21.15 10.77 14.44
CA LEU B 125 21.71 9.69 13.66
C LEU B 125 21.19 9.66 12.23
N TYR B 126 19.96 10.03 12.05
CA TYR B 126 19.31 10.02 10.76
C TYR B 126 18.96 11.46 10.38
N LYS B 127 20.00 12.28 10.37
CA LYS B 127 19.91 13.71 10.10
C LYS B 127 19.23 14.01 8.78
N ASP B 128 19.63 13.34 7.74
CA ASP B 128 19.11 13.63 6.41
C ASP B 128 17.68 13.19 6.24
N GLU B 129 17.34 12.11 6.89
CA GLU B 129 15.98 11.61 6.85
C GLU B 129 15.07 12.56 7.62
N PHE B 130 15.57 13.06 8.74
CA PHE B 130 14.82 13.97 9.56
C PHE B 130 14.68 15.33 8.84
N ALA B 131 15.69 15.68 8.05
CA ALA B 131 15.68 16.88 7.24
C ALA B 131 14.54 16.80 6.22
N ILE B 132 14.39 15.63 5.60
CA ILE B 132 13.29 15.39 4.69
C ILE B 132 11.97 15.45 5.46
N GLY B 133 12.01 14.99 6.70
CA GLY B 133 10.86 15.07 7.58
C GLY B 133 10.39 16.51 7.80
N LYS B 134 11.36 17.42 8.01
CA LYS B 134 11.06 18.84 8.16
C LYS B 134 10.44 19.39 6.88
N GLU B 135 11.05 19.06 5.75
CA GLU B 135 10.53 19.51 4.46
C GLU B 135 9.15 18.89 4.16
N ALA B 136 8.93 17.68 4.64
CA ALA B 136 7.66 17.01 4.49
C ALA B 136 6.60 17.77 5.29
N LEU B 137 6.97 18.19 6.49
CA LEU B 137 6.11 19.00 7.34
C LEU B 137 5.71 20.28 6.62
N VAL B 138 6.68 20.92 6.00
CA VAL B 138 6.44 22.14 5.23
C VAL B 138 5.47 21.85 4.08
N MET B 139 5.69 20.74 3.41
CA MET B 139 4.89 20.34 2.27
C MET B 139 3.44 20.08 2.69
N VAL B 140 3.27 19.44 3.82
CA VAL B 140 1.95 19.14 4.33
C VAL B 140 1.22 20.42 4.71
N LYS B 141 1.90 21.34 5.37
CA LYS B 141 1.25 22.53 5.81
C LYS B 141 0.96 23.48 4.66
N ASN B 142 1.70 23.35 3.58
CA ASN B 142 1.42 24.15 2.41
C ASN B 142 0.19 23.66 1.69
N LYS B 143 0.06 22.36 1.59
CA LYS B 143 -1.05 21.79 0.87
C LYS B 143 -2.33 21.66 1.70
N THR B 144 -2.21 21.49 3.00
CA THR B 144 -3.40 21.30 3.80
C THR B 144 -3.60 22.40 4.82
N GLY B 145 -2.52 22.94 5.30
CA GLY B 145 -2.56 23.90 6.36
C GLY B 145 -2.43 23.22 7.71
N VAL B 146 -2.39 21.91 7.70
CA VAL B 146 -2.27 21.13 8.91
C VAL B 146 -0.80 20.81 9.14
N SER B 147 -0.39 20.79 10.37
CA SER B 147 0.97 20.50 10.70
C SER B 147 1.05 19.28 11.60
N LEU B 148 1.96 18.40 11.33
CA LEU B 148 2.19 17.25 12.15
C LEU B 148 3.43 17.53 12.98
N PRO B 149 3.45 17.12 14.25
CA PRO B 149 4.64 17.25 15.10
C PRO B 149 5.86 16.60 14.45
N GLU B 150 7.06 17.06 14.83
CA GLU B 150 8.31 16.48 14.33
C GLU B 150 8.42 15.03 14.78
N ASP B 151 7.69 14.71 15.82
CA ASP B 151 7.57 13.36 16.32
C ASP B 151 7.00 12.45 15.25
N GLU B 152 5.90 12.88 14.67
CA GLU B 152 5.20 12.12 13.68
C GLU B 152 6.02 12.13 12.38
N ALA B 153 6.68 13.26 12.12
CA ALA B 153 7.60 13.38 10.99
C ALA B 153 8.80 12.44 11.18
N GLY B 154 9.16 12.23 12.43
CA GLY B 154 10.21 11.31 12.79
C GLY B 154 9.82 9.90 12.46
N PHE B 155 8.56 9.54 12.71
CA PHE B 155 8.08 8.24 12.29
C PHE B 155 8.10 8.11 10.78
N ILE B 156 7.81 9.21 10.09
CA ILE B 156 7.94 9.26 8.64
C ILE B 156 9.40 8.98 8.23
N ALA B 157 10.35 9.54 8.98
CA ALA B 157 11.78 9.28 8.76
C ALA B 157 12.10 7.79 8.95
N LEU B 158 11.43 7.16 9.90
CA LEU B 158 11.54 5.71 10.06
C LEU B 158 11.03 4.99 8.81
N HIS B 159 9.94 5.47 8.26
CA HIS B 159 9.40 4.92 7.02
C HIS B 159 10.38 5.11 5.88
N ILE B 160 11.11 6.22 5.91
CA ILE B 160 12.15 6.51 4.93
C ILE B 160 13.27 5.49 5.02
N VAL B 161 13.68 5.12 6.22
CA VAL B 161 14.71 4.14 6.34
C VAL B 161 14.18 2.71 6.04
N ASN B 162 12.87 2.51 6.24
CA ASN B 162 12.19 1.27 5.83
C ASN B 162 12.10 1.22 4.30
N ALA B 163 12.19 2.37 3.68
CA ALA B 163 12.07 2.48 2.26
C ALA B 163 13.41 2.81 1.58
N GLU B 164 14.45 2.96 2.35
CA GLU B 164 15.78 3.25 1.85
C GLU B 164 16.36 2.16 0.92
N LEU B 165 16.68 2.55 -0.31
CA LEU B 165 17.37 1.70 -1.21
C LEU B 165 18.76 2.19 -1.43
N ASN B 166 19.65 1.28 -1.29
CA ASN B 166 21.04 1.44 -1.57
C ASN B 166 21.49 0.12 -2.10
N GLU B 167 21.82 0.09 -3.35
CA GLU B 167 22.21 -1.13 -4.00
C GLU B 167 23.17 -0.82 -5.09
N LEU B 168 23.56 -1.83 -5.81
CA LEU B 168 24.45 -1.68 -6.94
C LEU B 168 23.70 -1.09 -8.14
N GLN B 169 23.54 0.21 -8.09
CA GLN B 169 22.94 1.04 -9.13
C GLN B 169 23.59 2.38 -9.04
N MET A 1 -22.00 0.43 -2.92
CA MET A 1 -21.88 1.06 -4.23
C MET A 1 -22.98 0.59 -5.16
N LYS A 2 -23.17 1.32 -6.21
CA LYS A 2 -24.16 0.99 -7.19
C LYS A 2 -23.46 0.55 -8.46
N ILE A 3 -24.20 -0.12 -9.30
CA ILE A 3 -23.71 -0.48 -10.62
C ILE A 3 -23.92 0.75 -11.49
N ALA A 4 -22.89 1.20 -12.12
CA ALA A 4 -22.99 2.38 -12.94
C ALA A 4 -22.76 2.06 -14.39
N LYS A 5 -21.90 1.11 -14.68
CA LYS A 5 -21.60 0.81 -16.04
C LYS A 5 -21.65 -0.70 -16.23
N VAL A 6 -22.28 -1.14 -17.28
CA VAL A 6 -22.41 -2.55 -17.55
C VAL A 6 -21.61 -2.90 -18.79
N ILE A 7 -20.81 -3.91 -18.68
CA ILE A 7 -20.03 -4.36 -19.78
C ILE A 7 -20.69 -5.60 -20.37
N ASN A 8 -21.19 -6.44 -19.50
CA ASN A 8 -21.95 -7.64 -19.84
C ASN A 8 -22.64 -8.11 -18.59
N ASN A 9 -23.36 -9.21 -18.67
CA ASN A 9 -24.14 -9.68 -17.52
C ASN A 9 -23.31 -10.15 -16.31
N ASN A 10 -22.06 -10.50 -16.53
CA ASN A 10 -21.22 -10.94 -15.43
C ASN A 10 -20.28 -9.85 -15.00
N VAL A 11 -19.89 -9.02 -15.92
CA VAL A 11 -18.91 -8.01 -15.63
C VAL A 11 -19.56 -6.63 -15.64
N ILE A 12 -19.45 -5.95 -14.54
CA ILE A 12 -20.02 -4.65 -14.37
C ILE A 12 -19.03 -3.67 -13.73
N SER A 13 -19.39 -2.45 -13.76
CA SER A 13 -18.63 -1.34 -13.29
C SER A 13 -19.42 -0.64 -12.22
N VAL A 14 -18.83 -0.50 -11.07
CA VAL A 14 -19.48 0.09 -9.94
C VAL A 14 -18.69 1.30 -9.47
N VAL A 15 -19.35 2.20 -8.79
CA VAL A 15 -18.70 3.39 -8.27
C VAL A 15 -18.68 3.33 -6.76
N ASN A 16 -17.50 3.17 -6.23
CA ASN A 16 -17.27 3.12 -4.78
C ASN A 16 -17.61 4.50 -4.18
N GLU A 17 -17.90 4.54 -2.89
CA GLU A 17 -18.28 5.77 -2.17
C GLU A 17 -17.24 6.90 -2.34
N GLN A 18 -15.99 6.53 -2.53
CA GLN A 18 -14.91 7.49 -2.67
C GLN A 18 -14.87 8.05 -4.10
N GLY A 19 -15.74 7.56 -4.96
CA GLY A 19 -15.75 7.97 -6.34
C GLY A 19 -14.78 7.13 -7.15
N LYS A 20 -14.55 5.93 -6.66
CA LYS A 20 -13.63 5.04 -7.27
C LYS A 20 -14.33 3.97 -8.04
N GLU A 21 -14.11 3.98 -9.31
CA GLU A 21 -14.70 3.01 -10.19
C GLU A 21 -14.05 1.64 -9.99
N LEU A 22 -14.84 0.62 -9.97
CA LEU A 22 -14.38 -0.72 -9.77
C LEU A 22 -15.04 -1.61 -10.79
N VAL A 23 -14.34 -2.62 -11.24
CA VAL A 23 -14.91 -3.59 -12.14
C VAL A 23 -15.13 -4.85 -11.36
N VAL A 24 -16.34 -5.25 -11.25
CA VAL A 24 -16.67 -6.40 -10.48
C VAL A 24 -17.21 -7.47 -11.42
N MET A 25 -16.73 -8.66 -11.24
CA MET A 25 -17.14 -9.76 -12.04
C MET A 25 -17.81 -10.78 -11.16
N GLY A 26 -18.97 -11.14 -11.53
CA GLY A 26 -19.70 -12.15 -10.87
C GLY A 26 -20.77 -12.60 -11.77
N ARG A 27 -20.97 -13.84 -11.80
CA ARG A 27 -21.88 -14.43 -12.74
C ARG A 27 -23.32 -14.02 -12.50
N GLY A 28 -23.84 -13.29 -13.44
CA GLY A 28 -25.19 -12.84 -13.39
C GLY A 28 -25.40 -11.66 -12.48
N LEU A 29 -24.37 -10.82 -12.35
CA LEU A 29 -24.49 -9.62 -11.54
C LEU A 29 -25.42 -8.60 -12.17
N ALA A 30 -25.43 -8.53 -13.49
CA ALA A 30 -26.32 -7.62 -14.17
C ALA A 30 -27.53 -8.35 -14.73
N PHE A 31 -27.66 -9.60 -14.35
CA PHE A 31 -28.77 -10.40 -14.74
C PHE A 31 -29.89 -10.23 -13.72
N GLN A 32 -30.95 -9.53 -14.13
CA GLN A 32 -32.12 -9.17 -13.32
C GLN A 32 -31.77 -8.11 -12.29
N LYS A 33 -30.70 -7.43 -12.57
CA LYS A 33 -30.20 -6.35 -11.77
C LYS A 33 -29.77 -5.26 -12.74
N LYS A 34 -29.72 -4.04 -12.31
CA LYS A 34 -29.56 -2.93 -13.23
C LYS A 34 -28.60 -1.88 -12.70
N SER A 35 -28.34 -0.89 -13.54
CA SER A 35 -27.53 0.23 -13.16
C SER A 35 -28.31 1.11 -12.17
N GLY A 36 -27.63 1.59 -11.14
CA GLY A 36 -28.26 2.40 -10.14
C GLY A 36 -28.68 1.57 -8.95
N ASP A 37 -28.64 0.29 -9.13
CA ASP A 37 -29.02 -0.64 -8.12
C ASP A 37 -27.80 -1.07 -7.32
N ASP A 38 -28.06 -1.53 -6.12
CA ASP A 38 -27.04 -1.93 -5.18
C ASP A 38 -26.45 -3.26 -5.58
N VAL A 39 -25.17 -3.40 -5.42
CA VAL A 39 -24.44 -4.55 -5.86
C VAL A 39 -24.60 -5.71 -4.89
N ASP A 40 -24.99 -6.84 -5.42
CA ASP A 40 -25.11 -8.08 -4.67
C ASP A 40 -23.72 -8.51 -4.26
N GLU A 41 -23.43 -8.48 -2.99
CA GLU A 41 -22.09 -8.75 -2.53
C GLU A 41 -21.75 -10.24 -2.56
N ALA A 42 -22.75 -11.08 -2.60
CA ALA A 42 -22.54 -12.51 -2.56
C ALA A 42 -22.15 -13.01 -3.92
N ARG A 43 -22.71 -12.40 -4.95
CA ARG A 43 -22.37 -12.74 -6.33
C ARG A 43 -21.08 -12.06 -6.80
N ILE A 44 -20.44 -11.32 -5.91
CA ILE A 44 -19.16 -10.73 -6.18
C ILE A 44 -18.09 -11.79 -6.03
N GLU A 45 -17.61 -12.26 -7.14
CA GLU A 45 -16.57 -13.25 -7.14
C GLU A 45 -15.21 -12.56 -7.26
N LYS A 46 -15.14 -11.63 -8.18
CA LYS A 46 -13.90 -10.95 -8.49
C LYS A 46 -14.12 -9.45 -8.51
N VAL A 47 -13.18 -8.71 -7.99
CA VAL A 47 -13.23 -7.27 -7.96
C VAL A 47 -11.96 -6.78 -8.63
N PHE A 48 -12.01 -5.65 -9.25
CA PHE A 48 -10.85 -4.98 -9.78
C PHE A 48 -10.98 -3.49 -9.44
N THR A 49 -9.97 -2.90 -8.90
CA THR A 49 -10.02 -1.48 -8.56
C THR A 49 -9.33 -0.65 -9.66
N LEU A 50 -9.83 0.54 -9.88
CA LEU A 50 -9.30 1.44 -10.89
C LEU A 50 -8.11 2.24 -10.36
N ASP A 51 -7.09 2.32 -11.17
CA ASP A 51 -5.98 3.17 -10.95
C ASP A 51 -5.85 4.07 -12.16
N ASN A 52 -5.27 5.20 -11.97
CA ASN A 52 -5.01 6.09 -13.06
C ASN A 52 -3.54 6.16 -13.28
N LYS A 53 -3.06 5.44 -14.29
CA LYS A 53 -1.63 5.47 -14.73
C LYS A 53 -1.17 6.90 -14.93
N ASP A 54 -2.11 7.68 -15.31
CA ASP A 54 -1.98 9.09 -15.59
C ASP A 54 -1.50 9.89 -14.38
N VAL A 55 -1.88 9.46 -13.21
CA VAL A 55 -1.54 10.16 -12.00
C VAL A 55 -0.65 9.30 -11.10
N SER A 56 -0.81 8.02 -11.22
CA SER A 56 -0.21 7.08 -10.33
C SER A 56 0.76 6.15 -11.07
N GLU A 57 2.04 6.43 -10.99
CA GLU A 57 3.02 5.53 -11.54
C GLU A 57 3.38 4.45 -10.50
N LYS A 58 3.91 4.91 -9.38
CA LYS A 58 4.37 4.03 -8.30
C LYS A 58 3.24 3.40 -7.52
N PHE A 59 2.06 3.98 -7.61
CA PHE A 59 0.93 3.40 -6.93
C PHE A 59 0.46 2.12 -7.63
N LYS A 60 0.84 1.97 -8.89
CA LYS A 60 0.48 0.81 -9.67
C LYS A 60 1.39 -0.38 -9.39
N THR A 61 2.67 -0.12 -9.24
CA THR A 61 3.67 -1.14 -9.10
C THR A 61 3.45 -2.10 -7.92
N LEU A 62 2.86 -1.62 -6.83
CA LEU A 62 2.57 -2.50 -5.70
C LEU A 62 1.53 -3.54 -6.09
N LEU A 63 0.61 -3.12 -6.91
CA LEU A 63 -0.50 -3.96 -7.29
C LEU A 63 -0.15 -4.84 -8.48
N TYR A 64 0.92 -4.49 -9.13
CA TYR A 64 1.40 -5.23 -10.25
C TYR A 64 2.42 -6.28 -9.85
N ASP A 65 3.45 -5.82 -9.18
CA ASP A 65 4.68 -6.59 -9.07
C ASP A 65 4.96 -7.10 -7.66
N ILE A 66 3.98 -7.05 -6.84
CA ILE A 66 4.11 -7.59 -5.51
C ILE A 66 3.49 -8.98 -5.45
N PRO A 67 4.32 -10.00 -5.16
CA PRO A 67 3.90 -11.40 -5.12
C PRO A 67 2.68 -11.64 -4.23
N ILE A 68 1.70 -12.33 -4.81
CA ILE A 68 0.48 -12.69 -4.11
C ILE A 68 0.82 -13.60 -2.92
N GLU A 69 1.88 -14.38 -3.10
CA GLU A 69 2.38 -15.28 -2.07
C GLU A 69 2.84 -14.47 -0.86
N CYS A 70 3.60 -13.40 -1.10
CA CYS A 70 4.07 -12.53 -0.04
C CYS A 70 2.89 -11.81 0.60
N MET A 71 1.89 -11.53 -0.22
CA MET A 71 0.69 -10.86 0.25
C MET A 71 -0.03 -11.72 1.26
N GLU A 72 -0.16 -12.99 0.96
CA GLU A 72 -0.83 -13.93 1.86
C GLU A 72 -0.06 -14.06 3.14
N VAL A 73 1.25 -14.16 3.02
CA VAL A 73 2.11 -14.30 4.17
C VAL A 73 2.05 -13.07 5.03
N SER A 74 2.13 -11.92 4.43
CA SER A 74 2.17 -10.69 5.17
C SER A 74 0.81 -10.40 5.80
N GLU A 75 -0.27 -10.75 5.12
CA GLU A 75 -1.61 -10.52 5.65
C GLU A 75 -1.73 -11.31 6.96
N GLU A 76 -1.17 -12.51 6.92
CA GLU A 76 -1.19 -13.43 8.01
C GLU A 76 -0.27 -12.93 9.16
N ILE A 77 0.84 -12.31 8.78
CA ILE A 77 1.77 -11.73 9.75
C ILE A 77 1.10 -10.60 10.54
N ILE A 78 0.37 -9.72 9.86
CA ILE A 78 -0.26 -8.64 10.58
C ILE A 78 -1.44 -9.18 11.40
N SER A 79 -2.06 -10.24 10.90
CA SER A 79 -3.13 -10.92 11.61
C SER A 79 -2.59 -11.42 12.97
N TYR A 80 -1.41 -11.99 12.93
CA TYR A 80 -0.73 -12.50 14.12
C TYR A 80 -0.45 -11.34 15.07
N ALA A 81 0.04 -10.25 14.52
CA ALA A 81 0.38 -9.08 15.30
C ALA A 81 -0.88 -8.49 15.95
N LYS A 82 -1.96 -8.46 15.18
CA LYS A 82 -3.25 -7.93 15.60
C LYS A 82 -3.77 -8.74 16.77
N LEU A 83 -3.66 -10.06 16.63
CA LEU A 83 -4.16 -10.99 17.59
C LEU A 83 -3.37 -10.91 18.90
N GLN A 84 -2.09 -10.71 18.80
CA GLN A 84 -1.25 -10.72 19.98
C GLN A 84 -1.23 -9.39 20.73
N LEU A 85 -1.19 -8.29 19.99
CA LEU A 85 -1.14 -6.96 20.59
C LEU A 85 -2.45 -6.55 21.25
N GLY A 86 -3.55 -6.82 20.58
CA GLY A 86 -4.85 -6.36 21.07
C GLY A 86 -5.11 -4.94 20.62
N LYS A 87 -4.14 -4.43 19.88
CA LYS A 87 -4.15 -3.14 19.29
C LYS A 87 -4.32 -3.37 17.82
N LYS A 88 -5.08 -2.54 17.15
CA LYS A 88 -5.25 -2.77 15.75
C LYS A 88 -4.22 -2.01 14.97
N LEU A 89 -3.72 -2.63 13.96
CA LEU A 89 -2.79 -2.02 13.07
C LEU A 89 -3.53 -1.71 11.81
N ASN A 90 -3.37 -0.49 11.33
CA ASN A 90 -4.05 -0.01 10.12
C ASN A 90 -3.68 -0.85 8.90
N ASP A 91 -4.55 -0.87 7.93
CA ASP A 91 -4.44 -1.70 6.72
C ASP A 91 -3.18 -1.33 5.89
N SER A 92 -2.64 -0.14 6.11
CA SER A 92 -1.45 0.32 5.42
C SER A 92 -0.21 -0.50 5.78
N ILE A 93 -0.18 -1.10 6.97
CA ILE A 93 0.99 -1.87 7.38
C ILE A 93 1.09 -3.18 6.57
N TYR A 94 -0.05 -3.64 6.09
CA TYR A 94 -0.11 -4.85 5.28
C TYR A 94 0.59 -4.59 3.96
N VAL A 95 0.22 -3.50 3.35
CA VAL A 95 0.75 -3.13 2.06
C VAL A 95 2.21 -2.70 2.18
N SER A 96 2.57 -2.12 3.29
CA SER A 96 3.92 -1.73 3.46
C SER A 96 4.81 -2.92 3.83
N LEU A 97 4.30 -3.87 4.61
CA LEU A 97 5.10 -5.02 4.96
C LEU A 97 5.27 -6.01 3.84
N THR A 98 4.32 -6.09 2.91
CA THR A 98 4.51 -6.95 1.74
C THR A 98 5.69 -6.48 0.94
N ASN A 99 5.81 -5.17 0.82
CA ASN A 99 6.93 -4.59 0.13
C ASN A 99 8.17 -4.74 0.96
N HIS A 100 8.03 -4.52 2.26
CA HIS A 100 9.15 -4.59 3.18
C HIS A 100 9.75 -6.00 3.19
N ILE A 101 8.89 -7.02 3.20
CA ILE A 101 9.37 -8.41 3.20
C ILE A 101 10.07 -8.72 1.88
N ASN A 102 9.49 -8.24 0.79
CA ASN A 102 10.04 -8.47 -0.54
C ASN A 102 11.38 -7.75 -0.69
N PHE A 103 11.47 -6.57 -0.10
CA PHE A 103 12.68 -5.80 -0.10
C PHE A 103 13.67 -6.27 0.93
N ALA A 104 13.21 -6.93 1.97
CA ALA A 104 14.10 -7.54 2.94
C ALA A 104 14.81 -8.69 2.26
N ILE A 105 14.06 -9.42 1.42
CA ILE A 105 14.63 -10.47 0.60
C ILE A 105 15.65 -9.85 -0.34
N GLN A 106 15.26 -8.75 -0.96
CA GLN A 106 16.12 -7.97 -1.87
C GLN A 106 17.42 -7.57 -1.16
N ARG A 107 17.27 -7.06 0.05
CA ARG A 107 18.41 -6.63 0.84
C ARG A 107 19.29 -7.83 1.18
N ASN A 108 18.65 -8.93 1.53
CA ASN A 108 19.36 -10.16 1.88
C ASN A 108 20.13 -10.69 0.69
N GLN A 109 19.50 -10.66 -0.48
CA GLN A 109 20.14 -11.16 -1.68
C GLN A 109 21.30 -10.26 -2.09
N LYS A 110 21.12 -8.94 -1.96
CA LYS A 110 22.17 -8.01 -2.31
C LYS A 110 23.25 -7.96 -1.22
N GLY A 111 22.95 -8.57 -0.10
CA GLY A 111 23.87 -8.62 1.01
C GLY A 111 23.97 -7.28 1.70
N LEU A 112 22.87 -6.59 1.73
CA LEU A 112 22.82 -5.27 2.31
C LEU A 112 21.89 -5.28 3.51
N ASP A 113 22.35 -4.75 4.60
CA ASP A 113 21.56 -4.61 5.80
C ASP A 113 21.34 -3.14 6.02
N ILE A 114 20.19 -2.74 6.48
CA ILE A 114 20.08 -1.39 6.96
C ILE A 114 20.07 -1.49 8.46
N LYS A 115 21.09 -1.01 9.09
CA LYS A 115 21.23 -1.23 10.49
C LYS A 115 20.46 -0.23 11.30
N ASN A 116 19.78 -0.76 12.27
CA ASN A 116 18.92 0.02 13.08
C ASN A 116 19.66 0.42 14.33
N ALA A 117 20.15 1.63 14.37
CA ALA A 117 20.93 2.12 15.50
C ALA A 117 20.04 2.54 16.67
N LEU A 118 18.77 2.31 16.51
CA LEU A 118 17.78 2.61 17.52
C LEU A 118 17.18 1.31 18.05
N LEU A 119 17.62 0.20 17.48
CA LEU A 119 17.10 -1.15 17.77
C LEU A 119 17.15 -1.47 19.25
N TRP A 120 18.25 -1.13 19.84
CA TRP A 120 18.54 -1.45 21.22
C TRP A 120 17.63 -0.68 22.17
N GLU A 121 17.31 0.54 21.80
CA GLU A 121 16.42 1.37 22.57
C GLU A 121 14.99 0.89 22.35
N THR A 122 14.70 0.52 21.10
CA THR A 122 13.39 0.04 20.67
C THR A 122 12.91 -1.17 21.50
N LYS A 123 13.85 -2.06 21.85
CA LYS A 123 13.51 -3.26 22.62
C LYS A 123 12.91 -2.92 23.99
N ARG A 124 13.37 -1.84 24.57
CA ARG A 124 12.86 -1.39 25.84
C ARG A 124 11.64 -0.50 25.67
N LEU A 125 11.78 0.50 24.82
CA LEU A 125 10.76 1.52 24.63
C LEU A 125 9.49 0.99 23.98
N TYR A 126 9.64 0.19 22.96
CA TYR A 126 8.51 -0.34 22.23
C TYR A 126 8.51 -1.84 22.46
N LYS A 127 8.59 -2.16 23.74
CA LYS A 127 8.72 -3.50 24.30
C LYS A 127 7.73 -4.50 23.71
N ASP A 128 6.48 -4.10 23.70
CA ASP A 128 5.39 -4.97 23.27
C ASP A 128 5.44 -5.20 21.80
N GLU A 129 5.54 -4.13 21.08
CA GLU A 129 5.55 -4.13 19.65
C GLU A 129 6.76 -4.89 19.12
N PHE A 130 7.90 -4.71 19.75
CA PHE A 130 9.09 -5.41 19.35
C PHE A 130 8.98 -6.90 19.71
N ALA A 131 8.35 -7.19 20.83
CA ALA A 131 8.16 -8.58 21.28
C ALA A 131 7.33 -9.34 20.27
N ILE A 132 6.26 -8.72 19.82
CA ILE A 132 5.38 -9.34 18.86
C ILE A 132 6.06 -9.37 17.49
N GLY A 133 6.84 -8.34 17.22
CA GLY A 133 7.62 -8.30 16.00
C GLY A 133 8.67 -9.39 15.95
N LYS A 134 9.24 -9.69 17.11
CA LYS A 134 10.23 -10.75 17.24
C LYS A 134 9.52 -12.09 17.00
N GLU A 135 8.33 -12.25 17.55
CA GLU A 135 7.55 -13.46 17.31
C GLU A 135 7.11 -13.56 15.85
N ALA A 136 6.91 -12.42 15.21
CA ALA A 136 6.60 -12.37 13.80
C ALA A 136 7.82 -12.77 12.98
N LEU A 137 9.00 -12.40 13.46
CA LEU A 137 10.26 -12.80 12.84
C LEU A 137 10.37 -14.32 12.91
N VAL A 138 10.04 -14.88 14.08
CA VAL A 138 10.02 -16.32 14.28
C VAL A 138 8.97 -16.96 13.34
N MET A 139 7.87 -16.27 13.17
CA MET A 139 6.80 -16.70 12.28
C MET A 139 7.32 -16.79 10.84
N VAL A 140 8.07 -15.78 10.41
CA VAL A 140 8.65 -15.77 9.05
C VAL A 140 9.64 -16.93 8.91
N LYS A 141 10.39 -17.17 9.96
CA LYS A 141 11.36 -18.24 10.01
C LYS A 141 10.64 -19.61 9.91
N ASN A 142 9.48 -19.71 10.50
CA ASN A 142 8.68 -20.93 10.39
C ASN A 142 8.03 -21.02 9.02
N LYS A 143 7.63 -19.89 8.51
CA LYS A 143 6.94 -19.80 7.24
C LYS A 143 7.88 -20.16 6.08
N THR A 144 9.09 -19.63 6.10
CA THR A 144 9.96 -19.78 4.95
C THR A 144 11.35 -20.29 5.31
N GLY A 145 11.77 -20.00 6.50
CA GLY A 145 13.09 -20.38 6.92
C GLY A 145 14.07 -19.24 6.75
N VAL A 146 13.61 -18.17 6.10
CA VAL A 146 14.43 -17.01 5.84
C VAL A 146 14.63 -16.24 7.14
N SER A 147 15.84 -15.83 7.36
CA SER A 147 16.19 -15.10 8.53
C SER A 147 16.40 -13.65 8.15
N LEU A 148 15.60 -12.78 8.69
CA LEU A 148 15.74 -11.37 8.46
C LEU A 148 16.60 -10.78 9.55
N PRO A 149 17.49 -9.84 9.21
CA PRO A 149 18.32 -9.15 10.19
C PRO A 149 17.46 -8.48 11.27
N GLU A 150 17.98 -8.47 12.50
CA GLU A 150 17.29 -7.90 13.67
C GLU A 150 16.94 -6.44 13.40
N ASP A 151 17.82 -5.79 12.69
CA ASP A 151 17.71 -4.40 12.32
C ASP A 151 16.45 -4.16 11.55
N GLU A 152 16.30 -4.91 10.45
CA GLU A 152 15.12 -4.85 9.58
C GLU A 152 13.85 -5.09 10.43
N ALA A 153 13.92 -6.10 11.31
CA ALA A 153 12.81 -6.45 12.19
C ALA A 153 12.46 -5.28 13.13
N GLY A 154 13.47 -4.54 13.52
CA GLY A 154 13.27 -3.35 14.31
C GLY A 154 12.54 -2.29 13.52
N PHE A 155 12.88 -2.15 12.25
CA PHE A 155 12.16 -1.21 11.39
C PHE A 155 10.72 -1.66 11.21
N ILE A 156 10.52 -2.98 11.15
CA ILE A 156 9.17 -3.56 11.15
C ILE A 156 8.40 -3.15 12.43
N ALA A 157 9.10 -3.13 13.56
CA ALA A 157 8.52 -2.66 14.81
C ALA A 157 8.16 -1.17 14.69
N LEU A 158 8.99 -0.41 13.98
CA LEU A 158 8.65 0.98 13.68
C LEU A 158 7.38 1.08 12.82
N HIS A 159 7.21 0.14 11.89
CA HIS A 159 5.97 0.09 11.09
C HIS A 159 4.78 -0.12 12.00
N ILE A 160 4.95 -0.98 12.97
CA ILE A 160 3.92 -1.29 13.94
C ILE A 160 3.54 -0.05 14.73
N VAL A 161 4.52 0.69 15.23
CA VAL A 161 4.24 1.83 16.06
C VAL A 161 3.66 3.01 15.25
N ASN A 162 3.97 3.04 13.98
CA ASN A 162 3.43 4.08 13.12
C ASN A 162 2.01 3.76 12.72
N ALA A 163 1.74 2.49 12.44
CA ALA A 163 0.45 2.06 11.96
C ALA A 163 -0.49 1.62 13.07
N GLU A 164 -0.03 1.68 14.30
CA GLU A 164 -0.87 1.33 15.42
C GLU A 164 -1.91 2.39 15.72
N LEU A 165 -3.05 1.92 16.13
CA LEU A 165 -4.05 2.75 16.69
C LEU A 165 -4.02 2.51 18.16
N ASN A 166 -4.24 3.54 18.93
CA ASN A 166 -4.17 3.42 20.35
C ASN A 166 -5.47 2.85 20.87
N GLU A 167 -5.47 2.46 22.12
CA GLU A 167 -6.61 1.82 22.78
C GLU A 167 -7.93 2.58 22.62
N LEU A 168 -8.70 2.09 21.68
CA LEU A 168 -10.01 2.61 21.32
C LEU A 168 -10.60 1.56 20.41
N GLN A 169 -10.41 0.37 20.83
CA GLN A 169 -10.80 -0.79 20.08
C GLN A 169 -11.50 -1.72 21.03
N MET B 1 3.09 -7.79 -20.85
CA MET B 1 2.04 -8.79 -20.73
C MET B 1 1.28 -8.90 -22.02
N LYS B 2 0.45 -9.90 -22.12
CA LYS B 2 -0.36 -10.12 -23.27
C LYS B 2 -1.82 -9.92 -22.89
N ILE B 3 -2.64 -9.76 -23.87
CA ILE B 3 -4.06 -9.68 -23.67
C ILE B 3 -4.60 -11.09 -23.62
N ALA B 4 -5.26 -11.43 -22.56
CA ALA B 4 -5.78 -12.76 -22.37
C ALA B 4 -7.27 -12.82 -22.62
N LYS B 5 -7.96 -11.73 -22.35
CA LYS B 5 -9.38 -11.68 -22.56
C LYS B 5 -9.78 -10.36 -23.18
N VAL B 6 -10.72 -10.40 -24.05
CA VAL B 6 -11.27 -9.23 -24.68
C VAL B 6 -12.74 -9.26 -24.42
N ILE B 7 -13.21 -8.33 -23.66
CA ILE B 7 -14.61 -8.31 -23.34
C ILE B 7 -15.34 -7.54 -24.41
N ASN B 8 -14.73 -6.46 -24.85
CA ASN B 8 -15.27 -5.63 -25.91
C ASN B 8 -14.15 -4.79 -26.46
N ASN B 9 -14.44 -3.93 -27.38
CA ASN B 9 -13.40 -3.12 -28.04
C ASN B 9 -12.72 -2.10 -27.13
N ASN B 10 -13.33 -1.74 -26.03
CA ASN B 10 -12.75 -0.77 -25.16
C ASN B 10 -12.12 -1.42 -23.94
N VAL B 11 -12.66 -2.52 -23.53
CA VAL B 11 -12.23 -3.17 -22.32
C VAL B 11 -11.53 -4.48 -22.65
N ILE B 12 -10.31 -4.59 -22.21
CA ILE B 12 -9.55 -5.80 -22.41
C ILE B 12 -8.97 -6.31 -21.09
N SER B 13 -8.54 -7.50 -21.10
CA SER B 13 -8.07 -8.18 -19.95
C SER B 13 -6.68 -8.71 -20.19
N VAL B 14 -5.76 -8.34 -19.35
CA VAL B 14 -4.39 -8.76 -19.46
C VAL B 14 -3.98 -9.50 -18.20
N VAL B 15 -3.06 -10.40 -18.31
CA VAL B 15 -2.62 -11.18 -17.16
C VAL B 15 -1.11 -11.09 -17.03
N ASN B 16 -0.60 -10.66 -15.88
CA ASN B 16 0.83 -10.58 -15.67
C ASN B 16 1.40 -11.96 -15.29
N GLU B 17 2.73 -12.07 -15.16
CA GLU B 17 3.44 -13.37 -14.99
C GLU B 17 2.92 -14.23 -13.81
N GLN B 18 2.49 -13.58 -12.77
CA GLN B 18 1.98 -14.21 -11.56
C GLN B 18 0.55 -14.71 -11.71
N GLY B 19 -0.02 -14.52 -12.87
CA GLY B 19 -1.38 -14.98 -13.11
C GLY B 19 -2.41 -14.03 -12.56
N LYS B 20 -2.01 -12.80 -12.44
CA LYS B 20 -2.85 -11.76 -11.93
C LYS B 20 -3.52 -11.06 -13.07
N GLU B 21 -4.82 -11.03 -13.01
CA GLU B 21 -5.64 -10.46 -14.07
C GLU B 21 -5.79 -8.96 -13.86
N LEU B 22 -5.73 -8.23 -14.93
CA LEU B 22 -5.88 -6.80 -14.94
C LEU B 22 -6.86 -6.44 -16.04
N VAL B 23 -7.74 -5.54 -15.78
CA VAL B 23 -8.70 -5.10 -16.75
C VAL B 23 -8.31 -3.71 -17.18
N VAL B 24 -7.94 -3.58 -18.40
CA VAL B 24 -7.49 -2.33 -18.91
C VAL B 24 -8.50 -1.81 -19.91
N MET B 25 -8.82 -0.56 -19.80
CA MET B 25 -9.77 0.04 -20.67
C MET B 25 -9.15 1.15 -21.45
N GLY B 26 -9.50 1.20 -22.68
CA GLY B 26 -9.11 2.23 -23.54
C GLY B 26 -10.02 2.22 -24.70
N ARG B 27 -10.37 3.37 -25.10
CA ARG B 27 -11.32 3.59 -26.15
C ARG B 27 -10.76 3.09 -27.48
N GLY B 28 -11.17 1.90 -27.84
CA GLY B 28 -10.70 1.28 -29.04
C GLY B 28 -9.35 0.60 -28.83
N LEU B 29 -9.15 0.07 -27.63
CA LEU B 29 -7.93 -0.66 -27.31
C LEU B 29 -7.86 -1.97 -28.09
N ALA B 30 -8.99 -2.63 -28.26
CA ALA B 30 -9.01 -3.91 -28.96
C ALA B 30 -9.05 -3.73 -30.47
N PHE B 31 -9.25 -2.51 -30.91
CA PHE B 31 -9.26 -2.16 -32.30
C PHE B 31 -7.87 -2.38 -32.91
N GLN B 32 -7.77 -3.39 -33.79
CA GLN B 32 -6.52 -3.78 -34.46
C GLN B 32 -5.51 -4.34 -33.46
N LYS B 33 -6.04 -4.95 -32.43
CA LYS B 33 -5.26 -5.56 -31.39
C LYS B 33 -5.94 -6.89 -31.07
N LYS B 34 -5.18 -7.90 -30.70
CA LYS B 34 -5.74 -9.21 -30.52
C LYS B 34 -5.23 -9.86 -29.26
N SER B 35 -5.94 -10.88 -28.81
CA SER B 35 -5.59 -11.64 -27.65
C SER B 35 -4.32 -12.46 -27.92
N GLY B 36 -3.44 -12.48 -26.96
CA GLY B 36 -2.22 -13.22 -27.07
C GLY B 36 -1.09 -12.36 -27.51
N ASP B 37 -1.42 -11.17 -27.94
CA ASP B 37 -0.44 -10.28 -28.44
C ASP B 37 -0.12 -9.22 -27.39
N ASP B 38 1.01 -8.56 -27.55
CA ASP B 38 1.50 -7.56 -26.59
C ASP B 38 0.57 -6.34 -26.53
N VAL B 39 0.40 -5.79 -25.35
CA VAL B 39 -0.55 -4.73 -25.08
C VAL B 39 -0.08 -3.36 -25.62
N ASP B 40 -1.03 -2.59 -26.10
CA ASP B 40 -0.81 -1.25 -26.58
C ASP B 40 -0.98 -0.32 -25.40
N GLU B 41 0.06 0.39 -24.98
CA GLU B 41 -0.06 1.21 -23.80
C GLU B 41 -0.54 2.63 -24.12
N ALA B 42 -0.58 2.97 -25.40
CA ALA B 42 -0.98 4.30 -25.82
C ALA B 42 -2.46 4.48 -25.61
N ARG B 43 -3.21 3.44 -25.91
CA ARG B 43 -4.64 3.48 -25.75
C ARG B 43 -5.07 3.05 -24.36
N ILE B 44 -4.12 2.80 -23.49
CA ILE B 44 -4.41 2.52 -22.11
C ILE B 44 -4.78 3.82 -21.44
N GLU B 45 -6.02 3.93 -21.05
CA GLU B 45 -6.49 5.11 -20.39
C GLU B 45 -6.78 4.80 -18.94
N LYS B 46 -7.37 3.66 -18.71
CA LYS B 46 -7.81 3.27 -17.39
C LYS B 46 -7.33 1.87 -17.10
N VAL B 47 -6.88 1.62 -15.90
CA VAL B 47 -6.44 0.29 -15.54
C VAL B 47 -7.14 -0.14 -14.26
N PHE B 48 -7.57 -1.36 -14.24
CA PHE B 48 -8.15 -1.95 -13.09
C PHE B 48 -7.35 -3.18 -12.73
N THR B 49 -6.96 -3.28 -11.52
CA THR B 49 -6.18 -4.40 -11.05
C THR B 49 -7.05 -5.30 -10.19
N LEU B 50 -6.79 -6.61 -10.25
CA LEU B 50 -7.57 -7.60 -9.52
C LEU B 50 -7.50 -7.38 -8.01
N ASP B 51 -8.66 -7.36 -7.45
CA ASP B 51 -8.92 -7.18 -6.05
C ASP B 51 -9.61 -8.41 -5.50
N ASN B 52 -8.94 -9.12 -4.64
CA ASN B 52 -9.51 -10.27 -3.97
C ASN B 52 -9.90 -9.91 -2.57
N LYS B 53 -11.19 -9.88 -2.33
CA LYS B 53 -11.73 -9.50 -1.03
C LYS B 53 -11.61 -10.66 -0.06
N ASP B 54 -11.38 -11.82 -0.60
CA ASP B 54 -11.31 -13.05 0.15
C ASP B 54 -10.05 -13.17 0.96
N VAL B 55 -8.96 -12.90 0.34
CA VAL B 55 -7.68 -13.03 0.97
C VAL B 55 -7.15 -11.67 1.39
N SER B 56 -7.43 -10.71 0.59
CA SER B 56 -6.78 -9.46 0.69
C SER B 56 -7.76 -8.35 1.04
N GLU B 57 -8.64 -8.62 2.00
CA GLU B 57 -9.66 -7.64 2.44
C GLU B 57 -9.01 -6.34 2.93
N LYS B 58 -7.97 -6.48 3.70
CA LYS B 58 -7.20 -5.34 4.22
C LYS B 58 -6.43 -4.61 3.12
N PHE B 59 -6.25 -5.28 2.04
CA PHE B 59 -5.62 -4.72 0.90
C PHE B 59 -6.67 -4.02 0.02
N LYS B 60 -7.93 -4.32 0.26
CA LYS B 60 -9.02 -3.74 -0.51
C LYS B 60 -9.43 -2.38 0.02
N THR B 61 -9.54 -2.30 1.33
CA THR B 61 -10.01 -1.12 2.04
C THR B 61 -9.26 0.15 1.62
N LEU B 62 -7.96 0.06 1.51
CA LEU B 62 -7.13 1.19 1.12
C LEU B 62 -7.39 1.61 -0.32
N LEU B 63 -7.69 0.65 -1.15
CA LEU B 63 -7.93 0.90 -2.55
C LEU B 63 -9.35 1.39 -2.78
N TYR B 64 -10.12 1.42 -1.73
CA TYR B 64 -11.44 1.95 -1.76
C TYR B 64 -11.48 3.34 -1.12
N ASP B 65 -10.95 3.42 0.10
CA ASP B 65 -11.12 4.60 0.98
C ASP B 65 -10.14 5.75 0.73
N ILE B 66 -9.22 5.56 -0.14
CA ILE B 66 -8.23 6.58 -0.42
C ILE B 66 -8.67 7.50 -1.58
N PRO B 67 -8.96 8.79 -1.28
CA PRO B 67 -9.33 9.76 -2.27
C PRO B 67 -8.11 10.36 -2.96
N ILE B 68 -8.34 11.02 -4.09
CA ILE B 68 -7.28 11.59 -4.91
C ILE B 68 -6.43 12.62 -4.14
N GLU B 69 -7.07 13.41 -3.28
CA GLU B 69 -6.37 14.44 -2.51
C GLU B 69 -5.27 13.82 -1.65
N CYS B 70 -5.62 12.80 -0.90
CA CYS B 70 -4.68 12.13 -0.03
C CYS B 70 -3.57 11.46 -0.84
N MET B 71 -3.95 10.95 -2.02
CA MET B 71 -2.98 10.32 -2.90
C MET B 71 -2.01 11.35 -3.43
N GLU B 72 -2.53 12.52 -3.80
CA GLU B 72 -1.70 13.62 -4.29
C GLU B 72 -0.69 13.99 -3.29
N VAL B 73 -1.14 14.22 -2.07
CA VAL B 73 -0.27 14.71 -1.02
C VAL B 73 0.86 13.74 -0.78
N SER B 74 0.54 12.48 -0.78
CA SER B 74 1.53 11.48 -0.55
C SER B 74 2.50 11.42 -1.71
N GLU B 75 1.96 11.38 -2.91
CA GLU B 75 2.76 11.16 -4.10
C GLU B 75 3.72 12.36 -4.28
N GLU B 76 3.18 13.53 -4.00
CA GLU B 76 3.88 14.77 -4.17
C GLU B 76 5.00 14.90 -3.14
N ILE B 77 4.75 14.45 -1.91
CA ILE B 77 5.74 14.55 -0.86
C ILE B 77 6.85 13.55 -1.10
N ILE B 78 6.51 12.40 -1.61
CA ILE B 78 7.48 11.38 -1.89
C ILE B 78 8.36 11.80 -3.04
N SER B 79 7.77 12.46 -4.01
CA SER B 79 8.52 12.99 -5.12
C SER B 79 9.53 14.03 -4.61
N TYR B 80 9.09 14.85 -3.67
CA TYR B 80 9.93 15.86 -3.05
C TYR B 80 11.08 15.20 -2.32
N ALA B 81 10.76 14.19 -1.54
CA ALA B 81 11.76 13.48 -0.75
C ALA B 81 12.78 12.80 -1.64
N LYS B 82 12.27 12.20 -2.71
CA LYS B 82 13.08 11.47 -3.67
C LYS B 82 14.03 12.43 -4.37
N LEU B 83 13.53 13.60 -4.72
CA LEU B 83 14.30 14.58 -5.42
C LEU B 83 15.40 15.16 -4.52
N GLN B 84 15.09 15.37 -3.25
CA GLN B 84 16.04 15.98 -2.35
C GLN B 84 17.13 14.98 -1.93
N LEU B 85 16.72 13.76 -1.63
CA LEU B 85 17.66 12.74 -1.21
C LEU B 85 18.49 12.21 -2.35
N GLY B 86 17.87 12.07 -3.49
CA GLY B 86 18.55 11.47 -4.61
C GLY B 86 18.43 9.98 -4.52
N LYS B 87 17.40 9.56 -3.84
CA LYS B 87 17.11 8.17 -3.64
C LYS B 87 15.68 7.91 -4.00
N LYS B 88 15.45 6.92 -4.81
CA LYS B 88 14.10 6.53 -5.09
C LYS B 88 13.63 5.59 -3.99
N LEU B 89 12.52 5.93 -3.40
CA LEU B 89 11.99 5.17 -2.30
C LEU B 89 11.09 4.07 -2.82
N ASN B 90 11.03 2.96 -2.11
CA ASN B 90 10.15 1.87 -2.47
C ASN B 90 8.68 2.27 -2.36
N ASP B 91 7.86 1.65 -3.18
CA ASP B 91 6.46 1.98 -3.43
C ASP B 91 5.61 1.91 -2.18
N SER B 92 6.07 1.21 -1.16
CA SER B 92 5.35 1.11 0.10
C SER B 92 5.17 2.47 0.74
N ILE B 93 6.12 3.38 0.50
CA ILE B 93 6.07 4.73 1.08
C ILE B 93 4.82 5.47 0.58
N TYR B 94 4.40 5.14 -0.63
CA TYR B 94 3.26 5.79 -1.27
C TYR B 94 1.97 5.42 -0.59
N VAL B 95 1.78 4.15 -0.40
CA VAL B 95 0.55 3.69 0.21
C VAL B 95 0.59 3.89 1.74
N SER B 96 1.78 3.96 2.30
CA SER B 96 1.87 4.20 3.71
C SER B 96 1.68 5.68 4.04
N LEU B 97 2.20 6.60 3.21
CA LEU B 97 2.02 8.02 3.51
C LEU B 97 0.61 8.50 3.27
N THR B 98 -0.11 7.87 2.35
CA THR B 98 -1.52 8.21 2.14
C THR B 98 -2.30 7.92 3.40
N ASN B 99 -1.98 6.82 4.01
CA ASN B 99 -2.59 6.46 5.24
C ASN B 99 -2.00 7.20 6.40
N HIS B 100 -0.77 7.65 6.27
CA HIS B 100 -0.17 8.44 7.32
C HIS B 100 -0.86 9.81 7.34
N ILE B 101 -1.25 10.28 6.15
CA ILE B 101 -2.05 11.50 6.04
C ILE B 101 -3.42 11.24 6.68
N ASN B 102 -3.96 10.05 6.44
CA ASN B 102 -5.21 9.62 7.09
C ASN B 102 -5.01 9.62 8.62
N PHE B 103 -3.87 9.06 9.08
CA PHE B 103 -3.50 9.05 10.49
C PHE B 103 -3.40 10.45 11.03
N ALA B 104 -2.83 11.32 10.25
CA ALA B 104 -2.68 12.71 10.61
C ALA B 104 -4.02 13.34 10.90
N ILE B 105 -4.98 13.06 10.05
CA ILE B 105 -6.33 13.56 10.23
C ILE B 105 -6.92 12.97 11.50
N GLN B 106 -6.78 11.69 11.63
CA GLN B 106 -7.34 10.94 12.74
C GLN B 106 -6.73 11.40 14.08
N ARG B 107 -5.44 11.61 14.06
CA ARG B 107 -4.73 12.00 15.25
C ARG B 107 -4.98 13.46 15.57
N ASN B 108 -5.19 14.27 14.53
CA ASN B 108 -5.48 15.68 14.71
C ASN B 108 -6.89 15.88 15.26
N GLN B 109 -7.81 15.02 14.84
CA GLN B 109 -9.19 15.13 15.29
C GLN B 109 -9.37 14.57 16.69
N LYS B 110 -8.67 13.50 17.01
CA LYS B 110 -8.82 12.89 18.31
C LYS B 110 -7.91 13.48 19.35
N GLY B 111 -6.97 14.30 18.92
CA GLY B 111 -5.97 14.83 19.82
C GLY B 111 -5.10 13.71 20.33
N LEU B 112 -4.79 12.83 19.43
CA LEU B 112 -4.09 11.62 19.73
C LEU B 112 -2.64 11.74 19.27
N ASP B 113 -1.78 12.11 20.17
CA ASP B 113 -0.37 12.26 19.84
C ASP B 113 0.33 10.97 20.19
N ILE B 114 1.26 10.56 19.38
CA ILE B 114 2.13 9.50 19.81
C ILE B 114 3.48 10.13 19.98
N LYS B 115 4.35 9.50 20.68
CA LYS B 115 5.61 10.13 20.92
C LYS B 115 6.74 9.28 20.43
N ASN B 116 7.76 9.94 19.97
CA ASN B 116 8.91 9.29 19.45
C ASN B 116 9.95 9.27 20.56
N ALA B 117 10.18 8.13 21.15
CA ALA B 117 11.11 8.03 22.27
C ALA B 117 12.54 7.85 21.78
N LEU B 118 12.70 7.93 20.50
CA LEU B 118 13.98 7.78 19.84
C LEU B 118 14.39 9.11 19.22
N LEU B 119 13.52 10.11 19.38
CA LEU B 119 13.62 11.42 18.71
C LEU B 119 14.96 12.11 18.96
N TRP B 120 15.45 12.00 20.17
CA TRP B 120 16.69 12.65 20.57
C TRP B 120 17.86 12.09 19.78
N GLU B 121 17.92 10.77 19.69
CA GLU B 121 18.98 10.06 18.99
C GLU B 121 18.83 10.28 17.49
N THR B 122 17.57 10.37 17.06
CA THR B 122 17.22 10.55 15.66
C THR B 122 17.88 11.81 15.07
N LYS B 123 18.05 12.84 15.90
CA LYS B 123 18.71 14.09 15.46
C LYS B 123 20.13 13.83 14.96
N ARG B 124 20.82 12.90 15.60
CA ARG B 124 22.16 12.55 15.22
C ARG B 124 22.19 11.48 14.14
N LEU B 125 21.46 10.42 14.37
CA LEU B 125 21.51 9.23 13.53
C LEU B 125 20.79 9.40 12.19
N TYR B 126 19.75 10.21 12.19
CA TYR B 126 18.94 10.39 11.00
C TYR B 126 18.71 11.88 10.79
N LYS B 127 19.81 12.62 10.83
CA LYS B 127 19.82 14.07 10.72
C LYS B 127 19.22 14.54 9.39
N ASP B 128 19.67 13.95 8.29
CA ASP B 128 19.20 14.32 6.96
C ASP B 128 17.77 13.91 6.77
N GLU B 129 17.46 12.75 7.24
CA GLU B 129 16.14 12.17 7.15
C GLU B 129 15.13 13.02 7.89
N PHE B 130 15.49 13.43 9.10
CA PHE B 130 14.62 14.25 9.92
C PHE B 130 14.47 15.63 9.28
N ALA B 131 15.52 16.09 8.63
CA ALA B 131 15.49 17.36 7.93
C ALA B 131 14.46 17.31 6.80
N ILE B 132 14.49 16.22 6.03
CA ILE B 132 13.54 16.00 4.95
C ILE B 132 12.14 15.81 5.54
N GLY B 133 12.08 15.09 6.64
CA GLY B 133 10.83 14.84 7.34
C GLY B 133 10.18 16.13 7.83
N LYS B 134 10.99 17.05 8.31
CA LYS B 134 10.52 18.32 8.79
C LYS B 134 9.99 19.13 7.58
N GLU B 135 10.73 19.10 6.48
CA GLU B 135 10.29 19.76 5.25
C GLU B 135 9.00 19.15 4.73
N ALA B 136 8.91 17.84 4.84
CA ALA B 136 7.72 17.10 4.47
C ALA B 136 6.54 17.53 5.35
N LEU B 137 6.81 17.68 6.64
CA LEU B 137 5.81 18.12 7.62
C LEU B 137 5.26 19.49 7.21
N VAL B 138 6.15 20.37 6.81
CA VAL B 138 5.79 21.70 6.34
C VAL B 138 4.94 21.59 5.07
N MET B 139 5.33 20.66 4.23
CA MET B 139 4.65 20.43 2.98
C MET B 139 3.24 19.87 3.22
N VAL B 140 3.11 19.02 4.25
CA VAL B 140 1.82 18.48 4.65
C VAL B 140 0.90 19.60 5.06
N LYS B 141 1.39 20.47 5.94
CA LYS B 141 0.56 21.53 6.47
C LYS B 141 0.24 22.54 5.40
N ASN B 142 1.10 22.67 4.43
CA ASN B 142 0.85 23.59 3.34
C ASN B 142 -0.22 23.09 2.39
N LYS B 143 -0.29 21.79 2.16
CA LYS B 143 -1.27 21.31 1.24
C LYS B 143 -2.58 20.88 1.93
N THR B 144 -2.50 20.48 3.20
CA THR B 144 -3.70 20.01 3.88
C THR B 144 -4.19 21.00 4.92
N GLY B 145 -3.26 21.67 5.54
CA GLY B 145 -3.56 22.55 6.63
C GLY B 145 -3.40 21.85 7.96
N VAL B 146 -3.06 20.58 7.91
CA VAL B 146 -2.90 19.81 9.12
C VAL B 146 -1.44 19.74 9.55
N SER B 147 -1.16 20.21 10.74
CA SER B 147 0.17 20.15 11.30
C SER B 147 0.24 18.99 12.29
N LEU B 148 1.38 18.35 12.34
CA LEU B 148 1.62 17.26 13.24
C LEU B 148 2.81 17.63 14.12
N PRO B 149 2.89 17.09 15.34
CA PRO B 149 4.06 17.28 16.20
C PRO B 149 5.34 16.62 15.63
N GLU B 150 6.48 17.04 16.17
CA GLU B 150 7.82 16.56 15.79
C GLU B 150 7.93 15.05 15.88
N ASP B 151 7.23 14.46 16.84
CA ASP B 151 7.23 13.02 17.04
C ASP B 151 6.75 12.33 15.80
N GLU B 152 5.55 12.69 15.37
CA GLU B 152 4.92 12.13 14.17
C GLU B 152 5.85 12.34 12.96
N ALA B 153 6.41 13.56 12.85
CA ALA B 153 7.33 13.90 11.75
C ALA B 153 8.57 13.02 11.78
N GLY B 154 9.01 12.67 12.97
CA GLY B 154 10.10 11.76 13.13
C GLY B 154 9.75 10.39 12.63
N PHE B 155 8.52 9.96 12.87
CA PHE B 155 8.06 8.69 12.37
C PHE B 155 7.95 8.71 10.85
N ILE B 156 7.61 9.87 10.29
CA ILE B 156 7.65 10.07 8.82
C ILE B 156 9.08 9.83 8.32
N ALA B 157 10.06 10.35 9.05
CA ALA B 157 11.46 10.12 8.72
C ALA B 157 11.78 8.63 8.81
N LEU B 158 11.18 7.94 9.78
CA LEU B 158 11.31 6.49 9.85
C LEU B 158 10.72 5.80 8.61
N HIS B 159 9.60 6.33 8.08
CA HIS B 159 9.03 5.79 6.84
C HIS B 159 10.03 5.89 5.71
N ILE B 160 10.70 7.01 5.66
CA ILE B 160 11.71 7.26 4.66
C ILE B 160 12.83 6.23 4.76
N VAL B 161 13.32 6.00 5.97
CA VAL B 161 14.43 5.09 6.15
C VAL B 161 14.04 3.64 5.87
N ASN B 162 12.77 3.33 6.08
CA ASN B 162 12.27 1.99 5.82
C ASN B 162 12.16 1.73 4.34
N ALA B 163 11.75 2.75 3.60
CA ALA B 163 11.50 2.62 2.18
C ALA B 163 12.72 2.86 1.32
N GLU B 164 13.76 3.47 1.88
CA GLU B 164 14.95 3.73 1.11
C GLU B 164 15.87 2.50 1.02
N LEU B 165 16.81 2.61 0.13
CA LEU B 165 17.86 1.69 -0.06
C LEU B 165 19.11 2.55 -0.15
N ASN B 166 20.27 1.98 0.14
CA ASN B 166 21.52 2.74 0.06
C ASN B 166 21.75 3.28 -1.33
N GLU B 167 21.67 4.61 -1.43
CA GLU B 167 21.75 5.38 -2.68
C GLU B 167 21.23 4.68 -3.91
N LEU B 168 19.94 4.47 -3.94
CA LEU B 168 19.31 3.85 -5.07
C LEU B 168 18.90 4.93 -6.05
N GLN B 169 19.77 5.14 -7.00
CA GLN B 169 19.58 6.11 -8.04
C GLN B 169 20.27 5.61 -9.29
N MET A 1 -22.01 -1.48 -1.53
CA MET A 1 -21.78 -0.49 -2.59
C MET A 1 -22.63 -0.80 -3.78
N LYS A 2 -22.61 0.05 -4.76
CA LYS A 2 -23.55 -0.03 -5.85
C LYS A 2 -22.88 -0.11 -7.20
N ILE A 3 -23.62 -0.56 -8.17
CA ILE A 3 -23.18 -0.66 -9.55
C ILE A 3 -23.36 0.70 -10.21
N ALA A 4 -22.32 1.19 -10.84
CA ALA A 4 -22.37 2.46 -11.52
C ALA A 4 -22.18 2.31 -13.04
N LYS A 5 -21.54 1.22 -13.46
CA LYS A 5 -21.36 0.96 -14.88
C LYS A 5 -21.52 -0.53 -15.11
N VAL A 6 -22.04 -0.92 -16.24
CA VAL A 6 -22.28 -2.31 -16.55
C VAL A 6 -21.68 -2.61 -17.89
N ILE A 7 -20.85 -3.62 -17.96
CA ILE A 7 -20.31 -4.02 -19.22
C ILE A 7 -21.11 -5.23 -19.71
N ASN A 8 -21.40 -6.12 -18.80
CA ASN A 8 -22.17 -7.32 -19.10
C ASN A 8 -22.76 -7.87 -17.82
N ASN A 9 -23.43 -8.99 -17.94
CA ASN A 9 -24.11 -9.65 -16.82
C ASN A 9 -23.15 -10.10 -15.71
N ASN A 10 -21.95 -10.47 -16.07
CA ASN A 10 -21.01 -10.97 -15.11
C ASN A 10 -19.99 -9.93 -14.69
N VAL A 11 -19.80 -8.93 -15.51
CA VAL A 11 -18.79 -7.93 -15.23
C VAL A 11 -19.43 -6.56 -15.10
N ILE A 12 -19.22 -5.94 -13.97
CA ILE A 12 -19.78 -4.65 -13.67
C ILE A 12 -18.77 -3.73 -13.01
N SER A 13 -19.08 -2.49 -13.03
CA SER A 13 -18.31 -1.45 -12.46
C SER A 13 -19.07 -0.87 -11.31
N VAL A 14 -18.52 -0.96 -10.16
CA VAL A 14 -19.14 -0.45 -8.99
C VAL A 14 -18.36 0.74 -8.49
N VAL A 15 -19.02 1.64 -7.84
CA VAL A 15 -18.37 2.78 -7.28
C VAL A 15 -18.70 2.83 -5.81
N ASN A 16 -17.68 2.90 -5.01
CA ASN A 16 -17.87 2.92 -3.58
C ASN A 16 -18.02 4.36 -3.10
N GLU A 17 -18.24 4.49 -1.81
CA GLU A 17 -18.41 5.76 -1.11
C GLU A 17 -17.28 6.74 -1.40
N GLN A 18 -16.09 6.23 -1.49
CA GLN A 18 -14.91 7.06 -1.66
C GLN A 18 -14.60 7.37 -3.13
N GLY A 19 -15.52 7.04 -4.02
CA GLY A 19 -15.42 7.47 -5.40
C GLY A 19 -14.52 6.62 -6.24
N LYS A 20 -14.24 5.44 -5.78
CA LYS A 20 -13.42 4.55 -6.51
C LYS A 20 -14.25 3.56 -7.26
N GLU A 21 -13.87 3.32 -8.47
CA GLU A 21 -14.54 2.37 -9.30
C GLU A 21 -13.84 1.05 -9.16
N LEU A 22 -14.59 0.00 -9.10
CA LEU A 22 -14.07 -1.31 -9.03
C LEU A 22 -14.75 -2.13 -10.10
N VAL A 23 -14.01 -2.91 -10.79
CA VAL A 23 -14.57 -3.79 -11.77
C VAL A 23 -14.71 -5.14 -11.13
N VAL A 24 -15.91 -5.55 -10.95
CA VAL A 24 -16.16 -6.76 -10.26
C VAL A 24 -16.70 -7.78 -11.24
N MET A 25 -16.15 -8.96 -11.18
CA MET A 25 -16.55 -10.05 -12.00
C MET A 25 -17.17 -11.12 -11.14
N GLY A 26 -18.34 -11.52 -11.51
CA GLY A 26 -18.99 -12.58 -10.84
C GLY A 26 -20.18 -13.03 -11.60
N ARG A 27 -20.39 -14.28 -11.54
CA ARG A 27 -21.47 -14.96 -12.24
C ARG A 27 -22.84 -14.36 -11.90
N GLY A 28 -23.38 -13.68 -12.87
CA GLY A 28 -24.68 -13.06 -12.76
C GLY A 28 -24.76 -11.99 -11.70
N LEU A 29 -23.81 -11.08 -11.70
CA LEU A 29 -23.81 -9.98 -10.76
C LEU A 29 -24.76 -8.88 -11.21
N ALA A 30 -24.81 -8.65 -12.49
CA ALA A 30 -25.65 -7.62 -13.05
C ALA A 30 -26.95 -8.18 -13.51
N PHE A 31 -27.05 -9.48 -13.52
CA PHE A 31 -28.25 -10.10 -13.94
C PHE A 31 -29.22 -10.10 -12.78
N GLN A 32 -30.42 -9.55 -13.03
CA GLN A 32 -31.48 -9.37 -12.03
C GLN A 32 -31.13 -8.25 -11.07
N LYS A 33 -30.28 -7.38 -11.52
CA LYS A 33 -29.80 -6.27 -10.76
C LYS A 33 -29.60 -5.10 -11.72
N LYS A 34 -29.43 -3.91 -11.20
CA LYS A 34 -29.32 -2.73 -12.00
C LYS A 34 -28.33 -1.78 -11.39
N SER A 35 -28.06 -0.71 -12.09
CA SER A 35 -27.19 0.33 -11.60
C SER A 35 -27.89 1.03 -10.43
N GLY A 36 -27.12 1.37 -9.43
CA GLY A 36 -27.67 2.02 -8.26
C GLY A 36 -28.09 1.05 -7.19
N ASP A 37 -28.06 -0.22 -7.51
CA ASP A 37 -28.47 -1.26 -6.59
C ASP A 37 -27.24 -1.80 -5.89
N ASP A 38 -27.41 -2.29 -4.69
CA ASP A 38 -26.28 -2.75 -3.87
C ASP A 38 -25.84 -4.14 -4.30
N VAL A 39 -24.55 -4.33 -4.37
CA VAL A 39 -23.97 -5.55 -4.90
C VAL A 39 -23.78 -6.64 -3.85
N ASP A 40 -24.29 -7.83 -4.17
CA ASP A 40 -24.14 -9.03 -3.37
C ASP A 40 -22.68 -9.48 -3.43
N GLU A 41 -22.04 -9.63 -2.29
CA GLU A 41 -20.63 -9.95 -2.29
C GLU A 41 -20.36 -11.44 -2.36
N ALA A 42 -21.40 -12.24 -2.28
CA ALA A 42 -21.25 -13.69 -2.35
C ALA A 42 -21.05 -14.13 -3.79
N ARG A 43 -21.74 -13.45 -4.72
CA ARG A 43 -21.61 -13.72 -6.16
C ARG A 43 -20.29 -13.14 -6.70
N ILE A 44 -19.64 -12.32 -5.90
CA ILE A 44 -18.38 -11.72 -6.27
C ILE A 44 -17.28 -12.75 -6.25
N GLU A 45 -16.70 -12.98 -7.39
CA GLU A 45 -15.62 -13.92 -7.55
C GLU A 45 -14.30 -13.18 -7.59
N LYS A 46 -14.29 -12.11 -8.32
CA LYS A 46 -13.08 -11.32 -8.55
C LYS A 46 -13.39 -9.85 -8.54
N VAL A 47 -12.50 -9.08 -7.99
CA VAL A 47 -12.62 -7.66 -7.95
C VAL A 47 -11.37 -7.08 -8.61
N PHE A 48 -11.51 -5.96 -9.21
CA PHE A 48 -10.40 -5.22 -9.71
C PHE A 48 -10.58 -3.81 -9.23
N THR A 49 -9.62 -3.31 -8.54
CA THR A 49 -9.70 -2.00 -7.99
C THR A 49 -9.02 -1.00 -8.91
N LEU A 50 -9.58 0.19 -9.01
CA LEU A 50 -9.07 1.25 -9.87
C LEU A 50 -7.63 1.62 -9.53
N ASP A 51 -6.82 1.46 -10.51
CA ASP A 51 -5.44 1.77 -10.49
C ASP A 51 -5.19 2.94 -11.43
N ASN A 52 -4.80 4.06 -10.87
CA ASN A 52 -4.66 5.28 -11.59
C ASN A 52 -3.30 5.34 -12.23
N LYS A 53 -3.30 5.55 -13.49
CA LYS A 53 -2.08 5.52 -14.27
C LYS A 53 -1.33 6.83 -14.22
N ASP A 54 -2.04 7.89 -14.31
CA ASP A 54 -1.45 9.22 -14.46
C ASP A 54 -0.80 9.74 -13.22
N VAL A 55 -1.40 9.45 -12.12
CA VAL A 55 -0.93 10.00 -10.88
C VAL A 55 -0.06 9.02 -10.14
N SER A 56 -0.47 7.79 -10.16
CA SER A 56 0.12 6.81 -9.31
C SER A 56 1.07 5.92 -10.11
N GLU A 57 2.26 6.39 -10.32
CA GLU A 57 3.21 5.69 -11.14
C GLU A 57 4.01 4.58 -10.40
N LYS A 58 4.43 4.84 -9.21
CA LYS A 58 5.14 3.88 -8.42
C LYS A 58 4.20 2.96 -7.67
N PHE A 59 3.10 3.53 -7.16
CA PHE A 59 2.04 2.79 -6.44
C PHE A 59 1.66 1.55 -7.25
N LYS A 60 1.41 1.77 -8.52
CA LYS A 60 0.96 0.73 -9.41
C LYS A 60 2.05 -0.33 -9.65
N THR A 61 3.29 0.11 -9.82
CA THR A 61 4.36 -0.79 -10.17
C THR A 61 4.68 -1.79 -9.09
N LEU A 62 4.62 -1.36 -7.85
CA LEU A 62 4.90 -2.26 -6.79
C LEU A 62 3.76 -3.21 -6.56
N LEU A 63 2.52 -2.72 -6.68
CA LEU A 63 1.35 -3.58 -6.57
C LEU A 63 1.35 -4.65 -7.67
N TYR A 64 1.93 -4.32 -8.83
CA TYR A 64 2.07 -5.26 -9.92
C TYR A 64 3.14 -6.31 -9.62
N ASP A 65 4.22 -5.88 -8.98
CA ASP A 65 5.40 -6.72 -8.77
C ASP A 65 5.27 -7.60 -7.52
N ILE A 66 4.15 -7.48 -6.87
CA ILE A 66 3.85 -8.28 -5.69
C ILE A 66 3.29 -9.63 -6.12
N PRO A 67 4.03 -10.72 -5.86
CA PRO A 67 3.58 -12.06 -6.16
C PRO A 67 2.54 -12.51 -5.14
N ILE A 68 1.67 -13.44 -5.53
CA ILE A 68 0.60 -13.89 -4.64
C ILE A 68 1.16 -14.54 -3.37
N GLU A 69 2.36 -15.11 -3.47
CA GLU A 69 3.01 -15.76 -2.35
C GLU A 69 3.22 -14.77 -1.22
N CYS A 70 3.92 -13.70 -1.51
CA CYS A 70 4.22 -12.67 -0.52
C CYS A 70 2.95 -11.99 -0.05
N MET A 71 2.00 -11.92 -0.95
CA MET A 71 0.72 -11.29 -0.69
C MET A 71 -0.07 -12.13 0.33
N GLU A 72 -0.04 -13.44 0.15
CA GLU A 72 -0.69 -14.35 1.09
C GLU A 72 0.04 -14.38 2.42
N VAL A 73 1.36 -14.34 2.34
CA VAL A 73 2.18 -14.36 3.52
C VAL A 73 1.98 -13.10 4.36
N SER A 74 1.91 -11.95 3.70
CA SER A 74 1.73 -10.70 4.41
C SER A 74 0.38 -10.70 5.13
N GLU A 75 -0.67 -11.15 4.44
CA GLU A 75 -2.01 -11.20 5.03
C GLU A 75 -2.01 -12.12 6.25
N GLU A 76 -1.30 -13.23 6.13
CA GLU A 76 -1.20 -14.21 7.18
C GLU A 76 -0.41 -13.69 8.39
N ILE A 77 0.67 -12.96 8.13
CA ILE A 77 1.50 -12.41 9.20
C ILE A 77 0.72 -11.36 9.95
N ILE A 78 -0.02 -10.58 9.23
CA ILE A 78 -0.80 -9.56 9.84
C ILE A 78 -2.03 -10.17 10.50
N SER A 79 -2.44 -11.34 10.03
CA SER A 79 -3.53 -12.07 10.65
C SER A 79 -3.06 -12.57 12.03
N TYR A 80 -1.78 -12.87 12.14
CA TYR A 80 -1.18 -13.24 13.41
C TYR A 80 -1.11 -11.99 14.31
N ALA A 81 -0.74 -10.86 13.70
CA ALA A 81 -0.73 -9.58 14.43
C ALA A 81 -2.17 -9.24 14.89
N LYS A 82 -3.12 -9.50 14.01
CA LYS A 82 -4.54 -9.36 14.26
C LYS A 82 -4.96 -10.23 15.42
N LEU A 83 -4.46 -11.46 15.44
CA LEU A 83 -4.73 -12.42 16.51
C LEU A 83 -4.25 -11.88 17.86
N GLN A 84 -3.13 -11.19 17.83
CA GLN A 84 -2.57 -10.60 19.03
C GLN A 84 -3.33 -9.35 19.51
N LEU A 85 -4.04 -8.69 18.62
CA LEU A 85 -4.72 -7.46 18.99
C LEU A 85 -6.24 -7.58 18.96
N GLY A 86 -6.77 -7.95 17.82
CA GLY A 86 -8.20 -8.08 17.66
C GLY A 86 -8.88 -6.78 17.28
N LYS A 87 -8.11 -5.83 16.81
CA LYS A 87 -8.65 -4.55 16.41
C LYS A 87 -8.49 -4.32 14.92
N LYS A 88 -8.99 -3.17 14.49
CA LYS A 88 -8.78 -2.64 13.16
C LYS A 88 -7.30 -2.33 13.05
N LEU A 89 -6.69 -2.77 12.00
CA LEU A 89 -5.29 -2.49 11.82
C LEU A 89 -5.14 -1.58 10.63
N ASN A 90 -4.45 -0.49 10.85
CA ASN A 90 -4.17 0.47 9.78
C ASN A 90 -3.29 -0.21 8.71
N ASP A 91 -3.59 0.10 7.43
CA ASP A 91 -2.97 -0.60 6.27
C ASP A 91 -1.49 -0.26 6.12
N SER A 92 -1.00 0.62 6.95
CA SER A 92 0.40 0.98 6.93
C SER A 92 1.32 -0.19 7.39
N ILE A 93 0.73 -1.37 7.56
CA ILE A 93 1.48 -2.59 7.84
C ILE A 93 1.12 -3.66 6.76
N TYR A 94 0.06 -3.43 6.01
CA TYR A 94 -0.40 -4.41 5.04
C TYR A 94 0.38 -4.34 3.77
N VAL A 95 0.20 -3.29 3.03
CA VAL A 95 0.90 -3.16 1.78
C VAL A 95 2.39 -2.91 2.05
N SER A 96 2.71 -2.40 3.24
CA SER A 96 4.06 -2.12 3.54
C SER A 96 4.80 -3.42 3.76
N LEU A 97 4.15 -4.44 4.34
CA LEU A 97 4.84 -5.70 4.55
C LEU A 97 5.12 -6.40 3.26
N THR A 98 4.22 -6.34 2.33
CA THR A 98 4.46 -6.97 1.05
C THR A 98 5.65 -6.35 0.33
N ASN A 99 5.68 -5.05 0.30
CA ASN A 99 6.73 -4.38 -0.41
C ASN A 99 8.01 -4.30 0.39
N HIS A 100 7.89 -4.30 1.70
CA HIS A 100 9.07 -4.28 2.54
C HIS A 100 9.67 -5.67 2.61
N ILE A 101 8.85 -6.73 2.66
CA ILE A 101 9.41 -8.07 2.77
C ILE A 101 10.04 -8.48 1.44
N ASN A 102 9.43 -8.09 0.34
CA ASN A 102 9.97 -8.40 -0.99
C ASN A 102 11.34 -7.73 -1.17
N PHE A 103 11.46 -6.49 -0.76
CA PHE A 103 12.73 -5.85 -0.83
C PHE A 103 13.68 -6.29 0.27
N ALA A 104 13.14 -6.70 1.41
CA ALA A 104 13.96 -7.23 2.50
C ALA A 104 14.63 -8.49 2.04
N ILE A 105 13.88 -9.34 1.35
CA ILE A 105 14.45 -10.56 0.82
C ILE A 105 15.52 -10.21 -0.20
N GLN A 106 15.22 -9.25 -1.08
CA GLN A 106 16.17 -8.80 -2.09
C GLN A 106 17.43 -8.25 -1.45
N ARG A 107 17.26 -7.44 -0.43
CA ARG A 107 18.37 -6.85 0.27
C ARG A 107 19.19 -7.91 0.98
N ASN A 108 18.52 -8.86 1.60
CA ASN A 108 19.20 -9.92 2.34
C ASN A 108 19.94 -10.84 1.38
N GLN A 109 19.37 -11.05 0.20
CA GLN A 109 20.03 -11.83 -0.85
C GLN A 109 21.33 -11.16 -1.28
N LYS A 110 21.31 -9.84 -1.37
CA LYS A 110 22.49 -9.08 -1.75
C LYS A 110 23.47 -8.97 -0.59
N GLY A 111 22.96 -9.17 0.58
CA GLY A 111 23.76 -9.12 1.78
C GLY A 111 23.71 -7.75 2.44
N LEU A 112 22.65 -7.02 2.18
CA LEU A 112 22.49 -5.70 2.72
C LEU A 112 21.31 -5.64 3.68
N ASP A 113 21.56 -5.84 4.94
CA ASP A 113 20.52 -5.74 5.94
C ASP A 113 20.55 -4.33 6.44
N ILE A 114 19.43 -3.79 6.78
CA ILE A 114 19.41 -2.46 7.31
C ILE A 114 19.47 -2.54 8.81
N LYS A 115 20.61 -2.17 9.33
CA LYS A 115 20.87 -2.29 10.73
C LYS A 115 20.31 -1.09 11.46
N ASN A 116 19.61 -1.37 12.51
CA ASN A 116 18.82 -0.37 13.18
C ASN A 116 19.47 0.10 14.48
N ALA A 117 19.96 1.33 14.46
CA ALA A 117 20.60 1.90 15.65
C ALA A 117 19.56 2.54 16.58
N LEU A 118 18.33 2.38 16.20
CA LEU A 118 17.19 2.86 16.98
C LEU A 118 16.53 1.66 17.66
N LEU A 119 17.09 0.48 17.41
CA LEU A 119 16.53 -0.78 17.86
C LEU A 119 16.48 -0.87 19.37
N TRP A 120 17.50 -0.35 20.01
CA TRP A 120 17.67 -0.45 21.45
C TRP A 120 16.50 0.21 22.17
N GLU A 121 16.24 1.45 21.82
CA GLU A 121 15.19 2.19 22.44
C GLU A 121 13.82 1.61 22.02
N THR A 122 13.69 1.24 20.75
CA THR A 122 12.46 0.64 20.21
C THR A 122 12.08 -0.66 20.97
N LYS A 123 13.08 -1.49 21.23
CA LYS A 123 12.94 -2.78 21.90
C LYS A 123 12.46 -2.57 23.35
N ARG A 124 12.76 -1.41 23.90
CA ARG A 124 12.28 -1.03 25.20
C ARG A 124 10.91 -0.34 25.17
N LEU A 125 10.76 0.65 24.30
CA LEU A 125 9.51 1.43 24.22
C LEU A 125 8.34 0.61 23.72
N TYR A 126 8.58 -0.13 22.68
CA TYR A 126 7.55 -0.92 22.06
C TYR A 126 7.84 -2.37 22.29
N LYS A 127 8.13 -2.67 23.54
CA LYS A 127 8.54 -3.97 24.02
C LYS A 127 7.57 -5.10 23.61
N ASP A 128 6.29 -4.86 23.76
CA ASP A 128 5.31 -5.88 23.39
C ASP A 128 5.08 -5.98 21.92
N GLU A 129 5.11 -4.86 21.23
CA GLU A 129 4.93 -4.86 19.79
C GLU A 129 6.13 -5.52 19.12
N PHE A 130 7.30 -5.27 19.69
CA PHE A 130 8.52 -5.88 19.23
C PHE A 130 8.49 -7.38 19.51
N ALA A 131 7.89 -7.75 20.63
CA ALA A 131 7.71 -9.16 20.98
C ALA A 131 6.84 -9.84 19.93
N ILE A 132 5.79 -9.16 19.50
CA ILE A 132 4.92 -9.65 18.42
C ILE A 132 5.74 -9.75 17.13
N GLY A 133 6.57 -8.72 16.89
CA GLY A 133 7.47 -8.69 15.75
C GLY A 133 8.42 -9.87 15.75
N LYS A 134 8.94 -10.21 16.93
CA LYS A 134 9.80 -11.37 17.11
C LYS A 134 9.06 -12.65 16.74
N GLU A 135 7.82 -12.78 17.21
CA GLU A 135 7.02 -13.97 16.90
C GLU A 135 6.72 -14.05 15.40
N ALA A 136 6.48 -12.89 14.81
CA ALA A 136 6.24 -12.79 13.39
C ALA A 136 7.51 -13.18 12.64
N LEU A 137 8.63 -12.70 13.13
CA LEU A 137 9.94 -12.98 12.56
C LEU A 137 10.23 -14.48 12.62
N VAL A 138 9.86 -15.11 13.73
CA VAL A 138 10.00 -16.55 13.89
C VAL A 138 9.17 -17.26 12.81
N MET A 139 7.96 -16.80 12.65
CA MET A 139 7.04 -17.35 11.68
C MET A 139 7.55 -17.16 10.25
N VAL A 140 8.19 -16.03 10.01
CA VAL A 140 8.79 -15.75 8.72
C VAL A 140 9.93 -16.72 8.45
N LYS A 141 10.83 -16.87 9.41
CA LYS A 141 12.01 -17.68 9.20
C LYS A 141 11.67 -19.15 9.11
N ASN A 142 10.62 -19.56 9.79
CA ASN A 142 10.19 -20.94 9.76
C ASN A 142 9.39 -21.26 8.51
N LYS A 143 8.74 -20.28 7.92
CA LYS A 143 7.96 -20.58 6.74
C LYS A 143 8.66 -20.24 5.43
N THR A 144 9.62 -19.34 5.46
CA THR A 144 10.31 -18.99 4.23
C THR A 144 11.73 -19.48 4.21
N GLY A 145 12.30 -19.60 5.39
CA GLY A 145 13.67 -19.99 5.51
C GLY A 145 14.56 -18.77 5.65
N VAL A 146 14.03 -17.61 5.27
CA VAL A 146 14.77 -16.37 5.30
C VAL A 146 14.73 -15.83 6.72
N SER A 147 15.87 -15.84 7.36
CA SER A 147 15.96 -15.36 8.69
C SER A 147 16.52 -13.94 8.65
N LEU A 148 15.73 -12.99 9.09
CA LEU A 148 16.13 -11.61 9.09
C LEU A 148 16.56 -11.21 10.49
N PRO A 149 17.48 -10.25 10.63
CA PRO A 149 17.92 -9.77 11.93
C PRO A 149 16.84 -8.90 12.62
N GLU A 150 17.00 -8.70 13.92
CA GLU A 150 16.09 -7.89 14.72
C GLU A 150 16.06 -6.45 14.25
N ASP A 151 17.09 -6.05 13.56
CA ASP A 151 17.17 -4.72 12.96
C ASP A 151 16.00 -4.51 12.05
N GLU A 152 15.86 -5.44 11.09
CA GLU A 152 14.75 -5.43 10.14
C GLU A 152 13.43 -5.48 10.90
N ALA A 153 13.38 -6.36 11.91
CA ALA A 153 12.19 -6.54 12.75
C ALA A 153 11.83 -5.26 13.48
N GLY A 154 12.85 -4.47 13.80
CA GLY A 154 12.66 -3.19 14.41
C GLY A 154 11.96 -2.26 13.48
N PHE A 155 12.39 -2.24 12.22
CA PHE A 155 11.72 -1.43 11.21
C PHE A 155 10.30 -1.94 10.97
N ILE A 156 10.14 -3.25 11.03
CA ILE A 156 8.81 -3.86 10.96
C ILE A 156 7.96 -3.35 12.14
N ALA A 157 8.56 -3.30 13.32
CA ALA A 157 7.91 -2.80 14.53
C ALA A 157 7.47 -1.34 14.35
N LEU A 158 8.30 -0.54 13.68
CA LEU A 158 7.93 0.84 13.37
C LEU A 158 6.68 0.90 12.50
N HIS A 159 6.56 -0.01 11.56
CA HIS A 159 5.35 -0.11 10.78
C HIS A 159 4.18 -0.57 11.65
N ILE A 160 4.44 -1.53 12.52
CA ILE A 160 3.43 -2.07 13.43
C ILE A 160 2.87 -0.98 14.36
N VAL A 161 3.74 -0.15 14.89
CA VAL A 161 3.32 0.87 15.81
C VAL A 161 2.58 2.02 15.13
N ASN A 162 2.86 2.22 13.85
CA ASN A 162 2.11 3.22 13.10
C ASN A 162 0.82 2.63 12.56
N ALA A 163 0.76 1.31 12.58
CA ALA A 163 -0.46 0.62 12.25
C ALA A 163 -1.36 0.58 13.47
N GLU A 164 -0.73 0.60 14.63
CA GLU A 164 -1.42 0.66 15.90
C GLU A 164 -2.00 2.04 16.12
N LEU A 165 -3.25 2.12 15.83
CA LEU A 165 -4.05 3.26 15.96
C LEU A 165 -5.43 2.78 16.30
N ASN A 166 -6.30 3.69 16.68
CA ASN A 166 -7.70 3.40 16.97
C ASN A 166 -7.91 2.43 18.11
N GLU A 167 -8.16 2.98 19.23
CA GLU A 167 -8.50 2.24 20.39
C GLU A 167 -10.01 2.00 20.37
N LEU A 168 -10.38 1.17 19.44
CA LEU A 168 -11.74 0.84 19.14
C LEU A 168 -11.81 -0.67 19.09
N GLN A 169 -12.91 -1.23 19.50
CA GLN A 169 -13.04 -2.65 19.54
C GLN A 169 -14.26 -3.06 18.76
N MET B 1 2.94 -5.72 -20.51
CA MET B 1 2.00 -6.80 -20.27
C MET B 1 1.08 -6.95 -21.45
N LYS B 2 0.35 -8.01 -21.47
CA LYS B 2 -0.40 -8.38 -22.65
C LYS B 2 -1.82 -8.71 -22.33
N ILE B 3 -2.62 -8.63 -23.36
CA ILE B 3 -4.04 -8.87 -23.31
C ILE B 3 -4.29 -10.37 -23.18
N ALA B 4 -5.12 -10.74 -22.24
CA ALA B 4 -5.47 -12.12 -22.02
C ALA B 4 -6.95 -12.33 -22.30
N LYS B 5 -7.76 -11.35 -21.98
CA LYS B 5 -9.18 -11.43 -22.21
C LYS B 5 -9.65 -10.12 -22.77
N VAL B 6 -10.53 -10.17 -23.70
CA VAL B 6 -11.11 -8.99 -24.29
C VAL B 6 -12.57 -8.99 -23.95
N ILE B 7 -13.02 -7.93 -23.33
CA ILE B 7 -14.42 -7.80 -23.03
C ILE B 7 -15.08 -7.01 -24.15
N ASN B 8 -14.34 -6.04 -24.65
CA ASN B 8 -14.75 -5.21 -25.77
C ASN B 8 -13.53 -4.48 -26.29
N ASN B 9 -13.70 -3.67 -27.32
CA ASN B 9 -12.57 -2.96 -27.95
C ASN B 9 -11.90 -1.96 -27.03
N ASN B 10 -12.61 -1.51 -26.04
CA ASN B 10 -12.09 -0.50 -25.14
C ASN B 10 -11.68 -1.07 -23.81
N VAL B 11 -12.35 -2.11 -23.38
CA VAL B 11 -12.06 -2.70 -22.10
C VAL B 11 -11.48 -4.08 -22.27
N ILE B 12 -10.32 -4.27 -21.73
CA ILE B 12 -9.59 -5.50 -21.85
C ILE B 12 -9.19 -6.03 -20.48
N SER B 13 -8.71 -7.23 -20.51
CA SER B 13 -8.23 -7.94 -19.40
C SER B 13 -6.83 -8.39 -19.75
N VAL B 14 -5.89 -7.98 -18.98
CA VAL B 14 -4.51 -8.30 -19.24
C VAL B 14 -3.96 -9.08 -18.08
N VAL B 15 -2.89 -9.79 -18.29
CA VAL B 15 -2.24 -10.51 -17.23
C VAL B 15 -0.82 -10.02 -17.08
N ASN B 16 -0.56 -9.51 -15.92
CA ASN B 16 0.73 -9.01 -15.50
C ASN B 16 1.71 -10.19 -15.27
N GLU B 17 2.99 -9.85 -15.23
CA GLU B 17 4.11 -10.78 -15.03
C GLU B 17 3.91 -11.70 -13.80
N GLN B 18 3.36 -11.14 -12.76
CA GLN B 18 3.13 -11.84 -11.51
C GLN B 18 1.83 -12.66 -11.51
N GLY B 19 1.17 -12.70 -12.65
CA GLY B 19 -0.07 -13.46 -12.75
C GLY B 19 -1.25 -12.67 -12.25
N LYS B 20 -1.12 -11.36 -12.28
CA LYS B 20 -2.14 -10.49 -11.84
C LYS B 20 -2.96 -10.01 -13.00
N GLU B 21 -4.21 -10.38 -13.00
CA GLU B 21 -5.12 -9.96 -14.03
C GLU B 21 -5.47 -8.50 -13.78
N LEU B 22 -5.50 -7.72 -14.80
CA LEU B 22 -5.80 -6.34 -14.70
C LEU B 22 -6.86 -6.02 -15.72
N VAL B 23 -7.78 -5.16 -15.39
CA VAL B 23 -8.79 -4.72 -16.32
C VAL B 23 -8.43 -3.33 -16.75
N VAL B 24 -8.18 -3.17 -17.99
CA VAL B 24 -7.75 -1.91 -18.48
C VAL B 24 -8.83 -1.33 -19.37
N MET B 25 -9.23 -0.14 -19.04
CA MET B 25 -10.22 0.57 -19.81
C MET B 25 -9.51 1.62 -20.61
N GLY B 26 -9.65 1.57 -21.88
CA GLY B 26 -9.01 2.52 -22.70
C GLY B 26 -9.83 2.88 -23.88
N ARG B 27 -9.20 3.46 -24.81
CA ARG B 27 -9.81 3.85 -26.04
C ARG B 27 -9.18 3.14 -27.22
N GLY B 28 -9.84 2.10 -27.61
CA GLY B 28 -9.41 1.25 -28.70
C GLY B 28 -8.17 0.48 -28.36
N LEU B 29 -8.16 -0.09 -27.19
CA LEU B 29 -7.05 -0.84 -26.70
C LEU B 29 -6.96 -2.18 -27.40
N ALA B 30 -8.10 -2.79 -27.62
CA ALA B 30 -8.14 -4.07 -28.29
C ALA B 30 -8.34 -3.87 -29.77
N PHE B 31 -8.61 -2.65 -30.16
CA PHE B 31 -8.76 -2.31 -31.53
C PHE B 31 -7.38 -2.21 -32.15
N GLN B 32 -7.17 -2.96 -33.23
CA GLN B 32 -5.89 -3.05 -33.94
C GLN B 32 -4.89 -3.89 -33.13
N LYS B 33 -5.43 -4.70 -32.25
CA LYS B 33 -4.68 -5.60 -31.40
C LYS B 33 -5.40 -6.92 -31.24
N LYS B 34 -4.83 -7.79 -30.45
CA LYS B 34 -5.37 -9.10 -30.21
C LYS B 34 -4.94 -9.56 -28.83
N SER B 35 -5.54 -10.62 -28.37
CA SER B 35 -5.16 -11.25 -27.15
C SER B 35 -3.76 -11.87 -27.33
N GLY B 36 -2.82 -11.44 -26.53
CA GLY B 36 -1.48 -11.95 -26.62
C GLY B 36 -0.51 -10.91 -27.06
N ASP B 37 -1.04 -9.77 -27.41
CA ASP B 37 -0.24 -8.67 -27.82
C ASP B 37 -0.05 -7.74 -26.64
N ASP B 38 1.08 -7.07 -26.61
CA ASP B 38 1.43 -6.21 -25.49
C ASP B 38 0.66 -4.91 -25.61
N VAL B 39 0.24 -4.39 -24.50
CA VAL B 39 -0.67 -3.26 -24.46
C VAL B 39 0.03 -1.91 -24.69
N ASP B 40 -0.68 -1.01 -25.36
CA ASP B 40 -0.25 0.35 -25.62
C ASP B 40 -0.73 1.24 -24.50
N GLU B 41 0.20 1.85 -23.77
CA GLU B 41 -0.16 2.61 -22.60
C GLU B 41 -0.75 3.98 -22.93
N ALA B 42 -0.65 4.40 -24.17
CA ALA B 42 -1.15 5.70 -24.58
C ALA B 42 -2.67 5.67 -24.72
N ARG B 43 -3.20 4.52 -25.09
CA ARG B 43 -4.63 4.35 -25.24
C ARG B 43 -5.33 3.97 -23.93
N ILE B 44 -4.55 3.79 -22.90
CA ILE B 44 -5.07 3.48 -21.59
C ILE B 44 -5.66 4.72 -20.95
N GLU B 45 -6.88 4.60 -20.54
CA GLU B 45 -7.53 5.66 -19.84
C GLU B 45 -7.46 5.36 -18.35
N LYS B 46 -7.86 4.14 -18.01
CA LYS B 46 -7.93 3.70 -16.62
C LYS B 46 -7.45 2.27 -16.50
N VAL B 47 -6.86 1.94 -15.38
CA VAL B 47 -6.40 0.61 -15.12
C VAL B 47 -7.12 0.14 -13.86
N PHE B 48 -7.36 -1.12 -13.78
CA PHE B 48 -7.88 -1.72 -12.59
C PHE B 48 -7.03 -2.94 -12.31
N THR B 49 -6.57 -3.07 -11.11
CA THR B 49 -5.72 -4.17 -10.74
C THR B 49 -6.50 -5.16 -9.88
N LEU B 50 -6.22 -6.45 -10.05
CA LEU B 50 -6.91 -7.52 -9.33
C LEU B 50 -6.88 -7.31 -7.81
N ASP B 51 -8.04 -7.36 -7.27
CA ASP B 51 -8.35 -7.19 -5.88
C ASP B 51 -9.12 -8.42 -5.44
N ASN B 52 -8.90 -8.90 -4.25
CA ASN B 52 -9.62 -10.07 -3.81
C ASN B 52 -9.61 -10.11 -2.30
N LYS B 53 -10.78 -10.15 -1.70
CA LYS B 53 -10.94 -10.20 -0.25
C LYS B 53 -10.36 -11.49 0.30
N ASP B 54 -10.45 -12.49 -0.50
CA ASP B 54 -10.02 -13.84 -0.15
C ASP B 54 -8.52 -13.94 -0.05
N VAL B 55 -7.84 -13.05 -0.73
CA VAL B 55 -6.40 -13.02 -0.69
C VAL B 55 -5.95 -11.88 0.22
N SER B 56 -6.66 -10.77 0.12
CA SER B 56 -6.33 -9.58 0.80
C SER B 56 -7.59 -8.81 1.21
N GLU B 57 -8.04 -9.01 2.44
CA GLU B 57 -9.27 -8.42 2.88
C GLU B 57 -9.12 -7.00 3.36
N LYS B 58 -8.08 -6.75 4.09
CA LYS B 58 -7.89 -5.43 4.63
C LYS B 58 -7.24 -4.50 3.65
N PHE B 59 -6.38 -5.07 2.81
CA PHE B 59 -5.73 -4.36 1.69
C PHE B 59 -6.78 -3.58 0.91
N LYS B 60 -7.81 -4.29 0.48
CA LYS B 60 -8.87 -3.67 -0.30
C LYS B 60 -9.59 -2.56 0.50
N THR B 61 -10.01 -2.88 1.72
CA THR B 61 -10.79 -1.96 2.52
C THR B 61 -10.05 -0.66 2.87
N LEU B 62 -8.78 -0.75 3.14
CA LEU B 62 -8.03 0.43 3.49
C LEU B 62 -7.58 1.22 2.28
N LEU B 63 -7.23 0.53 1.18
CA LEU B 63 -6.87 1.22 -0.07
C LEU B 63 -8.05 2.05 -0.57
N TYR B 64 -9.27 1.59 -0.29
CA TYR B 64 -10.46 2.32 -0.69
C TYR B 64 -10.63 3.56 0.19
N ASP B 65 -10.27 3.41 1.46
CA ASP B 65 -10.48 4.44 2.49
C ASP B 65 -9.55 5.61 2.32
N ILE B 66 -8.56 5.39 1.53
CA ILE B 66 -7.56 6.41 1.22
C ILE B 66 -8.17 7.50 0.32
N PRO B 67 -8.31 8.73 0.84
CA PRO B 67 -8.85 9.85 0.08
C PRO B 67 -7.89 10.27 -1.02
N ILE B 68 -8.41 10.66 -2.18
CA ILE B 68 -7.58 11.10 -3.29
C ILE B 68 -6.76 12.35 -2.91
N GLU B 69 -7.32 13.14 -1.99
CA GLU B 69 -6.65 14.32 -1.47
C GLU B 69 -5.36 13.90 -0.76
N CYS B 70 -5.48 12.97 0.15
CA CYS B 70 -4.32 12.48 0.89
C CYS B 70 -3.38 11.73 -0.04
N MET B 71 -3.95 11.10 -1.05
CA MET B 71 -3.20 10.36 -2.03
C MET B 71 -2.32 11.30 -2.84
N GLU B 72 -2.91 12.42 -3.25
CA GLU B 72 -2.19 13.45 -3.98
C GLU B 72 -1.07 14.00 -3.17
N VAL B 73 -1.35 14.31 -1.92
CA VAL B 73 -0.36 14.88 -1.05
C VAL B 73 0.77 13.88 -0.82
N SER B 74 0.41 12.65 -0.57
CA SER B 74 1.37 11.61 -0.28
C SER B 74 2.27 11.37 -1.47
N GLU B 75 1.69 11.27 -2.66
CA GLU B 75 2.49 10.95 -3.81
C GLU B 75 3.41 12.10 -4.17
N GLU B 76 2.97 13.32 -3.91
CA GLU B 76 3.75 14.49 -4.17
C GLU B 76 4.90 14.64 -3.15
N ILE B 77 4.62 14.30 -1.89
CA ILE B 77 5.64 14.31 -0.83
C ILE B 77 6.77 13.37 -1.20
N ILE B 78 6.40 12.18 -1.56
CA ILE B 78 7.36 11.16 -1.87
C ILE B 78 8.03 11.46 -3.20
N SER B 79 7.34 12.19 -4.07
CA SER B 79 7.92 12.60 -5.33
C SER B 79 9.05 13.58 -5.02
N TYR B 80 8.80 14.47 -4.07
CA TYR B 80 9.77 15.45 -3.64
C TYR B 80 10.95 14.73 -2.98
N ALA B 81 10.63 13.76 -2.15
CA ALA B 81 11.64 12.99 -1.45
C ALA B 81 12.50 12.18 -2.42
N LYS B 82 11.87 11.58 -3.42
CA LYS B 82 12.59 10.74 -4.35
C LYS B 82 13.40 11.60 -5.31
N LEU B 83 12.97 12.83 -5.51
CA LEU B 83 13.69 13.76 -6.35
C LEU B 83 14.95 14.23 -5.64
N GLN B 84 14.84 14.51 -4.36
CA GLN B 84 15.98 14.98 -3.57
C GLN B 84 17.02 13.87 -3.42
N LEU B 85 16.54 12.66 -3.17
CA LEU B 85 17.43 11.53 -3.03
C LEU B 85 17.94 11.07 -4.38
N GLY B 86 17.09 11.11 -5.37
CA GLY B 86 17.45 10.66 -6.69
C GLY B 86 17.32 9.16 -6.80
N LYS B 87 16.60 8.58 -5.86
CA LYS B 87 16.43 7.16 -5.81
C LYS B 87 14.97 6.80 -5.87
N LYS B 88 14.69 5.60 -6.27
CA LYS B 88 13.34 5.11 -6.32
C LYS B 88 13.10 4.37 -5.02
N LEU B 89 12.20 4.91 -4.23
CA LEU B 89 11.93 4.37 -2.91
C LEU B 89 10.93 3.23 -2.96
N ASN B 90 10.92 2.46 -1.91
CA ASN B 90 10.01 1.33 -1.74
C ASN B 90 8.60 1.87 -1.55
N ASP B 91 7.62 1.15 -2.07
CA ASP B 91 6.20 1.53 -1.95
C ASP B 91 5.71 1.48 -0.51
N SER B 92 6.52 0.89 0.36
CA SER B 92 6.22 0.82 1.77
C SER B 92 6.02 2.22 2.39
N ILE B 93 6.58 3.25 1.74
CA ILE B 93 6.39 4.63 2.20
C ILE B 93 5.14 5.24 1.55
N TYR B 94 4.86 4.81 0.33
CA TYR B 94 3.75 5.35 -0.46
C TYR B 94 2.42 5.08 0.18
N VAL B 95 2.10 3.82 0.29
CA VAL B 95 0.82 3.45 0.85
C VAL B 95 0.75 3.79 2.32
N SER B 96 1.88 3.73 3.03
CA SER B 96 1.81 4.02 4.42
C SER B 96 1.54 5.49 4.65
N LEU B 97 2.05 6.37 3.77
CA LEU B 97 1.79 7.77 3.95
C LEU B 97 0.39 8.13 3.56
N THR B 98 -0.19 7.42 2.62
CA THR B 98 -1.55 7.70 2.25
C THR B 98 -2.52 7.46 3.40
N ASN B 99 -2.26 6.45 4.19
CA ASN B 99 -3.08 6.21 5.33
C ASN B 99 -2.65 7.12 6.45
N HIS B 100 -1.33 7.27 6.59
CA HIS B 100 -0.75 8.06 7.65
C HIS B 100 -1.21 9.50 7.55
N ILE B 101 -1.23 10.08 6.35
CA ILE B 101 -1.64 11.47 6.18
C ILE B 101 -3.11 11.63 6.55
N ASN B 102 -3.93 10.67 6.16
CA ASN B 102 -5.36 10.73 6.46
C ASN B 102 -5.60 10.62 7.95
N PHE B 103 -4.87 9.75 8.60
CA PHE B 103 -4.99 9.61 10.01
C PHE B 103 -4.35 10.77 10.73
N ALA B 104 -3.29 11.33 10.16
CA ALA B 104 -2.59 12.47 10.75
C ALA B 104 -3.48 13.67 10.79
N ILE B 105 -4.21 13.92 9.71
CA ILE B 105 -5.13 15.04 9.68
C ILE B 105 -6.22 14.83 10.72
N GLN B 106 -6.71 13.60 10.80
CA GLN B 106 -7.73 13.23 11.75
C GLN B 106 -7.22 13.37 13.20
N ARG B 107 -5.99 12.94 13.42
CA ARG B 107 -5.38 13.04 14.75
C ARG B 107 -5.23 14.48 15.14
N ASN B 108 -4.76 15.29 14.22
CA ASN B 108 -4.51 16.68 14.49
C ASN B 108 -5.80 17.43 14.79
N GLN B 109 -6.86 17.07 14.07
CA GLN B 109 -8.17 17.68 14.29
C GLN B 109 -8.69 17.31 15.68
N LYS B 110 -8.36 16.12 16.13
CA LYS B 110 -8.81 15.63 17.41
C LYS B 110 -7.84 15.98 18.54
N GLY B 111 -6.75 16.63 18.20
CA GLY B 111 -5.77 16.99 19.18
C GLY B 111 -5.01 15.79 19.71
N LEU B 112 -4.74 14.88 18.85
CA LEU B 112 -4.00 13.69 19.18
C LEU B 112 -2.69 13.71 18.41
N ASP B 113 -1.61 13.58 19.12
CA ASP B 113 -0.31 13.59 18.51
C ASP B 113 0.34 12.28 18.80
N ILE B 114 0.79 11.55 17.80
CA ILE B 114 1.54 10.36 18.10
C ILE B 114 2.98 10.77 18.32
N LYS B 115 3.36 10.76 19.55
CA LYS B 115 4.63 11.29 19.99
C LYS B 115 5.74 10.29 19.83
N ASN B 116 6.82 10.75 19.27
CA ASN B 116 7.93 9.92 18.90
C ASN B 116 9.07 10.09 19.89
N ALA B 117 9.36 9.07 20.67
CA ALA B 117 10.43 9.15 21.65
C ALA B 117 11.75 8.78 21.02
N LEU B 118 11.67 8.35 19.81
CA LEU B 118 12.83 7.99 19.01
C LEU B 118 13.29 9.20 18.21
N LEU B 119 12.51 10.26 18.30
CA LEU B 119 12.69 11.48 17.51
C LEU B 119 14.06 12.08 17.68
N TRP B 120 14.52 12.14 18.92
CA TRP B 120 15.76 12.81 19.23
C TRP B 120 16.95 12.08 18.62
N GLU B 121 16.92 10.76 18.70
CA GLU B 121 17.97 9.95 18.14
C GLU B 121 17.88 9.96 16.60
N THR B 122 16.64 9.89 16.10
CA THR B 122 16.38 9.87 14.66
C THR B 122 16.88 11.15 13.97
N LYS B 123 16.62 12.28 14.61
CA LYS B 123 17.00 13.60 14.11
C LYS B 123 18.52 13.68 13.90
N ARG B 124 19.25 12.99 14.74
CA ARG B 124 20.67 13.01 14.71
C ARG B 124 21.18 11.96 13.71
N LEU B 125 20.74 10.72 13.88
CA LEU B 125 21.24 9.61 13.05
C LEU B 125 20.83 9.74 11.59
N TYR B 126 19.59 10.07 11.36
CA TYR B 126 19.10 10.20 10.00
C TYR B 126 18.86 11.66 9.72
N LYS B 127 19.95 12.40 9.73
CA LYS B 127 19.95 13.84 9.62
C LYS B 127 19.30 14.31 8.32
N ASP B 128 19.71 13.72 7.21
CA ASP B 128 19.22 14.17 5.91
C ASP B 128 17.82 13.71 5.64
N GLU B 129 17.55 12.48 5.97
CA GLU B 129 16.25 11.88 5.79
C GLU B 129 15.20 12.66 6.58
N PHE B 130 15.54 13.02 7.81
CA PHE B 130 14.65 13.80 8.65
C PHE B 130 14.52 15.23 8.11
N ALA B 131 15.62 15.75 7.55
CA ALA B 131 15.63 17.08 6.96
C ALA B 131 14.67 17.17 5.77
N ILE B 132 14.66 16.11 4.95
CA ILE B 132 13.74 16.03 3.82
C ILE B 132 12.32 15.91 4.35
N GLY B 133 12.18 15.17 5.45
CA GLY B 133 10.90 15.03 6.11
C GLY B 133 10.38 16.39 6.61
N LYS B 134 11.28 17.20 7.13
CA LYS B 134 10.95 18.55 7.57
C LYS B 134 10.51 19.41 6.39
N GLU B 135 11.23 19.30 5.27
CA GLU B 135 10.87 20.04 4.07
C GLU B 135 9.50 19.62 3.56
N ALA B 136 9.26 18.32 3.62
CA ALA B 136 7.97 17.78 3.26
C ALA B 136 6.90 18.33 4.19
N LEU B 137 7.20 18.37 5.48
CA LEU B 137 6.30 18.88 6.51
C LEU B 137 5.93 20.34 6.22
N VAL B 138 6.91 21.13 5.79
CA VAL B 138 6.68 22.52 5.44
C VAL B 138 5.73 22.61 4.26
N MET B 139 5.94 21.75 3.30
CA MET B 139 5.08 21.65 2.14
C MET B 139 3.66 21.22 2.53
N VAL B 140 3.58 20.25 3.41
CA VAL B 140 2.30 19.76 3.88
C VAL B 140 1.54 20.83 4.59
N LYS B 141 2.19 21.52 5.51
CA LYS B 141 1.51 22.49 6.32
C LYS B 141 1.04 23.67 5.49
N ASN B 142 1.79 24.02 4.47
CA ASN B 142 1.43 25.15 3.66
C ASN B 142 0.36 24.82 2.65
N LYS B 143 0.26 23.57 2.26
CA LYS B 143 -0.72 23.21 1.26
C LYS B 143 -2.00 22.68 1.88
N THR B 144 -1.92 22.13 3.09
CA THR B 144 -3.11 21.62 3.73
C THR B 144 -3.66 22.61 4.73
N GLY B 145 -2.79 23.41 5.28
CA GLY B 145 -3.16 24.32 6.33
C GLY B 145 -3.03 23.66 7.69
N VAL B 146 -2.67 22.38 7.67
CA VAL B 146 -2.54 21.61 8.89
C VAL B 146 -1.06 21.36 9.18
N SER B 147 -0.60 21.90 10.28
CA SER B 147 0.77 21.71 10.67
C SER B 147 0.88 20.52 11.61
N LEU B 148 1.59 19.51 11.19
CA LEU B 148 1.78 18.31 11.97
C LEU B 148 3.01 18.46 12.86
N PRO B 149 3.03 17.81 14.03
CA PRO B 149 4.18 17.86 14.93
C PRO B 149 5.36 17.05 14.39
N GLU B 150 6.55 17.42 14.81
CA GLU B 150 7.81 16.80 14.41
C GLU B 150 7.83 15.31 14.75
N ASP B 151 7.11 14.93 15.78
CA ASP B 151 6.96 13.54 16.22
C ASP B 151 6.45 12.69 15.11
N GLU B 152 5.35 13.11 14.52
CA GLU B 152 4.72 12.36 13.46
C GLU B 152 5.57 12.41 12.20
N ALA B 153 6.26 13.53 12.00
CA ALA B 153 7.20 13.67 10.88
C ALA B 153 8.38 12.70 11.09
N GLY B 154 8.71 12.46 12.34
CA GLY B 154 9.73 11.52 12.71
C GLY B 154 9.34 10.12 12.32
N PHE B 155 8.09 9.74 12.57
CA PHE B 155 7.61 8.43 12.14
C PHE B 155 7.65 8.31 10.63
N ILE B 156 7.35 9.42 9.95
CA ILE B 156 7.48 9.49 8.49
C ILE B 156 8.92 9.19 8.07
N ALA B 157 9.88 9.79 8.77
CA ALA B 157 11.31 9.57 8.51
C ALA B 157 11.67 8.10 8.71
N LEU B 158 11.07 7.47 9.73
CA LEU B 158 11.24 6.03 9.94
C LEU B 158 10.73 5.25 8.75
N HIS B 159 9.57 5.60 8.28
CA HIS B 159 8.98 4.93 7.13
C HIS B 159 9.81 5.16 5.87
N ILE B 160 10.49 6.29 5.81
CA ILE B 160 11.41 6.58 4.72
C ILE B 160 12.60 5.64 4.78
N VAL B 161 13.15 5.41 5.96
CA VAL B 161 14.27 4.52 6.08
C VAL B 161 13.83 3.06 5.89
N ASN B 162 12.56 2.77 6.17
CA ASN B 162 11.94 1.47 5.86
C ASN B 162 11.83 1.30 4.35
N ALA B 163 11.68 2.41 3.66
CA ALA B 163 11.50 2.42 2.23
C ALA B 163 12.81 2.64 1.49
N GLU B 164 13.85 2.92 2.23
CA GLU B 164 15.21 3.03 1.69
C GLU B 164 15.55 1.76 0.90
N LEU B 165 16.10 1.96 -0.27
CA LEU B 165 16.42 0.94 -1.19
C LEU B 165 17.81 1.11 -1.68
N ASN B 166 18.14 0.29 -2.64
CA ASN B 166 19.41 0.34 -3.33
C ASN B 166 19.56 1.66 -4.06
N GLU B 167 20.77 1.97 -4.43
CA GLU B 167 21.06 3.24 -5.07
C GLU B 167 20.64 3.28 -6.52
N LEU B 168 19.35 3.42 -6.73
CA LEU B 168 18.76 3.53 -8.03
C LEU B 168 18.82 4.98 -8.46
N GLN B 169 20.01 5.40 -8.78
CA GLN B 169 20.29 6.74 -9.18
C GLN B 169 20.30 6.76 -10.69
N MET A 1 -22.50 0.80 -1.98
CA MET A 1 -22.10 1.00 -3.38
C MET A 1 -23.16 0.41 -4.29
N LYS A 2 -23.06 0.68 -5.58
CA LYS A 2 -24.06 0.26 -6.53
C LYS A 2 -23.43 -0.03 -7.86
N ILE A 3 -24.14 -0.74 -8.67
CA ILE A 3 -23.73 -1.04 -10.01
C ILE A 3 -23.97 0.21 -10.84
N ALA A 4 -22.99 0.62 -11.59
CA ALA A 4 -23.12 1.80 -12.40
C ALA A 4 -23.07 1.46 -13.88
N LYS A 5 -22.32 0.46 -14.23
CA LYS A 5 -22.19 0.08 -15.62
C LYS A 5 -22.32 -1.43 -15.74
N VAL A 6 -22.87 -1.89 -16.83
CA VAL A 6 -23.07 -3.30 -17.09
C VAL A 6 -22.51 -3.60 -18.44
N ILE A 7 -21.60 -4.53 -18.51
CA ILE A 7 -21.05 -4.91 -19.78
C ILE A 7 -21.67 -6.21 -20.24
N ASN A 8 -21.90 -7.08 -19.28
CA ASN A 8 -22.50 -8.37 -19.52
C ASN A 8 -22.99 -8.90 -18.22
N ASN A 9 -23.62 -10.03 -18.26
CA ASN A 9 -24.19 -10.66 -17.08
C ASN A 9 -23.16 -10.95 -16.00
N ASN A 10 -22.01 -11.43 -16.36
CA ASN A 10 -21.04 -11.78 -15.35
C ASN A 10 -20.14 -10.62 -14.98
N VAL A 11 -20.04 -9.63 -15.84
CA VAL A 11 -19.13 -8.53 -15.58
C VAL A 11 -19.89 -7.23 -15.51
N ILE A 12 -19.76 -6.57 -14.38
CA ILE A 12 -20.40 -5.32 -14.14
C ILE A 12 -19.43 -4.32 -13.54
N SER A 13 -19.84 -3.12 -13.53
CA SER A 13 -19.08 -2.01 -13.07
C SER A 13 -19.76 -1.40 -11.87
N VAL A 14 -19.05 -1.32 -10.80
CA VAL A 14 -19.54 -0.80 -9.55
C VAL A 14 -18.79 0.48 -9.24
N VAL A 15 -19.45 1.44 -8.70
CA VAL A 15 -18.78 2.63 -8.29
C VAL A 15 -18.83 2.72 -6.78
N ASN A 16 -17.67 2.82 -6.17
CA ASN A 16 -17.59 2.94 -4.74
C ASN A 16 -18.04 4.33 -4.38
N GLU A 17 -18.46 4.52 -3.16
CA GLU A 17 -19.03 5.77 -2.71
C GLU A 17 -17.95 6.82 -2.41
N GLN A 18 -16.70 6.47 -2.73
CA GLN A 18 -15.58 7.37 -2.69
C GLN A 18 -15.33 7.91 -4.11
N GLY A 19 -16.13 7.43 -5.06
CA GLY A 19 -16.05 7.88 -6.44
C GLY A 19 -15.05 7.13 -7.26
N LYS A 20 -14.84 5.87 -6.95
CA LYS A 20 -13.93 5.07 -7.69
C LYS A 20 -14.65 3.94 -8.37
N GLU A 21 -14.39 3.81 -9.64
CA GLU A 21 -14.98 2.81 -10.48
C GLU A 21 -14.30 1.46 -10.24
N LEU A 22 -15.08 0.42 -10.22
CA LEU A 22 -14.62 -0.92 -9.97
C LEU A 22 -15.29 -1.83 -10.98
N VAL A 23 -14.63 -2.89 -11.34
CA VAL A 23 -15.20 -3.87 -12.23
C VAL A 23 -15.29 -5.17 -11.47
N VAL A 24 -16.45 -5.71 -11.37
CA VAL A 24 -16.63 -6.90 -10.62
C VAL A 24 -17.13 -7.99 -11.53
N MET A 25 -16.55 -9.16 -11.42
CA MET A 25 -16.96 -10.28 -12.21
C MET A 25 -17.47 -11.34 -11.30
N GLY A 26 -18.51 -11.95 -11.71
CA GLY A 26 -19.07 -13.02 -11.01
C GLY A 26 -20.24 -13.55 -11.72
N ARG A 27 -20.46 -14.79 -11.54
CA ARG A 27 -21.54 -15.53 -12.17
C ARG A 27 -22.92 -14.90 -11.92
N GLY A 28 -23.42 -14.35 -12.97
CA GLY A 28 -24.74 -13.77 -13.00
C GLY A 28 -24.90 -12.59 -12.08
N LEU A 29 -24.01 -11.65 -12.16
CA LEU A 29 -24.10 -10.46 -11.36
C LEU A 29 -25.11 -9.48 -11.93
N ALA A 30 -25.17 -9.39 -13.25
CA ALA A 30 -26.10 -8.47 -13.85
C ALA A 30 -27.47 -9.07 -14.02
N PHE A 31 -27.54 -10.39 -14.00
CA PHE A 31 -28.81 -11.10 -14.02
C PHE A 31 -29.73 -10.52 -12.94
N GLN A 32 -30.83 -9.91 -13.39
CA GLN A 32 -31.88 -9.31 -12.53
C GLN A 32 -31.51 -7.92 -12.02
N LYS A 33 -30.31 -7.57 -12.22
CA LYS A 33 -29.76 -6.35 -11.71
C LYS A 33 -29.44 -5.36 -12.81
N LYS A 34 -29.12 -4.15 -12.41
CA LYS A 34 -28.96 -3.05 -13.33
C LYS A 34 -28.18 -1.93 -12.63
N SER A 35 -27.94 -0.84 -13.35
CA SER A 35 -27.29 0.31 -12.76
C SER A 35 -28.20 0.93 -11.70
N GLY A 36 -27.70 1.10 -10.50
CA GLY A 36 -28.49 1.66 -9.45
C GLY A 36 -28.98 0.61 -8.52
N ASP A 37 -28.58 -0.61 -8.75
CA ASP A 37 -28.94 -1.69 -7.87
C ASP A 37 -27.75 -1.99 -6.99
N ASP A 38 -27.99 -2.69 -5.94
CA ASP A 38 -26.99 -3.05 -4.97
C ASP A 38 -26.22 -4.27 -5.44
N VAL A 39 -24.98 -4.34 -5.10
CA VAL A 39 -24.11 -5.38 -5.57
C VAL A 39 -24.26 -6.63 -4.72
N ASP A 40 -24.63 -7.73 -5.35
CA ASP A 40 -24.74 -9.00 -4.65
C ASP A 40 -23.34 -9.46 -4.27
N GLU A 41 -23.09 -9.64 -3.00
CA GLU A 41 -21.76 -9.95 -2.55
C GLU A 41 -21.44 -11.44 -2.63
N ALA A 42 -22.44 -12.27 -2.80
CA ALA A 42 -22.22 -13.70 -2.85
C ALA A 42 -21.84 -14.14 -4.25
N ARG A 43 -22.21 -13.35 -5.24
CA ARG A 43 -21.87 -13.63 -6.62
C ARG A 43 -20.56 -12.95 -7.02
N ILE A 44 -19.91 -12.32 -6.06
CA ILE A 44 -18.64 -11.68 -6.27
C ILE A 44 -17.53 -12.70 -6.29
N GLU A 45 -16.97 -12.89 -7.44
CA GLU A 45 -15.87 -13.80 -7.59
C GLU A 45 -14.58 -13.03 -7.73
N LYS A 46 -14.63 -11.99 -8.53
CA LYS A 46 -13.47 -11.19 -8.87
C LYS A 46 -13.82 -9.73 -8.77
N VAL A 47 -12.96 -8.95 -8.21
CA VAL A 47 -13.13 -7.52 -8.18
C VAL A 47 -11.89 -6.90 -8.76
N PHE A 48 -12.07 -5.88 -9.53
CA PHE A 48 -10.98 -5.16 -10.08
C PHE A 48 -11.18 -3.70 -9.71
N THR A 49 -10.19 -3.11 -9.14
CA THR A 49 -10.27 -1.75 -8.68
C THR A 49 -9.50 -0.80 -9.60
N LEU A 50 -10.07 0.38 -9.83
CA LEU A 50 -9.50 1.41 -10.71
C LEU A 50 -8.08 1.82 -10.30
N ASP A 51 -7.25 1.88 -11.30
CA ASP A 51 -5.88 2.34 -11.27
C ASP A 51 -5.67 3.11 -12.56
N ASN A 52 -4.73 4.01 -12.60
CA ASN A 52 -4.51 4.81 -13.81
C ASN A 52 -3.16 5.44 -13.75
N LYS A 53 -2.32 5.19 -14.75
CA LYS A 53 -0.94 5.71 -14.78
C LYS A 53 -0.90 7.23 -14.76
N ASP A 54 -1.98 7.81 -15.18
CA ASP A 54 -2.09 9.24 -15.32
C ASP A 54 -2.43 9.91 -13.99
N VAL A 55 -2.97 9.15 -13.06
CA VAL A 55 -3.33 9.69 -11.78
C VAL A 55 -2.50 9.03 -10.67
N SER A 56 -2.12 7.82 -10.92
CA SER A 56 -1.30 7.07 -10.03
C SER A 56 0.00 6.70 -10.74
N GLU A 57 1.07 7.40 -10.45
CA GLU A 57 2.31 7.12 -11.11
C GLU A 57 3.02 6.01 -10.36
N LYS A 58 3.29 6.25 -9.13
CA LYS A 58 3.92 5.27 -8.30
C LYS A 58 2.93 4.35 -7.65
N PHE A 59 1.72 4.80 -7.49
CA PHE A 59 0.69 3.95 -6.92
C PHE A 59 0.44 2.67 -7.75
N LYS A 60 0.63 2.77 -9.06
CA LYS A 60 0.49 1.60 -9.92
C LYS A 60 1.66 0.63 -9.75
N THR A 61 2.86 1.14 -9.42
CA THR A 61 4.02 0.27 -9.30
C THR A 61 3.93 -0.64 -8.07
N LEU A 62 3.03 -0.32 -7.15
CA LEU A 62 2.73 -1.23 -6.08
C LEU A 62 1.93 -2.38 -6.64
N LEU A 63 0.78 -2.04 -7.15
CA LEU A 63 -0.24 -2.99 -7.55
C LEU A 63 0.15 -3.84 -8.75
N TYR A 64 1.11 -3.40 -9.51
CA TYR A 64 1.58 -4.18 -10.62
C TYR A 64 2.72 -5.13 -10.21
N ASP A 65 3.44 -4.80 -9.14
CA ASP A 65 4.67 -5.53 -8.80
C ASP A 65 4.52 -6.41 -7.55
N ILE A 66 3.37 -6.36 -6.95
CA ILE A 66 3.07 -7.14 -5.72
C ILE A 66 3.00 -8.65 -6.01
N PRO A 67 3.91 -9.46 -5.42
CA PRO A 67 3.85 -10.90 -5.53
C PRO A 67 2.73 -11.46 -4.63
N ILE A 68 1.93 -12.37 -5.17
CA ILE A 68 0.77 -12.93 -4.46
C ILE A 68 1.19 -13.62 -3.17
N GLU A 69 2.30 -14.33 -3.22
CA GLU A 69 2.83 -15.05 -2.06
C GLU A 69 3.16 -14.08 -0.94
N CYS A 70 3.91 -13.05 -1.26
CA CYS A 70 4.32 -12.06 -0.28
C CYS A 70 3.12 -11.29 0.25
N MET A 71 2.10 -11.15 -0.59
CA MET A 71 0.86 -10.52 -0.19
C MET A 71 0.21 -11.32 0.91
N GLU A 72 0.13 -12.64 0.68
CA GLU A 72 -0.46 -13.55 1.66
C GLU A 72 0.34 -13.51 2.95
N VAL A 73 1.66 -13.53 2.80
CA VAL A 73 2.55 -13.52 3.94
C VAL A 73 2.37 -12.24 4.75
N SER A 74 2.30 -11.13 4.07
CA SER A 74 2.18 -9.85 4.72
C SER A 74 0.88 -9.79 5.50
N GLU A 75 -0.20 -10.24 4.88
CA GLU A 75 -1.49 -10.17 5.52
C GLU A 75 -1.53 -11.08 6.75
N GLU A 76 -0.87 -12.22 6.64
CA GLU A 76 -0.78 -13.21 7.69
C GLU A 76 0.00 -12.65 8.91
N ILE A 77 1.09 -11.94 8.64
CA ILE A 77 1.91 -11.35 9.70
C ILE A 77 1.10 -10.35 10.49
N ILE A 78 0.41 -9.53 9.78
CA ILE A 78 -0.32 -8.45 10.36
C ILE A 78 -1.57 -8.97 11.05
N SER A 79 -2.14 -10.03 10.53
CA SER A 79 -3.29 -10.61 11.15
C SER A 79 -2.86 -11.27 12.48
N TYR A 80 -1.62 -11.78 12.52
CA TYR A 80 -1.09 -12.33 13.75
C TYR A 80 -0.85 -11.21 14.75
N ALA A 81 -0.30 -10.13 14.26
CA ALA A 81 0.00 -8.98 15.08
C ALA A 81 -1.28 -8.41 15.68
N LYS A 82 -2.32 -8.23 14.88
CA LYS A 82 -3.55 -7.62 15.39
C LYS A 82 -4.30 -8.57 16.29
N LEU A 83 -4.12 -9.87 16.07
CA LEU A 83 -4.73 -10.88 16.93
C LEU A 83 -4.11 -10.79 18.31
N GLN A 84 -2.82 -10.56 18.35
CA GLN A 84 -2.08 -10.46 19.59
C GLN A 84 -2.29 -9.09 20.27
N LEU A 85 -2.41 -8.05 19.48
CA LEU A 85 -2.66 -6.70 19.98
C LEU A 85 -4.06 -6.52 20.53
N GLY A 86 -5.05 -6.84 19.70
CA GLY A 86 -6.43 -6.62 20.09
C GLY A 86 -6.95 -5.35 19.45
N LYS A 87 -6.10 -4.69 18.71
CA LYS A 87 -6.43 -3.48 18.01
C LYS A 87 -6.51 -3.78 16.54
N LYS A 88 -7.26 -2.99 15.83
CA LYS A 88 -7.29 -3.06 14.41
C LYS A 88 -6.10 -2.29 13.90
N LEU A 89 -5.64 -2.60 12.73
CA LEU A 89 -4.47 -1.94 12.22
C LEU A 89 -4.75 -1.19 10.95
N ASN A 90 -4.12 -0.03 10.84
CA ASN A 90 -4.19 0.81 9.66
C ASN A 90 -3.71 0.01 8.46
N ASP A 91 -4.56 -0.10 7.47
CA ASP A 91 -4.40 -0.99 6.31
C ASP A 91 -3.14 -0.72 5.50
N SER A 92 -2.57 0.43 5.70
CA SER A 92 -1.35 0.81 5.05
C SER A 92 -0.21 -0.14 5.44
N ILE A 93 -0.30 -0.74 6.64
CA ILE A 93 0.73 -1.65 7.13
C ILE A 93 0.81 -2.90 6.22
N TYR A 94 -0.31 -3.26 5.62
CA TYR A 94 -0.38 -4.46 4.79
C TYR A 94 0.40 -4.25 3.52
N VAL A 95 0.16 -3.12 2.89
CA VAL A 95 0.83 -2.80 1.64
C VAL A 95 2.29 -2.38 1.89
N SER A 96 2.56 -1.81 3.04
CA SER A 96 3.90 -1.42 3.33
C SER A 96 4.78 -2.63 3.69
N LEU A 97 4.21 -3.64 4.35
CA LEU A 97 4.99 -4.80 4.70
C LEU A 97 5.31 -5.70 3.53
N THR A 98 4.44 -5.75 2.52
CA THR A 98 4.76 -6.51 1.32
C THR A 98 6.00 -5.94 0.68
N ASN A 99 6.01 -4.64 0.56
CA ASN A 99 7.12 -3.93 -0.04
C ASN A 99 8.32 -3.88 0.86
N HIS A 100 8.10 -4.07 2.13
CA HIS A 100 9.20 -4.15 3.05
C HIS A 100 9.82 -5.52 3.00
N ILE A 101 9.00 -6.56 3.04
CA ILE A 101 9.49 -7.92 3.06
C ILE A 101 10.15 -8.26 1.72
N ASN A 102 9.53 -7.81 0.64
CA ASN A 102 10.05 -8.08 -0.69
C ASN A 102 11.39 -7.40 -0.88
N PHE A 103 11.50 -6.17 -0.45
CA PHE A 103 12.73 -5.44 -0.62
C PHE A 103 13.79 -5.94 0.34
N ALA A 104 13.37 -6.40 1.51
CA ALA A 104 14.28 -6.97 2.48
C ALA A 104 14.88 -8.24 1.93
N ILE A 105 14.05 -9.08 1.30
CA ILE A 105 14.51 -10.32 0.69
C ILE A 105 15.51 -10.02 -0.44
N GLN A 106 15.21 -9.02 -1.27
CA GLN A 106 16.11 -8.65 -2.37
C GLN A 106 17.43 -8.10 -1.83
N ARG A 107 17.31 -7.32 -0.78
CA ARG A 107 18.45 -6.71 -0.12
C ARG A 107 19.31 -7.81 0.53
N ASN A 108 18.64 -8.77 1.13
CA ASN A 108 19.28 -9.91 1.79
C ASN A 108 20.06 -10.74 0.78
N GLN A 109 19.50 -10.89 -0.42
CA GLN A 109 20.13 -11.61 -1.52
C GLN A 109 21.44 -10.94 -1.94
N LYS A 110 21.56 -9.66 -1.65
CA LYS A 110 22.73 -8.90 -2.00
C LYS A 110 23.70 -8.77 -0.83
N GLY A 111 23.42 -9.46 0.26
CA GLY A 111 24.30 -9.43 1.42
C GLY A 111 24.25 -8.10 2.13
N LEU A 112 23.08 -7.54 2.22
CA LEU A 112 22.90 -6.29 2.90
C LEU A 112 21.71 -6.36 3.86
N ASP A 113 21.87 -5.75 5.02
CA ASP A 113 20.85 -5.67 6.05
C ASP A 113 20.91 -4.28 6.62
N ILE A 114 19.89 -3.89 7.35
CA ILE A 114 19.90 -2.60 7.97
C ILE A 114 19.85 -2.74 9.48
N LYS A 115 20.96 -2.47 10.11
CA LYS A 115 21.04 -2.65 11.53
C LYS A 115 20.51 -1.41 12.25
N ASN A 116 19.63 -1.64 13.16
CA ASN A 116 18.87 -0.59 13.82
C ASN A 116 19.71 0.02 14.94
N ALA A 117 19.98 1.31 14.85
CA ALA A 117 20.83 1.98 15.86
C ALA A 117 20.03 2.44 17.05
N LEU A 118 18.79 2.10 17.04
CA LEU A 118 17.88 2.36 18.13
C LEU A 118 17.31 1.02 18.57
N LEU A 119 18.03 -0.04 18.21
CA LEU A 119 17.61 -1.42 18.48
C LEU A 119 17.42 -1.66 19.95
N TRP A 120 18.39 -1.28 20.73
CA TRP A 120 18.34 -1.53 22.17
C TRP A 120 17.34 -0.63 22.86
N GLU A 121 17.13 0.53 22.29
CA GLU A 121 16.13 1.45 22.78
C GLU A 121 14.73 0.88 22.53
N THR A 122 14.53 0.40 21.32
CA THR A 122 13.27 -0.15 20.89
C THR A 122 12.96 -1.46 21.65
N LYS A 123 13.99 -2.30 21.80
CA LYS A 123 13.87 -3.59 22.47
C LYS A 123 13.42 -3.45 23.92
N ARG A 124 13.85 -2.39 24.57
CA ARG A 124 13.55 -2.18 25.96
C ARG A 124 12.20 -1.48 26.13
N LEU A 125 12.04 -0.32 25.47
CA LEU A 125 10.85 0.51 25.64
C LEU A 125 9.60 -0.10 24.98
N TYR A 126 9.74 -0.58 23.77
CA TYR A 126 8.64 -1.17 23.04
C TYR A 126 8.76 -2.67 23.14
N LYS A 127 9.12 -3.14 24.34
CA LYS A 127 9.43 -4.54 24.63
C LYS A 127 8.32 -5.47 24.12
N ASP A 128 7.08 -5.10 24.40
CA ASP A 128 5.91 -5.87 23.99
C ASP A 128 5.82 -5.95 22.49
N GLU A 129 5.83 -4.80 21.86
CA GLU A 129 5.65 -4.67 20.42
C GLU A 129 6.78 -5.38 19.69
N PHE A 130 7.97 -5.28 20.26
CA PHE A 130 9.15 -5.89 19.73
C PHE A 130 9.01 -7.42 19.77
N ALA A 131 8.43 -7.93 20.87
CA ALA A 131 8.22 -9.36 21.02
C ALA A 131 7.14 -9.82 20.05
N ILE A 132 6.13 -8.99 19.86
CA ILE A 132 5.03 -9.25 18.91
C ILE A 132 5.58 -9.34 17.50
N GLY A 133 6.47 -8.43 17.17
CA GLY A 133 7.11 -8.42 15.89
C GLY A 133 7.97 -9.65 15.71
N LYS A 134 8.69 -10.02 16.75
CA LYS A 134 9.55 -11.20 16.70
C LYS A 134 8.76 -12.47 16.55
N GLU A 135 7.68 -12.63 17.29
CA GLU A 135 6.89 -13.86 17.22
C GLU A 135 6.25 -14.04 15.85
N ALA A 136 5.97 -12.94 15.20
CA ALA A 136 5.47 -12.97 13.87
C ALA A 136 6.60 -13.26 12.90
N LEU A 137 7.75 -12.63 13.16
CA LEU A 137 8.93 -12.79 12.33
C LEU A 137 9.43 -14.23 12.38
N VAL A 138 9.39 -14.85 13.56
CA VAL A 138 9.76 -16.26 13.72
C VAL A 138 8.91 -17.11 12.80
N MET A 139 7.61 -16.86 12.81
CA MET A 139 6.66 -17.59 11.96
C MET A 139 7.02 -17.40 10.49
N VAL A 140 7.36 -16.18 10.14
CA VAL A 140 7.78 -15.85 8.79
C VAL A 140 9.07 -16.60 8.45
N LYS A 141 10.03 -16.57 9.34
CA LYS A 141 11.33 -17.17 9.11
C LYS A 141 11.21 -18.68 9.01
N ASN A 142 10.25 -19.24 9.71
CA ASN A 142 9.98 -20.67 9.66
C ASN A 142 9.45 -21.05 8.30
N LYS A 143 8.49 -20.30 7.82
CA LYS A 143 7.82 -20.62 6.59
C LYS A 143 8.62 -20.22 5.35
N THR A 144 9.43 -19.20 5.46
CA THR A 144 10.15 -18.70 4.29
C THR A 144 11.58 -19.21 4.22
N GLY A 145 12.18 -19.39 5.37
CA GLY A 145 13.54 -19.79 5.45
C GLY A 145 14.48 -18.60 5.57
N VAL A 146 13.95 -17.41 5.27
CA VAL A 146 14.74 -16.20 5.29
C VAL A 146 14.88 -15.72 6.71
N SER A 147 16.09 -15.58 7.17
CA SER A 147 16.31 -15.14 8.51
C SER A 147 16.63 -13.65 8.55
N LEU A 148 15.77 -12.89 9.18
CA LEU A 148 15.95 -11.47 9.34
C LEU A 148 16.39 -11.20 10.77
N PRO A 149 17.31 -10.24 10.97
CA PRO A 149 17.74 -9.86 12.31
C PRO A 149 16.66 -9.07 13.06
N GLU A 150 16.85 -8.90 14.37
CA GLU A 150 15.88 -8.20 15.22
C GLU A 150 15.79 -6.73 14.83
N ASP A 151 16.83 -6.26 14.16
CA ASP A 151 16.92 -4.89 13.65
C ASP A 151 15.74 -4.59 12.77
N GLU A 152 15.54 -5.47 11.79
CA GLU A 152 14.43 -5.35 10.86
C GLU A 152 13.10 -5.38 11.64
N ALA A 153 13.03 -6.30 12.61
CA ALA A 153 11.85 -6.47 13.46
C ALA A 153 11.53 -5.19 14.22
N GLY A 154 12.59 -4.49 14.63
CA GLY A 154 12.44 -3.22 15.29
C GLY A 154 11.78 -2.22 14.38
N PHE A 155 12.24 -2.16 13.14
CA PHE A 155 11.64 -1.26 12.16
C PHE A 155 10.19 -1.64 11.91
N ILE A 156 9.93 -2.94 11.85
CA ILE A 156 8.58 -3.46 11.72
C ILE A 156 7.71 -3.00 12.90
N ALA A 157 8.28 -3.05 14.11
CA ALA A 157 7.61 -2.59 15.33
C ALA A 157 7.25 -1.11 15.22
N LEU A 158 8.16 -0.30 14.68
CA LEU A 158 7.87 1.12 14.46
C LEU A 158 6.72 1.29 13.47
N HIS A 159 6.66 0.45 12.49
CA HIS A 159 5.54 0.47 11.55
C HIS A 159 4.25 0.03 12.24
N ILE A 160 4.36 -0.94 13.13
CA ILE A 160 3.22 -1.43 13.89
C ILE A 160 2.65 -0.33 14.79
N VAL A 161 3.52 0.40 15.49
CA VAL A 161 3.07 1.43 16.41
C VAL A 161 2.40 2.59 15.68
N ASN A 162 2.79 2.82 14.43
CA ASN A 162 2.16 3.86 13.61
C ASN A 162 0.85 3.37 13.04
N ALA A 163 0.74 2.08 12.84
CA ALA A 163 -0.44 1.48 12.27
C ALA A 163 -1.47 1.05 13.31
N GLU A 164 -1.06 0.97 14.56
CA GLU A 164 -1.94 0.56 15.64
C GLU A 164 -3.05 1.59 15.83
N LEU A 165 -4.29 1.18 15.57
CA LEU A 165 -5.40 2.08 15.72
C LEU A 165 -5.81 2.16 17.14
N ASN A 166 -5.28 3.13 17.75
CA ASN A 166 -5.55 3.43 19.12
C ASN A 166 -6.53 4.54 19.23
N GLU A 167 -7.77 4.18 19.24
CA GLU A 167 -8.80 5.13 19.48
C GLU A 167 -9.16 4.95 20.94
N LEU A 168 -8.65 5.90 21.73
CA LEU A 168 -8.60 5.85 23.20
C LEU A 168 -9.77 5.16 23.88
N GLN A 169 -9.51 3.94 24.26
CA GLN A 169 -10.38 3.09 24.99
C GLN A 169 -9.47 1.95 25.45
N MET B 1 3.12 -6.49 -20.63
CA MET B 1 1.86 -7.14 -20.26
C MET B 1 1.06 -7.43 -21.48
N LYS B 2 0.18 -8.39 -21.39
CA LYS B 2 -0.50 -8.88 -22.57
C LYS B 2 -1.99 -9.00 -22.34
N ILE B 3 -2.72 -8.83 -23.40
CA ILE B 3 -4.15 -8.97 -23.38
C ILE B 3 -4.45 -10.45 -23.36
N ALA B 4 -5.20 -10.88 -22.42
CA ALA B 4 -5.48 -12.29 -22.26
C ALA B 4 -6.94 -12.63 -22.50
N LYS B 5 -7.83 -11.69 -22.23
CA LYS B 5 -9.24 -11.93 -22.41
C LYS B 5 -9.86 -10.68 -22.99
N VAL B 6 -10.94 -10.81 -23.69
CA VAL B 6 -11.61 -9.69 -24.29
C VAL B 6 -13.07 -9.69 -23.87
N ILE B 7 -13.52 -8.58 -23.35
CA ILE B 7 -14.89 -8.43 -22.98
C ILE B 7 -15.63 -7.74 -24.12
N ASN B 8 -14.95 -6.82 -24.74
CA ASN B 8 -15.45 -6.08 -25.88
C ASN B 8 -14.30 -5.32 -26.47
N ASN B 9 -14.58 -4.54 -27.48
CA ASN B 9 -13.55 -3.74 -28.15
C ASN B 9 -12.91 -2.73 -27.22
N ASN B 10 -13.66 -2.13 -26.37
CA ASN B 10 -13.11 -1.09 -25.54
C ASN B 10 -12.63 -1.61 -24.21
N VAL B 11 -13.14 -2.74 -23.79
CA VAL B 11 -12.77 -3.28 -22.51
C VAL B 11 -12.11 -4.63 -22.70
N ILE B 12 -10.90 -4.75 -22.24
CA ILE B 12 -10.17 -5.97 -22.36
C ILE B 12 -9.62 -6.42 -21.03
N SER B 13 -9.16 -7.61 -21.01
CA SER B 13 -8.67 -8.26 -19.85
C SER B 13 -7.20 -8.63 -20.06
N VAL B 14 -6.41 -8.31 -19.10
CA VAL B 14 -4.99 -8.50 -19.14
C VAL B 14 -4.60 -9.50 -18.07
N VAL B 15 -3.62 -10.31 -18.35
CA VAL B 15 -3.02 -11.17 -17.35
C VAL B 15 -1.55 -10.87 -17.37
N ASN B 16 -1.11 -10.25 -16.33
CA ASN B 16 0.27 -9.82 -16.24
C ASN B 16 1.08 -10.98 -15.69
N GLU B 17 2.38 -10.96 -15.94
CA GLU B 17 3.29 -12.07 -15.60
C GLU B 17 3.48 -12.24 -14.09
N GLN B 18 2.91 -11.32 -13.33
CA GLN B 18 2.94 -11.37 -11.89
C GLN B 18 1.78 -12.24 -11.39
N GLY B 19 0.91 -12.63 -12.32
CA GLY B 19 -0.25 -13.41 -11.99
C GLY B 19 -1.41 -12.54 -11.59
N LYS B 20 -1.46 -11.35 -12.13
CA LYS B 20 -2.52 -10.48 -11.86
C LYS B 20 -3.30 -10.18 -13.08
N GLU B 21 -4.55 -10.42 -12.97
CA GLU B 21 -5.49 -10.15 -14.02
C GLU B 21 -5.93 -8.70 -13.88
N LEU B 22 -6.08 -8.02 -14.96
CA LEU B 22 -6.43 -6.62 -14.96
C LEU B 22 -7.53 -6.41 -15.98
N VAL B 23 -8.32 -5.41 -15.79
CA VAL B 23 -9.32 -5.03 -16.75
C VAL B 23 -8.98 -3.64 -17.19
N VAL B 24 -8.81 -3.45 -18.45
CA VAL B 24 -8.42 -2.18 -18.96
C VAL B 24 -9.48 -1.69 -19.92
N MET B 25 -9.85 -0.44 -19.79
CA MET B 25 -10.83 0.15 -20.64
C MET B 25 -10.22 1.30 -21.40
N GLY B 26 -10.46 1.32 -22.66
CA GLY B 26 -10.00 2.36 -23.50
C GLY B 26 -10.61 2.22 -24.85
N ARG B 27 -10.79 3.31 -25.47
CA ARG B 27 -11.43 3.38 -26.78
C ARG B 27 -10.67 2.59 -27.84
N GLY B 28 -11.27 1.51 -28.26
CA GLY B 28 -10.72 0.67 -29.30
C GLY B 28 -9.48 -0.08 -28.85
N LEU B 29 -9.59 -0.82 -27.77
CA LEU B 29 -8.48 -1.58 -27.27
C LEU B 29 -8.34 -2.91 -27.98
N ALA B 30 -9.44 -3.50 -28.37
CA ALA B 30 -9.37 -4.77 -29.06
C ALA B 30 -9.42 -4.61 -30.57
N PHE B 31 -9.92 -3.47 -31.04
CA PHE B 31 -9.93 -3.16 -32.46
C PHE B 31 -8.52 -3.19 -33.07
N GLN B 32 -8.33 -4.12 -34.04
CA GLN B 32 -7.09 -4.28 -34.84
C GLN B 32 -5.96 -4.90 -33.97
N LYS B 33 -6.37 -5.35 -32.85
CA LYS B 33 -5.54 -5.94 -31.86
C LYS B 33 -6.15 -7.25 -31.42
N LYS B 34 -5.49 -7.96 -30.54
CA LYS B 34 -6.00 -9.25 -30.10
C LYS B 34 -5.34 -9.67 -28.81
N SER B 35 -5.83 -10.76 -28.26
CA SER B 35 -5.27 -11.34 -27.08
C SER B 35 -3.93 -11.98 -27.45
N GLY B 36 -2.97 -11.85 -26.57
CA GLY B 36 -1.65 -12.38 -26.81
C GLY B 36 -0.70 -11.30 -27.20
N ASP B 37 -1.26 -10.15 -27.49
CA ASP B 37 -0.48 -9.00 -27.87
C ASP B 37 -0.24 -8.16 -26.65
N ASP B 38 0.78 -7.33 -26.70
CA ASP B 38 1.12 -6.47 -25.58
C ASP B 38 0.06 -5.39 -25.50
N VAL B 39 -0.33 -5.06 -24.30
CA VAL B 39 -1.40 -4.12 -24.06
C VAL B 39 -1.05 -2.73 -24.57
N ASP B 40 -1.80 -2.29 -25.56
CA ASP B 40 -1.70 -0.94 -26.10
C ASP B 40 -2.10 0.05 -25.03
N GLU B 41 -1.12 0.57 -24.33
CA GLU B 41 -1.35 1.39 -23.19
C GLU B 41 -1.63 2.84 -23.56
N ALA B 42 -1.47 3.14 -24.82
CA ALA B 42 -1.73 4.48 -25.35
C ALA B 42 -3.23 4.78 -25.35
N ARG B 43 -4.04 3.76 -25.25
CA ARG B 43 -5.49 3.94 -25.22
C ARG B 43 -6.07 3.69 -23.84
N ILE B 44 -5.19 3.57 -22.85
CA ILE B 44 -5.64 3.39 -21.49
C ILE B 44 -6.34 4.61 -20.95
N GLU B 45 -7.58 4.42 -20.62
CA GLU B 45 -8.37 5.41 -19.98
C GLU B 45 -8.64 4.98 -18.55
N LYS B 46 -8.99 3.72 -18.38
CA LYS B 46 -9.21 3.13 -17.07
C LYS B 46 -8.45 1.82 -16.97
N VAL B 47 -7.80 1.61 -15.85
CA VAL B 47 -7.16 0.34 -15.54
C VAL B 47 -7.84 -0.15 -14.29
N PHE B 48 -8.03 -1.42 -14.19
CA PHE B 48 -8.57 -1.99 -13.00
C PHE B 48 -7.72 -3.19 -12.66
N THR B 49 -7.22 -3.23 -11.47
CA THR B 49 -6.36 -4.29 -11.04
C THR B 49 -7.13 -5.28 -10.15
N LEU B 50 -6.84 -6.56 -10.31
CA LEU B 50 -7.53 -7.63 -9.59
C LEU B 50 -7.31 -7.60 -8.08
N ASP B 51 -8.41 -7.66 -7.43
CA ASP B 51 -8.55 -7.86 -6.02
C ASP B 51 -9.17 -9.22 -5.85
N ASN B 52 -8.45 -10.12 -5.26
CA ASN B 52 -8.98 -11.42 -5.02
C ASN B 52 -9.39 -11.42 -3.59
N LYS B 53 -10.54 -10.78 -3.32
CA LYS B 53 -11.09 -10.46 -1.98
C LYS B 53 -11.04 -11.58 -0.95
N ASP B 54 -10.94 -12.79 -1.43
CA ASP B 54 -10.84 -13.96 -0.57
C ASP B 54 -9.50 -13.98 0.15
N VAL B 55 -8.52 -13.41 -0.48
CA VAL B 55 -7.23 -13.28 0.09
C VAL B 55 -7.03 -11.82 0.43
N SER B 56 -7.28 -10.98 -0.56
CA SER B 56 -6.93 -9.57 -0.55
C SER B 56 -7.98 -8.70 0.19
N GLU B 57 -8.64 -9.30 1.15
CA GLU B 57 -9.73 -8.70 1.93
C GLU B 57 -9.26 -7.36 2.54
N LYS B 58 -8.13 -7.41 3.16
CA LYS B 58 -7.55 -6.26 3.80
C LYS B 58 -6.71 -5.40 2.87
N PHE B 59 -6.30 -5.94 1.76
CA PHE B 59 -5.45 -5.22 0.82
C PHE B 59 -6.24 -4.20 -0.01
N LYS B 60 -7.50 -4.49 -0.25
CA LYS B 60 -8.34 -3.67 -1.10
C LYS B 60 -8.84 -2.39 -0.42
N THR B 61 -8.82 -2.34 0.90
CA THR B 61 -9.38 -1.23 1.66
C THR B 61 -8.70 0.10 1.34
N LEU B 62 -7.38 0.04 1.12
CA LEU B 62 -6.59 1.24 0.77
C LEU B 62 -7.11 1.84 -0.50
N LEU B 63 -7.30 0.98 -1.46
CA LEU B 63 -7.63 1.38 -2.80
C LEU B 63 -9.05 1.91 -2.89
N TYR B 64 -9.87 1.58 -1.93
CA TYR B 64 -11.22 2.06 -1.90
C TYR B 64 -11.34 3.34 -1.09
N ASP B 65 -10.63 3.40 0.03
CA ASP B 65 -10.84 4.44 1.04
C ASP B 65 -9.96 5.68 0.88
N ILE B 66 -8.86 5.49 0.26
CA ILE B 66 -7.86 6.57 0.10
C ILE B 66 -8.28 7.62 -0.95
N PRO B 67 -8.49 8.89 -0.50
CA PRO B 67 -8.85 10.00 -1.38
C PRO B 67 -7.77 10.32 -2.43
N ILE B 68 -8.22 10.76 -3.60
CA ILE B 68 -7.34 11.08 -4.71
C ILE B 68 -6.35 12.21 -4.37
N GLU B 69 -6.83 13.23 -3.68
CA GLU B 69 -6.01 14.37 -3.27
C GLU B 69 -4.86 13.91 -2.39
N CYS B 70 -5.16 13.07 -1.40
CA CYS B 70 -4.15 12.58 -0.48
C CYS B 70 -3.12 11.75 -1.24
N MET B 71 -3.59 11.04 -2.26
CA MET B 71 -2.71 10.24 -3.10
C MET B 71 -1.74 11.13 -3.85
N GLU B 72 -2.24 12.21 -4.42
CA GLU B 72 -1.42 13.14 -5.18
C GLU B 72 -0.41 13.79 -4.28
N VAL B 73 -0.87 14.18 -3.09
CA VAL B 73 -0.02 14.83 -2.12
C VAL B 73 1.10 13.89 -1.69
N SER B 74 0.77 12.65 -1.48
CA SER B 74 1.75 11.67 -1.07
C SER B 74 2.76 11.45 -2.20
N GLU B 75 2.29 11.30 -3.44
CA GLU B 75 3.23 11.05 -4.55
C GLU B 75 4.16 12.26 -4.74
N GLU B 76 3.69 13.41 -4.30
CA GLU B 76 4.44 14.64 -4.33
C GLU B 76 5.44 14.71 -3.15
N ILE B 77 4.98 14.28 -1.97
CA ILE B 77 5.83 14.25 -0.77
C ILE B 77 7.04 13.37 -0.99
N ILE B 78 6.79 12.19 -1.52
CA ILE B 78 7.86 11.27 -1.75
C ILE B 78 8.73 11.76 -2.90
N SER B 79 8.13 12.49 -3.83
CA SER B 79 8.85 13.07 -4.94
C SER B 79 9.89 14.05 -4.41
N TYR B 80 9.48 14.88 -3.45
CA TYR B 80 10.38 15.86 -2.86
C TYR B 80 11.47 15.15 -2.08
N ALA B 81 11.09 14.10 -1.38
CA ALA B 81 12.02 13.32 -0.59
C ALA B 81 13.07 12.64 -1.49
N LYS B 82 12.62 12.05 -2.59
CA LYS B 82 13.54 11.33 -3.47
C LYS B 82 14.38 12.30 -4.27
N LEU B 83 13.84 13.49 -4.45
CA LEU B 83 14.54 14.56 -5.13
C LEU B 83 15.69 15.05 -4.27
N GLN B 84 15.42 15.25 -2.99
CA GLN B 84 16.42 15.73 -2.04
C GLN B 84 17.51 14.68 -1.83
N LEU B 85 17.11 13.43 -1.75
CA LEU B 85 18.02 12.32 -1.59
C LEU B 85 18.84 12.07 -2.84
N GLY B 86 18.20 12.22 -3.99
CA GLY B 86 18.86 11.90 -5.24
C GLY B 86 18.89 10.40 -5.43
N LYS B 87 17.96 9.76 -4.78
CA LYS B 87 17.83 8.33 -4.79
C LYS B 87 16.38 8.04 -5.04
N LYS B 88 16.08 6.84 -5.41
CA LYS B 88 14.73 6.43 -5.60
C LYS B 88 14.28 5.76 -4.33
N LEU B 89 13.01 5.75 -4.08
CA LEU B 89 12.52 5.22 -2.83
C LEU B 89 11.60 4.04 -3.04
N ASN B 90 11.53 3.20 -2.03
CA ASN B 90 10.66 2.02 -2.01
C ASN B 90 9.22 2.49 -2.18
N ASP B 91 8.45 1.81 -3.01
CA ASP B 91 7.06 2.18 -3.30
C ASP B 91 6.19 2.14 -2.03
N SER B 92 6.70 1.43 -1.03
CA SER B 92 6.08 1.28 0.28
C SER B 92 5.79 2.65 0.92
N ILE B 93 6.69 3.62 0.73
CA ILE B 93 6.57 4.91 1.39
C ILE B 93 5.40 5.74 0.81
N TYR B 94 5.04 5.47 -0.43
CA TYR B 94 3.97 6.20 -1.08
C TYR B 94 2.63 5.85 -0.45
N VAL B 95 2.40 4.57 -0.29
CA VAL B 95 1.15 4.11 0.29
C VAL B 95 1.14 4.32 1.81
N SER B 96 2.29 4.33 2.42
CA SER B 96 2.33 4.54 3.82
C SER B 96 2.12 6.00 4.19
N LEU B 97 2.57 6.93 3.35
CA LEU B 97 2.37 8.32 3.66
C LEU B 97 0.97 8.82 3.36
N THR B 98 0.26 8.18 2.44
CA THR B 98 -1.13 8.54 2.21
C THR B 98 -1.93 8.28 3.45
N ASN B 99 -1.71 7.12 4.02
CA ASN B 99 -2.40 6.76 5.19
C ASN B 99 -1.85 7.47 6.37
N HIS B 100 -0.55 7.72 6.38
CA HIS B 100 0.03 8.42 7.50
C HIS B 100 -0.48 9.85 7.53
N ILE B 101 -0.55 10.53 6.39
CA ILE B 101 -1.01 11.92 6.39
C ILE B 101 -2.49 11.99 6.78
N ASN B 102 -3.26 11.08 6.22
CA ASN B 102 -4.69 11.03 6.47
C ASN B 102 -4.98 10.69 7.93
N PHE B 103 -4.25 9.73 8.44
CA PHE B 103 -4.43 9.33 9.80
C PHE B 103 -3.82 10.32 10.75
N ALA B 104 -2.82 11.06 10.29
CA ALA B 104 -2.20 12.10 11.09
C ALA B 104 -3.13 13.25 11.28
N ILE B 105 -3.85 13.60 10.22
CA ILE B 105 -4.82 14.68 10.32
C ILE B 105 -5.92 14.27 11.31
N GLN B 106 -6.37 13.03 11.19
CA GLN B 106 -7.38 12.51 12.13
C GLN B 106 -6.82 12.40 13.55
N ARG B 107 -5.59 11.98 13.65
CA ARG B 107 -4.87 11.82 14.92
C ARG B 107 -4.81 13.16 15.62
N ASN B 108 -4.42 14.17 14.86
CA ASN B 108 -4.31 15.53 15.36
C ASN B 108 -5.67 16.05 15.82
N GLN B 109 -6.70 15.78 15.02
CA GLN B 109 -8.06 16.25 15.30
C GLN B 109 -8.65 15.65 16.56
N LYS B 110 -8.34 14.41 16.83
CA LYS B 110 -8.89 13.75 17.98
C LYS B 110 -8.09 14.02 19.26
N GLY B 111 -7.04 14.83 19.13
CA GLY B 111 -6.22 15.18 20.27
C GLY B 111 -5.31 14.04 20.66
N LEU B 112 -4.92 13.28 19.69
CA LEU B 112 -4.08 12.15 19.90
C LEU B 112 -2.70 12.47 19.33
N ASP B 113 -1.72 12.43 20.16
CA ASP B 113 -0.37 12.69 19.73
C ASP B 113 0.44 11.44 19.92
N ILE B 114 1.22 11.07 18.94
CA ILE B 114 2.16 10.00 19.15
C ILE B 114 3.49 10.61 19.49
N LYS B 115 4.15 10.07 20.44
CA LYS B 115 5.35 10.69 20.94
C LYS B 115 6.53 9.77 20.82
N ASN B 116 7.62 10.34 20.41
CA ASN B 116 8.84 9.65 20.20
C ASN B 116 9.79 9.97 21.36
N ALA B 117 10.04 9.04 22.25
CA ALA B 117 10.96 9.29 23.38
C ALA B 117 12.40 9.07 22.97
N LEU B 118 12.57 8.79 21.72
CA LEU B 118 13.85 8.61 21.12
C LEU B 118 14.01 9.72 20.08
N LEU B 119 13.20 10.78 20.26
CA LEU B 119 13.16 11.92 19.34
C LEU B 119 14.52 12.54 19.17
N TRP B 120 15.21 12.69 20.27
CA TRP B 120 16.53 13.27 20.25
C TRP B 120 17.49 12.42 19.43
N GLU B 121 17.39 11.13 19.63
CA GLU B 121 18.23 10.16 18.93
C GLU B 121 17.91 10.17 17.45
N THR B 122 16.62 10.24 17.15
CA THR B 122 16.15 10.24 15.78
C THR B 122 16.66 11.50 15.05
N LYS B 123 16.50 12.64 15.70
CA LYS B 123 16.88 13.94 15.15
C LYS B 123 18.41 14.04 14.98
N ARG B 124 19.14 13.43 15.88
CA ARG B 124 20.56 13.51 15.87
C ARG B 124 21.21 12.43 14.95
N LEU B 125 20.83 11.17 15.12
CA LEU B 125 21.45 10.07 14.38
C LEU B 125 20.97 9.96 12.95
N TYR B 126 19.70 10.13 12.74
CA TYR B 126 19.10 10.04 11.41
C TYR B 126 18.79 11.45 10.94
N LYS B 127 19.74 12.31 11.25
CA LYS B 127 19.72 13.76 11.10
C LYS B 127 19.21 14.17 9.73
N ASP B 128 19.84 13.64 8.71
CA ASP B 128 19.58 14.05 7.34
C ASP B 128 18.21 13.63 6.87
N GLU B 129 17.89 12.37 7.06
CA GLU B 129 16.60 11.83 6.68
C GLU B 129 15.48 12.51 7.46
N PHE B 130 15.72 12.74 8.73
CA PHE B 130 14.78 13.42 9.61
C PHE B 130 14.52 14.84 9.11
N ALA B 131 15.59 15.51 8.71
CA ALA B 131 15.51 16.84 8.17
C ALA B 131 14.67 16.87 6.90
N ILE B 132 14.88 15.86 6.05
CA ILE B 132 14.11 15.74 4.79
C ILE B 132 12.63 15.54 5.11
N GLY B 133 12.35 14.75 6.14
CA GLY B 133 11.00 14.55 6.60
C GLY B 133 10.39 15.86 7.04
N LYS B 134 11.18 16.66 7.72
CA LYS B 134 10.74 17.97 8.15
C LYS B 134 10.57 18.94 6.99
N GLU B 135 11.44 18.87 5.99
CA GLU B 135 11.32 19.70 4.78
C GLU B 135 10.03 19.37 4.08
N ALA B 136 9.74 18.09 4.00
CA ALA B 136 8.49 17.63 3.42
C ALA B 136 7.33 18.12 4.27
N LEU B 137 7.52 18.11 5.58
CA LEU B 137 6.53 18.57 6.53
C LEU B 137 6.31 20.10 6.42
N VAL B 138 7.33 20.83 5.96
CA VAL B 138 7.18 22.25 5.67
C VAL B 138 6.26 22.37 4.48
N MET B 139 6.53 21.55 3.49
CA MET B 139 5.75 21.51 2.27
C MET B 139 4.30 21.09 2.58
N VAL B 140 4.12 20.17 3.52
CA VAL B 140 2.79 19.74 3.97
C VAL B 140 2.04 20.90 4.63
N LYS B 141 2.71 21.64 5.50
CA LYS B 141 2.04 22.71 6.20
C LYS B 141 1.79 23.90 5.27
N ASN B 142 2.54 23.98 4.21
CA ASN B 142 2.28 25.00 3.22
C ASN B 142 1.15 24.58 2.28
N LYS B 143 1.03 23.28 2.08
CA LYS B 143 -0.01 22.70 1.26
C LYS B 143 -1.37 22.83 1.93
N THR B 144 -1.44 22.45 3.20
CA THR B 144 -2.70 22.39 3.90
C THR B 144 -2.72 23.20 5.19
N GLY B 145 -1.60 23.28 5.81
CA GLY B 145 -1.48 23.93 7.08
C GLY B 145 -1.26 22.93 8.19
N VAL B 146 -1.44 21.65 7.86
CA VAL B 146 -1.28 20.57 8.83
C VAL B 146 0.14 20.51 9.35
N SER B 147 0.29 20.77 10.62
CA SER B 147 1.57 20.75 11.24
C SER B 147 1.65 19.57 12.20
N LEU B 148 2.55 18.67 11.93
CA LEU B 148 2.73 17.52 12.76
C LEU B 148 3.93 17.76 13.66
N PRO B 149 3.90 17.28 14.90
CA PRO B 149 5.04 17.39 15.82
C PRO B 149 6.27 16.63 15.31
N GLU B 150 7.43 16.97 15.84
CA GLU B 150 8.68 16.36 15.42
C GLU B 150 8.72 14.88 15.78
N ASP B 151 7.97 14.49 16.81
CA ASP B 151 7.82 13.10 17.22
C ASP B 151 7.30 12.30 16.08
N GLU B 152 6.19 12.77 15.55
CA GLU B 152 5.51 12.11 14.48
C GLU B 152 6.34 12.17 13.21
N ALA B 153 7.04 13.29 13.01
CA ALA B 153 7.96 13.45 11.89
C ALA B 153 9.12 12.45 12.02
N GLY B 154 9.49 12.15 13.25
CA GLY B 154 10.51 11.18 13.53
C GLY B 154 10.09 9.81 13.09
N PHE B 155 8.84 9.46 13.37
CA PHE B 155 8.30 8.19 12.89
C PHE B 155 8.29 8.17 11.37
N ILE B 156 7.95 9.30 10.77
CA ILE B 156 8.01 9.45 9.31
C ILE B 156 9.45 9.22 8.82
N ALA B 157 10.42 9.74 9.56
CA ALA B 157 11.84 9.56 9.24
C ALA B 157 12.23 8.08 9.28
N LEU B 158 11.69 7.32 10.23
CA LEU B 158 11.91 5.88 10.28
C LEU B 158 11.32 5.20 9.04
N HIS B 159 10.18 5.68 8.59
CA HIS B 159 9.60 5.18 7.35
C HIS B 159 10.49 5.53 6.17
N ILE B 160 11.08 6.72 6.21
CA ILE B 160 11.98 7.17 5.16
C ILE B 160 13.24 6.31 5.09
N VAL B 161 13.81 5.94 6.23
CA VAL B 161 15.03 5.16 6.22
C VAL B 161 14.77 3.72 5.75
N ASN B 162 13.54 3.24 5.95
CA ASN B 162 13.16 1.92 5.47
C ASN B 162 12.83 1.97 4.00
N ALA B 163 12.42 3.13 3.55
CA ALA B 163 12.07 3.35 2.18
C ALA B 163 13.26 3.71 1.31
N GLU B 164 14.31 4.25 1.92
CA GLU B 164 15.51 4.59 1.20
C GLU B 164 16.10 3.32 0.64
N LEU B 165 16.29 3.29 -0.67
CA LEU B 165 16.85 2.13 -1.30
C LEU B 165 18.31 2.04 -1.02
N ASN B 166 18.57 1.37 0.02
CA ASN B 166 19.89 1.04 0.43
C ASN B 166 20.36 -0.07 -0.45
N GLU B 167 21.00 0.34 -1.49
CA GLU B 167 21.54 -0.52 -2.47
C GLU B 167 22.75 0.20 -3.00
N LEU B 168 23.81 -0.52 -3.22
CA LEU B 168 25.07 0.08 -3.56
C LEU B 168 25.15 0.40 -5.05
N GLN B 169 24.53 1.49 -5.42
CA GLN B 169 24.53 2.01 -6.77
C GLN B 169 24.53 3.53 -6.73
N MET A 1 -21.57 1.85 -2.11
CA MET A 1 -21.32 1.85 -3.54
C MET A 1 -22.57 1.40 -4.27
N LYS A 2 -22.52 1.41 -5.58
CA LYS A 2 -23.64 1.03 -6.42
C LYS A 2 -23.13 0.69 -7.78
N ILE A 3 -23.94 0.03 -8.54
CA ILE A 3 -23.63 -0.33 -9.92
C ILE A 3 -23.75 0.92 -10.75
N ALA A 4 -22.73 1.27 -11.45
CA ALA A 4 -22.76 2.42 -12.27
C ALA A 4 -22.78 2.03 -13.72
N LYS A 5 -21.87 1.16 -14.07
CA LYS A 5 -21.69 0.79 -15.42
C LYS A 5 -21.90 -0.69 -15.58
N VAL A 6 -22.40 -1.08 -16.70
CA VAL A 6 -22.71 -2.46 -16.99
C VAL A 6 -22.12 -2.81 -18.33
N ILE A 7 -21.24 -3.77 -18.34
CA ILE A 7 -20.61 -4.20 -19.56
C ILE A 7 -21.36 -5.41 -20.09
N ASN A 8 -21.77 -6.24 -19.18
CA ASN A 8 -22.57 -7.41 -19.46
C ASN A 8 -23.14 -7.88 -18.16
N ASN A 9 -23.85 -8.95 -18.18
CA ASN A 9 -24.50 -9.47 -17.00
C ASN A 9 -23.51 -9.92 -15.93
N ASN A 10 -22.44 -10.53 -16.33
CA ASN A 10 -21.49 -11.03 -15.37
C ASN A 10 -20.42 -10.01 -15.02
N VAL A 11 -20.21 -9.04 -15.87
CA VAL A 11 -19.19 -8.05 -15.61
C VAL A 11 -19.82 -6.68 -15.51
N ILE A 12 -19.63 -6.04 -14.39
CA ILE A 12 -20.18 -4.74 -14.13
C ILE A 12 -19.13 -3.83 -13.53
N SER A 13 -19.43 -2.58 -13.54
CA SER A 13 -18.59 -1.55 -13.05
C SER A 13 -19.33 -0.80 -11.96
N VAL A 14 -18.79 -0.84 -10.78
CA VAL A 14 -19.41 -0.22 -9.64
C VAL A 14 -18.50 0.90 -9.13
N VAL A 15 -19.06 1.94 -8.60
CA VAL A 15 -18.25 3.05 -8.11
C VAL A 15 -18.48 3.23 -6.63
N ASN A 16 -17.39 3.34 -5.88
CA ASN A 16 -17.48 3.56 -4.47
C ASN A 16 -17.26 5.04 -4.16
N GLU A 17 -17.24 5.35 -2.88
CA GLU A 17 -17.23 6.73 -2.36
C GLU A 17 -15.95 7.50 -2.73
N GLN A 18 -14.89 6.78 -2.92
CA GLN A 18 -13.60 7.36 -3.21
C GLN A 18 -13.40 7.60 -4.70
N GLY A 19 -14.47 7.44 -5.49
CA GLY A 19 -14.41 7.75 -6.91
C GLY A 19 -13.66 6.70 -7.68
N LYS A 20 -13.64 5.52 -7.16
CA LYS A 20 -13.00 4.44 -7.81
C LYS A 20 -14.00 3.50 -8.37
N GLU A 21 -13.82 3.20 -9.60
CA GLU A 21 -14.63 2.25 -10.29
C GLU A 21 -14.03 0.89 -9.99
N LEU A 22 -14.85 -0.08 -9.85
CA LEU A 22 -14.42 -1.41 -9.63
C LEU A 22 -15.13 -2.28 -10.63
N VAL A 23 -14.41 -3.13 -11.26
CA VAL A 23 -14.97 -4.05 -12.20
C VAL A 23 -15.15 -5.36 -11.50
N VAL A 24 -16.36 -5.70 -11.28
CA VAL A 24 -16.67 -6.87 -10.56
C VAL A 24 -17.20 -7.90 -11.50
N MET A 25 -16.60 -9.05 -11.50
CA MET A 25 -17.06 -10.12 -12.33
C MET A 25 -17.67 -11.15 -11.43
N GLY A 26 -18.91 -11.35 -11.63
CA GLY A 26 -19.63 -12.29 -10.90
C GLY A 26 -20.69 -12.84 -11.74
N ARG A 27 -20.96 -14.05 -11.51
CA ARG A 27 -21.87 -14.78 -12.33
C ARG A 27 -23.29 -14.28 -12.16
N GLY A 28 -23.79 -13.62 -13.18
CA GLY A 28 -25.12 -13.07 -13.16
C GLY A 28 -25.27 -11.95 -12.16
N LEU A 29 -24.42 -10.95 -12.26
CA LEU A 29 -24.48 -9.83 -11.37
C LEU A 29 -25.51 -8.82 -11.80
N ALA A 30 -25.60 -8.58 -13.08
CA ALA A 30 -26.52 -7.58 -13.58
C ALA A 30 -27.93 -8.11 -13.71
N PHE A 31 -28.04 -9.43 -13.75
CA PHE A 31 -29.32 -10.11 -13.76
C PHE A 31 -30.19 -9.63 -12.60
N GLN A 32 -31.28 -8.96 -12.96
CA GLN A 32 -32.28 -8.41 -12.06
C GLN A 32 -31.75 -7.20 -11.27
N LYS A 33 -30.74 -6.59 -11.80
CA LYS A 33 -30.14 -5.42 -11.20
C LYS A 33 -29.98 -4.33 -12.22
N LYS A 34 -29.86 -3.13 -11.73
CA LYS A 34 -29.79 -1.96 -12.55
C LYS A 34 -28.74 -1.02 -11.99
N SER A 35 -28.38 -0.02 -12.75
CA SER A 35 -27.45 0.96 -12.30
C SER A 35 -28.07 1.76 -11.15
N GLY A 36 -27.38 1.80 -10.04
CA GLY A 36 -27.86 2.47 -8.87
C GLY A 36 -28.25 1.51 -7.79
N ASP A 37 -28.21 0.25 -8.13
CA ASP A 37 -28.58 -0.79 -7.22
C ASP A 37 -27.33 -1.31 -6.50
N ASP A 38 -27.53 -1.95 -5.37
CA ASP A 38 -26.43 -2.46 -4.55
C ASP A 38 -25.85 -3.74 -5.13
N VAL A 39 -24.56 -3.84 -5.04
CA VAL A 39 -23.81 -4.94 -5.60
C VAL A 39 -23.96 -6.20 -4.74
N ASP A 40 -24.19 -7.33 -5.37
CA ASP A 40 -24.29 -8.56 -4.65
C ASP A 40 -22.89 -9.10 -4.43
N GLU A 41 -22.49 -9.19 -3.20
CA GLU A 41 -21.15 -9.62 -2.87
C GLU A 41 -20.95 -11.13 -2.83
N ALA A 42 -22.02 -11.85 -2.98
CA ALA A 42 -21.93 -13.31 -2.94
C ALA A 42 -21.65 -13.89 -4.31
N ARG A 43 -22.16 -13.25 -5.34
CA ARG A 43 -21.96 -13.73 -6.73
C ARG A 43 -20.57 -13.39 -7.25
N ILE A 44 -19.86 -12.54 -6.53
CA ILE A 44 -18.53 -12.05 -6.91
C ILE A 44 -17.49 -13.15 -7.01
N GLU A 45 -16.94 -13.31 -8.19
CA GLU A 45 -15.91 -14.27 -8.43
C GLU A 45 -14.56 -13.57 -8.61
N LYS A 46 -14.58 -12.42 -9.26
CA LYS A 46 -13.36 -11.63 -9.47
C LYS A 46 -13.67 -10.18 -9.17
N VAL A 47 -12.74 -9.50 -8.56
CA VAL A 47 -12.86 -8.09 -8.33
C VAL A 47 -11.69 -7.45 -9.03
N PHE A 48 -11.89 -6.33 -9.64
CA PHE A 48 -10.82 -5.57 -10.20
C PHE A 48 -10.98 -4.15 -9.72
N THR A 49 -9.92 -3.57 -9.26
CA THR A 49 -9.96 -2.24 -8.72
C THR A 49 -9.24 -1.24 -9.65
N LEU A 50 -9.77 -0.02 -9.72
CA LEU A 50 -9.29 1.00 -10.63
C LEU A 50 -7.96 1.64 -10.21
N ASP A 51 -7.09 1.67 -11.17
CA ASP A 51 -5.84 2.34 -11.18
C ASP A 51 -5.91 3.38 -12.30
N ASN A 52 -5.39 4.54 -12.05
CA ASN A 52 -5.39 5.56 -13.06
C ASN A 52 -3.96 5.74 -13.52
N LYS A 53 -3.73 5.47 -14.80
CA LYS A 53 -2.40 5.53 -15.41
C LYS A 53 -1.74 6.88 -15.20
N ASP A 54 -2.55 7.86 -15.20
CA ASP A 54 -2.14 9.23 -15.23
C ASP A 54 -2.04 9.84 -13.85
N VAL A 55 -2.38 9.09 -12.83
CA VAL A 55 -2.33 9.60 -11.48
C VAL A 55 -1.48 8.68 -10.60
N SER A 56 -1.53 7.42 -10.85
CA SER A 56 -0.86 6.48 -10.05
C SER A 56 0.39 5.96 -10.76
N GLU A 57 1.51 6.60 -10.54
CA GLU A 57 2.76 6.16 -11.12
C GLU A 57 3.43 5.07 -10.27
N LYS A 58 3.78 5.41 -9.06
CA LYS A 58 4.42 4.46 -8.14
C LYS A 58 3.41 3.61 -7.42
N PHE A 59 2.17 4.07 -7.40
CA PHE A 59 1.09 3.32 -6.78
C PHE A 59 0.75 2.06 -7.59
N LYS A 60 1.13 2.08 -8.85
CA LYS A 60 0.83 1.01 -9.76
C LYS A 60 1.77 -0.17 -9.52
N THR A 61 3.02 0.16 -9.27
CA THR A 61 4.06 -0.81 -9.09
C THR A 61 3.92 -1.71 -7.86
N LEU A 62 3.06 -1.35 -6.92
CA LEU A 62 2.77 -2.25 -5.81
C LEU A 62 1.98 -3.43 -6.31
N LEU A 63 0.84 -3.14 -6.90
CA LEU A 63 -0.14 -4.14 -7.29
C LEU A 63 0.35 -5.02 -8.45
N TYR A 64 1.36 -4.55 -9.15
CA TYR A 64 1.97 -5.29 -10.23
C TYR A 64 3.18 -6.12 -9.78
N ASP A 65 3.73 -5.83 -8.60
CA ASP A 65 4.98 -6.47 -8.17
C ASP A 65 4.83 -7.19 -6.83
N ILE A 66 3.62 -7.39 -6.40
CA ILE A 66 3.37 -8.10 -5.17
C ILE A 66 2.86 -9.50 -5.42
N PRO A 67 3.69 -10.52 -5.12
CA PRO A 67 3.32 -11.91 -5.29
C PRO A 67 2.47 -12.42 -4.11
N ILE A 68 1.79 -13.53 -4.34
CA ILE A 68 0.87 -14.11 -3.36
C ILE A 68 1.56 -14.50 -2.05
N GLU A 69 2.77 -15.07 -2.13
CA GLU A 69 3.51 -15.51 -0.94
C GLU A 69 3.78 -14.33 -0.02
N CYS A 70 4.39 -13.29 -0.56
CA CYS A 70 4.73 -12.11 0.22
C CYS A 70 3.48 -11.43 0.78
N MET A 71 2.39 -11.47 0.01
CA MET A 71 1.13 -10.90 0.45
C MET A 71 0.57 -11.71 1.62
N GLU A 72 0.67 -13.03 1.54
CA GLU A 72 0.21 -13.91 2.59
C GLU A 72 0.99 -13.65 3.84
N VAL A 73 2.30 -13.61 3.69
CA VAL A 73 3.20 -13.43 4.81
C VAL A 73 2.88 -12.16 5.55
N SER A 74 2.71 -11.08 4.80
CA SER A 74 2.45 -9.78 5.42
C SER A 74 1.13 -9.81 6.16
N GLU A 75 0.12 -10.37 5.52
CA GLU A 75 -1.22 -10.34 6.04
C GLU A 75 -1.28 -11.20 7.32
N GLU A 76 -0.58 -12.31 7.27
CA GLU A 76 -0.58 -13.25 8.35
C GLU A 76 0.28 -12.74 9.53
N ILE A 77 1.35 -11.99 9.23
CA ILE A 77 2.17 -11.35 10.28
C ILE A 77 1.29 -10.39 11.06
N ILE A 78 0.54 -9.62 10.31
CA ILE A 78 -0.33 -8.61 10.87
C ILE A 78 -1.45 -9.25 11.66
N SER A 79 -1.92 -10.40 11.20
CA SER A 79 -2.93 -11.12 11.92
C SER A 79 -2.38 -11.63 13.25
N TYR A 80 -1.15 -12.15 13.22
CA TYR A 80 -0.50 -12.64 14.42
C TYR A 80 -0.28 -11.50 15.40
N ALA A 81 0.13 -10.37 14.87
CA ALA A 81 0.35 -9.18 15.66
C ALA A 81 -0.96 -8.72 16.27
N LYS A 82 -2.00 -8.71 15.45
CA LYS A 82 -3.34 -8.30 15.84
C LYS A 82 -3.85 -9.19 16.97
N LEU A 83 -3.64 -10.47 16.83
CA LEU A 83 -4.06 -11.46 17.80
C LEU A 83 -3.38 -11.24 19.14
N GLN A 84 -2.11 -10.96 19.11
CA GLN A 84 -1.35 -10.80 20.31
C GLN A 84 -1.52 -9.43 20.95
N LEU A 85 -1.50 -8.39 20.13
CA LEU A 85 -1.63 -7.03 20.62
C LEU A 85 -3.04 -6.75 21.12
N GLY A 86 -4.02 -7.33 20.43
CA GLY A 86 -5.41 -7.12 20.80
C GLY A 86 -5.89 -5.74 20.37
N LYS A 87 -5.12 -5.15 19.49
CA LYS A 87 -5.39 -3.82 19.01
C LYS A 87 -5.76 -3.91 17.55
N LYS A 88 -6.25 -2.84 17.01
CA LYS A 88 -6.51 -2.75 15.59
C LYS A 88 -5.28 -2.18 14.96
N LEU A 89 -4.94 -2.65 13.80
CA LEU A 89 -3.74 -2.21 13.16
C LEU A 89 -4.05 -1.37 11.93
N ASN A 90 -3.53 -0.15 11.95
CA ASN A 90 -3.63 0.84 10.88
C ASN A 90 -3.07 0.28 9.58
N ASP A 91 -3.85 0.45 8.54
CA ASP A 91 -3.68 -0.18 7.24
C ASP A 91 -2.39 0.15 6.51
N SER A 92 -1.66 1.15 6.98
CA SER A 92 -0.40 1.50 6.36
C SER A 92 0.64 0.37 6.55
N ILE A 93 0.41 -0.49 7.55
CA ILE A 93 1.36 -1.57 7.87
C ILE A 93 1.27 -2.75 6.86
N TYR A 94 0.10 -2.96 6.25
CA TYR A 94 -0.10 -4.13 5.36
C TYR A 94 0.75 -4.04 4.14
N VAL A 95 0.62 -2.94 3.45
CA VAL A 95 1.35 -2.77 2.21
C VAL A 95 2.83 -2.47 2.47
N SER A 96 3.14 -1.98 3.65
CA SER A 96 4.50 -1.74 3.97
C SER A 96 5.24 -3.03 4.28
N LEU A 97 4.57 -3.98 4.92
CA LEU A 97 5.22 -5.22 5.28
C LEU A 97 5.47 -6.11 4.09
N THR A 98 4.65 -6.01 3.06
CA THR A 98 4.90 -6.79 1.86
C THR A 98 6.20 -6.37 1.22
N ASN A 99 6.42 -5.09 1.15
CA ASN A 99 7.65 -4.64 0.56
C ASN A 99 8.78 -4.72 1.53
N HIS A 100 8.47 -4.68 2.80
CA HIS A 100 9.46 -4.77 3.86
C HIS A 100 10.05 -6.17 3.80
N ILE A 101 9.16 -7.17 3.69
CA ILE A 101 9.60 -8.55 3.58
C ILE A 101 10.32 -8.76 2.25
N ASN A 102 9.82 -8.11 1.20
CA ASN A 102 10.44 -8.22 -0.11
C ASN A 102 11.85 -7.65 -0.06
N PHE A 103 12.01 -6.49 0.55
CA PHE A 103 13.32 -5.87 0.66
C PHE A 103 14.22 -6.66 1.56
N ALA A 104 13.67 -7.25 2.60
CA ALA A 104 14.44 -8.09 3.49
C ALA A 104 14.95 -9.30 2.73
N ILE A 105 14.08 -9.89 1.92
CA ILE A 105 14.46 -11.02 1.06
C ILE A 105 15.54 -10.57 0.08
N GLN A 106 15.35 -9.43 -0.55
CA GLN A 106 16.30 -8.92 -1.55
C GLN A 106 17.65 -8.64 -0.90
N ARG A 107 17.63 -8.11 0.31
CA ARG A 107 18.86 -7.81 1.02
C ARG A 107 19.52 -9.07 1.55
N ASN A 108 18.71 -10.06 1.88
CA ASN A 108 19.20 -11.37 2.30
C ASN A 108 19.96 -12.00 1.14
N GLN A 109 19.38 -11.89 -0.05
CA GLN A 109 19.97 -12.39 -1.29
C GLN A 109 21.26 -11.66 -1.61
N LYS A 110 21.22 -10.35 -1.55
CA LYS A 110 22.35 -9.51 -1.92
C LYS A 110 23.42 -9.42 -0.81
N GLY A 111 23.17 -10.09 0.30
CA GLY A 111 24.13 -10.17 1.39
C GLY A 111 24.33 -8.86 2.10
N LEU A 112 23.28 -8.08 2.19
CA LEU A 112 23.34 -6.80 2.81
C LEU A 112 22.45 -6.76 4.05
N ASP A 113 22.94 -6.15 5.09
CA ASP A 113 22.21 -6.00 6.32
C ASP A 113 21.90 -4.55 6.54
N ILE A 114 20.64 -4.23 6.59
CA ILE A 114 20.23 -2.88 6.87
C ILE A 114 20.04 -2.73 8.38
N LYS A 115 21.13 -2.42 9.03
CA LYS A 115 21.17 -2.43 10.46
C LYS A 115 20.66 -1.14 11.07
N ASN A 116 19.55 -1.28 11.76
CA ASN A 116 18.90 -0.22 12.50
C ASN A 116 19.82 0.29 13.61
N ALA A 117 20.16 1.56 13.57
CA ALA A 117 21.06 2.14 14.58
C ALA A 117 20.31 2.57 15.81
N LEU A 118 19.04 2.40 15.76
CA LEU A 118 18.18 2.68 16.88
C LEU A 118 17.71 1.35 17.44
N LEU A 119 18.48 0.31 17.11
CA LEU A 119 18.18 -1.07 17.46
C LEU A 119 17.94 -1.24 18.93
N TRP A 120 18.92 -0.87 19.71
CA TRP A 120 18.87 -1.08 21.15
C TRP A 120 17.84 -0.19 21.81
N GLU A 121 17.71 1.01 21.28
CA GLU A 121 16.72 1.97 21.74
C GLU A 121 15.33 1.40 21.53
N THR A 122 15.09 0.90 20.33
CA THR A 122 13.82 0.30 19.94
C THR A 122 13.55 -0.94 20.81
N LYS A 123 14.58 -1.77 20.96
CA LYS A 123 14.52 -3.03 21.70
C LYS A 123 14.16 -2.75 23.18
N ARG A 124 14.65 -1.66 23.71
CA ARG A 124 14.38 -1.26 25.07
C ARG A 124 13.04 -0.53 25.23
N LEU A 125 12.83 0.51 24.46
CA LEU A 125 11.65 1.34 24.61
C LEU A 125 10.37 0.65 24.17
N TYR A 126 10.41 -0.02 23.06
CA TYR A 126 9.25 -0.70 22.54
C TYR A 126 9.34 -2.18 22.84
N LYS A 127 9.85 -2.50 24.03
CA LYS A 127 10.14 -3.88 24.46
C LYS A 127 9.01 -4.84 24.18
N ASP A 128 7.79 -4.41 24.46
CA ASP A 128 6.63 -5.27 24.30
C ASP A 128 6.23 -5.45 22.85
N GLU A 129 6.12 -4.36 22.13
CA GLU A 129 5.76 -4.40 20.71
C GLU A 129 6.84 -5.10 19.90
N PHE A 130 8.08 -4.85 20.28
CA PHE A 130 9.24 -5.45 19.64
C PHE A 130 9.21 -6.94 19.87
N ALA A 131 8.80 -7.34 21.07
CA ALA A 131 8.68 -8.74 21.43
C ALA A 131 7.63 -9.41 20.56
N ILE A 132 6.52 -8.73 20.32
CA ILE A 132 5.47 -9.23 19.44
C ILE A 132 6.03 -9.37 18.02
N GLY A 133 6.87 -8.42 17.63
CA GLY A 133 7.55 -8.50 16.36
C GLY A 133 8.48 -9.70 16.30
N LYS A 134 9.11 -10.01 17.43
CA LYS A 134 9.99 -11.17 17.55
C LYS A 134 9.18 -12.47 17.49
N GLU A 135 8.04 -12.47 18.15
CA GLU A 135 7.13 -13.62 18.11
C GLU A 135 6.69 -13.87 16.67
N ALA A 136 6.35 -12.78 15.99
CA ALA A 136 5.97 -12.84 14.60
C ALA A 136 7.15 -13.29 13.75
N LEU A 137 8.33 -12.82 14.09
CA LEU A 137 9.57 -13.20 13.41
C LEU A 137 9.79 -14.70 13.48
N VAL A 138 9.56 -15.28 14.67
CA VAL A 138 9.68 -16.72 14.85
C VAL A 138 8.62 -17.43 14.00
N MET A 139 7.44 -16.87 13.98
CA MET A 139 6.33 -17.38 13.19
C MET A 139 6.68 -17.37 11.68
N VAL A 140 7.31 -16.28 11.24
CA VAL A 140 7.76 -16.12 9.84
C VAL A 140 8.90 -17.10 9.55
N LYS A 141 9.76 -17.28 10.52
CA LYS A 141 10.88 -18.20 10.43
C LYS A 141 10.33 -19.61 10.23
N ASN A 142 9.29 -19.92 10.97
CA ASN A 142 8.61 -21.22 10.85
C ASN A 142 7.91 -21.35 9.52
N LYS A 143 7.38 -20.24 9.01
CA LYS A 143 6.74 -20.23 7.71
C LYS A 143 7.70 -20.50 6.58
N THR A 144 8.81 -19.82 6.58
CA THR A 144 9.63 -19.79 5.40
C THR A 144 10.97 -20.49 5.54
N GLY A 145 11.51 -20.43 6.72
CA GLY A 145 12.86 -20.89 6.93
C GLY A 145 13.84 -19.74 6.77
N VAL A 146 13.29 -18.54 6.55
CA VAL A 146 14.09 -17.32 6.42
C VAL A 146 14.11 -16.66 7.79
N SER A 147 15.20 -16.04 8.14
CA SER A 147 15.32 -15.39 9.40
C SER A 147 15.84 -13.97 9.23
N LEU A 148 15.07 -13.02 9.68
CA LEU A 148 15.43 -11.62 9.60
C LEU A 148 16.12 -11.23 10.91
N PRO A 149 17.04 -10.27 10.88
CA PRO A 149 17.71 -9.80 12.08
C PRO A 149 16.83 -8.82 12.87
N GLU A 150 17.24 -8.51 14.10
CA GLU A 150 16.48 -7.62 14.97
C GLU A 150 16.36 -6.18 14.42
N ASP A 151 17.25 -5.82 13.52
CA ASP A 151 17.21 -4.51 12.84
C ASP A 151 15.92 -4.33 12.08
N GLU A 152 15.65 -5.24 11.16
CA GLU A 152 14.40 -5.26 10.41
C GLU A 152 13.21 -5.37 11.34
N ALA A 153 13.35 -6.20 12.36
CA ALA A 153 12.29 -6.38 13.35
C ALA A 153 12.00 -5.07 14.08
N GLY A 154 13.03 -4.25 14.22
CA GLY A 154 12.89 -2.96 14.83
C GLY A 154 12.09 -2.03 13.98
N PHE A 155 12.36 -2.03 12.68
CA PHE A 155 11.60 -1.20 11.76
C PHE A 155 10.15 -1.69 11.73
N ILE A 156 9.98 -3.00 11.73
CA ILE A 156 8.67 -3.61 11.80
C ILE A 156 7.95 -3.15 13.08
N ALA A 157 8.69 -3.07 14.19
CA ALA A 157 8.15 -2.60 15.46
C ALA A 157 7.65 -1.15 15.35
N LEU A 158 8.38 -0.32 14.61
CA LEU A 158 7.94 1.06 14.35
C LEU A 158 6.65 1.06 13.55
N HIS A 159 6.56 0.20 12.59
CA HIS A 159 5.34 0.07 11.81
C HIS A 159 4.20 -0.47 12.68
N ILE A 160 4.55 -1.31 13.63
CA ILE A 160 3.60 -1.85 14.60
C ILE A 160 3.05 -0.76 15.53
N VAL A 161 3.89 0.15 15.99
CA VAL A 161 3.44 1.17 16.89
C VAL A 161 2.53 2.19 16.20
N ASN A 162 2.75 2.42 14.90
CA ASN A 162 1.85 3.29 14.13
C ASN A 162 0.65 2.54 13.65
N ALA A 163 0.76 1.23 13.71
CA ALA A 163 -0.34 0.38 13.41
C ALA A 163 -1.30 0.37 14.57
N GLU A 164 -0.76 0.44 15.76
CA GLU A 164 -1.54 0.43 16.96
C GLU A 164 -2.33 1.74 17.14
N LEU A 165 -3.64 1.65 17.03
CA LEU A 165 -4.49 2.77 17.31
C LEU A 165 -4.64 2.94 18.80
N ASN A 166 -4.39 4.14 19.26
CA ASN A 166 -4.47 4.46 20.69
C ASN A 166 -5.88 4.78 21.13
N GLU A 167 -6.75 3.87 20.86
CA GLU A 167 -8.14 3.96 21.21
C GLU A 167 -8.47 2.72 22.02
N LEU A 168 -8.81 2.93 23.28
CA LEU A 168 -9.07 1.82 24.14
C LEU A 168 -10.56 1.57 24.20
N GLN A 169 -10.97 0.58 23.48
CA GLN A 169 -12.35 0.18 23.42
C GLN A 169 -12.38 -1.26 23.00
N MET B 1 2.71 -6.40 -22.97
CA MET B 1 1.64 -7.21 -22.40
C MET B 1 0.93 -7.89 -23.54
N LYS B 2 -0.14 -8.57 -23.26
CA LYS B 2 -0.97 -9.13 -24.30
C LYS B 2 -2.36 -9.28 -23.81
N ILE B 3 -3.26 -9.23 -24.73
CA ILE B 3 -4.68 -9.40 -24.47
C ILE B 3 -4.98 -10.87 -24.30
N ALA B 4 -5.66 -11.19 -23.25
CA ALA B 4 -6.05 -12.54 -22.97
C ALA B 4 -7.56 -12.70 -23.12
N LYS B 5 -8.30 -11.66 -22.77
CA LYS B 5 -9.73 -11.71 -22.85
C LYS B 5 -10.26 -10.40 -23.43
N VAL B 6 -11.30 -10.48 -24.21
CA VAL B 6 -11.87 -9.32 -24.85
C VAL B 6 -13.34 -9.27 -24.55
N ILE B 7 -13.80 -8.18 -24.00
CA ILE B 7 -15.18 -8.05 -23.72
C ILE B 7 -15.83 -7.19 -24.80
N ASN B 8 -15.11 -6.17 -25.19
CA ASN B 8 -15.55 -5.24 -26.23
C ASN B 8 -14.34 -4.49 -26.72
N ASN B 9 -14.52 -3.61 -27.68
CA ASN B 9 -13.41 -2.87 -28.26
C ASN B 9 -12.75 -1.91 -27.27
N ASN B 10 -13.53 -1.36 -26.39
CA ASN B 10 -12.98 -0.41 -25.45
C ASN B 10 -12.48 -1.09 -24.18
N VAL B 11 -12.97 -2.26 -23.89
CA VAL B 11 -12.59 -2.93 -22.67
C VAL B 11 -12.01 -4.30 -22.98
N ILE B 12 -10.79 -4.50 -22.55
CA ILE B 12 -10.09 -5.73 -22.76
C ILE B 12 -9.47 -6.24 -21.46
N SER B 13 -9.04 -7.44 -21.50
CA SER B 13 -8.50 -8.12 -20.40
C SER B 13 -7.13 -8.65 -20.74
N VAL B 14 -6.17 -8.29 -19.95
CA VAL B 14 -4.81 -8.72 -20.17
C VAL B 14 -4.32 -9.46 -18.95
N VAL B 15 -3.22 -10.13 -19.09
CA VAL B 15 -2.57 -10.80 -17.98
C VAL B 15 -1.16 -10.27 -17.97
N ASN B 16 -0.73 -9.76 -16.84
CA ASN B 16 0.61 -9.21 -16.74
C ASN B 16 1.57 -10.27 -16.20
N GLU B 17 2.78 -9.83 -15.87
CA GLU B 17 3.87 -10.71 -15.45
C GLU B 17 3.55 -11.46 -14.17
N GLN B 18 2.87 -10.80 -13.26
CA GLN B 18 2.58 -11.36 -11.94
C GLN B 18 1.42 -12.37 -12.00
N GLY B 19 0.87 -12.57 -13.18
CA GLY B 19 -0.19 -13.55 -13.35
C GLY B 19 -1.54 -13.01 -12.96
N LYS B 20 -1.68 -11.71 -12.97
CA LYS B 20 -2.93 -11.12 -12.68
C LYS B 20 -3.62 -10.68 -13.90
N GLU B 21 -4.89 -10.93 -13.92
CA GLU B 21 -5.74 -10.47 -14.97
C GLU B 21 -6.00 -8.99 -14.70
N LEU B 22 -6.01 -8.21 -15.73
CA LEU B 22 -6.24 -6.81 -15.63
C LEU B 22 -7.28 -6.44 -16.65
N VAL B 23 -8.16 -5.57 -16.29
CA VAL B 23 -9.18 -5.09 -17.18
C VAL B 23 -8.83 -3.67 -17.53
N VAL B 24 -8.54 -3.43 -18.76
CA VAL B 24 -8.12 -2.12 -19.16
C VAL B 24 -9.17 -1.53 -20.07
N MET B 25 -9.51 -0.29 -19.83
CA MET B 25 -10.50 0.40 -20.62
C MET B 25 -9.86 1.59 -21.31
N GLY B 26 -10.16 1.72 -22.56
CA GLY B 26 -9.71 2.82 -23.33
C GLY B 26 -10.46 2.87 -24.60
N ARG B 27 -10.51 3.99 -25.21
CA ARG B 27 -11.29 4.15 -26.40
C ARG B 27 -10.60 3.52 -27.59
N GLY B 28 -11.07 2.36 -27.96
CA GLY B 28 -10.53 1.63 -29.06
C GLY B 28 -9.26 0.93 -28.72
N LEU B 29 -9.32 0.11 -27.70
CA LEU B 29 -8.17 -0.64 -27.28
C LEU B 29 -8.05 -1.91 -28.08
N ALA B 30 -9.18 -2.51 -28.41
CA ALA B 30 -9.15 -3.71 -29.20
C ALA B 30 -9.00 -3.38 -30.67
N PHE B 31 -9.33 -2.14 -31.01
CA PHE B 31 -9.06 -1.58 -32.33
C PHE B 31 -7.59 -1.80 -32.73
N GLN B 32 -7.43 -2.67 -33.74
CA GLN B 32 -6.13 -3.09 -34.31
C GLN B 32 -5.40 -4.09 -33.45
N LYS B 33 -6.03 -4.46 -32.40
CA LYS B 33 -5.52 -5.40 -31.44
C LYS B 33 -6.28 -6.71 -31.56
N LYS B 34 -5.79 -7.72 -30.87
CA LYS B 34 -6.38 -9.05 -30.84
C LYS B 34 -5.80 -9.79 -29.63
N SER B 35 -6.30 -10.97 -29.33
CA SER B 35 -5.75 -11.76 -28.26
C SER B 35 -4.33 -12.24 -28.62
N GLY B 36 -3.42 -12.09 -27.69
CA GLY B 36 -2.05 -12.45 -27.95
C GLY B 36 -1.25 -11.28 -28.45
N ASP B 37 -1.94 -10.20 -28.67
CA ASP B 37 -1.36 -8.98 -29.15
C ASP B 37 -1.21 -8.00 -28.00
N ASP B 38 -0.32 -7.07 -28.15
CA ASP B 38 0.02 -6.13 -27.10
C ASP B 38 -0.88 -4.88 -27.16
N VAL B 39 -1.21 -4.39 -25.99
CA VAL B 39 -2.13 -3.29 -25.83
C VAL B 39 -1.42 -1.94 -25.91
N ASP B 40 -2.05 -1.02 -26.58
CA ASP B 40 -1.56 0.34 -26.76
C ASP B 40 -1.62 1.08 -25.45
N GLU B 41 -0.51 1.66 -25.06
CA GLU B 41 -0.38 2.31 -23.76
C GLU B 41 -0.88 3.75 -23.71
N ALA B 42 -1.11 4.33 -24.85
CA ALA B 42 -1.59 5.70 -24.92
C ALA B 42 -3.10 5.73 -24.73
N ARG B 43 -3.76 4.73 -25.30
CA ARG B 43 -5.21 4.58 -25.22
C ARG B 43 -5.66 4.00 -23.88
N ILE B 44 -4.72 3.69 -23.03
CA ILE B 44 -5.03 3.21 -21.71
C ILE B 44 -5.50 4.35 -20.83
N GLU B 45 -6.78 4.42 -20.64
CA GLU B 45 -7.37 5.41 -19.79
C GLU B 45 -7.47 4.88 -18.39
N LYS B 46 -8.07 3.73 -18.29
CA LYS B 46 -8.44 3.17 -17.01
C LYS B 46 -7.89 1.78 -16.91
N VAL B 47 -7.24 1.49 -15.83
CA VAL B 47 -6.70 0.18 -15.59
C VAL B 47 -7.40 -0.39 -14.38
N PHE B 48 -7.78 -1.61 -14.44
CA PHE B 48 -8.33 -2.27 -13.31
C PHE B 48 -7.50 -3.51 -13.05
N THR B 49 -7.04 -3.63 -11.86
CA THR B 49 -6.19 -4.74 -11.50
C THR B 49 -6.94 -5.70 -10.58
N LEU B 50 -6.71 -7.00 -10.79
CA LEU B 50 -7.36 -8.05 -10.05
C LEU B 50 -7.13 -7.97 -8.52
N ASP B 51 -8.23 -8.01 -7.85
CA ASP B 51 -8.36 -8.03 -6.41
C ASP B 51 -9.05 -9.32 -6.04
N ASN B 52 -8.60 -9.93 -4.99
CA ASN B 52 -9.19 -11.15 -4.52
C ASN B 52 -9.79 -10.88 -3.17
N LYS B 53 -11.12 -10.90 -3.11
CA LYS B 53 -11.87 -10.54 -1.89
C LYS B 53 -11.56 -11.45 -0.72
N ASP B 54 -11.06 -12.59 -1.01
CA ASP B 54 -10.83 -13.60 -0.02
C ASP B 54 -9.44 -13.53 0.55
N VAL B 55 -8.50 -13.18 -0.26
CA VAL B 55 -7.13 -13.16 0.16
C VAL B 55 -6.69 -11.73 0.48
N SER B 56 -7.18 -10.79 -0.28
CA SER B 56 -6.76 -9.44 -0.18
C SER B 56 -7.77 -8.62 0.63
N GLU B 57 -8.56 -9.29 1.45
CA GLU B 57 -9.58 -8.62 2.29
C GLU B 57 -8.97 -7.53 3.19
N LYS B 58 -7.80 -7.82 3.71
CA LYS B 58 -7.06 -6.92 4.56
C LYS B 58 -6.26 -5.89 3.77
N PHE B 59 -6.04 -6.17 2.52
CA PHE B 59 -5.32 -5.29 1.62
C PHE B 59 -6.28 -4.29 0.95
N LYS B 60 -7.52 -4.67 0.95
CA LYS B 60 -8.60 -3.94 0.34
C LYS B 60 -8.86 -2.57 1.03
N THR B 61 -8.56 -2.51 2.31
CA THR B 61 -8.81 -1.32 3.11
C THR B 61 -8.05 -0.11 2.61
N LEU B 62 -6.89 -0.34 2.03
CA LEU B 62 -6.11 0.74 1.47
C LEU B 62 -6.79 1.30 0.23
N LEU B 63 -6.96 0.43 -0.74
CA LEU B 63 -7.43 0.81 -2.07
C LEU B 63 -8.87 1.34 -2.05
N TYR B 64 -9.60 1.05 -1.01
CA TYR B 64 -10.96 1.50 -0.89
C TYR B 64 -11.13 2.69 0.04
N ASP B 65 -10.08 3.11 0.75
CA ASP B 65 -10.28 4.19 1.72
C ASP B 65 -9.38 5.38 1.50
N ILE B 66 -8.37 5.19 0.71
CA ILE B 66 -7.38 6.24 0.43
C ILE B 66 -8.02 7.46 -0.26
N PRO B 67 -8.02 8.63 0.43
CA PRO B 67 -8.52 9.86 -0.15
C PRO B 67 -7.67 10.26 -1.34
N ILE B 68 -8.32 10.61 -2.44
CA ILE B 68 -7.62 10.92 -3.69
C ILE B 68 -6.64 12.09 -3.53
N GLU B 69 -7.03 13.10 -2.75
CA GLU B 69 -6.19 14.25 -2.51
C GLU B 69 -4.95 13.82 -1.73
N CYS B 70 -5.14 13.01 -0.70
CA CYS B 70 -4.04 12.52 0.11
C CYS B 70 -3.10 11.69 -0.72
N MET B 71 -3.65 10.99 -1.69
CA MET B 71 -2.86 10.17 -2.57
C MET B 71 -1.96 11.02 -3.44
N GLU B 72 -2.51 12.05 -3.99
CA GLU B 72 -1.77 12.92 -4.87
C GLU B 72 -0.75 13.74 -4.07
N VAL B 73 -1.17 14.19 -2.91
CA VAL B 73 -0.32 14.99 -2.06
C VAL B 73 0.81 14.14 -1.48
N SER B 74 0.51 12.91 -1.07
CA SER B 74 1.52 12.09 -0.47
C SER B 74 2.51 11.60 -1.51
N GLU B 75 2.04 11.44 -2.75
CA GLU B 75 2.92 11.08 -3.86
C GLU B 75 3.93 12.21 -3.97
N GLU B 76 3.41 13.42 -3.95
CA GLU B 76 4.20 14.63 -4.07
C GLU B 76 5.16 14.82 -2.88
N ILE B 77 4.76 14.38 -1.68
CA ILE B 77 5.64 14.43 -0.50
C ILE B 77 6.85 13.54 -0.74
N ILE B 78 6.61 12.39 -1.28
CA ILE B 78 7.66 11.45 -1.54
C ILE B 78 8.46 11.91 -2.73
N SER B 79 7.79 12.53 -3.68
CA SER B 79 8.42 13.08 -4.84
C SER B 79 9.33 14.25 -4.42
N TYR B 80 8.94 14.97 -3.37
CA TYR B 80 9.75 16.06 -2.81
C TYR B 80 11.03 15.49 -2.27
N ALA B 81 10.90 14.41 -1.50
CA ALA B 81 12.08 13.74 -0.94
C ALA B 81 12.96 13.19 -2.07
N LYS B 82 12.31 12.61 -3.05
CA LYS B 82 12.93 12.04 -4.24
C LYS B 82 13.60 13.13 -5.10
N LEU B 83 13.03 14.30 -5.08
CA LEU B 83 13.55 15.46 -5.76
C LEU B 83 14.83 15.93 -5.10
N GLN B 84 14.84 15.92 -3.77
CA GLN B 84 15.99 16.38 -3.01
C GLN B 84 17.15 15.39 -3.10
N LEU B 85 16.84 14.11 -2.97
CA LEU B 85 17.85 13.06 -2.96
C LEU B 85 18.34 12.70 -4.37
N GLY B 86 17.42 12.67 -5.33
CA GLY B 86 17.78 12.23 -6.68
C GLY B 86 17.91 10.72 -6.74
N LYS B 87 17.31 10.08 -5.77
CA LYS B 87 17.39 8.66 -5.62
C LYS B 87 15.98 8.13 -5.48
N LYS B 88 15.76 6.91 -5.95
CA LYS B 88 14.43 6.32 -5.94
C LYS B 88 14.10 5.79 -4.55
N LEU B 89 12.82 5.72 -4.28
CA LEU B 89 12.34 5.25 -3.01
C LEU B 89 11.36 4.10 -3.23
N ASN B 90 11.32 3.21 -2.27
CA ASN B 90 10.45 2.04 -2.25
C ASN B 90 8.98 2.47 -2.36
N ASP B 91 8.29 1.87 -3.31
CA ASP B 91 6.89 2.20 -3.69
C ASP B 91 5.94 2.01 -2.53
N SER B 92 6.34 1.19 -1.60
CA SER B 92 5.55 0.90 -0.43
C SER B 92 5.34 2.15 0.42
N ILE B 93 6.32 3.07 0.42
CA ILE B 93 6.23 4.27 1.26
C ILE B 93 5.09 5.16 0.76
N TYR B 94 4.73 4.99 -0.51
CA TYR B 94 3.64 5.72 -1.10
C TYR B 94 2.34 5.29 -0.49
N VAL B 95 2.13 4.01 -0.45
CA VAL B 95 0.88 3.51 0.07
C VAL B 95 0.85 3.61 1.61
N SER B 96 1.99 3.53 2.24
CA SER B 96 2.02 3.66 3.65
C SER B 96 1.81 5.10 4.08
N LEU B 97 2.42 6.06 3.38
CA LEU B 97 2.27 7.44 3.77
C LEU B 97 0.91 7.97 3.47
N THR B 98 0.28 7.51 2.42
CA THR B 98 -1.07 7.96 2.11
C THR B 98 -2.03 7.58 3.22
N ASN B 99 -1.88 6.37 3.75
CA ASN B 99 -2.77 5.95 4.80
C ASN B 99 -2.31 6.52 6.13
N HIS B 100 -1.02 6.84 6.21
CA HIS B 100 -0.41 7.40 7.40
C HIS B 100 -0.85 8.85 7.53
N ILE B 101 -0.80 9.59 6.41
CA ILE B 101 -1.20 10.99 6.37
C ILE B 101 -2.69 11.07 6.63
N ASN B 102 -3.41 10.08 6.13
CA ASN B 102 -4.83 9.94 6.41
C ASN B 102 -5.04 9.88 7.90
N PHE B 103 -4.34 8.97 8.55
CA PHE B 103 -4.42 8.81 9.99
C PHE B 103 -3.91 10.01 10.73
N ALA B 104 -2.93 10.70 10.18
CA ALA B 104 -2.42 11.92 10.78
C ALA B 104 -3.51 12.98 10.77
N ILE B 105 -4.22 13.09 9.66
CA ILE B 105 -5.32 14.04 9.56
C ILE B 105 -6.43 13.64 10.51
N GLN B 106 -6.71 12.35 10.56
CA GLN B 106 -7.74 11.82 11.43
C GLN B 106 -7.36 12.01 12.88
N ARG B 107 -6.10 11.79 13.20
CA ARG B 107 -5.61 11.95 14.57
C ARG B 107 -5.56 13.38 15.00
N ASN B 108 -5.34 14.28 14.05
CA ASN B 108 -5.43 15.71 14.31
C ASN B 108 -6.86 16.06 14.71
N GLN B 109 -7.83 15.56 13.93
CA GLN B 109 -9.25 15.77 14.22
C GLN B 109 -9.64 15.05 15.52
N LYS B 110 -9.02 13.91 15.75
CA LYS B 110 -9.31 13.05 16.88
C LYS B 110 -8.72 13.63 18.15
N GLY B 111 -7.73 14.45 17.99
CA GLY B 111 -6.99 14.99 19.11
C GLY B 111 -6.30 13.87 19.85
N LEU B 112 -5.69 12.98 19.09
CA LEU B 112 -5.05 11.80 19.61
C LEU B 112 -3.57 11.76 19.20
N ASP B 113 -2.74 11.21 20.05
CA ASP B 113 -1.31 11.10 19.79
C ASP B 113 -0.88 9.67 19.54
N ILE B 114 -0.12 9.47 18.49
CA ILE B 114 0.61 8.24 18.28
C ILE B 114 2.08 8.66 18.20
N LYS B 115 2.65 8.79 19.37
CA LYS B 115 3.89 9.47 19.50
C LYS B 115 5.08 8.55 19.32
N ASN B 116 6.15 9.14 18.81
CA ASN B 116 7.37 8.46 18.54
C ASN B 116 8.20 8.44 19.82
N ALA B 117 8.53 7.28 20.33
CA ALA B 117 9.32 7.20 21.56
C ALA B 117 10.80 7.26 21.26
N LEU B 118 11.09 7.29 20.01
CA LEU B 118 12.44 7.45 19.50
C LEU B 118 12.55 8.84 18.92
N LEU B 119 11.66 9.72 19.38
CA LEU B 119 11.57 11.09 18.92
C LEU B 119 12.90 11.79 19.04
N TRP B 120 13.43 11.80 20.24
CA TRP B 120 14.67 12.50 20.51
C TRP B 120 15.87 11.87 19.80
N GLU B 121 15.83 10.56 19.69
CA GLU B 121 16.85 9.79 18.99
C GLU B 121 16.86 10.17 17.52
N THR B 122 15.69 10.24 16.94
CA THR B 122 15.52 10.61 15.55
C THR B 122 15.98 12.07 15.35
N LYS B 123 15.61 12.95 16.28
CA LYS B 123 16.00 14.36 16.23
C LYS B 123 17.53 14.51 16.24
N ARG B 124 18.20 13.67 17.00
CA ARG B 124 19.63 13.72 17.11
C ARG B 124 20.38 12.98 16.02
N LEU B 125 20.14 11.69 15.90
CA LEU B 125 20.94 10.85 15.02
C LEU B 125 20.53 10.95 13.56
N TYR B 126 19.30 11.28 13.32
CA TYR B 126 18.78 11.35 11.98
C TYR B 126 18.31 12.75 11.66
N LYS B 127 19.03 13.72 12.22
CA LYS B 127 18.73 15.15 12.11
C LYS B 127 18.60 15.60 10.65
N ASP B 128 19.51 15.17 9.80
CA ASP B 128 19.51 15.63 8.41
C ASP B 128 18.45 14.93 7.57
N GLU B 129 18.06 13.73 7.98
CA GLU B 129 16.99 13.02 7.32
C GLU B 129 15.66 13.57 7.79
N PHE B 130 15.61 13.89 9.06
CA PHE B 130 14.45 14.47 9.68
C PHE B 130 14.20 15.84 9.08
N ALA B 131 15.29 16.55 8.78
CA ALA B 131 15.23 17.84 8.14
C ALA B 131 14.53 17.75 6.79
N ILE B 132 14.90 16.74 5.99
CA ILE B 132 14.26 16.49 4.68
C ILE B 132 12.76 16.24 4.88
N GLY B 133 12.46 15.45 5.91
CA GLY B 133 11.08 15.18 6.26
C GLY B 133 10.34 16.47 6.64
N LYS B 134 10.98 17.32 7.41
CA LYS B 134 10.40 18.59 7.85
C LYS B 134 10.26 19.57 6.70
N GLU B 135 11.23 19.60 5.79
CA GLU B 135 11.16 20.49 4.63
C GLU B 135 9.95 20.12 3.79
N ALA B 136 9.74 18.82 3.63
CA ALA B 136 8.59 18.32 2.92
C ALA B 136 7.33 18.71 3.67
N LEU B 137 7.37 18.57 4.99
CA LEU B 137 6.25 18.92 5.85
C LEU B 137 5.89 20.40 5.73
N VAL B 138 6.90 21.26 5.66
CA VAL B 138 6.67 22.70 5.48
C VAL B 138 5.92 22.95 4.19
N MET B 139 6.36 22.28 3.16
CA MET B 139 5.76 22.40 1.83
C MET B 139 4.31 21.94 1.85
N VAL B 140 4.07 20.86 2.55
CA VAL B 140 2.72 20.31 2.69
C VAL B 140 1.88 21.25 3.54
N LYS B 141 2.46 21.74 4.62
CA LYS B 141 1.80 22.61 5.58
C LYS B 141 1.36 23.90 4.87
N ASN B 142 2.21 24.42 4.02
CA ASN B 142 1.89 25.64 3.30
C ASN B 142 0.81 25.42 2.26
N LYS B 143 0.79 24.24 1.67
CA LYS B 143 -0.22 23.92 0.68
C LYS B 143 -1.57 23.49 1.27
N THR B 144 -1.56 22.84 2.41
CA THR B 144 -2.79 22.30 2.93
C THR B 144 -3.36 23.08 4.10
N GLY B 145 -2.50 23.65 4.88
CA GLY B 145 -2.91 24.31 6.09
C GLY B 145 -3.00 23.32 7.23
N VAL B 146 -2.53 22.11 6.99
CA VAL B 146 -2.53 21.06 7.97
C VAL B 146 -1.13 20.90 8.54
N SER B 147 -1.03 20.81 9.84
CA SER B 147 0.24 20.63 10.49
C SER B 147 0.31 19.22 11.09
N LEU B 148 1.45 18.58 10.95
CA LEU B 148 1.68 17.28 11.52
C LEU B 148 2.75 17.41 12.61
N PRO B 149 2.70 16.61 13.66
CA PRO B 149 3.66 16.68 14.75
C PRO B 149 5.01 16.04 14.39
N GLU B 150 6.02 16.30 15.23
CA GLU B 150 7.35 15.78 14.99
C GLU B 150 7.41 14.27 15.21
N ASP B 151 6.46 13.73 15.96
CA ASP B 151 6.36 12.30 16.15
C ASP B 151 6.10 11.61 14.81
N GLU B 152 5.05 12.05 14.11
CA GLU B 152 4.72 11.56 12.75
C GLU B 152 5.95 11.70 11.85
N ALA B 153 6.53 12.90 11.87
CA ALA B 153 7.68 13.23 11.03
C ALA B 153 8.86 12.28 11.30
N GLY B 154 9.02 11.90 12.56
CA GLY B 154 10.05 10.96 12.92
C GLY B 154 9.79 9.60 12.34
N PHE B 155 8.54 9.18 12.32
CA PHE B 155 8.20 7.91 11.73
C PHE B 155 8.40 7.97 10.24
N ILE B 156 8.08 9.12 9.66
CA ILE B 156 8.31 9.35 8.24
C ILE B 156 9.80 9.18 7.92
N ALA B 157 10.66 9.70 8.77
CA ALA B 157 12.12 9.54 8.62
C ALA B 157 12.50 8.06 8.65
N LEU B 158 11.91 7.30 9.57
CA LEU B 158 12.15 5.84 9.63
C LEU B 158 11.64 5.14 8.37
N HIS B 159 10.56 5.64 7.82
CA HIS B 159 10.06 5.12 6.57
C HIS B 159 11.01 5.44 5.45
N ILE B 160 11.57 6.63 5.48
CA ILE B 160 12.50 7.09 4.45
C ILE B 160 13.77 6.24 4.43
N VAL B 161 14.30 5.90 5.60
CA VAL B 161 15.49 5.13 5.65
C VAL B 161 15.27 3.71 5.11
N ASN B 162 14.10 3.11 5.37
CA ASN B 162 13.81 1.81 4.78
C ASN B 162 13.20 1.91 3.39
N ALA B 163 12.86 3.11 2.98
CA ALA B 163 12.36 3.34 1.66
C ALA B 163 13.49 3.51 0.70
N GLU B 164 14.62 3.98 1.20
CA GLU B 164 15.80 4.09 0.40
C GLU B 164 16.24 2.72 -0.04
N LEU B 165 16.38 2.54 -1.34
CA LEU B 165 16.90 1.32 -1.85
C LEU B 165 18.36 1.24 -1.49
N ASN B 166 18.60 0.55 -0.43
CA ASN B 166 19.94 0.29 0.04
C ASN B 166 20.55 -0.70 -0.88
N GLU B 167 21.26 -0.18 -1.83
CA GLU B 167 21.86 -0.93 -2.86
C GLU B 167 22.96 -0.06 -3.40
N LEU B 168 24.03 -0.64 -3.83
CA LEU B 168 25.14 0.16 -4.26
C LEU B 168 24.95 0.55 -5.72
N GLN B 169 24.21 1.60 -5.89
CA GLN B 169 23.95 2.26 -7.15
C GLN B 169 23.09 3.46 -6.85
N MET A 1 -23.01 0.16 -1.47
CA MET A 1 -22.56 0.97 -2.61
C MET A 1 -23.40 0.65 -3.82
N LYS A 2 -23.32 1.46 -4.81
CA LYS A 2 -24.23 1.39 -5.95
C LYS A 2 -23.54 0.94 -7.23
N ILE A 3 -24.31 0.28 -8.03
CA ILE A 3 -23.91 -0.17 -9.35
C ILE A 3 -24.17 0.97 -10.30
N ALA A 4 -23.21 1.29 -11.11
CA ALA A 4 -23.35 2.40 -12.02
C ALA A 4 -23.34 1.93 -13.46
N LYS A 5 -22.54 0.94 -13.75
CA LYS A 5 -22.33 0.58 -15.11
C LYS A 5 -22.37 -0.93 -15.26
N VAL A 6 -22.82 -1.39 -16.38
CA VAL A 6 -22.93 -2.80 -16.67
C VAL A 6 -22.42 -3.02 -18.07
N ILE A 7 -21.41 -3.84 -18.22
CA ILE A 7 -20.90 -4.13 -19.53
C ILE A 7 -21.56 -5.41 -20.04
N ASN A 8 -21.75 -6.32 -19.13
CA ASN A 8 -22.35 -7.60 -19.43
C ASN A 8 -22.90 -8.16 -18.15
N ASN A 9 -23.53 -9.30 -18.22
CA ASN A 9 -24.21 -9.84 -17.04
C ASN A 9 -23.28 -10.46 -16.02
N ASN A 10 -22.03 -10.62 -16.35
CA ASN A 10 -21.10 -11.20 -15.41
C ASN A 10 -20.11 -10.18 -14.89
N VAL A 11 -20.03 -9.04 -15.55
CA VAL A 11 -19.08 -8.02 -15.18
C VAL A 11 -19.83 -6.69 -15.06
N ILE A 12 -19.74 -6.09 -13.90
CA ILE A 12 -20.42 -4.84 -13.66
C ILE A 12 -19.46 -3.83 -13.04
N SER A 13 -19.83 -2.60 -13.16
CA SER A 13 -19.09 -1.49 -12.71
C SER A 13 -19.87 -0.77 -11.64
N VAL A 14 -19.31 -0.72 -10.49
CA VAL A 14 -19.94 -0.11 -9.38
C VAL A 14 -19.09 1.08 -8.95
N VAL A 15 -19.65 2.00 -8.23
CA VAL A 15 -18.92 3.14 -7.75
C VAL A 15 -19.07 3.22 -6.26
N ASN A 16 -17.98 3.39 -5.57
CA ASN A 16 -18.01 3.46 -4.14
C ASN A 16 -18.01 4.93 -3.70
N GLU A 17 -18.09 5.17 -2.40
CA GLU A 17 -18.17 6.52 -1.84
C GLU A 17 -16.85 7.28 -2.08
N GLN A 18 -15.80 6.54 -2.31
CA GLN A 18 -14.49 7.10 -2.52
C GLN A 18 -14.35 7.70 -3.92
N GLY A 19 -15.32 7.44 -4.78
CA GLY A 19 -15.33 8.04 -6.09
C GLY A 19 -14.53 7.24 -7.09
N LYS A 20 -14.35 5.97 -6.83
CA LYS A 20 -13.67 5.11 -7.74
C LYS A 20 -14.62 4.05 -8.26
N GLU A 21 -14.42 3.67 -9.48
CA GLU A 21 -15.24 2.64 -10.09
C GLU A 21 -14.60 1.29 -9.77
N LEU A 22 -15.40 0.31 -9.57
CA LEU A 22 -14.92 -0.99 -9.28
C LEU A 22 -15.59 -1.94 -10.23
N VAL A 23 -14.85 -2.79 -10.80
CA VAL A 23 -15.37 -3.76 -11.70
C VAL A 23 -15.37 -5.08 -10.98
N VAL A 24 -16.50 -5.48 -10.61
CA VAL A 24 -16.63 -6.69 -9.92
C VAL A 24 -17.21 -7.72 -10.88
N MET A 25 -16.65 -8.88 -10.87
CA MET A 25 -17.11 -9.92 -11.73
C MET A 25 -17.70 -11.03 -10.90
N GLY A 26 -18.71 -11.63 -11.44
CA GLY A 26 -19.36 -12.72 -10.80
C GLY A 26 -20.34 -13.30 -11.75
N ARG A 27 -20.57 -14.53 -11.59
CA ARG A 27 -21.42 -15.26 -12.48
C ARG A 27 -22.89 -14.86 -12.36
N GLY A 28 -23.31 -14.04 -13.30
CA GLY A 28 -24.68 -13.59 -13.35
C GLY A 28 -24.94 -12.42 -12.44
N LEU A 29 -23.95 -11.55 -12.28
CA LEU A 29 -24.07 -10.37 -11.43
C LEU A 29 -25.16 -9.40 -11.86
N ALA A 30 -25.35 -9.23 -13.15
CA ALA A 30 -26.32 -8.24 -13.61
C ALA A 30 -27.74 -8.76 -13.56
N PHE A 31 -27.88 -10.03 -13.30
CA PHE A 31 -29.20 -10.65 -13.16
C PHE A 31 -29.91 -10.03 -11.93
N GLN A 32 -30.98 -9.28 -12.22
CA GLN A 32 -31.84 -8.57 -11.23
C GLN A 32 -31.13 -7.30 -10.75
N LYS A 33 -30.06 -7.01 -11.39
CA LYS A 33 -29.26 -5.88 -11.07
C LYS A 33 -29.32 -4.84 -12.14
N LYS A 34 -29.06 -3.63 -11.74
CA LYS A 34 -29.28 -2.47 -12.57
C LYS A 34 -28.49 -1.31 -12.03
N SER A 35 -28.31 -0.29 -12.84
CA SER A 35 -27.61 0.88 -12.43
C SER A 35 -28.47 1.65 -11.42
N GLY A 36 -27.94 1.84 -10.23
CA GLY A 36 -28.69 2.49 -9.20
C GLY A 36 -29.12 1.51 -8.13
N ASP A 37 -28.71 0.28 -8.28
CA ASP A 37 -28.99 -0.76 -7.30
C ASP A 37 -27.80 -0.91 -6.38
N ASP A 38 -28.03 -1.41 -5.19
CA ASP A 38 -26.96 -1.58 -4.22
C ASP A 38 -26.30 -2.93 -4.43
N VAL A 39 -25.00 -2.94 -4.42
CA VAL A 39 -24.22 -4.10 -4.75
C VAL A 39 -24.30 -5.19 -3.70
N ASP A 40 -24.89 -6.30 -4.06
CA ASP A 40 -24.90 -7.47 -3.21
C ASP A 40 -23.54 -8.12 -3.30
N GLU A 41 -22.73 -7.92 -2.28
CA GLU A 41 -21.35 -8.34 -2.30
C GLU A 41 -21.14 -9.85 -2.31
N ALA A 42 -22.17 -10.61 -1.96
CA ALA A 42 -22.04 -12.04 -1.86
C ALA A 42 -22.15 -12.72 -3.22
N ARG A 43 -22.49 -11.96 -4.23
CA ARG A 43 -22.57 -12.50 -5.58
C ARG A 43 -21.30 -12.20 -6.36
N ILE A 44 -20.45 -11.35 -5.79
CA ILE A 44 -19.18 -10.97 -6.37
C ILE A 44 -18.16 -12.07 -6.12
N GLU A 45 -17.42 -12.43 -7.14
CA GLU A 45 -16.43 -13.47 -7.04
C GLU A 45 -15.04 -12.91 -7.27
N LYS A 46 -14.96 -11.85 -8.02
CA LYS A 46 -13.70 -11.21 -8.41
C LYS A 46 -13.84 -9.71 -8.25
N VAL A 47 -12.80 -9.02 -7.72
CA VAL A 47 -12.91 -7.58 -7.49
C VAL A 47 -11.81 -6.82 -8.21
N PHE A 48 -12.18 -5.92 -9.09
CA PHE A 48 -11.22 -5.05 -9.72
C PHE A 48 -11.46 -3.62 -9.24
N THR A 49 -10.43 -2.92 -8.92
CA THR A 49 -10.56 -1.55 -8.50
C THR A 49 -9.94 -0.62 -9.54
N LEU A 50 -10.61 0.49 -9.82
CA LEU A 50 -10.12 1.47 -10.78
C LEU A 50 -9.11 2.39 -10.18
N ASP A 51 -8.06 2.57 -10.90
CA ASP A 51 -7.09 3.56 -10.59
C ASP A 51 -6.63 4.16 -11.89
N ASN A 52 -6.12 5.34 -11.86
CA ASN A 52 -5.82 6.05 -13.08
C ASN A 52 -4.33 6.29 -13.16
N LYS A 53 -3.74 5.89 -14.27
CA LYS A 53 -2.28 6.03 -14.48
C LYS A 53 -1.86 7.50 -14.51
N ASP A 54 -2.80 8.32 -14.87
CA ASP A 54 -2.59 9.75 -15.04
C ASP A 54 -2.62 10.46 -13.72
N VAL A 55 -3.32 9.91 -12.79
CA VAL A 55 -3.40 10.49 -11.49
C VAL A 55 -2.34 9.86 -10.61
N SER A 56 -2.24 8.56 -10.70
CA SER A 56 -1.35 7.81 -9.88
C SER A 56 -0.19 7.24 -10.70
N GLU A 57 0.99 7.74 -10.50
CA GLU A 57 2.11 7.19 -11.18
C GLU A 57 2.64 6.00 -10.42
N LYS A 58 3.07 6.25 -9.24
CA LYS A 58 3.67 5.25 -8.44
C LYS A 58 2.67 4.44 -7.67
N PHE A 59 1.53 5.02 -7.42
CA PHE A 59 0.49 4.32 -6.68
C PHE A 59 -0.04 3.07 -7.37
N LYS A 60 -0.10 3.09 -8.69
CA LYS A 60 -0.61 1.93 -9.39
C LYS A 60 0.41 0.81 -9.56
N THR A 61 1.68 1.10 -9.39
CA THR A 61 2.69 0.08 -9.54
C THR A 61 2.74 -0.88 -8.35
N LEU A 62 2.12 -0.48 -7.22
CA LEU A 62 2.07 -1.32 -6.02
C LEU A 62 1.33 -2.62 -6.29
N LEU A 63 0.05 -2.50 -6.64
CA LEU A 63 -0.80 -3.68 -6.78
C LEU A 63 -0.37 -4.57 -7.92
N TYR A 64 0.32 -4.00 -8.90
CA TYR A 64 0.83 -4.80 -10.01
C TYR A 64 2.02 -5.64 -9.57
N ASP A 65 3.01 -4.98 -8.96
CA ASP A 65 4.32 -5.58 -8.78
C ASP A 65 4.58 -6.11 -7.37
N ILE A 66 3.55 -6.24 -6.60
CA ILE A 66 3.71 -6.85 -5.29
C ILE A 66 3.55 -8.37 -5.41
N PRO A 67 4.59 -9.14 -5.02
CA PRO A 67 4.59 -10.60 -5.10
C PRO A 67 3.39 -11.20 -4.37
N ILE A 68 2.56 -11.91 -5.13
CA ILE A 68 1.31 -12.49 -4.62
C ILE A 68 1.54 -13.39 -3.41
N GLU A 69 2.63 -14.16 -3.43
CA GLU A 69 2.95 -15.05 -2.33
C GLU A 69 3.24 -14.22 -1.09
N CYS A 70 4.11 -13.24 -1.25
CA CYS A 70 4.51 -12.38 -0.15
C CYS A 70 3.32 -11.56 0.31
N MET A 71 2.44 -11.25 -0.60
CA MET A 71 1.23 -10.50 -0.33
C MET A 71 0.33 -11.30 0.60
N GLU A 72 0.16 -12.57 0.30
CA GLU A 72 -0.67 -13.42 1.13
C GLU A 72 -0.01 -13.61 2.48
N VAL A 73 1.29 -13.82 2.47
CA VAL A 73 2.02 -14.03 3.68
C VAL A 73 1.99 -12.78 4.55
N SER A 74 2.19 -11.63 3.93
CA SER A 74 2.25 -10.39 4.64
C SER A 74 0.92 -10.03 5.26
N GLU A 75 -0.19 -10.34 4.58
CA GLU A 75 -1.48 -10.03 5.16
C GLU A 75 -1.70 -10.93 6.38
N GLU A 76 -1.23 -12.16 6.26
CA GLU A 76 -1.32 -13.14 7.31
C GLU A 76 -0.39 -12.74 8.50
N ILE A 77 0.76 -12.14 8.21
CA ILE A 77 1.69 -11.63 9.24
C ILE A 77 0.96 -10.59 10.09
N ILE A 78 0.23 -9.72 9.42
CA ILE A 78 -0.47 -8.69 10.11
C ILE A 78 -1.63 -9.29 10.88
N SER A 79 -2.19 -10.36 10.35
CA SER A 79 -3.27 -11.05 11.00
C SER A 79 -2.73 -11.71 12.29
N TYR A 80 -1.48 -12.18 12.25
CA TYR A 80 -0.80 -12.72 13.44
C TYR A 80 -0.71 -11.62 14.48
N ALA A 81 -0.23 -10.46 14.05
CA ALA A 81 -0.11 -9.32 14.94
C ALA A 81 -1.49 -8.89 15.47
N LYS A 82 -2.48 -8.95 14.60
CA LYS A 82 -3.87 -8.63 14.93
C LYS A 82 -4.38 -9.58 15.99
N LEU A 83 -4.09 -10.86 15.82
CA LEU A 83 -4.52 -11.90 16.73
C LEU A 83 -3.80 -11.77 18.09
N GLN A 84 -2.58 -11.29 18.06
CA GLN A 84 -1.82 -11.08 19.28
C GLN A 84 -2.30 -9.81 20.02
N LEU A 85 -2.42 -8.71 19.29
CA LEU A 85 -2.79 -7.42 19.87
C LEU A 85 -4.28 -7.29 20.19
N GLY A 86 -5.12 -7.78 19.30
CA GLY A 86 -6.55 -7.57 19.44
C GLY A 86 -6.92 -6.27 18.73
N LYS A 87 -6.01 -5.82 17.90
CA LYS A 87 -6.13 -4.57 17.17
C LYS A 87 -6.17 -4.84 15.69
N LYS A 88 -7.09 -4.20 15.00
CA LYS A 88 -7.09 -4.21 13.57
C LYS A 88 -6.11 -3.14 13.15
N LEU A 89 -5.00 -3.57 12.62
CA LEU A 89 -3.91 -2.66 12.31
C LEU A 89 -4.13 -1.88 11.02
N ASN A 90 -3.36 -0.83 10.87
CA ASN A 90 -3.42 0.07 9.74
C ASN A 90 -3.02 -0.65 8.46
N ASP A 91 -3.73 -0.39 7.39
CA ASP A 91 -3.50 -1.05 6.11
C ASP A 91 -2.12 -0.80 5.50
N SER A 92 -1.46 0.27 5.91
CA SER A 92 -0.16 0.58 5.38
C SER A 92 0.89 -0.47 5.77
N ILE A 93 0.73 -1.12 6.95
CA ILE A 93 1.73 -2.09 7.42
C ILE A 93 1.76 -3.31 6.49
N TYR A 94 0.65 -3.58 5.84
CA TYR A 94 0.52 -4.70 4.93
C TYR A 94 1.40 -4.47 3.71
N VAL A 95 1.23 -3.31 3.09
CA VAL A 95 1.99 -2.96 1.90
C VAL A 95 3.46 -2.71 2.25
N SER A 96 3.71 -2.20 3.43
CA SER A 96 5.07 -1.95 3.81
C SER A 96 5.81 -3.24 4.05
N LEU A 97 5.15 -4.26 4.60
CA LEU A 97 5.84 -5.49 4.87
C LEU A 97 6.10 -6.29 3.63
N THR A 98 5.25 -6.19 2.62
CA THR A 98 5.51 -6.89 1.38
C THR A 98 6.79 -6.36 0.74
N ASN A 99 6.92 -5.05 0.74
CA ASN A 99 8.06 -4.43 0.15
C ASN A 99 9.28 -4.62 1.04
N HIS A 100 9.05 -4.59 2.35
CA HIS A 100 10.09 -4.78 3.34
C HIS A 100 10.67 -6.18 3.24
N ILE A 101 9.80 -7.19 3.09
CA ILE A 101 10.28 -8.58 2.97
C ILE A 101 11.07 -8.74 1.67
N ASN A 102 10.61 -8.07 0.63
CA ASN A 102 11.32 -8.09 -0.67
C ASN A 102 12.72 -7.49 -0.50
N PHE A 103 12.83 -6.39 0.23
CA PHE A 103 14.13 -5.80 0.54
C PHE A 103 14.95 -6.74 1.38
N ALA A 104 14.31 -7.32 2.36
CA ALA A 104 14.94 -8.22 3.31
C ALA A 104 15.58 -9.39 2.61
N ILE A 105 14.88 -9.97 1.66
CA ILE A 105 15.40 -11.10 0.92
C ILE A 105 16.59 -10.66 0.08
N GLN A 106 16.45 -9.53 -0.59
CA GLN A 106 17.51 -9.06 -1.47
C GLN A 106 18.74 -8.60 -0.69
N ARG A 107 18.52 -8.04 0.49
CA ARG A 107 19.63 -7.59 1.28
C ARG A 107 20.36 -8.78 1.88
N ASN A 108 19.60 -9.85 2.20
CA ASN A 108 20.18 -11.07 2.73
C ASN A 108 21.04 -11.73 1.68
N GLN A 109 20.55 -11.73 0.44
CA GLN A 109 21.28 -12.29 -0.70
C GLN A 109 22.62 -11.63 -0.92
N LYS A 110 22.69 -10.35 -0.66
CA LYS A 110 23.88 -9.60 -0.95
C LYS A 110 24.74 -9.31 0.29
N GLY A 111 24.38 -9.91 1.42
CA GLY A 111 25.16 -9.74 2.63
C GLY A 111 25.13 -8.33 3.17
N LEU A 112 24.02 -7.68 2.97
CA LEU A 112 23.83 -6.34 3.44
C LEU A 112 23.05 -6.40 4.73
N ASP A 113 23.38 -5.55 5.66
CA ASP A 113 22.68 -5.47 6.91
C ASP A 113 22.14 -4.11 7.15
N ILE A 114 20.85 -4.00 7.10
CA ILE A 114 20.17 -2.77 7.41
C ILE A 114 19.86 -2.76 8.91
N LYS A 115 20.80 -2.27 9.67
CA LYS A 115 20.70 -2.34 11.09
C LYS A 115 19.89 -1.20 11.66
N ASN A 116 19.11 -1.52 12.64
CA ASN A 116 18.24 -0.57 13.27
C ASN A 116 19.01 0.08 14.41
N ALA A 117 19.17 1.39 14.37
CA ALA A 117 19.95 2.10 15.38
C ALA A 117 19.13 2.46 16.59
N LEU A 118 17.91 2.08 16.56
CA LEU A 118 17.01 2.29 17.65
C LEU A 118 16.62 0.94 18.22
N LEU A 119 17.29 -0.11 17.74
CA LEU A 119 16.96 -1.50 18.05
C LEU A 119 16.90 -1.76 19.54
N TRP A 120 17.94 -1.36 20.24
CA TRP A 120 18.04 -1.64 21.65
C TRP A 120 16.95 -0.91 22.42
N GLU A 121 16.75 0.32 22.04
CA GLU A 121 15.79 1.20 22.66
C GLU A 121 14.38 0.71 22.39
N THR A 122 14.15 0.22 21.18
CA THR A 122 12.89 -0.33 20.78
C THR A 122 12.56 -1.57 21.62
N LYS A 123 13.56 -2.43 21.82
CA LYS A 123 13.38 -3.64 22.63
C LYS A 123 13.02 -3.30 24.06
N ARG A 124 13.46 -2.16 24.52
CA ARG A 124 13.27 -1.72 25.88
C ARG A 124 11.93 -0.97 26.07
N LEU A 125 11.72 0.08 25.29
CA LEU A 125 10.56 0.96 25.47
C LEU A 125 9.33 0.53 24.69
N TYR A 126 9.51 -0.29 23.71
CA TYR A 126 8.42 -0.81 22.91
C TYR A 126 8.47 -2.32 22.96
N LYS A 127 8.77 -2.84 24.14
CA LYS A 127 9.03 -4.27 24.36
C LYS A 127 7.87 -5.16 23.92
N ASP A 128 6.64 -4.74 24.17
CA ASP A 128 5.47 -5.55 23.86
C ASP A 128 5.26 -5.67 22.39
N GLU A 129 5.18 -4.53 21.75
CA GLU A 129 4.98 -4.46 20.34
C GLU A 129 6.17 -5.00 19.57
N PHE A 130 7.36 -4.82 20.14
CA PHE A 130 8.56 -5.39 19.55
C PHE A 130 8.49 -6.89 19.60
N ALA A 131 8.10 -7.44 20.75
CA ALA A 131 8.01 -8.88 20.92
C ALA A 131 7.01 -9.47 19.94
N ILE A 132 5.90 -8.80 19.75
CA ILE A 132 4.90 -9.23 18.80
C ILE A 132 5.42 -9.14 17.36
N GLY A 133 6.18 -8.09 17.05
CA GLY A 133 6.77 -7.97 15.73
C GLY A 133 7.88 -8.98 15.52
N LYS A 134 8.63 -9.23 16.57
CA LYS A 134 9.70 -10.20 16.59
C LYS A 134 9.16 -11.61 16.40
N GLU A 135 8.14 -11.97 17.17
CA GLU A 135 7.51 -13.27 17.04
C GLU A 135 6.76 -13.41 15.71
N ALA A 136 6.32 -12.29 15.16
CA ALA A 136 5.73 -12.28 13.83
C ALA A 136 6.82 -12.57 12.82
N LEU A 137 7.99 -12.00 13.06
CA LEU A 137 9.14 -12.22 12.21
C LEU A 137 9.61 -13.67 12.34
N VAL A 138 9.42 -14.26 13.52
CA VAL A 138 9.69 -15.69 13.74
C VAL A 138 8.82 -16.51 12.79
N MET A 139 7.58 -16.12 12.68
CA MET A 139 6.64 -16.75 11.76
C MET A 139 7.09 -16.53 10.31
N VAL A 140 7.54 -15.31 10.02
CA VAL A 140 8.05 -14.98 8.70
C VAL A 140 9.22 -15.86 8.32
N LYS A 141 10.19 -15.97 9.22
CA LYS A 141 11.39 -16.71 8.94
C LYS A 141 11.12 -18.19 8.79
N ASN A 142 10.15 -18.66 9.53
CA ASN A 142 9.75 -20.04 9.45
C ASN A 142 9.03 -20.34 8.16
N LYS A 143 8.19 -19.43 7.69
CA LYS A 143 7.46 -19.68 6.46
C LYS A 143 8.25 -19.37 5.20
N THR A 144 9.22 -18.49 5.28
CA THR A 144 10.03 -18.16 4.12
C THR A 144 11.23 -19.08 3.99
N GLY A 145 11.75 -19.49 5.12
CA GLY A 145 12.91 -20.33 5.17
C GLY A 145 14.16 -19.52 5.37
N VAL A 146 14.02 -18.22 5.34
CA VAL A 146 15.12 -17.31 5.50
C VAL A 146 15.01 -16.66 6.85
N SER A 147 16.07 -16.66 7.58
CA SER A 147 16.10 -16.08 8.89
C SER A 147 16.46 -14.59 8.82
N LEU A 148 15.52 -13.75 9.24
CA LEU A 148 15.72 -12.31 9.25
C LEU A 148 16.13 -11.83 10.65
N PRO A 149 17.20 -11.02 10.74
CA PRO A 149 17.67 -10.43 12.01
C PRO A 149 16.66 -9.48 12.70
N GLU A 150 16.96 -9.13 13.95
CA GLU A 150 16.07 -8.33 14.81
C GLU A 150 15.95 -6.87 14.37
N ASP A 151 16.92 -6.41 13.61
CA ASP A 151 16.93 -5.04 13.09
C ASP A 151 15.70 -4.76 12.27
N GLU A 152 15.45 -5.60 11.31
CA GLU A 152 14.26 -5.52 10.49
C GLU A 152 12.98 -5.66 11.35
N ALA A 153 13.03 -6.53 12.37
CA ALA A 153 11.92 -6.70 13.33
C ALA A 153 11.63 -5.39 14.04
N GLY A 154 12.69 -4.67 14.38
CA GLY A 154 12.57 -3.39 15.02
C GLY A 154 11.86 -2.39 14.15
N PHE A 155 12.19 -2.38 12.87
CA PHE A 155 11.51 -1.48 11.93
C PHE A 155 10.06 -1.84 11.83
N ILE A 156 9.77 -3.13 11.89
CA ILE A 156 8.40 -3.61 11.88
C ILE A 156 7.67 -3.06 13.11
N ALA A 157 8.32 -3.12 14.27
CA ALA A 157 7.76 -2.62 15.53
C ALA A 157 7.40 -1.12 15.44
N LEU A 158 8.26 -0.34 14.81
CA LEU A 158 7.99 1.09 14.60
C LEU A 158 6.80 1.31 13.69
N HIS A 159 6.64 0.45 12.73
CA HIS A 159 5.48 0.53 11.87
C HIS A 159 4.24 0.03 12.60
N ILE A 160 4.42 -0.87 13.55
CA ILE A 160 3.34 -1.38 14.39
C ILE A 160 2.79 -0.29 15.31
N VAL A 161 3.67 0.52 15.90
CA VAL A 161 3.22 1.59 16.76
C VAL A 161 2.48 2.66 15.95
N ASN A 162 2.81 2.76 14.67
CA ASN A 162 2.07 3.66 13.76
C ASN A 162 0.79 3.01 13.26
N ALA A 163 0.75 1.70 13.27
CA ALA A 163 -0.40 0.96 12.81
C ALA A 163 -1.38 0.67 13.93
N GLU A 164 -1.00 1.01 15.15
CA GLU A 164 -1.85 0.85 16.30
C GLU A 164 -2.75 2.10 16.38
N LEU A 165 -3.92 1.96 17.00
CA LEU A 165 -4.95 2.95 17.06
C LEU A 165 -5.40 3.46 15.71
N ASN A 166 -6.35 2.80 15.22
CA ASN A 166 -6.93 3.13 13.96
C ASN A 166 -8.26 3.75 14.20
N GLU A 167 -8.21 5.03 14.36
CA GLU A 167 -9.36 5.81 14.75
C GLU A 167 -10.14 6.29 13.54
N LEU A 168 -10.53 5.34 12.73
CA LEU A 168 -11.26 5.61 11.50
C LEU A 168 -12.69 5.99 11.83
N GLN A 169 -13.35 6.63 10.92
CA GLN A 169 -14.72 7.00 11.10
C GLN A 169 -15.60 5.98 10.40
N MET B 1 3.27 -8.02 -21.50
CA MET B 1 1.99 -8.56 -21.04
C MET B 1 1.06 -8.64 -22.20
N LYS B 2 0.16 -9.53 -22.13
CA LYS B 2 -0.66 -9.83 -23.28
C LYS B 2 -2.14 -9.89 -22.92
N ILE B 3 -2.94 -9.62 -23.91
CA ILE B 3 -4.39 -9.65 -23.82
C ILE B 3 -4.84 -11.09 -23.65
N ALA B 4 -5.42 -11.41 -22.52
CA ALA B 4 -5.84 -12.76 -22.26
C ALA B 4 -7.35 -12.91 -22.39
N LYS B 5 -8.07 -11.88 -22.03
CA LYS B 5 -9.51 -11.93 -22.08
C LYS B 5 -10.01 -10.62 -22.67
N VAL B 6 -11.08 -10.68 -23.40
CA VAL B 6 -11.63 -9.52 -24.06
C VAL B 6 -13.07 -9.36 -23.68
N ILE B 7 -13.41 -8.22 -23.16
CA ILE B 7 -14.77 -7.93 -22.83
C ILE B 7 -15.41 -7.22 -24.01
N ASN B 8 -14.66 -6.30 -24.61
CA ASN B 8 -15.11 -5.55 -25.78
C ASN B 8 -13.94 -4.81 -26.37
N ASN B 9 -14.20 -4.01 -27.39
CA ASN B 9 -13.17 -3.26 -28.12
C ASN B 9 -12.37 -2.30 -27.25
N ASN B 10 -12.98 -1.77 -26.21
CA ASN B 10 -12.28 -0.81 -25.37
C ASN B 10 -11.89 -1.41 -24.04
N VAL B 11 -12.46 -2.53 -23.70
CA VAL B 11 -12.19 -3.11 -22.41
C VAL B 11 -11.59 -4.50 -22.59
N ILE B 12 -10.40 -4.69 -22.05
CA ILE B 12 -9.73 -5.96 -22.14
C ILE B 12 -9.20 -6.41 -20.80
N SER B 13 -8.78 -7.61 -20.77
CA SER B 13 -8.25 -8.25 -19.64
C SER B 13 -6.83 -8.71 -19.95
N VAL B 14 -5.89 -8.19 -19.22
CA VAL B 14 -4.50 -8.50 -19.41
C VAL B 14 -3.96 -9.13 -18.13
N VAL B 15 -3.11 -10.11 -18.26
CA VAL B 15 -2.52 -10.75 -17.10
C VAL B 15 -1.06 -10.32 -17.01
N ASN B 16 -0.66 -9.83 -15.86
CA ASN B 16 0.72 -9.39 -15.69
C ASN B 16 1.57 -10.54 -15.15
N GLU B 17 2.84 -10.28 -14.90
CA GLU B 17 3.78 -11.28 -14.39
C GLU B 17 3.34 -11.93 -13.10
N GLN B 18 2.72 -11.18 -12.24
CA GLN B 18 2.26 -11.68 -10.97
C GLN B 18 1.04 -12.59 -11.12
N GLY B 19 0.44 -12.57 -12.28
CA GLY B 19 -0.71 -13.39 -12.52
C GLY B 19 -1.99 -12.71 -12.13
N LYS B 20 -1.94 -11.40 -12.07
CA LYS B 20 -3.11 -10.66 -11.80
C LYS B 20 -3.72 -10.22 -13.08
N GLU B 21 -4.99 -10.26 -13.09
CA GLU B 21 -5.77 -9.89 -14.23
C GLU B 21 -6.11 -8.42 -14.09
N LEU B 22 -5.90 -7.68 -15.12
CA LEU B 22 -6.19 -6.31 -15.11
C LEU B 22 -7.17 -6.03 -16.20
N VAL B 23 -8.16 -5.31 -15.88
CA VAL B 23 -9.11 -4.89 -16.83
C VAL B 23 -8.80 -3.47 -17.14
N VAL B 24 -8.18 -3.29 -18.23
CA VAL B 24 -7.79 -2.01 -18.64
C VAL B 24 -8.71 -1.55 -19.72
N MET B 25 -9.15 -0.35 -19.59
CA MET B 25 -10.04 0.21 -20.53
C MET B 25 -9.34 1.29 -21.28
N GLY B 26 -9.45 1.22 -22.54
CA GLY B 26 -8.90 2.18 -23.40
C GLY B 26 -9.46 1.98 -24.73
N ARG B 27 -9.70 3.03 -25.37
CA ARG B 27 -10.34 3.05 -26.65
C ARG B 27 -9.51 2.33 -27.71
N GLY B 28 -10.02 1.18 -28.12
CA GLY B 28 -9.43 0.38 -29.13
C GLY B 28 -8.36 -0.57 -28.60
N LEU B 29 -8.53 -1.04 -27.40
CA LEU B 29 -7.61 -2.00 -26.82
C LEU B 29 -7.76 -3.40 -27.41
N ALA B 30 -8.94 -3.71 -27.89
CA ALA B 30 -9.13 -4.97 -28.57
C ALA B 30 -9.40 -4.73 -30.04
N PHE B 31 -9.66 -3.49 -30.38
CA PHE B 31 -9.93 -3.11 -31.75
C PHE B 31 -8.66 -3.19 -32.57
N GLN B 32 -8.70 -4.02 -33.62
CA GLN B 32 -7.61 -4.19 -34.56
C GLN B 32 -6.44 -4.90 -33.86
N LYS B 33 -6.77 -5.60 -32.81
CA LYS B 33 -5.84 -6.31 -31.99
C LYS B 33 -6.38 -7.69 -31.73
N LYS B 34 -5.60 -8.51 -31.11
CA LYS B 34 -5.94 -9.88 -30.90
C LYS B 34 -5.60 -10.29 -29.48
N SER B 35 -6.16 -11.38 -29.03
CA SER B 35 -5.79 -11.90 -27.76
C SER B 35 -4.42 -12.55 -27.92
N GLY B 36 -3.52 -12.23 -27.03
CA GLY B 36 -2.18 -12.67 -27.16
C GLY B 36 -1.27 -11.59 -27.67
N ASP B 37 -1.83 -10.42 -27.87
CA ASP B 37 -1.08 -9.25 -28.33
C ASP B 37 -0.47 -8.59 -27.11
N ASP B 38 0.71 -8.01 -27.25
CA ASP B 38 1.37 -7.39 -26.11
C ASP B 38 0.79 -6.01 -25.91
N VAL B 39 0.13 -5.86 -24.80
CA VAL B 39 -0.63 -4.67 -24.46
C VAL B 39 0.24 -3.41 -24.38
N ASP B 40 -0.05 -2.49 -25.26
CA ASP B 40 0.67 -1.24 -25.33
C ASP B 40 0.15 -0.24 -24.32
N GLU B 41 1.07 0.35 -23.59
CA GLU B 41 0.80 1.27 -22.49
C GLU B 41 0.08 2.56 -22.90
N ALA B 42 0.16 2.95 -24.17
CA ALA B 42 -0.43 4.22 -24.60
C ALA B 42 -1.94 4.11 -24.73
N ARG B 43 -2.46 2.91 -24.76
CA ARG B 43 -3.90 2.72 -24.92
C ARG B 43 -4.63 2.53 -23.60
N ILE B 44 -3.88 2.44 -22.52
CA ILE B 44 -4.46 2.28 -21.22
C ILE B 44 -4.90 3.62 -20.70
N GLU B 45 -6.17 3.80 -20.62
CA GLU B 45 -6.71 5.01 -20.13
C GLU B 45 -7.20 4.80 -18.70
N LYS B 46 -7.88 3.70 -18.49
CA LYS B 46 -8.40 3.37 -17.17
C LYS B 46 -7.87 2.01 -16.78
N VAL B 47 -7.46 1.85 -15.53
CA VAL B 47 -6.93 0.57 -15.08
C VAL B 47 -7.77 0.02 -13.96
N PHE B 48 -8.30 -1.12 -14.14
CA PHE B 48 -8.95 -1.83 -13.10
C PHE B 48 -8.10 -3.02 -12.74
N THR B 49 -7.62 -3.02 -11.58
CA THR B 49 -6.75 -4.07 -11.12
C THR B 49 -7.52 -5.05 -10.25
N LEU B 50 -7.39 -6.32 -10.59
CA LEU B 50 -8.07 -7.38 -9.87
C LEU B 50 -7.31 -7.78 -8.68
N ASP B 51 -8.02 -8.08 -7.66
CA ASP B 51 -7.47 -8.74 -6.56
C ASP B 51 -8.44 -9.76 -6.09
N ASN B 52 -7.92 -10.74 -5.44
CA ASN B 52 -8.66 -11.86 -5.02
C ASN B 52 -9.10 -11.61 -3.59
N LYS B 53 -10.39 -11.47 -3.40
CA LYS B 53 -10.98 -11.16 -2.09
C LYS B 53 -10.67 -12.25 -1.06
N ASP B 54 -10.39 -13.40 -1.55
CA ASP B 54 -10.16 -14.54 -0.71
C ASP B 54 -8.69 -14.72 -0.40
N VAL B 55 -7.86 -13.87 -0.96
CA VAL B 55 -6.45 -13.88 -0.69
C VAL B 55 -6.05 -12.56 -0.06
N SER B 56 -6.59 -11.50 -0.61
CA SER B 56 -6.28 -10.18 -0.20
C SER B 56 -7.54 -9.48 0.36
N GLU B 57 -7.67 -9.49 1.65
CA GLU B 57 -8.76 -8.83 2.30
C GLU B 57 -8.47 -7.37 2.51
N LYS B 58 -7.40 -7.13 3.17
CA LYS B 58 -7.01 -5.83 3.58
C LYS B 58 -6.25 -5.12 2.47
N PHE B 59 -5.61 -5.89 1.61
CA PHE B 59 -4.86 -5.30 0.51
C PHE B 59 -5.72 -4.41 -0.41
N LYS B 60 -7.00 -4.72 -0.51
CA LYS B 60 -7.92 -3.90 -1.27
C LYS B 60 -8.40 -2.66 -0.51
N THR B 61 -8.36 -2.71 0.82
CA THR B 61 -8.76 -1.56 1.60
C THR B 61 -7.79 -0.39 1.50
N LEU B 62 -6.58 -0.65 0.98
CA LEU B 62 -5.62 0.42 0.72
C LEU B 62 -6.21 1.46 -0.22
N LEU B 63 -6.61 1.03 -1.42
CA LEU B 63 -7.16 1.97 -2.39
C LEU B 63 -8.51 2.49 -1.98
N TYR B 64 -9.15 1.82 -1.04
CA TYR B 64 -10.38 2.36 -0.48
C TYR B 64 -10.06 3.47 0.55
N ASP B 65 -9.19 3.17 1.50
CA ASP B 65 -8.90 4.11 2.59
C ASP B 65 -8.18 5.35 2.16
N ILE B 66 -7.33 5.16 1.25
CA ILE B 66 -6.50 6.22 0.71
C ILE B 66 -7.31 7.19 -0.17
N PRO B 67 -7.54 8.44 0.29
CA PRO B 67 -8.27 9.45 -0.48
C PRO B 67 -7.43 9.94 -1.65
N ILE B 68 -8.09 10.20 -2.79
CA ILE B 68 -7.42 10.62 -4.03
C ILE B 68 -6.56 11.89 -3.83
N GLU B 69 -7.04 12.81 -3.01
CA GLU B 69 -6.31 14.04 -2.75
C GLU B 69 -5.01 13.75 -1.99
N CYS B 70 -5.12 13.02 -0.88
CA CYS B 70 -3.98 12.68 -0.06
C CYS B 70 -2.98 11.85 -0.86
N MET B 71 -3.52 11.07 -1.78
CA MET B 71 -2.75 10.22 -2.66
C MET B 71 -1.87 11.07 -3.56
N GLU B 72 -2.46 12.10 -4.12
CA GLU B 72 -1.74 13.02 -4.98
C GLU B 72 -0.69 13.77 -4.18
N VAL B 73 -1.07 14.19 -2.98
CA VAL B 73 -0.18 14.94 -2.11
C VAL B 73 1.03 14.08 -1.76
N SER B 74 0.80 12.83 -1.41
CA SER B 74 1.86 11.94 -1.00
C SER B 74 2.82 11.66 -2.16
N GLU B 75 2.27 11.49 -3.36
CA GLU B 75 3.08 11.18 -4.50
C GLU B 75 3.97 12.39 -4.87
N GLU B 76 3.44 13.60 -4.65
CA GLU B 76 4.20 14.81 -4.89
C GLU B 76 5.27 15.02 -3.81
N ILE B 77 4.97 14.64 -2.57
CA ILE B 77 5.95 14.74 -1.46
C ILE B 77 7.17 13.90 -1.78
N ILE B 78 6.94 12.71 -2.29
CA ILE B 78 8.03 11.84 -2.65
C ILE B 78 8.77 12.39 -3.85
N SER B 79 8.04 13.07 -4.72
CA SER B 79 8.62 13.71 -5.89
C SER B 79 9.61 14.79 -5.43
N TYR B 80 9.25 15.50 -4.38
CA TYR B 80 10.11 16.49 -3.77
C TYR B 80 11.34 15.81 -3.18
N ALA B 81 11.11 14.70 -2.48
CA ALA B 81 12.20 13.93 -1.87
C ALA B 81 13.18 13.42 -2.94
N LYS B 82 12.64 12.96 -4.06
CA LYS B 82 13.44 12.47 -5.18
C LYS B 82 14.29 13.60 -5.76
N LEU B 83 13.69 14.77 -5.83
CA LEU B 83 14.35 15.96 -6.35
C LEU B 83 15.50 16.39 -5.44
N GLN B 84 15.28 16.27 -4.15
CA GLN B 84 16.28 16.65 -3.17
C GLN B 84 17.45 15.65 -3.14
N LEU B 85 17.12 14.38 -2.99
CA LEU B 85 18.12 13.33 -2.83
C LEU B 85 18.81 12.95 -4.12
N GLY B 86 18.06 12.88 -5.19
CA GLY B 86 18.62 12.40 -6.45
C GLY B 86 18.49 10.88 -6.54
N LYS B 87 17.79 10.33 -5.58
CA LYS B 87 17.52 8.91 -5.50
C LYS B 87 16.05 8.68 -5.69
N LYS B 88 15.71 7.53 -6.20
CA LYS B 88 14.33 7.15 -6.32
C LYS B 88 13.96 6.40 -5.06
N LEU B 89 12.83 6.71 -4.50
CA LEU B 89 12.38 6.03 -3.32
C LEU B 89 11.41 4.95 -3.71
N ASN B 90 11.33 3.92 -2.90
CA ASN B 90 10.49 2.78 -3.19
C ASN B 90 9.00 3.12 -3.07
N ASP B 91 8.18 2.33 -3.72
CA ASP B 91 6.73 2.49 -3.80
C ASP B 91 6.07 2.45 -2.41
N SER B 92 6.73 1.82 -1.47
CA SER B 92 6.21 1.66 -0.12
C SER B 92 6.02 3.02 0.58
N ILE B 93 6.94 3.98 0.36
CA ILE B 93 6.88 5.27 1.08
C ILE B 93 5.63 6.06 0.71
N TYR B 94 5.19 5.87 -0.52
CA TYR B 94 4.02 6.56 -1.04
C TYR B 94 2.79 6.14 -0.27
N VAL B 95 2.62 4.85 -0.16
CA VAL B 95 1.48 4.29 0.50
C VAL B 95 1.53 4.58 2.00
N SER B 96 2.72 4.54 2.56
CA SER B 96 2.86 4.78 3.96
C SER B 96 2.50 6.21 4.33
N LEU B 97 2.80 7.16 3.46
CA LEU B 97 2.50 8.53 3.79
C LEU B 97 1.03 8.82 3.61
N THR B 98 0.39 8.13 2.67
CA THR B 98 -1.02 8.34 2.48
C THR B 98 -1.84 7.90 3.65
N ASN B 99 -1.52 6.76 4.23
CA ASN B 99 -2.30 6.33 5.35
C ASN B 99 -1.87 7.07 6.59
N HIS B 100 -0.60 7.44 6.63
CA HIS B 100 -0.08 8.19 7.77
C HIS B 100 -0.74 9.56 7.84
N ILE B 101 -0.80 10.27 6.71
CA ILE B 101 -1.41 11.61 6.70
C ILE B 101 -2.90 11.51 7.02
N ASN B 102 -3.54 10.50 6.47
CA ASN B 102 -4.97 10.28 6.67
C ASN B 102 -5.27 9.98 8.13
N PHE B 103 -4.45 9.16 8.73
CA PHE B 103 -4.65 8.81 10.11
C PHE B 103 -4.18 9.90 11.02
N ALA B 104 -3.24 10.71 10.57
CA ALA B 104 -2.79 11.86 11.32
C ALA B 104 -3.95 12.82 11.47
N ILE B 105 -4.74 12.98 10.40
CA ILE B 105 -5.93 13.80 10.46
C ILE B 105 -6.90 13.20 11.45
N GLN B 106 -7.14 11.92 11.29
CA GLN B 106 -8.11 11.20 12.13
C GLN B 106 -7.75 11.23 13.60
N ARG B 107 -6.48 11.14 13.90
CA ARG B 107 -6.06 11.15 15.28
C ARG B 107 -6.10 12.58 15.81
N ASN B 108 -5.79 13.56 14.95
CA ASN B 108 -5.74 14.96 15.33
C ASN B 108 -7.14 15.49 15.60
N GLN B 109 -8.13 15.01 14.84
CA GLN B 109 -9.51 15.47 14.99
C GLN B 109 -10.11 15.20 16.35
N LYS B 110 -9.64 14.16 17.02
CA LYS B 110 -10.14 13.87 18.33
C LYS B 110 -9.23 14.43 19.42
N GLY B 111 -8.23 15.18 19.02
CA GLY B 111 -7.32 15.78 19.98
C GLY B 111 -6.26 14.82 20.45
N LEU B 112 -5.90 13.91 19.60
CA LEU B 112 -4.87 12.97 19.91
C LEU B 112 -3.67 13.27 19.04
N ASP B 113 -2.50 13.10 19.57
CA ASP B 113 -1.25 13.23 18.83
C ASP B 113 -0.40 12.09 19.28
N ILE B 114 0.16 11.34 18.36
CA ILE B 114 1.02 10.23 18.74
C ILE B 114 2.41 10.77 19.07
N LYS B 115 3.20 9.99 19.73
CA LYS B 115 4.50 10.45 20.16
C LYS B 115 5.58 9.42 19.91
N ASN B 116 6.75 9.91 19.56
CA ASN B 116 7.91 9.11 19.31
C ASN B 116 8.82 9.21 20.53
N ALA B 117 8.94 8.16 21.30
CA ALA B 117 9.75 8.22 22.54
C ALA B 117 11.23 8.04 22.29
N LEU B 118 11.56 7.81 21.06
CA LEU B 118 12.92 7.62 20.65
C LEU B 118 13.31 8.76 19.74
N LEU B 119 12.50 9.80 19.75
CA LEU B 119 12.67 10.95 18.88
C LEU B 119 13.99 11.64 19.10
N TRP B 120 14.42 11.65 20.33
CA TRP B 120 15.66 12.31 20.72
C TRP B 120 16.85 11.68 19.99
N GLU B 121 16.79 10.38 19.83
CA GLU B 121 17.82 9.65 19.12
C GLU B 121 17.57 9.77 17.62
N THR B 122 16.30 9.68 17.24
CA THR B 122 15.86 9.71 15.84
C THR B 122 16.35 10.97 15.12
N LYS B 123 16.21 12.13 15.78
CA LYS B 123 16.61 13.41 15.18
C LYS B 123 18.08 13.44 14.79
N ARG B 124 18.92 12.78 15.57
CA ARG B 124 20.32 12.75 15.29
C ARG B 124 20.70 11.64 14.32
N LEU B 125 20.23 10.44 14.60
CA LEU B 125 20.61 9.25 13.83
C LEU B 125 20.02 9.24 12.43
N TYR B 126 18.88 9.88 12.28
CA TYR B 126 18.20 9.94 11.01
C TYR B 126 18.01 11.39 10.65
N LYS B 127 19.04 12.18 10.94
CA LYS B 127 19.07 13.63 10.82
C LYS B 127 18.67 14.11 9.42
N ASP B 128 19.17 13.46 8.41
CA ASP B 128 18.90 13.87 7.05
C ASP B 128 17.52 13.48 6.62
N GLU B 129 17.09 12.32 7.04
CA GLU B 129 15.77 11.84 6.77
C GLU B 129 14.74 12.71 7.48
N PHE B 130 15.08 13.12 8.68
CA PHE B 130 14.27 14.01 9.49
C PHE B 130 14.21 15.38 8.81
N ALA B 131 15.29 15.74 8.15
CA ALA B 131 15.38 16.99 7.41
C ALA B 131 14.41 16.98 6.24
N ILE B 132 14.33 15.83 5.57
CA ILE B 132 13.38 15.65 4.48
C ILE B 132 11.96 15.78 5.05
N GLY B 133 11.80 15.20 6.23
CA GLY B 133 10.53 15.26 6.95
C GLY B 133 10.13 16.67 7.26
N LYS B 134 11.10 17.49 7.66
CA LYS B 134 10.89 18.92 7.93
C LYS B 134 10.37 19.61 6.71
N GLU B 135 11.07 19.44 5.63
CA GLU B 135 10.75 20.12 4.41
C GLU B 135 9.45 19.61 3.80
N ALA B 136 9.17 18.36 4.04
CA ALA B 136 7.92 17.77 3.62
C ALA B 136 6.80 18.31 4.48
N LEU B 137 7.08 18.49 5.76
CA LEU B 137 6.14 19.03 6.72
C LEU B 137 5.72 20.44 6.33
N VAL B 138 6.68 21.24 5.92
CA VAL B 138 6.42 22.59 5.46
C VAL B 138 5.56 22.53 4.18
N MET B 139 5.87 21.59 3.32
CA MET B 139 5.11 21.37 2.10
C MET B 139 3.66 20.97 2.42
N VAL B 140 3.49 20.11 3.42
CA VAL B 140 2.17 19.68 3.87
C VAL B 140 1.37 20.88 4.37
N LYS B 141 1.98 21.73 5.17
CA LYS B 141 1.26 22.85 5.71
C LYS B 141 0.98 23.91 4.65
N ASN B 142 1.78 23.93 3.61
CA ASN B 142 1.55 24.83 2.50
C ASN B 142 0.40 24.40 1.60
N LYS B 143 0.27 23.11 1.35
CA LYS B 143 -0.79 22.65 0.47
C LYS B 143 -2.04 22.14 1.17
N THR B 144 -1.95 21.86 2.45
CA THR B 144 -3.12 21.41 3.16
C THR B 144 -3.33 22.19 4.46
N GLY B 145 -2.25 22.63 5.05
CA GLY B 145 -2.31 23.37 6.26
C GLY B 145 -2.05 22.49 7.46
N VAL B 146 -2.09 21.20 7.23
CA VAL B 146 -1.91 20.22 8.26
C VAL B 146 -0.47 20.26 8.77
N SER B 147 -0.31 20.27 10.06
CA SER B 147 0.98 20.30 10.67
C SER B 147 1.15 19.13 11.64
N LEU B 148 2.07 18.26 11.33
CA LEU B 148 2.39 17.11 12.15
C LEU B 148 3.56 17.45 13.07
N PRO B 149 3.63 16.89 14.28
CA PRO B 149 4.74 17.13 15.20
C PRO B 149 6.01 16.37 14.78
N GLU B 150 7.15 16.71 15.39
CA GLU B 150 8.44 16.11 15.06
C GLU B 150 8.46 14.61 15.33
N ASP B 151 7.64 14.16 16.26
CA ASP B 151 7.49 12.75 16.58
C ASP B 151 6.95 11.97 15.39
N GLU B 152 5.85 12.42 14.80
CA GLU B 152 5.31 11.80 13.59
C GLU B 152 6.32 11.91 12.45
N ALA B 153 6.99 13.06 12.35
CA ALA B 153 8.04 13.29 11.34
C ALA B 153 9.19 12.29 11.50
N GLY B 154 9.48 11.94 12.75
CA GLY B 154 10.48 10.95 13.04
C GLY B 154 10.09 9.59 12.55
N PHE B 155 8.81 9.25 12.69
CA PHE B 155 8.33 7.99 12.17
C PHE B 155 8.41 8.00 10.64
N ILE B 156 8.14 9.17 10.06
CA ILE B 156 8.29 9.37 8.62
C ILE B 156 9.74 9.09 8.19
N ALA B 157 10.69 9.53 9.01
CA ALA B 157 12.11 9.27 8.76
C ALA B 157 12.38 7.75 8.74
N LEU B 158 11.78 7.04 9.67
CA LEU B 158 11.86 5.56 9.69
C LEU B 158 11.21 4.94 8.45
N HIS B 159 10.14 5.54 7.97
CA HIS B 159 9.53 5.06 6.73
C HIS B 159 10.48 5.30 5.57
N ILE B 160 11.14 6.46 5.58
CA ILE B 160 12.09 6.84 4.54
C ILE B 160 13.27 5.88 4.49
N VAL B 161 13.79 5.46 5.64
CA VAL B 161 14.93 4.58 5.65
C VAL B 161 14.57 3.18 5.17
N ASN B 162 13.32 2.79 5.35
CA ASN B 162 12.87 1.49 4.87
C ASN B 162 12.44 1.53 3.41
N ALA B 163 12.09 2.71 2.94
CA ALA B 163 11.71 2.88 1.57
C ALA B 163 12.86 3.40 0.72
N GLU B 164 13.99 3.61 1.34
CA GLU B 164 15.18 4.02 0.65
C GLU B 164 15.75 2.78 -0.02
N LEU B 165 16.61 2.98 -1.00
CA LEU B 165 17.15 1.99 -1.84
C LEU B 165 16.11 1.39 -2.77
N ASN B 166 16.50 1.16 -3.98
CA ASN B 166 15.64 0.56 -4.93
C ASN B 166 16.21 -0.73 -5.37
N GLU B 167 15.96 -1.70 -4.58
CA GLU B 167 16.43 -3.01 -4.82
C GLU B 167 15.36 -3.76 -5.57
N LEU B 168 15.61 -4.02 -6.83
CA LEU B 168 14.67 -4.71 -7.67
C LEU B 168 15.46 -5.51 -8.68
N GLN B 169 14.83 -6.46 -9.29
CA GLN B 169 15.47 -7.28 -10.28
C GLN B 169 14.71 -7.11 -11.57
N MET A 1 -23.30 0.34 -2.31
CA MET A 1 -22.64 0.68 -3.55
C MET A 1 -23.69 0.77 -4.64
N LYS A 2 -23.28 0.94 -5.87
CA LYS A 2 -24.21 0.90 -6.97
C LYS A 2 -23.50 0.44 -8.23
N ILE A 3 -24.23 -0.23 -9.03
CA ILE A 3 -23.76 -0.72 -10.31
C ILE A 3 -23.95 0.41 -11.31
N ALA A 4 -22.88 1.06 -11.67
CA ALA A 4 -22.96 2.21 -12.53
C ALA A 4 -22.81 1.81 -13.98
N LYS A 5 -21.90 0.90 -14.27
CA LYS A 5 -21.68 0.54 -15.63
C LYS A 5 -21.71 -0.95 -15.85
N VAL A 6 -22.72 -1.39 -16.50
CA VAL A 6 -22.85 -2.79 -16.81
C VAL A 6 -22.20 -3.04 -18.15
N ILE A 7 -21.22 -3.88 -18.15
CA ILE A 7 -20.56 -4.19 -19.37
C ILE A 7 -21.20 -5.44 -19.96
N ASN A 8 -21.50 -6.37 -19.10
CA ASN A 8 -22.18 -7.60 -19.49
C ASN A 8 -22.81 -8.21 -18.27
N ASN A 9 -23.44 -9.35 -18.44
CA ASN A 9 -24.13 -10.06 -17.37
C ASN A 9 -23.21 -10.50 -16.24
N ASN A 10 -21.94 -10.70 -16.52
CA ASN A 10 -21.00 -11.17 -15.52
C ASN A 10 -20.10 -10.07 -15.01
N VAL A 11 -19.84 -9.09 -15.83
CA VAL A 11 -18.90 -8.05 -15.49
C VAL A 11 -19.61 -6.70 -15.34
N ILE A 12 -19.44 -6.10 -14.18
CA ILE A 12 -20.04 -4.83 -13.87
C ILE A 12 -19.00 -3.83 -13.36
N SER A 13 -19.32 -2.59 -13.48
CA SER A 13 -18.54 -1.49 -13.05
C SER A 13 -19.28 -0.79 -11.90
N VAL A 14 -18.66 -0.78 -10.78
CA VAL A 14 -19.21 -0.21 -9.58
C VAL A 14 -18.46 1.07 -9.24
N VAL A 15 -19.17 2.15 -9.07
CA VAL A 15 -18.53 3.38 -8.66
C VAL A 15 -18.79 3.54 -7.18
N ASN A 16 -17.72 3.59 -6.41
CA ASN A 16 -17.82 3.67 -4.98
C ASN A 16 -18.06 5.11 -4.51
N GLU A 17 -18.03 5.29 -3.21
CA GLU A 17 -18.37 6.55 -2.58
C GLU A 17 -17.29 7.61 -2.83
N GLN A 18 -16.06 7.17 -2.95
CA GLN A 18 -14.94 8.07 -3.17
C GLN A 18 -14.81 8.46 -4.64
N GLY A 19 -15.66 7.90 -5.46
CA GLY A 19 -15.69 8.24 -6.86
C GLY A 19 -14.69 7.44 -7.68
N LYS A 20 -14.44 6.24 -7.25
CA LYS A 20 -13.57 5.37 -7.97
C LYS A 20 -14.34 4.20 -8.50
N GLU A 21 -13.92 3.66 -9.60
CA GLU A 21 -14.62 2.58 -10.24
C GLU A 21 -13.96 1.25 -9.86
N LEU A 22 -14.77 0.23 -9.79
CA LEU A 22 -14.35 -1.11 -9.53
C LEU A 22 -14.98 -1.99 -10.57
N VAL A 23 -14.27 -2.94 -11.04
CA VAL A 23 -14.81 -3.88 -11.99
C VAL A 23 -14.99 -5.19 -11.28
N VAL A 24 -16.17 -5.63 -11.20
CA VAL A 24 -16.46 -6.82 -10.48
C VAL A 24 -16.95 -7.88 -11.45
N MET A 25 -16.43 -9.07 -11.32
CA MET A 25 -16.81 -10.17 -12.19
C MET A 25 -17.40 -11.29 -11.37
N GLY A 26 -18.51 -11.79 -11.83
CA GLY A 26 -19.14 -12.92 -11.22
C GLY A 26 -20.27 -13.38 -12.06
N ARG A 27 -20.60 -14.62 -11.93
CA ARG A 27 -21.65 -15.24 -12.71
C ARG A 27 -22.98 -14.60 -12.42
N GLY A 28 -23.47 -13.91 -13.41
CA GLY A 28 -24.73 -13.27 -13.35
C GLY A 28 -24.82 -12.21 -12.29
N LEU A 29 -23.86 -11.31 -12.28
CA LEU A 29 -23.87 -10.18 -11.38
C LEU A 29 -24.86 -9.15 -11.83
N ALA A 30 -24.93 -8.92 -13.12
CA ALA A 30 -25.87 -7.98 -13.65
C ALA A 30 -27.18 -8.67 -13.95
N PHE A 31 -27.14 -9.99 -13.99
CA PHE A 31 -28.33 -10.79 -14.16
C PHE A 31 -29.17 -10.68 -12.89
N GLN A 32 -30.42 -10.24 -13.07
CA GLN A 32 -31.35 -10.00 -11.97
C GLN A 32 -30.89 -8.84 -11.10
N LYS A 33 -30.21 -7.91 -11.72
CA LYS A 33 -29.76 -6.68 -11.12
C LYS A 33 -29.95 -5.58 -12.15
N LYS A 34 -29.86 -4.35 -11.72
CA LYS A 34 -30.08 -3.23 -12.60
C LYS A 34 -29.07 -2.14 -12.34
N SER A 35 -28.93 -1.24 -13.28
CA SER A 35 -28.00 -0.15 -13.17
C SER A 35 -28.51 0.86 -12.14
N GLY A 36 -27.67 1.20 -11.19
CA GLY A 36 -28.06 2.13 -10.17
C GLY A 36 -28.59 1.43 -8.95
N ASP A 37 -28.52 0.12 -8.97
CA ASP A 37 -28.93 -0.68 -7.85
C ASP A 37 -27.68 -1.07 -7.08
N ASP A 38 -27.86 -1.49 -5.84
CA ASP A 38 -26.73 -1.81 -4.99
C ASP A 38 -26.09 -3.13 -5.44
N VAL A 39 -24.86 -3.31 -5.13
CA VAL A 39 -24.07 -4.42 -5.59
C VAL A 39 -24.26 -5.64 -4.70
N ASP A 40 -24.41 -6.77 -5.35
CA ASP A 40 -24.58 -8.05 -4.69
C ASP A 40 -23.20 -8.67 -4.51
N GLU A 41 -22.74 -8.80 -3.29
CA GLU A 41 -21.41 -9.26 -3.06
C GLU A 41 -21.30 -10.79 -2.98
N ALA A 42 -22.44 -11.46 -2.99
CA ALA A 42 -22.45 -12.91 -2.90
C ALA A 42 -21.98 -13.53 -4.20
N ARG A 43 -22.29 -12.88 -5.28
CA ARG A 43 -21.96 -13.39 -6.59
C ARG A 43 -20.63 -12.85 -7.11
N ILE A 44 -19.85 -12.24 -6.23
CA ILE A 44 -18.56 -11.73 -6.59
C ILE A 44 -17.51 -12.83 -6.63
N GLU A 45 -16.98 -13.05 -7.79
CA GLU A 45 -15.93 -14.02 -7.97
C GLU A 45 -14.59 -13.34 -8.03
N LYS A 46 -14.57 -12.20 -8.69
CA LYS A 46 -13.36 -11.39 -8.80
C LYS A 46 -13.67 -9.93 -8.67
N VAL A 47 -12.75 -9.19 -8.09
CA VAL A 47 -12.87 -7.77 -7.92
C VAL A 47 -11.66 -7.16 -8.62
N PHE A 48 -11.84 -6.02 -9.20
CA PHE A 48 -10.77 -5.28 -9.78
C PHE A 48 -10.91 -3.84 -9.33
N THR A 49 -9.84 -3.23 -8.94
CA THR A 49 -9.88 -1.86 -8.49
C THR A 49 -9.19 -0.94 -9.50
N LEU A 50 -9.72 0.26 -9.63
CA LEU A 50 -9.24 1.26 -10.59
C LEU A 50 -7.92 1.90 -10.17
N ASP A 51 -7.17 2.20 -11.18
CA ASP A 51 -5.95 2.95 -11.16
C ASP A 51 -6.04 3.99 -12.24
N ASN A 52 -5.85 5.22 -11.88
CA ASN A 52 -5.77 6.28 -12.86
C ASN A 52 -4.31 6.39 -13.14
N LYS A 53 -3.89 5.93 -14.31
CA LYS A 53 -2.48 5.65 -14.62
C LYS A 53 -1.48 6.69 -14.19
N ASP A 54 -1.80 7.92 -14.40
CA ASP A 54 -0.88 9.01 -14.12
C ASP A 54 -0.97 9.53 -12.69
N VAL A 55 -1.88 9.01 -11.93
CA VAL A 55 -2.00 9.41 -10.56
C VAL A 55 -1.45 8.31 -9.66
N SER A 56 -1.88 7.11 -9.91
CA SER A 56 -1.53 5.99 -9.10
C SER A 56 -0.39 5.20 -9.76
N GLU A 57 0.36 5.92 -10.59
CA GLU A 57 1.50 5.40 -11.36
C GLU A 57 2.49 4.66 -10.48
N LYS A 58 2.91 5.32 -9.44
CA LYS A 58 3.86 4.79 -8.49
C LYS A 58 3.18 3.87 -7.47
N PHE A 59 1.88 3.99 -7.38
CA PHE A 59 1.08 3.22 -6.45
C PHE A 59 0.83 1.77 -6.93
N LYS A 60 0.44 1.61 -8.19
CA LYS A 60 0.10 0.29 -8.75
C LYS A 60 1.29 -0.65 -8.94
N THR A 61 2.49 -0.11 -8.92
CA THR A 61 3.70 -0.89 -9.14
C THR A 61 3.82 -2.02 -8.11
N LEU A 62 3.50 -1.70 -6.86
CA LEU A 62 3.54 -2.66 -5.77
C LEU A 62 2.55 -3.78 -6.00
N LEU A 63 1.38 -3.42 -6.51
CA LEU A 63 0.30 -4.38 -6.73
C LEU A 63 0.71 -5.40 -7.80
N TYR A 64 1.56 -4.98 -8.69
CA TYR A 64 2.07 -5.87 -9.68
C TYR A 64 3.22 -6.67 -9.11
N ASP A 65 4.17 -5.97 -8.53
CA ASP A 65 5.44 -6.58 -8.11
C ASP A 65 5.32 -7.56 -6.97
N ILE A 66 4.51 -7.24 -6.05
CA ILE A 66 4.33 -8.04 -4.84
C ILE A 66 3.56 -9.34 -5.14
N PRO A 67 4.16 -10.50 -4.84
CA PRO A 67 3.54 -11.82 -5.06
C PRO A 67 2.37 -12.07 -4.10
N ILE A 68 1.44 -12.91 -4.53
CA ILE A 68 0.27 -13.25 -3.73
C ILE A 68 0.71 -14.02 -2.47
N GLU A 69 1.80 -14.77 -2.60
CA GLU A 69 2.38 -15.52 -1.49
C GLU A 69 2.73 -14.56 -0.37
N CYS A 70 3.48 -13.52 -0.71
CA CYS A 70 3.90 -12.53 0.26
C CYS A 70 2.70 -11.82 0.86
N MET A 71 1.67 -11.58 0.05
CA MET A 71 0.46 -10.93 0.53
C MET A 71 -0.24 -11.80 1.54
N GLU A 72 -0.32 -13.08 1.23
CA GLU A 72 -0.97 -14.04 2.11
C GLU A 72 -0.20 -14.18 3.41
N VAL A 73 1.11 -14.24 3.30
CA VAL A 73 1.97 -14.35 4.46
C VAL A 73 1.81 -13.13 5.36
N SER A 74 1.83 -11.96 4.76
CA SER A 74 1.74 -10.73 5.52
C SER A 74 0.35 -10.59 6.15
N GLU A 75 -0.68 -11.00 5.42
CA GLU A 75 -2.05 -10.93 5.90
C GLU A 75 -2.15 -11.77 7.20
N GLU A 76 -1.59 -12.97 7.14
CA GLU A 76 -1.58 -13.89 8.25
C GLU A 76 -0.69 -13.37 9.39
N ILE A 77 0.41 -12.70 9.02
CA ILE A 77 1.31 -12.11 10.00
C ILE A 77 0.57 -11.06 10.80
N ILE A 78 -0.19 -10.22 10.12
CA ILE A 78 -0.90 -9.16 10.79
C ILE A 78 -1.99 -9.74 11.67
N SER A 79 -2.59 -10.80 11.21
CA SER A 79 -3.62 -11.48 11.96
C SER A 79 -3.04 -12.02 13.29
N TYR A 80 -1.80 -12.48 13.25
CA TYR A 80 -1.15 -12.94 14.45
C TYR A 80 -0.73 -11.74 15.30
N ALA A 81 -0.25 -10.71 14.64
CA ALA A 81 0.21 -9.49 15.31
C ALA A 81 -0.92 -8.82 16.07
N LYS A 82 -2.10 -8.74 15.44
CA LYS A 82 -3.23 -8.10 16.07
C LYS A 82 -3.74 -8.98 17.22
N LEU A 83 -3.56 -10.27 17.08
CA LEU A 83 -3.96 -11.22 18.10
C LEU A 83 -3.08 -11.07 19.33
N GLN A 84 -1.80 -10.83 19.12
CA GLN A 84 -0.86 -10.66 20.21
C GLN A 84 -1.15 -9.38 20.98
N LEU A 85 -1.33 -8.29 20.25
CA LEU A 85 -1.65 -7.01 20.87
C LEU A 85 -3.03 -7.02 21.50
N GLY A 86 -3.97 -7.63 20.81
CA GLY A 86 -5.35 -7.63 21.26
C GLY A 86 -6.08 -6.45 20.66
N LYS A 87 -5.30 -5.59 20.06
CA LYS A 87 -5.77 -4.38 19.43
C LYS A 87 -5.98 -4.66 17.98
N LYS A 88 -6.45 -3.69 17.29
CA LYS A 88 -6.65 -3.77 15.88
C LYS A 88 -5.53 -3.00 15.18
N LEU A 89 -5.13 -3.48 14.04
CA LEU A 89 -4.13 -2.83 13.24
C LEU A 89 -4.79 -2.45 11.95
N ASN A 90 -4.41 -1.33 11.36
CA ASN A 90 -5.08 -0.92 10.13
C ASN A 90 -4.58 -1.74 8.95
N ASP A 91 -5.30 -1.68 7.85
CA ASP A 91 -4.96 -2.42 6.63
C ASP A 91 -3.59 -1.98 6.09
N SER A 92 -3.17 -0.79 6.51
CA SER A 92 -1.92 -0.18 6.11
C SER A 92 -0.71 -1.07 6.45
N ILE A 93 -0.78 -1.82 7.54
CA ILE A 93 0.37 -2.63 7.98
C ILE A 93 0.51 -3.89 7.11
N TYR A 94 -0.58 -4.29 6.49
CA TYR A 94 -0.59 -5.46 5.64
C TYR A 94 0.23 -5.17 4.40
N VAL A 95 0.02 -4.00 3.86
CA VAL A 95 0.71 -3.57 2.67
C VAL A 95 2.15 -3.16 2.99
N SER A 96 2.36 -2.61 4.15
CA SER A 96 3.68 -2.21 4.52
C SER A 96 4.58 -3.39 4.87
N LEU A 97 4.02 -4.46 5.45
CA LEU A 97 4.86 -5.60 5.75
C LEU A 97 5.20 -6.45 4.55
N THR A 98 4.35 -6.48 3.51
CA THR A 98 4.72 -7.20 2.29
C THR A 98 5.93 -6.54 1.68
N ASN A 99 5.90 -5.22 1.73
CA ASN A 99 6.97 -4.41 1.20
C ASN A 99 8.20 -4.52 2.06
N HIS A 100 8.01 -4.66 3.36
CA HIS A 100 9.14 -4.80 4.25
C HIS A 100 9.80 -6.16 4.02
N ILE A 101 8.98 -7.20 3.81
CA ILE A 101 9.50 -8.52 3.48
C ILE A 101 10.24 -8.46 2.15
N ASN A 102 9.72 -7.66 1.24
CA ASN A 102 10.36 -7.41 -0.06
C ASN A 102 11.76 -6.82 0.14
N PHE A 103 11.87 -5.83 1.03
CA PHE A 103 13.17 -5.26 1.35
C PHE A 103 14.07 -6.31 1.95
N ALA A 104 13.53 -7.07 2.87
CA ALA A 104 14.27 -8.08 3.57
C ALA A 104 14.81 -9.12 2.60
N ILE A 105 13.99 -9.54 1.67
CA ILE A 105 14.41 -10.54 0.70
C ILE A 105 15.55 -10.01 -0.16
N GLN A 106 15.44 -8.77 -0.59
CA GLN A 106 16.48 -8.21 -1.44
C GLN A 106 17.77 -8.01 -0.67
N ARG A 107 17.67 -7.54 0.56
CA ARG A 107 18.85 -7.31 1.35
C ARG A 107 19.46 -8.61 1.82
N ASN A 108 18.63 -9.58 2.14
CA ASN A 108 19.11 -10.87 2.60
C ASN A 108 19.85 -11.60 1.48
N GLN A 109 19.33 -11.48 0.25
CA GLN A 109 19.96 -12.12 -0.89
C GLN A 109 21.29 -11.44 -1.27
N LYS A 110 21.47 -10.20 -0.84
CA LYS A 110 22.70 -9.49 -1.08
C LYS A 110 23.67 -9.66 0.07
N GLY A 111 23.23 -10.36 1.10
CA GLY A 111 24.04 -10.54 2.30
C GLY A 111 24.25 -9.23 3.02
N LEU A 112 23.24 -8.41 3.00
CA LEU A 112 23.25 -7.10 3.59
C LEU A 112 22.16 -7.05 4.65
N ASP A 113 22.35 -6.24 5.66
CA ASP A 113 21.33 -6.05 6.69
C ASP A 113 21.34 -4.59 7.00
N ILE A 114 20.20 -4.00 7.14
CA ILE A 114 20.19 -2.61 7.54
C ILE A 114 20.17 -2.53 9.05
N LYS A 115 21.13 -1.83 9.62
CA LYS A 115 21.27 -1.79 11.06
C LYS A 115 20.36 -0.75 11.68
N ASN A 116 19.80 -1.10 12.79
CA ASN A 116 18.92 -0.26 13.52
C ASN A 116 19.69 0.26 14.74
N ALA A 117 20.07 1.51 14.74
CA ALA A 117 20.81 2.06 15.87
C ALA A 117 19.89 2.55 16.97
N LEU A 118 18.63 2.39 16.73
CA LEU A 118 17.60 2.72 17.69
C LEU A 118 17.04 1.44 18.26
N LEU A 119 17.70 0.33 17.94
CA LEU A 119 17.27 -1.00 18.29
C LEU A 119 17.12 -1.16 19.79
N TRP A 120 18.11 -0.74 20.53
CA TRP A 120 18.15 -0.96 21.95
C TRP A 120 17.18 -0.06 22.68
N GLU A 121 16.94 1.10 22.12
CA GLU A 121 16.01 2.03 22.69
C GLU A 121 14.57 1.56 22.38
N THR A 122 14.35 1.13 21.14
CA THR A 122 13.06 0.62 20.70
C THR A 122 12.70 -0.64 21.48
N LYS A 123 13.70 -1.46 21.76
CA LYS A 123 13.55 -2.71 22.48
C LYS A 123 13.02 -2.43 23.91
N ARG A 124 13.33 -1.26 24.45
CA ARG A 124 12.87 -0.89 25.77
C ARG A 124 11.48 -0.27 25.70
N LEU A 125 11.35 0.76 24.89
CA LEU A 125 10.13 1.55 24.80
C LEU A 125 8.97 0.77 24.19
N TYR A 126 9.28 -0.11 23.29
CA TYR A 126 8.29 -0.88 22.59
C TYR A 126 8.63 -2.35 22.75
N LYS A 127 8.84 -2.74 24.00
CA LYS A 127 9.26 -4.10 24.37
C LYS A 127 8.33 -5.17 23.80
N ASP A 128 7.05 -4.97 23.97
CA ASP A 128 6.08 -5.96 23.54
C ASP A 128 5.87 -5.94 22.06
N GLU A 129 5.97 -4.77 21.48
CA GLU A 129 5.81 -4.60 20.05
C GLU A 129 6.98 -5.25 19.32
N PHE A 130 8.18 -5.07 19.86
CA PHE A 130 9.38 -5.69 19.33
C PHE A 130 9.28 -7.19 19.48
N ALA A 131 8.70 -7.65 20.58
CA ALA A 131 8.49 -9.06 20.83
C ALA A 131 7.56 -9.66 19.78
N ILE A 132 6.54 -8.90 19.39
CA ILE A 132 5.61 -9.30 18.33
C ILE A 132 6.34 -9.33 16.98
N GLY A 133 7.25 -8.38 16.79
CA GLY A 133 8.10 -8.38 15.62
C GLY A 133 8.95 -9.64 15.58
N LYS A 134 9.39 -10.06 16.74
CA LYS A 134 10.14 -11.29 16.90
C LYS A 134 9.25 -12.50 16.67
N GLU A 135 8.01 -12.46 17.17
CA GLU A 135 7.02 -13.53 16.95
C GLU A 135 6.84 -13.72 15.46
N ALA A 136 6.65 -12.59 14.77
CA ALA A 136 6.48 -12.56 13.35
C ALA A 136 7.71 -13.12 12.67
N LEU A 137 8.87 -12.75 13.18
CA LEU A 137 10.14 -13.23 12.64
C LEU A 137 10.25 -14.74 12.76
N VAL A 138 9.83 -15.28 13.91
CA VAL A 138 9.84 -16.72 14.11
C VAL A 138 8.91 -17.38 13.11
N MET A 139 7.76 -16.77 12.93
CA MET A 139 6.79 -17.27 11.99
C MET A 139 7.34 -17.19 10.56
N VAL A 140 7.98 -16.09 10.22
CA VAL A 140 8.53 -15.92 8.88
C VAL A 140 9.58 -16.99 8.58
N LYS A 141 10.46 -17.25 9.53
CA LYS A 141 11.50 -18.20 9.28
C LYS A 141 10.99 -19.64 9.31
N ASN A 142 9.94 -19.90 10.03
CA ASN A 142 9.37 -21.23 10.06
C ASN A 142 8.35 -21.47 8.95
N LYS A 143 7.74 -20.40 8.47
CA LYS A 143 6.75 -20.50 7.42
C LYS A 143 7.41 -20.42 6.04
N THR A 144 8.42 -19.59 5.89
CA THR A 144 9.05 -19.42 4.59
C THR A 144 10.53 -19.74 4.59
N GLY A 145 11.17 -19.49 5.70
CA GLY A 145 12.57 -19.75 5.80
C GLY A 145 13.39 -18.49 5.75
N VAL A 146 12.77 -17.40 5.28
CA VAL A 146 13.44 -16.11 5.20
C VAL A 146 13.80 -15.65 6.62
N SER A 147 15.06 -15.49 6.88
CA SER A 147 15.53 -15.14 8.18
C SER A 147 16.04 -13.69 8.18
N LEU A 148 15.39 -12.85 8.96
CA LEU A 148 15.72 -11.43 9.06
C LEU A 148 16.53 -11.19 10.34
N PRO A 149 17.32 -10.11 10.37
CA PRO A 149 18.06 -9.73 11.57
C PRO A 149 17.19 -8.93 12.56
N GLU A 150 17.70 -8.77 13.79
CA GLU A 150 17.00 -8.08 14.87
C GLU A 150 16.68 -6.63 14.49
N ASP A 151 17.62 -6.02 13.79
CA ASP A 151 17.53 -4.62 13.35
C ASP A 151 16.31 -4.39 12.53
N GLU A 152 16.20 -5.16 11.47
CA GLU A 152 15.08 -5.09 10.56
C GLU A 152 13.75 -5.43 11.26
N ALA A 153 13.80 -6.35 12.22
CA ALA A 153 12.63 -6.70 13.03
C ALA A 153 12.21 -5.50 13.89
N GLY A 154 13.19 -4.71 14.32
CA GLY A 154 12.91 -3.49 15.04
C GLY A 154 12.21 -2.49 14.16
N PHE A 155 12.62 -2.41 12.91
CA PHE A 155 11.92 -1.53 11.97
C PHE A 155 10.50 -2.00 11.75
N ILE A 156 10.30 -3.32 11.74
CA ILE A 156 8.96 -3.90 11.67
C ILE A 156 8.10 -3.38 12.83
N ALA A 157 8.68 -3.36 14.02
CA ALA A 157 8.01 -2.84 15.21
C ALA A 157 7.60 -1.37 15.01
N LEU A 158 8.47 -0.58 14.39
CA LEU A 158 8.15 0.83 14.06
C LEU A 158 6.99 0.95 13.08
N HIS A 159 6.89 0.02 12.16
CA HIS A 159 5.76 0.03 11.25
C HIS A 159 4.47 -0.34 11.97
N ILE A 160 4.60 -1.29 12.89
CA ILE A 160 3.47 -1.76 13.69
C ILE A 160 2.89 -0.63 14.54
N VAL A 161 3.74 0.16 15.18
CA VAL A 161 3.27 1.21 16.05
C VAL A 161 2.55 2.32 15.27
N ASN A 162 2.97 2.58 14.04
CA ASN A 162 2.29 3.57 13.21
C ASN A 162 0.96 3.05 12.69
N ALA A 163 0.92 1.78 12.36
CA ALA A 163 -0.27 1.19 11.81
C ALA A 163 -1.23 0.68 12.88
N GLU A 164 -0.80 0.76 14.12
CA GLU A 164 -1.65 0.42 15.24
C GLU A 164 -2.83 1.36 15.23
N LEU A 165 -4.02 0.83 15.41
CA LEU A 165 -5.18 1.66 15.44
C LEU A 165 -5.29 2.41 16.72
N ASN A 166 -4.64 3.51 16.69
CA ASN A 166 -4.66 4.53 17.71
C ASN A 166 -6.03 5.18 17.71
N GLU A 167 -6.95 4.46 18.24
CA GLU A 167 -8.30 4.86 18.32
C GLU A 167 -8.86 4.31 19.62
N LEU A 168 -9.80 5.01 20.18
CA LEU A 168 -10.41 4.61 21.40
C LEU A 168 -11.68 3.86 21.10
N GLN A 169 -11.62 2.56 21.15
CA GLN A 169 -12.75 1.73 20.90
C GLN A 169 -13.35 1.35 22.23
N MET B 1 3.14 -6.81 -21.78
CA MET B 1 1.91 -7.49 -21.40
C MET B 1 1.27 -8.06 -22.64
N LYS B 2 0.09 -8.62 -22.51
CA LYS B 2 -0.63 -9.08 -23.66
C LYS B 2 -2.10 -9.09 -23.34
N ILE B 3 -2.88 -8.97 -24.36
CA ILE B 3 -4.31 -9.03 -24.27
C ILE B 3 -4.69 -10.49 -24.29
N ALA B 4 -5.38 -10.93 -23.28
CA ALA B 4 -5.75 -12.32 -23.18
C ALA B 4 -7.25 -12.52 -23.28
N LYS B 5 -8.01 -11.56 -22.78
CA LYS B 5 -9.45 -11.63 -22.81
C LYS B 5 -10.04 -10.30 -23.25
N VAL B 6 -11.07 -10.34 -24.03
CA VAL B 6 -11.69 -9.13 -24.54
C VAL B 6 -13.13 -9.07 -24.07
N ILE B 7 -13.48 -8.01 -23.40
CA ILE B 7 -14.82 -7.82 -22.91
C ILE B 7 -15.62 -6.98 -23.91
N ASN B 8 -14.92 -6.09 -24.56
CA ASN B 8 -15.40 -5.26 -25.66
C ASN B 8 -14.23 -4.55 -26.22
N ASN B 9 -14.38 -3.74 -27.24
CA ASN B 9 -13.21 -3.11 -27.86
C ASN B 9 -12.57 -2.03 -27.00
N ASN B 10 -13.23 -1.61 -25.94
CA ASN B 10 -12.67 -0.61 -25.07
C ASN B 10 -12.09 -1.24 -23.83
N VAL B 11 -12.64 -2.37 -23.46
CA VAL B 11 -12.25 -3.00 -22.23
C VAL B 11 -11.63 -4.35 -22.52
N ILE B 12 -10.41 -4.52 -22.08
CA ILE B 12 -9.71 -5.75 -22.30
C ILE B 12 -9.14 -6.31 -21.00
N SER B 13 -8.76 -7.53 -21.06
CA SER B 13 -8.25 -8.27 -19.98
C SER B 13 -6.83 -8.72 -20.29
N VAL B 14 -5.94 -8.34 -19.45
CA VAL B 14 -4.55 -8.65 -19.56
C VAL B 14 -4.21 -9.68 -18.51
N VAL B 15 -3.48 -10.68 -18.88
CA VAL B 15 -2.96 -11.60 -17.91
C VAL B 15 -1.48 -11.33 -17.80
N ASN B 16 -1.09 -10.81 -16.67
CA ASN B 16 0.29 -10.49 -16.41
C ASN B 16 1.06 -11.78 -16.14
N GLU B 17 2.38 -11.69 -16.14
CA GLU B 17 3.31 -12.84 -16.01
C GLU B 17 2.94 -13.74 -14.83
N GLN B 18 2.50 -13.14 -13.75
CA GLN B 18 2.19 -13.89 -12.53
C GLN B 18 0.73 -14.36 -12.49
N GLY B 19 0.05 -14.26 -13.60
CA GLY B 19 -1.32 -14.73 -13.67
C GLY B 19 -2.30 -13.75 -13.10
N LYS B 20 -1.89 -12.51 -13.02
CA LYS B 20 -2.72 -11.46 -12.52
C LYS B 20 -3.50 -10.86 -13.64
N GLU B 21 -4.78 -10.90 -13.52
CA GLU B 21 -5.62 -10.33 -14.54
C GLU B 21 -5.77 -8.84 -14.29
N LEU B 22 -5.69 -8.09 -15.33
CA LEU B 22 -5.86 -6.68 -15.27
C LEU B 22 -6.91 -6.33 -16.29
N VAL B 23 -7.75 -5.42 -15.95
CA VAL B 23 -8.77 -4.98 -16.85
C VAL B 23 -8.45 -3.56 -17.23
N VAL B 24 -8.10 -3.34 -18.44
CA VAL B 24 -7.70 -2.04 -18.86
C VAL B 24 -8.79 -1.49 -19.77
N MET B 25 -9.11 -0.24 -19.58
CA MET B 25 -10.13 0.39 -20.38
C MET B 25 -9.57 1.58 -21.10
N GLY B 26 -9.95 1.69 -22.31
CA GLY B 26 -9.62 2.79 -23.13
C GLY B 26 -10.33 2.66 -24.41
N ARG B 27 -10.75 3.76 -24.91
CA ARG B 27 -11.55 3.80 -26.10
C ARG B 27 -10.77 3.22 -27.28
N GLY B 28 -11.23 2.07 -27.75
CA GLY B 28 -10.63 1.40 -28.87
C GLY B 28 -9.33 0.71 -28.54
N LEU B 29 -9.21 0.17 -27.34
CA LEU B 29 -8.04 -0.61 -26.95
C LEU B 29 -7.87 -1.83 -27.83
N ALA B 30 -8.95 -2.56 -28.03
CA ALA B 30 -8.87 -3.81 -28.79
C ALA B 30 -8.95 -3.57 -30.27
N PHE B 31 -9.27 -2.34 -30.64
CA PHE B 31 -9.41 -1.99 -32.03
C PHE B 31 -8.05 -2.07 -32.71
N GLN B 32 -7.92 -3.01 -33.64
CA GLN B 32 -6.69 -3.27 -34.40
C GLN B 32 -5.64 -4.00 -33.57
N LYS B 33 -6.07 -4.48 -32.44
CA LYS B 33 -5.25 -5.24 -31.54
C LYS B 33 -5.77 -6.65 -31.44
N LYS B 34 -5.00 -7.55 -30.91
CA LYS B 34 -5.38 -8.93 -30.87
C LYS B 34 -4.81 -9.62 -29.63
N SER B 35 -5.35 -10.77 -29.31
CA SER B 35 -4.92 -11.53 -28.17
C SER B 35 -3.48 -12.02 -28.39
N GLY B 36 -2.66 -11.88 -27.38
CA GLY B 36 -1.27 -12.25 -27.47
C GLY B 36 -0.39 -11.07 -27.82
N ASP B 37 -1.00 -9.97 -28.11
CA ASP B 37 -0.28 -8.77 -28.45
C ASP B 37 -0.28 -7.83 -27.25
N ASP B 38 0.71 -6.97 -27.18
CA ASP B 38 0.89 -6.07 -26.03
C ASP B 38 -0.07 -4.90 -26.09
N VAL B 39 -0.47 -4.44 -24.94
CA VAL B 39 -1.43 -3.40 -24.80
C VAL B 39 -0.76 -2.04 -24.97
N ASP B 40 -1.28 -1.26 -25.89
CA ASP B 40 -0.80 0.10 -26.12
C ASP B 40 -1.00 0.93 -24.87
N GLU B 41 0.09 1.49 -24.38
CA GLU B 41 0.09 2.19 -23.10
C GLU B 41 -0.49 3.61 -23.18
N ALA B 42 -0.72 4.10 -24.37
CA ALA B 42 -1.25 5.44 -24.54
C ALA B 42 -2.77 5.42 -24.56
N ARG B 43 -3.32 4.38 -25.19
CA ARG B 43 -4.77 4.20 -25.28
C ARG B 43 -5.37 3.85 -23.92
N ILE B 44 -4.52 3.50 -22.98
CA ILE B 44 -4.92 3.19 -21.64
C ILE B 44 -5.46 4.44 -20.95
N GLU B 45 -6.71 4.43 -20.65
CA GLU B 45 -7.31 5.52 -19.95
C GLU B 45 -7.53 5.13 -18.51
N LYS B 46 -8.00 3.92 -18.30
CA LYS B 46 -8.26 3.40 -16.97
C LYS B 46 -7.61 2.05 -16.82
N VAL B 47 -7.00 1.81 -15.70
CA VAL B 47 -6.42 0.53 -15.41
C VAL B 47 -7.16 -0.05 -14.24
N PHE B 48 -7.44 -1.31 -14.27
CA PHE B 48 -8.02 -1.99 -13.16
C PHE B 48 -7.18 -3.20 -12.86
N THR B 49 -6.87 -3.37 -11.62
CA THR B 49 -6.04 -4.47 -11.18
C THR B 49 -6.85 -5.43 -10.32
N LEU B 50 -6.62 -6.73 -10.50
CA LEU B 50 -7.35 -7.78 -9.78
C LEU B 50 -7.08 -7.77 -8.28
N ASP B 51 -8.15 -7.95 -7.56
CA ASP B 51 -8.16 -8.07 -6.15
C ASP B 51 -8.98 -9.30 -5.81
N ASN B 52 -8.47 -10.14 -4.96
CA ASN B 52 -9.25 -11.26 -4.54
C ASN B 52 -9.90 -10.93 -3.23
N LYS B 53 -11.22 -10.91 -3.27
CA LYS B 53 -12.10 -10.42 -2.21
C LYS B 53 -11.70 -10.81 -0.80
N ASP B 54 -11.43 -12.05 -0.62
CA ASP B 54 -11.15 -12.59 0.68
C ASP B 54 -9.68 -12.50 1.09
N VAL B 55 -8.82 -12.53 0.11
CA VAL B 55 -7.39 -12.54 0.39
C VAL B 55 -6.87 -11.12 0.53
N SER B 56 -7.31 -10.29 -0.35
CA SER B 56 -6.88 -8.94 -0.41
C SER B 56 -7.93 -8.04 0.25
N GLU B 57 -8.59 -8.60 1.24
CA GLU B 57 -9.66 -7.94 1.98
C GLU B 57 -9.22 -6.59 2.53
N LYS B 58 -8.13 -6.61 3.24
CA LYS B 58 -7.59 -5.44 3.84
C LYS B 58 -6.82 -4.61 2.82
N PHE B 59 -6.15 -5.32 1.94
CA PHE B 59 -5.34 -4.73 0.90
C PHE B 59 -6.10 -3.68 0.03
N LYS B 60 -7.36 -3.94 -0.28
CA LYS B 60 -8.14 -3.02 -1.12
C LYS B 60 -8.77 -1.86 -0.36
N THR B 61 -9.07 -2.03 0.92
CA THR B 61 -9.82 -1.01 1.66
C THR B 61 -9.04 0.30 1.85
N LEU B 62 -7.75 0.25 1.63
CA LEU B 62 -6.95 1.44 1.67
C LEU B 62 -7.19 2.26 0.42
N LEU B 63 -7.07 1.59 -0.72
CA LEU B 63 -7.15 2.21 -2.04
C LEU B 63 -8.49 2.90 -2.27
N TYR B 64 -9.51 2.39 -1.63
CA TYR B 64 -10.84 2.92 -1.80
C TYR B 64 -11.05 4.21 -1.04
N ASP B 65 -10.64 4.22 0.21
CA ASP B 65 -11.01 5.29 1.12
C ASP B 65 -10.02 6.44 1.16
N ILE B 66 -8.94 6.27 0.49
CA ILE B 66 -7.92 7.31 0.42
C ILE B 66 -8.21 8.28 -0.75
N PRO B 67 -8.53 9.56 -0.41
CA PRO B 67 -8.84 10.61 -1.41
C PRO B 67 -7.69 10.86 -2.39
N ILE B 68 -8.02 11.41 -3.55
CA ILE B 68 -7.07 11.65 -4.60
C ILE B 68 -6.03 12.68 -4.15
N GLU B 69 -6.47 13.71 -3.39
CA GLU B 69 -5.55 14.73 -2.89
C GLU B 69 -4.49 14.09 -2.04
N CYS B 70 -4.89 13.19 -1.15
CA CYS B 70 -3.96 12.50 -0.28
C CYS B 70 -2.93 11.71 -1.09
N MET B 71 -3.41 11.04 -2.15
CA MET B 71 -2.53 10.27 -3.01
C MET B 71 -1.58 11.18 -3.75
N GLU B 72 -2.12 12.27 -4.24
CA GLU B 72 -1.38 13.24 -4.99
C GLU B 72 -0.31 13.88 -4.12
N VAL B 73 -0.68 14.25 -2.91
CA VAL B 73 0.24 14.88 -1.98
C VAL B 73 1.38 13.94 -1.64
N SER B 74 1.08 12.68 -1.43
CA SER B 74 2.10 11.71 -1.08
C SER B 74 3.02 11.43 -2.26
N GLU B 75 2.45 11.37 -3.46
CA GLU B 75 3.22 11.12 -4.68
C GLU B 75 4.18 12.33 -4.85
N GLU B 76 3.62 13.51 -4.61
CA GLU B 76 4.32 14.77 -4.67
C GLU B 76 5.41 14.87 -3.60
N ILE B 77 5.15 14.32 -2.42
CA ILE B 77 6.14 14.30 -1.34
C ILE B 77 7.39 13.59 -1.82
N ILE B 78 7.18 12.47 -2.49
CA ILE B 78 8.30 11.72 -2.96
C ILE B 78 8.92 12.39 -4.18
N SER B 79 8.11 13.18 -4.87
CA SER B 79 8.56 13.93 -6.02
C SER B 79 9.51 15.06 -5.56
N TYR B 80 9.26 15.57 -4.38
CA TYR B 80 10.12 16.57 -3.78
C TYR B 80 11.34 15.88 -3.18
N ALA B 81 11.13 14.72 -2.61
CA ALA B 81 12.20 13.94 -2.04
C ALA B 81 13.21 13.52 -3.10
N LYS B 82 12.71 13.05 -4.25
CA LYS B 82 13.58 12.62 -5.34
C LYS B 82 14.34 13.82 -5.89
N LEU B 83 13.68 14.97 -5.89
CA LEU B 83 14.21 16.22 -6.37
C LEU B 83 15.40 16.65 -5.53
N GLN B 84 15.29 16.47 -4.23
CA GLN B 84 16.35 16.85 -3.31
C GLN B 84 17.49 15.82 -3.29
N LEU B 85 17.13 14.56 -3.44
CA LEU B 85 18.09 13.47 -3.35
C LEU B 85 18.85 13.21 -4.64
N GLY B 86 18.12 12.96 -5.71
CA GLY B 86 18.75 12.43 -6.90
C GLY B 86 18.67 10.92 -6.85
N LYS B 87 17.69 10.47 -6.10
CA LYS B 87 17.38 9.07 -5.90
C LYS B 87 15.89 8.91 -5.98
N LYS B 88 15.45 7.70 -5.96
CA LYS B 88 14.06 7.40 -5.83
C LYS B 88 13.90 6.73 -4.51
N LEU B 89 12.73 6.79 -3.96
CA LEU B 89 12.41 6.04 -2.77
C LEU B 89 11.50 4.94 -3.23
N ASN B 90 11.54 3.80 -2.57
CA ASN B 90 10.75 2.66 -3.03
C ASN B 90 9.27 2.96 -2.84
N ASP B 91 8.45 2.37 -3.68
CA ASP B 91 7.00 2.70 -3.82
C ASP B 91 6.22 2.49 -2.52
N SER B 92 6.84 1.76 -1.62
CA SER B 92 6.32 1.46 -0.30
C SER B 92 5.99 2.73 0.49
N ILE B 93 6.81 3.77 0.31
CA ILE B 93 6.66 4.99 1.07
C ILE B 93 5.42 5.79 0.62
N TYR B 94 5.04 5.61 -0.62
CA TYR B 94 3.90 6.34 -1.17
C TYR B 94 2.61 5.89 -0.51
N VAL B 95 2.46 4.59 -0.43
CA VAL B 95 1.24 4.02 0.11
C VAL B 95 1.22 4.14 1.65
N SER B 96 2.37 4.20 2.25
CA SER B 96 2.43 4.35 3.66
C SER B 96 2.19 5.80 4.09
N LEU B 97 2.69 6.77 3.30
CA LEU B 97 2.51 8.16 3.65
C LEU B 97 1.07 8.59 3.47
N THR B 98 0.39 8.04 2.49
CA THR B 98 -1.01 8.38 2.28
C THR B 98 -1.84 7.99 3.48
N ASN B 99 -1.59 6.81 3.97
CA ASN B 99 -2.31 6.32 5.09
C ASN B 99 -1.88 7.01 6.34
N HIS B 100 -0.61 7.28 6.45
CA HIS B 100 -0.09 7.90 7.64
C HIS B 100 -0.55 9.35 7.73
N ILE B 101 -0.59 10.06 6.60
CA ILE B 101 -1.02 11.45 6.63
C ILE B 101 -2.50 11.54 7.00
N ASN B 102 -3.30 10.65 6.43
CA ASN B 102 -4.73 10.66 6.69
C ASN B 102 -4.99 10.31 8.14
N PHE B 103 -4.28 9.31 8.64
CA PHE B 103 -4.42 8.91 10.01
C PHE B 103 -3.86 9.93 10.98
N ALA B 104 -2.82 10.62 10.58
CA ALA B 104 -2.25 11.67 11.39
C ALA B 104 -3.26 12.77 11.59
N ILE B 105 -3.97 13.12 10.53
CA ILE B 105 -5.00 14.13 10.62
C ILE B 105 -6.09 13.66 11.57
N GLN B 106 -6.56 12.43 11.35
CA GLN B 106 -7.68 11.88 12.12
C GLN B 106 -7.34 11.72 13.60
N ARG B 107 -6.10 11.39 13.87
CA ARG B 107 -5.65 11.27 15.23
C ARG B 107 -5.43 12.62 15.86
N ASN B 108 -4.85 13.53 15.10
CA ASN B 108 -4.49 14.80 15.65
C ASN B 108 -5.71 15.70 15.82
N GLN B 109 -6.79 15.43 15.05
CA GLN B 109 -8.06 16.14 15.24
C GLN B 109 -8.59 15.93 16.64
N LYS B 110 -8.34 14.75 17.19
CA LYS B 110 -8.86 14.39 18.47
C LYS B 110 -7.79 14.49 19.54
N GLY B 111 -6.73 15.23 19.23
CA GLY B 111 -5.68 15.50 20.17
C GLY B 111 -4.87 14.27 20.52
N LEU B 112 -4.76 13.37 19.60
CA LEU B 112 -3.97 12.20 19.84
C LEU B 112 -2.71 12.27 19.01
N ASP B 113 -1.73 12.91 19.58
CA ASP B 113 -0.43 13.08 18.97
C ASP B 113 0.42 11.88 19.32
N ILE B 114 1.22 11.40 18.41
CA ILE B 114 2.06 10.25 18.68
C ILE B 114 3.48 10.67 19.01
N LYS B 115 3.87 10.52 20.26
CA LYS B 115 5.15 11.02 20.70
C LYS B 115 6.26 10.03 20.41
N ASN B 116 7.31 10.54 19.84
CA ASN B 116 8.42 9.74 19.41
C ASN B 116 9.58 9.93 20.38
N ALA B 117 9.81 8.98 21.26
CA ALA B 117 10.91 9.11 22.23
C ALA B 117 12.26 8.77 21.61
N LEU B 118 12.26 8.56 20.33
CA LEU B 118 13.44 8.23 19.59
C LEU B 118 13.90 9.47 18.81
N LEU B 119 13.09 10.51 18.91
CA LEU B 119 13.16 11.72 18.09
C LEU B 119 14.54 12.35 18.05
N TRP B 120 15.11 12.51 19.20
CA TRP B 120 16.35 13.21 19.34
C TRP B 120 17.50 12.45 18.69
N GLU B 121 17.47 11.15 18.82
CA GLU B 121 18.49 10.33 18.24
C GLU B 121 18.22 10.16 16.74
N THR B 122 16.95 10.03 16.38
CA THR B 122 16.49 9.96 14.99
C THR B 122 16.99 11.17 14.21
N LYS B 123 16.86 12.33 14.83
CA LYS B 123 17.30 13.61 14.29
C LYS B 123 18.80 13.59 13.97
N ARG B 124 19.56 12.88 14.78
CA ARG B 124 20.98 12.80 14.63
C ARG B 124 21.41 11.70 13.64
N LEU B 125 20.84 10.52 13.83
CA LEU B 125 21.18 9.37 13.01
C LEU B 125 20.67 9.51 11.59
N TYR B 126 19.46 9.95 11.45
CA TYR B 126 18.81 10.05 10.17
C TYR B 126 18.56 11.51 9.89
N LYS B 127 19.61 12.28 10.06
CA LYS B 127 19.62 13.73 9.99
C LYS B 127 18.96 14.27 8.74
N ASP B 128 19.38 13.77 7.62
CA ASP B 128 18.92 14.33 6.38
C ASP B 128 17.58 13.81 5.98
N GLU B 129 17.31 12.56 6.31
CA GLU B 129 16.02 11.97 6.02
C GLU B 129 14.95 12.62 6.88
N PHE B 130 15.31 12.95 8.11
CA PHE B 130 14.44 13.66 9.03
C PHE B 130 14.17 15.06 8.49
N ALA B 131 15.22 15.69 7.99
CA ALA B 131 15.11 17.03 7.38
C ALA B 131 14.14 17.01 6.20
N ILE B 132 14.25 15.98 5.36
CA ILE B 132 13.37 15.82 4.21
C ILE B 132 11.93 15.59 4.69
N GLY B 133 11.80 14.79 5.76
CA GLY B 133 10.50 14.55 6.35
C GLY B 133 9.87 15.82 6.87
N LYS B 134 10.70 16.67 7.42
CA LYS B 134 10.27 17.96 7.92
C LYS B 134 9.82 18.87 6.79
N GLU B 135 10.55 18.89 5.69
CA GLU B 135 10.17 19.73 4.56
C GLU B 135 8.89 19.21 3.91
N ALA B 136 8.74 17.89 3.89
CA ALA B 136 7.53 17.27 3.40
C ALA B 136 6.37 17.68 4.29
N LEU B 137 6.63 17.67 5.59
CA LEU B 137 5.68 18.07 6.61
C LEU B 137 5.25 19.53 6.37
N VAL B 138 6.21 20.38 6.02
CA VAL B 138 5.93 21.78 5.72
C VAL B 138 4.97 21.86 4.53
N MET B 139 5.22 21.06 3.51
CA MET B 139 4.37 21.05 2.33
C MET B 139 2.97 20.53 2.67
N VAL B 140 2.92 19.52 3.53
CA VAL B 140 1.66 18.95 3.96
C VAL B 140 0.84 19.98 4.72
N LYS B 141 1.48 20.71 5.65
CA LYS B 141 0.76 21.67 6.44
C LYS B 141 0.32 22.84 5.59
N ASN B 142 1.12 23.18 4.60
CA ASN B 142 0.78 24.26 3.69
C ASN B 142 -0.41 23.94 2.82
N LYS B 143 -0.50 22.70 2.38
CA LYS B 143 -1.62 22.31 1.57
C LYS B 143 -2.87 22.01 2.37
N THR B 144 -2.74 21.46 3.55
CA THR B 144 -3.91 21.03 4.29
C THR B 144 -4.31 21.98 5.41
N GLY B 145 -3.33 22.58 6.01
CA GLY B 145 -3.57 23.39 7.16
C GLY B 145 -3.39 22.58 8.44
N VAL B 146 -3.03 21.33 8.29
CA VAL B 146 -2.78 20.46 9.43
C VAL B 146 -1.31 20.53 9.79
N SER B 147 -1.00 21.07 10.93
CA SER B 147 0.38 21.22 11.35
C SER B 147 0.82 20.00 12.16
N LEU B 148 1.78 19.26 11.65
CA LEU B 148 2.23 18.05 12.30
C LEU B 148 3.42 18.33 13.23
N PRO B 149 3.34 17.84 14.48
CA PRO B 149 4.45 17.88 15.47
C PRO B 149 5.73 17.14 14.98
N GLU B 150 6.83 17.37 15.72
CA GLU B 150 8.15 16.80 15.39
C GLU B 150 8.14 15.29 15.57
N ASP B 151 7.41 14.85 16.56
CA ASP B 151 7.31 13.42 16.91
C ASP B 151 6.78 12.60 15.77
N GLU B 152 5.68 13.06 15.19
CA GLU B 152 5.03 12.35 14.08
C GLU B 152 6.05 12.26 12.93
N ALA B 153 6.78 13.36 12.73
CA ALA B 153 7.80 13.48 11.69
C ALA B 153 8.93 12.48 11.94
N GLY B 154 9.22 12.24 13.21
CA GLY B 154 10.19 11.23 13.59
C GLY B 154 9.78 9.87 13.09
N PHE B 155 8.51 9.52 13.27
CA PHE B 155 8.00 8.24 12.75
C PHE B 155 8.03 8.23 11.24
N ILE B 156 7.74 9.40 10.65
CA ILE B 156 7.83 9.56 9.20
C ILE B 156 9.27 9.30 8.73
N ALA B 157 10.24 9.84 9.45
CA ALA B 157 11.65 9.65 9.15
C ALA B 157 12.02 8.17 9.15
N LEU B 158 11.50 7.43 10.15
CA LEU B 158 11.72 5.97 10.21
C LEU B 158 11.16 5.27 8.99
N HIS B 159 10.07 5.76 8.48
CA HIS B 159 9.52 5.22 7.26
C HIS B 159 10.36 5.58 6.05
N ILE B 160 10.86 6.80 6.02
CA ILE B 160 11.69 7.27 4.92
C ILE B 160 13.01 6.48 4.84
N VAL B 161 13.63 6.21 5.98
CA VAL B 161 14.89 5.52 6.00
C VAL B 161 14.76 4.07 5.55
N ASN B 162 13.61 3.45 5.80
CA ASN B 162 13.38 2.08 5.35
C ASN B 162 13.03 2.05 3.88
N ALA B 163 12.38 3.11 3.41
CA ALA B 163 11.98 3.21 2.02
C ALA B 163 13.11 3.71 1.12
N GLU B 164 14.16 4.23 1.76
CA GLU B 164 15.36 4.66 1.08
C GLU B 164 15.97 3.41 0.47
N LEU B 165 16.54 3.53 -0.70
CA LEU B 165 17.09 2.40 -1.36
C LEU B 165 18.42 2.04 -0.81
N ASN B 166 18.34 1.36 0.27
CA ASN B 166 19.46 0.76 0.92
C ASN B 166 19.88 -0.44 0.11
N GLU B 167 20.43 -0.14 -1.02
CA GLU B 167 20.84 -1.03 -2.04
C GLU B 167 21.75 -0.21 -2.95
N LEU B 168 22.79 -0.82 -3.46
CA LEU B 168 23.73 -0.12 -4.29
C LEU B 168 23.18 0.07 -5.68
N GLN B 169 22.61 1.22 -5.91
CA GLN B 169 22.05 1.58 -7.17
C GLN B 169 22.52 2.97 -7.53
#